data_8S33
#
_entry.id   8S33
#
_cell.length_a   115.966
_cell.length_b   194.288
_cell.length_c   454.336
_cell.angle_alpha   90.00
_cell.angle_beta   90.00
_cell.angle_gamma   90.00
#
_symmetry.space_group_name_H-M   'P 21 21 21'
#
loop_
_entity.id
_entity.type
_entity.pdbx_description
1 polymer 'Succinate-semialdehyde dehydrogenase [NAD(P)+]'
2 non-polymer '4-(2-HYDROXYETHYL)-1-PIPERAZINE ETHANESULFONIC ACID'
3 water water
#
_entity_poly.entity_id   1
_entity_poly.type   'polypeptide(L)'
_entity_poly.pdbx_seq_one_letter_code
;MKHHHHHHPMSDYDIPTTENLYFQGAMVSSLQSTELFQQQAYINGQWLAAQSNATVPVSNPATGEEIGTIPNMGAAEATQ
AVEAAYTALQSWKALTAQNRADILLAWHKLVLDHTDELALIMTIEQGKPLAEAKGEVRYAASFIQWFAEEGKRIYGDVIP
TVNNQQRFIISKEPVGVVAAITPWNFPIAMITRKAAPALAAGCTVVIKPANETPYCALAIAKLAEKAGIPAGVINVVTGK
SQEIGSVFTSHEKVKKLTFTGSTPVGRLLMQQCSSTIKKLALELGGNAPLIVFDDADLDKAVQGAIFAKFRNAGQTCVCA
NRIYVHDNIYQAFAEKFVQEVQKFKVGNGLEDGVQIGPLINEKAVLKAQQLIDDAVSKGAKIACGGKQHALGQTFYEPSV
LTNVDRTMEIVQEEIFGPVAPLIRFTDEADVVAQANDTIFGLAAYVYSENISRLWRVSEQLEYGMVGMNATAISNEVVPF
GGVKQSGVGREGSKYGLEEFMTIKYMCLGL
;
_entity_poly.pdbx_strand_id   A,B,C,D,E,F,G,H,I,J,K,L
#
loop_
_chem_comp.id
_chem_comp.type
_chem_comp.name
_chem_comp.formula
EPE non-polymer '4-(2-HYDROXYETHYL)-1-PIPERAZINE ETHANESULFONIC ACID' 'C8 H18 N2 O4 S'
#
# COMPACT_ATOMS: atom_id res chain seq x y z
N VAL A 28 21.54 -41.50 60.77
CA VAL A 28 22.09 -42.27 59.62
C VAL A 28 22.72 -41.29 58.62
N SER A 29 23.65 -41.78 57.81
CA SER A 29 24.20 -40.95 56.74
C SER A 29 23.22 -40.80 55.59
N SER A 30 22.34 -41.79 55.39
CA SER A 30 21.32 -41.67 54.36
C SER A 30 20.30 -40.58 54.68
N LEU A 31 20.09 -40.30 55.98
CA LEU A 31 19.20 -39.22 56.37
C LEU A 31 19.85 -37.86 56.14
N GLN A 32 21.10 -37.69 56.58
CA GLN A 32 21.79 -36.42 56.45
C GLN A 32 22.07 -36.05 54.99
N SER A 33 21.83 -36.96 54.04
CA SER A 33 22.04 -36.67 52.63
C SER A 33 20.82 -36.05 51.97
N THR A 34 19.69 -35.98 52.68
CA THR A 34 18.48 -35.36 52.15
C THR A 34 18.31 -33.97 52.76
N GLU A 35 17.88 -33.02 51.92
CA GLU A 35 17.62 -31.67 52.41
C GLU A 35 16.38 -31.60 53.30
N LEU A 36 15.60 -32.69 53.37
CA LEU A 36 14.35 -32.69 54.13
C LEU A 36 14.52 -33.21 55.54
N PHE A 37 15.71 -33.68 55.92
CA PHE A 37 15.96 -34.15 57.28
C PHE A 37 16.24 -32.93 58.16
N GLN A 38 15.29 -32.57 59.00
CA GLN A 38 15.38 -31.39 59.86
C GLN A 38 15.32 -31.82 61.31
N GLN A 39 16.30 -31.36 62.11
CA GLN A 39 16.31 -31.61 63.54
C GLN A 39 15.94 -30.35 64.34
N GLN A 40 15.22 -29.43 63.72
CA GLN A 40 14.72 -28.23 64.37
C GLN A 40 13.22 -28.12 64.12
N ALA A 41 12.53 -27.40 65.00
CA ALA A 41 11.11 -27.19 64.82
C ALA A 41 10.86 -26.04 63.84
N TYR A 42 9.61 -25.93 63.39
CA TYR A 42 9.21 -24.97 62.37
C TYR A 42 8.09 -24.11 62.93
N ILE A 43 8.41 -22.85 63.26
CA ILE A 43 7.44 -21.93 63.83
C ILE A 43 7.60 -20.57 63.14
N ASN A 44 6.51 -20.07 62.56
CA ASN A 44 6.49 -18.77 61.91
C ASN A 44 7.60 -18.65 60.88
N GLY A 45 7.71 -19.67 60.02
CA GLY A 45 8.65 -19.66 58.93
C GLY A 45 10.11 -19.81 59.33
N GLN A 46 10.40 -19.97 60.60
CA GLN A 46 11.77 -20.11 61.09
C GLN A 46 12.02 -21.53 61.59
N TRP A 47 13.26 -21.98 61.46
CA TRP A 47 13.70 -23.27 61.99
C TRP A 47 14.37 -23.02 63.33
N LEU A 48 13.69 -23.41 64.40
CA LEU A 48 14.06 -23.03 65.75
C LEU A 48 14.37 -24.27 66.60
N ALA A 49 15.23 -24.06 67.60
CA ALA A 49 15.37 -24.99 68.71
C ALA A 49 14.46 -24.54 69.84
N ALA A 50 14.40 -25.33 70.92
CA ALA A 50 13.65 -24.92 72.08
C ALA A 50 14.32 -23.72 72.74
N GLN A 51 13.53 -22.95 73.51
CA GLN A 51 14.09 -21.82 74.23
C GLN A 51 15.16 -22.26 75.21
N SER A 52 15.04 -23.46 75.76
CA SER A 52 16.03 -24.03 76.66
C SER A 52 17.12 -24.80 75.92
N ASN A 53 16.99 -24.96 74.59
CA ASN A 53 17.91 -25.71 73.76
C ASN A 53 17.91 -27.21 74.07
N ALA A 54 16.98 -27.68 74.90
CA ALA A 54 16.90 -29.09 75.19
C ALA A 54 16.50 -29.88 73.95
N THR A 55 16.91 -31.15 73.92
CA THR A 55 16.57 -32.04 72.81
C THR A 55 16.29 -33.43 73.37
N VAL A 56 15.45 -34.17 72.66
CA VAL A 56 15.16 -35.57 73.00
C VAL A 56 15.48 -36.44 71.79
N PRO A 57 15.85 -37.70 71.98
CA PRO A 57 16.30 -38.52 70.85
C PRO A 57 15.14 -39.17 70.10
N VAL A 58 15.41 -39.47 68.83
CA VAL A 58 14.53 -40.25 67.98
C VAL A 58 15.28 -41.50 67.56
N SER A 59 14.60 -42.63 67.53
CA SER A 59 15.25 -43.91 67.32
C SER A 59 14.66 -44.64 66.12
N ASN A 60 15.45 -45.57 65.59
CA ASN A 60 15.00 -46.48 64.54
C ASN A 60 14.46 -47.74 65.20
N PRO A 61 13.16 -48.04 65.10
CA PRO A 61 12.62 -49.19 65.84
C PRO A 61 13.15 -50.53 65.35
N ALA A 62 13.74 -50.60 64.16
CA ALA A 62 14.25 -51.86 63.65
C ALA A 62 15.65 -52.18 64.20
N THR A 63 16.44 -51.16 64.52
CA THR A 63 17.80 -51.35 65.01
C THR A 63 18.01 -50.88 66.45
N GLY A 64 17.14 -50.01 66.97
CA GLY A 64 17.33 -49.45 68.29
C GLY A 64 18.31 -48.30 68.35
N GLU A 65 19.04 -48.01 67.29
CA GLU A 65 20.01 -46.94 67.30
C GLU A 65 19.30 -45.58 67.25
N GLU A 66 20.02 -44.56 67.70
CA GLU A 66 19.53 -43.18 67.66
C GLU A 66 19.86 -42.56 66.30
N ILE A 67 18.84 -41.99 65.66
CA ILE A 67 19.01 -41.39 64.34
C ILE A 67 19.10 -39.87 64.39
N GLY A 68 18.75 -39.25 65.52
CA GLY A 68 18.81 -37.81 65.62
C GLY A 68 18.09 -37.34 66.87
N THR A 69 17.89 -36.02 66.93
CA THR A 69 17.20 -35.40 68.05
C THR A 69 16.22 -34.36 67.53
N ILE A 70 15.28 -33.98 68.39
CA ILE A 70 14.32 -32.93 68.07
C ILE A 70 14.23 -31.98 69.25
N PRO A 71 13.85 -30.71 69.05
CA PRO A 71 13.71 -29.81 70.19
C PRO A 71 12.61 -30.28 71.14
N ASN A 72 12.91 -30.21 72.44
CA ASN A 72 11.93 -30.57 73.47
C ASN A 72 11.21 -29.30 73.95
N MET A 73 10.39 -28.77 73.05
CA MET A 73 9.66 -27.53 73.32
C MET A 73 8.50 -27.80 74.27
N GLY A 74 7.92 -26.71 74.78
CA GLY A 74 6.83 -26.80 75.72
C GLY A 74 5.76 -25.74 75.53
N ALA A 75 5.13 -25.33 76.63
CA ALA A 75 4.01 -24.41 76.54
C ALA A 75 4.42 -23.07 75.92
N ALA A 76 5.59 -22.56 76.31
CA ALA A 76 6.03 -21.26 75.79
C ALA A 76 6.09 -21.27 74.27
N GLU A 77 6.72 -22.28 73.68
CA GLU A 77 6.85 -22.34 72.23
C GLU A 77 5.50 -22.64 71.57
N ALA A 78 4.69 -23.49 72.21
CA ALA A 78 3.37 -23.78 71.66
C ALA A 78 2.52 -22.52 71.59
N THR A 79 2.61 -21.67 72.62
CA THR A 79 1.89 -20.40 72.58
C THR A 79 2.39 -19.52 71.43
N GLN A 80 3.70 -19.46 71.24
CA GLN A 80 4.25 -18.69 70.13
C GLN A 80 3.69 -19.16 68.79
N ALA A 81 3.56 -20.49 68.62
CA ALA A 81 3.01 -21.02 67.38
C ALA A 81 1.57 -20.55 67.19
N VAL A 82 0.75 -20.67 68.23
CA VAL A 82 -0.63 -20.21 68.13
C VAL A 82 -0.68 -18.73 67.77
N GLU A 83 0.16 -17.92 68.41
CA GLU A 83 0.19 -16.50 68.09
C GLU A 83 0.58 -16.27 66.63
N ALA A 84 1.59 -17.00 66.15
CA ALA A 84 2.00 -16.85 64.77
C ALA A 84 0.92 -17.33 63.81
N ALA A 85 0.26 -18.43 64.13
CA ALA A 85 -0.82 -18.93 63.28
C ALA A 85 -1.97 -17.93 63.21
N TYR A 86 -2.27 -17.28 64.34
CA TYR A 86 -3.36 -16.30 64.35
C TYR A 86 -3.02 -15.07 63.51
N THR A 87 -1.78 -14.57 63.64
CA THR A 87 -1.38 -13.41 62.85
C THR A 87 -1.43 -13.74 61.36
N ALA A 88 -0.88 -14.89 60.97
CA ALA A 88 -0.90 -15.29 59.57
C ALA A 88 -2.31 -15.57 59.07
N LEU A 89 -3.25 -15.85 59.97
CA LEU A 89 -4.61 -16.19 59.55
C LEU A 89 -5.27 -15.02 58.82
N GLN A 90 -5.01 -13.80 59.26
CA GLN A 90 -5.72 -12.65 58.72
C GLN A 90 -5.46 -12.48 57.23
N SER A 91 -4.20 -12.63 56.81
CA SER A 91 -3.85 -12.45 55.40
C SER A 91 -3.95 -13.73 54.60
N TRP A 92 -4.00 -14.90 55.24
CA TRP A 92 -4.15 -16.15 54.52
C TRP A 92 -5.60 -16.35 54.06
N LYS A 93 -6.56 -16.03 54.93
CA LYS A 93 -7.97 -16.18 54.55
C LYS A 93 -8.42 -15.08 53.61
N ALA A 94 -7.70 -13.95 53.57
CA ALA A 94 -8.09 -12.86 52.67
C ALA A 94 -7.84 -13.20 51.22
N LEU A 95 -6.89 -14.10 50.95
CA LEU A 95 -6.62 -14.53 49.59
C LEU A 95 -7.87 -15.19 49.00
N THR A 96 -7.91 -15.26 47.67
CA THR A 96 -8.97 -15.99 47.00
C THR A 96 -8.74 -17.49 47.14
N ALA A 97 -9.80 -18.26 46.86
CA ALA A 97 -9.66 -19.71 46.88
C ALA A 97 -8.65 -20.17 45.83
N GLN A 98 -8.61 -19.48 44.69
CA GLN A 98 -7.68 -19.87 43.64
C GLN A 98 -6.24 -19.54 44.02
N ASN A 99 -6.04 -18.43 44.74
CA ASN A 99 -4.71 -18.12 45.26
C ASN A 99 -4.18 -19.27 46.11
N ARG A 100 -4.97 -19.71 47.09
CA ARG A 100 -4.54 -20.80 47.96
C ARG A 100 -4.42 -22.11 47.20
N ALA A 101 -5.28 -22.33 46.22
CA ALA A 101 -5.20 -23.57 45.45
C ALA A 101 -3.88 -23.67 44.71
N ASP A 102 -3.43 -22.56 44.10
CA ASP A 102 -2.17 -22.58 43.38
C ASP A 102 -1.01 -22.93 44.30
N ILE A 103 -0.97 -22.32 45.48
CA ILE A 103 0.10 -22.59 46.43
C ILE A 103 0.03 -24.05 46.87
N LEU A 104 -1.16 -24.52 47.24
CA LEU A 104 -1.31 -25.89 47.72
C LEU A 104 -0.90 -26.90 46.65
N LEU A 105 -1.17 -26.59 45.38
CA LEU A 105 -0.80 -27.52 44.31
C LEU A 105 0.71 -27.56 44.14
N ALA A 106 1.39 -26.43 44.30
CA ALA A 106 2.85 -26.43 44.32
C ALA A 106 3.35 -27.33 45.44
N TRP A 107 2.73 -27.22 46.62
CA TRP A 107 3.04 -28.14 47.71
C TRP A 107 2.80 -29.59 47.30
N HIS A 108 1.66 -29.85 46.65
CA HIS A 108 1.35 -31.20 46.18
C HIS A 108 2.43 -31.71 45.24
N LYS A 109 2.88 -30.86 44.32
CA LYS A 109 3.89 -31.30 43.36
C LYS A 109 5.19 -31.65 44.07
N LEU A 110 5.61 -30.82 45.02
CA LEU A 110 6.86 -31.07 45.74
C LEU A 110 6.81 -32.37 46.53
N VAL A 111 5.65 -32.68 47.12
CA VAL A 111 5.54 -33.91 47.90
C VAL A 111 5.73 -35.11 47.00
N LEU A 112 5.16 -35.08 45.79
CA LEU A 112 5.29 -36.22 44.89
C LEU A 112 6.70 -36.29 44.30
N ASP A 113 7.32 -35.14 44.03
CA ASP A 113 8.66 -35.15 43.45
C ASP A 113 9.69 -35.67 44.44
N HIS A 114 9.42 -35.57 45.74
CA HIS A 114 10.33 -36.06 46.77
C HIS A 114 9.81 -37.33 47.44
N THR A 115 9.06 -38.14 46.68
CA THR A 115 8.46 -39.35 47.25
C THR A 115 9.52 -40.26 47.87
N ASP A 116 10.59 -40.54 47.11
CA ASP A 116 11.59 -41.50 47.58
C ASP A 116 12.25 -41.01 48.87
N GLU A 117 12.48 -39.71 48.99
CA GLU A 117 13.16 -39.18 50.18
C GLU A 117 12.24 -39.19 51.39
N LEU A 118 10.97 -38.84 51.21
CA LEU A 118 10.03 -38.89 52.31
C LEU A 118 9.85 -40.32 52.80
N ALA A 119 9.78 -41.28 51.88
CA ALA A 119 9.63 -42.68 52.27
C ALA A 119 10.85 -43.18 53.03
N LEU A 120 12.04 -42.76 52.61
CA LEU A 120 13.25 -43.15 53.32
C LEU A 120 13.23 -42.68 54.77
N ILE A 121 12.78 -41.43 54.99
CA ILE A 121 12.67 -40.92 56.35
C ILE A 121 11.67 -41.73 57.14
N MET A 122 10.50 -41.99 56.56
CA MET A 122 9.45 -42.70 57.26
C MET A 122 9.91 -44.10 57.69
N THR A 123 10.46 -44.87 56.74
CA THR A 123 10.88 -46.22 57.06
C THR A 123 11.91 -46.25 58.18
N ILE A 124 12.79 -45.24 58.24
CA ILE A 124 13.86 -45.26 59.22
C ILE A 124 13.33 -44.93 60.61
N GLU A 125 12.39 -43.99 60.71
CA GLU A 125 11.90 -43.56 62.02
C GLU A 125 10.65 -44.30 62.47
N GLN A 126 9.89 -44.89 61.54
CA GLN A 126 8.65 -45.58 61.87
C GLN A 126 8.73 -47.09 61.67
N GLY A 127 9.47 -47.57 60.68
CA GLY A 127 9.80 -48.98 60.56
C GLY A 127 9.10 -49.71 59.43
N LYS A 128 8.03 -49.16 58.86
CA LYS A 128 7.28 -49.89 57.85
C LYS A 128 8.12 -50.03 56.58
N PRO A 129 7.80 -51.02 55.74
CA PRO A 129 8.62 -51.26 54.56
C PRO A 129 8.62 -50.06 53.62
N LEU A 130 9.69 -49.95 52.84
CA LEU A 130 9.84 -48.80 51.95
C LEU A 130 8.70 -48.71 50.94
N ALA A 131 8.18 -49.86 50.50
CA ALA A 131 7.08 -49.84 49.54
C ALA A 131 5.81 -49.26 50.16
N GLU A 132 5.54 -49.59 51.42
CA GLU A 132 4.37 -49.03 52.10
C GLU A 132 4.55 -47.54 52.35
N ALA A 133 5.78 -47.11 52.65
CA ALA A 133 6.03 -45.69 52.90
C ALA A 133 5.79 -44.86 51.64
N LYS A 134 6.27 -45.34 50.50
CA LYS A 134 6.00 -44.64 49.24
C LYS A 134 4.50 -44.57 48.97
N GLY A 135 3.79 -45.67 49.21
CA GLY A 135 2.35 -45.67 49.03
C GLY A 135 1.67 -44.61 49.88
N GLU A 136 2.10 -44.48 51.14
CA GLU A 136 1.52 -43.46 52.01
C GLU A 136 1.81 -42.06 51.50
N VAL A 137 3.00 -41.84 50.95
CA VAL A 137 3.35 -40.50 50.44
C VAL A 137 2.40 -40.11 49.32
N ARG A 138 2.16 -41.01 48.38
CA ARG A 138 1.19 -40.72 47.32
C ARG A 138 -0.20 -40.58 47.90
N TYR A 139 -0.60 -41.49 48.79
CA TYR A 139 -1.89 -41.36 49.47
C TYR A 139 -2.01 -40.02 50.16
N ALA A 140 -0.95 -39.56 50.82
CA ALA A 140 -1.00 -38.28 51.52
C ALA A 140 -1.05 -37.11 50.54
N ALA A 141 -0.27 -37.18 49.46
CA ALA A 141 -0.26 -36.09 48.49
C ALA A 141 -1.62 -35.88 47.85
N SER A 142 -2.40 -36.95 47.67
CA SER A 142 -3.69 -36.83 47.01
C SER A 142 -4.64 -35.93 47.81
N PHE A 143 -4.46 -35.86 49.13
CA PHE A 143 -5.31 -34.98 49.94
C PHE A 143 -5.01 -33.51 49.67
N ILE A 144 -3.75 -33.17 49.40
CA ILE A 144 -3.40 -31.78 49.11
C ILE A 144 -4.06 -31.35 47.81
N GLN A 145 -3.94 -32.18 46.77
CA GLN A 145 -4.59 -31.88 45.50
C GLN A 145 -6.10 -31.82 45.66
N TRP A 146 -6.68 -32.78 46.39
CA TRP A 146 -8.14 -32.83 46.51
C TRP A 146 -8.68 -31.58 47.16
N PHE A 147 -8.09 -31.16 48.28
CA PHE A 147 -8.65 -30.05 49.04
C PHE A 147 -8.27 -28.70 48.44
N ALA A 148 -7.15 -28.62 47.73
CA ALA A 148 -6.88 -27.42 46.94
C ALA A 148 -8.04 -27.15 45.99
N GLU A 149 -8.64 -28.21 45.46
CA GLU A 149 -9.77 -28.05 44.56
C GLU A 149 -11.07 -27.78 45.33
N GLU A 150 -11.23 -28.40 46.50
CA GLU A 150 -12.44 -28.18 47.29
C GLU A 150 -12.56 -26.73 47.73
N GLY A 151 -11.43 -26.09 48.02
CA GLY A 151 -11.47 -24.71 48.49
C GLY A 151 -12.23 -23.79 47.56
N LYS A 152 -12.20 -24.07 46.26
CA LYS A 152 -12.92 -23.27 45.28
C LYS A 152 -14.40 -23.65 45.20
N ARG A 153 -14.86 -24.62 46.00
CA ARG A 153 -16.20 -25.17 45.85
C ARG A 153 -16.96 -25.25 47.16
N ILE A 154 -16.49 -24.60 48.22
CA ILE A 154 -17.24 -24.59 49.48
C ILE A 154 -18.38 -23.60 49.31
N TYR A 155 -19.54 -24.09 48.90
CA TYR A 155 -20.64 -23.23 48.46
C TYR A 155 -21.54 -22.85 49.62
N GLY A 156 -21.99 -21.59 49.63
CA GLY A 156 -23.08 -21.17 50.46
C GLY A 156 -24.42 -21.43 49.78
N ASP A 157 -25.47 -20.86 50.35
CA ASP A 157 -26.82 -21.14 49.89
C ASP A 157 -27.63 -19.85 49.82
N VAL A 158 -28.72 -19.92 49.08
CA VAL A 158 -29.77 -18.90 49.10
C VAL A 158 -31.07 -19.63 49.37
N ILE A 159 -31.71 -19.34 50.49
CA ILE A 159 -32.84 -20.11 51.00
C ILE A 159 -34.12 -19.37 50.63
N PRO A 160 -35.14 -20.06 50.09
CA PRO A 160 -36.43 -19.39 49.84
C PRO A 160 -36.97 -18.70 51.07
N THR A 161 -37.23 -17.40 50.96
CA THR A 161 -37.61 -16.61 52.12
C THR A 161 -39.02 -16.95 52.58
N VAL A 162 -39.24 -16.86 53.90
CA VAL A 162 -40.58 -16.93 54.46
C VAL A 162 -41.19 -15.54 54.62
N ASN A 163 -40.42 -14.48 54.35
CA ASN A 163 -40.87 -13.10 54.51
C ASN A 163 -40.38 -12.32 53.31
N ASN A 164 -41.30 -11.82 52.49
CA ASN A 164 -40.92 -11.18 51.24
C ASN A 164 -40.11 -9.91 51.42
N GLN A 165 -39.96 -9.41 52.64
CA GLN A 165 -39.10 -8.26 52.89
C GLN A 165 -37.69 -8.66 53.31
N GLN A 166 -37.37 -9.95 53.34
CA GLN A 166 -36.05 -10.41 53.73
C GLN A 166 -35.52 -11.40 52.69
N ARG A 167 -34.20 -11.50 52.64
CA ARG A 167 -33.51 -12.49 51.82
C ARG A 167 -32.51 -13.23 52.70
N PHE A 168 -32.45 -14.54 52.52
CA PHE A 168 -31.63 -15.42 53.36
C PHE A 168 -30.42 -15.88 52.56
N ILE A 169 -29.25 -15.35 52.90
CA ILE A 169 -28.00 -15.66 52.21
C ILE A 169 -27.07 -16.32 53.22
N ILE A 170 -26.67 -17.56 52.93
CA ILE A 170 -25.83 -18.35 53.81
C ILE A 170 -24.44 -18.45 53.19
N SER A 171 -23.42 -18.19 54.00
CA SER A 171 -22.03 -18.28 53.54
C SER A 171 -21.24 -19.13 54.52
N LYS A 172 -20.02 -19.48 54.12
CA LYS A 172 -19.13 -20.31 54.92
C LYS A 172 -17.84 -19.56 55.16
N GLU A 173 -17.32 -19.68 56.38
CA GLU A 173 -16.11 -18.98 56.80
C GLU A 173 -15.22 -19.93 57.57
N PRO A 174 -13.91 -19.73 57.54
CA PRO A 174 -13.02 -20.61 58.30
C PRO A 174 -13.20 -20.46 59.80
N VAL A 175 -13.04 -21.58 60.52
CA VAL A 175 -13.14 -21.56 61.97
C VAL A 175 -12.07 -20.65 62.56
N GLY A 176 -10.84 -20.73 62.04
CA GLY A 176 -9.74 -19.95 62.55
C GLY A 176 -8.48 -20.78 62.68
N VAL A 177 -7.73 -20.58 63.77
CA VAL A 177 -6.52 -21.36 64.00
C VAL A 177 -6.90 -22.78 64.40
N VAL A 178 -6.28 -23.76 63.76
CA VAL A 178 -6.56 -25.17 63.98
C VAL A 178 -5.35 -25.82 64.66
N ALA A 179 -5.63 -26.68 65.63
CA ALA A 179 -4.60 -27.45 66.32
C ALA A 179 -4.71 -28.90 65.88
N ALA A 180 -3.61 -29.47 65.41
CA ALA A 180 -3.57 -30.85 64.94
C ALA A 180 -2.55 -31.63 65.77
N ILE A 181 -2.99 -32.76 66.31
CA ILE A 181 -2.13 -33.67 67.06
C ILE A 181 -2.18 -35.01 66.36
N THR A 182 -1.05 -35.46 65.83
CA THR A 182 -1.03 -36.59 64.91
C THR A 182 -0.27 -37.77 65.50
N PRO A 183 -0.60 -39.00 65.05
CA PRO A 183 0.07 -40.19 65.60
C PRO A 183 1.30 -40.60 64.80
N TRP A 184 1.77 -41.83 65.00
CA TRP A 184 3.01 -42.31 64.41
C TRP A 184 2.80 -43.38 63.36
N ASN A 185 1.62 -43.99 63.26
CA ASN A 185 1.44 -45.09 62.32
C ASN A 185 1.44 -44.62 60.87
N PHE A 186 0.88 -43.44 60.61
CA PHE A 186 0.90 -42.82 59.28
C PHE A 186 1.46 -41.42 59.44
N PRO A 187 2.78 -41.29 59.61
CA PRO A 187 3.35 -40.00 60.03
C PRO A 187 3.36 -38.92 58.95
N ILE A 188 2.92 -39.21 57.73
CA ILE A 188 2.78 -38.20 56.69
C ILE A 188 1.33 -37.99 56.30
N ALA A 189 0.57 -39.08 56.13
CA ALA A 189 -0.82 -38.94 55.71
C ALA A 189 -1.67 -38.24 56.77
N MET A 190 -1.43 -38.57 58.05
CA MET A 190 -2.18 -37.92 59.12
C MET A 190 -1.89 -36.42 59.19
N ILE A 191 -0.77 -35.97 58.64
CA ILE A 191 -0.48 -34.54 58.58
C ILE A 191 -1.29 -33.86 57.49
N THR A 192 -1.18 -34.36 56.25
CA THR A 192 -1.86 -33.74 55.12
C THR A 192 -3.38 -33.86 55.23
N ARG A 193 -3.86 -34.98 55.78
CA ARG A 193 -5.30 -35.15 55.96
C ARG A 193 -5.90 -34.08 56.87
N LYS A 194 -5.09 -33.45 57.71
CA LYS A 194 -5.54 -32.37 58.59
C LYS A 194 -5.07 -31.01 58.15
N ALA A 195 -3.83 -30.88 57.65
CA ALA A 195 -3.31 -29.59 57.25
C ALA A 195 -3.95 -29.12 55.94
N ALA A 196 -4.02 -30.01 54.95
CA ALA A 196 -4.55 -29.63 53.65
C ALA A 196 -5.96 -29.04 53.76
N PRO A 197 -6.95 -29.75 54.31
CA PRO A 197 -8.29 -29.14 54.40
C PRO A 197 -8.31 -27.87 55.22
N ALA A 198 -7.54 -27.82 56.32
CA ALA A 198 -7.47 -26.59 57.11
C ALA A 198 -7.01 -25.42 56.25
N LEU A 199 -5.88 -25.58 55.56
CA LEU A 199 -5.37 -24.50 54.73
C LEU A 199 -6.33 -24.16 53.60
N ALA A 200 -6.88 -25.18 52.93
CA ALA A 200 -7.81 -24.93 51.83
C ALA A 200 -9.05 -24.19 52.29
N ALA A 201 -9.43 -24.37 53.56
CA ALA A 201 -10.57 -23.68 54.14
C ALA A 201 -10.29 -22.23 54.49
N GLY A 202 -9.04 -21.79 54.41
CA GLY A 202 -8.65 -20.47 54.87
C GLY A 202 -8.13 -20.44 56.29
N CYS A 203 -7.92 -21.60 56.91
CA CYS A 203 -7.40 -21.67 58.27
C CYS A 203 -5.87 -21.80 58.26
N THR A 204 -5.27 -21.52 59.41
CA THR A 204 -3.89 -21.84 59.68
C THR A 204 -3.84 -22.95 60.73
N VAL A 205 -2.70 -23.63 60.80
CA VAL A 205 -2.62 -24.85 61.60
C VAL A 205 -1.33 -24.86 62.41
N VAL A 206 -1.42 -25.41 63.63
CA VAL A 206 -0.26 -25.72 64.45
C VAL A 206 -0.29 -27.22 64.70
N ILE A 207 0.85 -27.89 64.53
CA ILE A 207 0.92 -29.34 64.50
C ILE A 207 1.84 -29.82 65.61
N LYS A 208 1.36 -30.81 66.36
CA LYS A 208 2.19 -31.53 67.34
C LYS A 208 2.31 -32.98 66.88
N PRO A 209 3.44 -33.36 66.27
CA PRO A 209 3.58 -34.74 65.79
C PRO A 209 4.12 -35.68 66.86
N ALA A 210 3.89 -36.96 66.64
CA ALA A 210 4.40 -37.97 67.55
C ALA A 210 5.92 -37.88 67.63
N ASN A 211 6.45 -37.96 68.85
CA ASN A 211 7.88 -37.90 69.05
C ASN A 211 8.61 -39.11 68.47
N GLU A 212 7.88 -40.20 68.22
CA GLU A 212 8.52 -41.37 67.62
C GLU A 212 8.80 -41.15 66.13
N THR A 213 8.01 -40.29 65.47
CA THR A 213 8.10 -40.07 64.02
C THR A 213 7.94 -38.60 63.71
N PRO A 214 8.84 -37.75 64.20
CA PRO A 214 8.70 -36.31 63.99
C PRO A 214 9.27 -35.83 62.67
N TYR A 215 10.27 -36.55 62.14
CA TYR A 215 10.97 -36.07 60.96
C TYR A 215 10.09 -36.06 59.72
N CYS A 216 9.10 -36.95 59.66
CA CYS A 216 8.16 -36.91 58.55
C CYS A 216 7.38 -35.60 58.55
N ALA A 217 6.90 -35.17 59.72
CA ALA A 217 6.17 -33.91 59.79
C ALA A 217 7.07 -32.73 59.43
N LEU A 218 8.30 -32.72 59.94
CA LEU A 218 9.20 -31.61 59.66
C LEU A 218 9.63 -31.59 58.19
N ALA A 219 9.73 -32.75 57.56
CA ALA A 219 10.04 -32.78 56.13
C ALA A 219 8.89 -32.21 55.31
N ILE A 220 7.65 -32.53 55.68
CA ILE A 220 6.50 -31.94 55.00
C ILE A 220 6.49 -30.43 55.18
N ALA A 221 6.92 -29.95 56.34
CA ALA A 221 6.98 -28.51 56.58
C ALA A 221 8.07 -27.87 55.73
N LYS A 222 9.17 -28.58 55.51
CA LYS A 222 10.23 -28.04 54.65
C LYS A 222 9.74 -27.89 53.22
N LEU A 223 8.94 -28.85 52.74
CA LEU A 223 8.36 -28.73 51.41
C LEU A 223 7.31 -27.63 51.36
N ALA A 224 6.58 -27.42 52.47
CA ALA A 224 5.65 -26.29 52.54
C ALA A 224 6.40 -24.97 52.37
N GLU A 225 7.57 -24.86 52.98
CA GLU A 225 8.39 -23.66 52.81
C GLU A 225 8.77 -23.48 51.34
N LYS A 226 9.18 -24.57 50.67
CA LYS A 226 9.56 -24.47 49.27
C LYS A 226 8.36 -24.16 48.37
N ALA A 227 7.16 -24.54 48.79
CA ALA A 227 5.97 -24.32 47.98
C ALA A 227 5.43 -22.90 48.08
N GLY A 228 5.99 -22.07 48.95
CA GLY A 228 5.52 -20.72 49.11
C GLY A 228 4.40 -20.54 50.10
N ILE A 229 4.21 -21.47 51.02
CA ILE A 229 3.22 -21.32 52.07
C ILE A 229 3.74 -20.29 53.05
N PRO A 230 3.05 -19.17 53.27
CA PRO A 230 3.63 -18.08 54.06
C PRO A 230 3.96 -18.52 55.49
N ALA A 231 4.79 -17.71 56.14
CA ALA A 231 5.19 -17.99 57.51
C ALA A 231 4.00 -17.90 58.45
N GLY A 232 3.85 -18.91 59.31
CA GLY A 232 2.79 -18.95 60.28
C GLY A 232 1.57 -19.75 59.86
N VAL A 233 1.39 -19.96 58.56
CA VAL A 233 0.23 -20.72 58.10
C VAL A 233 0.32 -22.17 58.54
N ILE A 234 1.53 -22.70 58.67
CA ILE A 234 1.74 -24.08 59.10
C ILE A 234 2.95 -24.11 60.04
N ASN A 235 2.75 -24.67 61.23
CA ASN A 235 3.77 -24.71 62.26
C ASN A 235 3.84 -26.10 62.87
N VAL A 236 5.05 -26.58 63.12
CA VAL A 236 5.28 -27.91 63.70
C VAL A 236 6.05 -27.71 65.00
N VAL A 237 5.45 -28.14 66.11
CA VAL A 237 6.02 -27.99 67.45
C VAL A 237 6.29 -29.38 68.00
N THR A 238 7.56 -29.66 68.28
CA THR A 238 7.99 -30.96 68.77
C THR A 238 8.31 -30.88 70.26
N GLY A 239 8.18 -32.01 70.95
CA GLY A 239 8.64 -32.11 72.32
C GLY A 239 7.62 -32.60 73.32
N LYS A 240 7.39 -31.81 74.37
CA LYS A 240 6.58 -32.24 75.50
C LYS A 240 5.12 -32.32 75.09
N SER A 241 4.60 -33.55 74.99
CA SER A 241 3.25 -33.73 74.47
C SER A 241 2.21 -33.11 75.39
N GLN A 242 2.33 -33.36 76.70
CA GLN A 242 1.33 -32.85 77.63
C GLN A 242 1.32 -31.33 77.64
N GLU A 243 2.50 -30.71 77.72
CA GLU A 243 2.56 -29.25 77.77
C GLU A 243 2.07 -28.62 76.47
N ILE A 244 2.48 -29.18 75.33
CA ILE A 244 2.02 -28.64 74.05
C ILE A 244 0.53 -28.88 73.86
N GLY A 245 0.09 -30.12 74.10
CA GLY A 245 -1.32 -30.43 73.98
C GLY A 245 -2.20 -29.58 74.88
N SER A 246 -1.70 -29.27 76.07
CA SER A 246 -2.47 -28.43 77.00
C SER A 246 -2.72 -27.05 76.43
N VAL A 247 -1.71 -26.46 75.78
CA VAL A 247 -1.88 -25.13 75.18
C VAL A 247 -2.81 -25.21 73.98
N PHE A 248 -2.66 -26.26 73.17
CA PHE A 248 -3.49 -26.39 71.97
C PHE A 248 -4.97 -26.53 72.33
N THR A 249 -5.28 -27.10 73.49
CA THR A 249 -6.65 -27.38 73.87
C THR A 249 -7.22 -26.36 74.86
N SER A 250 -6.49 -25.26 75.12
CA SER A 250 -6.98 -24.26 76.06
C SER A 250 -6.86 -22.85 75.49
N HIS A 251 -5.84 -22.61 74.68
CA HIS A 251 -5.62 -21.25 74.16
C HIS A 251 -6.86 -20.73 73.46
N GLU A 252 -7.25 -19.50 73.78
CA GLU A 252 -8.51 -18.96 73.30
C GLU A 252 -8.55 -18.87 71.77
N LYS A 253 -7.39 -18.67 71.13
CA LYS A 253 -7.37 -18.45 69.69
C LYS A 253 -7.44 -19.74 68.89
N VAL A 254 -7.22 -20.89 69.51
CA VAL A 254 -7.42 -22.18 68.87
C VAL A 254 -8.92 -22.47 68.88
N LYS A 255 -9.52 -22.55 67.69
CA LYS A 255 -10.96 -22.73 67.57
C LYS A 255 -11.38 -24.15 67.26
N LYS A 256 -10.45 -25.00 66.80
CA LYS A 256 -10.75 -26.38 66.48
C LYS A 256 -9.56 -27.25 66.86
N LEU A 257 -9.85 -28.46 67.33
CA LEU A 257 -8.85 -29.47 67.62
C LEU A 257 -9.17 -30.70 66.78
N THR A 258 -8.22 -31.11 65.95
CA THR A 258 -8.32 -32.35 65.18
C THR A 258 -7.24 -33.30 65.66
N PHE A 259 -7.64 -34.50 66.08
CA PHE A 259 -6.74 -35.44 66.73
C PHE A 259 -7.02 -36.85 66.22
N THR A 260 -5.94 -37.60 65.99
CA THR A 260 -6.02 -39.00 65.63
C THR A 260 -5.11 -39.78 66.57
N GLY A 261 -5.67 -40.75 67.28
CA GLY A 261 -4.87 -41.54 68.22
C GLY A 261 -5.74 -42.48 69.01
N SER A 262 -5.30 -42.77 70.23
CA SER A 262 -6.04 -43.68 71.09
C SER A 262 -7.29 -43.00 71.64
N THR A 263 -8.24 -43.82 72.08
CA THR A 263 -9.49 -43.30 72.61
C THR A 263 -9.28 -42.67 73.97
N PRO A 264 -8.51 -43.29 74.88
CA PRO A 264 -8.25 -42.63 76.17
C PRO A 264 -7.68 -41.22 76.02
N VAL A 265 -6.75 -41.03 75.10
CA VAL A 265 -6.20 -39.70 74.86
C VAL A 265 -7.28 -38.79 74.26
N GLY A 266 -8.13 -39.34 73.39
CA GLY A 266 -9.21 -38.54 72.83
C GLY A 266 -10.18 -38.03 73.87
N ARG A 267 -10.56 -38.91 74.81
CA ARG A 267 -11.42 -38.49 75.91
C ARG A 267 -10.81 -37.31 76.66
N LEU A 268 -9.50 -37.35 76.91
CA LEU A 268 -8.84 -36.29 77.68
C LEU A 268 -8.80 -34.99 76.89
N LEU A 269 -8.39 -35.05 75.62
CA LEU A 269 -8.29 -33.85 74.81
C LEU A 269 -9.64 -33.18 74.66
N MET A 270 -10.68 -33.96 74.36
CA MET A 270 -12.03 -33.39 74.30
C MET A 270 -12.43 -32.79 75.64
N GLN A 271 -12.03 -33.42 76.74
CA GLN A 271 -12.30 -32.88 78.07
C GLN A 271 -11.67 -31.50 78.23
N GLN A 272 -10.39 -31.38 77.85
CA GLN A 272 -9.70 -30.11 77.97
C GLN A 272 -10.30 -29.05 77.05
N CYS A 273 -10.79 -29.45 75.88
CA CYS A 273 -11.43 -28.51 74.95
C CYS A 273 -12.74 -27.96 75.47
N SER A 274 -13.29 -28.52 76.55
CA SER A 274 -14.63 -28.13 76.99
C SER A 274 -14.68 -26.72 77.54
N SER A 275 -13.57 -26.24 78.11
CA SER A 275 -13.60 -24.93 78.77
C SER A 275 -13.79 -23.78 77.79
N THR A 276 -13.48 -23.98 76.50
CA THR A 276 -13.65 -22.95 75.48
C THR A 276 -14.56 -23.40 74.35
N ILE A 277 -15.21 -24.55 74.47
CA ILE A 277 -16.18 -25.01 73.48
C ILE A 277 -15.53 -25.10 72.10
N LYS A 278 -14.39 -25.76 72.01
CA LYS A 278 -13.68 -25.86 70.74
C LYS A 278 -14.35 -26.91 69.85
N LYS A 279 -14.38 -26.62 68.54
CA LYS A 279 -14.84 -27.60 67.58
C LYS A 279 -13.89 -28.80 67.58
N LEU A 280 -14.46 -29.98 67.35
CA LEU A 280 -13.75 -31.24 67.49
C LEU A 280 -13.76 -32.04 66.21
N ALA A 281 -12.63 -32.70 65.93
CA ALA A 281 -12.52 -33.72 64.90
C ALA A 281 -11.66 -34.82 65.49
N LEU A 282 -12.25 -35.99 65.73
CA LEU A 282 -11.55 -37.08 66.43
C LEU A 282 -11.64 -38.35 65.60
N GLU A 283 -10.50 -39.00 65.42
CA GLU A 283 -10.43 -40.34 64.83
C GLU A 283 -9.67 -41.20 65.84
N LEU A 284 -10.40 -42.01 66.60
CA LEU A 284 -9.88 -42.70 67.76
C LEU A 284 -9.72 -44.19 67.45
N GLY A 285 -9.89 -45.04 68.46
CA GLY A 285 -9.65 -46.45 68.29
C GLY A 285 -10.67 -47.11 67.39
N GLY A 286 -10.32 -48.33 66.96
CA GLY A 286 -11.20 -49.14 66.15
C GLY A 286 -10.99 -50.61 66.39
N ASN A 287 -12.09 -51.35 66.56
CA ASN A 287 -12.02 -52.80 66.74
C ASN A 287 -12.70 -53.47 65.54
N ALA A 288 -12.13 -53.24 64.35
CA ALA A 288 -12.84 -53.55 63.12
C ALA A 288 -13.14 -55.04 63.01
N PRO A 289 -14.39 -55.43 62.79
CA PRO A 289 -14.69 -56.84 62.51
C PRO A 289 -14.74 -57.12 61.01
N LEU A 290 -14.22 -58.29 60.63
CA LEU A 290 -14.27 -58.78 59.26
C LEU A 290 -15.06 -60.08 59.26
N ILE A 291 -16.20 -60.09 58.58
CA ILE A 291 -17.14 -61.20 58.62
C ILE A 291 -17.11 -61.87 57.25
N VAL A 292 -16.84 -63.18 57.23
CA VAL A 292 -16.78 -63.98 56.02
C VAL A 292 -17.87 -65.03 56.12
N PHE A 293 -18.97 -64.84 55.40
CA PHE A 293 -20.04 -65.82 55.39
C PHE A 293 -19.66 -66.98 54.48
N ASP A 294 -20.43 -68.08 54.60
CA ASP A 294 -20.10 -69.30 53.87
C ASP A 294 -20.40 -69.17 52.38
N ASP A 295 -21.23 -68.21 51.98
CA ASP A 295 -21.52 -67.97 50.57
C ASP A 295 -20.58 -66.94 49.94
N ALA A 296 -19.44 -66.69 50.56
CA ALA A 296 -18.50 -65.69 50.08
C ALA A 296 -17.50 -66.30 49.10
N ASP A 297 -16.90 -65.43 48.30
CA ASP A 297 -15.78 -65.80 47.45
C ASP A 297 -14.58 -66.05 48.35
N LEU A 298 -14.25 -67.33 48.56
CA LEU A 298 -13.29 -67.71 49.59
C LEU A 298 -11.92 -67.09 49.32
N ASP A 299 -11.40 -67.26 48.10
CA ASP A 299 -10.07 -66.73 47.81
C ASP A 299 -10.05 -65.21 47.89
N LYS A 300 -11.15 -64.57 47.49
CA LYS A 300 -11.23 -63.11 47.57
C LYS A 300 -11.23 -62.64 49.02
N ALA A 301 -11.95 -63.35 49.89
CA ALA A 301 -12.00 -62.96 51.29
C ALA A 301 -10.66 -63.17 51.97
N VAL A 302 -9.94 -64.23 51.62
CA VAL A 302 -8.64 -64.49 52.22
C VAL A 302 -7.66 -63.37 51.88
N GLN A 303 -7.51 -63.08 50.58
CA GLN A 303 -6.59 -62.02 50.19
C GLN A 303 -7.01 -60.68 50.80
N GLY A 304 -8.31 -60.40 50.84
CA GLY A 304 -8.77 -59.16 51.44
C GLY A 304 -8.48 -59.10 52.93
N ALA A 305 -8.73 -60.20 53.64
CA ALA A 305 -8.45 -60.24 55.07
C ALA A 305 -6.95 -60.12 55.34
N ILE A 306 -6.12 -60.74 54.50
CA ILE A 306 -4.68 -60.60 54.64
C ILE A 306 -4.29 -59.13 54.55
N PHE A 307 -4.85 -58.41 53.57
CA PHE A 307 -4.52 -57.00 53.39
C PHE A 307 -5.03 -56.16 54.56
N ALA A 308 -6.25 -56.43 55.01
CA ALA A 308 -6.85 -55.63 56.09
C ALA A 308 -6.17 -55.86 57.43
N LYS A 309 -5.49 -56.99 57.60
CA LYS A 309 -4.91 -57.33 58.89
C LYS A 309 -3.45 -56.90 59.00
N PHE A 310 -2.63 -57.24 58.03
CA PHE A 310 -1.19 -57.13 58.15
C PHE A 310 -0.60 -55.90 57.50
N ARG A 311 -1.42 -55.01 56.96
CA ARG A 311 -0.90 -53.73 56.49
C ARG A 311 -0.32 -52.96 57.67
N ASN A 312 0.86 -52.38 57.46
CA ASN A 312 1.57 -51.66 58.52
C ASN A 312 1.77 -52.53 59.75
N ALA A 313 1.97 -53.83 59.54
CA ALA A 313 2.17 -54.80 60.62
C ALA A 313 0.99 -54.82 61.57
N GLY A 314 -0.20 -54.48 61.07
CA GLY A 314 -1.38 -54.43 61.90
C GLY A 314 -1.54 -53.18 62.74
N GLN A 315 -0.65 -52.21 62.57
CA GLN A 315 -0.67 -50.98 63.38
C GLN A 315 -1.44 -49.89 62.64
N THR A 316 -2.74 -50.13 62.50
CA THR A 316 -3.62 -49.20 61.80
C THR A 316 -5.00 -49.24 62.45
N CYS A 317 -5.64 -48.07 62.49
CA CYS A 317 -6.91 -47.94 63.18
C CYS A 317 -8.02 -48.75 62.51
N VAL A 318 -7.96 -48.95 61.19
CA VAL A 318 -8.98 -49.69 60.46
C VAL A 318 -8.57 -51.14 60.22
N CYS A 319 -7.51 -51.61 60.87
CA CYS A 319 -7.07 -52.98 60.67
C CYS A 319 -8.10 -53.97 61.20
N ALA A 320 -8.20 -55.12 60.54
CA ALA A 320 -9.10 -56.19 60.95
C ALA A 320 -8.62 -56.73 62.29
N ASN A 321 -9.30 -56.33 63.37
CA ASN A 321 -8.95 -56.82 64.70
C ASN A 321 -9.65 -58.14 65.03
N ARG A 322 -10.81 -58.39 64.44
CA ARG A 322 -11.54 -59.64 64.61
C ARG A 322 -11.95 -60.15 63.23
N ILE A 323 -11.68 -61.42 62.96
CA ILE A 323 -12.03 -62.04 61.70
C ILE A 323 -13.03 -63.15 61.99
N TYR A 324 -14.30 -62.90 61.71
CA TYR A 324 -15.35 -63.89 61.89
C TYR A 324 -15.53 -64.70 60.61
N VAL A 325 -15.49 -66.02 60.74
CA VAL A 325 -15.57 -66.93 59.61
C VAL A 325 -16.62 -67.99 59.91
N HIS A 326 -17.47 -68.27 58.93
CA HIS A 326 -18.58 -69.18 59.14
C HIS A 326 -18.10 -70.61 59.30
N ASP A 327 -18.89 -71.40 60.04
CA ASP A 327 -18.49 -72.76 60.39
C ASP A 327 -18.20 -73.59 59.15
N ASN A 328 -18.99 -73.40 58.09
CA ASN A 328 -18.88 -74.26 56.91
C ASN A 328 -17.63 -74.02 56.09
N ILE A 329 -16.90 -72.93 56.32
CA ILE A 329 -15.69 -72.65 55.56
C ILE A 329 -14.53 -72.34 56.50
N TYR A 330 -14.75 -72.48 57.81
CA TYR A 330 -13.73 -72.09 58.77
C TYR A 330 -12.41 -72.82 58.51
N GLN A 331 -12.49 -74.14 58.30
CA GLN A 331 -11.27 -74.92 58.12
C GLN A 331 -10.55 -74.53 56.83
N ALA A 332 -11.28 -74.44 55.72
CA ALA A 332 -10.68 -74.05 54.45
C ALA A 332 -10.06 -72.65 54.55
N PHE A 333 -10.82 -71.70 55.08
CA PHE A 333 -10.33 -70.33 55.21
C PHE A 333 -9.05 -70.29 56.03
N ALA A 334 -9.05 -70.94 57.19
CA ALA A 334 -7.88 -70.89 58.07
C ALA A 334 -6.63 -71.42 57.37
N GLU A 335 -6.76 -72.52 56.65
CA GLU A 335 -5.60 -73.11 56.00
C GLU A 335 -5.00 -72.16 54.96
N LYS A 336 -5.84 -71.61 54.08
CA LYS A 336 -5.34 -70.67 53.09
C LYS A 336 -4.76 -69.43 53.76
N PHE A 337 -5.45 -68.93 54.79
CA PHE A 337 -4.97 -67.73 55.49
C PHE A 337 -3.59 -67.96 56.08
N VAL A 338 -3.37 -69.12 56.71
CA VAL A 338 -2.07 -69.40 57.31
C VAL A 338 -1.00 -69.56 56.22
N GLN A 339 -1.38 -70.13 55.08
CA GLN A 339 -0.43 -70.29 53.98
C GLN A 339 0.12 -68.93 53.53
N GLU A 340 -0.75 -67.92 53.46
CA GLU A 340 -0.30 -66.60 53.06
C GLU A 340 0.56 -65.95 54.13
N VAL A 341 0.19 -66.11 55.40
CA VAL A 341 0.95 -65.49 56.48
C VAL A 341 2.36 -66.04 56.55
N GLN A 342 2.54 -67.32 56.23
CA GLN A 342 3.85 -67.93 56.30
C GLN A 342 4.78 -67.51 55.15
N LYS A 343 4.25 -66.86 54.12
CA LYS A 343 5.10 -66.32 53.06
C LYS A 343 5.72 -64.99 53.45
N PHE A 344 5.22 -64.34 54.49
CA PHE A 344 5.68 -62.99 54.83
C PHE A 344 7.18 -62.98 55.13
N LYS A 345 7.84 -61.95 54.63
CA LYS A 345 9.24 -61.68 54.94
C LYS A 345 9.28 -60.60 56.03
N VAL A 346 9.88 -60.92 57.17
CA VAL A 346 10.01 -60.01 58.29
C VAL A 346 11.43 -59.49 58.35
N GLY A 347 11.59 -58.19 58.56
CA GLY A 347 12.92 -57.62 58.68
C GLY A 347 12.87 -56.11 58.54
N ASN A 348 14.05 -55.54 58.30
CA ASN A 348 14.18 -54.10 58.16
C ASN A 348 13.40 -53.60 56.95
N GLY A 349 12.78 -52.43 57.10
CA GLY A 349 11.97 -51.89 56.02
C GLY A 349 12.74 -51.50 54.78
N LEU A 350 14.06 -51.37 54.89
CA LEU A 350 14.90 -51.01 53.76
C LEU A 350 15.35 -52.22 52.95
N GLU A 351 15.13 -53.43 53.45
CA GLU A 351 15.50 -54.63 52.71
C GLU A 351 14.48 -54.90 51.59
N ASP A 352 14.95 -55.57 50.55
CA ASP A 352 14.10 -55.89 49.42
C ASP A 352 13.09 -56.97 49.79
N GLY A 353 11.84 -56.76 49.36
CA GLY A 353 10.81 -57.75 49.57
C GLY A 353 10.29 -57.87 50.99
N VAL A 354 10.73 -57.00 51.90
CA VAL A 354 10.23 -57.05 53.27
C VAL A 354 8.78 -56.56 53.30
N GLN A 355 7.96 -57.27 54.08
CA GLN A 355 6.55 -56.96 54.18
C GLN A 355 6.09 -56.62 55.59
N ILE A 356 6.76 -57.13 56.62
CA ILE A 356 6.38 -56.90 58.01
C ILE A 356 7.57 -56.26 58.72
N GLY A 357 7.36 -55.04 59.22
CA GLY A 357 8.37 -54.34 59.97
C GLY A 357 8.21 -54.58 61.46
N PRO A 358 8.89 -53.77 62.27
CA PRO A 358 8.80 -53.93 63.72
C PRO A 358 7.67 -53.11 64.33
N LEU A 359 7.24 -53.53 65.51
CA LEU A 359 6.27 -52.76 66.26
C LEU A 359 6.93 -51.49 66.82
N ILE A 360 6.10 -50.50 67.13
CA ILE A 360 6.62 -49.16 67.41
C ILE A 360 7.47 -49.15 68.68
N ASN A 361 7.09 -49.93 69.69
CA ASN A 361 7.79 -49.92 70.96
C ASN A 361 7.55 -51.24 71.68
N GLU A 362 8.13 -51.36 72.88
CA GLU A 362 8.04 -52.61 73.63
C GLU A 362 6.66 -52.81 74.25
N LYS A 363 5.98 -51.73 74.60
CA LYS A 363 4.63 -51.88 75.17
C LYS A 363 3.70 -52.59 74.20
N ALA A 364 3.83 -52.31 72.89
CA ALA A 364 2.99 -52.98 71.91
C ALA A 364 3.29 -54.47 71.83
N VAL A 365 4.57 -54.84 71.97
CA VAL A 365 4.92 -56.26 72.04
C VAL A 365 4.27 -56.89 73.26
N LEU A 366 4.33 -56.21 74.41
CA LEU A 366 3.76 -56.74 75.63
C LEU A 366 2.25 -56.90 75.51
N LYS A 367 1.57 -55.90 74.93
CA LYS A 367 0.13 -55.98 74.72
C LYS A 367 -0.23 -57.18 73.84
N ALA A 368 0.50 -57.37 72.75
CA ALA A 368 0.21 -58.48 71.85
C ALA A 368 0.41 -59.82 72.55
N GLN A 369 1.47 -59.96 73.33
CA GLN A 369 1.75 -61.22 73.98
C GLN A 369 0.70 -61.54 75.04
N GLN A 370 0.23 -60.52 75.76
CA GLN A 370 -0.81 -60.72 76.75
C GLN A 370 -2.08 -61.27 76.10
N LEU A 371 -2.59 -60.57 75.08
CA LEU A 371 -3.85 -60.99 74.46
C LEU A 371 -3.76 -62.39 73.87
N ILE A 372 -2.59 -62.76 73.34
CA ILE A 372 -2.42 -64.12 72.84
C ILE A 372 -2.41 -65.11 73.99
N ASP A 373 -1.68 -64.80 75.06
CA ASP A 373 -1.66 -65.69 76.22
C ASP A 373 -3.06 -65.88 76.79
N ASP A 374 -3.84 -64.79 76.89
CA ASP A 374 -5.18 -64.91 77.42
C ASP A 374 -6.05 -65.80 76.54
N ALA A 375 -5.96 -65.63 75.22
CA ALA A 375 -6.75 -66.45 74.31
C ALA A 375 -6.38 -67.92 74.45
N VAL A 376 -5.08 -68.23 74.42
CA VAL A 376 -4.64 -69.61 74.52
C VAL A 376 -5.15 -70.24 75.81
N SER A 377 -5.12 -69.49 76.91
CA SER A 377 -5.58 -70.01 78.19
C SER A 377 -7.07 -70.33 78.20
N LYS A 378 -7.82 -69.87 77.20
CA LYS A 378 -9.26 -70.12 77.12
C LYS A 378 -9.61 -71.02 75.93
N GLY A 379 -8.64 -71.75 75.38
CA GLY A 379 -8.89 -72.75 74.38
C GLY A 379 -8.43 -72.40 72.98
N ALA A 380 -7.90 -71.20 72.75
CA ALA A 380 -7.46 -70.83 71.42
C ALA A 380 -6.17 -71.54 71.05
N LYS A 381 -6.05 -71.91 69.78
CA LYS A 381 -4.85 -72.54 69.25
C LYS A 381 -4.04 -71.55 68.44
N ILE A 382 -2.72 -71.71 68.47
CA ILE A 382 -1.82 -70.90 67.67
C ILE A 382 -1.53 -71.65 66.38
N ALA A 383 -2.06 -71.15 65.27
CA ALA A 383 -1.79 -71.77 63.97
C ALA A 383 -0.39 -71.45 63.48
N CYS A 384 0.14 -70.28 63.84
CA CYS A 384 1.51 -69.92 63.52
C CYS A 384 1.85 -68.65 64.29
N GLY A 385 3.15 -68.41 64.48
CA GLY A 385 3.59 -67.26 65.23
C GLY A 385 3.31 -67.43 66.72
N GLY A 386 3.03 -66.30 67.37
CA GLY A 386 2.68 -66.31 68.78
C GLY A 386 3.77 -65.88 69.74
N LYS A 387 4.93 -65.44 69.22
CA LYS A 387 6.02 -64.99 70.09
C LYS A 387 6.83 -63.95 69.34
N GLN A 388 7.74 -63.30 70.08
CA GLN A 388 8.63 -62.33 69.48
C GLN A 388 9.47 -62.99 68.38
N HIS A 389 9.88 -62.17 67.41
CA HIS A 389 10.64 -62.68 66.28
C HIS A 389 12.11 -62.84 66.65
N ALA A 390 12.80 -63.70 65.90
CA ALA A 390 14.21 -63.96 66.18
C ALA A 390 15.06 -62.70 66.03
N LEU A 391 14.61 -61.75 65.20
CA LEU A 391 15.35 -60.51 65.00
C LEU A 391 15.39 -59.64 66.25
N GLY A 392 14.63 -59.98 67.28
CA GLY A 392 14.66 -59.19 68.50
C GLY A 392 14.07 -57.80 68.29
N GLN A 393 14.59 -56.85 69.06
CA GLN A 393 14.11 -55.47 69.06
C GLN A 393 12.61 -55.53 69.38
N THR A 394 11.73 -54.92 68.57
CA THR A 394 10.30 -55.01 68.76
C THR A 394 9.62 -55.80 67.64
N PHE A 395 10.37 -56.67 66.97
CA PHE A 395 9.78 -57.51 65.92
C PHE A 395 8.93 -58.60 66.55
N TYR A 396 7.70 -58.75 66.05
CA TYR A 396 6.79 -59.80 66.50
C TYR A 396 6.43 -60.69 65.33
N GLU A 397 6.39 -62.00 65.58
CA GLU A 397 6.06 -62.95 64.53
C GLU A 397 4.63 -62.73 64.05
N PRO A 398 4.39 -62.67 62.74
CA PRO A 398 3.01 -62.70 62.25
C PRO A 398 2.31 -63.96 62.73
N SER A 399 1.17 -63.77 63.38
CA SER A 399 0.51 -64.85 64.12
C SER A 399 -0.93 -65.02 63.65
N VAL A 400 -1.43 -66.25 63.81
CA VAL A 400 -2.82 -66.58 63.50
C VAL A 400 -3.36 -67.45 64.63
N LEU A 401 -4.49 -67.04 65.19
CA LEU A 401 -5.16 -67.79 66.25
C LEU A 401 -6.45 -68.39 65.71
N THR A 402 -6.70 -69.65 66.07
CA THR A 402 -7.95 -70.33 65.75
C THR A 402 -8.67 -70.67 67.04
N ASN A 403 -9.96 -70.98 66.92
CA ASN A 403 -10.79 -71.38 68.05
C ASN A 403 -11.03 -70.22 69.01
N VAL A 404 -11.10 -69.00 68.49
CA VAL A 404 -11.31 -67.81 69.29
C VAL A 404 -12.81 -67.59 69.46
N ASP A 405 -13.22 -67.14 70.65
CA ASP A 405 -14.62 -66.85 70.95
C ASP A 405 -14.70 -65.53 71.69
N ARG A 406 -15.93 -65.12 72.01
CA ARG A 406 -16.20 -63.79 72.53
C ARG A 406 -15.73 -63.59 73.96
N THR A 407 -15.42 -64.67 74.69
CA THR A 407 -14.97 -64.54 76.07
C THR A 407 -13.50 -64.18 76.19
N MET A 408 -12.78 -64.06 75.08
CA MET A 408 -11.36 -63.78 75.09
C MET A 408 -11.11 -62.28 74.96
N GLU A 409 -10.08 -61.79 75.65
CA GLU A 409 -9.82 -60.36 75.69
C GLU A 409 -9.43 -59.82 74.32
N ILE A 410 -8.84 -60.65 73.46
CA ILE A 410 -8.42 -60.20 72.15
C ILE A 410 -9.60 -59.77 71.28
N VAL A 411 -10.82 -60.13 71.67
CA VAL A 411 -12.02 -59.68 70.97
C VAL A 411 -12.49 -58.31 71.44
N GLN A 412 -12.07 -57.87 72.62
CA GLN A 412 -12.52 -56.61 73.18
C GLN A 412 -11.46 -55.53 73.20
N GLU A 413 -10.23 -55.85 72.82
CA GLU A 413 -9.12 -54.91 72.87
C GLU A 413 -8.41 -54.85 71.52
N GLU A 414 -7.92 -53.68 71.17
CA GLU A 414 -7.12 -53.52 69.97
C GLU A 414 -5.75 -54.16 70.14
N ILE A 415 -5.33 -54.94 69.15
CA ILE A 415 -4.02 -55.57 69.21
C ILE A 415 -2.94 -54.64 68.68
N PHE A 416 -3.25 -53.91 67.60
CA PHE A 416 -2.27 -53.04 66.94
C PHE A 416 -0.99 -53.82 66.65
N GLY A 417 -1.15 -55.06 66.20
CA GLY A 417 -0.04 -55.91 65.85
C GLY A 417 -0.43 -56.93 64.81
N PRO A 418 0.54 -57.73 64.36
CA PRO A 418 0.26 -58.75 63.31
C PRO A 418 -0.28 -60.06 63.89
N VAL A 419 -1.47 -59.99 64.46
CA VAL A 419 -2.11 -61.13 65.10
C VAL A 419 -3.54 -61.22 64.58
N ALA A 420 -3.88 -62.35 63.96
CA ALA A 420 -5.17 -62.52 63.30
C ALA A 420 -6.02 -63.55 64.06
N PRO A 421 -6.96 -63.11 64.90
CA PRO A 421 -7.84 -64.09 65.57
C PRO A 421 -9.03 -64.48 64.72
N LEU A 422 -9.13 -65.77 64.39
CA LEU A 422 -10.23 -66.29 63.57
C LEU A 422 -11.32 -66.80 64.49
N ILE A 423 -12.52 -66.23 64.36
CA ILE A 423 -13.63 -66.49 65.27
C ILE A 423 -14.71 -67.24 64.51
N ARG A 424 -15.09 -68.40 65.03
CA ARG A 424 -16.11 -69.23 64.40
C ARG A 424 -17.50 -68.70 64.71
N PHE A 425 -18.40 -68.79 63.73
CA PHE A 425 -19.80 -68.42 63.94
C PHE A 425 -20.65 -69.22 62.96
N THR A 426 -21.97 -69.17 63.19
CA THR A 426 -22.91 -69.88 62.33
C THR A 426 -24.13 -69.01 62.02
N ASP A 427 -24.73 -68.42 63.05
CA ASP A 427 -25.95 -67.63 62.90
C ASP A 427 -25.61 -66.20 62.52
N GLU A 428 -26.41 -65.65 61.60
CA GLU A 428 -26.16 -64.29 61.12
C GLU A 428 -26.46 -63.25 62.19
N ALA A 429 -27.61 -63.36 62.86
CA ALA A 429 -27.96 -62.39 63.89
C ALA A 429 -26.94 -62.39 65.01
N ASP A 430 -26.29 -63.53 65.27
CA ASP A 430 -25.33 -63.60 66.36
C ASP A 430 -24.01 -62.91 65.99
N VAL A 431 -23.52 -63.11 64.77
CA VAL A 431 -22.26 -62.50 64.38
C VAL A 431 -22.41 -60.99 64.26
N VAL A 432 -23.59 -60.52 63.87
CA VAL A 432 -23.82 -59.07 63.79
C VAL A 432 -23.81 -58.47 65.19
N ALA A 433 -24.45 -59.14 66.15
CA ALA A 433 -24.42 -58.66 67.53
C ALA A 433 -23.01 -58.63 68.08
N GLN A 434 -22.23 -59.69 67.82
CA GLN A 434 -20.85 -59.72 68.27
C GLN A 434 -20.03 -58.60 67.62
N ALA A 435 -20.26 -58.35 66.33
CA ALA A 435 -19.53 -57.29 65.65
C ALA A 435 -19.81 -55.94 66.26
N ASN A 436 -21.06 -55.69 66.67
CA ASN A 436 -21.45 -54.42 67.25
C ASN A 436 -21.22 -54.35 68.76
N ASP A 437 -20.78 -55.44 69.39
CA ASP A 437 -20.59 -55.47 70.84
C ASP A 437 -19.25 -54.84 71.23
N THR A 438 -19.16 -53.54 70.94
CA THR A 438 -17.92 -52.80 71.16
C THR A 438 -18.27 -51.32 71.30
N ILE A 439 -17.43 -50.59 72.04
CA ILE A 439 -17.60 -49.15 72.13
C ILE A 439 -17.17 -48.43 70.87
N PHE A 440 -16.46 -49.11 69.97
CA PHE A 440 -15.92 -48.50 68.76
C PHE A 440 -16.88 -48.68 67.59
N GLY A 441 -16.57 -47.99 66.51
CA GLY A 441 -17.39 -48.04 65.30
C GLY A 441 -16.72 -47.31 64.16
N LEU A 442 -15.50 -47.72 63.81
CA LEU A 442 -14.75 -47.06 62.76
C LEU A 442 -14.97 -47.77 61.42
N ALA A 443 -14.27 -48.89 61.21
CA ALA A 443 -14.35 -49.63 59.95
C ALA A 443 -14.80 -51.07 60.21
N ALA A 444 -15.51 -51.62 59.23
CA ALA A 444 -15.91 -53.03 59.24
C ALA A 444 -15.82 -53.57 57.83
N TYR A 445 -15.91 -54.89 57.71
CA TYR A 445 -15.76 -55.56 56.42
C TYR A 445 -16.67 -56.78 56.37
N VAL A 446 -17.36 -56.94 55.24
CA VAL A 446 -18.30 -58.04 55.04
C VAL A 446 -18.01 -58.69 53.70
N TYR A 447 -17.93 -60.02 53.68
CA TYR A 447 -17.72 -60.79 52.46
C TYR A 447 -18.88 -61.76 52.29
N SER A 448 -19.61 -61.59 51.19
CA SER A 448 -20.75 -62.45 50.87
C SER A 448 -21.20 -62.15 49.45
N GLU A 449 -21.51 -63.21 48.70
CA GLU A 449 -22.00 -63.06 47.33
C GLU A 449 -23.51 -62.94 47.26
N ASN A 450 -24.20 -62.97 48.41
CA ASN A 450 -25.64 -62.78 48.45
C ASN A 450 -25.93 -61.29 48.61
N ILE A 451 -26.66 -60.72 47.64
CA ILE A 451 -26.88 -59.28 47.64
C ILE A 451 -27.70 -58.86 48.85
N SER A 452 -28.73 -59.64 49.19
CA SER A 452 -29.58 -59.30 50.33
C SER A 452 -28.80 -59.33 51.63
N ARG A 453 -28.02 -60.39 51.84
CA ARG A 453 -27.21 -60.49 53.06
C ARG A 453 -26.19 -59.36 53.11
N LEU A 454 -25.49 -59.12 52.00
CA LEU A 454 -24.45 -58.10 51.97
C LEU A 454 -24.99 -56.75 52.41
N TRP A 455 -26.14 -56.35 51.85
CA TRP A 455 -26.72 -55.06 52.21
C TRP A 455 -27.30 -55.10 53.62
N ARG A 456 -28.06 -56.16 53.94
CA ARG A 456 -28.67 -56.26 55.26
C ARG A 456 -27.62 -56.13 56.37
N VAL A 457 -26.48 -56.81 56.21
CA VAL A 457 -25.46 -56.78 57.25
C VAL A 457 -24.74 -55.45 57.26
N SER A 458 -24.39 -54.93 56.09
CA SER A 458 -23.68 -53.65 56.03
C SER A 458 -24.49 -52.55 56.70
N GLU A 459 -25.82 -52.57 56.54
CA GLU A 459 -26.65 -51.56 57.16
C GLU A 459 -26.78 -51.76 58.67
N GLN A 460 -26.76 -53.01 59.13
CA GLN A 460 -26.89 -53.28 60.56
C GLN A 460 -25.60 -53.06 61.33
N LEU A 461 -24.46 -52.97 60.64
CA LEU A 461 -23.18 -52.74 61.31
C LEU A 461 -23.10 -51.27 61.72
N GLU A 462 -22.91 -51.03 63.02
CA GLU A 462 -22.82 -49.68 63.56
C GLU A 462 -21.38 -49.16 63.41
N TYR A 463 -21.04 -48.86 62.15
CA TYR A 463 -19.70 -48.38 61.81
C TYR A 463 -19.83 -47.26 60.79
N GLY A 464 -18.79 -46.43 60.73
CA GLY A 464 -18.76 -45.36 59.76
C GLY A 464 -18.24 -45.74 58.39
N MET A 465 -17.64 -46.92 58.26
CA MET A 465 -17.09 -47.40 57.00
C MET A 465 -17.24 -48.90 56.95
N VAL A 466 -17.78 -49.42 55.85
CA VAL A 466 -18.04 -50.85 55.70
C VAL A 466 -17.54 -51.29 54.34
N GLY A 467 -16.49 -52.12 54.33
CA GLY A 467 -16.04 -52.72 53.09
C GLY A 467 -16.94 -53.89 52.73
N MET A 468 -17.46 -53.86 51.51
CA MET A 468 -18.41 -54.87 51.02
C MET A 468 -17.72 -55.64 49.90
N ASN A 469 -17.21 -56.84 50.25
CA ASN A 469 -16.38 -57.62 49.34
C ASN A 469 -15.12 -56.85 48.94
N ALA A 470 -14.63 -56.01 49.84
CA ALA A 470 -13.43 -55.22 49.60
C ALA A 470 -12.89 -54.72 50.93
N THR A 471 -11.57 -54.58 50.99
CA THR A 471 -10.91 -54.05 52.18
C THR A 471 -9.99 -52.88 51.89
N ALA A 472 -9.64 -52.62 50.63
CA ALA A 472 -8.83 -51.46 50.26
C ALA A 472 -9.76 -50.24 50.15
N ILE A 473 -10.19 -49.76 51.32
CA ILE A 473 -11.21 -48.72 51.38
C ILE A 473 -10.63 -47.32 51.48
N SER A 474 -9.31 -47.17 51.56
CA SER A 474 -8.69 -45.90 51.87
C SER A 474 -8.36 -45.14 50.58
N ASN A 475 -8.87 -43.91 50.49
CA ASN A 475 -8.55 -42.99 49.41
C ASN A 475 -9.03 -41.61 49.85
N GLU A 476 -8.72 -40.59 49.04
CA GLU A 476 -8.95 -39.21 49.45
C GLU A 476 -10.36 -38.71 49.13
N VAL A 477 -11.13 -39.42 48.30
CA VAL A 477 -12.43 -38.93 47.88
C VAL A 477 -13.59 -39.48 48.72
N VAL A 478 -13.33 -40.47 49.58
CA VAL A 478 -14.40 -41.08 50.38
C VAL A 478 -14.33 -40.54 51.81
N PRO A 479 -15.47 -40.38 52.49
CA PRO A 479 -15.45 -39.80 53.83
C PRO A 479 -14.93 -40.81 54.85
N PHE A 480 -13.82 -40.46 55.50
CA PHE A 480 -13.11 -41.36 56.38
C PHE A 480 -13.36 -40.96 57.83
N GLY A 481 -13.91 -41.88 58.61
CA GLY A 481 -14.21 -41.61 60.00
C GLY A 481 -15.10 -42.69 60.59
N GLY A 482 -15.35 -42.55 61.89
CA GLY A 482 -16.10 -43.54 62.63
C GLY A 482 -17.28 -42.93 63.37
N VAL A 483 -17.98 -43.81 64.09
CA VAL A 483 -19.10 -43.43 64.95
C VAL A 483 -18.82 -43.98 66.35
N LYS A 484 -19.76 -43.73 67.26
CA LYS A 484 -19.65 -44.15 68.67
C LYS A 484 -18.34 -43.58 69.20
N GLN A 485 -17.52 -44.35 69.92
CA GLN A 485 -16.30 -43.84 70.51
C GLN A 485 -15.11 -43.91 69.56
N SER A 486 -15.34 -44.20 68.28
CA SER A 486 -14.28 -44.10 67.29
C SER A 486 -14.04 -42.66 66.85
N GLY A 487 -14.92 -41.74 67.22
CA GLY A 487 -14.67 -40.33 67.05
C GLY A 487 -15.81 -39.61 66.35
N VAL A 488 -15.51 -38.42 65.85
CA VAL A 488 -16.50 -37.57 65.21
C VAL A 488 -15.82 -36.85 64.06
N GLY A 489 -16.59 -36.53 63.02
CA GLY A 489 -16.06 -35.87 61.84
C GLY A 489 -15.56 -36.85 60.79
N ARG A 490 -15.21 -36.29 59.64
CA ARG A 490 -14.76 -37.07 58.50
C ARG A 490 -13.58 -36.37 57.84
N GLU A 491 -12.61 -37.15 57.40
CA GLU A 491 -11.44 -36.65 56.69
C GLU A 491 -11.52 -37.07 55.23
N GLY A 492 -11.15 -36.14 54.33
CA GLY A 492 -11.29 -36.37 52.91
C GLY A 492 -12.72 -36.21 52.45
N SER A 493 -12.88 -36.30 51.13
CA SER A 493 -14.20 -36.29 50.50
C SER A 493 -14.85 -34.92 50.53
N LYS A 494 -16.06 -34.82 49.97
CA LYS A 494 -16.81 -33.57 50.00
C LYS A 494 -17.09 -33.12 51.43
N TYR A 495 -17.17 -34.06 52.37
CA TYR A 495 -17.51 -33.74 53.75
C TYR A 495 -16.32 -33.25 54.56
N GLY A 496 -15.10 -33.37 54.05
CA GLY A 496 -13.93 -33.07 54.86
C GLY A 496 -13.74 -31.59 55.12
N LEU A 497 -14.01 -30.75 54.11
CA LEU A 497 -13.70 -29.33 54.23
C LEU A 497 -14.69 -28.59 55.12
N GLU A 498 -15.97 -28.99 55.11
CA GLU A 498 -16.95 -28.35 55.98
C GLU A 498 -16.54 -28.43 57.44
N GLU A 499 -15.77 -29.46 57.81
CA GLU A 499 -15.36 -29.63 59.20
C GLU A 499 -14.58 -28.42 59.70
N PHE A 500 -13.93 -27.69 58.80
CA PHE A 500 -13.08 -26.55 59.16
C PHE A 500 -13.72 -25.21 58.83
N MET A 501 -15.04 -25.19 58.65
CA MET A 501 -15.76 -23.98 58.32
C MET A 501 -16.90 -23.78 59.33
N THR A 502 -17.35 -22.53 59.44
CA THR A 502 -18.54 -22.19 60.18
C THR A 502 -19.56 -21.61 59.22
N ILE A 503 -20.82 -21.59 59.67
CA ILE A 503 -21.93 -21.12 58.85
C ILE A 503 -22.30 -19.71 59.32
N LYS A 504 -22.47 -18.80 58.36
CA LYS A 504 -22.94 -17.44 58.64
C LYS A 504 -24.27 -17.23 57.91
N TYR A 505 -25.32 -16.98 58.69
CA TYR A 505 -26.65 -16.75 58.15
C TYR A 505 -26.89 -15.25 58.10
N MET A 506 -26.90 -14.69 56.88
CA MET A 506 -27.18 -13.28 56.68
C MET A 506 -28.67 -13.10 56.37
N CYS A 507 -29.36 -12.34 57.20
CA CYS A 507 -30.76 -11.96 56.96
C CYS A 507 -30.72 -10.53 56.44
N LEU A 508 -30.93 -10.37 55.14
CA LEU A 508 -30.88 -9.07 54.48
C LEU A 508 -32.29 -8.49 54.42
N GLY A 509 -32.51 -7.38 55.12
CA GLY A 509 -33.79 -6.70 55.11
C GLY A 509 -33.89 -5.66 54.02
N LEU A 510 -34.71 -5.93 53.01
CA LEU A 510 -34.88 -5.00 51.90
C LEU A 510 -35.93 -3.95 52.24
N VAL B 28 -74.40 -44.84 32.06
CA VAL B 28 -73.55 -44.67 33.28
C VAL B 28 -74.02 -43.45 34.08
N SER B 29 -74.92 -43.69 35.03
CA SER B 29 -75.35 -42.64 35.96
C SER B 29 -74.44 -42.54 37.17
N SER B 30 -73.56 -43.52 37.38
CA SER B 30 -72.57 -43.41 38.45
C SER B 30 -71.64 -42.22 38.25
N LEU B 31 -71.48 -41.75 37.01
CA LEU B 31 -70.69 -40.56 36.76
C LEU B 31 -71.47 -39.29 37.09
N GLN B 32 -72.74 -39.23 36.69
CA GLN B 32 -73.54 -38.03 36.95
C GLN B 32 -73.74 -37.79 38.44
N SER B 33 -73.51 -38.79 39.28
CA SER B 33 -73.73 -38.68 40.72
C SER B 33 -72.52 -38.13 41.47
N THR B 34 -71.40 -37.91 40.79
CA THR B 34 -70.22 -37.34 41.43
C THR B 34 -70.10 -35.87 41.04
N GLU B 35 -69.70 -35.04 42.00
CA GLU B 35 -69.49 -33.62 41.74
C GLU B 35 -68.32 -33.38 40.80
N LEU B 36 -67.44 -34.37 40.62
CA LEU B 36 -66.22 -34.19 39.85
C LEU B 36 -66.40 -34.47 38.35
N PHE B 37 -67.54 -35.02 37.94
CA PHE B 37 -67.79 -35.27 36.53
C PHE B 37 -68.15 -33.95 35.86
N GLN B 38 -67.24 -33.43 35.05
CA GLN B 38 -67.41 -32.16 34.37
C GLN B 38 -67.32 -32.38 32.86
N GLN B 39 -68.27 -31.79 32.13
CA GLN B 39 -68.29 -31.88 30.67
C GLN B 39 -67.97 -30.54 30.02
N GLN B 40 -67.38 -29.61 30.77
CA GLN B 40 -66.93 -28.34 30.24
C GLN B 40 -65.45 -28.17 30.58
N ALA B 41 -64.77 -27.35 29.78
CA ALA B 41 -63.35 -27.08 30.00
C ALA B 41 -63.19 -26.09 31.14
N TYR B 42 -61.94 -25.90 31.57
CA TYR B 42 -61.61 -25.06 32.72
C TYR B 42 -60.54 -24.06 32.30
N ILE B 43 -60.92 -22.79 32.17
CA ILE B 43 -60.01 -21.73 31.76
C ILE B 43 -60.28 -20.51 32.64
N ASN B 44 -59.24 -20.04 33.33
CA ASN B 44 -59.32 -18.85 34.18
C ASN B 44 -60.46 -18.97 35.18
N GLY B 45 -60.51 -20.12 35.86
CA GLY B 45 -61.48 -20.35 36.91
C GLY B 45 -62.92 -20.51 36.46
N GLN B 46 -63.18 -20.53 35.16
CA GLN B 46 -64.53 -20.67 34.65
C GLN B 46 -64.70 -22.00 33.92
N TRP B 47 -65.92 -22.52 33.95
CA TRP B 47 -66.28 -23.75 33.26
C TRP B 47 -66.94 -23.37 31.94
N LEU B 48 -66.22 -23.55 30.84
CA LEU B 48 -66.61 -23.02 29.55
C LEU B 48 -66.82 -24.13 28.53
N ALA B 49 -67.71 -23.86 27.58
CA ALA B 49 -67.80 -24.63 26.35
C ALA B 49 -66.98 -23.92 25.26
N ALA B 50 -66.76 -24.63 24.16
CA ALA B 50 -66.06 -24.03 23.03
C ALA B 50 -66.87 -22.86 22.48
N GLN B 51 -66.17 -21.89 21.89
CA GLN B 51 -66.85 -20.75 21.30
C GLN B 51 -67.83 -21.19 20.22
N SER B 52 -67.56 -22.31 19.56
CA SER B 52 -68.43 -22.83 18.52
C SER B 52 -69.47 -23.82 19.06
N ASN B 53 -69.46 -24.07 20.37
CA ASN B 53 -70.36 -25.04 20.99
C ASN B 53 -70.14 -26.45 20.46
N ALA B 54 -68.99 -26.71 19.83
CA ALA B 54 -68.69 -28.03 19.30
C ALA B 54 -68.15 -28.93 20.40
N THR B 55 -68.57 -30.19 20.37
CA THR B 55 -68.14 -31.17 21.36
C THR B 55 -67.75 -32.47 20.65
N VAL B 56 -66.91 -33.26 21.32
CA VAL B 56 -66.52 -34.58 20.82
C VAL B 56 -66.88 -35.62 21.87
N PRO B 57 -67.47 -36.75 21.50
CA PRO B 57 -67.91 -37.72 22.50
C PRO B 57 -66.77 -38.52 23.10
N VAL B 58 -66.99 -38.96 24.33
CA VAL B 58 -66.08 -39.85 25.04
C VAL B 58 -66.80 -41.16 25.29
N SER B 59 -66.07 -42.26 25.21
CA SER B 59 -66.65 -43.60 25.28
C SER B 59 -66.00 -44.43 26.36
N ASN B 60 -66.75 -45.41 26.86
CA ASN B 60 -66.24 -46.42 27.78
C ASN B 60 -65.66 -47.56 26.96
N PRO B 61 -64.34 -47.78 26.96
CA PRO B 61 -63.77 -48.81 26.07
C PRO B 61 -64.26 -50.22 26.37
N ALA B 62 -64.73 -50.48 27.60
CA ALA B 62 -65.16 -51.83 27.96
C ALA B 62 -66.55 -52.16 27.42
N THR B 63 -67.39 -51.15 27.19
CA THR B 63 -68.77 -51.36 26.78
C THR B 63 -69.10 -50.74 25.44
N GLY B 64 -68.39 -49.70 25.02
CA GLY B 64 -68.70 -49.01 23.78
C GLY B 64 -69.72 -47.90 23.90
N GLU B 65 -70.27 -47.67 25.08
CA GLU B 65 -71.28 -46.64 25.27
C GLU B 65 -70.64 -45.26 25.26
N GLU B 66 -71.44 -44.25 24.92
CA GLU B 66 -71.05 -42.86 25.14
C GLU B 66 -71.33 -42.51 26.59
N ILE B 67 -70.32 -41.96 27.27
CA ILE B 67 -70.48 -41.51 28.65
C ILE B 67 -70.62 -40.00 28.75
N GLY B 68 -70.29 -39.26 27.70
CA GLY B 68 -70.44 -37.82 27.72
C GLY B 68 -69.69 -37.20 26.57
N THR B 69 -69.54 -35.88 26.63
CA THR B 69 -68.83 -35.12 25.63
C THR B 69 -67.93 -34.11 26.32
N ILE B 70 -67.00 -33.55 25.56
CA ILE B 70 -66.14 -32.47 26.03
C ILE B 70 -66.08 -31.40 24.95
N PRO B 71 -65.80 -30.16 25.32
CA PRO B 71 -65.68 -29.11 24.30
C PRO B 71 -64.56 -29.42 23.32
N ASN B 72 -64.84 -29.13 22.05
CA ASN B 72 -63.83 -29.28 20.99
C ASN B 72 -63.22 -27.91 20.70
N MET B 73 -62.39 -27.47 21.63
CA MET B 73 -61.78 -26.16 21.54
C MET B 73 -60.59 -26.17 20.57
N GLY B 74 -60.22 -24.99 20.11
CA GLY B 74 -59.16 -24.82 19.15
C GLY B 74 -58.16 -23.77 19.60
N ALA B 75 -57.62 -23.04 18.61
CA ALA B 75 -56.56 -22.08 18.89
C ALA B 75 -57.07 -20.91 19.73
N ALA B 76 -58.28 -20.43 19.45
CA ALA B 76 -58.79 -19.27 20.16
C ALA B 76 -58.83 -19.51 21.67
N GLU B 77 -59.47 -20.60 22.09
CA GLU B 77 -59.56 -20.90 23.52
C GLU B 77 -58.18 -21.20 24.10
N ALA B 78 -57.32 -21.88 23.34
CA ALA B 78 -55.97 -22.15 23.81
C ALA B 78 -55.24 -20.84 24.10
N THR B 79 -55.39 -19.85 23.21
CA THR B 79 -54.78 -18.55 23.45
C THR B 79 -55.36 -17.87 24.69
N GLN B 80 -56.67 -18.05 24.92
CA GLN B 80 -57.28 -17.48 26.12
C GLN B 80 -56.69 -18.09 27.37
N ALA B 81 -56.38 -19.38 27.33
CA ALA B 81 -55.79 -20.03 28.51
C ALA B 81 -54.36 -19.54 28.74
N VAL B 82 -53.59 -19.35 27.68
CA VAL B 82 -52.23 -18.84 27.83
C VAL B 82 -52.26 -17.43 28.41
N GLU B 83 -53.16 -16.58 27.90
CA GLU B 83 -53.26 -15.22 28.43
C GLU B 83 -53.69 -15.23 29.89
N ALA B 84 -54.64 -16.10 30.24
CA ALA B 84 -55.08 -16.20 31.63
C ALA B 84 -53.95 -16.70 32.53
N ALA B 85 -53.21 -17.71 32.06
CA ALA B 85 -52.10 -18.24 32.85
C ALA B 85 -51.02 -17.18 33.06
N TYR B 86 -50.76 -16.35 32.05
CA TYR B 86 -49.74 -15.32 32.19
C TYR B 86 -50.18 -14.24 33.17
N THR B 87 -51.45 -13.86 33.14
CA THR B 87 -51.95 -12.87 34.10
C THR B 87 -51.89 -13.40 35.53
N ALA B 88 -52.32 -14.65 35.73
CA ALA B 88 -52.27 -15.25 37.07
C ALA B 88 -50.84 -15.49 37.53
N LEU B 89 -49.88 -15.56 36.59
CA LEU B 89 -48.51 -15.86 36.97
C LEU B 89 -47.90 -14.77 37.84
N GLN B 90 -48.27 -13.51 37.61
CA GLN B 90 -47.63 -12.40 38.31
C GLN B 90 -47.86 -12.50 39.82
N SER B 91 -49.09 -12.77 40.24
CA SER B 91 -49.40 -12.85 41.65
C SER B 91 -49.17 -14.23 42.24
N TRP B 92 -49.14 -15.28 41.41
CA TRP B 92 -48.91 -16.61 41.94
C TRP B 92 -47.45 -16.82 42.31
N LYS B 93 -46.53 -16.22 41.55
CA LYS B 93 -45.11 -16.35 41.86
C LYS B 93 -44.64 -15.35 42.91
N ALA B 94 -45.45 -14.31 43.20
CA ALA B 94 -45.11 -13.37 44.25
C ALA B 94 -45.36 -13.91 45.64
N LEU B 95 -46.22 -14.93 45.77
CA LEU B 95 -46.45 -15.55 47.06
C LEU B 95 -45.16 -16.18 47.58
N THR B 96 -45.16 -16.50 48.87
CA THR B 96 -44.05 -17.24 49.46
C THR B 96 -44.18 -18.72 49.13
N ALA B 97 -43.07 -19.44 49.28
CA ALA B 97 -43.10 -20.88 49.09
C ALA B 97 -44.08 -21.55 50.05
N GLN B 98 -44.16 -21.03 51.28
CA GLN B 98 -45.06 -21.62 52.26
C GLN B 98 -46.52 -21.35 51.92
N ASN B 99 -46.81 -20.19 51.32
CA ASN B 99 -48.18 -19.91 50.89
C ASN B 99 -48.63 -20.90 49.83
N ARG B 100 -47.80 -21.13 48.81
CA ARG B 100 -48.14 -22.09 47.77
C ARG B 100 -48.18 -23.51 48.33
N ALA B 101 -47.32 -23.82 49.29
CA ALA B 101 -47.34 -25.16 49.89
C ALA B 101 -48.66 -25.43 50.60
N ASP B 102 -49.16 -24.45 51.35
CA ASP B 102 -50.44 -24.64 52.03
C ASP B 102 -51.55 -24.92 51.04
N ILE B 103 -51.59 -24.18 49.94
CA ILE B 103 -52.63 -24.37 48.94
C ILE B 103 -52.49 -25.74 48.28
N LEU B 104 -51.26 -26.09 47.88
CA LEU B 104 -51.03 -27.37 47.22
C LEU B 104 -51.34 -28.53 48.15
N LEU B 105 -51.11 -28.37 49.45
CA LEU B 105 -51.42 -29.45 50.38
C LEU B 105 -52.93 -29.59 50.60
N ALA B 106 -53.67 -28.48 50.51
CA ALA B 106 -55.13 -28.59 50.50
C ALA B 106 -55.60 -29.32 49.25
N TRP B 107 -54.98 -29.02 48.11
CA TRP B 107 -55.26 -29.78 46.89
C TRP B 107 -54.94 -31.25 47.08
N HIS B 108 -53.79 -31.55 47.69
CA HIS B 108 -53.41 -32.94 47.94
C HIS B 108 -54.44 -33.64 48.82
N LYS B 109 -54.90 -32.97 49.88
CA LYS B 109 -55.89 -33.58 50.77
C LYS B 109 -57.17 -33.92 50.01
N LEU B 110 -57.63 -33.00 49.15
CA LEU B 110 -58.87 -33.23 48.43
C LEU B 110 -58.75 -34.39 47.46
N VAL B 111 -57.58 -34.55 46.82
CA VAL B 111 -57.41 -35.64 45.87
C VAL B 111 -57.53 -36.98 46.57
N LEU B 112 -56.90 -37.13 47.73
CA LEU B 112 -57.00 -38.39 48.46
C LEU B 112 -58.41 -38.60 49.02
N ASP B 113 -59.05 -37.53 49.49
CA ASP B 113 -60.39 -37.67 50.04
C ASP B 113 -61.39 -38.14 48.98
N HIS B 114 -61.11 -37.86 47.70
CA HIS B 114 -61.97 -38.25 46.60
C HIS B 114 -61.37 -39.38 45.78
N THR B 115 -60.61 -40.26 46.43
CA THR B 115 -59.94 -41.35 45.70
C THR B 115 -60.96 -42.23 45.00
N ASP B 116 -62.04 -42.61 45.69
CA ASP B 116 -63.02 -43.51 45.10
C ASP B 116 -63.71 -42.88 43.90
N GLU B 117 -64.03 -41.59 43.99
CA GLU B 117 -64.71 -40.93 42.87
C GLU B 117 -63.76 -40.75 41.69
N LEU B 118 -62.51 -40.40 41.95
CA LEU B 118 -61.54 -40.27 40.87
C LEU B 118 -61.26 -41.62 40.22
N ALA B 119 -61.15 -42.68 41.02
CA ALA B 119 -60.91 -44.01 40.47
C ALA B 119 -62.07 -44.47 39.61
N LEU B 120 -63.30 -44.20 40.05
CA LEU B 120 -64.47 -44.55 39.26
C LEU B 120 -64.41 -43.89 37.88
N ILE B 121 -64.14 -42.58 37.86
CA ILE B 121 -64.10 -41.86 36.59
C ILE B 121 -63.02 -42.46 35.68
N MET B 122 -61.84 -42.74 36.23
CA MET B 122 -60.75 -43.26 35.41
C MET B 122 -61.11 -44.61 34.81
N THR B 123 -61.62 -45.52 35.64
CA THR B 123 -61.94 -46.86 35.15
C THR B 123 -62.94 -46.80 34.02
N ILE B 124 -63.93 -45.90 34.12
CA ILE B 124 -65.01 -45.88 33.13
C ILE B 124 -64.50 -45.36 31.79
N GLU B 125 -63.66 -44.34 31.80
CA GLU B 125 -63.21 -43.72 30.56
C GLU B 125 -61.93 -44.33 30.01
N GLN B 126 -61.09 -44.91 30.86
CA GLN B 126 -59.81 -45.47 30.44
C GLN B 126 -59.83 -46.99 30.37
N GLY B 127 -60.49 -47.66 31.31
CA GLY B 127 -60.71 -49.08 31.26
C GLY B 127 -59.98 -49.89 32.30
N LYS B 128 -58.93 -49.36 32.91
CA LYS B 128 -58.13 -50.15 33.82
C LYS B 128 -58.94 -50.53 35.05
N PRO B 129 -58.54 -51.60 35.75
CA PRO B 129 -59.33 -52.05 36.90
C PRO B 129 -59.40 -51.00 38.01
N LEU B 130 -60.48 -51.07 38.78
CA LEU B 130 -60.72 -50.07 39.82
C LEU B 130 -59.60 -50.07 40.85
N ALA B 131 -58.99 -51.23 41.12
CA ALA B 131 -57.89 -51.29 42.07
C ALA B 131 -56.67 -50.52 41.55
N GLU B 132 -56.34 -50.70 40.27
CA GLU B 132 -55.23 -49.94 39.70
C GLU B 132 -55.53 -48.45 39.69
N ALA B 133 -56.77 -48.08 39.38
CA ALA B 133 -57.11 -46.66 39.36
C ALA B 133 -56.92 -46.02 40.73
N LYS B 134 -57.35 -46.70 41.80
CA LYS B 134 -57.14 -46.18 43.14
C LYS B 134 -55.66 -46.08 43.46
N GLY B 135 -54.86 -47.02 42.97
CA GLY B 135 -53.42 -46.92 43.17
C GLY B 135 -52.83 -45.72 42.48
N GLU B 136 -53.29 -45.42 41.26
CA GLU B 136 -52.76 -44.27 40.54
C GLU B 136 -53.13 -42.97 41.22
N VAL B 137 -54.34 -42.88 41.80
CA VAL B 137 -54.75 -41.67 42.49
C VAL B 137 -53.82 -41.38 43.66
N ARG B 138 -53.55 -42.40 44.48
CA ARG B 138 -52.60 -42.23 45.57
C ARG B 138 -51.20 -41.93 45.03
N TYR B 139 -50.80 -42.64 43.98
CA TYR B 139 -49.53 -42.33 43.32
C TYR B 139 -49.51 -40.89 42.84
N ALA B 140 -50.60 -40.44 42.21
CA ALA B 140 -50.65 -39.08 41.69
C ALA B 140 -50.67 -38.05 42.82
N ALA B 141 -51.38 -38.35 43.90
CA ALA B 141 -51.47 -37.40 45.01
C ALA B 141 -50.11 -37.16 45.63
N SER B 142 -49.27 -38.20 45.69
CA SER B 142 -47.97 -38.07 46.35
C SER B 142 -47.10 -37.01 45.66
N PHE B 143 -47.31 -36.79 44.36
CA PHE B 143 -46.53 -35.75 43.67
C PHE B 143 -46.91 -34.36 44.15
N ILE B 144 -48.18 -34.13 44.47
CA ILE B 144 -48.61 -32.83 44.99
C ILE B 144 -47.94 -32.55 46.33
N GLN B 145 -47.99 -33.54 47.22
CA GLN B 145 -47.33 -33.39 48.52
C GLN B 145 -45.83 -33.22 48.35
N TRP B 146 -45.21 -34.02 47.49
CA TRP B 146 -43.75 -33.98 47.36
C TRP B 146 -43.28 -32.61 46.91
N PHE B 147 -43.93 -32.04 45.90
CA PHE B 147 -43.46 -30.78 45.33
C PHE B 147 -43.93 -29.56 46.12
N ALA B 148 -45.04 -29.67 46.84
CA ALA B 148 -45.36 -28.63 47.82
C ALA B 148 -44.20 -28.45 48.80
N GLU B 149 -43.53 -29.56 49.15
CA GLU B 149 -42.38 -29.50 50.03
C GLU B 149 -41.12 -29.03 49.29
N GLU B 150 -40.96 -29.45 48.03
CA GLU B 150 -39.78 -29.02 47.27
C GLU B 150 -39.77 -27.52 47.04
N GLY B 151 -40.95 -26.90 46.89
CA GLY B 151 -40.99 -25.48 46.62
C GLY B 151 -40.27 -24.66 47.67
N LYS B 152 -40.22 -25.15 48.91
CA LYS B 152 -39.55 -24.44 49.98
C LYS B 152 -38.04 -24.69 50.00
N ARG B 153 -37.49 -25.36 48.99
CA ARG B 153 -36.11 -25.84 49.06
C ARG B 153 -35.38 -25.72 47.72
N ILE B 154 -35.70 -24.69 46.92
CA ILE B 154 -35.06 -24.53 45.62
C ILE B 154 -33.77 -23.76 45.82
N TYR B 155 -32.92 -24.24 46.72
CA TYR B 155 -31.78 -23.48 47.19
C TYR B 155 -30.94 -22.93 46.04
N GLY B 156 -30.56 -21.66 46.18
CA GLY B 156 -29.53 -21.06 45.36
C GLY B 156 -28.15 -21.33 45.95
N ASP B 157 -27.16 -20.61 45.43
CA ASP B 157 -25.78 -20.85 45.79
C ASP B 157 -25.06 -19.53 46.06
N VAL B 158 -24.04 -19.60 46.92
CA VAL B 158 -23.03 -18.57 47.06
C VAL B 158 -21.71 -19.20 46.67
N ILE B 159 -21.12 -18.70 45.58
CA ILE B 159 -19.94 -19.32 44.97
C ILE B 159 -18.70 -18.57 45.43
N PRO B 160 -17.66 -19.26 45.93
CA PRO B 160 -16.43 -18.57 46.29
C PRO B 160 -15.92 -17.70 45.15
N THR B 161 -15.68 -16.43 45.45
CA THR B 161 -15.37 -15.47 44.41
C THR B 161 -13.94 -15.66 43.90
N VAL B 162 -13.75 -15.29 42.63
CA VAL B 162 -12.40 -15.19 42.05
C VAL B 162 -11.87 -13.76 42.11
N ASN B 163 -12.70 -12.80 42.51
CA ASN B 163 -12.31 -11.39 42.56
C ASN B 163 -12.85 -10.83 43.88
N ASN B 164 -11.94 -10.46 44.78
CA ASN B 164 -12.34 -10.06 46.13
C ASN B 164 -13.27 -8.84 46.14
N GLN B 165 -13.44 -8.17 45.01
CA GLN B 165 -14.31 -7.01 44.92
C GLN B 165 -15.74 -7.36 44.52
N GLN B 166 -16.02 -8.65 44.26
CA GLN B 166 -17.33 -9.08 43.84
C GLN B 166 -17.79 -10.26 44.68
N ARG B 167 -19.10 -10.48 44.71
CA ARG B 167 -19.71 -11.63 45.35
C ARG B 167 -20.66 -12.28 44.35
N PHE B 168 -20.69 -13.61 44.36
CA PHE B 168 -21.45 -14.39 43.38
C PHE B 168 -22.63 -15.04 44.10
N ILE B 169 -23.83 -14.53 43.85
CA ILE B 169 -25.05 -15.00 44.49
C ILE B 169 -25.97 -15.55 43.41
N ILE B 170 -26.29 -16.84 43.49
CA ILE B 170 -27.09 -17.52 42.50
C ILE B 170 -28.47 -17.79 43.09
N SER B 171 -29.51 -17.50 42.33
CA SER B 171 -30.88 -17.74 42.76
C SER B 171 -31.62 -18.50 41.65
N LYS B 172 -32.83 -18.95 41.99
CA LYS B 172 -33.66 -19.72 41.07
C LYS B 172 -35.02 -19.04 40.92
N GLU B 173 -35.49 -18.93 39.68
CA GLU B 173 -36.74 -18.26 39.37
C GLU B 173 -37.61 -19.13 38.48
N PRO B 174 -38.93 -18.97 38.55
CA PRO B 174 -39.80 -19.77 37.67
C PRO B 174 -39.60 -19.42 36.21
N VAL B 175 -39.66 -20.45 35.36
CA VAL B 175 -39.47 -20.23 33.94
C VAL B 175 -40.62 -19.42 33.35
N GLY B 176 -41.83 -19.59 33.88
CA GLY B 176 -42.98 -18.84 33.41
C GLY B 176 -44.18 -19.73 33.12
N VAL B 177 -44.96 -19.37 32.10
CA VAL B 177 -46.13 -20.18 31.74
C VAL B 177 -45.67 -21.51 31.15
N VAL B 178 -46.29 -22.59 31.62
CA VAL B 178 -45.93 -23.95 31.22
C VAL B 178 -47.09 -24.56 30.44
N ALA B 179 -46.76 -25.30 29.38
CA ALA B 179 -47.74 -26.06 28.62
C ALA B 179 -47.52 -27.54 28.89
N ALA B 180 -48.59 -28.25 29.22
CA ALA B 180 -48.54 -29.67 29.56
C ALA B 180 -49.52 -30.42 28.68
N ILE B 181 -49.00 -31.36 27.90
CA ILE B 181 -49.80 -32.21 27.02
C ILE B 181 -49.61 -33.65 27.50
N THR B 182 -50.71 -34.26 27.93
CA THR B 182 -50.66 -35.52 28.67
C THR B 182 -51.35 -36.64 27.91
N PRO B 183 -50.98 -37.91 28.19
CA PRO B 183 -51.60 -39.03 27.47
C PRO B 183 -52.77 -39.65 28.22
N TRP B 184 -53.19 -40.85 27.81
CA TRP B 184 -54.37 -41.50 28.35
C TRP B 184 -54.07 -42.66 29.29
N ASN B 185 -52.88 -43.24 29.23
CA ASN B 185 -52.61 -44.45 30.02
C ASN B 185 -52.68 -44.17 31.52
N PHE B 186 -52.15 -43.02 31.96
CA PHE B 186 -52.22 -42.59 33.36
C PHE B 186 -52.89 -41.22 33.39
N PRO B 187 -54.22 -41.17 33.24
CA PRO B 187 -54.88 -39.88 32.99
C PRO B 187 -54.91 -38.94 34.18
N ILE B 188 -54.53 -39.38 35.38
CA ILE B 188 -54.44 -38.51 36.55
C ILE B 188 -52.98 -38.27 36.94
N ALA B 189 -52.19 -39.33 37.05
CA ALA B 189 -50.81 -39.18 37.52
C ALA B 189 -50.01 -38.29 36.57
N MET B 190 -50.26 -38.38 35.26
CA MET B 190 -49.52 -37.55 34.32
C MET B 190 -49.85 -36.08 34.49
N ILE B 191 -51.06 -35.77 34.96
CA ILE B 191 -51.43 -34.38 35.21
C ILE B 191 -50.64 -33.82 36.38
N THR B 192 -50.70 -34.51 37.54
CA THR B 192 -50.04 -34.00 38.74
C THR B 192 -48.52 -34.01 38.59
N ARG B 193 -47.97 -34.99 37.88
CA ARG B 193 -46.52 -35.05 37.69
C ARG B 193 -45.98 -33.83 36.96
N LYS B 194 -46.84 -33.10 36.26
CA LYS B 194 -46.44 -31.89 35.56
C LYS B 194 -46.99 -30.62 36.20
N ALA B 195 -48.23 -30.63 36.68
CA ALA B 195 -48.83 -29.44 37.27
C ALA B 195 -48.28 -29.16 38.66
N ALA B 196 -48.08 -30.21 39.47
CA ALA B 196 -47.56 -30.00 40.82
C ALA B 196 -46.20 -29.32 40.81
N PRO B 197 -45.17 -29.84 40.14
CA PRO B 197 -43.89 -29.12 40.13
C PRO B 197 -43.97 -27.74 39.51
N ALA B 198 -44.77 -27.57 38.45
CA ALA B 198 -44.92 -26.25 37.85
C ALA B 198 -45.46 -25.26 38.86
N LEU B 199 -46.55 -25.60 39.53
CA LEU B 199 -47.12 -24.70 40.54
C LEU B 199 -46.16 -24.48 41.70
N ALA B 200 -45.51 -25.55 42.16
CA ALA B 200 -44.59 -25.42 43.29
C ALA B 200 -43.40 -24.54 42.94
N ALA B 201 -43.01 -24.51 41.66
CA ALA B 201 -41.90 -23.67 41.21
C ALA B 201 -42.27 -22.20 41.08
N GLY B 202 -43.55 -21.86 41.20
CA GLY B 202 -44.02 -20.52 40.93
C GLY B 202 -44.59 -20.30 39.55
N CYS B 203 -44.73 -21.36 38.75
CA CYS B 203 -45.25 -21.25 37.41
C CYS B 203 -46.77 -21.43 37.40
N THR B 204 -47.36 -21.13 36.25
CA THR B 204 -48.74 -21.49 35.95
C THR B 204 -48.72 -22.43 34.74
N VAL B 205 -49.81 -23.16 34.55
CA VAL B 205 -49.83 -24.26 33.60
C VAL B 205 -51.13 -24.24 32.81
N VAL B 206 -51.02 -24.49 31.51
CA VAL B 206 -52.16 -24.79 30.64
C VAL B 206 -52.01 -26.24 30.20
N ILE B 207 -53.09 -27.01 30.29
CA ILE B 207 -53.04 -28.45 30.11
C ILE B 207 -53.95 -28.83 28.95
N LYS B 208 -53.44 -29.68 28.06
CA LYS B 208 -54.23 -30.28 26.99
C LYS B 208 -54.26 -31.79 27.23
N PRO B 209 -55.33 -32.34 27.78
CA PRO B 209 -55.38 -33.77 28.08
C PRO B 209 -55.87 -34.58 26.88
N ALA B 210 -55.64 -35.89 26.96
CA ALA B 210 -56.04 -36.79 25.89
C ALA B 210 -57.56 -36.86 25.77
N ASN B 211 -58.06 -36.74 24.54
CA ASN B 211 -59.50 -36.78 24.32
C ASN B 211 -60.11 -38.10 24.73
N GLU B 212 -59.30 -39.16 24.85
CA GLU B 212 -59.84 -40.45 25.28
C GLU B 212 -60.13 -40.49 26.78
N THR B 213 -59.43 -39.67 27.56
CA THR B 213 -59.56 -39.66 29.02
C THR B 213 -59.48 -38.23 29.53
N PRO B 214 -60.47 -37.40 29.20
CA PRO B 214 -60.43 -36.00 29.62
C PRO B 214 -61.04 -35.75 30.99
N TYR B 215 -61.98 -36.61 31.41
CA TYR B 215 -62.72 -36.34 32.64
C TYR B 215 -61.83 -36.44 33.87
N CYS B 216 -60.77 -37.24 33.81
CA CYS B 216 -59.81 -37.27 34.91
C CYS B 216 -59.11 -35.93 35.08
N ALA B 217 -58.67 -35.33 33.97
CA ALA B 217 -58.03 -34.03 34.05
C ALA B 217 -58.99 -32.97 34.56
N LEU B 218 -60.24 -32.99 34.08
CA LEU B 218 -61.21 -32.00 34.52
C LEU B 218 -61.62 -32.23 35.97
N ALA B 219 -61.67 -33.49 36.42
CA ALA B 219 -61.97 -33.76 37.82
C ALA B 219 -60.88 -33.22 38.73
N ILE B 220 -59.62 -33.40 38.36
CA ILE B 220 -58.51 -32.83 39.13
C ILE B 220 -58.63 -31.32 39.17
N ALA B 221 -59.07 -30.71 38.07
CA ALA B 221 -59.22 -29.26 38.03
C ALA B 221 -60.35 -28.80 38.97
N LYS B 222 -61.42 -29.58 39.05
CA LYS B 222 -62.52 -29.22 39.95
C LYS B 222 -62.05 -29.23 41.40
N LEU B 223 -61.14 -30.14 41.75
CA LEU B 223 -60.60 -30.18 43.10
C LEU B 223 -59.64 -29.02 43.33
N ALA B 224 -58.88 -28.63 42.31
CA ALA B 224 -58.04 -27.44 42.43
C ALA B 224 -58.88 -26.22 42.78
N GLU B 225 -60.03 -26.07 42.13
CA GLU B 225 -60.93 -24.97 42.47
C GLU B 225 -61.35 -25.03 43.93
N LYS B 226 -61.66 -26.23 44.43
CA LYS B 226 -62.06 -26.38 45.82
C LYS B 226 -60.89 -26.11 46.77
N ALA B 227 -59.66 -26.39 46.33
CA ALA B 227 -58.48 -26.20 47.15
C ALA B 227 -58.03 -24.75 47.22
N GLY B 228 -58.69 -23.84 46.52
CA GLY B 228 -58.33 -22.43 46.56
C GLY B 228 -57.23 -22.01 45.61
N ILE B 229 -56.93 -22.82 44.61
CA ILE B 229 -55.92 -22.44 43.60
C ILE B 229 -56.51 -21.30 42.80
N PRO B 230 -55.89 -20.12 42.78
CA PRO B 230 -56.51 -18.96 42.12
C PRO B 230 -56.80 -19.22 40.65
N ALA B 231 -57.74 -18.45 40.12
CA ALA B 231 -58.13 -18.58 38.72
C ALA B 231 -56.96 -18.25 37.81
N GLY B 232 -56.80 -19.05 36.75
CA GLY B 232 -55.73 -18.86 35.80
C GLY B 232 -54.45 -19.60 36.12
N VAL B 233 -54.29 -20.08 37.35
CA VAL B 233 -53.06 -20.77 37.71
C VAL B 233 -53.01 -22.15 37.05
N ILE B 234 -54.16 -22.81 36.91
CA ILE B 234 -54.26 -24.11 36.27
C ILE B 234 -55.45 -24.07 35.32
N ASN B 235 -55.21 -24.49 34.07
CA ASN B 235 -56.24 -24.47 33.04
C ASN B 235 -56.20 -25.76 32.26
N VAL B 236 -57.38 -26.25 31.86
CA VAL B 236 -57.51 -27.48 31.10
C VAL B 236 -58.28 -27.16 29.82
N VAL B 237 -57.63 -27.33 28.68
CA VAL B 237 -58.21 -27.04 27.37
C VAL B 237 -58.37 -28.37 26.62
N THR B 238 -59.61 -28.70 26.29
CA THR B 238 -59.94 -29.96 25.63
C THR B 238 -60.31 -29.71 24.17
N GLY B 239 -60.06 -30.70 23.33
CA GLY B 239 -60.53 -30.65 21.96
C GLY B 239 -59.49 -30.97 20.90
N LYS B 240 -59.30 -30.04 19.98
CA LYS B 240 -58.45 -30.28 18.81
C LYS B 240 -56.98 -30.25 19.22
N SER B 241 -56.34 -31.43 19.18
CA SER B 241 -54.97 -31.54 19.68
C SER B 241 -54.00 -30.73 18.83
N GLN B 242 -54.13 -30.81 17.50
CA GLN B 242 -53.20 -30.11 16.63
C GLN B 242 -53.31 -28.59 16.82
N GLU B 243 -54.54 -28.08 16.89
CA GLU B 243 -54.74 -26.65 17.03
C GLU B 243 -54.30 -26.15 18.40
N ILE B 244 -54.68 -26.86 19.46
CA ILE B 244 -54.29 -26.47 20.81
C ILE B 244 -52.78 -26.59 20.98
N GLY B 245 -52.21 -27.72 20.55
CA GLY B 245 -50.78 -27.91 20.68
C GLY B 245 -49.98 -26.90 19.89
N SER B 246 -50.49 -26.48 18.72
CA SER B 246 -49.80 -25.49 17.92
C SER B 246 -49.66 -24.17 18.68
N VAL B 247 -50.70 -23.79 19.43
CA VAL B 247 -50.62 -22.58 20.24
C VAL B 247 -49.67 -22.77 21.41
N PHE B 248 -49.75 -23.92 22.07
CA PHE B 248 -48.89 -24.16 23.22
C PHE B 248 -47.41 -24.15 22.84
N THR B 249 -47.08 -24.55 21.62
CA THR B 249 -45.70 -24.66 21.17
C THR B 249 -45.25 -23.47 20.35
N SER B 250 -46.02 -22.39 20.29
CA SER B 250 -45.63 -21.20 19.55
C SER B 250 -45.92 -19.88 20.26
N HIS B 251 -46.89 -19.83 21.17
CA HIS B 251 -47.22 -18.57 21.83
C HIS B 251 -46.00 -18.06 22.60
N GLU B 252 -45.70 -16.78 22.42
CA GLU B 252 -44.48 -16.21 22.98
C GLU B 252 -44.44 -16.35 24.50
N LYS B 253 -45.59 -16.32 25.16
CA LYS B 253 -45.62 -16.33 26.62
C LYS B 253 -45.46 -17.71 27.21
N VAL B 254 -45.58 -18.77 26.42
CA VAL B 254 -45.29 -20.12 26.91
C VAL B 254 -43.78 -20.32 26.86
N LYS B 255 -43.17 -20.57 28.01
CA LYS B 255 -41.72 -20.68 28.11
C LYS B 255 -41.22 -22.12 28.21
N LYS B 256 -42.09 -23.08 28.51
CA LYS B 256 -41.69 -24.47 28.64
C LYS B 256 -42.82 -25.37 28.18
N LEU B 257 -42.47 -26.47 27.53
CA LEU B 257 -43.40 -27.52 27.15
C LEU B 257 -42.97 -28.81 27.82
N THR B 258 -43.90 -29.46 28.52
CA THR B 258 -43.69 -30.79 29.08
C THR B 258 -44.70 -31.72 28.43
N PHE B 259 -44.21 -32.75 27.74
CA PHE B 259 -45.04 -33.65 26.97
C PHE B 259 -44.71 -35.09 27.29
N THR B 260 -45.74 -35.93 27.39
CA THR B 260 -45.58 -37.37 27.56
C THR B 260 -46.47 -38.06 26.53
N GLY B 261 -45.85 -38.83 25.64
CA GLY B 261 -46.60 -39.54 24.63
C GLY B 261 -45.71 -40.28 23.65
N SER B 262 -46.10 -40.29 22.38
CA SER B 262 -45.34 -41.00 21.36
C SER B 262 -44.15 -40.18 20.90
N THR B 263 -43.12 -40.88 20.42
CA THR B 263 -41.90 -40.22 19.96
C THR B 263 -42.17 -39.39 18.71
N PRO B 264 -42.92 -39.90 17.73
CA PRO B 264 -43.20 -39.06 16.55
C PRO B 264 -43.85 -37.74 16.90
N VAL B 265 -44.84 -37.75 17.79
CA VAL B 265 -45.44 -36.50 18.24
C VAL B 265 -44.42 -35.64 18.98
N GLY B 266 -43.58 -36.28 19.80
CA GLY B 266 -42.55 -35.54 20.50
C GLY B 266 -41.60 -34.83 19.57
N ARG B 267 -41.16 -35.52 18.51
CA ARG B 267 -40.33 -34.87 17.51
C ARG B 267 -41.02 -33.64 16.95
N LEU B 268 -42.32 -33.75 16.65
CA LEU B 268 -43.04 -32.63 16.05
C LEU B 268 -43.16 -31.47 17.03
N LEU B 269 -43.58 -31.75 18.26
CA LEU B 269 -43.74 -30.69 19.25
C LEU B 269 -42.41 -29.99 19.50
N MET B 270 -41.33 -30.77 19.67
CA MET B 270 -40.02 -30.16 19.86
C MET B 270 -39.65 -29.28 18.67
N GLN B 271 -39.96 -29.74 17.45
CA GLN B 271 -39.66 -28.95 16.27
C GLN B 271 -40.42 -27.63 16.29
N GLN B 272 -41.71 -27.68 16.63
CA GLN B 272 -42.50 -26.45 16.69
C GLN B 272 -42.01 -25.52 17.80
N CYS B 273 -41.47 -26.09 18.89
CA CYS B 273 -40.92 -25.27 19.97
C CYS B 273 -39.64 -24.54 19.59
N SER B 274 -39.09 -24.82 18.40
CA SER B 274 -37.79 -24.27 18.05
C SER B 274 -37.85 -22.78 17.74
N SER B 275 -38.93 -22.31 17.15
CA SER B 275 -38.99 -20.92 16.70
C SER B 275 -38.87 -19.94 17.85
N THR B 276 -39.14 -20.35 19.09
CA THR B 276 -39.02 -19.48 20.25
C THR B 276 -38.10 -20.06 21.32
N ILE B 277 -37.38 -21.14 21.02
CA ILE B 277 -36.39 -21.69 21.95
C ILE B 277 -37.04 -21.99 23.28
N LYS B 278 -38.09 -22.81 23.29
CA LYS B 278 -38.78 -23.15 24.51
C LYS B 278 -38.06 -24.28 25.24
N LYS B 279 -38.07 -24.22 26.57
CA LYS B 279 -37.53 -25.31 27.38
C LYS B 279 -38.41 -26.54 27.25
N LEU B 280 -37.77 -27.71 27.32
CA LEU B 280 -38.42 -28.96 26.96
C LEU B 280 -38.35 -29.98 28.08
N ALA B 281 -39.44 -30.73 28.24
CA ALA B 281 -39.47 -31.94 29.04
C ALA B 281 -40.27 -32.97 28.25
N LEU B 282 -39.61 -34.07 27.88
CA LEU B 282 -40.22 -35.07 27.00
C LEU B 282 -40.04 -36.45 27.61
N GLU B 283 -41.15 -37.17 27.75
CA GLU B 283 -41.14 -38.58 28.13
C GLU B 283 -41.86 -39.31 27.00
N LEU B 284 -41.08 -39.98 26.14
CA LEU B 284 -41.62 -40.52 24.90
C LEU B 284 -41.68 -42.04 24.95
N GLY B 285 -41.34 -42.70 23.84
CA GLY B 285 -41.46 -44.14 23.77
C GLY B 285 -40.42 -44.86 24.60
N GLY B 286 -40.69 -46.14 24.84
CA GLY B 286 -39.79 -46.98 25.59
C GLY B 286 -39.95 -48.45 25.26
N ASN B 287 -38.92 -49.03 24.65
CA ASN B 287 -38.93 -50.46 24.30
C ASN B 287 -38.22 -51.26 25.39
N ALA B 288 -38.82 -51.21 26.59
CA ALA B 288 -38.13 -51.66 27.79
C ALA B 288 -37.74 -53.13 27.69
N PRO B 289 -36.46 -53.47 27.89
CA PRO B 289 -36.08 -54.87 28.00
C PRO B 289 -36.04 -55.34 29.44
N LEU B 290 -36.31 -56.64 29.62
CA LEU B 290 -36.22 -57.30 30.92
C LEU B 290 -35.38 -58.55 30.73
N ILE B 291 -34.20 -58.58 31.36
CA ILE B 291 -33.22 -59.65 31.16
C ILE B 291 -33.21 -60.53 32.40
N VAL B 292 -33.36 -61.84 32.20
CA VAL B 292 -33.34 -62.82 33.27
C VAL B 292 -32.18 -63.76 33.00
N PHE B 293 -31.10 -63.60 33.75
CA PHE B 293 -29.95 -64.49 33.63
C PHE B 293 -30.22 -65.80 34.38
N ASP B 294 -29.44 -66.82 34.04
CA ASP B 294 -29.67 -68.15 34.60
C ASP B 294 -29.37 -68.21 36.09
N ASP B 295 -28.62 -67.24 36.63
CA ASP B 295 -28.33 -67.17 38.05
C ASP B 295 -29.31 -66.28 38.79
N ALA B 296 -30.51 -66.09 38.25
CA ALA B 296 -31.51 -65.24 38.87
C ALA B 296 -32.45 -66.07 39.74
N ASP B 297 -33.05 -65.41 40.73
CA ASP B 297 -34.13 -66.01 41.51
C ASP B 297 -35.32 -66.21 40.57
N LEU B 298 -35.52 -67.44 40.13
CA LEU B 298 -36.50 -67.71 39.08
C LEU B 298 -37.88 -67.21 39.48
N ASP B 299 -38.36 -67.58 40.68
CA ASP B 299 -39.69 -67.18 41.09
C ASP B 299 -39.80 -65.66 41.21
N LYS B 300 -38.76 -65.01 41.74
CA LYS B 300 -38.79 -63.56 41.86
C LYS B 300 -38.86 -62.89 40.49
N ALA B 301 -38.09 -63.40 39.52
CA ALA B 301 -38.09 -62.81 38.19
C ALA B 301 -39.44 -63.01 37.50
N VAL B 302 -40.08 -64.16 37.72
CA VAL B 302 -41.37 -64.41 37.09
C VAL B 302 -42.40 -63.40 37.60
N GLN B 303 -42.56 -63.32 38.91
CA GLN B 303 -43.51 -62.37 39.48
C GLN B 303 -43.17 -60.94 39.07
N GLY B 304 -41.88 -60.61 39.07
CA GLY B 304 -41.48 -59.27 38.66
C GLY B 304 -41.79 -59.00 37.20
N ALA B 305 -41.54 -59.98 36.33
CA ALA B 305 -41.85 -59.81 34.91
C ALA B 305 -43.35 -59.75 34.67
N ILE B 306 -44.13 -60.51 35.45
CA ILE B 306 -45.59 -60.43 35.34
C ILE B 306 -46.07 -59.02 35.65
N PHE B 307 -45.49 -58.39 36.67
CA PHE B 307 -45.90 -57.04 37.05
C PHE B 307 -45.47 -56.02 36.00
N ALA B 308 -44.24 -56.15 35.48
CA ALA B 308 -43.73 -55.18 34.52
C ALA B 308 -44.44 -55.26 33.18
N LYS B 309 -45.08 -56.38 32.87
CA LYS B 309 -45.69 -56.59 31.56
C LYS B 309 -47.17 -56.27 31.54
N PHE B 310 -47.93 -56.76 32.52
CA PHE B 310 -49.38 -56.76 32.44
C PHE B 310 -50.03 -55.66 33.27
N ARG B 311 -49.26 -54.79 33.91
CA ARG B 311 -49.84 -53.65 34.60
C ARG B 311 -50.47 -52.71 33.57
N ASN B 312 -51.70 -52.30 33.82
CA ASN B 312 -52.45 -51.45 32.89
C ASN B 312 -52.66 -52.14 31.55
N ALA B 313 -52.69 -53.47 31.56
CA ALA B 313 -52.86 -54.28 30.35
C ALA B 313 -51.73 -54.07 29.36
N GLY B 314 -50.53 -53.78 29.87
CA GLY B 314 -49.37 -53.56 29.04
C GLY B 314 -49.29 -52.19 28.39
N GLN B 315 -50.19 -51.28 28.74
CA GLN B 315 -50.26 -49.96 28.10
C GLN B 315 -49.56 -48.92 28.96
N THR B 316 -48.24 -49.08 29.08
CA THR B 316 -47.44 -48.19 29.91
C THR B 316 -46.08 -48.01 29.26
N CYS B 317 -45.53 -46.80 29.40
CA CYS B 317 -44.27 -46.47 28.72
C CYS B 317 -43.11 -47.31 29.25
N VAL B 318 -43.15 -47.73 30.52
CA VAL B 318 -42.07 -48.51 31.12
C VAL B 318 -42.40 -50.00 31.17
N CYS B 319 -43.46 -50.43 30.49
CA CYS B 319 -43.79 -51.85 30.49
C CYS B 319 -42.72 -52.66 29.76
N ALA B 320 -42.55 -53.90 30.21
CA ALA B 320 -41.55 -54.80 29.64
C ALA B 320 -42.00 -55.24 28.25
N ASN B 321 -41.41 -54.63 27.22
CA ASN B 321 -41.75 -54.99 25.85
C ASN B 321 -41.00 -56.21 25.37
N ARG B 322 -39.77 -56.41 25.85
CA ARG B 322 -38.93 -57.54 25.47
C ARG B 322 -38.47 -58.25 26.73
N ILE B 323 -38.73 -59.55 26.82
CA ILE B 323 -38.36 -60.36 27.98
C ILE B 323 -37.30 -61.34 27.53
N TYR B 324 -36.05 -61.03 27.82
CA TYR B 324 -34.92 -61.90 27.49
C TYR B 324 -34.70 -62.88 28.63
N VAL B 325 -34.68 -64.17 28.30
CA VAL B 325 -34.51 -65.24 29.28
C VAL B 325 -33.39 -66.15 28.80
N HIS B 326 -32.49 -66.52 29.71
CA HIS B 326 -31.33 -67.32 29.36
C HIS B 326 -31.76 -68.72 28.94
N ASP B 327 -30.86 -69.39 28.21
CA ASP B 327 -31.18 -70.69 27.63
C ASP B 327 -31.42 -71.75 28.71
N ASN B 328 -30.65 -71.69 29.81
CA ASN B 328 -30.70 -72.73 30.82
C ASN B 328 -31.95 -72.69 31.69
N ILE B 329 -32.74 -71.61 31.62
CA ILE B 329 -33.95 -71.49 32.43
C ILE B 329 -35.13 -71.08 31.56
N TYR B 330 -34.93 -71.09 30.25
CA TYR B 330 -35.98 -70.63 29.34
C TYR B 330 -37.25 -71.47 29.49
N GLN B 331 -37.10 -72.80 29.51
CA GLN B 331 -38.27 -73.66 29.57
C GLN B 331 -38.99 -73.55 30.91
N ALA B 332 -38.23 -73.54 32.01
CA ALA B 332 -38.86 -73.42 33.33
C ALA B 332 -39.51 -72.06 33.51
N PHE B 333 -38.85 -70.99 33.06
CA PHE B 333 -39.42 -69.66 33.17
C PHE B 333 -40.70 -69.54 32.35
N ALA B 334 -40.68 -70.04 31.11
CA ALA B 334 -41.86 -69.94 30.25
C ALA B 334 -43.05 -70.67 30.86
N GLU B 335 -42.83 -71.88 31.40
CA GLU B 335 -43.93 -72.64 31.98
C GLU B 335 -44.55 -71.90 33.16
N LYS B 336 -43.71 -71.40 34.08
CA LYS B 336 -44.24 -70.71 35.25
C LYS B 336 -44.87 -69.37 34.85
N PHE B 337 -44.29 -68.70 33.86
CA PHE B 337 -44.85 -67.43 33.41
C PHE B 337 -46.24 -67.62 32.81
N VAL B 338 -46.41 -68.67 32.00
CA VAL B 338 -47.71 -68.92 31.37
C VAL B 338 -48.74 -69.33 32.42
N GLN B 339 -48.32 -70.05 33.46
CA GLN B 339 -49.25 -70.40 34.53
C GLN B 339 -49.85 -69.17 35.17
N GLU B 340 -49.02 -68.16 35.45
CA GLU B 340 -49.52 -66.94 36.07
C GLU B 340 -50.45 -66.17 35.13
N VAL B 341 -50.13 -66.16 33.83
CA VAL B 341 -50.95 -65.41 32.88
C VAL B 341 -52.33 -66.02 32.74
N GLN B 342 -52.45 -67.33 32.89
CA GLN B 342 -53.74 -68.00 32.75
C GLN B 342 -54.64 -67.82 33.96
N LYS B 343 -54.13 -67.28 35.07
CA LYS B 343 -54.96 -66.94 36.22
C LYS B 343 -55.66 -65.59 36.06
N PHE B 344 -55.22 -64.77 35.11
CA PHE B 344 -55.77 -63.42 34.99
C PHE B 344 -57.26 -63.47 34.75
N LYS B 345 -57.98 -62.56 35.39
CA LYS B 345 -59.39 -62.33 35.12
C LYS B 345 -59.51 -61.11 34.21
N VAL B 346 -60.12 -61.31 33.04
CA VAL B 346 -60.31 -60.25 32.05
C VAL B 346 -61.77 -59.82 32.09
N GLY B 347 -62.00 -58.52 32.01
CA GLY B 347 -63.36 -58.02 31.97
C GLY B 347 -63.42 -56.54 32.35
N ASN B 348 -64.64 -56.10 32.65
CA ASN B 348 -64.88 -54.71 33.00
C ASN B 348 -64.14 -54.35 34.28
N GLY B 349 -63.47 -53.19 34.27
CA GLY B 349 -62.67 -52.77 35.41
C GLY B 349 -63.47 -52.59 36.68
N LEU B 350 -64.79 -52.48 36.59
CA LEU B 350 -65.61 -52.29 37.78
C LEU B 350 -65.95 -53.59 38.48
N GLU B 351 -65.87 -54.73 37.78
CA GLU B 351 -66.15 -56.01 38.41
C GLU B 351 -65.10 -56.32 39.48
N ASP B 352 -65.42 -57.29 40.32
CA ASP B 352 -64.54 -57.69 41.40
C ASP B 352 -63.46 -58.63 40.88
N GLY B 353 -62.22 -58.41 41.33
CA GLY B 353 -61.12 -59.28 40.98
C GLY B 353 -60.65 -59.21 39.55
N VAL B 354 -61.06 -58.19 38.80
CA VAL B 354 -60.61 -58.05 37.42
C VAL B 354 -59.19 -57.48 37.42
N GLN B 355 -58.33 -58.07 36.59
CA GLN B 355 -56.93 -57.69 36.54
C GLN B 355 -56.49 -57.16 35.18
N ILE B 356 -57.22 -57.46 34.10
CA ILE B 356 -56.86 -57.02 32.77
C ILE B 356 -58.10 -56.40 32.14
N GLY B 357 -58.01 -55.11 31.80
CA GLY B 357 -59.09 -54.41 31.15
C GLY B 357 -58.93 -54.40 29.64
N PRO B 358 -59.73 -53.58 28.96
CA PRO B 358 -59.63 -53.48 27.51
C PRO B 358 -58.56 -52.50 27.05
N LEU B 359 -58.10 -52.71 25.83
CA LEU B 359 -57.20 -51.75 25.21
C LEU B 359 -57.94 -50.46 24.91
N ILE B 360 -57.18 -49.40 24.64
CA ILE B 360 -57.77 -48.07 24.60
C ILE B 360 -58.66 -47.89 23.37
N ASN B 361 -58.27 -48.48 22.24
CA ASN B 361 -59.03 -48.29 21.00
C ASN B 361 -58.73 -49.44 20.05
N GLU B 362 -59.42 -49.42 18.90
CA GLU B 362 -59.30 -50.50 17.93
C GLU B 362 -57.91 -50.55 17.30
N LYS B 363 -57.28 -49.40 17.09
CA LYS B 363 -55.95 -49.39 16.48
C LYS B 363 -54.97 -50.24 17.26
N ALA B 364 -55.05 -50.19 18.59
CA ALA B 364 -54.14 -50.97 19.42
C ALA B 364 -54.31 -52.46 19.18
N VAL B 365 -55.57 -52.92 19.05
CA VAL B 365 -55.80 -54.34 18.79
C VAL B 365 -55.20 -54.74 17.45
N LEU B 366 -55.38 -53.89 16.43
CA LEU B 366 -54.80 -54.15 15.12
C LEU B 366 -53.28 -54.32 15.23
N LYS B 367 -52.61 -53.36 15.87
CA LYS B 367 -51.16 -53.39 15.94
C LYS B 367 -50.68 -54.61 16.72
N ALA B 368 -51.37 -54.95 17.81
CA ALA B 368 -51.00 -56.13 18.57
C ALA B 368 -51.12 -57.40 17.73
N GLN B 369 -52.24 -57.54 17.01
CA GLN B 369 -52.43 -58.72 16.19
C GLN B 369 -51.42 -58.79 15.05
N GLN B 370 -51.09 -57.63 14.46
CA GLN B 370 -50.11 -57.60 13.38
C GLN B 370 -48.74 -58.05 13.87
N LEU B 371 -48.31 -57.55 15.04
CA LEU B 371 -46.99 -57.91 15.54
C LEU B 371 -46.91 -59.40 15.90
N ILE B 372 -48.01 -59.96 16.43
CA ILE B 372 -48.02 -61.39 16.74
C ILE B 372 -47.99 -62.21 15.45
N ASP B 373 -48.76 -61.79 14.44
CA ASP B 373 -48.77 -62.52 13.17
C ASP B 373 -47.38 -62.54 12.54
N ASP B 374 -46.68 -61.40 12.55
CA ASP B 374 -45.34 -61.36 11.98
C ASP B 374 -44.39 -62.28 12.74
N ALA B 375 -44.49 -62.29 14.08
CA ALA B 375 -43.62 -63.16 14.87
C ALA B 375 -43.92 -64.63 14.60
N VAL B 376 -45.20 -64.98 14.50
CA VAL B 376 -45.57 -66.38 14.23
C VAL B 376 -45.05 -66.82 12.87
N SER B 377 -45.10 -65.94 11.88
CA SER B 377 -44.63 -66.28 10.54
C SER B 377 -43.12 -66.49 10.47
N LYS B 378 -42.38 -66.10 11.51
CA LYS B 378 -40.94 -66.25 11.55
C LYS B 378 -40.48 -67.27 12.58
N GLY B 379 -41.38 -68.10 13.10
CA GLY B 379 -41.03 -69.20 13.96
C GLY B 379 -41.53 -69.10 15.39
N ALA B 380 -42.16 -67.99 15.77
CA ALA B 380 -42.61 -67.83 17.15
C ALA B 380 -43.85 -68.71 17.40
N LYS B 381 -43.93 -69.25 18.62
CA LYS B 381 -45.05 -70.07 19.04
C LYS B 381 -45.91 -69.28 20.03
N ILE B 382 -47.21 -69.52 19.98
CA ILE B 382 -48.16 -68.89 20.88
C ILE B 382 -48.40 -69.84 22.05
N ALA B 383 -47.84 -69.50 23.21
CA ALA B 383 -48.04 -70.34 24.39
C ALA B 383 -49.44 -70.21 24.95
N CYS B 384 -50.06 -69.04 24.78
CA CYS B 384 -51.43 -68.80 25.20
C CYS B 384 -51.87 -67.45 24.66
N GLY B 385 -53.17 -67.31 24.42
CA GLY B 385 -53.71 -66.09 23.86
C GLY B 385 -53.45 -65.97 22.38
N GLY B 386 -53.19 -64.75 21.91
CA GLY B 386 -52.90 -64.51 20.51
C GLY B 386 -54.07 -64.06 19.67
N LYS B 387 -55.22 -63.77 20.27
CA LYS B 387 -56.37 -63.28 19.53
C LYS B 387 -57.21 -62.43 20.46
N GLN B 388 -58.23 -61.78 19.89
CA GLN B 388 -59.14 -60.97 20.68
C GLN B 388 -59.86 -61.83 21.72
N HIS B 389 -60.27 -61.18 22.80
CA HIS B 389 -60.98 -61.88 23.86
C HIS B 389 -62.44 -62.06 23.50
N ALA B 390 -63.07 -63.06 24.12
CA ALA B 390 -64.46 -63.37 23.82
C ALA B 390 -65.38 -62.18 24.10
N LEU B 391 -64.99 -61.30 25.01
CA LEU B 391 -65.82 -60.15 25.37
C LEU B 391 -65.91 -59.11 24.25
N GLY B 392 -65.18 -59.30 23.14
CA GLY B 392 -65.25 -58.34 22.06
C GLY B 392 -64.71 -56.98 22.47
N GLN B 393 -65.30 -55.93 21.89
CA GLN B 393 -64.87 -54.56 22.14
C GLN B 393 -63.38 -54.50 21.80
N THR B 394 -62.54 -53.86 22.63
CA THR B 394 -61.11 -53.82 22.40
C THR B 394 -60.35 -54.76 23.35
N PHE B 395 -61.06 -55.69 23.99
CA PHE B 395 -60.41 -56.65 24.87
C PHE B 395 -59.49 -57.56 24.05
N TYR B 396 -58.28 -57.77 24.55
CA TYR B 396 -57.32 -58.68 23.94
C TYR B 396 -56.90 -59.72 24.97
N GLU B 397 -56.74 -60.96 24.52
CA GLU B 397 -56.36 -62.04 25.42
C GLU B 397 -54.92 -61.84 25.91
N PRO B 398 -54.66 -61.94 27.21
CA PRO B 398 -53.27 -61.96 27.67
C PRO B 398 -52.51 -63.09 26.98
N SER B 399 -51.41 -62.73 26.33
CA SER B 399 -50.71 -63.66 25.45
C SER B 399 -49.25 -63.80 25.86
N VAL B 400 -48.66 -64.92 25.46
CA VAL B 400 -47.25 -65.20 25.67
C VAL B 400 -46.69 -65.87 24.42
N LEU B 401 -45.61 -65.32 23.88
CA LEU B 401 -44.95 -65.86 22.70
C LEU B 401 -43.60 -66.43 23.09
N THR B 402 -43.26 -67.59 22.52
CA THR B 402 -41.98 -68.23 22.72
C THR B 402 -41.23 -68.33 21.39
N ASN B 403 -39.92 -68.55 21.49
CA ASN B 403 -39.06 -68.70 20.32
C ASN B 403 -38.93 -67.40 19.54
N VAL B 404 -39.00 -66.26 20.22
CA VAL B 404 -38.87 -64.96 19.58
C VAL B 404 -37.39 -64.64 19.40
N ASP B 405 -37.08 -63.92 18.31
CA ASP B 405 -35.72 -63.49 18.03
C ASP B 405 -35.75 -62.07 17.50
N ARG B 406 -34.56 -61.51 17.27
CA ARG B 406 -34.42 -60.09 16.97
C ARG B 406 -34.95 -59.71 15.59
N THR B 407 -35.14 -60.69 14.69
CA THR B 407 -35.62 -60.38 13.34
C THR B 407 -37.11 -60.06 13.31
N MET B 408 -37.82 -60.25 14.41
CA MET B 408 -39.26 -60.05 14.45
C MET B 408 -39.60 -58.60 14.81
N GLU B 409 -40.68 -58.10 14.21
CA GLU B 409 -41.06 -56.70 14.41
C GLU B 409 -41.44 -56.43 15.85
N ILE B 410 -42.01 -57.41 16.56
CA ILE B 410 -42.42 -57.20 17.94
C ILE B 410 -41.25 -56.80 18.82
N VAL B 411 -40.03 -57.07 18.37
CA VAL B 411 -38.84 -56.66 19.13
C VAL B 411 -38.43 -55.23 18.84
N GLN B 412 -38.84 -54.67 17.70
CA GLN B 412 -38.45 -53.31 17.32
C GLN B 412 -39.58 -52.30 17.50
N GLU B 413 -40.79 -52.75 17.84
CA GLU B 413 -41.95 -51.87 17.94
C GLU B 413 -42.62 -52.08 19.29
N GLU B 414 -43.08 -50.99 19.89
CA GLU B 414 -43.86 -51.08 21.11
C GLU B 414 -45.23 -51.68 20.80
N ILE B 415 -45.61 -52.72 21.53
CA ILE B 415 -46.92 -53.32 21.32
C ILE B 415 -47.99 -52.64 22.15
N PHE B 416 -47.66 -52.17 23.36
CA PHE B 416 -48.61 -51.50 24.23
C PHE B 416 -49.84 -52.36 24.49
N GLY B 417 -49.59 -53.64 24.80
CA GLY B 417 -50.65 -54.58 25.06
C GLY B 417 -50.20 -55.74 25.91
N PRO B 418 -51.16 -56.58 26.32
CA PRO B 418 -50.83 -57.73 27.21
C PRO B 418 -50.28 -58.93 26.45
N VAL B 419 -49.07 -58.76 25.92
CA VAL B 419 -48.41 -59.82 25.15
C VAL B 419 -46.94 -59.85 25.56
N ALA B 420 -46.48 -61.01 26.02
CA ALA B 420 -45.12 -61.17 26.54
C ALA B 420 -44.28 -61.96 25.55
N PRO B 421 -43.38 -61.32 24.79
CA PRO B 421 -42.47 -62.08 23.93
C PRO B 421 -41.22 -62.53 24.67
N LEU B 422 -41.06 -63.84 24.85
CA LEU B 422 -39.93 -64.40 25.57
C LEU B 422 -38.81 -64.71 24.59
N ILE B 423 -37.67 -64.06 24.75
CA ILE B 423 -36.55 -64.12 23.82
C ILE B 423 -35.43 -64.92 24.46
N ARG B 424 -34.91 -65.91 23.73
CA ARG B 424 -33.85 -66.77 24.23
C ARG B 424 -32.49 -66.15 23.94
N PHE B 425 -31.58 -66.26 24.90
CA PHE B 425 -30.21 -65.78 24.71
C PHE B 425 -29.27 -66.67 25.52
N THR B 426 -27.98 -66.53 25.25
CA THR B 426 -26.96 -67.30 25.95
C THR B 426 -25.83 -66.41 26.43
N ASP B 427 -25.28 -65.60 25.51
CA ASP B 427 -24.13 -64.76 25.82
C ASP B 427 -24.58 -63.46 26.48
N GLU B 428 -23.77 -62.98 27.42
CA GLU B 428 -24.11 -61.74 28.12
C GLU B 428 -23.84 -60.53 27.24
N ALA B 429 -22.68 -60.49 26.59
CA ALA B 429 -22.37 -59.36 25.71
C ALA B 429 -23.42 -59.21 24.62
N ASP B 430 -24.01 -60.32 24.16
CA ASP B 430 -24.99 -60.24 23.09
C ASP B 430 -26.31 -59.67 23.60
N VAL B 431 -26.82 -60.20 24.71
CA VAL B 431 -28.11 -59.73 25.22
C VAL B 431 -28.04 -58.26 25.61
N VAL B 432 -26.87 -57.78 26.05
CA VAL B 432 -26.72 -56.36 26.33
C VAL B 432 -26.76 -55.56 25.04
N ALA B 433 -26.15 -56.09 23.98
CA ALA B 433 -26.20 -55.38 22.69
C ALA B 433 -27.61 -55.35 22.14
N GLN B 434 -28.36 -56.45 22.29
CA GLN B 434 -29.75 -56.46 21.83
C GLN B 434 -30.61 -55.49 22.62
N ALA B 435 -30.42 -55.43 23.94
CA ALA B 435 -31.21 -54.52 24.77
C ALA B 435 -30.99 -53.07 24.36
N ASN B 436 -29.75 -52.72 24.03
CA ASN B 436 -29.44 -51.35 23.63
C ASN B 436 -29.68 -51.09 22.15
N ASP B 437 -30.05 -52.11 21.37
CA ASP B 437 -30.27 -51.97 19.93
C ASP B 437 -31.66 -51.36 19.71
N THR B 438 -31.79 -50.10 20.10
CA THR B 438 -33.05 -49.37 19.98
C THR B 438 -32.76 -47.88 20.10
N ILE B 439 -33.67 -47.08 19.55
CA ILE B 439 -33.55 -45.63 19.70
C ILE B 439 -34.00 -45.13 21.06
N PHE B 440 -34.65 -45.99 21.85
CA PHE B 440 -35.21 -45.59 23.14
C PHE B 440 -34.24 -45.91 24.27
N GLY B 441 -34.55 -45.37 25.44
CA GLY B 441 -33.74 -45.58 26.61
C GLY B 441 -34.45 -45.11 27.86
N LEU B 442 -35.66 -45.62 28.09
CA LEU B 442 -36.47 -45.19 29.22
C LEU B 442 -36.20 -46.07 30.44
N ALA B 443 -36.80 -47.27 30.47
CA ALA B 443 -36.65 -48.19 31.59
C ALA B 443 -36.14 -49.53 31.10
N ALA B 444 -35.38 -50.20 31.97
CA ALA B 444 -34.90 -51.55 31.72
C ALA B 444 -34.88 -52.30 33.05
N TYR B 445 -34.79 -53.62 32.96
CA TYR B 445 -34.83 -54.48 34.13
C TYR B 445 -33.84 -55.62 33.97
N VAL B 446 -33.16 -55.97 35.06
CA VAL B 446 -32.16 -57.04 35.06
C VAL B 446 -32.36 -57.88 36.32
N TYR B 447 -32.40 -59.20 36.15
CA TYR B 447 -32.55 -60.14 37.26
C TYR B 447 -31.32 -61.04 37.30
N SER B 448 -30.60 -60.99 38.41
CA SER B 448 -29.39 -61.80 38.60
C SER B 448 -28.93 -61.71 40.04
N GLU B 449 -28.59 -62.85 40.63
CA GLU B 449 -28.08 -62.88 42.00
C GLU B 449 -26.57 -62.73 42.07
N ASN B 450 -25.90 -62.51 40.93
CA ASN B 450 -24.48 -62.25 40.89
C ASN B 450 -24.26 -60.74 40.97
N ILE B 451 -23.51 -60.31 41.99
CA ILE B 451 -23.34 -58.87 42.22
C ILE B 451 -22.61 -58.23 41.05
N SER B 452 -21.51 -58.84 40.61
CA SER B 452 -20.73 -58.27 39.52
C SER B 452 -21.57 -58.17 38.25
N ARG B 453 -22.27 -59.23 37.89
CA ARG B 453 -23.09 -59.22 36.68
C ARG B 453 -24.19 -58.18 36.79
N LEU B 454 -24.82 -58.07 37.96
CA LEU B 454 -25.93 -57.13 38.13
C LEU B 454 -25.47 -55.70 37.89
N TRP B 455 -24.33 -55.32 38.48
CA TRP B 455 -23.83 -53.96 38.29
C TRP B 455 -23.27 -53.77 36.89
N ARG B 456 -22.53 -54.75 36.39
CA ARG B 456 -21.94 -54.64 35.06
C ARG B 456 -23.01 -54.40 34.00
N VAL B 457 -24.08 -55.19 34.05
CA VAL B 457 -25.13 -55.05 33.04
C VAL B 457 -25.91 -53.76 33.23
N SER B 458 -26.29 -53.45 34.48
CA SER B 458 -27.06 -52.24 34.74
C SER B 458 -26.31 -51.00 34.28
N GLU B 459 -24.99 -50.98 34.48
CA GLU B 459 -24.22 -49.82 34.05
C GLU B 459 -24.07 -49.77 32.53
N GLN B 460 -24.12 -50.93 31.87
CA GLN B 460 -23.97 -50.97 30.41
C GLN B 460 -25.28 -50.70 29.68
N LEU B 461 -26.42 -50.81 30.35
CA LEU B 461 -27.71 -50.57 29.71
C LEU B 461 -27.93 -49.07 29.55
N GLU B 462 -28.10 -48.63 28.31
CA GLU B 462 -28.28 -47.20 28.01
C GLU B 462 -29.73 -46.81 28.25
N TYR B 463 -30.08 -46.74 29.54
CA TYR B 463 -31.42 -46.39 29.97
C TYR B 463 -31.33 -45.47 31.17
N GLY B 464 -32.35 -44.61 31.32
CA GLY B 464 -32.41 -43.72 32.46
C GLY B 464 -32.87 -44.37 33.75
N MET B 465 -33.43 -45.57 33.67
CA MET B 465 -33.96 -46.26 34.84
C MET B 465 -33.73 -47.75 34.68
N VAL B 466 -33.11 -48.37 35.67
CA VAL B 466 -32.80 -49.79 35.63
C VAL B 466 -33.27 -50.41 36.95
N GLY B 467 -34.27 -51.29 36.86
CA GLY B 467 -34.64 -52.10 38.01
C GLY B 467 -33.71 -53.28 38.12
N MET B 468 -33.12 -53.46 39.29
CA MET B 468 -32.16 -54.52 39.56
C MET B 468 -32.80 -55.49 40.56
N ASN B 469 -33.22 -56.64 40.06
CA ASN B 469 -34.01 -57.59 40.85
C ASN B 469 -35.29 -56.94 41.38
N ALA B 470 -35.82 -55.99 40.62
CA ALA B 470 -37.05 -55.30 41.01
C ALA B 470 -37.67 -54.69 39.76
N THR B 471 -39.00 -54.64 39.75
CA THR B 471 -39.75 -54.02 38.65
C THR B 471 -40.73 -52.95 39.09
N ALA B 472 -41.09 -52.87 40.37
CA ALA B 472 -41.96 -51.82 40.88
C ALA B 472 -41.12 -50.58 41.17
N ILE B 473 -40.77 -49.87 40.10
CA ILE B 473 -39.81 -48.76 40.20
C ILE B 473 -40.49 -47.40 40.29
N SER B 474 -41.81 -47.32 40.16
CA SER B 474 -42.51 -46.05 40.09
C SER B 474 -42.81 -45.51 41.47
N ASN B 475 -42.42 -44.27 41.73
CA ASN B 475 -42.76 -43.55 42.94
C ASN B 475 -42.35 -42.10 42.73
N GLU B 476 -42.72 -41.25 43.69
CA GLU B 476 -42.60 -39.81 43.51
C GLU B 476 -41.24 -39.25 43.91
N VAL B 477 -40.40 -40.03 44.60
CA VAL B 477 -39.12 -39.50 45.10
C VAL B 477 -37.95 -39.85 44.19
N VAL B 478 -38.13 -40.71 43.19
CA VAL B 478 -37.04 -41.13 42.31
C VAL B 478 -37.15 -40.39 40.99
N PRO B 479 -36.04 -40.11 40.30
CA PRO B 479 -36.08 -39.33 39.05
C PRO B 479 -36.56 -40.19 37.89
N PHE B 480 -37.73 -39.86 37.36
CA PHE B 480 -38.40 -40.65 36.33
C PHE B 480 -38.17 -40.01 34.97
N GLY B 481 -37.52 -40.75 34.07
CA GLY B 481 -37.29 -40.26 32.72
C GLY B 481 -36.32 -41.17 32.00
N GLY B 482 -36.07 -40.83 30.74
CA GLY B 482 -35.24 -41.65 29.87
C GLY B 482 -34.12 -40.84 29.24
N VAL B 483 -33.38 -41.53 28.37
CA VAL B 483 -32.31 -40.96 27.58
C VAL B 483 -32.58 -41.28 26.11
N LYS B 484 -31.66 -40.86 25.25
CA LYS B 484 -31.76 -41.10 23.80
C LYS B 484 -33.11 -40.51 23.34
N GLN B 485 -33.87 -41.21 22.51
CA GLN B 485 -35.14 -40.70 22.00
C GLN B 485 -36.32 -41.00 22.92
N SER B 486 -36.06 -41.56 24.10
CA SER B 486 -37.09 -41.64 25.13
C SER B 486 -37.35 -40.30 25.81
N GLY B 487 -36.52 -39.29 25.52
CA GLY B 487 -36.83 -37.94 25.95
C GLY B 487 -35.75 -37.26 26.76
N VAL B 488 -36.12 -36.18 27.42
CA VAL B 488 -35.21 -35.36 28.21
C VAL B 488 -35.96 -34.86 29.44
N GLY B 489 -35.22 -34.66 30.53
CA GLY B 489 -35.80 -34.20 31.77
C GLY B 489 -36.24 -35.35 32.65
N ARG B 490 -36.56 -35.00 33.90
CA ARG B 490 -36.97 -35.98 34.90
C ARG B 490 -38.17 -35.44 35.65
N GLU B 491 -39.05 -36.36 36.05
CA GLU B 491 -40.24 -36.03 36.82
C GLU B 491 -40.15 -36.68 38.20
N GLY B 492 -40.64 -35.97 39.22
CA GLY B 492 -40.48 -36.40 40.59
C GLY B 492 -39.06 -36.22 41.08
N SER B 493 -38.84 -36.41 42.39
CA SER B 493 -37.51 -36.42 42.98
C SER B 493 -36.93 -35.03 43.13
N LYS B 494 -35.72 -34.95 43.70
CA LYS B 494 -35.02 -33.68 43.87
C LYS B 494 -34.74 -33.00 42.54
N TYR B 495 -34.77 -33.73 41.43
CA TYR B 495 -34.45 -33.18 40.12
C TYR B 495 -35.67 -32.66 39.37
N GLY B 496 -36.88 -32.91 39.88
CA GLY B 496 -38.07 -32.56 39.13
C GLY B 496 -38.40 -31.09 39.13
N LEU B 497 -38.12 -30.38 40.22
CA LEU B 497 -38.51 -28.99 40.31
C LEU B 497 -37.57 -28.07 39.54
N GLU B 498 -36.28 -28.42 39.45
CA GLU B 498 -35.34 -27.61 38.70
C GLU B 498 -35.73 -27.48 37.23
N GLU B 499 -36.48 -28.46 36.70
CA GLU B 499 -36.88 -28.41 35.30
C GLU B 499 -37.71 -27.16 35.00
N PHE B 500 -38.44 -26.66 35.99
CA PHE B 500 -39.34 -25.52 35.80
C PHE B 500 -38.74 -24.22 36.30
N MET B 501 -37.46 -24.20 36.63
CA MET B 501 -36.79 -23.01 37.15
C MET B 501 -35.68 -22.59 36.18
N THR B 502 -35.33 -21.31 36.24
CA THR B 502 -34.15 -20.78 35.58
C THR B 502 -33.17 -20.27 36.63
N ILE B 503 -31.93 -20.09 36.21
CA ILE B 503 -30.85 -19.66 37.09
C ILE B 503 -30.59 -18.18 36.85
N LYS B 504 -30.42 -17.43 37.93
CA LYS B 504 -30.04 -16.03 37.87
C LYS B 504 -28.71 -15.86 38.60
N TYR B 505 -27.68 -15.46 37.87
CA TYR B 505 -26.35 -15.22 38.42
C TYR B 505 -26.22 -13.73 38.69
N MET B 506 -26.18 -13.36 39.97
CA MET B 506 -25.99 -11.98 40.41
C MET B 506 -24.52 -11.76 40.72
N CYS B 507 -23.91 -10.78 40.06
CA CYS B 507 -22.52 -10.41 40.29
C CYS B 507 -22.54 -9.08 41.05
N LEU B 508 -22.51 -9.17 42.38
CA LEU B 508 -22.59 -8.00 43.24
C LEU B 508 -21.22 -7.36 43.37
N GLY B 509 -21.08 -6.14 42.86
CA GLY B 509 -19.85 -5.39 43.00
C GLY B 509 -19.83 -4.54 44.25
N LEU B 510 -18.88 -4.81 45.14
CA LEU B 510 -18.75 -4.06 46.38
C LEU B 510 -17.79 -2.89 46.20
N SER C 29 -57.47 -22.64 87.97
CA SER C 29 -58.52 -23.33 87.22
C SER C 29 -58.33 -23.11 85.72
N SER C 30 -57.74 -21.95 85.36
CA SER C 30 -57.53 -21.64 83.95
C SER C 30 -56.75 -22.75 83.25
N LEU C 31 -55.84 -23.41 83.97
CA LEU C 31 -55.04 -24.49 83.42
C LEU C 31 -55.48 -25.86 83.89
N GLN C 32 -56.22 -25.96 84.98
CA GLN C 32 -56.83 -27.23 85.35
C GLN C 32 -57.88 -27.65 84.33
N SER C 33 -58.50 -26.68 83.65
CA SER C 33 -59.47 -26.96 82.60
C SER C 33 -58.81 -27.37 81.30
N THR C 34 -57.49 -27.39 81.23
CA THR C 34 -56.75 -27.76 80.02
C THR C 34 -56.37 -29.23 80.11
N GLU C 35 -56.73 -30.00 79.08
CA GLU C 35 -56.31 -31.38 79.01
C GLU C 35 -54.79 -31.51 78.94
N LEU C 36 -54.09 -30.44 78.54
CA LEU C 36 -52.65 -30.48 78.35
C LEU C 36 -51.87 -30.17 79.62
N PHE C 37 -52.52 -29.67 80.67
CA PHE C 37 -51.84 -29.41 81.94
C PHE C 37 -51.58 -30.73 82.64
N GLN C 38 -50.30 -31.11 82.74
CA GLN C 38 -49.89 -32.36 83.35
C GLN C 38 -48.91 -32.07 84.47
N GLN C 39 -49.11 -32.73 85.62
CA GLN C 39 -48.23 -32.59 86.77
C GLN C 39 -47.43 -33.87 87.03
N GLN C 40 -47.34 -34.75 86.04
CA GLN C 40 -46.50 -35.94 86.10
C GLN C 40 -45.55 -35.92 84.93
N ALA C 41 -44.49 -36.72 85.03
CA ALA C 41 -43.53 -36.84 83.94
C ALA C 41 -44.04 -37.86 82.92
N TYR C 42 -43.36 -37.90 81.77
CA TYR C 42 -43.74 -38.74 80.64
C TYR C 42 -42.56 -39.61 80.25
N ILE C 43 -42.64 -40.90 80.55
CA ILE C 43 -41.56 -41.84 80.26
C ILE C 43 -42.17 -43.12 79.69
N ASN C 44 -41.69 -43.54 78.52
CA ASN C 44 -42.14 -44.76 77.86
C ASN C 44 -43.66 -44.81 77.78
N GLY C 45 -44.25 -43.69 77.34
CA GLY C 45 -45.68 -43.63 77.12
C GLY C 45 -46.53 -43.63 78.37
N GLN C 46 -45.93 -43.49 79.55
CA GLN C 46 -46.66 -43.50 80.81
C GLN C 46 -46.47 -42.16 81.51
N TRP C 47 -47.50 -41.76 82.26
CA TRP C 47 -47.45 -40.54 83.07
C TRP C 47 -47.08 -40.93 84.49
N LEU C 48 -45.84 -40.63 84.87
CA LEU C 48 -45.23 -41.17 86.08
C LEU C 48 -44.92 -40.07 87.08
N ALA C 49 -44.98 -40.43 88.35
CA ALA C 49 -44.40 -39.64 89.42
C ALA C 49 -42.99 -40.17 89.71
N ALA C 50 -42.26 -39.41 90.52
CA ALA C 50 -40.94 -39.86 90.94
C ALA C 50 -41.07 -41.10 91.83
N GLN C 51 -40.05 -41.96 91.77
CA GLN C 51 -40.06 -43.16 92.61
C GLN C 51 -40.18 -42.79 94.08
N SER C 52 -39.63 -41.65 94.48
CA SER C 52 -39.74 -41.17 95.86
C SER C 52 -40.98 -40.34 96.11
N ASN C 53 -41.81 -40.13 95.09
CA ASN C 53 -42.99 -39.27 95.17
C ASN C 53 -42.63 -37.82 95.47
N ALA C 54 -41.35 -37.45 95.34
CA ALA C 54 -40.92 -36.09 95.60
C ALA C 54 -41.34 -35.19 94.45
N THR C 55 -41.72 -33.96 94.78
CA THR C 55 -42.13 -32.98 93.79
C THR C 55 -41.49 -31.64 94.12
N VAL C 56 -41.47 -30.75 93.14
CA VAL C 56 -40.99 -29.38 93.34
C VAL C 56 -42.05 -28.42 92.80
N PRO C 57 -42.31 -27.31 93.46
CA PRO C 57 -43.38 -26.42 93.01
C PRO C 57 -42.96 -25.55 91.83
N VAL C 58 -43.96 -25.15 91.05
CA VAL C 58 -43.79 -24.23 89.93
C VAL C 58 -44.67 -23.01 90.20
N SER C 59 -44.13 -21.82 89.94
CA SER C 59 -44.79 -20.58 90.32
C SER C 59 -45.02 -19.69 89.10
N ASN C 60 -46.03 -18.82 89.22
CA ASN C 60 -46.29 -17.79 88.22
C ASN C 60 -45.45 -16.57 88.55
N PRO C 61 -44.51 -16.16 87.69
CA PRO C 61 -43.63 -15.04 88.06
C PRO C 61 -44.35 -13.71 88.15
N ALA C 62 -45.54 -13.57 87.55
CA ALA C 62 -46.24 -12.29 87.58
C ALA C 62 -47.05 -12.12 88.87
N THR C 63 -47.47 -13.21 89.49
CA THR C 63 -48.31 -13.15 90.68
C THR C 63 -47.65 -13.72 91.92
N GLY C 64 -46.70 -14.65 91.78
CA GLY C 64 -46.09 -15.32 92.91
C GLY C 64 -46.79 -16.58 93.35
N GLU C 65 -48.00 -16.84 92.87
CA GLU C 65 -48.76 -18.00 93.30
C GLU C 65 -48.16 -19.29 92.76
N GLU C 66 -48.36 -20.38 93.51
CA GLU C 66 -47.88 -21.69 93.09
C GLU C 66 -48.89 -22.28 92.10
N ILE C 67 -48.39 -22.65 90.92
CA ILE C 67 -49.25 -23.21 89.88
C ILE C 67 -49.52 -24.68 90.15
N GLY C 68 -48.52 -25.40 90.64
CA GLY C 68 -48.63 -26.84 90.85
C GLY C 68 -47.28 -27.41 91.21
N THR C 69 -47.08 -28.67 90.83
CA THR C 69 -45.82 -29.34 91.11
C THR C 69 -45.47 -30.25 89.95
N ILE C 70 -44.20 -30.65 89.88
CA ILE C 70 -43.72 -31.61 88.91
C ILE C 70 -42.87 -32.64 89.66
N PRO C 71 -42.76 -33.88 89.18
CA PRO C 71 -41.92 -34.86 89.88
C PRO C 71 -40.47 -34.38 89.95
N ASN C 72 -39.84 -34.64 91.09
CA ASN C 72 -38.42 -34.32 91.28
C ASN C 72 -37.60 -35.59 91.07
N MET C 73 -37.56 -36.02 89.81
CA MET C 73 -36.89 -37.25 89.45
C MET C 73 -35.38 -37.08 89.46
N GLY C 74 -34.67 -38.20 89.51
CA GLY C 74 -33.23 -38.24 89.61
C GLY C 74 -32.61 -39.19 88.62
N ALA C 75 -31.49 -39.79 89.03
CA ALA C 75 -30.72 -40.63 88.12
C ALA C 75 -31.48 -41.89 87.74
N ALA C 76 -32.21 -42.48 88.69
CA ALA C 76 -32.93 -43.72 88.40
C ALA C 76 -33.91 -43.53 87.26
N GLU C 77 -34.78 -42.52 87.36
CA GLU C 77 -35.79 -42.30 86.34
C GLU C 77 -35.15 -41.88 85.02
N ALA C 78 -34.07 -41.10 85.09
CA ALA C 78 -33.37 -40.71 83.87
C ALA C 78 -32.84 -41.95 83.14
N THR C 79 -32.36 -42.94 83.89
CA THR C 79 -31.88 -44.16 83.27
C THR C 79 -33.03 -44.95 82.64
N GLN C 80 -34.20 -44.95 83.29
CA GLN C 80 -35.35 -45.64 82.71
C GLN C 80 -35.76 -45.01 81.39
N ALA C 81 -35.69 -43.68 81.30
CA ALA C 81 -36.03 -43.01 80.05
C ALA C 81 -35.05 -43.36 78.95
N VAL C 82 -33.75 -43.39 79.27
CA VAL C 82 -32.74 -43.76 78.28
C VAL C 82 -33.00 -45.17 77.78
N GLU C 83 -33.26 -46.10 78.70
CA GLU C 83 -33.55 -47.48 78.31
C GLU C 83 -34.79 -47.54 77.42
N ALA C 84 -35.84 -46.83 77.81
CA ALA C 84 -37.07 -46.84 77.02
C ALA C 84 -36.84 -46.27 75.63
N ALA C 85 -36.05 -45.19 75.54
CA ALA C 85 -35.78 -44.58 74.25
C ALA C 85 -34.97 -45.52 73.35
N TYR C 86 -34.05 -46.28 73.94
CA TYR C 86 -33.24 -47.20 73.16
C TYR C 86 -34.08 -48.36 72.64
N THR C 87 -35.00 -48.86 73.46
CA THR C 87 -35.87 -49.95 73.01
C THR C 87 -36.79 -49.48 71.89
N ALA C 88 -37.40 -48.30 72.04
CA ALA C 88 -38.26 -47.75 71.01
C ALA C 88 -37.47 -47.38 69.75
N LEU C 89 -36.17 -47.16 69.87
CA LEU C 89 -35.38 -46.72 68.73
C LEU C 89 -35.35 -47.77 67.63
N GLN C 90 -35.37 -49.05 67.98
CA GLN C 90 -35.20 -50.10 66.98
C GLN C 90 -36.34 -50.11 65.99
N SER C 91 -37.57 -49.96 66.48
CA SER C 91 -38.73 -49.98 65.60
C SER C 91 -39.08 -48.61 65.04
N TRP C 92 -38.62 -47.53 65.69
CA TRP C 92 -38.90 -46.19 65.17
C TRP C 92 -38.06 -45.90 63.94
N LYS C 93 -36.77 -46.27 63.97
CA LYS C 93 -35.90 -46.02 62.83
C LYS C 93 -36.13 -47.02 61.70
N ALA C 94 -36.81 -48.14 61.98
CA ALA C 94 -37.11 -49.11 60.93
C ALA C 94 -38.23 -48.64 60.00
N LEU C 95 -39.07 -47.71 60.45
CA LEU C 95 -40.11 -47.18 59.59
C LEU C 95 -39.51 -46.45 58.39
N THR C 96 -40.36 -46.14 57.43
CA THR C 96 -39.95 -45.33 56.29
C THR C 96 -40.03 -43.84 56.65
N ALA C 97 -39.30 -43.03 55.87
CA ALA C 97 -39.34 -41.59 56.08
C ALA C 97 -40.77 -41.05 55.99
N GLN C 98 -41.59 -41.65 55.12
CA GLN C 98 -42.96 -41.19 54.96
C GLN C 98 -43.83 -41.59 56.15
N ASN C 99 -43.60 -42.78 56.69
CA ASN C 99 -44.31 -43.19 57.91
C ASN C 99 -44.12 -42.16 59.01
N ARG C 100 -42.86 -41.81 59.30
CA ARG C 100 -42.57 -40.84 60.35
C ARG C 100 -43.14 -39.47 59.99
N ALA C 101 -43.03 -39.07 58.72
CA ALA C 101 -43.56 -37.78 58.29
C ALA C 101 -45.05 -37.68 58.59
N ASP C 102 -45.80 -38.76 58.35
CA ASP C 102 -47.24 -38.73 58.65
C ASP C 102 -47.49 -38.54 60.13
N ILE C 103 -46.75 -39.27 60.97
CA ILE C 103 -46.93 -39.15 62.41
C ILE C 103 -46.50 -37.77 62.89
N LEU C 104 -45.38 -37.27 62.39
CA LEU C 104 -44.92 -35.93 62.77
C LEU C 104 -45.93 -34.86 62.35
N LEU C 105 -46.54 -35.03 61.17
CA LEU C 105 -47.48 -34.02 60.70
C LEU C 105 -48.78 -34.04 61.49
N ALA C 106 -49.20 -35.22 61.98
CA ALA C 106 -50.32 -35.26 62.92
C ALA C 106 -49.98 -34.52 64.20
N TRP C 107 -48.74 -34.68 64.68
CA TRP C 107 -48.25 -33.91 65.81
C TRP C 107 -48.28 -32.42 65.48
N HIS C 108 -47.80 -32.04 64.30
CA HIS C 108 -47.82 -30.64 63.89
C HIS C 108 -49.23 -30.06 63.94
N LYS C 109 -50.21 -30.81 63.41
CA LYS C 109 -51.58 -30.31 63.40
C LYS C 109 -52.11 -30.11 64.81
N LEU C 110 -51.85 -31.06 65.70
CA LEU C 110 -52.37 -30.95 67.07
C LEU C 110 -51.78 -29.75 67.79
N VAL C 111 -50.50 -29.44 67.54
CA VAL C 111 -49.87 -28.29 68.18
C VAL C 111 -50.58 -27.01 67.76
N LEU C 112 -50.75 -26.82 66.45
CA LEU C 112 -51.41 -25.61 65.97
C LEU C 112 -52.87 -25.56 66.39
N ASP C 113 -53.54 -26.71 66.47
CA ASP C 113 -54.94 -26.72 66.89
C ASP C 113 -55.10 -26.33 68.36
N HIS C 114 -54.07 -26.56 69.17
CA HIS C 114 -54.09 -26.21 70.59
C HIS C 114 -53.20 -25.00 70.87
N THR C 115 -53.13 -24.06 69.93
CA THR C 115 -52.28 -22.88 70.12
C THR C 115 -52.70 -22.10 71.36
N ASP C 116 -53.99 -21.80 71.48
CA ASP C 116 -54.45 -20.98 72.59
C ASP C 116 -54.20 -21.66 73.93
N GLU C 117 -54.44 -22.97 74.02
CA GLU C 117 -54.22 -23.68 75.27
C GLU C 117 -52.73 -23.73 75.62
N LEU C 118 -51.87 -23.91 74.62
CA LEU C 118 -50.43 -23.91 74.90
C LEU C 118 -49.94 -22.54 75.31
N ALA C 119 -50.43 -21.48 74.64
CA ALA C 119 -50.00 -20.13 74.98
C ALA C 119 -50.43 -19.75 76.38
N LEU C 120 -51.61 -20.21 76.82
CA LEU C 120 -52.05 -19.95 78.18
C LEU C 120 -51.09 -20.55 79.19
N ILE C 121 -50.66 -21.78 78.96
CA ILE C 121 -49.73 -22.43 79.88
C ILE C 121 -48.40 -21.68 79.92
N MET C 122 -47.87 -21.34 78.75
CA MET C 122 -46.58 -20.66 78.68
C MET C 122 -46.63 -19.32 79.42
N THR C 123 -47.64 -18.51 79.14
CA THR C 123 -47.73 -17.19 79.77
C THR C 123 -47.84 -17.30 81.28
N ILE C 124 -48.51 -18.32 81.79
CA ILE C 124 -48.74 -18.42 83.22
C ILE C 124 -47.47 -18.84 83.95
N GLU C 125 -46.69 -19.75 83.36
CA GLU C 125 -45.49 -20.26 84.03
C GLU C 125 -44.23 -19.49 83.66
N GLN C 126 -44.18 -18.90 82.46
CA GLN C 126 -42.99 -18.21 81.99
C GLN C 126 -43.10 -16.69 82.11
N GLY C 127 -44.27 -16.12 81.84
CA GLY C 127 -44.53 -14.72 82.08
C GLY C 127 -44.73 -13.87 80.85
N LYS C 128 -44.23 -14.30 79.69
CA LYS C 128 -44.28 -13.46 78.50
C LYS C 128 -45.74 -13.21 78.09
N PRO C 129 -45.98 -12.13 77.36
CA PRO C 129 -47.36 -11.82 76.97
C PRO C 129 -48.00 -12.93 76.16
N LEU C 130 -49.32 -13.01 76.23
CA LEU C 130 -50.06 -14.07 75.54
C LEU C 130 -49.86 -14.01 74.03
N ALA C 131 -49.69 -12.80 73.48
CA ALA C 131 -49.47 -12.68 72.04
C ALA C 131 -48.12 -13.28 71.64
N GLU C 132 -47.08 -13.05 72.45
CA GLU C 132 -45.78 -13.64 72.16
C GLU C 132 -45.83 -15.17 72.29
N ALA C 133 -46.57 -15.66 73.29
CA ALA C 133 -46.68 -17.10 73.47
C ALA C 133 -47.29 -17.77 72.25
N LYS C 134 -48.37 -17.19 71.72
CA LYS C 134 -48.99 -17.73 70.51
C LYS C 134 -48.00 -17.73 69.35
N GLY C 135 -47.19 -16.67 69.24
CA GLY C 135 -46.20 -16.62 68.19
C GLY C 135 -45.18 -17.74 68.30
N GLU C 136 -44.72 -18.02 69.53
CA GLU C 136 -43.74 -19.08 69.72
C GLU C 136 -44.34 -20.44 69.37
N VAL C 137 -45.62 -20.65 69.69
CA VAL C 137 -46.25 -21.92 69.37
C VAL C 137 -46.22 -22.16 67.86
N ARG C 138 -46.61 -21.16 67.08
CA ARG C 138 -46.55 -21.29 65.63
C ARG C 138 -45.12 -21.44 65.16
N TYR C 139 -44.21 -20.60 65.66
CA TYR C 139 -42.80 -20.75 65.38
C TYR C 139 -42.33 -22.17 65.71
N ALA C 140 -42.74 -22.68 66.87
CA ALA C 140 -42.32 -24.03 67.28
C ALA C 140 -42.96 -25.09 66.39
N ALA C 141 -44.24 -24.92 66.06
CA ALA C 141 -44.91 -25.89 65.21
C ALA C 141 -44.23 -26.01 63.84
N SER C 142 -43.72 -24.89 63.32
CA SER C 142 -43.12 -24.90 61.99
C SER C 142 -41.92 -25.84 61.92
N PHE C 143 -41.24 -26.07 63.04
CA PHE C 143 -40.11 -26.99 63.03
C PHE C 143 -40.56 -28.44 62.87
N ILE C 144 -41.71 -28.80 63.44
CA ILE C 144 -42.22 -30.15 63.27
C ILE C 144 -42.55 -30.41 61.81
N GLN C 145 -43.21 -29.44 61.16
CA GLN C 145 -43.53 -29.58 59.75
C GLN C 145 -42.26 -29.59 58.90
N TRP C 146 -41.32 -28.72 59.21
CA TRP C 146 -40.11 -28.60 58.40
C TRP C 146 -39.31 -29.90 58.39
N PHE C 147 -39.08 -30.48 59.57
CA PHE C 147 -38.23 -31.67 59.65
C PHE C 147 -38.98 -32.95 59.30
N ALA C 148 -40.31 -32.96 59.42
CA ALA C 148 -41.08 -34.06 58.85
C ALA C 148 -40.78 -34.19 57.36
N GLU C 149 -40.62 -33.05 56.67
CA GLU C 149 -40.30 -33.04 55.26
C GLU C 149 -38.82 -33.32 55.00
N GLU C 150 -37.93 -32.87 55.89
CA GLU C 150 -36.50 -33.14 55.72
C GLU C 150 -36.20 -34.64 55.86
N GLY C 151 -36.94 -35.34 56.70
CA GLY C 151 -36.67 -36.75 56.90
C GLY C 151 -36.72 -37.56 55.62
N LYS C 152 -37.50 -37.10 54.65
CA LYS C 152 -37.62 -37.75 53.35
C LYS C 152 -36.51 -37.33 52.39
N ARG C 153 -35.57 -36.49 52.83
CA ARG C 153 -34.59 -35.90 51.94
C ARG C 153 -33.19 -35.96 52.53
N ILE C 154 -32.90 -36.98 53.32
CA ILE C 154 -31.57 -37.15 53.90
C ILE C 154 -30.69 -37.85 52.88
N TYR C 155 -30.37 -37.16 51.79
CA TYR C 155 -29.75 -37.79 50.64
C TYR C 155 -28.33 -38.25 50.97
N GLY C 156 -27.99 -39.43 50.47
CA GLY C 156 -26.61 -39.90 50.43
C GLY C 156 -25.96 -39.51 49.12
N ASP C 157 -24.84 -40.16 48.83
CA ASP C 157 -24.04 -39.81 47.67
C ASP C 157 -23.53 -41.06 46.97
N VAL C 158 -23.26 -40.92 45.68
CA VAL C 158 -22.43 -41.85 44.91
C VAL C 158 -21.24 -41.06 44.41
N ILE C 159 -20.06 -41.43 44.87
CA ILE C 159 -18.84 -40.66 44.64
C ILE C 159 -18.09 -41.28 43.45
N PRO C 160 -17.62 -40.49 42.50
CA PRO C 160 -16.82 -41.06 41.40
C PRO C 160 -15.65 -41.87 41.94
N THR C 161 -15.53 -43.09 41.46
CA THR C 161 -14.54 -44.01 42.02
C THR C 161 -13.14 -43.68 41.52
N VAL C 162 -12.16 -43.93 42.39
CA VAL C 162 -10.76 -43.90 42.00
C VAL C 162 -10.26 -45.27 41.60
N ASN C 163 -11.08 -46.31 41.73
CA ASN C 163 -10.71 -47.67 41.39
C ASN C 163 -11.90 -48.32 40.69
N ASN C 164 -11.70 -48.70 39.43
CA ASN C 164 -12.81 -49.20 38.61
C ASN C 164 -13.39 -50.51 39.13
N GLN C 165 -12.74 -51.15 40.10
CA GLN C 165 -13.27 -52.38 40.69
C GLN C 165 -14.13 -52.11 41.92
N GLN C 166 -14.31 -50.86 42.32
CA GLN C 166 -15.08 -50.51 43.50
C GLN C 166 -16.11 -49.44 43.16
N ARG C 167 -17.13 -49.36 44.00
CA ARG C 167 -18.14 -48.30 43.93
C ARG C 167 -18.32 -47.70 45.31
N PHE C 168 -18.45 -46.37 45.36
CA PHE C 168 -18.50 -45.63 46.62
C PHE C 168 -19.93 -45.14 46.83
N ILE C 169 -20.62 -45.75 47.79
CA ILE C 169 -22.02 -45.44 48.07
C ILE C 169 -22.11 -44.92 49.50
N ILE C 170 -22.52 -43.68 49.66
CA ILE C 170 -22.57 -43.02 50.96
C ILE C 170 -24.03 -42.92 51.39
N SER C 171 -24.29 -43.23 52.66
CA SER C 171 -25.63 -43.18 53.23
C SER C 171 -25.59 -42.50 54.59
N LYS C 172 -26.76 -42.12 55.07
CA LYS C 172 -26.91 -41.43 56.36
C LYS C 172 -27.77 -42.27 57.29
N GLU C 173 -27.36 -42.35 58.55
CA GLU C 173 -28.06 -43.15 59.55
C GLU C 173 -28.21 -42.35 60.83
N PRO C 174 -29.25 -42.63 61.62
CA PRO C 174 -29.43 -41.90 62.88
C PRO C 174 -28.34 -42.21 63.89
N VAL C 175 -27.98 -41.20 64.68
CA VAL C 175 -26.97 -41.39 65.72
C VAL C 175 -27.47 -42.37 66.76
N GLY C 176 -28.76 -42.29 67.11
CA GLY C 176 -29.33 -43.11 68.16
C GLY C 176 -30.13 -42.32 69.16
N VAL C 177 -30.02 -42.67 70.44
CA VAL C 177 -30.75 -41.95 71.48
C VAL C 177 -30.14 -40.57 71.68
N VAL C 178 -31.00 -39.56 71.76
CA VAL C 178 -30.58 -38.17 71.92
C VAL C 178 -31.06 -37.64 73.26
N ALA C 179 -30.19 -36.89 73.93
CA ALA C 179 -30.52 -36.22 75.19
C ALA C 179 -30.65 -34.73 74.90
N ALA C 180 -31.80 -34.17 75.26
CA ALA C 180 -32.09 -32.75 75.04
C ALA C 180 -32.33 -32.09 76.39
N ILE C 181 -31.60 -31.00 76.63
CA ILE C 181 -31.75 -30.19 77.85
C ILE C 181 -32.08 -28.78 77.40
N THR C 182 -33.25 -28.28 77.81
CA THR C 182 -33.79 -27.06 77.25
C THR C 182 -34.00 -26.00 78.32
N PRO C 183 -33.94 -24.72 77.95
CA PRO C 183 -34.10 -23.64 78.93
C PRO C 183 -35.54 -23.18 79.09
N TRP C 184 -35.73 -22.02 79.73
CA TRP C 184 -37.05 -21.51 80.07
C TRP C 184 -37.50 -20.35 79.20
N ASN C 185 -36.61 -19.71 78.43
CA ASN C 185 -36.99 -18.51 77.71
C ASN C 185 -37.95 -18.83 76.57
N PHE C 186 -37.74 -19.94 75.87
CA PHE C 186 -38.65 -20.42 74.83
C PHE C 186 -39.03 -21.85 75.18
N PRO C 187 -39.96 -22.03 76.12
CA PRO C 187 -40.19 -23.36 76.69
C PRO C 187 -40.86 -24.34 75.74
N ILE C 188 -41.34 -23.90 74.58
CA ILE C 188 -41.94 -24.78 73.58
C ILE C 188 -41.06 -24.90 72.33
N ALA C 189 -40.58 -23.76 71.82
CA ALA C 189 -39.77 -23.80 70.61
C ALA C 189 -38.46 -24.56 70.85
N MET C 190 -37.85 -24.39 72.02
CA MET C 190 -36.62 -25.12 72.30
C MET C 190 -36.84 -26.62 72.38
N ILE C 191 -38.08 -27.06 72.63
CA ILE C 191 -38.37 -28.49 72.62
C ILE C 191 -38.49 -29.01 71.20
N THR C 192 -39.34 -28.37 70.38
CA THR C 192 -39.55 -28.85 69.02
C THR C 192 -38.29 -28.68 68.15
N ARG C 193 -37.50 -27.62 68.40
CA ARG C 193 -36.28 -27.41 67.64
C ARG C 193 -35.28 -28.55 67.83
N LYS C 194 -35.43 -29.33 68.89
CA LYS C 194 -34.55 -30.47 69.14
C LYS C 194 -35.26 -31.81 68.96
N ALA C 195 -36.50 -31.93 69.40
CA ALA C 195 -37.20 -33.21 69.30
C ALA C 195 -37.64 -33.48 67.86
N ALA C 196 -38.07 -32.45 67.14
CA ALA C 196 -38.51 -32.66 65.76
C ALA C 196 -37.38 -33.20 64.88
N PRO C 197 -36.23 -32.54 64.78
CA PRO C 197 -35.16 -33.09 63.92
C PRO C 197 -34.65 -34.44 64.40
N ALA C 198 -34.65 -34.71 65.71
CA ALA C 198 -34.23 -36.01 66.19
C ALA C 198 -35.16 -37.11 65.70
N LEU C 199 -36.46 -36.92 65.89
CA LEU C 199 -37.43 -37.92 65.44
C LEU C 199 -37.41 -38.07 63.93
N ALA C 200 -37.35 -36.95 63.19
CA ALA C 200 -37.35 -37.02 61.73
C ALA C 200 -36.13 -37.77 61.21
N ALA C 201 -35.03 -37.73 61.94
CA ALA C 201 -33.82 -38.46 61.59
C ALA C 201 -33.91 -39.94 61.91
N GLY C 202 -34.99 -40.39 62.55
CA GLY C 202 -35.09 -41.76 63.03
C GLY C 202 -34.58 -41.98 64.43
N CYS C 203 -34.25 -40.92 65.17
CA CYS C 203 -33.76 -41.04 66.53
C CYS C 203 -34.90 -41.00 67.53
N THR C 204 -34.58 -41.36 68.77
CA THR C 204 -35.46 -41.15 69.91
C THR C 204 -34.77 -40.18 70.87
N VAL C 205 -35.57 -39.55 71.72
CA VAL C 205 -35.09 -38.41 72.51
C VAL C 205 -35.58 -38.52 73.94
N VAL C 206 -34.71 -38.15 74.88
CA VAL C 206 -35.07 -37.95 76.28
C VAL C 206 -34.83 -36.48 76.61
N ILE C 207 -35.83 -35.83 77.21
CA ILE C 207 -35.83 -34.39 77.38
C ILE C 207 -35.85 -34.04 78.86
N LYS C 208 -34.97 -33.13 79.25
CA LYS C 208 -34.97 -32.56 80.60
C LYS C 208 -35.29 -31.08 80.47
N PRO C 209 -36.52 -30.66 80.73
CA PRO C 209 -36.88 -29.25 80.58
C PRO C 209 -36.55 -28.45 81.84
N ALA C 210 -36.61 -27.13 81.70
CA ALA C 210 -36.32 -26.25 82.83
C ALA C 210 -37.41 -26.35 83.88
N ASN C 211 -37.00 -26.42 85.15
CA ASN C 211 -37.96 -26.53 86.24
C ASN C 211 -38.83 -25.29 86.38
N GLU C 212 -38.42 -24.16 85.80
CA GLU C 212 -39.24 -22.96 85.84
C GLU C 212 -40.40 -23.00 84.85
N THR C 213 -40.28 -23.79 83.78
CA THR C 213 -41.31 -23.86 82.73
C THR C 213 -41.45 -25.31 82.25
N PRO C 214 -41.86 -26.22 83.12
CA PRO C 214 -41.93 -27.63 82.72
C PRO C 214 -43.24 -28.00 82.03
N TYR C 215 -44.31 -27.27 82.35
CA TYR C 215 -45.63 -27.64 81.85
C TYR C 215 -45.74 -27.47 80.34
N CYS C 216 -44.96 -26.56 79.76
CA CYS C 216 -44.94 -26.44 78.30
C CYS C 216 -44.38 -27.70 77.66
N ALA C 217 -43.32 -28.26 78.23
CA ALA C 217 -42.75 -29.49 77.69
C ALA C 217 -43.71 -30.67 77.88
N LEU C 218 -44.33 -30.76 79.06
CA LEU C 218 -45.26 -31.87 79.29
C LEU C 218 -46.52 -31.74 78.45
N ALA C 219 -46.94 -30.51 78.13
CA ALA C 219 -48.08 -30.31 77.24
C ALA C 219 -47.75 -30.78 75.83
N ILE C 220 -46.53 -30.52 75.38
CA ILE C 220 -46.11 -30.99 74.05
C ILE C 220 -46.06 -32.51 74.02
N ALA C 221 -45.68 -33.15 75.13
CA ALA C 221 -45.64 -34.61 75.18
C ALA C 221 -47.04 -35.20 75.17
N LYS C 222 -48.00 -34.54 75.81
CA LYS C 222 -49.38 -35.01 75.77
C LYS C 222 -49.92 -34.99 74.35
N LEU C 223 -49.56 -33.96 73.57
CA LEU C 223 -49.96 -33.93 72.18
C LEU C 223 -49.24 -35.01 71.37
N ALA C 224 -47.97 -35.24 71.66
CA ALA C 224 -47.25 -36.33 71.01
C ALA C 224 -47.96 -37.65 71.21
N GLU C 225 -48.45 -37.91 72.43
CA GLU C 225 -49.21 -39.12 72.69
C GLU C 225 -50.48 -39.17 71.85
N LYS C 226 -51.15 -38.03 71.70
CA LYS C 226 -52.36 -37.99 70.89
C LYS C 226 -52.07 -38.14 69.41
N ALA C 227 -50.88 -37.72 68.97
CA ALA C 227 -50.50 -37.81 67.56
C ALA C 227 -50.09 -39.21 67.14
N GLY C 228 -49.99 -40.15 68.08
CA GLY C 228 -49.61 -41.50 67.75
C GLY C 228 -48.13 -41.78 67.78
N ILE C 229 -47.33 -40.92 68.40
CA ILE C 229 -45.89 -41.17 68.54
C ILE C 229 -45.72 -42.35 69.49
N PRO C 230 -45.06 -43.43 69.07
CA PRO C 230 -45.00 -44.62 69.93
C PRO C 230 -44.33 -44.34 71.27
N ALA C 231 -44.61 -45.22 72.23
CA ALA C 231 -44.04 -45.07 73.56
C ALA C 231 -42.52 -45.17 73.50
N GLY C 232 -41.85 -44.32 74.29
CA GLY C 232 -40.41 -44.30 74.37
C GLY C 232 -39.73 -43.44 73.34
N VAL C 233 -40.40 -43.09 72.24
CA VAL C 233 -39.76 -42.27 71.21
C VAL C 233 -39.48 -40.87 71.74
N ILE C 234 -40.33 -40.38 72.65
CA ILE C 234 -40.13 -39.07 73.27
C ILE C 234 -40.46 -39.20 74.75
N ASN C 235 -39.55 -38.72 75.60
CA ASN C 235 -39.70 -38.82 77.04
C ASN C 235 -39.29 -37.49 77.67
N VAL C 236 -39.99 -37.12 78.74
CA VAL C 236 -39.73 -35.86 79.45
C VAL C 236 -39.51 -36.19 80.92
N VAL C 237 -38.29 -35.92 81.40
CA VAL C 237 -37.89 -36.21 82.77
C VAL C 237 -37.67 -34.88 83.49
N THR C 238 -38.45 -34.65 84.54
CA THR C 238 -38.41 -33.41 85.29
C THR C 238 -37.77 -33.63 86.66
N GLY C 239 -37.14 -32.58 87.19
CA GLY C 239 -36.64 -32.61 88.53
C GLY C 239 -35.19 -32.19 88.70
N LYS C 240 -34.36 -33.09 89.23
CA LYS C 240 -33.00 -32.76 89.61
C LYS C 240 -32.13 -32.63 88.36
N SER C 241 -31.70 -31.40 88.06
CA SER C 241 -30.97 -31.16 86.82
C SER C 241 -29.62 -31.86 86.81
N GLN C 242 -28.87 -31.76 87.92
CA GLN C 242 -27.53 -32.34 87.96
C GLN C 242 -27.58 -33.86 87.83
N GLU C 243 -28.53 -34.50 88.53
CA GLU C 243 -28.62 -35.94 88.47
C GLU C 243 -29.09 -36.42 87.09
N ILE C 244 -30.16 -35.81 86.57
CA ILE C 244 -30.65 -36.19 85.26
C ILE C 244 -29.62 -35.87 84.19
N GLY C 245 -28.97 -34.71 84.29
CA GLY C 245 -27.97 -34.34 83.30
C GLY C 245 -26.76 -35.25 83.35
N SER C 246 -26.38 -35.69 84.55
CA SER C 246 -25.24 -36.59 84.67
C SER C 246 -25.50 -37.90 83.94
N VAL C 247 -26.72 -38.41 84.02
CA VAL C 247 -27.05 -39.65 83.32
C VAL C 247 -27.08 -39.42 81.81
N PHE C 248 -27.67 -38.30 81.38
CA PHE C 248 -27.77 -38.02 79.95
C PHE C 248 -26.39 -37.90 79.31
N THR C 249 -25.41 -37.38 80.05
CA THR C 249 -24.09 -37.11 79.49
C THR C 249 -23.08 -38.22 79.76
N SER C 250 -23.51 -39.35 80.30
CA SER C 250 -22.59 -40.43 80.61
C SER C 250 -23.10 -41.79 80.16
N HIS C 251 -24.43 -41.97 80.13
CA HIS C 251 -24.99 -43.27 79.78
C HIS C 251 -24.53 -43.70 78.40
N GLU C 252 -24.01 -44.92 78.31
CA GLU C 252 -23.40 -45.40 77.07
C GLU C 252 -24.36 -45.33 75.88
N LYS C 253 -25.65 -45.51 76.13
CA LYS C 253 -26.63 -45.57 75.04
C LYS C 253 -27.00 -44.19 74.50
N VAL C 254 -26.67 -43.12 75.20
CA VAL C 254 -26.90 -41.77 74.68
C VAL C 254 -25.73 -41.40 73.78
N LYS C 255 -26.02 -41.15 72.50
CA LYS C 255 -24.98 -40.90 71.51
C LYS C 255 -24.78 -39.43 71.20
N LYS C 256 -25.77 -38.58 71.47
CA LYS C 256 -25.67 -37.15 71.18
C LYS C 256 -26.34 -36.36 72.29
N LEU C 257 -25.76 -35.20 72.61
CA LEU C 257 -26.37 -34.24 73.51
C LEU C 257 -26.62 -32.95 72.74
N THR C 258 -27.83 -32.41 72.86
CA THR C 258 -28.16 -31.09 72.36
C THR C 258 -28.65 -30.25 73.54
N PHE C 259 -27.95 -29.15 73.81
CA PHE C 259 -28.21 -28.32 74.98
C PHE C 259 -28.28 -26.85 74.58
N THR C 260 -29.22 -26.13 75.19
CA THR C 260 -29.32 -24.68 75.04
C THR C 260 -29.43 -24.06 76.42
N GLY C 261 -28.48 -23.20 76.75
CA GLY C 261 -28.47 -22.54 78.05
C GLY C 261 -27.25 -21.66 78.25
N SER C 262 -26.78 -21.57 79.48
CA SER C 262 -25.62 -20.74 79.78
C SER C 262 -24.34 -21.43 79.34
N THR C 263 -23.32 -20.61 79.06
CA THR C 263 -22.03 -21.15 78.62
C THR C 263 -21.36 -21.94 79.73
N PRO C 264 -21.33 -21.49 80.98
CA PRO C 264 -20.70 -22.30 82.03
C PRO C 264 -21.29 -23.70 82.13
N VAL C 265 -22.61 -23.84 81.99
CA VAL C 265 -23.21 -25.16 81.99
C VAL C 265 -22.81 -25.94 80.75
N GLY C 266 -22.77 -25.27 79.60
CA GLY C 266 -22.34 -25.95 78.39
C GLY C 266 -20.93 -26.52 78.51
N ARG C 267 -20.02 -25.74 79.12
CA ARG C 267 -18.68 -26.26 79.35
C ARG C 267 -18.71 -27.53 80.18
N LEU C 268 -19.55 -27.55 81.23
CA LEU C 268 -19.62 -28.71 82.11
C LEU C 268 -20.22 -29.91 81.40
N LEU C 269 -21.30 -29.70 80.65
CA LEU C 269 -21.94 -30.82 79.95
C LEU C 269 -21.01 -31.39 78.88
N MET C 270 -20.32 -30.52 78.15
CA MET C 270 -19.36 -31.00 77.15
C MET C 270 -18.24 -31.79 77.83
N GLN C 271 -17.76 -31.31 78.97
CA GLN C 271 -16.73 -32.02 79.71
C GLN C 271 -17.21 -33.41 80.13
N GLN C 272 -18.45 -33.51 80.62
CA GLN C 272 -18.98 -34.80 81.04
C GLN C 272 -19.20 -35.73 79.86
N CYS C 273 -19.56 -35.18 78.70
CA CYS C 273 -19.75 -36.00 77.49
C CYS C 273 -18.45 -36.56 76.94
N SER C 274 -17.30 -36.15 77.49
CA SER C 274 -16.03 -36.53 76.89
C SER C 274 -15.68 -38.00 77.13
N SER C 275 -16.14 -38.57 78.24
CA SER C 275 -15.74 -39.93 78.58
C SER C 275 -16.25 -40.94 77.57
N THR C 276 -17.34 -40.63 76.85
CA THR C 276 -17.88 -41.52 75.83
C THR C 276 -17.92 -40.88 74.44
N ILE C 277 -17.21 -39.77 74.25
CA ILE C 277 -17.10 -39.12 72.95
C ILE C 277 -18.47 -38.93 72.34
N LYS C 278 -19.36 -38.24 73.05
CA LYS C 278 -20.71 -38.02 72.55
C LYS C 278 -20.72 -36.87 71.55
N LYS C 279 -21.56 -36.99 70.52
CA LYS C 279 -21.79 -35.88 69.60
C LYS C 279 -22.47 -34.73 70.34
N LEU C 280 -22.16 -33.50 69.91
CA LEU C 280 -22.56 -32.31 70.64
C LEU C 280 -23.31 -31.34 69.74
N ALA C 281 -24.34 -30.72 70.31
CA ALA C 281 -24.99 -29.55 69.74
C ALA C 281 -25.19 -28.57 70.88
N LEU C 282 -24.65 -27.36 70.74
CA LEU C 282 -24.65 -26.39 71.82
C LEU C 282 -25.05 -25.02 71.31
N GLU C 283 -26.06 -24.43 71.95
CA GLU C 283 -26.44 -23.04 71.73
C GLU C 283 -26.31 -22.35 73.10
N LEU C 284 -25.26 -21.58 73.27
CA LEU C 284 -24.92 -21.04 74.59
C LEU C 284 -25.15 -19.54 74.66
N GLY C 285 -24.27 -18.82 75.35
CA GLY C 285 -24.46 -17.41 75.56
C GLY C 285 -24.31 -16.60 74.28
N GLY C 286 -24.85 -15.38 74.33
CA GLY C 286 -24.77 -14.47 73.21
C GLY C 286 -24.79 -13.02 73.65
N ASN C 287 -23.70 -12.31 73.40
CA ASN C 287 -23.60 -10.88 73.74
C ASN C 287 -23.82 -10.04 72.49
N ALA C 288 -25.03 -10.15 71.95
CA ALA C 288 -25.29 -9.68 70.59
C ALA C 288 -25.06 -8.18 70.47
N PRO C 289 -24.22 -7.72 69.54
CA PRO C 289 -24.13 -6.30 69.26
C PRO C 289 -25.05 -5.86 68.13
N LEU C 290 -25.54 -4.63 68.25
CA LEU C 290 -26.35 -3.99 67.23
C LEU C 290 -25.70 -2.66 66.89
N ILE C 291 -25.24 -2.52 65.64
CA ILE C 291 -24.49 -1.36 65.19
C ILE C 291 -25.36 -0.53 64.26
N VAL C 292 -25.50 0.75 64.57
CA VAL C 292 -26.26 1.69 63.76
C VAL C 292 -25.27 2.74 63.27
N PHE C 293 -24.88 2.65 62.00
CA PHE C 293 -24.01 3.64 61.40
C PHE C 293 -24.80 4.89 61.05
N ASP C 294 -24.08 6.00 60.85
CA ASP C 294 -24.75 7.28 60.63
C ASP C 294 -25.45 7.34 59.29
N ASP C 295 -25.13 6.44 58.36
CA ASP C 295 -25.80 6.39 57.06
C ASP C 295 -26.97 5.40 57.06
N ALA C 296 -27.48 5.06 58.23
CA ALA C 296 -28.58 4.11 58.34
C ALA C 296 -29.93 4.81 58.23
N ASP C 297 -30.93 4.03 57.85
CA ASP C 297 -32.32 4.47 57.93
C ASP C 297 -32.67 4.59 59.41
N LEU C 298 -32.74 5.82 59.91
CA LEU C 298 -32.83 6.03 61.36
C LEU C 298 -34.07 5.37 61.94
N ASP C 299 -35.24 5.65 61.37
CA ASP C 299 -36.48 5.08 61.90
C ASP C 299 -36.47 3.55 61.81
N LYS C 300 -35.97 3.02 60.69
CA LYS C 300 -35.91 1.57 60.53
C LYS C 300 -35.02 0.94 61.59
N ALA C 301 -33.90 1.58 61.91
CA ALA C 301 -33.00 1.05 62.92
C ALA C 301 -33.62 1.09 64.30
N VAL C 302 -34.37 2.15 64.61
CA VAL C 302 -34.99 2.27 65.93
C VAL C 302 -36.01 1.17 66.14
N GLN C 303 -36.94 1.01 65.19
CA GLN C 303 -37.94 -0.04 65.33
C GLN C 303 -37.29 -1.42 65.35
N GLY C 304 -36.18 -1.60 64.62
CA GLY C 304 -35.49 -2.88 64.65
C GLY C 304 -34.79 -3.13 65.98
N ALA C 305 -34.11 -2.10 66.50
CA ALA C 305 -33.44 -2.25 67.79
C ALA C 305 -34.44 -2.49 68.91
N ILE C 306 -35.61 -1.84 68.84
CA ILE C 306 -36.66 -2.08 69.83
C ILE C 306 -37.06 -3.55 69.82
N PHE C 307 -37.27 -4.11 68.63
CA PHE C 307 -37.67 -5.50 68.52
C PHE C 307 -36.58 -6.42 69.05
N ALA C 308 -35.33 -6.17 68.66
CA ALA C 308 -34.24 -7.05 69.06
C ALA C 308 -33.95 -6.97 70.55
N LYS C 309 -34.32 -5.88 71.22
CA LYS C 309 -33.97 -5.69 72.62
C LYS C 309 -35.06 -6.19 73.56
N PHE C 310 -36.31 -5.82 73.30
CA PHE C 310 -37.37 -5.97 74.29
C PHE C 310 -38.29 -7.14 74.02
N ARG C 311 -37.98 -7.99 73.05
CA ARG C 311 -38.75 -9.21 72.86
C ARG C 311 -38.51 -10.15 74.03
N ASN C 312 -39.59 -10.67 74.61
CA ASN C 312 -39.49 -11.56 75.77
C ASN C 312 -38.88 -10.85 76.97
N ALA C 313 -39.07 -9.53 77.03
CA ALA C 313 -38.52 -8.69 78.10
C ALA C 313 -37.00 -8.74 78.12
N GLY C 314 -36.39 -8.95 76.96
CA GLY C 314 -34.94 -9.00 76.85
C GLY C 314 -34.32 -10.33 77.22
N GLN C 315 -35.12 -11.34 77.53
CA GLN C 315 -34.63 -12.63 78.01
C GLN C 315 -34.54 -13.62 76.85
N THR C 316 -33.59 -13.34 75.95
CA THR C 316 -33.41 -14.16 74.76
C THR C 316 -31.93 -14.16 74.41
N CYS C 317 -31.48 -15.31 73.90
CA CYS C 317 -30.06 -15.50 73.60
C CYS C 317 -29.57 -14.56 72.50
N VAL C 318 -30.45 -14.20 71.55
CA VAL C 318 -30.07 -13.34 70.45
C VAL C 318 -30.52 -11.90 70.67
N CYS C 319 -30.94 -11.54 71.88
CA CYS C 319 -31.36 -10.18 72.15
C CYS C 319 -30.18 -9.21 72.05
N ALA C 320 -30.46 -8.00 71.57
CA ALA C 320 -29.46 -6.96 71.46
C ALA C 320 -28.92 -6.60 72.84
N ASN C 321 -27.71 -7.08 73.16
CA ASN C 321 -27.11 -6.78 74.45
C ASN C 321 -26.38 -5.44 74.43
N ARG C 322 -25.79 -5.08 73.29
CA ARG C 322 -25.05 -3.84 73.13
C ARG C 322 -25.54 -3.14 71.88
N ILE C 323 -25.92 -1.86 72.02
CA ILE C 323 -26.48 -1.08 70.92
C ILE C 323 -25.49 0.05 70.63
N TYR C 324 -24.65 -0.16 69.61
CA TYR C 324 -23.68 0.84 69.20
C TYR C 324 -24.33 1.79 68.21
N VAL C 325 -24.23 3.09 68.48
CA VAL C 325 -24.84 4.13 67.67
C VAL C 325 -23.78 5.18 67.35
N HIS C 326 -23.69 5.55 66.08
CA HIS C 326 -22.65 6.50 65.65
C HIS C 326 -22.89 7.86 66.28
N ASP C 327 -21.79 8.64 66.36
CA ASP C 327 -21.83 9.92 67.07
C ASP C 327 -22.78 10.90 66.40
N ASN C 328 -22.85 10.88 65.06
CA ASN C 328 -23.62 11.87 64.34
C ASN C 328 -25.12 11.67 64.45
N ILE C 329 -25.58 10.53 64.96
CA ILE C 329 -27.01 10.26 65.07
C ILE C 329 -27.35 9.78 66.48
N TYR C 330 -26.36 9.80 67.37
CA TYR C 330 -26.58 9.27 68.72
C TYR C 330 -27.75 9.97 69.41
N GLN C 331 -27.72 11.31 69.42
CA GLN C 331 -28.76 12.06 70.12
C GLN C 331 -30.14 11.77 69.52
N ALA C 332 -30.27 11.89 68.20
CA ALA C 332 -31.55 11.64 67.55
C ALA C 332 -32.03 10.22 67.85
N PHE C 333 -31.17 9.22 67.62
CA PHE C 333 -31.54 7.83 67.86
C PHE C 333 -32.04 7.65 69.29
N ALA C 334 -31.29 8.15 70.27
CA ALA C 334 -31.66 7.94 71.66
C ALA C 334 -33.02 8.54 71.97
N GLU C 335 -33.32 9.72 71.41
CA GLU C 335 -34.61 10.35 71.66
C GLU C 335 -35.75 9.49 71.14
N LYS C 336 -35.67 9.11 69.85
CA LYS C 336 -36.72 8.27 69.28
C LYS C 336 -36.83 6.95 70.04
N PHE C 337 -35.68 6.32 70.33
CA PHE C 337 -35.69 5.06 71.06
C PHE C 337 -36.43 5.19 72.38
N VAL C 338 -36.09 6.20 73.18
CA VAL C 338 -36.72 6.37 74.49
C VAL C 338 -38.22 6.61 74.34
N GLN C 339 -38.62 7.35 73.30
CA GLN C 339 -40.05 7.55 73.06
C GLN C 339 -40.79 6.23 72.92
N GLU C 340 -40.20 5.28 72.17
CA GLU C 340 -40.86 4.00 71.98
C GLU C 340 -40.91 3.19 73.27
N VAL C 341 -39.82 3.20 74.04
CA VAL C 341 -39.78 2.42 75.27
C VAL C 341 -40.83 2.91 76.26
N GLN C 342 -41.10 4.21 76.27
CA GLN C 342 -42.06 4.76 77.22
C GLN C 342 -43.50 4.47 76.84
N LYS C 343 -43.74 3.90 75.66
CA LYS C 343 -45.08 3.45 75.29
C LYS C 343 -45.37 2.04 75.79
N PHE C 344 -44.36 1.31 76.24
CA PHE C 344 -44.56 -0.09 76.63
C PHE C 344 -45.55 -0.19 77.78
N LYS C 345 -46.41 -1.19 77.71
CA LYS C 345 -47.33 -1.54 78.79
C LYS C 345 -46.76 -2.73 79.56
N VAL C 346 -46.48 -2.54 80.84
CA VAL C 346 -45.91 -3.57 81.69
C VAL C 346 -46.99 -4.16 82.56
N GLY C 347 -47.00 -5.48 82.69
CA GLY C 347 -47.97 -6.12 83.57
C GLY C 347 -48.11 -7.61 83.25
N ASN C 348 -49.23 -8.16 83.72
CA ASN C 348 -49.48 -9.59 83.56
C ASN C 348 -49.66 -9.93 82.08
N GLY C 349 -49.11 -11.08 81.68
CA GLY C 349 -49.15 -11.48 80.29
C GLY C 349 -50.55 -11.77 79.77
N LEU C 350 -51.51 -11.99 80.66
CA LEU C 350 -52.88 -12.26 80.25
C LEU C 350 -53.70 -11.01 80.02
N GLU C 351 -53.19 -9.84 80.39
CA GLU C 351 -53.91 -8.59 80.17
C GLU C 351 -53.79 -8.14 78.72
N ASP C 352 -54.81 -7.43 78.26
CA ASP C 352 -54.83 -6.93 76.89
C ASP C 352 -53.76 -5.86 76.70
N GLY C 353 -52.99 -5.97 75.62
CA GLY C 353 -52.03 -4.95 75.27
C GLY C 353 -50.76 -4.94 76.08
N VAL C 354 -50.54 -5.94 76.94
CA VAL C 354 -49.29 -5.99 77.70
C VAL C 354 -48.16 -6.43 76.77
N GLN C 355 -47.04 -5.71 76.83
CA GLN C 355 -45.91 -5.95 75.96
C GLN C 355 -44.65 -6.40 76.70
N ILE C 356 -44.55 -6.17 78.00
CA ILE C 356 -43.37 -6.52 78.78
C ILE C 356 -43.84 -7.28 80.02
N GLY C 357 -43.38 -8.52 80.15
CA GLY C 357 -43.71 -9.32 81.31
C GLY C 357 -42.64 -9.24 82.38
N PRO C 358 -42.76 -10.07 83.40
CA PRO C 358 -41.75 -10.09 84.47
C PRO C 358 -40.54 -10.94 84.12
N LEU C 359 -39.44 -10.66 84.80
CA LEU C 359 -38.26 -11.51 84.67
C LEU C 359 -38.51 -12.85 85.32
N ILE C 360 -37.68 -13.84 84.96
CA ILE C 360 -37.97 -15.21 85.34
C ILE C 360 -37.85 -15.43 86.84
N ASN C 361 -36.91 -14.75 87.50
CA ASN C 361 -36.69 -14.97 88.93
C ASN C 361 -36.01 -13.74 89.52
N GLU C 362 -35.76 -13.81 90.83
CA GLU C 362 -35.18 -12.68 91.55
C GLU C 362 -33.72 -12.46 91.19
N LYS C 363 -32.96 -13.54 90.93
CA LYS C 363 -31.56 -13.39 90.57
C LYS C 363 -31.40 -12.49 89.35
N ALA C 364 -32.31 -12.61 88.37
CA ALA C 364 -32.21 -11.78 87.17
C ALA C 364 -32.40 -10.30 87.51
N VAL C 365 -33.29 -9.99 88.44
CA VAL C 365 -33.50 -8.60 88.84
C VAL C 365 -32.25 -8.06 89.51
N LEU C 366 -31.61 -8.86 90.36
CA LEU C 366 -30.40 -8.41 91.04
C LEU C 366 -29.26 -8.19 90.05
N LYS C 367 -29.06 -9.10 89.11
CA LYS C 367 -28.03 -8.92 88.09
C LYS C 367 -28.27 -7.64 87.32
N ALA C 368 -29.50 -7.42 86.85
CA ALA C 368 -29.79 -6.23 86.05
C ALA C 368 -29.51 -4.96 86.85
N GLN C 369 -29.90 -4.94 88.12
CA GLN C 369 -29.66 -3.75 88.94
C GLN C 369 -28.18 -3.53 89.17
N GLN C 370 -27.42 -4.61 89.37
CA GLN C 370 -25.99 -4.48 89.57
C GLN C 370 -25.30 -3.91 88.33
N LEU C 371 -25.67 -4.42 87.15
CA LEU C 371 -25.03 -3.96 85.92
C LEU C 371 -25.36 -2.50 85.63
N ILE C 372 -26.60 -2.09 85.90
CA ILE C 372 -26.96 -0.68 85.71
C ILE C 372 -26.22 0.20 86.71
N ASP C 373 -26.13 -0.24 87.96
CA ASP C 373 -25.43 0.55 88.98
C ASP C 373 -23.96 0.73 88.62
N ASP C 374 -23.32 -0.33 88.12
CA ASP C 374 -21.91 -0.22 87.72
C ASP C 374 -21.75 0.79 86.59
N ALA C 375 -22.64 0.74 85.59
CA ALA C 375 -22.56 1.67 84.47
C ALA C 375 -22.75 3.11 84.94
N VAL C 376 -23.75 3.34 85.80
CA VAL C 376 -24.00 4.69 86.30
C VAL C 376 -22.79 5.21 87.06
N SER C 377 -22.14 4.35 87.84
CA SER C 377 -20.98 4.77 88.61
C SER C 377 -19.77 5.12 87.74
N LYS C 378 -19.85 4.86 86.43
CA LYS C 378 -18.75 5.15 85.51
C LYS C 378 -19.15 6.17 84.45
N GLY C 379 -20.25 6.91 84.67
CA GLY C 379 -20.63 8.01 83.82
C GLY C 379 -21.89 7.81 83.02
N ALA C 380 -22.44 6.59 82.99
CA ALA C 380 -23.65 6.34 82.23
C ALA C 380 -24.84 7.07 82.85
N LYS C 381 -25.74 7.54 81.99
CA LYS C 381 -26.97 8.20 82.40
C LYS C 381 -28.16 7.28 82.14
N ILE C 382 -29.15 7.35 83.03
CA ILE C 382 -30.38 6.58 82.86
C ILE C 382 -31.39 7.47 82.16
N ALA C 383 -31.68 7.17 80.90
CA ALA C 383 -32.66 7.96 80.15
C ALA C 383 -34.08 7.64 80.58
N CYS C 384 -34.30 6.44 81.11
CA CYS C 384 -35.60 6.06 81.65
C CYS C 384 -35.45 4.69 82.31
N GLY C 385 -36.31 4.44 83.31
CA GLY C 385 -36.27 3.19 84.03
C GLY C 385 -35.14 3.11 85.04
N GLY C 386 -34.48 1.97 85.13
CA GLY C 386 -33.34 1.81 86.00
C GLY C 386 -33.63 1.23 87.37
N LYS C 387 -34.88 0.82 87.63
CA LYS C 387 -35.24 0.27 88.92
C LYS C 387 -36.38 -0.72 88.73
N GLN C 388 -36.73 -1.41 89.80
CA GLN C 388 -37.85 -2.35 89.76
C GLN C 388 -39.14 -1.61 89.44
N HIS C 389 -40.07 -2.33 88.83
CA HIS C 389 -41.36 -1.75 88.48
C HIS C 389 -42.27 -1.71 89.70
N ALA C 390 -43.24 -0.80 89.65
CA ALA C 390 -44.15 -0.62 90.78
C ALA C 390 -44.93 -1.89 91.09
N LEU C 391 -45.12 -2.75 90.09
CA LEU C 391 -45.90 -3.96 90.29
C LEU C 391 -45.20 -4.97 91.20
N GLY C 392 -43.96 -4.72 91.60
CA GLY C 392 -43.27 -5.65 92.47
C GLY C 392 -42.91 -6.94 91.77
N GLN C 393 -42.88 -8.02 92.54
CA GLN C 393 -42.48 -9.32 92.01
C GLN C 393 -41.14 -9.20 91.31
N THR C 394 -41.00 -9.82 90.14
CA THR C 394 -39.77 -9.75 89.35
C THR C 394 -39.90 -8.80 88.16
N PHE C 395 -40.91 -7.93 88.17
CA PHE C 395 -41.06 -6.94 87.12
C PHE C 395 -39.93 -5.91 87.18
N TYR C 396 -39.34 -5.60 86.03
CA TYR C 396 -38.31 -4.59 85.93
C TYR C 396 -38.73 -3.54 84.90
N GLU C 397 -38.48 -2.28 85.23
CA GLU C 397 -38.85 -1.18 84.34
C GLU C 397 -38.03 -1.24 83.06
N PRO C 398 -38.67 -1.15 81.88
CA PRO C 398 -37.88 -1.00 80.65
C PRO C 398 -36.97 0.22 80.76
N SER C 399 -35.68 -0.02 80.55
CA SER C 399 -34.67 0.99 80.83
C SER C 399 -33.84 1.28 79.58
N VAL C 400 -33.27 2.48 79.56
CA VAL C 400 -32.34 2.90 78.51
C VAL C 400 -31.21 3.66 79.16
N LEU C 401 -29.97 3.26 78.87
CA LEU C 401 -28.78 3.90 79.40
C LEU C 401 -28.01 4.57 78.26
N THR C 402 -27.60 5.82 78.49
CA THR C 402 -26.79 6.56 77.55
C THR C 402 -25.39 6.76 78.14
N ASN C 403 -24.46 7.16 77.27
CA ASN C 403 -23.08 7.42 77.67
C ASN C 403 -22.38 6.15 78.13
N VAL C 404 -22.74 5.01 77.56
CA VAL C 404 -22.12 3.74 77.90
C VAL C 404 -20.84 3.57 77.09
N ASP C 405 -19.84 2.94 77.69
CA ASP C 405 -18.56 2.68 77.03
C ASP C 405 -18.08 1.28 77.40
N ARG C 406 -16.93 0.91 76.83
CA ARG C 406 -16.45 -0.47 76.93
C ARG C 406 -15.93 -0.84 78.30
N THR C 407 -15.66 0.14 79.18
CA THR C 407 -15.14 -0.17 80.51
C THR C 407 -16.23 -0.65 81.47
N MET C 408 -17.49 -0.63 81.05
CA MET C 408 -18.60 -0.99 81.93
C MET C 408 -18.90 -2.47 81.84
N GLU C 409 -19.36 -3.05 82.95
CA GLU C 409 -19.62 -4.48 83.00
C GLU C 409 -20.81 -4.87 82.13
N ILE C 410 -21.76 -3.95 81.93
CA ILE C 410 -22.94 -4.26 81.13
C ILE C 410 -22.56 -4.58 79.69
N VAL C 411 -21.37 -4.18 79.25
CA VAL C 411 -20.91 -4.50 77.91
C VAL C 411 -20.28 -5.88 77.82
N GLN C 412 -19.83 -6.43 78.94
CA GLN C 412 -19.15 -7.71 78.97
C GLN C 412 -20.00 -8.82 79.56
N GLU C 413 -21.20 -8.50 80.05
CA GLU C 413 -22.09 -9.46 80.67
C GLU C 413 -23.47 -9.36 80.03
N GLU C 414 -24.17 -10.49 79.96
CA GLU C 414 -25.52 -10.51 79.44
C GLU C 414 -26.49 -10.05 80.53
N ILE C 415 -27.39 -9.13 80.16
CA ILE C 415 -28.34 -8.61 81.14
C ILE C 415 -29.55 -9.52 81.24
N PHE C 416 -29.98 -10.10 80.11
CA PHE C 416 -31.21 -10.89 80.05
C PHE C 416 -32.36 -10.13 80.70
N GLY C 417 -32.50 -8.86 80.33
CA GLY C 417 -33.54 -8.02 80.87
C GLY C 417 -33.86 -6.86 79.94
N PRO C 418 -34.91 -6.11 80.24
CA PRO C 418 -35.31 -4.98 79.38
C PRO C 418 -34.48 -3.72 79.64
N VAL C 419 -33.19 -3.81 79.33
CA VAL C 419 -32.24 -2.73 79.55
C VAL C 419 -31.43 -2.56 78.27
N ALA C 420 -31.46 -1.34 77.72
CA ALA C 420 -30.79 -1.05 76.45
C ALA C 420 -29.62 -0.09 76.68
N PRO C 421 -28.38 -0.59 76.69
CA PRO C 421 -27.22 0.32 76.79
C PRO C 421 -26.81 0.86 75.43
N LEU C 422 -26.96 2.16 75.25
CA LEU C 422 -26.61 2.83 73.99
C LEU C 422 -25.15 3.27 74.07
N ILE C 423 -24.33 2.75 73.17
CA ILE C 423 -22.88 2.97 73.18
C ILE C 423 -22.52 3.86 72.01
N ARG C 424 -21.72 4.89 72.28
CA ARG C 424 -21.30 5.84 71.26
C ARG C 424 -20.03 5.34 70.57
N PHE C 425 -19.94 5.60 69.27
CA PHE C 425 -18.75 5.25 68.51
C PHE C 425 -18.63 6.20 67.33
N THR C 426 -17.46 6.19 66.69
CA THR C 426 -17.22 7.04 65.54
C THR C 426 -16.52 6.27 64.42
N ASP C 427 -15.48 5.52 64.78
CA ASP C 427 -14.67 4.81 63.79
C ASP C 427 -15.26 3.44 63.50
N GLU C 428 -15.21 3.05 62.22
CA GLU C 428 -15.78 1.77 61.81
C GLU C 428 -14.93 0.60 62.31
N ALA C 429 -13.61 0.68 62.10
CA ALA C 429 -12.74 -0.40 62.57
C ALA C 429 -12.81 -0.57 64.08
N ASP C 430 -13.11 0.50 64.80
CA ASP C 430 -13.17 0.42 66.25
C ASP C 430 -14.44 -0.28 66.72
N VAL C 431 -15.59 0.06 66.12
CA VAL C 431 -16.84 -0.57 66.55
C VAL C 431 -16.86 -2.04 66.16
N VAL C 432 -16.20 -2.40 65.06
CA VAL C 432 -16.08 -3.80 64.68
C VAL C 432 -15.21 -4.55 65.68
N ALA C 433 -14.12 -3.92 66.13
CA ALA C 433 -13.28 -4.54 67.14
C ALA C 433 -14.03 -4.72 68.45
N GLN C 434 -14.82 -3.72 68.84
CA GLN C 434 -15.60 -3.84 70.07
C GLN C 434 -16.65 -4.93 69.95
N ALA C 435 -17.31 -5.03 68.79
CA ALA C 435 -18.34 -6.05 68.61
C ALA C 435 -17.76 -7.45 68.75
N ASN C 436 -16.55 -7.67 68.25
CA ASN C 436 -15.91 -8.97 68.33
C ASN C 436 -15.16 -9.20 69.62
N ASP C 437 -15.01 -8.17 70.47
CA ASP C 437 -14.28 -8.28 71.72
C ASP C 437 -15.14 -9.03 72.75
N THR C 438 -15.33 -10.32 72.48
CA THR C 438 -16.17 -11.15 73.32
C THR C 438 -15.88 -12.61 72.99
N ILE C 439 -16.15 -13.49 73.96
CA ILE C 439 -16.03 -14.92 73.73
C ILE C 439 -17.21 -15.49 72.95
N PHE C 440 -18.28 -14.72 72.80
CA PHE C 440 -19.49 -15.19 72.13
C PHE C 440 -19.49 -14.80 70.66
N GLY C 441 -20.39 -15.43 69.92
CA GLY C 441 -20.53 -15.18 68.49
C GLY C 441 -21.83 -15.78 67.96
N LEU C 442 -22.94 -15.42 68.59
CA LEU C 442 -24.25 -16.00 68.21
C LEU C 442 -24.92 -15.15 67.14
N ALA C 443 -25.44 -13.99 67.53
CA ALA C 443 -26.16 -13.11 66.62
C ALA C 443 -25.60 -11.70 66.70
N ALA C 444 -25.70 -10.98 65.58
CA ALA C 444 -25.29 -9.60 65.49
C ALA C 444 -26.19 -8.89 64.49
N TYR C 445 -26.22 -7.57 64.56
CA TYR C 445 -27.09 -6.77 63.72
C TYR C 445 -26.36 -5.50 63.28
N VAL C 446 -26.54 -5.14 62.01
CA VAL C 446 -25.89 -3.98 61.42
C VAL C 446 -26.92 -3.21 60.61
N TYR C 447 -26.99 -1.90 60.81
CA TYR C 447 -27.88 -1.02 60.06
C TYR C 447 -27.05 -0.01 59.29
N SER C 448 -27.15 -0.06 57.97
CA SER C 448 -26.43 0.87 57.10
C SER C 448 -26.99 0.75 55.68
N GLU C 449 -27.21 1.90 55.05
CA GLU C 449 -27.70 1.93 53.67
C GLU C 449 -26.58 1.90 52.65
N ASN C 450 -25.33 1.79 53.09
CA ASN C 450 -24.18 1.69 52.19
C ASN C 450 -23.90 0.22 51.92
N ILE C 451 -24.01 -0.19 50.66
CA ILE C 451 -23.89 -1.61 50.32
C ILE C 451 -22.53 -2.14 50.73
N SER C 452 -21.46 -1.41 50.37
CA SER C 452 -20.12 -1.91 50.62
C SER C 452 -19.80 -1.97 52.10
N ARG C 453 -20.34 -1.03 52.90
CA ARG C 453 -20.15 -1.07 54.35
C ARG C 453 -21.00 -2.16 54.98
N LEU C 454 -22.22 -2.35 54.50
CA LEU C 454 -23.08 -3.40 55.05
C LEU C 454 -22.46 -4.76 54.88
N TRP C 455 -21.88 -5.04 53.71
CA TRP C 455 -21.23 -6.33 53.48
C TRP C 455 -19.89 -6.43 54.19
N ARG C 456 -19.10 -5.36 54.14
CA ARG C 456 -17.79 -5.37 54.79
C ARG C 456 -17.91 -5.66 56.28
N VAL C 457 -18.83 -4.96 56.96
CA VAL C 457 -18.97 -5.14 58.40
C VAL C 457 -19.56 -6.50 58.71
N SER C 458 -20.56 -6.94 57.95
CA SER C 458 -21.19 -8.23 58.24
C SER C 458 -20.20 -9.37 58.07
N GLU C 459 -19.30 -9.26 57.09
CA GLU C 459 -18.31 -10.31 56.89
C GLU C 459 -17.23 -10.28 57.96
N GLN C 460 -16.99 -9.12 58.56
CA GLN C 460 -15.97 -8.99 59.60
C GLN C 460 -16.49 -9.35 60.99
N LEU C 461 -17.81 -9.38 61.18
CA LEU C 461 -18.39 -9.76 62.46
C LEU C 461 -18.30 -11.27 62.64
N GLU C 462 -17.63 -11.71 63.72
CA GLU C 462 -17.41 -13.13 63.98
C GLU C 462 -18.64 -13.70 64.69
N TYR C 463 -19.72 -13.85 63.92
CA TYR C 463 -20.99 -14.35 64.44
C TYR C 463 -21.58 -15.33 63.44
N GLY C 464 -22.38 -16.26 63.96
CA GLY C 464 -23.05 -17.23 63.11
C GLY C 464 -24.28 -16.70 62.41
N MET C 465 -24.82 -15.58 62.86
CA MET C 465 -25.99 -14.97 62.24
C MET C 465 -25.83 -13.45 62.32
N VAL C 466 -26.07 -12.78 61.19
CA VAL C 466 -25.93 -11.33 61.11
C VAL C 466 -27.18 -10.77 60.44
N GLY C 467 -27.96 -10.01 61.20
CA GLY C 467 -29.05 -9.26 60.63
C GLY C 467 -28.51 -8.03 59.92
N MET C 468 -28.91 -7.85 58.65
CA MET C 468 -28.45 -6.74 57.81
C MET C 468 -29.65 -5.87 57.51
N ASN C 469 -29.76 -4.74 58.20
CA ASN C 469 -30.94 -3.88 58.14
C ASN C 469 -32.19 -4.66 58.53
N ALA C 470 -32.04 -5.68 59.37
CA ALA C 470 -33.15 -6.48 59.84
C ALA C 470 -32.78 -7.09 61.17
N THR C 471 -33.79 -7.30 62.02
CA THR C 471 -33.60 -7.96 63.31
C THR C 471 -34.53 -9.14 63.54
N ALA C 472 -35.61 -9.28 62.76
CA ALA C 472 -36.52 -10.42 62.89
C ALA C 472 -35.95 -11.58 62.06
N ILE C 473 -34.89 -12.19 62.61
CA ILE C 473 -34.14 -13.20 61.87
C ILE C 473 -34.58 -14.62 62.16
N SER C 474 -35.48 -14.84 63.10
CA SER C 474 -35.83 -16.18 63.55
C SER C 474 -36.90 -16.80 62.66
N ASN C 475 -36.64 -18.03 62.23
CA ASN C 475 -37.60 -18.83 61.47
C ASN C 475 -37.01 -20.22 61.33
N GLU C 476 -37.81 -21.14 60.81
CA GLU C 476 -37.42 -22.55 60.81
C GLU C 476 -36.58 -22.97 59.61
N VAL C 477 -36.45 -22.12 58.58
CA VAL C 477 -35.74 -22.52 57.36
C VAL C 477 -34.30 -22.01 57.32
N VAL C 478 -33.89 -21.20 58.28
CA VAL C 478 -32.54 -20.63 58.28
C VAL C 478 -31.69 -21.32 59.36
N PRO C 479 -30.37 -21.45 59.16
CA PRO C 479 -29.54 -22.17 60.13
C PRO C 479 -29.25 -21.33 61.37
N PHE C 480 -29.80 -21.76 62.50
CA PHE C 480 -29.74 -21.00 63.74
C PHE C 480 -28.64 -21.57 64.63
N GLY C 481 -27.66 -20.74 64.95
CA GLY C 481 -26.55 -21.18 65.78
C GLY C 481 -25.48 -20.10 65.84
N GLY C 482 -24.43 -20.40 66.60
CA GLY C 482 -23.34 -19.47 66.82
C GLY C 482 -21.98 -20.10 66.58
N VAL C 483 -20.96 -19.26 66.71
CA VAL C 483 -19.57 -19.70 66.61
C VAL C 483 -18.86 -19.36 67.92
N LYS C 484 -17.56 -19.64 67.99
CA LYS C 484 -16.79 -19.42 69.21
C LYS C 484 -17.50 -20.07 70.39
N GLN C 485 -17.51 -19.42 71.56
CA GLN C 485 -18.11 -20.02 72.74
C GLN C 485 -19.63 -19.89 72.78
N SER C 486 -20.25 -19.40 71.70
CA SER C 486 -21.70 -19.45 71.60
C SER C 486 -22.22 -20.83 71.22
N GLY C 487 -21.33 -21.76 70.86
CA GLY C 487 -21.70 -23.15 70.74
C GLY C 487 -21.32 -23.70 69.38
N VAL C 488 -21.92 -24.86 69.07
CA VAL C 488 -21.65 -25.58 67.83
C VAL C 488 -22.97 -26.16 67.34
N GLY C 489 -23.02 -26.41 66.04
CA GLY C 489 -24.20 -26.96 65.41
C GLY C 489 -25.21 -25.91 65.02
N ARG C 490 -26.22 -26.35 64.27
CA ARG C 490 -27.29 -25.48 63.79
C ARG C 490 -28.62 -26.16 63.98
N GLU C 491 -29.65 -25.36 64.22
CA GLU C 491 -31.02 -25.84 64.36
C GLU C 491 -31.87 -25.19 63.27
N GLY C 492 -32.82 -25.97 62.74
CA GLY C 492 -33.59 -25.55 61.58
C GLY C 492 -32.77 -25.66 60.31
N SER C 493 -33.44 -25.36 59.20
CA SER C 493 -32.80 -25.28 57.89
C SER C 493 -32.39 -26.64 57.35
N LYS C 494 -31.75 -26.63 56.17
CA LYS C 494 -31.26 -27.87 55.58
C LYS C 494 -30.17 -28.50 56.45
N TYR C 495 -29.47 -27.70 57.24
CA TYR C 495 -28.35 -28.19 58.04
C TYR C 495 -28.77 -28.80 59.37
N GLY C 496 -30.04 -28.64 59.77
CA GLY C 496 -30.43 -29.05 61.10
C GLY C 496 -30.55 -30.55 61.29
N LEU C 497 -30.84 -31.29 60.22
CA LEU C 497 -31.10 -32.72 60.36
C LEU C 497 -29.81 -33.54 60.34
N GLU C 498 -28.83 -33.15 59.53
CA GLU C 498 -27.55 -33.86 59.51
C GLU C 498 -26.89 -33.87 60.88
N GLU C 499 -27.25 -32.93 61.77
CA GLU C 499 -26.69 -32.92 63.12
C GLU C 499 -27.01 -34.21 63.86
N PHE C 500 -28.13 -34.85 63.53
CA PHE C 500 -28.58 -36.08 64.19
C PHE C 500 -28.32 -37.32 63.35
N MET C 501 -27.39 -37.26 62.40
CA MET C 501 -27.08 -38.38 61.53
C MET C 501 -25.58 -38.67 61.55
N THR C 502 -25.24 -39.92 61.26
CA THR C 502 -23.86 -40.31 61.01
C THR C 502 -23.74 -40.71 59.55
N ILE C 503 -22.51 -40.62 59.03
CA ILE C 503 -22.20 -40.96 57.65
C ILE C 503 -21.68 -42.39 57.61
N LYS C 504 -22.17 -43.19 56.67
CA LYS C 504 -21.69 -44.54 56.43
C LYS C 504 -21.15 -44.63 55.01
N TYR C 505 -19.87 -44.94 54.90
CA TYR C 505 -19.19 -45.07 53.61
C TYR C 505 -19.13 -46.54 53.25
N MET C 506 -19.90 -46.94 52.24
CA MET C 506 -19.91 -48.31 51.74
C MET C 506 -18.95 -48.40 50.54
N CYS C 507 -17.96 -49.27 50.65
CA CYS C 507 -17.02 -49.55 49.57
C CYS C 507 -17.40 -50.91 48.98
N LEU C 508 -18.14 -50.89 47.87
CA LEU C 508 -18.63 -52.11 47.23
C LEU C 508 -17.60 -52.58 46.22
N GLY C 509 -17.01 -53.75 46.48
CA GLY C 509 -16.06 -54.34 45.57
C GLY C 509 -16.72 -55.25 44.55
N LEU C 510 -16.61 -54.89 43.27
CA LEU C 510 -17.19 -55.69 42.19
C LEU C 510 -16.17 -56.69 41.67
N VAL D 28 1.46 -13.99 5.87
CA VAL D 28 2.23 -13.54 7.05
C VAL D 28 3.21 -14.63 7.48
N SER D 29 4.41 -14.23 7.89
CA SER D 29 5.43 -15.18 8.33
C SER D 29 5.45 -15.39 9.84
N SER D 30 4.95 -14.42 10.61
CA SER D 30 4.89 -14.60 12.06
C SER D 30 4.05 -15.82 12.45
N LEU D 31 3.07 -16.18 11.61
CA LEU D 31 2.28 -17.38 11.87
C LEU D 31 3.01 -18.64 11.41
N GLN D 32 3.77 -18.56 10.32
CA GLN D 32 4.55 -19.71 9.87
C GLN D 32 5.61 -20.12 10.88
N SER D 33 5.90 -19.27 11.86
CA SER D 33 6.97 -19.52 12.82
C SER D 33 6.49 -20.21 14.09
N THR D 34 5.19 -20.38 14.27
CA THR D 34 4.65 -21.09 15.43
C THR D 34 4.17 -22.47 15.00
N GLU D 35 4.47 -23.48 15.82
CA GLU D 35 4.06 -24.84 15.54
C GLU D 35 2.55 -25.02 15.60
N LEU D 36 1.82 -24.07 16.17
CA LEU D 36 0.38 -24.21 16.37
C LEU D 36 -0.44 -23.72 15.17
N PHE D 37 0.19 -23.05 14.21
CA PHE D 37 -0.51 -22.59 13.02
C PHE D 37 -0.74 -23.78 12.09
N GLN D 38 -1.98 -24.26 12.02
CA GLN D 38 -2.34 -25.42 11.22
C GLN D 38 -3.33 -25.00 10.14
N GLN D 39 -3.09 -25.43 8.91
CA GLN D 39 -4.00 -25.19 7.80
C GLN D 39 -4.70 -26.46 7.35
N GLN D 40 -4.78 -27.46 8.22
CA GLN D 40 -5.47 -28.71 7.96
C GLN D 40 -6.44 -28.97 9.10
N ALA D 41 -7.45 -29.80 8.84
CA ALA D 41 -8.40 -30.17 9.87
C ALA D 41 -7.84 -31.27 10.75
N TYR D 42 -8.53 -31.55 11.85
CA TYR D 42 -8.10 -32.54 12.83
C TYR D 42 -9.23 -33.53 13.07
N ILE D 43 -9.06 -34.76 12.57
CA ILE D 43 -10.06 -35.81 12.69
C ILE D 43 -9.36 -37.10 13.06
N ASN D 44 -9.80 -37.73 14.14
CA ASN D 44 -9.25 -39.00 14.61
C ASN D 44 -7.73 -38.97 14.67
N GLY D 45 -7.20 -37.94 15.35
CA GLY D 45 -5.78 -37.82 15.56
C GLY D 45 -4.95 -37.54 14.34
N GLN D 46 -5.57 -37.35 13.17
CA GLN D 46 -4.85 -37.08 11.94
C GLN D 46 -5.11 -35.65 11.47
N TRP D 47 -4.14 -35.10 10.73
CA TRP D 47 -4.25 -33.78 10.13
C TRP D 47 -4.58 -33.95 8.65
N LEU D 48 -5.82 -33.66 8.29
CA LEU D 48 -6.37 -34.02 6.98
C LEU D 48 -6.78 -32.78 6.19
N ALA D 49 -6.79 -32.95 4.88
CA ALA D 49 -7.44 -32.03 3.97
C ALA D 49 -8.80 -32.60 3.56
N ALA D 50 -9.60 -31.75 2.91
CA ALA D 50 -10.90 -32.21 2.44
C ALA D 50 -10.71 -33.27 1.37
N GLN D 51 -11.66 -34.22 1.32
CA GLN D 51 -11.58 -35.28 0.33
C GLN D 51 -11.48 -34.71 -1.08
N SER D 52 -12.09 -33.55 -1.32
CA SER D 52 -12.01 -32.87 -2.61
C SER D 52 -10.80 -31.97 -2.73
N ASN D 53 -10.04 -31.77 -1.66
CA ASN D 53 -8.91 -30.85 -1.58
C ASN D 53 -9.33 -29.40 -1.72
N ALA D 54 -10.63 -29.11 -1.66
CA ALA D 54 -11.09 -27.73 -1.73
C ALA D 54 -10.68 -26.97 -0.47
N THR D 55 -10.52 -25.66 -0.62
CA THR D 55 -10.12 -24.80 0.49
C THR D 55 -10.84 -23.46 0.40
N VAL D 56 -10.97 -22.81 1.55
CA VAL D 56 -11.53 -21.47 1.61
C VAL D 56 -10.54 -20.57 2.35
N PRO D 57 -10.47 -19.28 2.05
CA PRO D 57 -9.45 -18.44 2.65
C PRO D 57 -9.86 -17.88 4.01
N VAL D 58 -8.85 -17.51 4.78
CA VAL D 58 -9.02 -16.81 6.05
C VAL D 58 -8.26 -15.49 5.95
N SER D 59 -8.88 -14.41 6.42
CA SER D 59 -8.37 -13.07 6.21
C SER D 59 -8.15 -12.35 7.53
N ASN D 60 -7.16 -11.44 7.52
CA ASN D 60 -6.91 -10.55 8.64
C ASN D 60 -7.81 -9.34 8.49
N PRO D 61 -8.80 -9.12 9.37
CA PRO D 61 -9.71 -7.99 9.17
C PRO D 61 -9.03 -6.64 9.25
N ALA D 62 -7.87 -6.54 9.91
CA ALA D 62 -7.20 -5.26 10.04
C ALA D 62 -6.47 -4.85 8.77
N THR D 63 -5.94 -5.82 8.02
CA THR D 63 -5.17 -5.53 6.81
C THR D 63 -5.85 -5.99 5.54
N GLY D 64 -6.82 -6.91 5.62
CA GLY D 64 -7.45 -7.48 4.45
C GLY D 64 -6.66 -8.59 3.80
N GLU D 65 -5.38 -8.75 4.14
CA GLU D 65 -4.56 -9.80 3.53
C GLU D 65 -5.18 -11.17 3.77
N GLU D 66 -4.77 -12.12 2.93
CA GLU D 66 -5.13 -13.51 3.10
C GLU D 66 -4.09 -14.17 3.99
N ILE D 67 -4.52 -14.73 5.12
CA ILE D 67 -3.59 -15.33 6.06
C ILE D 67 -3.29 -16.79 5.69
N GLY D 68 -4.25 -17.49 5.13
CA GLY D 68 -4.06 -18.90 4.81
C GLY D 68 -5.38 -19.50 4.37
N THR D 69 -5.43 -20.83 4.38
CA THR D 69 -6.60 -21.57 3.95
C THR D 69 -6.91 -22.67 4.95
N ILE D 70 -8.16 -23.11 4.94
CA ILE D 70 -8.61 -24.24 5.75
C ILE D 70 -9.38 -25.18 4.84
N PRO D 71 -9.38 -26.49 5.10
CA PRO D 71 -10.15 -27.41 4.24
C PRO D 71 -11.63 -27.06 4.26
N ASN D 72 -12.24 -27.07 3.07
CA ASN D 72 -13.68 -26.84 2.94
C ASN D 72 -14.39 -28.19 2.94
N MET D 73 -14.41 -28.80 4.12
CA MET D 73 -14.99 -30.12 4.30
C MET D 73 -16.52 -30.03 4.32
N GLY D 74 -17.16 -31.17 4.11
CA GLY D 74 -18.60 -31.26 4.02
C GLY D 74 -19.15 -32.41 4.85
N ALA D 75 -20.30 -32.92 4.41
CA ALA D 75 -20.99 -33.96 5.16
C ALA D 75 -20.12 -35.20 5.32
N ALA D 76 -19.44 -35.62 4.24
CA ALA D 76 -18.64 -36.84 4.29
C ALA D 76 -17.65 -36.79 5.44
N GLU D 77 -16.90 -35.70 5.55
CA GLU D 77 -15.86 -35.61 6.58
C GLU D 77 -16.47 -35.43 7.97
N ALA D 78 -17.58 -34.71 8.07
CA ALA D 78 -18.24 -34.56 9.37
C ALA D 78 -18.71 -35.91 9.89
N THR D 79 -19.18 -36.79 8.99
CA THR D 79 -19.59 -38.12 9.40
C THR D 79 -18.39 -38.93 9.90
N GLN D 80 -17.24 -38.79 9.25
CA GLN D 80 -16.05 -39.48 9.73
C GLN D 80 -15.71 -39.05 11.16
N ALA D 81 -15.83 -37.75 11.43
CA ALA D 81 -15.53 -37.26 12.77
C ALA D 81 -16.47 -37.86 13.81
N VAL D 82 -17.77 -37.92 13.50
CA VAL D 82 -18.73 -38.52 14.43
C VAL D 82 -18.36 -39.97 14.69
N GLU D 83 -18.06 -40.72 13.63
CA GLU D 83 -17.66 -42.11 13.80
C GLU D 83 -16.40 -42.23 14.65
N ALA D 84 -15.44 -41.32 14.43
CA ALA D 84 -14.21 -41.35 15.22
C ALA D 84 -14.49 -40.99 16.68
N ALA D 85 -15.38 -40.02 16.91
CA ALA D 85 -15.72 -39.64 18.27
C ALA D 85 -16.46 -40.77 18.99
N TYR D 86 -17.32 -41.50 18.26
CA TYR D 86 -18.07 -42.58 18.90
C TYR D 86 -17.15 -43.75 19.24
N THR D 87 -16.20 -44.06 18.38
CA THR D 87 -15.26 -45.14 18.67
C THR D 87 -14.38 -44.80 19.88
N ALA D 88 -13.84 -43.58 19.91
CA ALA D 88 -13.00 -43.17 21.03
C ALA D 88 -13.78 -43.04 22.32
N LEU D 89 -15.10 -42.90 22.25
CA LEU D 89 -15.91 -42.70 23.46
C LEU D 89 -15.82 -43.89 24.39
N GLN D 90 -15.83 -45.11 23.84
CA GLN D 90 -15.90 -46.30 24.67
C GLN D 90 -14.74 -46.37 25.65
N SER D 91 -13.52 -46.10 25.16
CA SER D 91 -12.34 -46.19 26.01
C SER D 91 -12.07 -44.90 26.79
N TRP D 92 -12.57 -43.76 26.32
CA TRP D 92 -12.36 -42.51 27.03
C TRP D 92 -13.20 -42.45 28.30
N LYS D 93 -14.44 -42.92 28.24
CA LYS D 93 -15.32 -42.90 29.41
C LYS D 93 -15.01 -44.03 30.38
N ALA D 94 -14.33 -45.08 29.93
CA ALA D 94 -13.95 -46.17 30.82
C ALA D 94 -12.85 -45.75 31.80
N LEU D 95 -12.12 -44.69 31.49
CA LEU D 95 -11.10 -44.19 32.40
C LEU D 95 -11.73 -43.65 33.68
N THR D 96 -10.91 -43.51 34.71
CA THR D 96 -11.34 -42.90 35.95
C THR D 96 -11.38 -41.38 35.80
N ALA D 97 -12.13 -40.73 36.71
CA ALA D 97 -12.18 -39.28 36.70
C ALA D 97 -10.79 -38.68 36.89
N GLN D 98 -9.96 -39.32 37.72
CA GLN D 98 -8.60 -38.84 37.92
C GLN D 98 -7.73 -39.05 36.69
N ASN D 99 -7.97 -40.15 35.95
CA ASN D 99 -7.30 -40.36 34.68
C ASN D 99 -7.49 -39.16 33.75
N ARG D 100 -8.76 -38.81 33.49
CA ARG D 100 -9.05 -37.70 32.60
C ARG D 100 -8.56 -36.37 33.17
N ALA D 101 -8.58 -36.21 34.49
CA ALA D 101 -8.11 -34.98 35.09
C ALA D 101 -6.64 -34.73 34.78
N ASP D 102 -5.81 -35.78 34.95
CA ASP D 102 -4.39 -35.63 34.66
C ASP D 102 -4.16 -35.22 33.21
N ILE D 103 -4.89 -35.83 32.28
CA ILE D 103 -4.71 -35.50 30.87
C ILE D 103 -5.18 -34.09 30.58
N LEU D 104 -6.36 -33.73 31.09
CA LEU D 104 -6.88 -32.38 30.85
C LEU D 104 -5.97 -31.33 31.47
N LEU D 105 -5.38 -31.62 32.63
CA LEU D 105 -4.49 -30.65 33.27
C LEU D 105 -3.22 -30.46 32.47
N ALA D 106 -2.70 -31.53 31.85
CA ALA D 106 -1.61 -31.37 30.91
C ALA D 106 -2.01 -30.47 29.76
N TRP D 107 -3.22 -30.66 29.23
CA TRP D 107 -3.76 -29.75 28.23
C TRP D 107 -3.81 -28.33 28.76
N HIS D 108 -4.28 -28.16 29.99
CA HIS D 108 -4.34 -26.84 30.61
C HIS D 108 -2.96 -26.20 30.67
N LYS D 109 -1.96 -26.96 31.13
CA LYS D 109 -0.60 -26.43 31.24
C LYS D 109 -0.08 -25.97 29.88
N LEU D 110 -0.33 -26.75 28.84
CA LEU D 110 0.15 -26.39 27.51
C LEU D 110 -0.50 -25.10 27.01
N VAL D 111 -1.81 -24.97 27.21
CA VAL D 111 -2.50 -23.77 26.76
C VAL D 111 -1.86 -22.53 27.38
N LEU D 112 -1.61 -22.58 28.69
CA LEU D 112 -1.01 -21.43 29.36
C LEU D 112 0.43 -21.22 28.93
N ASP D 113 1.20 -22.30 28.78
CA ASP D 113 2.59 -22.16 28.36
C ASP D 113 2.70 -21.52 26.98
N HIS D 114 1.72 -21.76 26.11
CA HIS D 114 1.71 -21.21 24.76
C HIS D 114 0.74 -20.02 24.65
N THR D 115 0.64 -19.22 25.70
CA THR D 115 -0.30 -18.10 25.68
C THR D 115 0.04 -17.09 24.58
N ASP D 116 1.31 -16.69 24.50
CA ASP D 116 1.70 -15.67 23.54
C ASP D 116 1.43 -16.11 22.11
N GLU D 117 1.68 -17.38 21.80
CA GLU D 117 1.47 -17.86 20.44
C GLU D 117 -0.01 -17.94 20.11
N LEU D 118 -0.83 -18.43 21.06
CA LEU D 118 -2.26 -18.48 20.83
C LEU D 118 -2.84 -17.08 20.65
N ALA D 119 -2.40 -16.13 21.48
CA ALA D 119 -2.88 -14.75 21.37
C ALA D 119 -2.49 -14.14 20.02
N LEU D 120 -1.28 -14.45 19.55
CA LEU D 120 -0.85 -13.93 18.26
C LEU D 120 -1.77 -14.40 17.14
N ILE D 121 -2.10 -15.68 17.13
CA ILE D 121 -3.00 -16.21 16.11
C ILE D 121 -4.35 -15.51 16.19
N MET D 122 -4.92 -15.41 17.39
CA MET D 122 -6.24 -14.79 17.54
C MET D 122 -6.24 -13.36 17.01
N THR D 123 -5.26 -12.56 17.44
CA THR D 123 -5.24 -11.16 17.05
C THR D 123 -5.16 -11.00 15.53
N ILE D 124 -4.51 -11.93 14.85
CA ILE D 124 -4.30 -11.78 13.41
C ILE D 124 -5.57 -12.18 12.64
N GLU D 125 -6.24 -13.24 13.07
CA GLU D 125 -7.41 -13.72 12.34
C GLU D 125 -8.71 -13.10 12.82
N GLN D 126 -8.77 -12.68 14.08
CA GLN D 126 -9.99 -12.11 14.66
C GLN D 126 -9.95 -10.60 14.83
N GLY D 127 -8.77 -10.02 15.08
CA GLY D 127 -8.58 -8.59 15.06
C GLY D 127 -8.44 -7.94 16.42
N LYS D 128 -8.93 -8.56 17.49
CA LYS D 128 -8.94 -7.91 18.79
C LYS D 128 -7.50 -7.64 19.26
N PRO D 129 -7.32 -6.69 20.18
CA PRO D 129 -5.96 -6.36 20.62
C PRO D 129 -5.27 -7.55 21.26
N LEU D 130 -3.94 -7.54 21.18
CA LEU D 130 -3.16 -8.66 21.70
C LEU D 130 -3.36 -8.83 23.21
N ALA D 131 -3.56 -7.73 23.94
CA ALA D 131 -3.80 -7.85 25.38
C ALA D 131 -5.10 -8.59 25.66
N GLU D 132 -6.17 -8.26 24.92
CA GLU D 132 -7.43 -8.96 25.10
C GLU D 132 -7.29 -10.44 24.74
N ALA D 133 -6.54 -10.74 23.67
CA ALA D 133 -6.36 -12.11 23.25
C ALA D 133 -5.67 -12.92 24.36
N LYS D 134 -4.61 -12.37 24.94
CA LYS D 134 -3.95 -13.06 26.05
C LYS D 134 -4.89 -13.27 27.22
N GLY D 135 -5.73 -12.26 27.51
CA GLY D 135 -6.73 -12.44 28.53
C GLY D 135 -7.66 -13.60 28.24
N GLU D 136 -8.14 -13.70 27.00
CA GLU D 136 -9.05 -14.78 26.64
C GLU D 136 -8.37 -16.14 26.77
N VAL D 137 -7.09 -16.22 26.44
CA VAL D 137 -6.37 -17.49 26.58
C VAL D 137 -6.41 -17.96 28.03
N ARG D 138 -6.06 -17.06 28.97
CA ARG D 138 -6.15 -17.41 30.38
C ARG D 138 -7.59 -17.73 30.78
N TYR D 139 -8.53 -16.88 30.37
CA TYR D 139 -9.94 -17.15 30.61
C TYR D 139 -10.33 -18.52 30.09
N ALA D 140 -9.89 -18.86 28.88
CA ALA D 140 -10.24 -20.14 28.29
C ALA D 140 -9.57 -21.30 29.02
N ALA D 141 -8.31 -21.11 29.44
CA ALA D 141 -7.60 -22.18 30.13
C ALA D 141 -8.27 -22.51 31.46
N SER D 142 -8.82 -21.52 32.15
CA SER D 142 -9.41 -21.78 33.46
C SER D 142 -10.56 -22.76 33.38
N PHE D 143 -11.24 -22.84 32.24
CA PHE D 143 -12.32 -23.82 32.10
C PHE D 143 -11.78 -25.24 32.04
N ILE D 144 -10.59 -25.43 31.47
CA ILE D 144 -9.98 -26.76 31.43
C ILE D 144 -9.65 -27.22 32.85
N GLN D 145 -8.97 -26.37 33.62
CA GLN D 145 -8.67 -26.70 35.00
C GLN D 145 -9.94 -26.92 35.81
N TRP D 146 -10.93 -26.03 35.65
CA TRP D 146 -12.14 -26.11 36.46
C TRP D 146 -12.85 -27.44 36.27
N PHE D 147 -13.04 -27.85 35.02
CA PHE D 147 -13.84 -29.05 34.77
C PHE D 147 -13.03 -30.33 34.96
N ALA D 148 -11.72 -30.27 34.75
CA ALA D 148 -10.87 -31.40 35.15
C ALA D 148 -11.13 -31.73 36.62
N GLU D 149 -11.40 -30.72 37.43
CA GLU D 149 -11.72 -30.95 38.84
C GLU D 149 -13.17 -31.36 39.03
N GLU D 150 -14.09 -30.76 38.26
CA GLU D 150 -15.50 -31.14 38.38
C GLU D 150 -15.71 -32.61 38.05
N GLY D 151 -14.96 -33.14 37.08
CA GLY D 151 -15.12 -34.53 36.71
C GLY D 151 -15.02 -35.47 37.89
N LYS D 152 -14.16 -35.15 38.86
CA LYS D 152 -14.01 -35.96 40.06
C LYS D 152 -15.15 -35.76 41.05
N ARG D 153 -16.09 -34.84 40.77
CA ARG D 153 -17.10 -34.46 41.75
C ARG D 153 -18.51 -34.50 41.16
N ILE D 154 -18.74 -35.25 40.10
CA ILE D 154 -20.10 -35.41 39.58
C ILE D 154 -20.78 -36.48 40.42
N TYR D 155 -21.43 -36.06 41.50
CA TYR D 155 -21.94 -36.97 42.51
C TYR D 155 -23.34 -37.49 42.16
N GLY D 156 -23.58 -38.74 42.50
CA GLY D 156 -24.91 -39.31 42.47
C GLY D 156 -25.59 -39.12 43.80
N ASP D 157 -26.66 -39.89 44.02
CA ASP D 157 -27.48 -39.73 45.21
C ASP D 157 -27.90 -41.09 45.74
N VAL D 158 -28.26 -41.12 47.01
CA VAL D 158 -28.95 -42.24 47.63
C VAL D 158 -30.21 -41.66 48.25
N ILE D 159 -31.37 -42.01 47.69
CA ILE D 159 -32.63 -41.40 48.08
C ILE D 159 -33.30 -42.23 49.15
N PRO D 160 -33.81 -41.63 50.23
CA PRO D 160 -34.57 -42.40 51.23
C PRO D 160 -35.70 -43.18 50.57
N THR D 161 -35.78 -44.46 50.90
CA THR D 161 -36.70 -45.35 50.21
C THR D 161 -38.12 -45.17 50.73
N VAL D 162 -39.08 -45.35 49.82
CA VAL D 162 -40.49 -45.45 50.19
C VAL D 162 -40.91 -46.90 50.40
N ASN D 163 -40.03 -47.85 50.10
CA ASN D 163 -40.33 -49.28 50.20
C ASN D 163 -39.11 -49.96 50.80
N ASN D 164 -39.26 -50.53 51.99
CA ASN D 164 -38.12 -51.08 52.72
C ASN D 164 -37.46 -52.26 52.02
N GLN D 165 -38.05 -52.76 50.94
CA GLN D 165 -37.46 -53.85 50.16
C GLN D 165 -36.67 -53.35 48.96
N GLN D 166 -36.53 -52.04 48.80
CA GLN D 166 -35.80 -51.47 47.68
C GLN D 166 -34.84 -50.38 48.18
N ARG D 167 -33.79 -50.15 47.40
CA ARG D 167 -32.85 -49.06 47.64
C ARG D 167 -32.71 -48.24 46.36
N PHE D 168 -32.70 -46.92 46.50
CA PHE D 168 -32.70 -46.00 45.38
C PHE D 168 -31.31 -45.38 45.25
N ILE D 169 -30.55 -45.83 44.25
CA ILE D 169 -29.19 -45.37 44.01
C ILE D 169 -29.18 -44.66 42.67
N ILE D 170 -28.81 -43.38 42.67
CA ILE D 170 -28.81 -42.54 41.49
C ILE D 170 -27.36 -42.28 41.09
N SER D 171 -27.06 -42.46 39.81
CA SER D 171 -25.73 -42.26 39.26
C SER D 171 -25.82 -41.35 38.04
N LYS D 172 -24.66 -40.87 37.59
CA LYS D 172 -24.57 -39.97 36.45
C LYS D 172 -23.64 -40.55 35.40
N GLU D 173 -24.07 -40.49 34.14
CA GLU D 173 -23.32 -41.08 33.04
C GLU D 173 -23.22 -40.08 31.89
N PRO D 174 -22.15 -40.15 31.10
CA PRO D 174 -22.02 -39.22 29.97
C PRO D 174 -23.10 -39.42 28.93
N VAL D 175 -23.50 -38.30 28.30
CA VAL D 175 -24.58 -38.35 27.32
C VAL D 175 -24.12 -39.04 26.04
N GLY D 176 -22.83 -38.94 25.71
CA GLY D 176 -22.29 -39.55 24.51
C GLY D 176 -21.53 -38.55 23.65
N VAL D 177 -21.51 -38.80 22.34
CA VAL D 177 -20.82 -37.90 21.43
C VAL D 177 -21.48 -36.52 21.48
N VAL D 178 -20.66 -35.48 21.58
CA VAL D 178 -21.13 -34.10 21.65
C VAL D 178 -20.72 -33.39 20.37
N ALA D 179 -21.61 -32.53 19.87
CA ALA D 179 -21.35 -31.70 18.69
C ALA D 179 -21.33 -30.25 19.13
N ALA D 180 -20.23 -29.56 18.87
CA ALA D 180 -20.04 -28.18 19.27
C ALA D 180 -19.86 -27.31 18.03
N ILE D 181 -20.62 -26.21 17.96
CA ILE D 181 -20.54 -25.25 16.87
C ILE D 181 -20.30 -23.89 17.50
N THR D 182 -19.13 -23.31 17.25
CA THR D 182 -18.65 -22.15 17.98
C THR D 182 -18.55 -20.91 17.08
N PRO D 183 -18.64 -19.71 17.67
CA PRO D 183 -18.57 -18.48 16.87
C PRO D 183 -17.15 -17.96 16.75
N TRP D 184 -17.02 -16.69 16.36
CA TRP D 184 -15.73 -16.06 16.11
C TRP D 184 -15.32 -15.03 17.15
N ASN D 185 -16.27 -14.54 17.96
CA ASN D 185 -15.95 -13.44 18.87
C ASN D 185 -14.98 -13.85 19.97
N PHE D 186 -15.06 -15.09 20.44
CA PHE D 186 -14.10 -15.65 21.39
C PHE D 186 -13.62 -16.98 20.83
N PRO D 187 -12.69 -16.95 19.86
CA PRO D 187 -12.39 -18.16 19.09
C PRO D 187 -11.67 -19.24 19.87
N ILE D 188 -11.21 -18.97 21.09
CA ILE D 188 -10.58 -19.99 21.93
C ILE D 188 -11.45 -20.32 23.14
N ALA D 189 -12.01 -19.32 23.81
CA ALA D 189 -12.78 -19.57 25.01
C ALA D 189 -14.04 -20.39 24.72
N MET D 190 -14.71 -20.10 23.61
CA MET D 190 -15.90 -20.87 23.26
C MET D 190 -15.57 -22.32 22.97
N ILE D 191 -14.33 -22.62 22.55
CA ILE D 191 -13.93 -24.00 22.34
C ILE D 191 -13.80 -24.72 23.67
N THR D 192 -13.00 -24.17 24.58
CA THR D 192 -12.77 -24.82 25.87
C THR D 192 -14.04 -24.86 26.71
N ARG D 193 -14.87 -23.81 26.64
CA ARG D 193 -16.10 -23.77 27.41
C ARG D 193 -17.04 -24.92 27.07
N LYS D 194 -16.84 -25.56 25.92
CA LYS D 194 -17.66 -26.70 25.51
C LYS D 194 -16.89 -28.01 25.50
N ALA D 195 -15.63 -28.00 25.06
CA ALA D 195 -14.85 -29.22 24.99
C ALA D 195 -14.41 -29.70 26.37
N ALA D 196 -14.03 -28.76 27.24
CA ALA D 196 -13.56 -29.14 28.57
C ALA D 196 -14.63 -29.87 29.37
N PRO D 197 -15.83 -29.31 29.57
CA PRO D 197 -16.85 -30.06 30.32
C PRO D 197 -17.26 -31.36 29.63
N ALA D 198 -17.33 -31.35 28.30
CA ALA D 198 -17.66 -32.58 27.57
C ALA D 198 -16.67 -33.67 27.88
N LEU D 199 -15.37 -33.39 27.72
CA LEU D 199 -14.35 -34.39 28.00
C LEU D 199 -14.35 -34.80 29.47
N ALA D 200 -14.42 -33.82 30.37
CA ALA D 200 -14.40 -34.14 31.79
C ALA D 200 -15.59 -35.03 32.18
N ALA D 201 -16.72 -34.88 31.47
CA ALA D 201 -17.88 -35.72 31.71
C ALA D 201 -17.71 -37.14 31.20
N GLY D 202 -16.64 -37.43 30.45
CA GLY D 202 -16.48 -38.70 29.80
C GLY D 202 -16.99 -38.75 28.38
N CYS D 203 -17.32 -37.60 27.79
CA CYS D 203 -17.81 -37.55 26.42
C CYS D 203 -16.67 -37.29 25.45
N THR D 204 -16.97 -37.47 24.17
CA THR D 204 -16.10 -37.07 23.08
C THR D 204 -16.83 -36.00 22.28
N VAL D 205 -16.06 -35.17 21.57
CA VAL D 205 -16.62 -33.98 20.93
C VAL D 205 -16.15 -33.88 19.49
N VAL D 206 -17.03 -33.31 18.66
CA VAL D 206 -16.70 -32.88 17.30
C VAL D 206 -17.03 -31.40 17.21
N ILE D 207 -16.09 -30.62 16.68
CA ILE D 207 -16.16 -29.16 16.73
C ILE D 207 -16.20 -28.61 15.32
N LYS D 208 -17.12 -27.67 15.08
CA LYS D 208 -17.16 -26.91 13.83
C LYS D 208 -16.93 -25.44 14.19
N PRO D 209 -15.73 -24.91 14.01
CA PRO D 209 -15.47 -23.51 14.38
C PRO D 209 -15.81 -22.54 13.25
N ALA D 210 -15.96 -21.28 13.63
CA ALA D 210 -16.28 -20.24 12.66
C ALA D 210 -15.17 -20.13 11.62
N ASN D 211 -15.56 -20.08 10.34
CA ASN D 211 -14.57 -19.99 9.28
C ASN D 211 -13.78 -18.69 9.33
N GLU D 212 -14.27 -17.69 10.07
CA GLU D 212 -13.52 -16.44 10.20
C GLU D 212 -12.33 -16.58 11.13
N THR D 213 -12.39 -17.49 12.10
CA THR D 213 -11.35 -17.67 13.10
C THR D 213 -11.14 -19.15 13.37
N PRO D 214 -10.67 -19.91 12.38
CA PRO D 214 -10.51 -21.35 12.57
C PRO D 214 -9.18 -21.73 13.21
N TYR D 215 -8.14 -20.94 12.96
CA TYR D 215 -6.81 -21.32 13.41
C TYR D 215 -6.71 -21.36 14.93
N CYS D 216 -7.53 -20.59 15.63
CA CYS D 216 -7.55 -20.68 17.09
C CYS D 216 -8.01 -22.06 17.54
N ALA D 217 -9.05 -22.60 16.88
CA ALA D 217 -9.54 -23.92 17.24
C ALA D 217 -8.53 -25.01 16.91
N LEU D 218 -7.92 -24.93 15.72
CA LEU D 218 -6.95 -25.94 15.33
C LEU D 218 -5.69 -25.87 16.19
N ALA D 219 -5.29 -24.68 16.62
CA ALA D 219 -4.14 -24.57 17.52
C ALA D 219 -4.44 -25.23 18.86
N ILE D 220 -5.65 -25.04 19.38
CA ILE D 220 -6.05 -25.73 20.60
C ILE D 220 -6.01 -27.24 20.39
N ALA D 221 -6.40 -27.70 19.20
CA ALA D 221 -6.36 -29.13 18.90
C ALA D 221 -4.92 -29.64 18.87
N LYS D 222 -4.01 -28.86 18.30
CA LYS D 222 -2.60 -29.25 18.31
C LYS D 222 -2.09 -29.43 19.74
N LEU D 223 -2.50 -28.55 20.64
CA LEU D 223 -2.09 -28.68 22.03
C LEU D 223 -2.76 -29.87 22.71
N ALA D 224 -4.00 -30.19 22.31
CA ALA D 224 -4.64 -31.40 22.81
C ALA D 224 -3.85 -32.64 22.38
N GLU D 225 -3.33 -32.63 21.16
CA GLU D 225 -2.50 -33.73 20.68
C GLU D 225 -1.26 -33.87 21.55
N LYS D 226 -0.57 -32.75 21.82
CA LYS D 226 0.62 -32.79 22.65
C LYS D 226 0.30 -33.23 24.07
N ALA D 227 -0.89 -32.89 24.57
CA ALA D 227 -1.29 -33.23 25.93
C ALA D 227 -1.61 -34.71 26.09
N GLY D 228 -1.61 -35.49 25.01
CA GLY D 228 -1.90 -36.90 25.09
C GLY D 228 -3.36 -37.27 24.99
N ILE D 229 -4.23 -36.33 24.64
CA ILE D 229 -5.66 -36.62 24.47
C ILE D 229 -5.79 -37.61 23.32
N PRO D 230 -6.35 -38.81 23.55
CA PRO D 230 -6.35 -39.85 22.50
C PRO D 230 -7.07 -39.40 21.24
N ALA D 231 -6.74 -40.09 20.14
CA ALA D 231 -7.35 -39.77 18.86
C ALA D 231 -8.85 -40.00 18.90
N GLY D 232 -9.60 -39.10 18.26
CA GLY D 232 -11.03 -39.18 18.19
C GLY D 232 -11.77 -38.51 19.34
N VAL D 233 -11.11 -38.32 20.48
CA VAL D 233 -11.79 -37.69 21.62
C VAL D 233 -12.15 -36.25 21.29
N ILE D 234 -11.33 -35.57 20.49
CA ILE D 234 -11.58 -34.19 20.09
C ILE D 234 -11.26 -34.07 18.60
N ASN D 235 -12.22 -33.53 17.85
CA ASN D 235 -12.08 -33.38 16.41
C ASN D 235 -12.55 -31.98 16.00
N VAL D 236 -11.90 -31.44 14.97
CA VAL D 236 -12.21 -30.11 14.45
C VAL D 236 -12.43 -30.24 12.95
N VAL D 237 -13.67 -29.96 12.51
CA VAL D 237 -14.05 -30.03 11.11
C VAL D 237 -14.31 -28.61 10.62
N THR D 238 -13.61 -28.21 9.57
CA THR D 238 -13.72 -26.87 9.01
C THR D 238 -14.38 -26.93 7.64
N GLY D 239 -15.02 -25.83 7.26
CA GLY D 239 -15.55 -25.70 5.92
C GLY D 239 -17.01 -25.29 5.83
N LYS D 240 -17.82 -26.10 5.16
CA LYS D 240 -19.20 -25.76 4.85
C LYS D 240 -20.06 -25.85 6.11
N SER D 241 -20.50 -24.70 6.62
CA SER D 241 -21.18 -24.67 7.91
C SER D 241 -22.48 -25.47 7.87
N GLN D 242 -23.33 -25.20 6.87
CA GLN D 242 -24.62 -25.86 6.82
C GLN D 242 -24.47 -27.37 6.61
N GLU D 243 -23.59 -27.78 5.70
CA GLU D 243 -23.39 -29.20 5.44
C GLU D 243 -22.91 -29.92 6.70
N ILE D 244 -21.88 -29.37 7.35
CA ILE D 244 -21.36 -29.98 8.57
C ILE D 244 -22.40 -29.93 9.68
N GLY D 245 -23.06 -28.78 9.85
CA GLY D 245 -24.05 -28.66 10.90
C GLY D 245 -25.22 -29.59 10.73
N SER D 246 -25.59 -29.89 9.47
CA SER D 246 -26.69 -30.81 9.22
C SER D 246 -26.35 -32.22 9.69
N VAL D 247 -25.09 -32.63 9.52
CA VAL D 247 -24.68 -33.94 10.00
C VAL D 247 -24.65 -33.97 11.52
N PHE D 248 -24.13 -32.90 12.13
CA PHE D 248 -24.04 -32.85 13.59
C PHE D 248 -25.42 -32.91 14.24
N THR D 249 -26.42 -32.29 13.61
CA THR D 249 -27.76 -32.19 14.17
C THR D 249 -28.69 -33.32 13.73
N SER D 250 -28.15 -34.34 13.06
CA SER D 250 -28.99 -35.44 12.58
C SER D 250 -28.36 -36.82 12.74
N HIS D 251 -27.04 -36.96 12.76
CA HIS D 251 -26.43 -38.27 12.90
C HIS D 251 -26.89 -38.92 14.21
N GLU D 252 -27.29 -40.18 14.10
CA GLU D 252 -27.90 -40.87 15.24
C GLU D 252 -26.99 -40.89 16.47
N LYS D 253 -25.68 -40.79 16.29
CA LYS D 253 -24.74 -40.95 17.39
C LYS D 253 -24.39 -39.64 18.09
N VAL D 254 -24.74 -38.49 17.51
CA VAL D 254 -24.59 -37.22 18.21
C VAL D 254 -25.77 -37.09 19.17
N LYS D 255 -25.48 -37.13 20.47
CA LYS D 255 -26.52 -37.12 21.48
C LYS D 255 -26.81 -35.75 22.06
N LYS D 256 -25.90 -34.80 21.90
CA LYS D 256 -26.08 -33.46 22.44
C LYS D 256 -25.45 -32.45 21.49
N LEU D 257 -26.15 -31.34 21.28
CA LEU D 257 -25.63 -30.21 20.54
C LEU D 257 -25.44 -29.03 21.48
N THR D 258 -24.28 -28.41 21.42
CA THR D 258 -24.01 -27.16 22.13
C THR D 258 -23.59 -26.12 21.09
N PHE D 259 -24.34 -25.03 21.01
CA PHE D 259 -24.14 -24.01 20.00
C PHE D 259 -24.15 -22.63 20.62
N THR D 260 -23.29 -21.75 20.13
CA THR D 260 -23.25 -20.35 20.53
C THR D 260 -23.20 -19.50 19.27
N GLY D 261 -24.19 -18.64 19.10
CA GLY D 261 -24.25 -17.79 17.91
C GLY D 261 -25.53 -16.99 17.86
N SER D 262 -25.99 -16.75 16.64
CA SER D 262 -27.19 -15.96 16.43
C SER D 262 -28.44 -16.76 16.75
N THR D 263 -29.47 -16.06 17.21
CA THR D 263 -30.73 -16.73 17.52
C THR D 263 -31.35 -17.38 16.30
N PRO D 264 -31.40 -16.76 15.12
CA PRO D 264 -31.99 -17.45 13.96
C PRO D 264 -31.30 -18.77 13.65
N VAL D 265 -29.97 -18.82 13.72
CA VAL D 265 -29.28 -20.08 13.53
C VAL D 265 -29.63 -21.07 14.63
N GLY D 266 -29.74 -20.58 15.87
CA GLY D 266 -30.14 -21.46 16.96
C GLY D 266 -31.51 -22.09 16.74
N ARG D 267 -32.47 -21.30 16.25
CA ARG D 267 -33.79 -21.85 15.95
C ARG D 267 -33.69 -22.97 14.94
N LEU D 268 -32.85 -22.82 13.91
CA LEU D 268 -32.72 -23.84 12.89
C LEU D 268 -32.05 -25.09 13.45
N LEU D 269 -30.96 -24.92 14.19
CA LEU D 269 -30.26 -26.08 14.74
C LEU D 269 -31.15 -26.87 15.68
N MET D 270 -31.88 -26.18 16.56
CA MET D 270 -32.82 -26.86 17.44
C MET D 270 -33.87 -27.62 16.63
N GLN D 271 -34.35 -27.01 15.54
CA GLN D 271 -35.35 -27.65 14.70
C GLN D 271 -34.80 -28.92 14.06
N GLN D 272 -33.56 -28.87 13.59
CA GLN D 272 -32.96 -30.06 12.99
C GLN D 272 -32.70 -31.14 14.03
N CYS D 273 -32.40 -30.75 15.27
CA CYS D 273 -32.19 -31.72 16.33
C CYS D 273 -33.48 -32.42 16.77
N SER D 274 -34.64 -31.96 16.29
CA SER D 274 -35.90 -32.49 16.79
C SER D 274 -36.13 -33.94 16.36
N SER D 275 -35.64 -34.33 15.18
CA SER D 275 -35.94 -35.66 14.66
C SER D 275 -35.38 -36.75 15.55
N THR D 276 -34.29 -36.48 16.27
CA THR D 276 -33.67 -37.47 17.15
C THR D 276 -33.68 -37.06 18.61
N ILE D 277 -34.40 -36.00 18.97
CA ILE D 277 -34.56 -35.58 20.36
C ILE D 277 -33.20 -35.41 21.03
N LYS D 278 -32.31 -34.66 20.38
CA LYS D 278 -30.98 -34.44 20.93
C LYS D 278 -31.05 -33.45 22.08
N LYS D 279 -30.22 -33.68 23.10
CA LYS D 279 -30.06 -32.71 24.17
C LYS D 279 -29.46 -31.43 23.62
N LEU D 280 -29.83 -30.30 24.23
CA LEU D 280 -29.52 -29.00 23.67
C LEU D 280 -28.85 -28.09 24.70
N ALA D 281 -27.85 -27.35 24.23
CA ALA D 281 -27.26 -26.25 24.97
C ALA D 281 -27.11 -25.10 23.99
N LEU D 282 -27.75 -23.97 24.29
CA LEU D 282 -27.77 -22.84 23.37
C LEU D 282 -27.45 -21.56 24.12
N GLU D 283 -26.55 -20.76 23.57
CA GLU D 283 -26.24 -19.43 24.07
C GLU D 283 -26.36 -18.50 22.87
N LEU D 284 -27.51 -17.83 22.75
CA LEU D 284 -27.86 -17.10 21.54
C LEU D 284 -27.71 -15.59 21.75
N GLY D 285 -28.59 -14.81 21.11
CA GLY D 285 -28.46 -13.36 21.17
C GLY D 285 -28.68 -12.81 22.56
N GLY D 286 -28.32 -11.53 22.71
CA GLY D 286 -28.46 -10.85 23.98
C GLY D 286 -28.46 -9.34 23.85
N ASN D 287 -29.64 -8.73 23.97
CA ASN D 287 -29.78 -7.28 23.85
C ASN D 287 -29.60 -6.64 25.23
N ALA D 288 -28.38 -6.77 25.74
CA ALA D 288 -28.09 -6.47 27.14
C ALA D 288 -28.40 -5.01 27.48
N PRO D 289 -29.30 -4.76 28.44
CA PRO D 289 -29.49 -3.39 28.93
C PRO D 289 -28.59 -3.09 30.13
N LEU D 290 -28.16 -1.83 30.20
CA LEU D 290 -27.40 -1.31 31.34
C LEU D 290 -28.15 -0.09 31.86
N ILE D 291 -28.55 -0.15 33.13
CA ILE D 291 -29.42 0.86 33.74
C ILE D 291 -28.61 1.58 34.80
N VAL D 292 -28.50 2.91 34.67
CA VAL D 292 -27.80 3.75 35.63
C VAL D 292 -28.83 4.68 36.26
N PHE D 293 -29.19 4.41 37.51
CA PHE D 293 -30.13 5.27 38.22
C PHE D 293 -29.41 6.51 38.76
N ASP D 294 -30.19 7.51 39.15
CA ASP D 294 -29.62 8.77 39.58
C ASP D 294 -28.92 8.67 40.93
N ASP D 295 -29.19 7.62 41.70
CA ASP D 295 -28.52 7.39 42.97
C ASP D 295 -27.31 6.47 42.84
N ALA D 296 -26.73 6.38 41.64
CA ALA D 296 -25.60 5.50 41.41
C ALA D 296 -24.28 6.23 41.61
N ASP D 297 -23.23 5.46 41.83
CA ASP D 297 -21.86 5.97 41.82
C ASP D 297 -21.51 6.31 40.38
N LEU D 298 -21.63 7.60 40.03
CA LEU D 298 -21.54 8.00 38.62
C LEU D 298 -20.25 7.50 37.99
N ASP D 299 -19.10 7.78 38.61
CA ASP D 299 -17.83 7.38 38.02
C ASP D 299 -17.73 5.87 37.90
N LYS D 300 -18.20 5.13 38.89
CA LYS D 300 -18.18 3.68 38.82
C LYS D 300 -19.04 3.18 37.68
N ALA D 301 -20.20 3.81 37.46
CA ALA D 301 -21.09 3.39 36.39
C ALA D 301 -20.50 3.71 35.02
N VAL D 302 -19.75 4.81 34.90
CA VAL D 302 -19.15 5.16 33.62
C VAL D 302 -18.07 4.15 33.24
N GLN D 303 -17.13 3.90 34.16
CA GLN D 303 -16.06 2.93 33.87
C GLN D 303 -16.62 1.54 33.62
N GLY D 304 -17.69 1.16 34.33
CA GLY D 304 -18.31 -0.12 34.09
C GLY D 304 -19.03 -0.18 32.75
N ALA D 305 -19.72 0.91 32.39
CA ALA D 305 -20.37 0.96 31.08
C ALA D 305 -19.35 0.95 29.95
N ILE D 306 -18.23 1.66 30.14
CA ILE D 306 -17.16 1.65 29.13
C ILE D 306 -16.68 0.23 28.91
N PHE D 307 -16.45 -0.51 30.00
CA PHE D 307 -15.96 -1.88 29.88
C PHE D 307 -17.01 -2.79 29.24
N ALA D 308 -18.27 -2.65 29.65
CA ALA D 308 -19.31 -3.53 29.14
C ALA D 308 -19.60 -3.29 27.66
N LYS D 309 -19.34 -2.08 27.17
CA LYS D 309 -19.69 -1.71 25.81
C LYS D 309 -18.58 -2.01 24.81
N PHE D 310 -17.35 -1.64 25.13
CA PHE D 310 -16.28 -1.60 24.14
C PHE D 310 -15.29 -2.76 24.25
N ARG D 311 -15.53 -3.73 25.14
CA ARG D 311 -14.70 -4.92 25.18
C ARG D 311 -14.88 -5.71 23.89
N ASN D 312 -13.77 -6.02 23.22
CA ASN D 312 -13.80 -6.71 21.93
C ASN D 312 -14.49 -5.85 20.86
N ALA D 313 -14.33 -4.53 20.97
CA ALA D 313 -14.95 -3.59 20.05
C ALA D 313 -16.47 -3.72 20.03
N GLY D 314 -17.05 -4.17 21.15
CA GLY D 314 -18.47 -4.33 21.26
C GLY D 314 -19.03 -5.60 20.66
N GLN D 315 -18.17 -6.54 20.27
CA GLN D 315 -18.60 -7.78 19.60
C GLN D 315 -18.65 -8.94 20.60
N THR D 316 -19.51 -8.79 21.60
CA THR D 316 -19.72 -9.83 22.60
C THR D 316 -21.21 -10.01 22.83
N CYS D 317 -21.59 -11.25 23.15
CA CYS D 317 -22.99 -11.55 23.39
C CYS D 317 -23.54 -10.83 24.62
N VAL D 318 -22.67 -10.50 25.58
CA VAL D 318 -23.09 -9.85 26.82
C VAL D 318 -22.73 -8.36 26.83
N CYS D 319 -22.33 -7.80 25.69
CA CYS D 319 -22.00 -6.38 25.63
C CYS D 319 -23.23 -5.54 25.83
N ALA D 320 -23.07 -4.41 26.54
CA ALA D 320 -24.16 -3.47 26.74
C ALA D 320 -24.65 -2.91 25.42
N ASN D 321 -25.79 -3.41 24.94
CA ASN D 321 -26.37 -2.89 23.70
C ASN D 321 -27.23 -1.65 23.95
N ARG D 322 -27.81 -1.53 25.14
CA ARG D 322 -28.62 -0.38 25.52
C ARG D 322 -28.12 0.14 26.86
N ILE D 323 -27.91 1.45 26.94
CA ILE D 323 -27.41 2.09 28.15
C ILE D 323 -28.47 3.11 28.58
N TYR D 324 -29.25 2.75 29.60
CA TYR D 324 -30.27 3.63 30.14
C TYR D 324 -29.69 4.49 31.26
N VAL D 325 -29.87 5.80 31.16
CA VAL D 325 -29.31 6.74 32.12
C VAL D 325 -30.43 7.67 32.59
N HIS D 326 -30.58 7.79 33.91
CA HIS D 326 -31.65 8.61 34.46
C HIS D 326 -31.50 10.06 34.00
N ASP D 327 -32.64 10.77 34.01
CA ASP D 327 -32.66 12.14 33.50
C ASP D 327 -31.78 13.08 34.33
N ASN D 328 -31.71 12.85 35.65
CA ASN D 328 -31.01 13.77 36.53
C ASN D 328 -29.50 13.70 36.38
N ILE D 329 -28.97 12.65 35.76
CA ILE D 329 -27.52 12.50 35.61
C ILE D 329 -27.15 12.26 34.16
N TYR D 330 -28.13 12.39 33.25
CA TYR D 330 -27.89 12.08 31.85
C TYR D 330 -26.79 12.95 31.26
N GLN D 331 -26.88 14.26 31.48
CA GLN D 331 -25.89 15.17 30.92
C GLN D 331 -24.51 14.89 31.49
N ALA D 332 -24.42 14.72 32.81
CA ALA D 332 -23.13 14.45 33.44
C ALA D 332 -22.57 13.11 32.98
N PHE D 333 -23.38 12.06 33.03
CA PHE D 333 -22.91 10.75 32.59
C PHE D 333 -22.38 10.79 31.17
N ALA D 334 -23.14 11.43 30.26
CA ALA D 334 -22.72 11.50 28.87
C ALA D 334 -21.36 12.15 28.72
N GLU D 335 -21.20 13.36 29.27
CA GLU D 335 -19.93 14.07 29.15
C GLU D 335 -18.75 13.21 29.59
N LYS D 336 -18.86 12.55 30.74
CA LYS D 336 -17.78 11.67 31.18
C LYS D 336 -17.63 10.48 30.25
N PHE D 337 -18.75 9.92 29.79
CA PHE D 337 -18.68 8.75 28.92
C PHE D 337 -17.98 9.08 27.60
N VAL D 338 -18.28 10.25 27.02
CA VAL D 338 -17.64 10.60 25.76
C VAL D 338 -16.18 10.94 25.98
N GLN D 339 -15.83 11.45 27.16
CA GLN D 339 -14.43 11.73 27.48
C GLN D 339 -13.60 10.46 27.40
N GLU D 340 -14.10 9.37 27.99
CA GLU D 340 -13.36 8.12 27.98
C GLU D 340 -13.27 7.54 26.58
N VAL D 341 -14.35 7.60 25.81
CA VAL D 341 -14.37 7.02 24.47
C VAL D 341 -13.33 7.70 23.59
N GLN D 342 -13.15 9.02 23.76
CA GLN D 342 -12.21 9.76 22.93
C GLN D 342 -10.75 9.47 23.26
N LYS D 343 -10.48 8.79 24.37
CA LYS D 343 -9.13 8.36 24.68
C LYS D 343 -8.75 7.05 23.98
N PHE D 344 -9.72 6.36 23.39
CA PHE D 344 -9.44 5.07 22.76
C PHE D 344 -8.43 5.21 21.64
N LYS D 345 -7.51 4.25 21.57
CA LYS D 345 -6.57 4.15 20.47
C LYS D 345 -7.03 3.05 19.53
N VAL D 346 -7.32 3.41 18.29
CA VAL D 346 -7.85 2.49 17.29
C VAL D 346 -6.74 2.12 16.33
N GLY D 347 -6.60 0.83 16.03
CA GLY D 347 -5.59 0.40 15.10
C GLY D 347 -5.43 -1.11 15.14
N ASN D 348 -4.32 -1.55 14.54
CA ASN D 348 -4.01 -2.98 14.48
C ASN D 348 -3.83 -3.54 15.88
N GLY D 349 -4.35 -4.76 16.09
CA GLY D 349 -4.29 -5.39 17.41
C GLY D 349 -2.89 -5.70 17.87
N LEU D 350 -1.90 -5.70 16.96
CA LEU D 350 -0.52 -5.97 17.32
C LEU D 350 0.25 -4.73 17.75
N GLU D 351 -0.30 -3.55 17.54
CA GLU D 351 0.37 -2.31 17.90
C GLU D 351 0.21 -2.01 19.39
N ASP D 352 1.21 -1.35 19.95
CA ASP D 352 1.21 -1.05 21.38
C ASP D 352 0.07 -0.11 21.74
N GLY D 353 -0.56 -0.36 22.88
CA GLY D 353 -1.59 0.53 23.41
C GLY D 353 -2.90 0.51 22.67
N VAL D 354 -3.03 -0.29 21.62
CA VAL D 354 -4.30 -0.35 20.88
C VAL D 354 -5.37 -0.96 21.77
N GLN D 355 -6.57 -0.36 21.72
CA GLN D 355 -7.68 -0.80 22.54
C GLN D 355 -8.92 -1.18 21.74
N ILE D 356 -9.08 -0.65 20.53
CA ILE D 356 -10.23 -0.95 19.67
C ILE D 356 -9.68 -1.48 18.35
N GLY D 357 -10.01 -2.72 18.02
CA GLY D 357 -9.62 -3.32 16.77
C GLY D 357 -10.70 -3.17 15.72
N PRO D 358 -10.52 -3.81 14.57
CA PRO D 358 -11.53 -3.74 13.52
C PRO D 358 -12.67 -4.72 13.77
N LEU D 359 -13.80 -4.43 13.11
CA LEU D 359 -14.91 -5.37 13.13
C LEU D 359 -14.57 -6.61 12.31
N ILE D 360 -15.34 -7.68 12.53
CA ILE D 360 -14.96 -8.97 11.98
C ILE D 360 -15.08 -8.99 10.47
N ASN D 361 -16.03 -8.24 9.90
CA ASN D 361 -16.22 -8.23 8.46
C ASN D 361 -16.98 -6.98 8.06
N GLU D 362 -17.25 -6.86 6.76
CA GLU D 362 -17.91 -5.67 6.23
C GLU D 362 -19.38 -5.62 6.61
N LYS D 363 -20.05 -6.78 6.69
CA LYS D 363 -21.46 -6.80 7.04
C LYS D 363 -21.69 -6.09 8.37
N ALA D 364 -20.78 -6.28 9.33
CA ALA D 364 -20.93 -5.65 10.63
C ALA D 364 -20.83 -4.13 10.53
N VAL D 365 -19.95 -3.64 9.65
CA VAL D 365 -19.84 -2.19 9.44
C VAL D 365 -21.13 -1.64 8.86
N LEU D 366 -21.71 -2.33 7.89
CA LEU D 366 -22.95 -1.88 7.28
C LEU D 366 -24.09 -1.88 8.28
N LYS D 367 -24.21 -2.96 9.07
CA LYS D 367 -25.27 -3.04 10.07
C LYS D 367 -25.12 -1.91 11.09
N ALA D 368 -23.88 -1.61 11.51
CA ALA D 368 -23.67 -0.54 12.48
C ALA D 368 -24.05 0.81 11.90
N GLN D 369 -23.69 1.05 10.63
CA GLN D 369 -24.04 2.32 10.00
C GLN D 369 -25.55 2.45 9.84
N GLN D 370 -26.22 1.35 9.48
CA GLN D 370 -27.67 1.38 9.33
C GLN D 370 -28.34 1.79 10.63
N LEU D 371 -27.98 1.14 11.73
CA LEU D 371 -28.63 1.43 13.00
C LEU D 371 -28.34 2.85 13.48
N ILE D 372 -27.16 3.39 13.17
CA ILE D 372 -26.86 4.77 13.51
C ILE D 372 -27.67 5.72 12.64
N ASP D 373 -27.77 5.43 11.34
CA ASP D 373 -28.56 6.28 10.46
C ASP D 373 -30.00 6.35 10.91
N ASP D 374 -30.59 5.21 11.27
CA ASP D 374 -31.98 5.20 11.70
C ASP D 374 -32.17 6.04 12.96
N ALA D 375 -31.25 5.91 13.92
CA ALA D 375 -31.34 6.69 15.14
C ALA D 375 -31.27 8.18 14.83
N VAL D 376 -30.32 8.58 13.98
CA VAL D 376 -30.17 9.99 13.63
C VAL D 376 -31.43 10.50 12.95
N SER D 377 -32.03 9.68 12.08
CA SER D 377 -33.24 10.09 11.37
C SER D 377 -34.44 10.22 12.31
N LYS D 378 -34.31 9.81 13.58
CA LYS D 378 -35.40 9.92 14.54
C LYS D 378 -35.03 10.81 15.72
N GLY D 379 -34.01 11.66 15.57
CA GLY D 379 -33.69 12.68 16.54
C GLY D 379 -32.44 12.42 17.36
N ALA D 380 -31.80 11.26 17.21
CA ALA D 380 -30.61 10.97 17.99
C ALA D 380 -29.46 11.86 17.55
N LYS D 381 -28.65 12.28 18.52
CA LYS D 381 -27.46 13.09 18.26
C LYS D 381 -26.22 12.21 18.34
N ILE D 382 -25.26 12.48 17.47
CA ILE D 382 -23.97 11.80 17.48
C ILE D 382 -23.01 12.63 18.33
N ALA D 383 -22.69 12.13 19.52
CA ALA D 383 -21.74 12.81 20.39
C ALA D 383 -20.30 12.61 19.94
N CYS D 384 -20.03 11.53 19.21
CA CYS D 384 -18.70 11.29 18.63
C CYS D 384 -18.81 10.06 17.74
N GLY D 385 -17.90 9.98 16.77
CA GLY D 385 -17.90 8.84 15.87
C GLY D 385 -19.04 8.92 14.88
N GLY D 386 -19.59 7.76 14.54
CA GLY D 386 -20.73 7.67 13.65
C GLY D 386 -20.41 7.32 12.22
N LYS D 387 -19.16 6.98 11.90
CA LYS D 387 -18.78 6.64 10.54
C LYS D 387 -17.60 5.67 10.58
N GLN D 388 -17.23 5.16 9.41
CA GLN D 388 -16.06 4.31 9.30
C GLN D 388 -14.81 5.08 9.72
N HIS D 389 -13.83 4.36 10.24
CA HIS D 389 -12.59 4.98 10.70
C HIS D 389 -11.68 5.27 9.51
N ALA D 390 -10.76 6.21 9.72
CA ALA D 390 -9.84 6.59 8.65
C ALA D 390 -8.99 5.43 8.19
N LEU D 391 -8.73 4.46 9.07
CA LEU D 391 -7.92 3.31 8.71
C LEU D 391 -8.58 2.41 7.68
N GLY D 392 -9.85 2.64 7.35
CA GLY D 392 -10.51 1.83 6.34
C GLY D 392 -10.75 0.42 6.82
N GLN D 393 -10.74 -0.52 5.87
CA GLN D 393 -10.95 -1.94 6.15
C GLN D 393 -12.29 -2.06 6.88
N THR D 394 -12.36 -2.79 7.99
CA THR D 394 -13.58 -2.89 8.79
C THR D 394 -13.48 -2.12 10.10
N PHE D 395 -12.61 -1.11 10.15
CA PHE D 395 -12.49 -0.28 11.34
C PHE D 395 -13.66 0.69 11.42
N TYR D 396 -14.30 0.74 12.58
CA TYR D 396 -15.40 1.67 12.83
C TYR D 396 -15.05 2.58 14.00
N GLU D 397 -15.40 3.85 13.88
CA GLU D 397 -15.08 4.81 14.93
C GLU D 397 -15.88 4.51 16.20
N PRO D 398 -15.24 4.47 17.37
CA PRO D 398 -16.01 4.37 18.62
C PRO D 398 -16.99 5.52 18.72
N SER D 399 -18.28 5.20 18.80
CA SER D 399 -19.34 6.19 18.68
C SER D 399 -20.21 6.22 19.93
N VAL D 400 -20.85 7.37 20.14
CA VAL D 400 -21.78 7.57 21.24
C VAL D 400 -22.97 8.34 20.71
N LEU D 401 -24.17 7.81 20.92
CA LEU D 401 -25.40 8.46 20.50
C LEU D 401 -26.18 8.90 21.73
N THR D 402 -26.66 10.15 21.70
CA THR D 402 -27.53 10.67 22.75
C THR D 402 -28.91 10.93 22.17
N ASN D 403 -29.89 11.07 23.07
CA ASN D 403 -31.28 11.32 22.69
C ASN D 403 -31.89 10.11 21.99
N VAL D 404 -31.50 8.92 22.42
CA VAL D 404 -32.03 7.68 21.88
C VAL D 404 -33.32 7.32 22.62
N ASP D 405 -34.27 6.70 21.91
CA ASP D 405 -35.52 6.29 22.51
C ASP D 405 -35.94 4.94 21.93
N ARG D 406 -37.05 4.42 22.44
CA ARG D 406 -37.45 3.04 22.15
C ARG D 406 -37.92 2.85 20.71
N THR D 407 -38.30 3.92 20.01
CA THR D 407 -38.77 3.79 18.64
C THR D 407 -37.65 3.54 17.63
N MET D 408 -36.39 3.57 18.07
CA MET D 408 -35.26 3.43 17.17
C MET D 408 -34.86 1.97 17.02
N GLU D 409 -34.35 1.63 15.84
CA GLU D 409 -33.99 0.24 15.57
C GLU D 409 -32.82 -0.23 16.43
N ILE D 410 -31.90 0.66 16.78
CA ILE D 410 -30.74 0.29 17.57
C ILE D 410 -31.14 -0.28 18.92
N VAL D 411 -32.33 0.07 19.42
CA VAL D 411 -32.79 -0.46 20.70
C VAL D 411 -33.36 -1.86 20.57
N GLN D 412 -33.74 -2.28 19.37
CA GLN D 412 -34.34 -3.59 19.15
C GLN D 412 -33.41 -4.57 18.46
N GLU D 413 -32.26 -4.12 17.97
CA GLU D 413 -31.33 -4.95 17.22
C GLU D 413 -29.94 -4.90 17.85
N GLU D 414 -29.26 -6.04 17.86
CA GLU D 414 -27.87 -6.09 18.30
C GLU D 414 -26.98 -5.39 17.28
N ILE D 415 -26.16 -4.46 17.76
CA ILE D 415 -25.29 -3.73 16.85
C ILE D 415 -23.92 -4.40 16.71
N PHE D 416 -23.47 -5.12 17.73
CA PHE D 416 -22.19 -5.82 17.71
C PHE D 416 -21.08 -4.92 17.16
N GLY D 417 -20.98 -3.72 17.73
CA GLY D 417 -19.98 -2.76 17.34
C GLY D 417 -19.73 -1.75 18.43
N PRO D 418 -18.70 -0.91 18.25
CA PRO D 418 -18.36 0.10 19.28
C PRO D 418 -19.25 1.33 19.20
N VAL D 419 -20.54 1.12 19.48
CA VAL D 419 -21.55 2.17 19.41
C VAL D 419 -22.38 2.10 20.69
N ALA D 420 -22.38 3.21 21.45
CA ALA D 420 -23.05 3.27 22.75
C ALA D 420 -24.29 4.15 22.66
N PRO D 421 -25.49 3.58 22.60
CA PRO D 421 -26.69 4.42 22.62
C PRO D 421 -27.13 4.75 24.04
N LEU D 422 -27.12 6.04 24.38
CA LEU D 422 -27.53 6.50 25.70
C LEU D 422 -29.01 6.86 25.67
N ILE D 423 -29.81 6.17 26.49
CA ILE D 423 -31.26 6.27 26.46
C ILE D 423 -31.72 6.93 27.75
N ARG D 424 -32.47 8.02 27.62
CA ARG D 424 -32.97 8.74 28.78
C ARG D 424 -34.19 8.05 29.37
N PHE D 425 -34.31 8.10 30.70
CA PHE D 425 -35.48 7.57 31.38
C PHE D 425 -35.67 8.33 32.69
N THR D 426 -36.84 8.12 33.30
CA THR D 426 -37.18 8.79 34.55
C THR D 426 -37.78 7.81 35.55
N ASP D 427 -38.85 7.11 35.15
CA ASP D 427 -39.56 6.21 36.04
C ASP D 427 -38.88 4.86 36.11
N GLU D 428 -38.89 4.25 37.30
CA GLU D 428 -38.26 2.95 37.49
C GLU D 428 -39.05 1.86 36.80
N ALA D 429 -40.37 1.85 36.98
CA ALA D 429 -41.19 0.82 36.34
C ALA D 429 -41.06 0.87 34.82
N ASP D 430 -40.85 2.05 34.26
CA ASP D 430 -40.77 2.18 32.81
C ASP D 430 -39.46 1.61 32.27
N VAL D 431 -38.35 1.93 32.93
CA VAL D 431 -37.06 1.46 32.42
C VAL D 431 -36.94 -0.05 32.57
N VAL D 432 -37.56 -0.62 33.60
CA VAL D 432 -37.57 -2.08 33.74
C VAL D 432 -38.39 -2.71 32.63
N ALA D 433 -39.56 -2.14 32.32
CA ALA D 433 -40.37 -2.66 31.24
C ALA D 433 -39.63 -2.56 29.90
N GLN D 434 -38.93 -1.44 29.69
CA GLN D 434 -38.14 -1.30 28.47
C GLN D 434 -37.01 -2.32 28.41
N ALA D 435 -36.35 -2.55 29.55
CA ALA D 435 -35.26 -3.53 29.58
C ALA D 435 -35.76 -4.92 29.22
N ASN D 436 -36.97 -5.26 29.67
CA ASN D 436 -37.53 -6.60 29.44
C ASN D 436 -38.30 -6.71 28.13
N ASP D 437 -38.48 -5.61 27.40
CA ASP D 437 -39.27 -5.62 26.15
C ASP D 437 -38.42 -6.18 25.00
N THR D 438 -38.01 -7.43 25.16
CA THR D 438 -37.13 -8.10 24.20
C THR D 438 -37.36 -9.59 24.30
N ILE D 439 -37.07 -10.30 23.20
CA ILE D 439 -37.13 -11.75 23.23
C ILE D 439 -35.94 -12.34 23.97
N PHE D 440 -34.88 -11.56 24.19
CA PHE D 440 -33.66 -12.07 24.79
C PHE D 440 -33.68 -11.91 26.30
N GLY D 441 -32.75 -12.60 26.96
CA GLY D 441 -32.61 -12.53 28.39
C GLY D 441 -31.28 -13.11 28.83
N LEU D 442 -30.18 -12.57 28.29
CA LEU D 442 -28.86 -13.10 28.59
C LEU D 442 -28.23 -12.36 29.77
N ALA D 443 -27.72 -11.15 29.54
CA ALA D 443 -27.04 -10.39 30.57
C ALA D 443 -27.65 -9.00 30.69
N ALA D 444 -27.73 -8.50 31.92
CA ALA D 444 -28.19 -7.16 32.22
C ALA D 444 -27.33 -6.58 33.33
N TYR D 445 -27.34 -5.26 33.44
CA TYR D 445 -26.49 -4.54 34.39
C TYR D 445 -27.28 -3.42 35.04
N VAL D 446 -27.10 -3.26 36.35
CA VAL D 446 -27.80 -2.25 37.14
C VAL D 446 -26.79 -1.55 38.04
N TYR D 447 -26.85 -0.22 38.08
CA TYR D 447 -25.99 0.59 38.93
C TYR D 447 -26.86 1.45 39.83
N SER D 448 -26.73 1.26 41.14
CA SER D 448 -27.51 2.00 42.12
C SER D 448 -26.95 1.72 43.50
N GLU D 449 -26.83 2.77 44.32
CA GLU D 449 -26.36 2.63 45.69
C GLU D 449 -27.49 2.40 46.67
N ASN D 450 -28.72 2.27 46.20
CA ASN D 450 -29.87 1.96 47.05
C ASN D 450 -30.06 0.45 47.08
N ILE D 451 -29.98 -0.12 48.28
CA ILE D 451 -30.03 -1.58 48.40
C ILE D 451 -31.36 -2.11 47.90
N SER D 452 -32.46 -1.48 48.32
CA SER D 452 -33.79 -1.95 47.92
C SER D 452 -33.96 -1.91 46.42
N ARG D 453 -33.62 -0.78 45.80
CA ARG D 453 -33.76 -0.64 44.35
C ARG D 453 -32.87 -1.63 43.62
N LEU D 454 -31.62 -1.79 44.07
CA LEU D 454 -30.70 -2.69 43.39
C LEU D 454 -31.23 -4.12 43.37
N TRP D 455 -31.78 -4.58 44.50
CA TRP D 455 -32.32 -5.94 44.55
C TRP D 455 -33.67 -6.00 43.83
N ARG D 456 -34.52 -5.01 44.04
CA ARG D 456 -35.82 -5.00 43.38
C ARG D 456 -35.67 -5.08 41.87
N VAL D 457 -34.78 -4.26 41.30
CA VAL D 457 -34.63 -4.22 39.86
C VAL D 457 -33.98 -5.50 39.35
N SER D 458 -32.95 -5.99 40.04
CA SER D 458 -32.27 -7.19 39.58
C SER D 458 -33.21 -8.39 39.57
N GLU D 459 -34.12 -8.46 40.54
CA GLU D 459 -35.06 -9.58 40.58
C GLU D 459 -36.13 -9.44 39.50
N GLN D 460 -36.42 -8.21 39.07
CA GLN D 460 -37.45 -7.99 38.05
C GLN D 460 -36.91 -8.14 36.63
N LEU D 461 -35.60 -8.10 36.45
CA LEU D 461 -35.00 -8.24 35.12
C LEU D 461 -35.02 -9.71 34.72
N GLU D 462 -35.71 -10.01 33.62
CA GLU D 462 -35.83 -11.38 33.12
C GLU D 462 -34.57 -11.73 32.32
N TYR D 463 -33.48 -11.92 33.06
CA TYR D 463 -32.20 -12.27 32.47
C TYR D 463 -31.57 -13.38 33.31
N GLY D 464 -30.64 -14.10 32.69
CA GLY D 464 -29.91 -15.14 33.41
C GLY D 464 -28.71 -14.64 34.17
N MET D 465 -28.26 -13.43 33.89
CA MET D 465 -27.08 -12.84 34.51
C MET D 465 -27.31 -11.37 34.70
N VAL D 466 -27.08 -10.87 35.92
CA VAL D 466 -27.30 -9.47 36.26
C VAL D 466 -26.07 -8.97 37.02
N GLY D 467 -25.38 -7.99 36.44
CA GLY D 467 -24.33 -7.31 37.15
C GLY D 467 -24.90 -6.21 38.01
N MET D 468 -24.61 -6.24 39.31
CA MET D 468 -25.14 -5.30 40.28
C MET D 468 -23.98 -4.42 40.77
N ASN D 469 -23.91 -3.21 40.21
CA ASN D 469 -22.77 -2.32 40.43
C ASN D 469 -21.48 -3.00 39.98
N ALA D 470 -21.54 -3.71 38.85
CA ALA D 470 -20.39 -4.41 38.29
C ALA D 470 -20.75 -4.89 36.89
N THR D 471 -19.75 -4.92 36.02
CA THR D 471 -19.91 -5.41 34.65
C THR D 471 -18.95 -6.52 34.28
N ALA D 472 -17.85 -6.70 35.01
CA ALA D 472 -16.91 -7.79 34.72
C ALA D 472 -17.42 -9.09 35.35
N ILE D 473 -18.46 -9.64 34.71
CA ILE D 473 -19.15 -10.80 35.27
C ILE D 473 -18.60 -12.14 34.76
N SER D 474 -17.68 -12.12 33.80
CA SER D 474 -17.22 -13.34 33.15
C SER D 474 -16.10 -14.00 33.95
N ASN D 475 -16.30 -15.27 34.28
CA ASN D 475 -15.28 -16.12 34.87
C ASN D 475 -15.81 -17.56 34.82
N GLU D 476 -14.96 -18.50 35.19
CA GLU D 476 -15.25 -19.92 34.94
C GLU D 476 -16.05 -20.58 36.06
N VAL D 477 -16.25 -19.93 37.19
CA VAL D 477 -16.94 -20.56 38.32
C VAL D 477 -18.39 -20.15 38.43
N VAL D 478 -18.86 -19.21 37.61
CA VAL D 478 -20.23 -18.70 37.68
C VAL D 478 -21.03 -19.26 36.51
N PRO D 479 -22.34 -19.53 36.70
CA PRO D 479 -23.14 -20.14 35.63
C PRO D 479 -23.49 -19.15 34.54
N PHE D 480 -22.92 -19.35 33.36
CA PHE D 480 -23.05 -18.41 32.24
C PHE D 480 -24.12 -18.91 31.28
N GLY D 481 -25.14 -18.08 31.05
CA GLY D 481 -26.21 -18.43 30.15
C GLY D 481 -27.35 -17.44 30.28
N GLY D 482 -28.40 -17.72 29.50
CA GLY D 482 -29.54 -16.82 29.42
C GLY D 482 -30.86 -17.55 29.56
N VAL D 483 -31.93 -16.77 29.54
CA VAL D 483 -33.29 -17.29 29.59
C VAL D 483 -34.03 -16.81 28.34
N LYS D 484 -35.30 -17.16 28.22
CA LYS D 484 -36.10 -16.80 27.05
C LYS D 484 -35.38 -17.26 25.78
N GLN D 485 -35.35 -16.41 24.75
CA GLN D 485 -34.74 -16.79 23.48
C GLN D 485 -33.22 -16.58 23.47
N SER D 486 -32.62 -16.27 24.62
CA SER D 486 -31.16 -16.22 24.70
C SER D 486 -30.54 -17.61 24.83
N GLY D 487 -31.35 -18.65 25.01
CA GLY D 487 -30.88 -20.01 24.95
C GLY D 487 -31.24 -20.79 26.20
N VAL D 488 -30.62 -21.96 26.33
CA VAL D 488 -30.88 -22.87 27.44
C VAL D 488 -29.56 -23.45 27.90
N GLY D 489 -29.48 -23.79 29.18
CA GLY D 489 -28.29 -24.37 29.76
C GLY D 489 -27.32 -23.32 30.27
N ARG D 490 -26.27 -23.82 30.91
CA ARG D 490 -25.24 -22.97 31.52
C ARG D 490 -23.88 -23.55 31.24
N GLU D 491 -22.89 -22.67 31.11
CA GLU D 491 -21.50 -23.05 30.90
C GLU D 491 -20.65 -22.55 32.07
N GLY D 492 -19.67 -23.35 32.45
CA GLY D 492 -18.88 -23.06 33.64
C GLY D 492 -19.65 -23.36 34.91
N SER D 493 -18.98 -23.25 36.05
CA SER D 493 -19.63 -23.37 37.35
C SER D 493 -20.04 -24.80 37.68
N LYS D 494 -20.64 -24.98 38.85
CA LYS D 494 -21.11 -26.30 39.28
C LYS D 494 -22.23 -26.83 38.40
N TYR D 495 -22.85 -25.98 37.58
CA TYR D 495 -23.95 -26.40 36.72
C TYR D 495 -23.51 -26.80 35.32
N GLY D 496 -22.25 -26.55 34.95
CA GLY D 496 -21.83 -26.75 33.58
C GLY D 496 -21.64 -28.20 33.18
N LEU D 497 -21.29 -29.06 34.13
CA LEU D 497 -20.97 -30.44 33.79
C LEU D 497 -22.22 -31.30 33.63
N GLU D 498 -23.25 -31.05 34.44
CA GLU D 498 -24.48 -31.83 34.34
C GLU D 498 -25.10 -31.73 32.95
N GLU D 499 -24.85 -30.64 32.23
CA GLU D 499 -25.39 -30.50 30.89
C GLU D 499 -24.91 -31.60 29.96
N PHE D 500 -23.79 -32.25 30.28
CA PHE D 500 -23.21 -33.30 29.46
C PHE D 500 -23.39 -34.68 30.07
N MET D 501 -24.26 -34.82 31.07
CA MET D 501 -24.50 -36.08 31.74
C MET D 501 -25.98 -36.43 31.66
N THR D 502 -26.28 -37.72 31.83
CA THR D 502 -27.63 -38.20 32.04
C THR D 502 -27.74 -38.84 33.41
N ILE D 503 -28.97 -39.00 33.87
CA ILE D 503 -29.26 -39.57 35.19
C ILE D 503 -29.72 -41.00 35.02
N LYS D 504 -29.19 -41.89 35.85
CA LYS D 504 -29.60 -43.29 35.87
C LYS D 504 -30.13 -43.62 37.26
N TYR D 505 -31.38 -44.04 37.32
CA TYR D 505 -32.05 -44.41 38.57
C TYR D 505 -32.00 -45.94 38.68
N MET D 506 -31.25 -46.42 39.66
CA MET D 506 -31.15 -47.85 39.95
C MET D 506 -32.09 -48.18 41.11
N CYS D 507 -33.06 -49.06 40.85
CA CYS D 507 -33.99 -49.53 41.88
C CYS D 507 -33.53 -50.93 42.28
N LEU D 508 -32.67 -50.98 43.29
CA LEU D 508 -32.11 -52.25 43.76
C LEU D 508 -33.11 -52.95 44.68
N GLY D 509 -33.49 -54.19 44.31
CA GLY D 509 -34.43 -54.96 45.09
C GLY D 509 -33.70 -55.92 45.99
N LEU D 510 -33.93 -55.79 47.29
CA LEU D 510 -33.31 -56.68 48.27
C LEU D 510 -34.27 -57.82 48.62
N SER E 29 102.71 20.44 10.04
CA SER E 29 103.36 20.34 8.73
C SER E 29 102.31 20.31 7.63
N SER E 30 101.49 19.26 7.62
CA SER E 30 100.37 19.22 6.68
C SER E 30 99.41 20.37 6.92
N LEU E 31 99.29 20.83 8.17
CA LEU E 31 98.48 21.98 8.49
C LEU E 31 99.23 23.29 8.29
N GLN E 32 100.54 23.29 8.56
CA GLN E 32 101.33 24.51 8.39
C GLN E 32 101.37 24.95 6.93
N SER E 33 101.23 24.02 5.99
CA SER E 33 101.34 24.32 4.58
C SER E 33 100.09 24.97 3.99
N THR E 34 99.02 25.10 4.76
CA THR E 34 97.79 25.71 4.30
C THR E 34 97.68 27.12 4.85
N GLU E 35 97.25 28.06 3.99
CA GLU E 35 96.98 29.42 4.45
C GLU E 35 95.77 29.49 5.36
N LEU E 36 94.94 28.44 5.39
CA LEU E 36 93.70 28.44 6.15
C LEU E 36 93.87 27.93 7.58
N PHE E 37 95.05 27.43 7.93
CA PHE E 37 95.32 26.98 9.30
C PHE E 37 95.62 28.21 10.15
N GLN E 38 94.69 28.55 11.05
CA GLN E 38 94.80 29.74 11.88
C GLN E 38 94.75 29.33 13.35
N GLN E 39 95.71 29.83 14.13
CA GLN E 39 95.76 29.59 15.57
C GLN E 39 95.40 30.83 16.37
N GLN E 40 94.64 31.75 15.78
CA GLN E 40 94.13 32.94 16.44
C GLN E 40 92.64 33.05 16.17
N ALA E 41 91.96 33.78 17.04
CA ALA E 41 90.53 34.01 16.87
C ALA E 41 90.29 35.12 15.85
N TYR E 42 89.05 35.25 15.42
CA TYR E 42 88.64 36.22 14.40
C TYR E 42 87.54 37.09 14.98
N ILE E 43 87.85 38.36 15.24
CA ILE E 43 86.88 39.30 15.80
C ILE E 43 87.06 40.64 15.09
N ASN E 44 85.95 41.18 14.58
CA ASN E 44 85.93 42.48 13.91
C ASN E 44 87.02 42.56 12.84
N GLY E 45 87.12 41.51 12.03
CA GLY E 45 88.06 41.47 10.94
C GLY E 45 89.51 41.33 11.32
N GLN E 46 89.81 41.20 12.62
CA GLN E 46 91.18 41.07 13.09
C GLN E 46 91.42 39.68 13.64
N TRP E 47 92.66 39.21 13.47
CA TRP E 47 93.10 37.93 14.01
C TRP E 47 93.78 38.20 15.36
N LEU E 48 93.12 37.80 16.44
CA LEU E 48 93.50 38.19 17.79
C LEU E 48 93.82 36.96 18.63
N ALA E 49 94.69 37.18 19.62
CA ALA E 49 94.83 36.27 20.76
C ALA E 49 93.92 36.75 21.88
N ALA E 50 93.81 35.93 22.93
CA ALA E 50 93.06 36.34 24.10
C ALA E 50 93.75 37.54 24.76
N GLN E 51 92.97 38.30 25.52
CA GLN E 51 93.53 39.44 26.24
C GLN E 51 94.62 39.01 27.20
N SER E 52 94.51 37.80 27.76
CA SER E 52 95.53 37.26 28.65
C SER E 52 96.61 36.49 27.90
N ASN E 53 96.46 36.30 26.59
CA ASN E 53 97.37 35.55 25.74
C ASN E 53 97.37 34.05 26.04
N ALA E 54 96.46 33.58 26.89
CA ALA E 54 96.40 32.16 27.21
C ALA E 54 95.93 31.36 26.00
N THR E 55 96.36 30.11 25.93
CA THR E 55 95.99 29.21 24.85
C THR E 55 95.73 27.83 25.41
N VAL E 56 94.85 27.09 24.74
CA VAL E 56 94.57 25.69 25.09
C VAL E 56 94.89 24.85 23.87
N PRO E 57 95.20 23.56 24.05
CA PRO E 57 95.65 22.73 22.92
C PRO E 57 94.49 22.10 22.15
N VAL E 58 94.79 21.76 20.90
CA VAL E 58 93.91 20.97 20.03
C VAL E 58 94.68 19.72 19.63
N SER E 59 93.99 18.58 19.59
CA SER E 59 94.63 17.29 19.41
C SER E 59 94.04 16.55 18.21
N ASN E 60 94.85 15.66 17.65
CA ASN E 60 94.39 14.74 16.61
C ASN E 60 93.88 13.46 17.27
N PRO E 61 92.58 13.14 17.16
CA PRO E 61 92.06 11.99 17.91
C PRO E 61 92.60 10.65 17.42
N ALA E 62 93.14 10.59 16.20
CA ALA E 62 93.66 9.33 15.70
C ALA E 62 95.05 9.02 16.24
N THR E 63 95.84 10.05 16.54
CA THR E 63 97.20 9.87 17.03
C THR E 63 97.40 10.34 18.46
N GLY E 64 96.54 11.22 18.96
CA GLY E 64 96.71 11.80 20.27
C GLY E 64 97.67 12.97 20.32
N GLU E 65 98.39 13.24 19.23
CA GLU E 65 99.37 14.32 19.23
C GLU E 65 98.68 15.67 19.26
N GLU E 66 99.39 16.66 19.80
CA GLU E 66 98.92 18.04 19.78
C GLU E 66 99.26 18.65 18.43
N ILE E 67 98.26 19.22 17.76
CA ILE E 67 98.45 19.82 16.44
C ILE E 67 98.55 21.34 16.48
N GLY E 68 98.12 21.96 17.58
CA GLY E 68 98.20 23.40 17.69
C GLY E 68 97.44 23.88 18.92
N THR E 69 97.30 25.20 19.01
CA THR E 69 96.59 25.83 20.11
C THR E 69 95.61 26.86 19.57
N ILE E 70 94.67 27.24 20.42
CA ILE E 70 93.70 28.29 20.10
C ILE E 70 93.63 29.25 21.28
N PRO E 71 93.27 30.52 21.07
CA PRO E 71 93.13 31.43 22.20
C PRO E 71 92.05 30.95 23.18
N ASN E 72 92.34 31.08 24.47
CA ASN E 72 91.39 30.72 25.51
C ASN E 72 90.64 31.97 25.96
N MET E 73 89.86 32.52 25.04
CA MET E 73 89.13 33.74 25.30
C MET E 73 87.99 33.47 26.28
N GLY E 74 87.43 34.56 26.81
CA GLY E 74 86.36 34.47 27.79
C GLY E 74 85.28 35.52 27.61
N ALA E 75 84.69 35.95 28.72
CA ALA E 75 83.56 36.87 28.65
C ALA E 75 83.95 38.21 28.02
N ALA E 76 85.12 38.73 28.36
CA ALA E 76 85.53 40.02 27.84
C ALA E 76 85.58 40.02 26.31
N GLU E 77 86.22 38.99 25.74
CA GLU E 77 86.35 38.93 24.28
C GLU E 77 85.02 38.61 23.61
N ALA E 78 84.17 37.79 24.26
CA ALA E 78 82.86 37.51 23.71
C ALA E 78 82.01 38.77 23.65
N THR E 79 82.11 39.62 24.67
CA THR E 79 81.39 40.89 24.65
C THR E 79 81.87 41.77 23.51
N GLN E 80 83.19 41.84 23.31
CA GLN E 80 83.73 42.61 22.19
C GLN E 80 83.16 42.12 20.87
N ALA E 81 83.04 40.81 20.70
CA ALA E 81 82.49 40.27 19.46
C ALA E 81 81.04 40.70 19.28
N VAL E 82 80.24 40.62 20.34
CA VAL E 82 78.84 41.06 20.26
C VAL E 82 78.77 42.53 19.88
N GLU E 83 79.65 43.35 20.44
CA GLU E 83 79.64 44.77 20.11
C GLU E 83 80.05 45.00 18.66
N ALA E 84 81.07 44.28 18.19
CA ALA E 84 81.49 44.43 16.79
C ALA E 84 80.42 43.92 15.83
N ALA E 85 79.75 42.84 16.19
CA ALA E 85 78.67 42.32 15.34
C ALA E 85 77.52 43.31 15.26
N TYR E 86 77.23 43.98 16.38
CA TYR E 86 76.14 44.96 16.38
C TYR E 86 76.48 46.18 15.53
N THR E 87 77.71 46.71 15.68
CA THR E 87 78.11 47.86 14.89
C THR E 87 78.08 47.54 13.40
N ALA E 88 78.58 46.36 13.01
CA ALA E 88 78.58 45.98 11.60
C ALA E 88 77.18 45.69 11.09
N LEU E 89 76.23 45.39 11.98
CA LEU E 89 74.87 45.08 11.56
C LEU E 89 74.22 46.26 10.84
N GLN E 90 74.55 47.48 11.25
CA GLN E 90 73.84 48.65 10.71
C GLN E 90 74.08 48.79 9.21
N SER E 91 75.34 48.63 8.78
CA SER E 91 75.67 48.79 7.37
C SER E 91 75.52 47.49 6.58
N TRP E 92 75.53 46.33 7.25
CA TRP E 92 75.35 45.07 6.54
C TRP E 92 73.90 44.90 6.10
N LYS E 93 72.94 45.25 6.96
CA LYS E 93 71.54 45.11 6.60
C LYS E 93 71.06 46.20 5.66
N ALA E 94 71.76 47.35 5.61
CA ALA E 94 71.39 48.41 4.70
C ALA E 94 71.68 48.06 3.24
N LEU E 95 72.60 47.13 3.00
CA LEU E 95 72.86 46.70 1.64
C LEU E 95 71.61 46.04 1.05
N THR E 96 71.59 45.94 -0.27
CA THR E 96 70.51 45.21 -0.94
C THR E 96 70.74 43.71 -0.81
N ALA E 97 69.67 42.95 -1.04
CA ALA E 97 69.80 41.50 -1.04
C ALA E 97 70.79 41.03 -2.11
N GLN E 98 70.84 41.72 -3.24
CA GLN E 98 71.77 41.34 -4.30
C GLN E 98 73.20 41.66 -3.91
N ASN E 99 73.42 42.77 -3.19
CA ASN E 99 74.75 43.06 -2.67
C ASN E 99 75.27 41.90 -1.83
N ARG E 100 74.47 41.46 -0.87
CA ARG E 100 74.89 40.36 0.00
C ARG E 100 75.01 39.05 -0.77
N ALA E 101 74.15 38.85 -1.77
CA ALA E 101 74.23 37.63 -2.57
C ALA E 101 75.58 37.52 -3.27
N ASP E 102 76.05 38.62 -3.86
CA ASP E 102 77.33 38.60 -4.54
C ASP E 102 78.46 38.23 -3.60
N ILE E 103 78.47 38.85 -2.41
CA ILE E 103 79.52 38.57 -1.43
C ILE E 103 79.44 37.13 -0.96
N LEU E 104 78.24 36.67 -0.63
CA LEU E 104 78.08 35.29 -0.16
C LEU E 104 78.48 34.30 -1.24
N LEU E 105 78.17 34.60 -2.51
CA LEU E 105 78.53 33.68 -3.57
C LEU E 105 80.04 33.64 -3.78
N ALA E 106 80.71 34.79 -3.61
CA ALA E 106 82.17 34.78 -3.59
C ALA E 106 82.68 33.87 -2.48
N TRP E 107 82.11 34.01 -1.28
CA TRP E 107 82.40 33.08 -0.20
C TRP E 107 82.14 31.64 -0.61
N HIS E 108 81.01 31.39 -1.28
CA HIS E 108 80.70 30.05 -1.73
C HIS E 108 81.78 29.50 -2.65
N LYS E 109 82.20 30.29 -3.63
CA LYS E 109 83.21 29.83 -4.59
C LYS E 109 84.51 29.48 -3.87
N LEU E 110 84.94 30.34 -2.94
CA LEU E 110 86.20 30.10 -2.25
C LEU E 110 86.17 28.80 -1.46
N VAL E 111 85.03 28.48 -0.82
CA VAL E 111 84.95 27.26 -0.05
C VAL E 111 85.14 26.04 -0.94
N LEU E 112 84.49 26.03 -2.10
CA LEU E 112 84.62 24.89 -3.02
C LEU E 112 86.03 24.81 -3.59
N ASP E 113 86.63 25.96 -3.93
CA ASP E 113 87.98 25.95 -4.48
C ASP E 113 88.98 25.38 -3.49
N HIS E 114 88.74 25.53 -2.18
CA HIS E 114 89.63 25.03 -1.15
C HIS E 114 89.09 23.76 -0.49
N THR E 115 88.36 22.94 -1.23
CA THR E 115 87.75 21.74 -0.65
C THR E 115 88.82 20.82 -0.06
N ASP E 116 89.90 20.59 -0.80
CA ASP E 116 90.91 19.64 -0.35
C ASP E 116 91.61 20.11 0.93
N GLU E 117 91.84 21.42 1.05
CA GLU E 117 92.50 21.93 2.23
C GLU E 117 91.59 21.91 3.45
N LEU E 118 90.32 22.29 3.28
CA LEU E 118 89.39 22.27 4.40
C LEU E 118 89.18 20.84 4.90
N ALA E 119 89.12 19.87 3.99
CA ALA E 119 88.96 18.48 4.39
C ALA E 119 90.18 17.98 5.14
N LEU E 120 91.37 18.39 4.70
CA LEU E 120 92.59 18.00 5.39
C LEU E 120 92.58 18.46 6.83
N ILE E 121 92.19 19.73 7.06
CA ILE E 121 92.11 20.24 8.42
C ILE E 121 91.08 19.45 9.23
N MET E 122 89.92 19.18 8.64
CA MET E 122 88.85 18.49 9.36
C MET E 122 89.29 17.09 9.77
N THR E 123 89.85 16.33 8.82
CA THR E 123 90.24 14.95 9.13
C THR E 123 91.27 14.91 10.26
N ILE E 124 92.15 15.90 10.31
CA ILE E 124 93.24 15.86 11.30
C ILE E 124 92.73 16.19 12.69
N GLU E 125 91.78 17.12 12.80
CA GLU E 125 91.29 17.55 14.11
C GLU E 125 90.04 16.82 14.55
N GLN E 126 89.28 16.23 13.62
CA GLN E 126 88.04 15.56 13.95
C GLN E 126 88.08 14.05 13.77
N GLY E 127 88.85 13.54 12.80
CA GLY E 127 89.15 12.13 12.68
C GLY E 127 88.44 11.42 11.53
N LYS E 128 87.39 12.00 10.97
CA LYS E 128 86.63 11.30 9.95
C LYS E 128 87.46 11.12 8.69
N PRO E 129 87.12 10.15 7.85
CA PRO E 129 87.91 9.90 6.64
C PRO E 129 87.90 11.11 5.71
N LEU E 130 89.00 11.25 4.95
CA LEU E 130 89.14 12.40 4.07
C LEU E 130 87.99 12.48 3.07
N ALA E 131 87.52 11.33 2.58
CA ALA E 131 86.42 11.34 1.63
C ALA E 131 85.14 11.90 2.25
N GLU E 132 84.86 11.52 3.50
CA GLU E 132 83.70 12.07 4.19
C GLU E 132 83.87 13.57 4.43
N ALA E 133 85.09 14.00 4.74
CA ALA E 133 85.33 15.43 4.98
C ALA E 133 85.07 16.24 3.72
N LYS E 134 85.60 15.80 2.58
CA LYS E 134 85.32 16.49 1.32
C LYS E 134 83.83 16.50 1.04
N GLY E 135 83.14 15.41 1.38
CA GLY E 135 81.69 15.40 1.22
C GLY E 135 81.02 16.47 2.05
N GLU E 136 81.45 16.65 3.30
CA GLU E 136 80.85 17.68 4.16
C GLU E 136 81.12 19.07 3.61
N VAL E 137 82.32 19.30 3.09
CA VAL E 137 82.66 20.63 2.57
C VAL E 137 81.70 21.01 1.45
N ARG E 138 81.50 20.11 0.49
CA ARG E 138 80.55 20.38 -0.57
C ARG E 138 79.15 20.55 -0.01
N TYR E 139 78.76 19.67 0.92
CA TYR E 139 77.47 19.81 1.59
C TYR E 139 77.36 21.17 2.28
N ALA E 140 78.42 21.59 2.97
CA ALA E 140 78.38 22.86 3.68
C ALA E 140 78.34 24.04 2.71
N ALA E 141 79.10 23.96 1.62
CA ALA E 141 79.12 25.07 0.67
C ALA E 141 77.75 25.29 0.04
N SER E 142 76.97 24.22 -0.16
CA SER E 142 75.67 24.36 -0.82
C SER E 142 74.72 25.23 0.00
N PHE E 143 74.93 25.32 1.32
CA PHE E 143 74.10 26.19 2.14
C PHE E 143 74.39 27.66 1.89
N ILE E 144 75.64 27.99 1.56
CA ILE E 144 75.99 29.38 1.26
C ILE E 144 75.30 29.81 -0.03
N GLN E 145 75.41 29.00 -1.08
CA GLN E 145 74.75 29.31 -2.33
C GLN E 145 73.23 29.38 -2.15
N TRP E 146 72.66 28.40 -1.42
CA TRP E 146 71.21 28.34 -1.29
C TRP E 146 70.66 29.60 -0.65
N PHE E 147 71.27 30.05 0.46
CA PHE E 147 70.73 31.18 1.18
C PHE E 147 71.11 32.51 0.58
N ALA E 148 72.22 32.58 -0.17
CA ALA E 148 72.47 33.76 -0.99
C ALA E 148 71.29 34.02 -1.92
N GLU E 149 70.67 32.95 -2.42
CA GLU E 149 69.53 33.09 -3.31
C GLU E 149 68.23 33.33 -2.54
N GLU E 150 68.10 32.77 -1.33
CA GLU E 150 66.90 33.00 -0.53
C GLU E 150 66.79 34.46 -0.11
N GLY E 151 67.92 35.11 0.18
CA GLY E 151 67.88 36.48 0.65
C GLY E 151 67.16 37.42 -0.29
N LYS E 152 67.20 37.12 -1.59
CA LYS E 152 66.49 37.91 -2.59
C LYS E 152 65.01 37.56 -2.65
N ARG E 153 64.56 36.58 -1.85
CA ARG E 153 63.21 36.05 -1.97
C ARG E 153 62.47 35.98 -0.64
N ILE E 154 62.96 36.65 0.40
CA ILE E 154 62.24 36.69 1.66
C ILE E 154 61.09 37.68 1.50
N TYR E 155 59.93 37.18 1.10
CA TYR E 155 58.83 38.02 0.65
C TYR E 155 57.94 38.44 1.82
N GLY E 156 57.44 39.67 1.74
CA GLY E 156 56.36 40.12 2.59
C GLY E 156 55.01 39.85 1.96
N ASP E 157 53.98 40.48 2.53
CA ASP E 157 52.61 40.20 2.14
C ASP E 157 51.82 41.49 2.02
N VAL E 158 50.72 41.42 1.28
CA VAL E 158 49.68 42.44 1.27
C VAL E 158 48.38 41.70 1.55
N ILE E 159 47.77 41.99 2.70
CA ILE E 159 46.64 41.23 3.21
C ILE E 159 45.35 41.96 2.85
N PRO E 160 44.34 41.26 2.29
CA PRO E 160 43.06 41.93 2.03
C PRO E 160 42.51 42.62 3.27
N THR E 161 42.30 43.92 3.18
CA THR E 161 41.92 44.70 4.35
C THR E 161 40.52 44.34 4.81
N VAL E 162 40.29 44.51 6.11
CA VAL E 162 38.94 44.44 6.68
C VAL E 162 38.33 45.82 6.81
N ASN E 163 39.10 46.89 6.59
CA ASN E 163 38.64 48.26 6.73
C ASN E 163 39.14 49.04 5.52
N ASN E 164 38.20 49.57 4.73
CA ASN E 164 38.55 50.20 3.47
C ASN E 164 39.40 51.46 3.63
N GLN E 165 39.57 51.97 4.85
CA GLN E 165 40.44 53.12 5.09
C GLN E 165 41.85 52.71 5.51
N GLN E 166 42.17 51.42 5.48
CA GLN E 166 43.48 50.94 5.87
C GLN E 166 44.01 49.95 4.85
N ARG E 167 45.34 49.86 4.78
CA ARG E 167 46.03 48.87 3.97
C ARG E 167 47.02 48.13 4.84
N PHE E 168 47.06 46.81 4.71
CA PHE E 168 47.88 45.95 5.54
C PHE E 168 49.07 45.47 4.72
N ILE E 169 50.25 46.01 5.03
CA ILE E 169 51.49 45.67 4.34
C ILE E 169 52.41 45.02 5.34
N ILE E 170 52.82 43.79 5.07
CA ILE E 170 53.67 43.00 5.95
C ILE E 170 55.05 42.92 5.34
N SER E 171 56.08 43.12 6.17
CA SER E 171 57.46 43.05 5.73
C SER E 171 58.26 42.21 6.73
N LYS E 172 59.43 41.77 6.28
CA LYS E 172 60.32 40.95 7.09
C LYS E 172 61.62 41.73 7.33
N GLU E 173 62.11 41.67 8.56
CA GLU E 173 63.35 42.34 8.95
C GLU E 173 64.24 41.39 9.73
N PRO E 174 65.55 41.60 9.70
CA PRO E 174 66.45 40.71 10.45
C PRO E 174 66.27 40.86 11.94
N VAL E 175 66.45 39.75 12.66
CA VAL E 175 66.36 39.77 14.12
C VAL E 175 67.45 40.65 14.71
N GLY E 176 68.65 40.60 14.12
CA GLY E 176 69.78 41.34 14.65
C GLY E 176 70.99 40.45 14.82
N VAL E 177 71.78 40.70 15.88
CA VAL E 177 72.97 39.89 16.12
C VAL E 177 72.55 38.48 16.48
N VAL E 178 73.19 37.50 15.85
CA VAL E 178 72.90 36.08 16.08
C VAL E 178 74.10 35.45 16.77
N ALA E 179 73.82 34.60 17.75
CA ALA E 179 74.84 33.84 18.46
C ALA E 179 74.72 32.38 18.06
N ALA E 180 75.81 31.82 17.53
CA ALA E 180 75.84 30.44 17.06
C ALA E 180 76.86 29.66 17.87
N ILE E 181 76.43 28.53 18.43
CA ILE E 181 77.29 27.62 19.18
C ILE E 181 77.19 26.26 18.48
N THR E 182 78.32 25.78 17.99
CA THR E 182 78.35 24.64 17.07
C THR E 182 79.10 23.46 17.67
N PRO E 183 78.79 22.23 17.22
CA PRO E 183 79.45 21.04 17.76
C PRO E 183 80.67 20.62 16.95
N TRP E 184 81.12 19.37 17.14
CA TRP E 184 82.34 18.88 16.53
C TRP E 184 82.12 17.81 15.46
N ASN E 185 80.93 17.22 15.38
CA ASN E 185 80.74 16.11 14.43
C ASN E 185 80.78 16.60 12.99
N PHE E 186 80.23 17.79 12.73
CA PHE E 186 80.25 18.40 11.39
C PHE E 186 80.81 19.80 11.57
N PRO E 187 82.13 19.92 11.72
CA PRO E 187 82.72 21.21 12.15
C PRO E 187 82.71 22.30 11.09
N ILE E 188 82.31 21.99 9.85
CA ILE E 188 82.18 23.00 8.80
C ILE E 188 80.71 23.22 8.44
N ALA E 189 79.96 22.14 8.25
CA ALA E 189 78.57 22.27 7.84
C ALA E 189 77.74 22.97 8.91
N MET E 190 77.97 22.62 10.18
CA MET E 190 77.23 23.28 11.25
C MET E 190 77.53 24.77 11.32
N ILE E 191 78.65 25.21 10.75
CA ILE E 191 78.95 26.64 10.69
C ILE E 191 78.12 27.31 9.59
N THR E 192 78.24 26.80 8.36
CA THR E 192 77.56 27.43 7.22
C THR E 192 76.04 27.31 7.34
N ARG E 193 75.55 26.21 7.92
CA ARG E 193 74.11 26.04 8.09
C ARG E 193 73.50 27.12 8.97
N LYS E 194 74.31 27.79 9.80
CA LYS E 194 73.84 28.86 10.67
C LYS E 194 74.29 30.23 10.21
N ALA E 195 75.55 30.37 9.78
CA ALA E 195 76.06 31.68 9.40
C ALA E 195 75.48 32.13 8.06
N ALA E 196 75.36 31.22 7.10
CA ALA E 196 74.83 31.59 5.79
C ALA E 196 73.42 32.16 5.88
N PRO E 197 72.45 31.46 6.47
CA PRO E 197 71.10 32.07 6.56
C PRO E 197 71.09 33.34 7.40
N ALA E 198 71.91 33.41 8.45
CA ALA E 198 71.99 34.63 9.24
C ALA E 198 72.46 35.81 8.39
N LEU E 199 73.57 35.63 7.68
CA LEU E 199 74.08 36.72 6.83
C LEU E 199 73.11 37.06 5.72
N ALA E 200 72.53 36.05 5.07
CA ALA E 200 71.60 36.32 3.98
C ALA E 200 70.36 37.07 4.47
N ALA E 201 69.98 36.87 5.72
CA ALA E 201 68.85 37.57 6.30
C ALA E 201 69.14 39.02 6.62
N GLY E 202 70.40 39.46 6.47
CA GLY E 202 70.81 40.77 6.91
C GLY E 202 71.40 40.82 8.31
N CYS E 203 71.51 39.68 8.98
CA CYS E 203 72.03 39.62 10.34
C CYS E 203 73.56 39.50 10.34
N THR E 204 74.14 39.70 11.52
CA THR E 204 75.54 39.41 11.78
C THR E 204 75.60 38.33 12.85
N VAL E 205 76.72 37.61 12.89
CA VAL E 205 76.81 36.40 13.69
C VAL E 205 78.11 36.39 14.49
N VAL E 206 78.03 35.87 15.72
CA VAL E 206 79.20 35.55 16.53
C VAL E 206 79.16 34.04 16.79
N ILE E 207 80.29 33.38 16.59
CA ILE E 207 80.35 31.93 16.56
C ILE E 207 81.28 31.43 17.66
N LYS E 208 80.81 30.45 18.43
CA LYS E 208 81.64 29.74 19.40
C LYS E 208 81.74 28.28 18.96
N PRO E 209 82.83 27.89 18.30
CA PRO E 209 82.95 26.50 17.84
C PRO E 209 83.45 25.58 18.94
N ALA E 210 83.29 24.29 18.70
CA ALA E 210 83.78 23.29 19.64
C ALA E 210 85.29 23.36 19.73
N ASN E 211 85.81 23.30 20.96
CA ASN E 211 87.25 23.34 21.17
C ASN E 211 87.94 22.12 20.59
N GLU E 212 87.21 21.04 20.32
CA GLU E 212 87.82 19.86 19.72
C GLU E 212 88.13 20.07 18.24
N THR E 213 87.36 20.94 17.56
CA THR E 213 87.47 21.13 16.12
C THR E 213 87.30 22.61 15.77
N PRO E 214 88.19 23.47 16.29
CA PRO E 214 88.05 24.91 16.05
C PRO E 214 88.60 25.36 14.71
N TYR E 215 89.63 24.66 14.23
CA TYR E 215 90.35 25.13 13.04
C TYR E 215 89.46 25.15 11.80
N CYS E 216 88.48 24.24 11.73
CA CYS E 216 87.53 24.29 10.62
C CYS E 216 86.77 25.60 10.62
N ALA E 217 86.35 26.07 11.79
CA ALA E 217 85.63 27.33 11.88
C ALA E 217 86.52 28.51 11.50
N LEU E 218 87.75 28.54 12.01
CA LEU E 218 88.66 29.64 11.69
C LEU E 218 89.06 29.63 10.22
N ALA E 219 89.11 28.46 9.59
CA ALA E 219 89.43 28.40 8.17
C ALA E 219 88.28 28.96 7.34
N ILE E 220 87.04 28.67 7.72
CA ILE E 220 85.88 29.25 7.04
C ILE E 220 85.89 30.77 7.20
N ALA E 221 86.33 31.25 8.36
CA ALA E 221 86.39 32.69 8.59
C ALA E 221 87.49 33.34 7.77
N LYS E 222 88.60 32.62 7.53
CA LYS E 222 89.65 33.16 6.67
C LYS E 222 89.15 33.31 5.24
N LEU E 223 88.35 32.35 4.77
CA LEU E 223 87.75 32.48 3.44
C LEU E 223 86.70 33.57 3.42
N ALA E 224 85.96 33.76 4.51
CA ALA E 224 85.05 34.90 4.60
C ALA E 224 85.80 36.21 4.41
N GLU E 225 86.98 36.32 5.02
CA GLU E 225 87.81 37.51 4.83
C GLU E 225 88.17 37.68 3.37
N LYS E 226 88.58 36.60 2.71
CA LYS E 226 88.95 36.68 1.30
C LYS E 226 87.75 37.03 0.42
N ALA E 227 86.56 36.57 0.79
CA ALA E 227 85.37 36.82 0.00
C ALA E 227 84.85 38.25 0.12
N GLY E 228 85.45 39.05 1.00
CA GLY E 228 85.01 40.42 1.17
C GLY E 228 83.86 40.62 2.13
N ILE E 229 83.66 39.70 3.07
CA ILE E 229 82.64 39.87 4.10
C ILE E 229 83.15 40.92 5.07
N PRO E 230 82.44 42.04 5.26
CA PRO E 230 82.99 43.14 6.06
C PRO E 230 83.32 42.71 7.49
N ALA E 231 84.18 43.50 8.12
CA ALA E 231 84.58 43.22 9.49
C ALA E 231 83.39 43.27 10.44
N GLY E 232 83.34 42.31 11.36
CA GLY E 232 82.29 42.25 12.34
C GLY E 232 81.06 41.47 11.92
N VAL E 233 80.85 41.27 10.62
CA VAL E 233 79.67 40.53 10.17
C VAL E 233 79.73 39.10 10.66
N ILE E 234 80.92 38.50 10.67
CA ILE E 234 81.11 37.14 11.14
C ILE E 234 82.34 37.12 12.06
N ASN E 235 82.17 36.57 13.27
CA ASN E 235 83.21 36.50 14.27
C ASN E 235 83.26 35.10 14.86
N VAL E 236 84.47 34.67 15.23
CA VAL E 236 84.70 33.35 15.79
C VAL E 236 85.47 33.53 17.09
N VAL E 237 84.86 33.15 18.20
CA VAL E 237 85.45 33.30 19.54
C VAL E 237 85.71 31.91 20.09
N THR E 238 86.98 31.61 20.34
CA THR E 238 87.40 30.30 20.84
C THR E 238 87.74 30.38 22.32
N GLY E 239 87.62 29.25 23.01
CA GLY E 239 88.08 29.16 24.38
C GLY E 239 87.06 28.68 25.38
N LYS E 240 86.81 29.48 26.41
CA LYS E 240 86.00 29.07 27.56
C LYS E 240 84.54 28.96 27.16
N SER E 241 84.03 27.73 27.08
CA SER E 241 82.68 27.51 26.58
C SER E 241 81.64 28.13 27.51
N GLN E 242 81.76 27.90 28.81
CA GLN E 242 80.77 28.43 29.75
C GLN E 242 80.74 29.95 29.72
N GLU E 243 81.92 30.58 29.79
CA GLU E 243 81.97 32.04 29.84
C GLU E 243 81.46 32.65 28.54
N ILE E 244 81.93 32.14 27.40
CA ILE E 244 81.49 32.66 26.12
C ILE E 244 80.00 32.41 25.94
N GLY E 245 79.55 31.19 26.23
CA GLY E 245 78.13 30.89 26.09
C GLY E 245 77.27 31.74 27.00
N SER E 246 77.76 32.08 28.19
CA SER E 246 76.99 32.90 29.11
C SER E 246 76.76 34.30 28.55
N VAL E 247 77.77 34.86 27.87
CA VAL E 247 77.60 36.16 27.24
C VAL E 247 76.65 36.08 26.05
N PHE E 248 76.79 35.01 25.25
CA PHE E 248 75.96 34.87 24.06
C PHE E 248 74.48 34.74 24.42
N THR E 249 74.18 34.16 25.58
CA THR E 249 72.79 33.88 25.96
C THR E 249 72.21 34.91 26.90
N SER E 250 72.93 36.01 27.16
CA SER E 250 72.41 37.05 28.05
C SER E 250 72.63 38.47 27.55
N HIS E 251 73.65 38.74 26.73
CA HIS E 251 73.87 40.09 26.25
C HIS E 251 72.62 40.63 25.56
N GLU E 252 72.26 41.87 25.89
CA GLU E 252 71.00 42.42 25.40
C GLU E 252 70.97 42.51 23.89
N LYS E 253 72.12 42.69 23.24
CA LYS E 253 72.15 42.90 21.80
C LYS E 253 72.05 41.61 21.01
N VAL E 254 72.27 40.47 21.63
CA VAL E 254 72.05 39.18 20.96
C VAL E 254 70.55 38.89 20.97
N LYS E 255 69.96 38.80 19.79
CA LYS E 255 68.52 38.62 19.66
C LYS E 255 68.11 37.19 19.38
N LYS E 256 69.03 36.35 18.91
CA LYS E 256 68.73 34.97 18.60
C LYS E 256 69.92 34.10 18.95
N LEU E 257 69.64 32.90 19.45
CA LEU E 257 70.63 31.86 19.65
C LEU E 257 70.27 30.68 18.76
N THR E 258 71.25 30.17 18.02
CA THR E 258 71.12 28.93 17.29
C THR E 258 72.21 27.99 17.79
N PHE E 259 71.81 26.83 18.31
CA PHE E 259 72.72 25.88 18.93
C PHE E 259 72.43 24.48 18.42
N THR E 260 73.49 23.71 18.21
CA THR E 260 73.40 22.31 17.85
C THR E 260 74.32 21.51 18.77
N GLY E 261 73.76 20.54 19.48
CA GLY E 261 74.55 19.75 20.42
C GLY E 261 73.66 18.85 21.24
N SER E 262 74.10 18.60 22.47
CA SER E 262 73.37 17.69 23.35
C SER E 262 72.11 18.38 23.90
N THR E 263 71.15 17.55 24.31
CA THR E 263 69.90 18.07 24.86
C THR E 263 70.14 18.72 26.21
N PRO E 264 70.92 18.10 27.11
CA PRO E 264 71.17 18.77 28.40
C PRO E 264 71.74 20.17 28.26
N VAL E 265 72.69 20.37 27.33
CA VAL E 265 73.22 21.70 27.10
C VAL E 265 72.17 22.60 26.49
N GLY E 266 71.35 22.06 25.57
CA GLY E 266 70.28 22.86 24.99
C GLY E 266 69.29 23.34 26.02
N ARG E 267 68.94 22.47 26.99
CA ARG E 267 68.07 22.89 28.08
C ARG E 267 68.66 24.08 28.83
N LEU E 268 69.96 24.03 29.11
CA LEU E 268 70.60 25.09 29.89
C LEU E 268 70.69 26.38 29.10
N LEU E 269 71.11 26.29 27.83
CA LEU E 269 71.21 27.49 27.00
C LEU E 269 69.85 28.15 26.82
N MET E 270 68.82 27.36 26.56
CA MET E 270 67.46 27.91 26.48
C MET E 270 67.09 28.61 27.78
N GLN E 271 67.39 27.97 28.92
CA GLN E 271 67.09 28.58 30.21
C GLN E 271 67.79 29.92 30.36
N GLN E 272 69.06 30.00 29.97
CA GLN E 272 69.79 31.26 30.07
C GLN E 272 69.23 32.32 29.13
N CYS E 273 68.70 31.91 27.98
CA CYS E 273 68.08 32.85 27.06
C CYS E 273 66.76 33.41 27.57
N SER E 274 66.23 32.88 28.67
CA SER E 274 64.89 33.25 29.10
C SER E 274 64.82 34.68 29.63
N SER E 275 65.91 35.18 30.20
CA SER E 275 65.87 36.48 30.84
C SER E 275 65.67 37.62 29.85
N THR E 276 66.02 37.42 28.58
CA THR E 276 65.82 38.45 27.55
C THR E 276 64.93 37.99 26.42
N ILE E 277 64.27 36.83 26.57
CA ILE E 277 63.30 36.34 25.59
C ILE E 277 63.94 36.26 24.21
N LYS E 278 65.07 35.57 24.11
CA LYS E 278 65.78 35.47 22.83
C LYS E 278 65.11 34.43 21.93
N LYS E 279 65.09 34.73 20.63
CA LYS E 279 64.65 33.75 19.65
C LYS E 279 65.57 32.55 19.69
N LEU E 280 65.00 31.37 19.43
CA LEU E 280 65.70 30.11 19.63
C LEU E 280 65.66 29.23 18.38
N ALA E 281 66.81 28.65 18.07
CA ALA E 281 66.93 27.59 17.06
C ALA E 281 67.79 26.49 17.69
N LEU E 282 67.19 25.33 17.93
CA LEU E 282 67.87 24.25 18.63
C LEU E 282 67.77 22.97 17.81
N GLU E 283 68.90 22.29 17.63
CA GLU E 283 68.95 20.96 17.04
C GLU E 283 69.71 20.09 18.02
N LEU E 284 69.00 19.28 18.79
CA LEU E 284 69.54 18.59 19.95
C LEU E 284 69.69 17.09 19.64
N GLY E 285 69.49 16.25 20.65
CA GLY E 285 69.72 14.83 20.48
C GLY E 285 68.70 14.17 19.58
N GLY E 286 69.05 12.94 19.19
CA GLY E 286 68.17 12.13 18.38
C GLY E 286 68.37 10.66 18.65
N ASN E 287 67.28 9.94 18.86
CA ASN E 287 67.34 8.50 19.05
C ASN E 287 66.67 7.82 17.85
N ALA E 288 67.24 8.02 16.67
CA ALA E 288 66.57 7.71 15.42
C ALA E 288 66.25 6.22 15.30
N PRO E 289 64.98 5.86 15.10
CA PRO E 289 64.66 4.46 14.81
C PRO E 289 64.62 4.18 13.32
N LEU E 290 65.07 2.99 12.95
CA LEU E 290 65.00 2.50 11.57
C LEU E 290 64.21 1.20 11.58
N ILE E 291 63.07 1.20 10.90
CA ILE E 291 62.14 0.09 10.91
C ILE E 291 62.18 -0.60 9.54
N VAL E 292 62.42 -1.92 9.55
CA VAL E 292 62.47 -2.72 8.35
C VAL E 292 61.37 -3.78 8.47
N PHE E 293 60.27 -3.58 7.76
CA PHE E 293 59.19 -4.56 7.74
C PHE E 293 59.55 -5.73 6.83
N ASP E 294 58.80 -6.82 6.98
CA ASP E 294 59.11 -8.04 6.25
C ASP E 294 58.81 -7.91 4.76
N ASP E 295 57.99 -6.94 4.36
CA ASP E 295 57.69 -6.70 2.96
C ASP E 295 58.64 -5.67 2.34
N ALA E 296 59.82 -5.48 2.93
CA ALA E 296 60.77 -4.50 2.45
C ALA E 296 61.71 -5.10 1.41
N ASP E 297 62.32 -4.22 0.63
CA ASP E 297 63.44 -4.60 -0.24
C ASP E 297 64.64 -4.85 0.66
N LEU E 298 64.92 -6.13 0.93
CA LEU E 298 65.90 -6.49 1.96
C LEU E 298 67.26 -5.86 1.69
N ASP E 299 67.79 -6.05 0.49
CA ASP E 299 69.12 -5.52 0.19
C ASP E 299 69.14 -4.00 0.23
N LYS E 300 68.06 -3.36 -0.24
CA LYS E 300 68.00 -1.90 -0.19
C LYS E 300 67.99 -1.42 1.26
N ALA E 301 67.32 -2.16 2.15
CA ALA E 301 67.28 -1.77 3.55
C ALA E 301 68.62 -1.98 4.22
N VAL E 302 69.32 -3.06 3.87
CA VAL E 302 70.62 -3.33 4.47
C VAL E 302 71.61 -2.23 4.14
N GLN E 303 71.74 -1.91 2.84
CA GLN E 303 72.68 -0.86 2.45
C GLN E 303 72.28 0.49 3.02
N GLY E 304 70.97 0.74 3.11
CA GLY E 304 70.50 2.00 3.68
C GLY E 304 70.79 2.08 5.18
N ALA E 305 70.62 0.97 5.90
CA ALA E 305 70.90 0.97 7.32
C ALA E 305 72.40 1.11 7.59
N ILE E 306 73.22 0.46 6.76
CA ILE E 306 74.67 0.62 6.88
C ILE E 306 75.05 2.09 6.79
N PHE E 307 74.47 2.80 5.81
CA PHE E 307 74.79 4.21 5.63
C PHE E 307 74.29 5.05 6.80
N ALA E 308 73.07 4.79 7.27
CA ALA E 308 72.50 5.59 8.35
C ALA E 308 73.21 5.35 9.68
N LYS E 309 73.87 4.21 9.85
CA LYS E 309 74.45 3.87 11.13
C LYS E 309 75.92 4.28 11.25
N PHE E 310 76.71 4.03 10.21
CA PHE E 310 78.17 4.11 10.32
C PHE E 310 78.76 5.34 9.64
N ARG E 311 77.93 6.22 9.09
CA ARG E 311 78.44 7.49 8.61
C ARG E 311 79.03 8.28 9.77
N ASN E 312 80.24 8.81 9.58
CA ASN E 312 80.95 9.54 10.63
C ASN E 312 81.16 8.68 11.87
N ALA E 313 81.34 7.38 11.68
CA ALA E 313 81.53 6.43 12.77
C ALA E 313 80.34 6.42 13.73
N GLY E 314 79.16 6.75 13.21
CA GLY E 314 77.96 6.77 14.02
C GLY E 314 77.78 8.01 14.87
N GLN E 315 78.59 9.05 14.64
CA GLN E 315 78.57 10.25 15.49
C GLN E 315 77.82 11.39 14.79
N THR E 316 76.55 11.12 14.48
CA THR E 316 75.67 12.11 13.87
C THR E 316 74.33 12.11 14.61
N CYS E 317 73.69 13.27 14.64
CA CYS E 317 72.41 13.39 15.35
C CYS E 317 71.29 12.61 14.67
N VAL E 318 71.46 12.20 13.42
CA VAL E 318 70.43 11.48 12.69
C VAL E 318 70.80 10.02 12.45
N CYS E 319 71.90 9.55 13.03
CA CYS E 319 72.31 8.17 12.82
C CYS E 319 71.29 7.20 13.39
N ALA E 320 71.14 6.06 12.73
CA ALA E 320 70.24 5.02 13.20
C ALA E 320 70.70 4.49 14.55
N ASN E 321 70.06 4.95 15.63
CA ASN E 321 70.42 4.45 16.95
C ASN E 321 69.75 3.12 17.25
N ARG E 322 68.56 2.90 16.74
CA ARG E 322 67.81 1.65 16.91
C ARG E 322 67.42 1.13 15.55
N ILE E 323 67.63 -0.16 15.32
CA ILE E 323 67.30 -0.80 14.04
C ILE E 323 66.31 -1.91 14.36
N TYR E 324 65.03 -1.66 14.07
CA TYR E 324 63.99 -2.64 14.27
C TYR E 324 63.81 -3.46 13.00
N VAL E 325 63.84 -4.78 13.14
CA VAL E 325 63.75 -5.70 12.00
C VAL E 325 62.69 -6.74 12.32
N HIS E 326 61.82 -7.02 11.34
CA HIS E 326 60.70 -7.92 11.57
C HIS E 326 61.19 -9.36 11.72
N ASP E 327 60.44 -10.13 12.50
CA ASP E 327 60.85 -11.49 12.83
C ASP E 327 61.09 -12.33 11.57
N ASN E 328 60.32 -12.10 10.52
CA ASN E 328 60.40 -12.96 9.34
C ASN E 328 61.66 -12.74 8.51
N ILE E 329 62.38 -11.65 8.74
CA ILE E 329 63.57 -11.35 7.95
C ILE E 329 64.75 -11.04 8.88
N TYR E 330 64.54 -11.20 10.18
CA TYR E 330 65.57 -10.83 11.16
C TYR E 330 66.87 -11.56 10.88
N GLN E 331 66.79 -12.88 10.68
CA GLN E 331 68.01 -13.67 10.51
C GLN E 331 68.72 -13.32 9.21
N ALA E 332 67.97 -13.19 8.12
CA ALA E 332 68.57 -12.83 6.84
C ALA E 332 69.19 -11.43 6.89
N PHE E 333 68.44 -10.47 7.44
CA PHE E 333 68.95 -9.10 7.53
C PHE E 333 70.22 -9.04 8.37
N ALA E 334 70.22 -9.71 9.52
CA ALA E 334 71.39 -9.68 10.39
C ALA E 334 72.63 -10.21 9.69
N GLU E 335 72.49 -11.33 8.98
CA GLU E 335 73.64 -11.92 8.30
C GLU E 335 74.22 -10.96 7.26
N LYS E 336 73.37 -10.40 6.40
CA LYS E 336 73.85 -9.46 5.39
C LYS E 336 74.45 -8.23 6.04
N PHE E 337 73.81 -7.72 7.09
CA PHE E 337 74.30 -6.53 7.77
C PHE E 337 75.69 -6.76 8.33
N VAL E 338 75.90 -7.89 9.00
CA VAL E 338 77.21 -8.17 9.59
C VAL E 338 78.27 -8.34 8.50
N GLN E 339 77.90 -8.96 7.38
CA GLN E 339 78.83 -9.09 6.26
C GLN E 339 79.38 -7.73 5.85
N GLU E 340 78.49 -6.75 5.69
CA GLU E 340 78.93 -5.42 5.26
C GLU E 340 79.81 -4.77 6.33
N VAL E 341 79.43 -4.91 7.61
CA VAL E 341 80.19 -4.29 8.69
C VAL E 341 81.61 -4.86 8.75
N GLN E 342 81.78 -6.14 8.41
CA GLN E 342 83.09 -6.77 8.50
C GLN E 342 84.03 -6.32 7.40
N LYS E 343 83.52 -5.71 6.33
CA LYS E 343 84.38 -5.15 5.29
C LYS E 343 85.01 -3.82 5.68
N PHE E 344 84.49 -3.16 6.71
CA PHE E 344 84.95 -1.82 7.05
C PHE E 344 86.45 -1.81 7.32
N LYS E 345 87.12 -0.78 6.82
CA LYS E 345 88.52 -0.53 7.12
C LYS E 345 88.59 0.57 8.17
N VAL E 346 89.23 0.27 9.30
CA VAL E 346 89.38 1.20 10.42
C VAL E 346 90.81 1.72 10.43
N GLY E 347 90.97 3.01 10.68
CA GLY E 347 92.29 3.58 10.79
C GLY E 347 92.25 5.09 10.64
N ASN E 348 93.43 5.66 10.40
CA ASN E 348 93.56 7.10 10.26
C ASN E 348 92.77 7.59 9.04
N GLY E 349 92.10 8.73 9.21
CA GLY E 349 91.29 9.29 8.14
C GLY E 349 92.06 9.73 6.91
N LEU E 350 93.39 9.75 6.98
CA LEU E 350 94.23 10.13 5.85
C LEU E 350 94.67 8.93 5.02
N GLU E 351 94.52 7.71 5.53
CA GLU E 351 94.89 6.53 4.77
C GLU E 351 93.88 6.27 3.67
N ASP E 352 94.32 5.53 2.66
CA ASP E 352 93.45 5.20 1.54
C ASP E 352 92.43 4.14 1.95
N GLY E 353 91.18 4.34 1.52
CA GLY E 353 90.13 3.37 1.73
C GLY E 353 89.58 3.30 3.14
N VAL E 354 90.07 4.13 4.06
CA VAL E 354 89.56 4.09 5.42
C VAL E 354 88.13 4.58 5.45
N GLN E 355 87.28 3.86 6.18
CA GLN E 355 85.86 4.15 6.27
C GLN E 355 85.39 4.48 7.67
N ILE E 356 86.11 4.06 8.71
CA ILE E 356 85.73 4.28 10.10
C ILE E 356 86.89 4.93 10.82
N GLY E 357 86.69 6.16 11.28
CA GLY E 357 87.70 6.85 12.05
C GLY E 357 87.51 6.62 13.53
N PRO E 358 88.23 7.38 14.35
CA PRO E 358 88.12 7.22 15.81
C PRO E 358 87.04 8.08 16.42
N LEU E 359 86.60 7.67 17.61
CA LEU E 359 85.64 8.46 18.36
C LEU E 359 86.31 9.74 18.87
N ILE E 360 85.47 10.73 19.19
CA ILE E 360 85.99 12.06 19.49
C ILE E 360 86.86 12.05 20.74
N ASN E 361 86.48 11.26 21.74
CA ASN E 361 87.20 11.26 23.02
C ASN E 361 86.93 9.95 23.75
N GLU E 362 87.53 9.82 24.93
CA GLU E 362 87.41 8.58 25.70
C GLU E 362 86.04 8.44 26.35
N LYS E 363 85.37 9.55 26.66
CA LYS E 363 84.04 9.47 27.25
C LYS E 363 83.08 8.73 26.30
N ALA E 364 83.22 8.96 24.99
CA ALA E 364 82.36 8.27 24.03
C ALA E 364 82.66 6.78 23.99
N VAL E 365 83.94 6.41 24.12
CA VAL E 365 84.30 5.00 24.21
C VAL E 365 83.68 4.37 25.46
N LEU E 366 83.74 5.08 26.58
CA LEU E 366 83.16 4.59 27.83
C LEU E 366 81.65 4.40 27.68
N LYS E 367 80.97 5.40 27.11
CA LYS E 367 79.53 5.30 26.91
C LYS E 367 79.18 4.10 26.03
N ALA E 368 79.92 3.92 24.93
CA ALA E 368 79.62 2.81 24.03
C ALA E 368 79.79 1.47 24.74
N GLN E 369 80.87 1.32 25.50
CA GLN E 369 81.13 0.05 26.16
C GLN E 369 80.08 -0.24 27.23
N GLN E 370 79.65 0.78 27.95
CA GLN E 370 78.61 0.60 28.96
C GLN E 370 77.33 0.07 28.32
N LEU E 371 76.86 0.72 27.26
CA LEU E 371 75.60 0.32 26.64
C LEU E 371 75.67 -1.10 26.09
N ILE E 372 76.83 -1.49 25.54
CA ILE E 372 76.97 -2.85 25.04
C ILE E 372 76.99 -3.84 26.20
N ASP E 373 77.70 -3.52 27.28
CA ASP E 373 77.75 -4.42 28.42
C ASP E 373 76.36 -4.62 29.03
N ASP E 374 75.59 -3.53 29.13
CA ASP E 374 74.24 -3.64 29.67
C ASP E 374 73.38 -4.54 28.80
N ALA E 375 73.44 -4.33 27.48
CA ALA E 375 72.66 -5.16 26.57
C ALA E 375 73.03 -6.63 26.71
N VAL E 376 74.32 -6.93 26.69
CA VAL E 376 74.76 -8.31 26.81
C VAL E 376 74.27 -8.92 28.12
N SER E 377 74.31 -8.15 29.20
CA SER E 377 73.86 -8.66 30.50
C SER E 377 72.38 -8.95 30.52
N LYS E 378 71.62 -8.51 29.51
CA LYS E 378 70.19 -8.76 29.44
C LYS E 378 69.82 -9.66 28.27
N GLY E 379 70.78 -10.41 27.74
CA GLY E 379 70.51 -11.43 26.73
C GLY E 379 70.89 -11.08 25.32
N ALA E 380 71.53 -9.93 25.09
CA ALA E 380 71.92 -9.55 23.74
C ALA E 380 73.23 -10.23 23.37
N LYS E 381 73.31 -10.67 22.11
CA LYS E 381 74.51 -11.31 21.58
C LYS E 381 75.31 -10.31 20.76
N ILE E 382 76.62 -10.49 20.74
CA ILE E 382 77.53 -9.66 19.95
C ILE E 382 77.82 -10.43 18.67
N ALA E 383 77.29 -9.93 17.55
CA ALA E 383 77.54 -10.56 16.26
C ALA E 383 78.93 -10.24 15.74
N CYS E 384 79.48 -9.06 16.09
CA CYS E 384 80.83 -8.69 15.71
C CYS E 384 81.20 -7.44 16.48
N GLY E 385 82.51 -7.23 16.68
CA GLY E 385 82.98 -6.08 17.41
C GLY E 385 82.73 -6.23 18.90
N GLY E 386 82.43 -5.11 19.56
CA GLY E 386 82.07 -5.11 20.95
C GLY E 386 83.14 -4.61 21.91
N LYS E 387 84.32 -4.24 21.40
CA LYS E 387 85.40 -3.79 22.27
C LYS E 387 86.21 -2.72 21.54
N GLN E 388 87.17 -2.14 22.26
CA GLN E 388 88.06 -1.16 21.65
C GLN E 388 88.88 -1.80 20.55
N HIS E 389 89.22 -1.01 19.54
CA HIS E 389 89.98 -1.49 18.40
C HIS E 389 91.45 -1.67 18.80
N ALA E 390 92.15 -2.52 18.04
CA ALA E 390 93.55 -2.78 18.30
C ALA E 390 94.40 -1.53 18.14
N LEU E 391 93.95 -0.56 17.36
CA LEU E 391 94.69 0.68 17.16
C LEU E 391 94.71 1.56 18.40
N GLY E 392 93.95 1.21 19.44
CA GLY E 392 93.97 2.01 20.65
C GLY E 392 93.38 3.39 20.44
N GLN E 393 93.92 4.35 21.19
CA GLN E 393 93.45 5.74 21.18
C GLN E 393 91.96 5.69 21.50
N THR E 394 91.09 6.33 20.70
CA THR E 394 89.64 6.23 20.87
C THR E 394 88.99 5.45 19.74
N PHE E 395 89.73 4.56 19.09
CA PHE E 395 89.15 3.72 18.05
C PHE E 395 88.29 2.64 18.68
N TYR E 396 87.08 2.45 18.13
CA TYR E 396 86.17 1.42 18.58
C TYR E 396 85.83 0.50 17.42
N GLU E 397 85.73 -0.79 17.69
CA GLU E 397 85.40 -1.75 16.65
C GLU E 397 83.97 -1.54 16.18
N PRO E 398 83.71 -1.47 14.88
CA PRO E 398 82.31 -1.49 14.40
C PRO E 398 81.61 -2.73 14.91
N SER E 399 80.51 -2.52 15.62
CA SER E 399 79.85 -3.59 16.36
C SER E 399 78.41 -3.76 15.90
N VAL E 400 77.90 -4.98 16.06
CA VAL E 400 76.52 -5.32 15.74
C VAL E 400 75.98 -6.20 16.86
N LEU E 401 74.87 -5.79 17.47
CA LEU E 401 74.23 -6.54 18.54
C LEU E 401 72.91 -7.13 18.04
N THR E 402 72.65 -8.38 18.42
CA THR E 402 71.41 -9.05 18.11
C THR E 402 70.69 -9.40 19.40
N ASN E 403 69.39 -9.70 19.27
CA ASN E 403 68.55 -10.07 20.40
C ASN E 403 68.36 -8.91 21.38
N VAL E 404 68.30 -7.70 20.86
CA VAL E 404 68.08 -6.50 21.67
C VAL E 404 66.58 -6.32 21.87
N ASP E 405 66.20 -5.79 23.04
CA ASP E 405 64.80 -5.52 23.34
C ASP E 405 64.71 -4.18 24.06
N ARG E 406 63.47 -3.75 24.32
CA ARG E 406 63.20 -2.43 24.86
C ARG E 406 63.70 -2.25 26.29
N THR E 407 64.03 -3.33 27.00
CA THR E 407 64.47 -3.24 28.38
C THR E 407 65.94 -2.86 28.50
N MET E 408 66.64 -2.65 27.39
CA MET E 408 68.08 -2.39 27.41
C MET E 408 68.35 -0.90 27.27
N GLU E 409 69.39 -0.44 27.96
CA GLU E 409 69.70 0.99 27.99
C GLU E 409 70.06 1.53 26.62
N ILE E 410 70.63 0.68 25.75
CA ILE E 410 71.05 1.14 24.43
C ILE E 410 69.86 1.60 23.60
N VAL E 411 68.64 1.24 24.01
CA VAL E 411 67.45 1.67 23.29
C VAL E 411 66.95 3.04 23.75
N GLN E 412 67.38 3.50 24.92
CA GLN E 412 66.94 4.78 25.46
C GLN E 412 68.03 5.84 25.46
N GLU E 413 69.25 5.51 25.05
CA GLU E 413 70.38 6.42 25.11
C GLU E 413 71.06 6.48 23.75
N GLU E 414 71.54 7.67 23.39
CA GLU E 414 72.31 7.83 22.17
C GLU E 414 73.69 7.19 22.33
N ILE E 415 74.07 6.35 21.36
CA ILE E 415 75.38 5.72 21.42
C ILE E 415 76.44 6.68 20.90
N PHE E 416 76.16 7.37 19.80
CA PHE E 416 77.14 8.21 19.11
C PHE E 416 78.42 7.42 18.84
N GLY E 417 78.24 6.20 18.34
CA GLY E 417 79.34 5.33 18.01
C GLY E 417 78.94 4.28 16.98
N PRO E 418 79.91 3.50 16.52
CA PRO E 418 79.63 2.49 15.47
C PRO E 418 79.10 1.18 16.04
N VAL E 419 77.91 1.26 16.63
CA VAL E 419 77.26 0.12 17.27
C VAL E 419 75.83 0.03 16.77
N ALA E 420 75.49 -1.10 16.16
CA ALA E 420 74.18 -1.29 15.53
C ALA E 420 73.35 -2.30 16.32
N PRO E 421 72.41 -1.85 17.15
CA PRO E 421 71.54 -2.82 17.84
C PRO E 421 70.33 -3.21 17.01
N LEU E 422 70.24 -4.48 16.65
CA LEU E 422 69.13 -5.00 15.86
C LEU E 422 68.05 -5.51 16.80
N ILE E 423 66.85 -4.97 16.66
CA ILE E 423 65.75 -5.24 17.59
C ILE E 423 64.65 -5.97 16.84
N ARG E 424 64.24 -7.12 17.38
CA ARG E 424 63.21 -7.93 16.74
C ARG E 424 61.82 -7.40 17.08
N PHE E 425 60.92 -7.49 16.11
CA PHE E 425 59.53 -7.12 16.32
C PHE E 425 58.65 -7.92 15.37
N THR E 426 57.34 -7.86 15.61
CA THR E 426 56.37 -8.56 14.78
C THR E 426 55.17 -7.68 14.46
N ASP E 427 54.60 -7.04 15.49
CA ASP E 427 53.40 -6.25 15.33
C ASP E 427 53.72 -4.82 14.92
N GLU E 428 52.94 -4.28 13.97
CA GLU E 428 53.19 -2.93 13.48
C GLU E 428 52.90 -1.90 14.56
N ALA E 429 51.73 -2.00 15.22
CA ALA E 429 51.40 -1.04 16.25
C ALA E 429 52.43 -1.04 17.37
N ASP E 430 53.05 -2.19 17.64
CA ASP E 430 54.02 -2.26 18.72
C ASP E 430 55.33 -1.60 18.35
N VAL E 431 55.78 -1.76 17.10
CA VAL E 431 57.05 -1.17 16.71
C VAL E 431 56.91 0.34 16.57
N VAL E 432 55.73 0.83 16.20
CA VAL E 432 55.52 2.28 16.15
C VAL E 432 55.55 2.87 17.55
N ALA E 433 54.93 2.19 18.52
CA ALA E 433 54.97 2.67 19.90
C ALA E 433 56.39 2.68 20.44
N GLN E 434 57.16 1.63 20.16
CA GLN E 434 58.56 1.60 20.59
C GLN E 434 59.36 2.71 19.93
N ALA E 435 59.09 2.98 18.64
CA ALA E 435 59.83 4.02 17.93
C ALA E 435 59.54 5.40 18.50
N ASN E 436 58.32 5.63 18.98
CA ASN E 436 57.95 6.91 19.56
C ASN E 436 58.18 6.99 21.06
N ASP E 437 58.60 5.89 21.69
CA ASP E 437 58.82 5.86 23.14
C ASP E 437 60.17 6.48 23.48
N THR E 438 60.25 7.79 23.28
CA THR E 438 61.47 8.54 23.49
C THR E 438 61.12 10.02 23.62
N ILE E 439 62.01 10.77 24.27
CA ILE E 439 61.83 12.22 24.36
C ILE E 439 62.23 12.93 23.07
N PHE E 440 62.90 12.24 22.15
CA PHE E 440 63.43 12.85 20.95
C PHE E 440 62.48 12.66 19.77
N GLY E 441 62.78 13.36 18.69
CA GLY E 441 61.98 13.31 17.49
C GLY E 441 62.65 14.01 16.33
N LEU E 442 63.86 13.59 16.00
CA LEU E 442 64.62 14.24 14.93
C LEU E 442 64.42 13.51 13.61
N ALA E 443 65.08 12.36 13.44
CA ALA E 443 65.02 11.61 12.20
C ALA E 443 64.58 10.19 12.47
N ALA E 444 63.83 9.63 11.53
CA ALA E 444 63.43 8.23 11.56
C ALA E 444 63.49 7.68 10.14
N TYR E 445 63.46 6.36 10.02
CA TYR E 445 63.58 5.70 8.73
C TYR E 445 62.68 4.46 8.70
N VAL E 446 61.96 4.28 7.60
CA VAL E 446 61.03 3.17 7.42
C VAL E 446 61.27 2.54 6.06
N TYR E 447 61.38 1.22 6.03
CA TYR E 447 61.54 0.47 4.79
C TYR E 447 60.35 -0.46 4.63
N SER E 448 59.61 -0.31 3.53
CA SER E 448 58.47 -1.15 3.23
C SER E 448 58.00 -0.91 1.81
N GLU E 449 57.78 -1.99 1.05
CA GLU E 449 57.28 -1.84 -0.31
C GLU E 449 55.77 -1.68 -0.37
N ASN E 450 55.08 -1.89 0.75
CA ASN E 450 53.65 -1.62 0.83
C ASN E 450 53.43 -0.11 0.99
N ILE E 451 52.45 0.41 0.26
CA ILE E 451 52.28 1.85 0.18
C ILE E 451 51.45 2.37 1.34
N SER E 452 50.36 1.68 1.66
CA SER E 452 49.57 2.04 2.84
C SER E 452 50.44 2.00 4.10
N ARG E 453 51.22 0.93 4.27
CA ARG E 453 52.05 0.81 5.45
C ARG E 453 53.12 1.89 5.49
N LEU E 454 53.76 2.17 4.34
CA LEU E 454 54.81 3.17 4.31
C LEU E 454 54.29 4.54 4.73
N TRP E 455 53.12 4.93 4.21
CA TRP E 455 52.54 6.22 4.58
C TRP E 455 51.95 6.18 5.99
N ARG E 456 51.23 5.11 6.32
CA ARG E 456 50.62 4.99 7.64
C ARG E 456 51.68 5.15 8.74
N VAL E 457 52.81 4.45 8.59
CA VAL E 457 53.83 4.47 9.63
C VAL E 457 54.57 5.80 9.64
N SER E 458 54.94 6.30 8.46
CA SER E 458 55.67 7.58 8.40
C SER E 458 54.85 8.70 9.03
N GLU E 459 53.53 8.67 8.85
CA GLU E 459 52.69 9.70 9.45
C GLU E 459 52.57 9.52 10.96
N GLN E 460 52.64 8.29 11.45
CA GLN E 460 52.51 8.04 12.88
C GLN E 460 53.80 8.26 13.65
N LEU E 461 54.94 8.36 12.95
CA LEU E 461 56.22 8.59 13.61
C LEU E 461 56.32 10.06 14.00
N GLU E 462 56.48 10.31 15.30
CA GLU E 462 56.59 11.69 15.82
C GLU E 462 58.03 12.15 15.63
N TYR E 463 58.36 12.48 14.38
CA TYR E 463 59.69 12.91 14.00
C TYR E 463 59.58 14.03 12.97
N GLY E 464 60.59 14.89 12.96
CA GLY E 464 60.63 15.97 11.99
C GLY E 464 61.10 15.57 10.61
N MET E 465 61.70 14.39 10.49
CA MET E 465 62.20 13.90 9.20
C MET E 465 62.04 12.39 9.18
N VAL E 466 61.50 11.86 8.08
CA VAL E 466 61.26 10.44 7.94
C VAL E 466 61.78 10.00 6.57
N GLY E 467 62.83 9.17 6.57
CA GLY E 467 63.29 8.54 5.36
C GLY E 467 62.40 7.37 5.01
N MET E 468 61.80 7.40 3.83
CA MET E 468 60.86 6.37 3.39
C MET E 468 61.53 5.58 2.27
N ASN E 469 62.01 4.38 2.60
CA ASN E 469 62.84 3.59 1.68
C ASN E 469 64.09 4.37 1.27
N ALA E 470 64.61 5.21 2.18
CA ALA E 470 65.79 6.00 1.92
C ALA E 470 66.37 6.45 3.25
N THR E 471 67.69 6.65 3.26
CA THR E 471 68.39 7.17 4.44
C THR E 471 69.31 8.33 4.16
N ALA E 472 69.60 8.64 2.89
CA ALA E 472 70.42 9.80 2.54
C ALA E 472 69.51 11.02 2.41
N ILE E 473 69.03 11.48 3.58
CA ILE E 473 68.02 12.53 3.62
C ILE E 473 68.61 13.92 3.74
N SER E 474 69.93 14.05 3.86
CA SER E 474 70.55 15.34 4.15
C SER E 474 70.91 16.06 2.86
N ASN E 475 70.44 17.29 2.74
CA ASN E 475 70.81 18.20 1.66
C ASN E 475 70.32 19.59 2.07
N GLU E 476 70.60 20.59 1.25
CA GLU E 476 70.39 21.97 1.65
C GLU E 476 68.97 22.48 1.35
N VAL E 477 68.20 21.80 0.50
CA VAL E 477 66.90 22.32 0.09
C VAL E 477 65.75 21.78 0.94
N VAL E 478 66.02 20.85 1.85
CA VAL E 478 64.96 20.24 2.65
C VAL E 478 65.01 20.79 4.07
N PRO E 479 63.86 20.93 4.76
CA PRO E 479 63.88 21.48 6.11
C PRO E 479 64.41 20.50 7.14
N PHE E 480 65.57 20.82 7.73
CA PHE E 480 66.29 19.92 8.61
C PHE E 480 66.04 20.33 10.06
N GLY E 481 65.44 19.44 10.84
CA GLY E 481 65.13 19.73 12.22
C GLY E 481 64.27 18.64 12.81
N GLY E 482 64.00 18.79 14.11
CA GLY E 482 63.26 17.79 14.86
C GLY E 482 62.09 18.40 15.62
N VAL E 483 61.39 17.52 16.32
CA VAL E 483 60.28 17.91 17.19
C VAL E 483 60.56 17.38 18.59
N LYS E 484 59.64 17.62 19.52
CA LYS E 484 59.79 17.16 20.91
C LYS E 484 61.09 17.76 21.45
N GLN E 485 61.89 17.01 22.19
CA GLN E 485 63.11 17.54 22.77
C GLN E 485 64.29 17.49 21.80
N SER E 486 64.06 17.17 20.53
CA SER E 486 65.10 17.28 19.52
C SER E 486 65.33 18.70 19.07
N GLY E 487 64.47 19.64 19.47
CA GLY E 487 64.70 21.05 19.26
C GLY E 487 63.58 21.72 18.50
N VAL E 488 63.85 22.95 18.07
CA VAL E 488 62.89 23.76 17.33
C VAL E 488 63.61 24.43 16.17
N GLY E 489 62.83 24.85 15.19
CA GLY E 489 63.36 25.50 14.01
C GLY E 489 63.86 24.50 12.98
N ARG E 490 64.10 25.02 11.77
CA ARG E 490 64.59 24.23 10.65
C ARG E 490 65.76 24.94 10.01
N GLU E 491 66.73 24.17 9.54
CA GLU E 491 67.89 24.69 8.83
C GLU E 491 67.84 24.24 7.38
N GLY E 492 68.28 25.13 6.49
CA GLY E 492 68.15 24.88 5.06
C GLY E 492 66.72 25.06 4.60
N SER E 493 66.51 25.01 3.28
CA SER E 493 65.17 25.00 2.70
C SER E 493 64.52 26.37 2.72
N LYS E 494 63.29 26.44 2.19
CA LYS E 494 62.52 27.68 2.19
C LYS E 494 62.14 28.13 3.60
N TYR E 495 62.23 27.24 4.59
CA TYR E 495 61.87 27.57 5.96
C TYR E 495 63.05 28.06 6.79
N GLY E 496 64.27 27.95 6.27
CA GLY E 496 65.44 28.25 7.08
C GLY E 496 65.69 29.73 7.31
N LEU E 497 65.33 30.58 6.33
CA LEU E 497 65.63 32.00 6.45
C LEU E 497 64.62 32.73 7.32
N GLU E 498 63.37 32.25 7.38
CA GLU E 498 62.37 32.89 8.23
C GLU E 498 62.81 32.88 9.68
N GLU E 499 63.63 31.89 10.08
CA GLU E 499 64.06 31.77 11.45
C GLU E 499 64.87 32.99 11.90
N PHE E 500 65.51 33.67 10.96
CA PHE E 500 66.37 34.81 11.27
C PHE E 500 65.72 36.15 10.94
N MET E 501 64.41 36.16 10.70
CA MET E 501 63.67 37.39 10.40
C MET E 501 62.57 37.58 11.43
N THR E 502 62.12 38.83 11.55
CA THR E 502 60.92 39.16 12.31
C THR E 502 59.89 39.76 11.37
N ILE E 503 58.63 39.72 11.81
CA ILE E 503 57.51 40.21 11.03
C ILE E 503 57.17 41.62 11.50
N LYS E 504 56.99 42.53 10.54
CA LYS E 504 56.54 43.89 10.83
C LYS E 504 55.21 44.10 10.12
N TYR E 505 54.15 44.26 10.90
CA TYR E 505 52.82 44.52 10.36
C TYR E 505 52.61 46.03 10.29
N MET E 506 52.55 46.56 9.08
CA MET E 506 52.33 47.98 8.85
C MET E 506 50.86 48.20 8.51
N CYS E 507 50.19 49.04 9.31
CA CYS E 507 48.79 49.40 9.09
C CYS E 507 48.76 50.83 8.55
N LEU E 508 48.66 50.96 7.24
CA LEU E 508 48.71 52.25 6.57
C LEU E 508 47.31 52.84 6.53
N GLY E 509 47.11 53.96 7.23
CA GLY E 509 45.82 54.63 7.24
C GLY E 509 45.69 55.65 6.12
N LEU E 510 44.87 55.32 5.12
CA LEU E 510 44.67 56.20 3.98
C LEU E 510 43.47 57.11 4.23
N SER F 29 2.88 20.22 -11.45
CA SER F 29 3.74 19.04 -11.49
C SER F 29 4.77 19.10 -10.35
N SER F 30 5.64 18.09 -10.29
CA SER F 30 6.68 18.07 -9.26
C SER F 30 7.58 19.29 -9.36
N LEU F 31 7.72 19.87 -10.56
CA LEU F 31 8.53 21.07 -10.71
C LEU F 31 7.74 22.33 -10.38
N GLN F 32 6.48 22.40 -10.82
CA GLN F 32 5.69 23.60 -10.59
C GLN F 32 5.50 23.90 -9.10
N SER F 33 5.66 22.91 -8.24
CA SER F 33 5.47 23.09 -6.80
C SER F 33 6.69 23.67 -6.10
N THR F 34 7.80 23.87 -6.81
CA THR F 34 9.01 24.42 -6.23
C THR F 34 9.13 25.91 -6.56
N GLU F 35 9.50 26.70 -5.56
CA GLU F 35 9.76 28.12 -5.78
C GLU F 35 10.97 28.34 -6.68
N LEU F 36 11.82 27.32 -6.85
CA LEU F 36 13.05 27.46 -7.61
C LEU F 36 12.89 27.17 -9.09
N PHE F 37 11.75 26.60 -9.50
CA PHE F 37 11.50 26.34 -10.92
C PHE F 37 11.13 27.65 -11.60
N GLN F 38 12.05 28.16 -12.43
CA GLN F 38 11.87 29.43 -13.11
C GLN F 38 11.93 29.20 -14.61
N GLN F 39 10.99 29.82 -15.34
CA GLN F 39 10.93 29.72 -16.79
C GLN F 39 11.25 31.05 -17.48
N GLN F 40 11.83 31.99 -16.74
CA GLN F 40 12.31 33.24 -17.29
C GLN F 40 13.80 33.39 -16.97
N ALA F 41 14.48 34.21 -17.77
CA ALA F 41 15.90 34.46 -17.55
C ALA F 41 16.09 35.46 -16.42
N TYR F 42 17.35 35.63 -16.00
CA TYR F 42 17.70 36.47 -14.85
C TYR F 42 18.77 37.46 -15.28
N ILE F 43 18.40 38.73 -15.41
CA ILE F 43 19.33 39.78 -15.84
C ILE F 43 19.09 41.01 -14.97
N ASN F 44 20.15 41.49 -14.32
CA ASN F 44 20.10 42.69 -13.48
C ASN F 44 18.99 42.59 -12.44
N GLY F 45 18.90 41.42 -11.80
CA GLY F 45 17.95 41.23 -10.72
C GLY F 45 16.51 41.07 -11.13
N GLN F 46 16.21 41.05 -12.43
CA GLN F 46 14.85 40.91 -12.91
C GLN F 46 14.67 39.58 -13.62
N TRP F 47 13.45 39.06 -13.58
CA TRP F 47 13.09 37.82 -14.28
C TRP F 47 12.39 38.19 -15.58
N LEU F 48 13.09 38.01 -16.70
CA LEU F 48 12.68 38.56 -17.98
C LEU F 48 12.42 37.45 -19.00
N ALA F 49 11.53 37.76 -19.93
CA ALA F 49 11.41 36.98 -21.16
C ALA F 49 12.27 37.64 -22.24
N ALA F 50 12.43 36.94 -23.36
CA ALA F 50 13.15 37.52 -24.49
C ALA F 50 12.37 38.70 -25.05
N GLN F 51 13.10 39.68 -25.57
CA GLN F 51 12.46 40.82 -26.21
C GLN F 51 11.51 40.37 -27.31
N SER F 52 11.80 39.24 -27.95
CA SER F 52 10.97 38.71 -29.02
C SER F 52 9.86 37.79 -28.51
N ASN F 53 9.84 37.48 -27.22
CA ASN F 53 8.92 36.52 -26.61
C ASN F 53 9.12 35.11 -27.15
N ALA F 54 10.23 34.84 -27.83
CA ALA F 54 10.52 33.51 -28.31
C ALA F 54 11.00 32.62 -27.17
N THR F 55 10.65 31.34 -27.25
CA THR F 55 10.99 30.38 -26.22
C THR F 55 11.43 29.07 -26.89
N VAL F 56 12.26 28.32 -26.17
CA VAL F 56 12.64 26.98 -26.61
C VAL F 56 12.19 25.99 -25.55
N PRO F 57 11.65 24.84 -25.93
CA PRO F 57 11.18 23.87 -24.93
C PRO F 57 12.34 23.11 -24.29
N VAL F 58 12.07 22.61 -23.08
CA VAL F 58 12.98 21.74 -22.36
C VAL F 58 12.23 20.45 -22.05
N SER F 59 12.94 19.33 -22.16
CA SER F 59 12.31 18.02 -22.06
C SER F 59 13.03 17.14 -21.05
N ASN F 60 12.29 16.15 -20.54
CA ASN F 60 12.85 15.13 -19.66
C ASN F 60 13.43 14.01 -20.51
N PRO F 61 14.74 13.76 -20.47
CA PRO F 61 15.31 12.73 -21.37
C PRO F 61 14.83 11.32 -21.05
N ALA F 62 14.42 11.05 -19.82
CA ALA F 62 14.00 9.70 -19.46
C ALA F 62 12.60 9.37 -19.97
N THR F 63 11.75 10.38 -20.11
CA THR F 63 10.37 10.17 -20.55
C THR F 63 10.04 10.85 -21.87
N GLY F 64 10.77 11.90 -22.25
CA GLY F 64 10.48 12.63 -23.45
C GLY F 64 9.40 13.69 -23.31
N GLU F 65 8.90 13.92 -22.10
CA GLU F 65 7.80 14.85 -21.90
C GLU F 65 8.30 16.28 -21.71
N GLU F 66 7.53 17.23 -22.23
CA GLU F 66 7.88 18.64 -22.12
C GLU F 66 7.64 19.11 -20.68
N ILE F 67 8.68 19.66 -20.06
CA ILE F 67 8.58 20.13 -18.69
C ILE F 67 8.45 21.65 -18.59
N GLY F 68 8.78 22.39 -19.65
CA GLY F 68 8.64 23.83 -19.62
C GLY F 68 9.37 24.45 -20.80
N THR F 69 9.60 25.76 -20.69
CA THR F 69 10.29 26.52 -21.72
C THR F 69 11.24 27.51 -21.06
N ILE F 70 12.16 28.05 -21.85
CA ILE F 70 13.06 29.11 -21.42
C ILE F 70 13.10 30.16 -22.51
N PRO F 71 13.39 31.43 -22.19
CA PRO F 71 13.49 32.45 -23.24
C PRO F 71 14.58 32.10 -24.25
N ASN F 72 14.32 32.43 -25.51
CA ASN F 72 15.32 32.26 -26.57
C ASN F 72 15.97 33.61 -26.88
N MET F 73 16.79 34.05 -25.93
CA MET F 73 17.43 35.35 -26.02
C MET F 73 18.61 35.30 -26.97
N GLY F 74 19.07 36.48 -27.39
CA GLY F 74 20.15 36.61 -28.34
C GLY F 74 21.14 37.68 -27.98
N ALA F 75 21.67 38.36 -29.00
CA ALA F 75 22.73 39.34 -28.78
C ALA F 75 22.23 40.53 -27.97
N ALA F 76 21.02 41.00 -28.25
CA ALA F 76 20.50 42.16 -27.54
C ALA F 76 20.49 41.93 -26.04
N GLU F 77 19.89 40.83 -25.60
CA GLU F 77 19.78 40.55 -24.17
C GLU F 77 21.15 40.26 -23.57
N ALA F 78 22.01 39.54 -24.30
CA ALA F 78 23.35 39.29 -23.82
C ALA F 78 24.10 40.59 -23.58
N THR F 79 23.93 41.57 -24.47
CA THR F 79 24.56 42.87 -24.27
C THR F 79 24.02 43.56 -23.02
N GLN F 80 22.71 43.47 -22.79
CA GLN F 80 22.13 44.08 -21.59
C GLN F 80 22.73 43.46 -20.32
N ALA F 81 22.97 42.15 -20.33
CA ALA F 81 23.56 41.50 -19.16
C ALA F 81 24.98 42.00 -18.93
N VAL F 82 25.78 42.11 -19.98
CA VAL F 82 27.15 42.59 -19.84
C VAL F 82 27.15 44.02 -19.30
N GLU F 83 26.22 44.85 -19.77
CA GLU F 83 26.13 46.22 -19.26
C GLU F 83 25.72 46.21 -17.79
N ALA F 84 24.75 45.38 -17.42
CA ALA F 84 24.33 45.31 -16.02
C ALA F 84 25.45 44.77 -15.15
N ALA F 85 26.19 43.76 -15.63
CA ALA F 85 27.28 43.21 -14.85
C ALA F 85 28.39 44.23 -14.65
N TYR F 86 28.63 45.08 -15.66
CA TYR F 86 29.67 46.10 -15.52
C TYR F 86 29.25 47.17 -14.53
N THR F 87 27.99 47.61 -14.59
CA THR F 87 27.51 48.60 -13.63
C THR F 87 27.59 48.08 -12.20
N ALA F 88 27.17 46.83 -11.98
CA ALA F 88 27.24 46.24 -10.65
C ALA F 88 28.68 46.00 -10.19
N LEU F 89 29.62 45.91 -11.13
CA LEU F 89 31.00 45.59 -10.77
C LEU F 89 31.62 46.67 -9.88
N GLN F 90 31.27 47.94 -10.12
CA GLN F 90 31.94 49.02 -9.40
C GLN F 90 31.67 48.94 -7.91
N SER F 91 30.42 48.66 -7.53
CA SER F 91 30.06 48.59 -6.12
C SER F 91 30.29 47.23 -5.51
N TRP F 92 30.37 46.18 -6.33
CA TRP F 92 30.58 44.83 -5.79
C TRP F 92 32.04 44.63 -5.38
N LYS F 93 32.98 45.14 -6.17
CA LYS F 93 34.39 45.01 -5.81
C LYS F 93 34.83 46.00 -4.75
N ALA F 94 34.08 47.10 -4.57
CA ALA F 94 34.42 48.07 -3.54
C ALA F 94 34.17 47.54 -2.13
N LEU F 95 33.35 46.51 -1.99
CA LEU F 95 33.12 45.89 -0.70
C LEU F 95 34.42 45.27 -0.18
N THR F 96 34.41 44.95 1.11
CA THR F 96 35.51 44.19 1.70
C THR F 96 35.35 42.71 1.38
N ALA F 97 36.46 41.98 1.49
CA ALA F 97 36.40 40.54 1.27
C ALA F 97 35.44 39.87 2.25
N GLN F 98 35.32 40.41 3.46
CA GLN F 98 34.44 39.81 4.45
C GLN F 98 32.97 40.10 4.14
N ASN F 99 32.68 41.28 3.59
CA ASN F 99 31.32 41.59 3.18
C ASN F 99 30.86 40.61 2.11
N ARG F 100 31.68 40.38 1.08
CA ARG F 100 31.33 39.41 0.06
C ARG F 100 31.28 38.00 0.62
N ALA F 101 32.14 37.69 1.59
CA ALA F 101 32.13 36.36 2.18
C ALA F 101 30.81 36.08 2.88
N ASP F 102 30.29 37.06 3.63
CA ASP F 102 29.03 36.87 4.33
C ASP F 102 27.90 36.60 3.34
N ILE F 103 27.87 37.34 2.23
CA ILE F 103 26.82 37.16 1.23
C ILE F 103 26.98 35.81 0.53
N LEU F 104 28.22 35.44 0.20
CA LEU F 104 28.44 34.16 -0.45
C LEU F 104 28.11 32.98 0.47
N LEU F 105 28.35 33.13 1.77
CA LEU F 105 28.02 32.05 2.71
C LEU F 105 26.51 31.93 2.89
N ALA F 106 25.79 33.06 2.87
CA ALA F 106 24.33 32.98 2.87
C ALA F 106 23.83 32.28 1.62
N TRP F 107 24.45 32.56 0.48
CA TRP F 107 24.16 31.80 -0.74
C TRP F 107 24.46 30.32 -0.54
N HIS F 108 25.61 30.01 0.08
CA HIS F 108 25.98 28.62 0.33
C HIS F 108 24.95 27.92 1.20
N LYS F 109 24.48 28.59 2.26
CA LYS F 109 23.50 27.97 3.15
C LYS F 109 22.21 27.65 2.41
N LEU F 110 21.77 28.56 1.53
CA LEU F 110 20.53 28.33 0.80
C LEU F 110 20.65 27.14 -0.15
N VAL F 111 21.80 26.99 -0.81
CA VAL F 111 21.97 25.89 -1.75
C VAL F 111 21.85 24.56 -1.01
N LEU F 112 22.47 24.44 0.16
CA LEU F 112 22.37 23.20 0.91
C LEU F 112 20.97 22.97 1.47
N ASP F 113 20.34 24.03 1.99
CA ASP F 113 18.99 23.89 2.53
C ASP F 113 18.00 23.42 1.46
N HIS F 114 18.26 23.73 0.19
CA HIS F 114 17.38 23.36 -0.91
C HIS F 114 17.98 22.21 -1.73
N THR F 115 18.67 21.29 -1.07
CA THR F 115 19.34 20.20 -1.76
C THR F 115 18.33 19.32 -2.50
N ASP F 116 17.28 18.91 -1.81
CA ASP F 116 16.31 17.98 -2.41
C ASP F 116 15.62 18.62 -3.61
N GLU F 117 15.28 19.91 -3.52
CA GLU F 117 14.60 20.57 -4.63
C GLU F 117 15.53 20.74 -5.82
N LEU F 118 16.78 21.17 -5.57
CA LEU F 118 17.74 21.31 -6.66
C LEU F 118 18.01 19.97 -7.32
N ALA F 119 18.10 18.89 -6.54
CA ALA F 119 18.34 17.58 -7.10
C ALA F 119 17.15 17.12 -7.94
N LEU F 120 15.93 17.36 -7.46
CA LEU F 120 14.74 17.02 -8.23
C LEU F 120 14.78 17.68 -9.60
N ILE F 121 15.09 18.98 -9.63
CA ILE F 121 15.15 19.69 -10.91
C ILE F 121 16.19 19.07 -11.82
N MET F 122 17.40 18.84 -11.29
CA MET F 122 18.47 18.28 -12.11
C MET F 122 18.07 16.94 -12.71
N THR F 123 17.54 16.03 -11.88
CA THR F 123 17.21 14.70 -12.36
C THR F 123 16.15 14.74 -13.45
N ILE F 124 15.19 15.68 -13.35
CA ILE F 124 14.09 15.70 -14.31
C ILE F 124 14.55 16.23 -15.66
N GLU F 125 15.46 17.20 -15.67
CA GLU F 125 15.90 17.81 -16.91
C GLU F 125 17.16 17.19 -17.49
N GLN F 126 17.99 16.57 -16.65
CA GLN F 126 19.26 15.99 -17.09
C GLN F 126 19.26 14.47 -17.12
N GLY F 127 18.61 13.82 -16.15
CA GLY F 127 18.35 12.40 -16.19
C GLY F 127 19.11 11.57 -15.16
N LYS F 128 20.15 12.11 -14.55
CA LYS F 128 20.96 11.32 -13.64
C LYS F 128 20.17 10.95 -12.39
N PRO F 129 20.55 9.87 -11.71
CA PRO F 129 19.78 9.43 -10.55
C PRO F 129 19.74 10.49 -9.46
N LEU F 130 18.65 10.50 -8.69
CA LEU F 130 18.47 11.49 -7.65
C LEU F 130 19.60 11.46 -6.64
N ALA F 131 20.20 10.29 -6.40
CA ALA F 131 21.32 10.21 -5.47
C ALA F 131 22.53 10.95 -6.00
N GLU F 132 22.82 10.79 -7.30
CA GLU F 132 23.94 11.52 -7.89
C GLU F 132 23.66 13.02 -7.89
N ALA F 133 22.41 13.41 -8.14
CA ALA F 133 22.08 14.83 -8.17
C ALA F 133 22.32 15.49 -6.82
N LYS F 134 21.93 14.81 -5.74
CA LYS F 134 22.16 15.37 -4.41
C LYS F 134 23.65 15.47 -4.11
N GLY F 135 24.43 14.51 -4.59
CA GLY F 135 25.87 14.59 -4.42
C GLY F 135 26.48 15.78 -5.13
N GLU F 136 26.00 16.06 -6.35
CA GLU F 136 26.51 17.22 -7.08
C GLU F 136 26.14 18.52 -6.39
N VAL F 137 24.94 18.58 -5.80
CA VAL F 137 24.53 19.79 -5.10
C VAL F 137 25.48 20.09 -3.96
N ARG F 138 25.76 19.08 -3.13
CA ARG F 138 26.74 19.25 -2.05
C ARG F 138 28.11 19.56 -2.62
N TYR F 139 28.54 18.82 -3.64
CA TYR F 139 29.78 19.11 -4.32
C TYR F 139 29.80 20.55 -4.82
N ALA F 140 28.69 20.99 -5.42
CA ALA F 140 28.63 22.34 -5.96
C ALA F 140 28.62 23.39 -4.85
N ALA F 141 27.91 23.11 -3.76
CA ALA F 141 27.83 24.06 -2.67
C ALA F 141 29.21 24.30 -2.04
N SER F 142 30.02 23.25 -1.96
CA SER F 142 31.32 23.37 -1.29
C SER F 142 32.21 24.39 -1.99
N PHE F 143 32.03 24.60 -3.29
CA PHE F 143 32.83 25.60 -3.99
C PHE F 143 32.48 27.01 -3.52
N ILE F 144 31.21 27.26 -3.22
CA ILE F 144 30.80 28.58 -2.74
C ILE F 144 31.47 28.87 -1.40
N GLN F 145 31.44 27.90 -0.48
CA GLN F 145 32.09 28.09 0.81
C GLN F 145 33.59 28.24 0.64
N TRP F 146 34.20 27.41 -0.20
CA TRP F 146 35.65 27.43 -0.35
C TRP F 146 36.14 28.80 -0.81
N PHE F 147 35.48 29.36 -1.83
CA PHE F 147 35.96 30.61 -2.41
C PHE F 147 35.52 31.83 -1.63
N ALA F 148 34.40 31.75 -0.89
CA ALA F 148 34.12 32.80 0.08
C ALA F 148 35.28 32.99 1.03
N GLU F 149 35.96 31.89 1.38
CA GLU F 149 37.11 31.94 2.27
C GLU F 149 38.36 32.36 1.53
N GLU F 150 38.51 31.95 0.26
CA GLU F 150 39.68 32.36 -0.52
C GLU F 150 39.69 33.87 -0.72
N GLY F 151 38.52 34.48 -0.87
CA GLY F 151 38.47 35.91 -1.13
C GLY F 151 39.18 36.73 -0.07
N LYS F 152 39.20 36.26 1.17
CA LYS F 152 39.89 36.95 2.25
C LYS F 152 41.38 36.63 2.29
N ARG F 153 41.89 35.88 1.31
CA ARG F 153 43.27 35.41 1.35
C ARG F 153 43.99 35.58 0.01
N ILE F 154 43.56 36.51 -0.82
CA ILE F 154 44.26 36.81 -2.07
C ILE F 154 45.46 37.69 -1.74
N TYR F 155 46.52 37.07 -1.23
CA TYR F 155 47.65 37.81 -0.69
C TYR F 155 48.52 38.38 -1.79
N GLY F 156 48.90 39.65 -1.61
CA GLY F 156 49.92 40.27 -2.42
C GLY F 156 51.29 39.98 -1.84
N ASP F 157 52.28 40.75 -2.32
CA ASP F 157 53.67 40.50 -1.97
C ASP F 157 54.39 41.81 -1.70
N VAL F 158 55.42 41.74 -0.87
CA VAL F 158 56.44 42.76 -0.76
C VAL F 158 57.75 42.11 -1.15
N ILE F 159 58.37 42.61 -2.21
CA ILE F 159 59.52 41.96 -2.85
C ILE F 159 60.78 42.69 -2.42
N PRO F 160 61.84 41.98 -1.96
CA PRO F 160 63.09 42.67 -1.60
C PRO F 160 63.58 43.56 -2.72
N THR F 161 63.78 44.84 -2.42
CA THR F 161 64.09 45.81 -3.46
C THR F 161 65.51 45.62 -3.98
N VAL F 162 65.70 45.96 -5.26
CA VAL F 162 67.03 46.06 -5.84
C VAL F 162 67.56 47.47 -5.81
N ASN F 163 66.76 48.44 -5.35
CA ASN F 163 67.13 49.84 -5.30
C ASN F 163 66.60 50.41 -4.00
N ASN F 164 67.50 50.89 -3.14
CA ASN F 164 67.11 51.28 -1.78
C ASN F 164 66.19 52.49 -1.75
N GLN F 165 65.99 53.19 -2.87
CA GLN F 165 65.06 54.31 -2.92
C GLN F 165 63.67 53.90 -3.40
N GLN F 166 63.43 52.60 -3.61
CA GLN F 166 62.14 52.13 -4.06
C GLN F 166 61.68 50.97 -3.19
N ARG F 167 60.37 50.74 -3.19
CA ARG F 167 59.75 49.60 -2.53
C ARG F 167 58.79 48.94 -3.51
N PHE F 168 58.79 47.62 -3.55
CA PHE F 168 58.03 46.84 -4.53
C PHE F 168 56.86 46.19 -3.82
N ILE F 169 55.65 46.73 -4.04
CA ILE F 169 54.44 46.27 -3.38
C ILE F 169 53.50 45.72 -4.44
N ILE F 170 53.19 44.43 -4.34
CA ILE F 170 52.37 43.72 -5.32
C ILE F 170 51.00 43.48 -4.72
N SER F 171 49.95 43.72 -5.50
CA SER F 171 48.58 43.49 -5.08
C SER F 171 47.82 42.76 -6.17
N LYS F 172 46.63 42.27 -5.82
CA LYS F 172 45.78 41.51 -6.73
C LYS F 172 44.44 42.21 -6.85
N GLU F 173 43.93 42.28 -8.09
CA GLU F 173 42.69 42.98 -8.38
C GLU F 173 41.80 42.13 -9.27
N PRO F 174 40.48 42.30 -9.18
CA PRO F 174 39.59 41.51 -10.04
C PRO F 174 39.77 41.86 -11.51
N VAL F 175 39.70 40.84 -12.36
CA VAL F 175 39.90 41.06 -13.79
C VAL F 175 38.75 41.88 -14.36
N GLY F 176 37.54 41.72 -13.83
CA GLY F 176 36.40 42.47 -14.32
C GLY F 176 35.18 41.61 -14.60
N VAL F 177 34.42 41.95 -15.63
CA VAL F 177 33.24 41.16 -15.97
C VAL F 177 33.68 39.82 -16.56
N VAL F 178 33.04 38.74 -16.11
CA VAL F 178 33.39 37.39 -16.52
C VAL F 178 32.22 36.77 -17.26
N ALA F 179 32.53 36.06 -18.35
CA ALA F 179 31.54 35.32 -19.11
C ALA F 179 31.76 33.83 -18.86
N ALA F 180 30.69 33.14 -18.49
CA ALA F 180 30.75 31.72 -18.17
C ALA F 180 29.76 30.97 -19.04
N ILE F 181 30.24 30.00 -19.80
CA ILE F 181 29.42 29.15 -20.66
C ILE F 181 29.58 27.72 -20.16
N THR F 182 28.50 27.14 -19.66
CA THR F 182 28.55 25.88 -18.92
C THR F 182 27.83 24.76 -19.67
N PRO F 183 28.22 23.50 -19.41
CA PRO F 183 27.60 22.37 -20.11
C PRO F 183 26.42 21.78 -19.36
N TRP F 184 25.99 20.57 -19.76
CA TRP F 184 24.80 19.94 -19.22
C TRP F 184 25.09 18.76 -18.30
N ASN F 185 26.29 18.17 -18.35
CA ASN F 185 26.55 16.98 -17.57
C ASN F 185 26.53 17.25 -16.07
N PHE F 186 26.95 18.43 -15.65
CA PHE F 186 26.89 18.85 -14.25
C PHE F 186 26.23 20.24 -14.22
N PRO F 187 24.91 20.29 -14.37
CA PRO F 187 24.25 21.59 -14.61
C PRO F 187 24.24 22.52 -13.41
N ILE F 188 24.70 22.09 -12.24
CA ILE F 188 24.80 22.96 -11.06
C ILE F 188 26.26 23.21 -10.68
N ALA F 189 27.06 22.14 -10.59
CA ALA F 189 28.43 22.28 -10.15
C ALA F 189 29.24 23.16 -11.10
N MET F 190 29.01 23.03 -12.41
CA MET F 190 29.73 23.87 -13.36
C MET F 190 29.38 25.34 -13.19
N ILE F 191 28.20 25.66 -12.65
CA ILE F 191 27.83 27.05 -12.41
C ILE F 191 28.62 27.60 -11.22
N THR F 192 28.58 26.90 -10.08
CA THR F 192 29.23 27.40 -8.88
C THR F 192 30.75 27.36 -9.01
N ARG F 193 31.29 26.41 -9.77
CA ARG F 193 32.73 26.34 -9.96
C ARG F 193 33.29 27.55 -10.70
N LYS F 194 32.44 28.29 -11.40
CA LYS F 194 32.85 29.49 -12.13
C LYS F 194 32.31 30.78 -11.54
N ALA F 195 31.08 30.76 -11.00
CA ALA F 195 30.49 31.97 -10.44
C ALA F 195 31.04 32.26 -9.05
N ALA F 196 31.24 31.23 -8.22
CA ALA F 196 31.76 31.45 -6.88
C ALA F 196 33.13 32.10 -6.89
N PRO F 197 34.14 31.54 -7.58
CA PRO F 197 35.45 32.24 -7.60
C PRO F 197 35.38 33.60 -8.25
N ALA F 198 34.54 33.77 -9.28
CA ALA F 198 34.39 35.08 -9.90
C ALA F 198 33.86 36.10 -8.90
N LEU F 199 32.77 35.77 -8.21
CA LEU F 199 32.23 36.68 -7.21
C LEU F 199 33.21 36.90 -6.07
N ALA F 200 33.85 35.82 -5.59
CA ALA F 200 34.78 35.96 -4.48
C ALA F 200 35.99 36.82 -4.86
N ALA F 201 36.35 36.82 -6.14
CA ALA F 201 37.46 37.63 -6.61
C ALA F 201 37.11 39.11 -6.72
N GLY F 202 35.84 39.47 -6.57
CA GLY F 202 35.38 40.82 -6.82
C GLY F 202 34.81 41.05 -8.20
N CYS F 203 34.66 39.99 -8.99
CA CYS F 203 34.13 40.11 -10.33
C CYS F 203 32.61 39.92 -10.33
N THR F 204 31.99 40.33 -11.43
CA THR F 204 30.62 39.97 -11.75
C THR F 204 30.65 39.02 -12.95
N VAL F 205 29.55 38.30 -13.14
CA VAL F 205 29.53 37.19 -14.10
C VAL F 205 28.23 37.23 -14.89
N VAL F 206 28.32 36.90 -16.17
CA VAL F 206 27.18 36.62 -17.03
C VAL F 206 27.29 35.16 -17.47
N ILE F 207 26.21 34.40 -17.31
CA ILE F 207 26.23 32.96 -17.48
C ILE F 207 25.30 32.56 -18.62
N LYS F 208 25.80 31.72 -19.51
CA LYS F 208 24.99 31.10 -20.56
C LYS F 208 24.95 29.60 -20.31
N PRO F 209 23.88 29.06 -19.76
CA PRO F 209 23.82 27.62 -19.47
C PRO F 209 23.35 26.83 -20.69
N ALA F 210 23.57 25.52 -20.61
CA ALA F 210 23.12 24.63 -21.68
C ALA F 210 21.61 24.63 -21.77
N ASN F 211 21.09 24.70 -23.01
CA ASN F 211 19.65 24.70 -23.22
C ASN F 211 19.00 23.39 -22.81
N GLU F 212 19.77 22.31 -22.70
CA GLU F 212 19.20 21.05 -22.26
C GLU F 212 18.96 21.03 -20.75
N THR F 213 19.70 21.83 -19.98
CA THR F 213 19.62 21.84 -18.53
C THR F 213 19.72 23.27 -18.02
N PRO F 214 18.72 24.11 -18.34
CA PRO F 214 18.78 25.51 -17.92
C PRO F 214 18.20 25.78 -16.54
N TYR F 215 17.25 24.93 -16.11
CA TYR F 215 16.52 25.20 -14.87
C TYR F 215 17.42 25.07 -13.65
N CYS F 216 18.46 24.24 -13.72
CA CYS F 216 19.42 24.18 -12.63
C CYS F 216 20.13 25.52 -12.45
N ALA F 217 20.56 26.13 -13.56
CA ALA F 217 21.21 27.44 -13.47
C ALA F 217 20.25 28.51 -12.98
N LEU F 218 19.00 28.47 -13.45
CA LEU F 218 18.04 29.48 -13.03
C LEU F 218 17.62 29.29 -11.58
N ALA F 219 17.64 28.04 -11.08
CA ALA F 219 17.34 27.81 -9.68
C ALA F 219 18.46 28.35 -8.79
N ILE F 220 19.71 28.18 -9.21
CA ILE F 220 20.84 28.75 -8.47
C ILE F 220 20.74 30.27 -8.46
N ALA F 221 20.27 30.86 -9.56
CA ALA F 221 20.11 32.31 -9.61
C ALA F 221 19.01 32.77 -8.67
N LYS F 222 17.94 31.99 -8.54
CA LYS F 222 16.87 32.34 -7.61
C LYS F 222 17.37 32.33 -6.17
N LEU F 223 18.27 31.39 -5.84
CA LEU F 223 18.83 31.36 -4.49
C LEU F 223 19.80 32.51 -4.27
N ALA F 224 20.56 32.86 -5.30
CA ALA F 224 21.41 34.06 -5.21
C ALA F 224 20.57 35.28 -4.86
N GLU F 225 19.41 35.42 -5.49
CA GLU F 225 18.50 36.51 -5.15
C GLU F 225 18.11 36.47 -3.69
N LYS F 226 17.73 35.28 -3.19
CA LYS F 226 17.36 35.13 -1.79
C LYS F 226 18.53 35.43 -0.86
N ALA F 227 19.76 35.18 -1.31
CA ALA F 227 20.94 35.37 -0.49
C ALA F 227 21.39 36.83 -0.40
N GLY F 228 20.74 37.72 -1.14
CA GLY F 228 21.11 39.12 -1.11
C GLY F 228 22.21 39.52 -2.06
N ILE F 229 22.52 38.70 -3.06
CA ILE F 229 23.51 39.06 -4.07
C ILE F 229 22.93 40.21 -4.88
N PRO F 230 23.60 41.36 -4.97
CA PRO F 230 22.98 42.52 -5.62
C PRO F 230 22.67 42.27 -7.09
N ALA F 231 21.74 43.05 -7.61
CA ALA F 231 21.34 42.93 -9.00
C ALA F 231 22.53 43.19 -9.92
N GLY F 232 22.67 42.38 -10.96
CA GLY F 232 23.72 42.51 -11.93
C GLY F 232 24.99 41.77 -11.59
N VAL F 233 25.19 41.36 -10.34
CA VAL F 233 26.39 40.64 -9.98
C VAL F 233 26.40 39.27 -10.64
N ILE F 234 25.23 38.65 -10.80
CA ILE F 234 25.12 37.34 -11.44
C ILE F 234 23.90 37.37 -12.35
N ASN F 235 24.10 36.95 -13.60
CA ASN F 235 23.06 36.99 -14.62
C ASN F 235 23.08 35.70 -15.42
N VAL F 236 21.90 35.22 -15.80
CA VAL F 236 21.75 33.98 -16.55
C VAL F 236 20.96 34.28 -17.81
N VAL F 237 21.61 34.10 -18.96
CA VAL F 237 21.02 34.40 -20.27
C VAL F 237 20.82 33.09 -21.01
N THR F 238 19.58 32.76 -21.32
CA THR F 238 19.23 31.50 -21.98
C THR F 238 18.86 31.77 -23.43
N GLY F 239 19.06 30.76 -24.28
CA GLY F 239 18.59 30.83 -25.64
C GLY F 239 19.60 30.49 -26.71
N LYS F 240 19.87 31.43 -27.60
CA LYS F 240 20.71 31.19 -28.76
C LYS F 240 22.17 31.19 -28.34
N SER F 241 22.84 30.05 -28.52
CA SER F 241 24.21 29.90 -28.01
C SER F 241 25.20 30.71 -28.83
N GLN F 242 25.13 30.58 -30.16
CA GLN F 242 26.10 31.30 -30.99
C GLN F 242 25.96 32.80 -30.83
N GLU F 243 24.73 33.31 -30.73
CA GLU F 243 24.54 34.75 -30.61
C GLU F 243 24.98 35.24 -29.23
N ILE F 244 24.58 34.53 -28.18
CA ILE F 244 25.00 34.92 -26.83
C ILE F 244 26.50 34.72 -26.67
N GLY F 245 27.03 33.60 -27.18
CA GLY F 245 28.46 33.36 -27.07
C GLY F 245 29.30 34.35 -27.86
N SER F 246 28.78 34.81 -29.00
CA SER F 246 29.52 35.78 -29.80
C SER F 246 29.64 37.11 -29.07
N VAL F 247 28.63 37.51 -28.30
CA VAL F 247 28.73 38.74 -27.52
C VAL F 247 29.68 38.54 -26.34
N PHE F 248 29.57 37.40 -25.66
CA PHE F 248 30.42 37.16 -24.49
C PHE F 248 31.90 37.14 -24.87
N THR F 249 32.22 36.77 -26.10
CA THR F 249 33.60 36.62 -26.54
C THR F 249 34.12 37.81 -27.33
N SER F 250 33.32 38.86 -27.49
CA SER F 250 33.74 40.04 -28.23
C SER F 250 33.46 41.36 -27.54
N HIS F 251 32.50 41.42 -26.61
CA HIS F 251 32.17 42.69 -25.97
C HIS F 251 33.37 43.22 -25.18
N GLU F 252 33.64 44.51 -25.35
CA GLU F 252 34.85 45.10 -24.78
C GLU F 252 34.90 44.95 -23.26
N LYS F 253 33.74 44.95 -22.61
CA LYS F 253 33.70 44.95 -21.15
C LYS F 253 33.88 43.56 -20.54
N VAL F 254 33.79 42.50 -21.34
CA VAL F 254 34.09 41.15 -20.85
C VAL F 254 35.60 40.95 -20.92
N LYS F 255 36.22 40.71 -19.76
CA LYS F 255 37.67 40.58 -19.68
C LYS F 255 38.13 39.14 -19.58
N LYS F 256 37.25 38.20 -19.24
CA LYS F 256 37.64 36.80 -19.10
C LYS F 256 36.48 35.91 -19.53
N LEU F 257 36.82 34.81 -20.17
CA LEU F 257 35.86 33.76 -20.52
C LEU F 257 36.27 32.48 -19.84
N THR F 258 35.32 31.84 -19.16
CA THR F 258 35.51 30.50 -18.60
C THR F 258 34.48 29.59 -19.26
N PHE F 259 34.97 28.55 -19.93
CA PHE F 259 34.13 27.67 -20.71
C PHE F 259 34.47 26.22 -20.39
N THR F 260 33.44 25.37 -20.33
CA THR F 260 33.61 23.94 -20.14
C THR F 260 32.71 23.23 -21.14
N GLY F 261 33.32 22.45 -22.03
CA GLY F 261 32.58 21.74 -23.05
C GLY F 261 33.47 21.00 -24.03
N SER F 262 33.05 20.93 -25.29
CA SER F 262 33.83 20.20 -26.28
C SER F 262 35.05 21.02 -26.71
N THR F 263 36.05 20.32 -27.22
CA THR F 263 37.28 20.96 -27.67
C THR F 263 37.05 21.79 -28.93
N PRO F 264 36.29 21.28 -29.91
CA PRO F 264 36.02 22.11 -31.09
C PRO F 264 35.38 23.44 -30.74
N VAL F 265 34.40 23.45 -29.82
CA VAL F 265 33.81 24.70 -29.40
C VAL F 265 34.84 25.57 -28.68
N GLY F 266 35.68 24.94 -27.84
CA GLY F 266 36.71 25.69 -27.15
C GLY F 266 37.67 26.37 -28.10
N ARG F 267 38.06 25.67 -29.17
CA ARG F 267 38.89 26.31 -30.19
C ARG F 267 38.19 27.52 -30.79
N LEU F 268 36.88 27.41 -31.02
CA LEU F 268 36.14 28.51 -31.61
C LEU F 268 36.06 29.70 -30.67
N LEU F 269 35.70 29.45 -29.40
CA LEU F 269 35.57 30.54 -28.44
C LEU F 269 36.89 31.22 -28.19
N MET F 270 37.97 30.44 -28.05
CA MET F 270 39.29 31.03 -27.87
C MET F 270 39.65 31.90 -29.07
N GLN F 271 39.25 31.48 -30.27
CA GLN F 271 39.53 32.26 -31.47
C GLN F 271 38.78 33.58 -31.44
N GLN F 272 37.51 33.55 -31.08
CA GLN F 272 36.72 34.77 -31.02
C GLN F 272 37.22 35.72 -29.93
N CYS F 273 37.80 35.17 -28.86
CA CYS F 273 38.34 35.97 -27.78
C CYS F 273 39.64 36.68 -28.14
N SER F 274 40.23 36.36 -29.29
CA SER F 274 41.55 36.89 -29.62
C SER F 274 41.51 38.37 -29.99
N SER F 275 40.40 38.84 -30.56
CA SER F 275 40.32 40.22 -31.01
C SER F 275 40.39 41.23 -29.88
N THR F 276 40.22 40.79 -28.62
CA THR F 276 40.36 41.70 -27.48
C THR F 276 41.26 41.11 -26.40
N ILE F 277 42.01 40.05 -26.71
CA ILE F 277 43.00 39.49 -25.79
C ILE F 277 42.35 39.17 -24.45
N LYS F 278 41.22 38.46 -24.48
CA LYS F 278 40.52 38.12 -23.26
C LYS F 278 41.24 37.00 -22.52
N LYS F 279 41.26 37.09 -21.19
CA LYS F 279 41.78 36.00 -20.38
C LYS F 279 40.88 34.78 -20.50
N LEU F 280 41.48 33.60 -20.39
CA LEU F 280 40.80 32.35 -20.73
C LEU F 280 40.90 31.32 -19.63
N ALA F 281 39.82 30.55 -19.49
CA ALA F 281 39.80 29.36 -18.64
C ALA F 281 39.00 28.31 -19.42
N LEU F 282 39.66 27.26 -19.86
CA LEU F 282 39.04 26.25 -20.70
C LEU F 282 39.21 24.87 -20.05
N GLU F 283 38.10 24.14 -19.96
CA GLU F 283 38.11 22.74 -19.53
C GLU F 283 37.39 21.97 -20.63
N LEU F 284 38.15 21.29 -21.48
CA LEU F 284 37.60 20.73 -22.71
C LEU F 284 37.52 19.21 -22.64
N GLY F 285 37.81 18.53 -23.75
CA GLY F 285 37.70 17.09 -23.80
C GLY F 285 38.73 16.39 -22.94
N GLY F 286 38.61 15.06 -22.89
CA GLY F 286 39.47 14.25 -22.05
C GLY F 286 39.31 12.76 -22.30
N ASN F 287 40.27 12.16 -22.98
CA ASN F 287 40.24 10.73 -23.30
C ASN F 287 40.99 9.96 -22.21
N ALA F 288 40.37 9.93 -21.03
CA ALA F 288 41.04 9.50 -19.81
C ALA F 288 41.45 8.03 -19.88
N PRO F 289 42.74 7.70 -19.73
CA PRO F 289 43.13 6.29 -19.60
C PRO F 289 43.18 5.84 -18.16
N LEU F 290 42.80 4.57 -17.95
CA LEU F 290 42.90 3.92 -16.66
C LEU F 290 43.72 2.65 -16.85
N ILE F 291 44.86 2.57 -16.17
CA ILE F 291 45.85 1.51 -16.36
C ILE F 291 45.88 0.64 -15.12
N VAL F 292 45.69 -0.67 -15.32
CA VAL F 292 45.69 -1.65 -14.23
C VAL F 292 46.85 -2.60 -14.51
N PHE F 293 47.94 -2.44 -13.77
CA PHE F 293 49.08 -3.34 -13.91
C PHE F 293 48.81 -4.65 -13.16
N ASP F 294 49.59 -5.68 -13.52
CA ASP F 294 49.35 -7.00 -12.95
C ASP F 294 49.68 -7.05 -11.45
N ASP F 295 50.43 -6.08 -10.94
CA ASP F 295 50.75 -6.01 -9.52
C ASP F 295 49.75 -5.15 -8.75
N ALA F 296 48.56 -4.94 -9.30
CA ALA F 296 47.57 -4.08 -8.68
C ALA F 296 46.68 -4.87 -7.73
N ASP F 297 46.02 -4.14 -6.83
CA ASP F 297 44.95 -4.70 -6.01
C ASP F 297 43.74 -4.91 -6.90
N LEU F 298 43.55 -6.14 -7.36
CA LEU F 298 42.56 -6.41 -8.41
C LEU F 298 41.17 -5.92 -8.02
N ASP F 299 40.71 -6.30 -6.83
CA ASP F 299 39.37 -5.89 -6.40
C ASP F 299 39.27 -4.37 -6.30
N LYS F 300 40.30 -3.72 -5.77
CA LYS F 300 40.28 -2.27 -5.66
C LYS F 300 40.21 -1.64 -7.05
N ALA F 301 40.99 -2.16 -8.01
CA ALA F 301 40.99 -1.60 -9.35
C ALA F 301 39.65 -1.78 -10.05
N VAL F 302 38.96 -2.88 -9.79
CA VAL F 302 37.67 -3.10 -10.43
C VAL F 302 36.64 -2.10 -9.92
N GLN F 303 36.50 -1.99 -8.60
CA GLN F 303 35.53 -1.05 -8.05
C GLN F 303 35.88 0.39 -8.44
N GLY F 304 37.17 0.72 -8.49
CA GLY F 304 37.57 2.04 -8.93
C GLY F 304 37.23 2.28 -10.38
N ALA F 305 37.54 1.32 -11.25
CA ALA F 305 37.22 1.46 -12.67
C ALA F 305 35.72 1.54 -12.89
N ILE F 306 34.93 0.83 -12.08
CA ILE F 306 33.47 0.92 -12.19
C ILE F 306 33.01 2.34 -11.89
N PHE F 307 33.55 2.94 -10.83
CA PHE F 307 33.17 4.29 -10.46
C PHE F 307 33.60 5.30 -11.52
N ALA F 308 34.84 5.19 -12.01
CA ALA F 308 35.35 6.16 -12.96
C ALA F 308 34.61 6.07 -14.30
N LYS F 309 34.07 4.90 -14.64
CA LYS F 309 33.45 4.71 -15.94
C LYS F 309 31.97 5.09 -15.96
N PHE F 310 31.22 4.62 -14.97
CA PHE F 310 29.76 4.64 -15.05
C PHE F 310 29.13 5.75 -14.21
N ARG F 311 29.92 6.63 -13.61
CA ARG F 311 29.35 7.78 -12.93
C ARG F 311 28.70 8.71 -13.96
N ASN F 312 27.44 9.05 -13.73
CA ASN F 312 26.67 9.89 -14.66
C ASN F 312 26.51 9.19 -16.01
N ALA F 313 26.46 7.86 -16.01
CA ALA F 313 26.32 7.07 -17.23
C ALA F 313 27.47 7.31 -18.19
N GLY F 314 28.65 7.64 -17.66
CA GLY F 314 29.82 7.86 -18.48
C GLY F 314 29.89 9.22 -19.15
N GLN F 315 28.99 10.14 -18.81
CA GLN F 315 28.92 11.44 -19.46
C GLN F 315 29.65 12.49 -18.63
N THR F 316 30.95 12.27 -18.44
CA THR F 316 31.77 13.15 -17.62
C THR F 316 33.13 13.32 -18.29
N CYS F 317 33.69 14.52 -18.13
CA CYS F 317 34.94 14.86 -18.81
C CYS F 317 36.11 14.02 -18.30
N VAL F 318 36.07 13.57 -17.05
CA VAL F 318 37.14 12.78 -16.46
C VAL F 318 36.79 11.29 -16.42
N CYS F 319 35.71 10.87 -17.07
CA CYS F 319 35.33 9.46 -17.07
C CYS F 319 36.40 8.63 -17.77
N ALA F 320 36.54 7.39 -17.33
CA ALA F 320 37.52 6.46 -17.89
C ALA F 320 37.07 6.05 -19.28
N ASN F 321 37.72 6.61 -20.31
CA ASN F 321 37.37 6.29 -21.68
C ASN F 321 38.09 5.03 -22.16
N ARG F 322 39.31 4.80 -21.69
CA ARG F 322 40.12 3.64 -22.06
C ARG F 322 40.58 2.95 -20.79
N ILE F 323 40.34 1.65 -20.70
CA ILE F 323 40.70 0.86 -19.52
C ILE F 323 41.73 -0.17 -19.98
N TYR F 324 43.02 0.13 -19.74
CA TYR F 324 44.10 -0.79 -20.05
C TYR F 324 44.30 -1.76 -18.89
N VAL F 325 44.34 -3.05 -19.20
CA VAL F 325 44.51 -4.09 -18.20
C VAL F 325 45.62 -5.04 -18.67
N HIS F 326 46.49 -5.42 -17.75
CA HIS F 326 47.64 -6.24 -18.08
C HIS F 326 47.21 -7.65 -18.43
N ASP F 327 48.02 -8.31 -19.27
CA ASP F 327 47.66 -9.63 -19.79
C ASP F 327 47.42 -10.63 -18.67
N ASN F 328 48.28 -10.63 -17.64
CA ASN F 328 48.22 -11.64 -16.59
C ASN F 328 46.97 -11.55 -15.73
N ILE F 329 46.20 -10.46 -15.81
CA ILE F 329 45.01 -10.31 -14.98
C ILE F 329 43.82 -9.90 -15.85
N TYR F 330 44.00 -9.89 -17.17
CA TYR F 330 42.94 -9.42 -18.05
C TYR F 330 41.68 -10.24 -17.88
N GLN F 331 41.80 -11.57 -17.89
CA GLN F 331 40.62 -12.42 -17.78
C GLN F 331 39.92 -12.23 -16.46
N ALA F 332 40.68 -12.30 -15.35
CA ALA F 332 40.06 -12.12 -14.03
C ALA F 332 39.42 -10.75 -13.90
N PHE F 333 40.09 -9.72 -14.40
CA PHE F 333 39.53 -8.37 -14.31
C PHE F 333 38.23 -8.27 -15.11
N ALA F 334 38.24 -8.77 -16.35
CA ALA F 334 37.05 -8.69 -17.19
C ALA F 334 35.87 -9.39 -16.56
N GLU F 335 36.10 -10.56 -15.94
CA GLU F 335 35.00 -11.29 -15.33
C GLU F 335 34.42 -10.52 -14.14
N LYS F 336 35.29 -10.07 -13.22
CA LYS F 336 34.80 -9.27 -12.10
C LYS F 336 34.13 -7.99 -12.58
N PHE F 337 34.72 -7.32 -13.56
CA PHE F 337 34.15 -6.07 -14.05
C PHE F 337 32.75 -6.28 -14.62
N VAL F 338 32.57 -7.33 -15.42
CA VAL F 338 31.28 -7.57 -16.03
C VAL F 338 30.25 -7.94 -14.97
N GLN F 339 30.66 -8.69 -13.94
CA GLN F 339 29.74 -9.01 -12.86
C GLN F 339 29.15 -7.74 -12.25
N GLU F 340 29.99 -6.74 -11.99
CA GLU F 340 29.50 -5.50 -11.37
C GLU F 340 28.57 -4.75 -12.33
N VAL F 341 28.90 -4.75 -13.62
CA VAL F 341 28.08 -4.01 -14.58
C VAL F 341 26.70 -4.63 -14.70
N GLN F 342 26.60 -5.96 -14.58
CA GLN F 342 25.30 -6.62 -14.71
C GLN F 342 24.41 -6.41 -13.49
N LYS F 343 24.92 -5.82 -12.41
CA LYS F 343 24.10 -5.46 -11.28
C LYS F 343 23.43 -4.10 -11.43
N PHE F 344 23.82 -3.32 -12.45
CA PHE F 344 23.29 -1.97 -12.58
C PHE F 344 21.78 -2.00 -12.80
N LYS F 345 21.09 -1.05 -12.19
CA LYS F 345 19.68 -0.81 -12.43
C LYS F 345 19.54 0.42 -13.32
N VAL F 346 18.96 0.21 -14.50
CA VAL F 346 18.77 1.28 -15.49
C VAL F 346 17.32 1.73 -15.45
N GLY F 347 17.10 3.03 -15.47
CA GLY F 347 15.75 3.54 -15.53
C GLY F 347 15.68 5.01 -15.17
N ASN F 348 14.47 5.45 -14.86
CA ASN F 348 14.22 6.84 -14.52
C ASN F 348 15.01 7.22 -13.26
N GLY F 349 15.62 8.40 -13.28
CA GLY F 349 16.44 8.84 -12.17
C GLY F 349 15.68 8.97 -10.86
N LEU F 350 14.35 9.04 -10.91
CA LEU F 350 13.55 9.20 -9.71
C LEU F 350 13.22 7.87 -9.03
N GLU F 351 13.33 6.76 -9.76
CA GLU F 351 13.03 5.45 -9.17
C GLU F 351 14.08 5.09 -8.13
N ASP F 352 13.67 4.24 -7.18
CA ASP F 352 14.56 3.84 -6.10
C ASP F 352 15.62 2.87 -6.64
N GLY F 353 16.86 3.06 -6.19
CA GLY F 353 17.94 2.17 -6.55
C GLY F 353 18.45 2.31 -7.97
N VAL F 354 17.95 3.28 -8.74
CA VAL F 354 18.43 3.46 -10.09
C VAL F 354 19.84 4.02 -10.07
N GLN F 355 20.71 3.48 -10.92
CA GLN F 355 22.11 3.85 -10.97
C GLN F 355 22.56 4.40 -12.32
N ILE F 356 21.86 4.06 -13.41
CA ILE F 356 22.22 4.49 -14.75
C ILE F 356 20.99 5.13 -15.39
N GLY F 357 21.12 6.40 -15.76
CA GLY F 357 20.06 7.12 -16.42
C GLY F 357 20.22 7.12 -17.93
N PRO F 358 19.47 7.98 -18.62
CA PRO F 358 19.57 8.05 -20.07
C PRO F 358 20.62 9.04 -20.54
N LEU F 359 21.12 8.80 -21.74
CA LEU F 359 22.04 9.73 -22.37
C LEU F 359 21.29 11.04 -22.69
N ILE F 360 22.07 12.09 -22.96
CA ILE F 360 21.48 13.42 -23.04
C ILE F 360 20.59 13.56 -24.28
N ASN F 361 20.97 12.93 -25.39
CA ASN F 361 20.23 13.09 -26.63
C ASN F 361 20.53 11.91 -27.56
N GLU F 362 19.89 11.92 -28.73
CA GLU F 362 20.01 10.81 -29.67
C GLU F 362 21.39 10.77 -30.33
N LYS F 363 22.03 11.93 -30.51
CA LYS F 363 23.36 11.95 -31.11
C LYS F 363 24.34 11.11 -30.29
N ALA F 364 24.27 11.21 -28.96
CA ALA F 364 25.17 10.44 -28.12
C ALA F 364 24.94 8.94 -28.29
N VAL F 365 23.67 8.53 -28.46
CA VAL F 365 23.38 7.12 -28.66
C VAL F 365 24.00 6.61 -29.95
N LEU F 366 23.91 7.40 -31.02
CA LEU F 366 24.45 6.98 -32.31
C LEU F 366 25.98 6.89 -32.24
N LYS F 367 26.63 7.91 -31.68
CA LYS F 367 28.09 7.89 -31.59
C LYS F 367 28.57 6.68 -30.79
N ALA F 368 27.90 6.38 -29.68
CA ALA F 368 28.27 5.20 -28.90
C ALA F 368 28.11 3.93 -29.73
N GLN F 369 26.99 3.80 -30.44
CA GLN F 369 26.75 2.60 -31.23
C GLN F 369 27.77 2.46 -32.34
N GLN F 370 28.15 3.57 -32.97
CA GLN F 370 29.11 3.51 -34.07
C GLN F 370 30.49 3.09 -33.59
N LEU F 371 30.94 3.65 -32.47
CA LEU F 371 32.24 3.27 -31.93
C LEU F 371 32.28 1.80 -31.55
N ILE F 372 31.17 1.28 -31.02
CA ILE F 372 31.11 -0.14 -30.70
C ILE F 372 31.10 -0.98 -31.96
N ASP F 373 30.31 -0.57 -32.96
CA ASP F 373 30.28 -1.31 -34.22
C ASP F 373 31.66 -1.35 -34.87
N ASP F 374 32.38 -0.23 -34.82
CA ASP F 374 33.74 -0.21 -35.38
C ASP F 374 34.65 -1.15 -34.62
N ALA F 375 34.55 -1.16 -33.29
CA ALA F 375 35.40 -2.04 -32.50
C ALA F 375 35.10 -3.51 -32.78
N VAL F 376 33.82 -3.87 -32.85
CA VAL F 376 33.45 -5.26 -33.11
C VAL F 376 33.93 -5.69 -34.48
N SER F 377 33.88 -4.79 -35.46
CA SER F 377 34.31 -5.13 -36.81
C SER F 377 35.80 -5.42 -36.89
N LYS F 378 36.58 -5.01 -35.89
CA LYS F 378 38.02 -5.20 -35.87
C LYS F 378 38.46 -6.20 -34.81
N GLY F 379 37.53 -7.02 -34.30
CA GLY F 379 37.86 -8.11 -33.42
C GLY F 379 37.42 -7.96 -31.98
N ALA F 380 36.81 -6.84 -31.60
CA ALA F 380 36.34 -6.69 -30.23
C ALA F 380 35.12 -7.55 -29.98
N LYS F 381 34.99 -8.01 -28.73
CA LYS F 381 33.86 -8.83 -28.31
C LYS F 381 33.04 -8.05 -27.30
N ILE F 382 31.71 -8.18 -27.41
CA ILE F 382 30.78 -7.54 -26.49
C ILE F 382 30.56 -8.49 -25.32
N ALA F 383 31.14 -8.16 -24.16
CA ALA F 383 30.94 -8.98 -22.98
C ALA F 383 29.55 -8.80 -22.40
N CYS F 384 28.93 -7.65 -22.62
CA CYS F 384 27.56 -7.40 -22.22
C CYS F 384 27.12 -6.06 -22.79
N GLY F 385 25.81 -5.93 -23.01
CA GLY F 385 25.29 -4.70 -23.58
C GLY F 385 25.56 -4.61 -25.07
N GLY F 386 25.88 -3.42 -25.54
CA GLY F 386 26.20 -3.19 -26.94
C GLY F 386 25.06 -2.70 -27.80
N LYS F 387 23.94 -2.33 -27.21
CA LYS F 387 22.78 -1.87 -27.97
C LYS F 387 21.98 -0.90 -27.10
N GLN F 388 21.00 -0.25 -27.72
CA GLN F 388 20.09 0.59 -26.95
C GLN F 388 19.32 -0.23 -25.92
N HIS F 389 18.91 0.42 -24.85
CA HIS F 389 18.19 -0.26 -23.80
C HIS F 389 16.73 -0.45 -24.19
N ALA F 390 16.09 -1.44 -23.55
CA ALA F 390 14.70 -1.74 -23.84
C ALA F 390 13.77 -0.57 -23.52
N LEU F 391 14.17 0.31 -22.60
CA LEU F 391 13.36 1.45 -22.20
C LEU F 391 13.25 2.50 -23.29
N GLY F 392 13.92 2.33 -24.43
CA GLY F 392 13.80 3.30 -25.49
C GLY F 392 14.42 4.63 -25.11
N GLN F 393 13.83 5.70 -25.63
CA GLN F 393 14.31 7.07 -25.40
C GLN F 393 15.80 7.10 -25.74
N THR F 394 16.65 7.70 -24.92
CA THR F 394 18.09 7.71 -25.13
C THR F 394 18.83 6.82 -24.14
N PHE F 395 18.13 5.84 -23.56
CA PHE F 395 18.77 4.88 -22.67
C PHE F 395 19.69 3.95 -23.46
N TYR F 396 20.91 3.78 -22.99
CA TYR F 396 21.86 2.86 -23.59
C TYR F 396 22.26 1.79 -22.56
N GLU F 397 22.41 0.57 -23.03
CA GLU F 397 22.77 -0.53 -22.14
C GLU F 397 24.20 -0.35 -21.65
N PRO F 398 24.46 -0.47 -20.34
CA PRO F 398 25.85 -0.50 -19.87
C PRO F 398 26.61 -1.64 -20.56
N SER F 399 27.70 -1.27 -21.22
CA SER F 399 28.42 -2.19 -22.09
C SER F 399 29.86 -2.37 -21.65
N VAL F 400 30.42 -3.53 -21.98
CA VAL F 400 31.81 -3.85 -21.71
C VAL F 400 32.35 -4.56 -22.95
N LEU F 401 33.39 -3.97 -23.55
CA LEU F 401 34.03 -4.55 -24.73
C LEU F 401 35.39 -5.11 -24.34
N THR F 402 35.70 -6.30 -24.86
CA THR F 402 36.99 -6.94 -24.65
C THR F 402 37.72 -7.08 -25.98
N ASN F 403 39.02 -7.34 -25.88
CA ASN F 403 39.87 -7.54 -27.05
C ASN F 403 39.96 -6.27 -27.90
N VAL F 404 39.97 -5.12 -27.24
CA VAL F 404 40.12 -3.83 -27.90
C VAL F 404 41.61 -3.55 -28.07
N ASP F 405 41.94 -2.83 -29.15
CA ASP F 405 43.32 -2.45 -29.42
C ASP F 405 43.33 -1.02 -29.99
N ARG F 406 44.54 -0.52 -30.24
CA ARG F 406 44.71 0.90 -30.57
C ARG F 406 44.19 1.26 -31.95
N THR F 407 43.96 0.28 -32.82
CA THR F 407 43.47 0.58 -34.16
C THR F 407 41.98 0.90 -34.21
N MET F 408 41.29 0.82 -33.08
CA MET F 408 39.85 1.03 -33.04
C MET F 408 39.53 2.48 -32.70
N GLU F 409 38.46 2.99 -33.30
CA GLU F 409 38.11 4.39 -33.12
C GLU F 409 37.69 4.71 -31.69
N ILE F 410 37.16 3.73 -30.97
CA ILE F 410 36.74 3.96 -29.59
C ILE F 410 37.91 4.39 -28.72
N VAL F 411 39.14 4.09 -29.15
CA VAL F 411 40.33 4.49 -28.39
C VAL F 411 40.73 5.93 -28.67
N GLN F 412 40.31 6.49 -29.81
CA GLN F 412 40.69 7.84 -30.21
C GLN F 412 39.57 8.86 -30.06
N GLU F 413 38.38 8.43 -29.64
CA GLU F 413 37.22 9.31 -29.54
C GLU F 413 36.57 9.14 -28.18
N GLU F 414 35.94 10.21 -27.70
CA GLU F 414 35.22 10.17 -26.44
C GLU F 414 33.87 9.49 -26.65
N ILE F 415 33.56 8.50 -25.81
CA ILE F 415 32.27 7.83 -25.91
C ILE F 415 31.19 8.67 -25.24
N PHE F 416 31.50 9.23 -24.07
CA PHE F 416 30.52 9.95 -23.28
C PHE F 416 29.27 9.10 -23.06
N GLY F 417 29.50 7.83 -22.73
CA GLY F 417 28.43 6.88 -22.50
C GLY F 417 28.89 5.73 -21.63
N PRO F 418 27.96 4.86 -21.25
CA PRO F 418 28.29 3.73 -20.36
C PRO F 418 28.89 2.54 -21.11
N VAL F 419 30.03 2.77 -21.76
CA VAL F 419 30.71 1.77 -22.56
C VAL F 419 32.15 1.68 -22.10
N ALA F 420 32.56 0.48 -21.67
CA ALA F 420 33.90 0.27 -21.11
C ALA F 420 34.75 -0.56 -22.05
N PRO F 421 35.69 0.04 -22.79
CA PRO F 421 36.60 -0.77 -23.61
C PRO F 421 37.82 -1.23 -22.82
N LEU F 422 37.93 -2.54 -22.61
CA LEU F 422 39.06 -3.13 -21.90
C LEU F 422 40.14 -3.48 -22.90
N ILE F 423 41.33 -2.91 -22.71
CA ILE F 423 42.43 -3.00 -23.67
C ILE F 423 43.56 -3.79 -23.03
N ARG F 424 44.04 -4.80 -23.76
CA ARG F 424 45.11 -5.65 -23.24
C ARG F 424 46.47 -5.01 -23.51
N PHE F 425 47.40 -5.24 -22.60
CA PHE F 425 48.76 -4.75 -22.76
C PHE F 425 49.70 -5.62 -21.93
N THR F 426 50.99 -5.48 -22.19
CA THR F 426 52.01 -6.24 -21.47
C THR F 426 53.16 -5.36 -21.04
N ASP F 427 53.70 -4.58 -21.97
CA ASP F 427 54.87 -3.76 -21.70
C ASP F 427 54.47 -2.42 -21.07
N GLU F 428 55.31 -1.94 -20.15
CA GLU F 428 55.00 -0.70 -19.44
C GLU F 428 55.23 0.51 -20.34
N ALA F 429 56.37 0.56 -21.03
CA ALA F 429 56.65 1.69 -21.90
C ALA F 429 55.59 1.80 -23.00
N ASP F 430 55.03 0.66 -23.42
CA ASP F 430 54.04 0.69 -24.49
C ASP F 430 52.70 1.25 -24.00
N VAL F 431 52.25 0.83 -22.82
CA VAL F 431 50.97 1.32 -22.31
C VAL F 431 51.06 2.79 -21.97
N VAL F 432 52.23 3.26 -21.51
CA VAL F 432 52.40 4.68 -21.25
C VAL F 432 52.36 5.48 -22.54
N ALA F 433 52.91 4.91 -23.62
CA ALA F 433 52.85 5.59 -24.91
C ALA F 433 51.42 5.65 -25.43
N GLN F 434 50.67 4.56 -25.29
CA GLN F 434 49.29 4.55 -25.74
C GLN F 434 48.45 5.54 -24.95
N ALA F 435 48.68 5.63 -23.64
CA ALA F 435 47.90 6.55 -22.81
C ALA F 435 48.12 7.99 -23.24
N ASN F 436 49.35 8.34 -23.60
CA ASN F 436 49.68 9.70 -24.02
C ASN F 436 49.40 9.95 -25.49
N ASP F 437 49.05 8.93 -26.27
CA ASP F 437 48.82 9.08 -27.71
C ASP F 437 47.43 9.69 -27.93
N THR F 438 47.32 10.96 -27.56
CA THR F 438 46.05 11.68 -27.64
C THR F 438 46.34 13.16 -27.51
N ILE F 439 45.45 13.98 -28.10
CA ILE F 439 45.57 15.42 -27.96
C ILE F 439 45.11 15.92 -26.59
N PHE F 440 44.44 15.07 -25.82
CA PHE F 440 43.89 15.48 -24.54
C PHE F 440 44.86 15.18 -23.41
N GLY F 441 44.55 15.72 -22.23
CA GLY F 441 45.39 15.54 -21.07
C GLY F 441 44.70 16.02 -19.81
N LEU F 442 43.47 15.58 -19.59
CA LEU F 442 42.70 16.03 -18.44
C LEU F 442 42.98 15.13 -17.24
N ALA F 443 42.37 13.96 -17.17
CA ALA F 443 42.53 13.05 -16.05
C ALA F 443 43.05 11.70 -16.54
N ALA F 444 43.77 11.01 -15.65
CA ALA F 444 44.24 9.66 -15.90
C ALA F 444 44.26 8.92 -14.57
N TYR F 445 44.33 7.60 -14.64
CA TYR F 445 44.28 6.76 -13.45
C TYR F 445 45.25 5.60 -13.61
N VAL F 446 45.93 5.25 -12.53
CA VAL F 446 46.92 4.19 -12.51
C VAL F 446 46.71 3.36 -11.24
N TYR F 447 46.70 2.03 -11.39
CA TYR F 447 46.58 1.11 -10.27
C TYR F 447 47.80 0.21 -10.25
N SER F 448 48.49 0.18 -9.11
CA SER F 448 49.68 -0.64 -8.95
C SER F 448 50.14 -0.55 -7.50
N GLU F 449 50.53 -1.68 -6.92
CA GLU F 449 51.04 -1.74 -5.57
C GLU F 449 52.57 -1.61 -5.52
N ASN F 450 53.20 -1.27 -6.63
CA ASN F 450 54.64 -1.04 -6.70
C ASN F 450 54.89 0.45 -6.63
N ILE F 451 55.64 0.90 -5.62
CA ILE F 451 55.80 2.33 -5.39
C ILE F 451 56.51 2.97 -6.58
N SER F 452 57.63 2.37 -7.00
CA SER F 452 58.42 2.93 -8.11
C SER F 452 57.56 3.07 -9.37
N ARG F 453 56.89 1.98 -9.75
CA ARG F 453 56.05 2.03 -10.95
C ARG F 453 54.93 3.05 -10.79
N LEU F 454 54.30 3.10 -9.62
CA LEU F 454 53.19 4.03 -9.43
C LEU F 454 53.64 5.47 -9.64
N TRP F 455 54.81 5.82 -9.13
CA TRP F 455 55.32 7.19 -9.32
C TRP F 455 55.89 7.37 -10.72
N ARG F 456 56.64 6.38 -11.20
CA ARG F 456 57.21 6.48 -12.54
C ARG F 456 56.13 6.70 -13.59
N VAL F 457 55.05 5.92 -13.54
CA VAL F 457 53.99 6.04 -14.54
C VAL F 457 53.22 7.34 -14.34
N SER F 458 52.91 7.69 -13.08
CA SER F 458 52.14 8.90 -12.83
C SER F 458 52.88 10.14 -13.33
N GLU F 459 54.22 10.14 -13.19
CA GLU F 459 54.99 11.30 -13.65
C GLU F 459 55.10 11.31 -15.17
N GLN F 460 55.08 10.14 -15.81
CA GLN F 460 55.21 10.07 -17.26
C GLN F 460 53.89 10.37 -17.98
N LEU F 461 52.76 10.24 -17.31
CA LEU F 461 51.48 10.55 -17.94
C LEU F 461 51.31 12.05 -18.11
N GLU F 462 51.02 12.47 -19.34
CA GLU F 462 50.88 13.90 -19.67
C GLU F 462 49.44 14.34 -19.41
N TYR F 463 49.10 14.42 -18.13
CA TYR F 463 47.78 14.80 -17.68
C TYR F 463 47.88 15.73 -16.49
N GLY F 464 46.88 16.57 -16.32
CA GLY F 464 46.83 17.47 -15.18
C GLY F 464 46.36 16.83 -13.90
N MET F 465 45.79 15.64 -13.97
CA MET F 465 45.22 14.95 -12.82
C MET F 465 45.46 13.46 -12.96
N VAL F 466 46.04 12.85 -11.94
CA VAL F 466 46.37 11.43 -11.96
C VAL F 466 45.88 10.81 -10.66
N GLY F 467 44.87 9.95 -10.74
CA GLY F 467 44.47 9.14 -9.60
C GLY F 467 45.44 7.98 -9.47
N MET F 468 46.02 7.84 -8.28
CA MET F 468 46.99 6.78 -8.00
C MET F 468 46.36 5.82 -7.00
N ASN F 469 45.95 4.65 -7.50
CA ASN F 469 45.16 3.71 -6.71
C ASN F 469 43.89 4.35 -6.19
N ALA F 470 43.32 5.25 -6.99
CA ALA F 470 42.09 5.95 -6.61
C ALA F 470 41.48 6.56 -7.86
N THR F 471 40.15 6.66 -7.86
CA THR F 471 39.43 7.31 -8.95
C THR F 471 38.46 8.40 -8.50
N ALA F 472 38.12 8.46 -7.22
CA ALA F 472 37.25 9.51 -6.69
C ALA F 472 38.09 10.76 -6.42
N ILE F 473 38.49 11.42 -7.51
CA ILE F 473 39.45 12.52 -7.43
C ILE F 473 38.79 13.89 -7.33
N SER F 474 37.47 13.97 -7.41
CA SER F 474 36.77 15.25 -7.52
C SER F 474 36.45 15.80 -6.13
N ASN F 475 36.86 17.04 -5.90
CA ASN F 475 36.51 17.79 -4.70
C ASN F 475 36.92 19.23 -4.93
N GLU F 476 36.55 20.11 -4.00
CA GLU F 476 36.71 21.54 -4.20
C GLU F 476 38.09 22.06 -3.83
N VAL F 477 38.89 21.31 -3.08
CA VAL F 477 40.16 21.83 -2.59
C VAL F 477 41.35 21.46 -3.48
N VAL F 478 41.14 20.64 -4.49
CA VAL F 478 42.22 20.20 -5.37
C VAL F 478 42.12 20.94 -6.71
N PRO F 479 43.24 21.22 -7.37
CA PRO F 479 43.18 21.95 -8.65
C PRO F 479 42.68 21.06 -9.76
N PHE F 480 41.53 21.42 -10.34
CA PHE F 480 40.85 20.63 -11.36
C PHE F 480 41.10 21.25 -12.73
N GLY F 481 41.69 20.49 -13.63
CA GLY F 481 41.96 20.97 -14.97
C GLY F 481 42.93 20.04 -15.68
N GLY F 482 43.19 20.37 -16.94
CA GLY F 482 44.01 19.53 -17.79
C GLY F 482 45.13 20.32 -18.46
N VAL F 483 45.91 19.59 -19.26
CA VAL F 483 46.98 20.16 -20.05
C VAL F 483 46.70 19.85 -21.51
N LYS F 484 47.62 20.25 -22.40
CA LYS F 484 47.44 20.03 -23.84
C LYS F 484 46.10 20.61 -24.27
N GLN F 485 45.38 19.90 -25.14
CA GLN F 485 44.10 20.42 -25.65
C GLN F 485 42.93 20.16 -24.70
N SER F 486 43.19 19.65 -23.49
CA SER F 486 42.13 19.53 -22.50
C SER F 486 41.85 20.86 -21.80
N GLY F 487 42.63 21.90 -22.06
CA GLY F 487 42.29 23.25 -21.66
C GLY F 487 43.41 23.91 -20.90
N VAL F 488 43.10 25.05 -20.28
CA VAL F 488 44.04 25.82 -19.50
C VAL F 488 43.33 26.36 -18.26
N GLY F 489 44.09 26.53 -17.19
CA GLY F 489 43.54 27.00 -15.94
C GLY F 489 43.09 25.87 -15.04
N ARG F 490 42.74 26.24 -13.81
CA ARG F 490 42.32 25.28 -12.80
C ARG F 490 41.11 25.83 -12.06
N GLU F 491 40.24 24.91 -11.64
CA GLU F 491 39.04 25.26 -10.88
C GLU F 491 39.13 24.63 -9.50
N GLY F 492 38.65 25.36 -8.50
CA GLY F 492 38.80 24.94 -7.11
C GLY F 492 40.22 25.12 -6.62
N SER F 493 40.44 24.90 -5.32
CA SER F 493 41.77 24.87 -4.74
C SER F 493 42.39 26.25 -4.58
N LYS F 494 43.63 26.29 -4.09
CA LYS F 494 44.35 27.54 -3.93
C LYS F 494 44.65 28.21 -5.26
N TYR F 495 44.52 27.49 -6.37
CA TYR F 495 44.83 28.05 -7.68
C TYR F 495 43.60 28.56 -8.43
N GLY F 496 42.40 28.33 -7.91
CA GLY F 496 41.20 28.69 -8.64
C GLY F 496 40.90 30.17 -8.65
N LEU F 497 41.24 30.88 -7.58
CA LEU F 497 40.85 32.28 -7.49
C LEU F 497 41.78 33.17 -8.30
N GLU F 498 43.07 32.83 -8.34
CA GLU F 498 44.02 33.64 -9.12
C GLU F 498 43.59 33.76 -10.57
N GLU F 499 42.83 32.79 -11.08
CA GLU F 499 42.40 32.82 -12.47
C GLU F 499 41.59 34.08 -12.77
N PHE F 500 40.88 34.61 -11.78
CA PHE F 500 40.00 35.76 -11.97
C PHE F 500 40.62 37.06 -11.48
N MET F 501 41.93 37.07 -11.21
CA MET F 501 42.62 38.25 -10.71
C MET F 501 43.71 38.66 -11.69
N THR F 502 44.10 39.92 -11.62
CA THR F 502 45.28 40.44 -12.29
C THR F 502 46.27 40.93 -11.24
N ILE F 503 47.52 41.06 -11.65
CA ILE F 503 48.60 41.48 -10.78
C ILE F 503 48.90 42.94 -11.04
N LYS F 504 48.99 43.73 -9.97
CA LYS F 504 49.40 45.13 -10.06
C LYS F 504 50.72 45.29 -9.30
N TYR F 505 51.76 45.72 -10.03
CA TYR F 505 53.07 45.95 -9.46
C TYR F 505 53.20 47.44 -9.18
N MET F 506 53.26 47.80 -7.90
CA MET F 506 53.46 49.18 -7.46
C MET F 506 54.94 49.39 -7.16
N CYS F 507 55.54 50.38 -7.81
CA CYS F 507 56.93 50.76 -7.54
C CYS F 507 56.91 52.09 -6.80
N LEU F 508 56.97 52.03 -5.47
CA LEU F 508 56.90 53.22 -4.64
C LEU F 508 58.27 53.87 -4.54
N GLY F 509 58.40 55.09 -5.04
CA GLY F 509 59.64 55.82 -4.96
C GLY F 509 59.72 56.70 -3.73
N LEU F 510 60.63 56.37 -2.82
CA LEU F 510 60.80 57.15 -1.60
C LEU F 510 61.78 58.31 -1.81
N SER G 29 22.62 38.90 40.24
CA SER G 29 21.53 38.17 39.60
C SER G 29 21.47 38.46 38.10
N SER G 30 22.00 39.62 37.70
CA SER G 30 22.07 39.95 36.28
C SER G 30 22.84 38.90 35.51
N LEU G 31 23.79 38.24 36.15
CA LEU G 31 24.56 37.17 35.53
C LEU G 31 24.20 35.79 36.07
N GLN G 32 23.48 35.71 37.19
CA GLN G 32 22.87 34.45 37.57
C GLN G 32 21.76 34.06 36.61
N SER G 33 21.22 35.03 35.85
CA SER G 33 20.12 34.77 34.93
C SER G 33 20.59 34.25 33.58
N THR G 34 21.89 34.29 33.29
CA THR G 34 22.42 33.78 32.04
C THR G 34 22.90 32.35 32.23
N GLU G 35 22.65 31.51 31.21
CA GLU G 35 23.13 30.13 31.25
C GLU G 35 24.64 30.04 31.16
N LEU G 36 25.33 31.12 30.78
CA LEU G 36 26.77 31.08 30.57
C LEU G 36 27.58 31.39 31.83
N PHE G 37 26.93 31.79 32.92
CA PHE G 37 27.62 32.08 34.17
C PHE G 37 27.89 30.75 34.89
N GLN G 38 29.16 30.35 34.95
CA GLN G 38 29.57 29.11 35.58
C GLN G 38 30.57 29.41 36.68
N GLN G 39 30.38 28.78 37.84
CA GLN G 39 31.30 28.92 38.96
C GLN G 39 32.11 27.65 39.21
N GLN G 40 32.12 26.72 38.26
CA GLN G 40 32.95 25.53 38.30
C GLN G 40 33.91 25.55 37.11
N ALA G 41 34.99 24.77 37.22
CA ALA G 41 35.93 24.65 36.14
C ALA G 41 35.45 23.62 35.12
N TYR G 42 36.14 23.57 33.97
CA TYR G 42 35.75 22.71 32.86
C TYR G 42 36.94 21.83 32.48
N ILE G 43 36.83 20.54 32.76
CA ILE G 43 37.91 19.59 32.50
C ILE G 43 37.29 18.29 31.97
N ASN G 44 37.68 17.91 30.75
CA ASN G 44 37.22 16.66 30.13
C ASN G 44 35.70 16.61 30.05
N GLY G 45 35.11 17.71 29.58
CA GLY G 45 33.68 17.78 29.37
C GLY G 45 32.85 17.85 30.63
N GLN G 46 33.47 17.92 31.81
CA GLN G 46 32.75 17.96 33.07
C GLN G 46 32.95 19.31 33.75
N TRP G 47 31.95 19.71 34.53
CA TRP G 47 32.02 20.93 35.33
C TRP G 47 32.38 20.53 36.75
N LEU G 48 33.61 20.83 37.16
CA LEU G 48 34.22 20.30 38.37
C LEU G 48 34.56 21.40 39.35
N ALA G 49 34.48 21.07 40.64
CA ALA G 49 35.09 21.86 41.68
C ALA G 49 36.50 21.30 41.97
N ALA G 50 37.25 22.03 42.78
CA ALA G 50 38.57 21.56 43.18
C ALA G 50 38.44 20.33 44.06
N GLN G 51 39.47 19.49 44.05
CA GLN G 51 39.47 18.31 44.91
C GLN G 51 39.36 18.68 46.38
N SER G 52 39.95 19.81 46.78
CA SER G 52 39.83 20.30 48.14
C SER G 52 38.56 21.11 48.37
N ASN G 53 37.74 21.30 47.35
CA ASN G 53 36.56 22.15 47.39
C ASN G 53 36.90 23.62 47.68
N ALA G 54 38.17 23.99 47.55
CA ALA G 54 38.57 25.37 47.80
C ALA G 54 38.13 26.27 46.65
N THR G 55 37.77 27.50 47.00
CA THR G 55 37.35 28.49 46.02
C THR G 55 37.97 29.83 46.37
N VAL G 56 38.05 30.71 45.37
CA VAL G 56 38.53 32.08 45.56
C VAL G 56 37.49 33.03 45.02
N PRO G 57 37.25 34.17 45.68
CA PRO G 57 36.18 35.06 45.22
C PRO G 57 36.60 35.91 44.04
N VAL G 58 35.59 36.29 43.25
CA VAL G 58 35.75 37.20 42.12
C VAL G 58 34.87 38.41 42.40
N SER G 59 35.40 39.61 42.14
CA SER G 59 34.74 40.85 42.51
C SER G 59 34.53 41.73 41.29
N ASN G 60 33.54 42.62 41.41
CA ASN G 60 33.27 43.65 40.40
C ASN G 60 34.12 44.88 40.72
N PRO G 61 35.07 45.26 39.87
CA PRO G 61 35.95 46.39 40.22
C PRO G 61 35.24 47.72 40.33
N ALA G 62 34.08 47.88 39.68
CA ALA G 62 33.37 49.15 39.72
C ALA G 62 32.61 49.37 41.03
N THR G 63 32.23 48.29 41.70
CA THR G 63 31.42 48.38 42.90
C THR G 63 32.06 47.79 44.14
N GLY G 64 33.01 46.87 44.01
CA GLY G 64 33.61 46.20 45.14
C GLY G 64 32.87 44.98 45.62
N GLU G 65 31.71 44.67 45.04
CA GLU G 65 30.94 43.50 45.44
C GLU G 65 31.63 42.23 44.96
N GLU G 66 31.32 41.13 45.64
CA GLU G 66 31.77 39.82 45.20
C GLU G 66 30.74 39.25 44.24
N ILE G 67 31.20 38.85 43.05
CA ILE G 67 30.30 38.31 42.04
C ILE G 67 30.02 36.84 42.31
N GLY G 68 31.04 36.12 42.80
CA GLY G 68 30.92 34.70 43.02
C GLY G 68 32.27 34.13 43.40
N THR G 69 32.48 32.88 43.03
CA THR G 69 33.74 32.20 43.29
C THR G 69 34.10 31.31 42.12
N ILE G 70 35.36 30.87 42.12
CA ILE G 70 35.83 29.86 41.17
C ILE G 70 36.70 28.86 41.90
N PRO G 71 36.76 27.63 41.39
CA PRO G 71 37.60 26.62 42.06
C PRO G 71 39.05 27.07 42.14
N ASN G 72 39.66 26.84 43.29
CA ASN G 72 41.08 27.15 43.49
C ASN G 72 41.89 25.87 43.28
N MET G 73 41.99 25.48 42.02
CA MET G 73 42.65 24.23 41.66
C MET G 73 44.17 24.40 41.65
N GLY G 74 44.86 23.27 41.72
CA GLY G 74 46.30 23.22 41.80
C GLY G 74 46.89 22.23 40.81
N ALA G 75 48.02 21.65 41.20
CA ALA G 75 48.77 20.79 40.29
C ALA G 75 47.98 19.53 39.94
N ALA G 76 47.26 18.95 40.90
CA ALA G 76 46.56 17.70 40.64
C ALA G 76 45.52 17.87 39.53
N GLU G 77 44.73 18.95 39.60
CA GLU G 77 43.71 19.17 38.57
C GLU G 77 44.32 19.62 37.26
N ALA G 78 45.43 20.36 37.31
CA ALA G 78 46.12 20.72 36.07
C ALA G 78 46.65 19.48 35.36
N THR G 79 47.18 18.52 36.12
CA THR G 79 47.64 17.27 35.54
C THR G 79 46.48 16.49 34.94
N GLN G 80 45.31 16.53 35.59
CA GLN G 80 44.15 15.83 35.05
C GLN G 80 43.72 16.44 33.72
N ALA G 81 43.79 17.77 33.61
CA ALA G 81 43.42 18.43 32.35
C ALA G 81 44.40 18.06 31.24
N VAL G 82 45.69 18.01 31.55
CA VAL G 82 46.69 17.65 30.54
C VAL G 82 46.44 16.23 30.04
N GLU G 83 46.19 15.30 30.96
CA GLU G 83 45.90 13.92 30.56
C GLU G 83 44.64 13.86 29.72
N ALA G 84 43.60 14.61 30.10
CA ALA G 84 42.36 14.62 29.33
C ALA G 84 42.59 15.19 27.93
N ALA G 85 43.37 16.26 27.82
CA ALA G 85 43.64 16.86 26.52
C ALA G 85 44.44 15.92 25.63
N TYR G 86 45.36 15.16 26.22
CA TYR G 86 46.16 14.23 25.42
C TYR G 86 45.31 13.08 24.91
N THR G 87 44.41 12.54 25.74
CA THR G 87 43.55 11.46 25.30
C THR G 87 42.62 11.92 24.18
N ALA G 88 42.06 13.12 24.31
CA ALA G 88 41.18 13.64 23.28
C ALA G 88 41.93 14.03 22.01
N LEU G 89 43.23 14.26 22.11
CA LEU G 89 44.01 14.70 20.96
C LEU G 89 44.04 13.64 19.86
N GLN G 90 44.06 12.36 20.26
CA GLN G 90 44.23 11.29 19.27
C GLN G 90 43.09 11.29 18.25
N SER G 91 41.86 11.42 18.73
CA SER G 91 40.70 11.39 17.84
C SER G 91 40.36 12.76 17.26
N TRP G 92 40.73 13.84 17.96
CA TRP G 92 40.47 15.17 17.44
C TRP G 92 41.31 15.46 16.19
N LYS G 93 42.59 15.08 16.23
CA LYS G 93 43.46 15.34 15.09
C LYS G 93 43.26 14.33 13.96
N ALA G 94 42.62 13.19 14.24
CA ALA G 94 42.28 12.25 13.18
C ALA G 94 41.18 12.77 12.27
N LEU G 95 40.36 13.70 12.75
CA LEU G 95 39.31 14.27 11.93
C LEU G 95 39.91 15.00 10.73
N THR G 96 39.06 15.26 9.74
CA THR G 96 39.46 16.06 8.60
C THR G 96 39.41 17.54 8.96
N ALA G 97 40.09 18.36 8.15
CA ALA G 97 40.05 19.79 8.36
C ALA G 97 38.62 20.32 8.30
N GLN G 98 37.80 19.76 7.40
CA GLN G 98 36.43 20.22 7.27
C GLN G 98 35.59 19.79 8.46
N ASN G 99 35.84 18.59 9.01
CA ASN G 99 35.16 18.18 10.22
C ASN G 99 35.36 19.19 11.34
N ARG G 100 36.62 19.49 11.67
CA ARG G 100 36.89 20.48 12.70
C ARG G 100 36.37 21.86 12.32
N ALA G 101 36.42 22.20 11.04
CA ALA G 101 35.91 23.49 10.60
C ALA G 101 34.43 23.63 10.87
N ASP G 102 33.66 22.56 10.65
CA ASP G 102 32.23 22.63 10.91
C ASP G 102 31.95 22.82 12.40
N ILE G 103 32.72 22.14 13.26
CA ILE G 103 32.49 22.27 14.70
C ILE G 103 32.91 23.64 15.19
N LEU G 104 34.02 24.17 14.67
CA LEU G 104 34.49 25.48 15.10
C LEU G 104 33.52 26.57 14.65
N LEU G 105 32.93 26.42 13.46
CA LEU G 105 32.00 27.43 12.97
C LEU G 105 30.70 27.42 13.77
N ALA G 106 30.25 26.25 14.22
CA ALA G 106 29.12 26.20 15.16
C ALA G 106 29.47 26.92 16.45
N TRP G 107 30.71 26.76 16.91
CA TRP G 107 31.20 27.52 18.06
C TRP G 107 31.19 29.02 17.76
N HIS G 108 31.65 29.39 16.56
CA HIS G 108 31.64 30.80 16.16
C HIS G 108 30.22 31.36 16.19
N LYS G 109 29.27 30.61 15.65
CA LYS G 109 27.88 31.09 15.61
C LYS G 109 27.33 31.31 17.01
N LEU G 110 27.65 30.40 17.93
CA LEU G 110 27.12 30.51 19.29
C LEU G 110 27.71 31.72 20.02
N VAL G 111 28.99 32.01 19.79
CA VAL G 111 29.62 33.16 20.44
C VAL G 111 28.92 34.45 20.01
N LEU G 112 28.72 34.63 18.69
CA LEU G 112 28.05 35.82 18.22
C LEU G 112 26.60 35.88 18.68
N ASP G 113 25.92 34.74 18.68
CA ASP G 113 24.52 34.73 19.11
C ASP G 113 24.39 35.13 20.58
N HIS G 114 25.42 34.86 21.40
CA HIS G 114 25.42 35.23 22.80
C HIS G 114 26.30 36.44 23.08
N THR G 115 26.36 37.39 22.14
CA THR G 115 27.20 38.57 22.31
C THR G 115 26.80 39.36 23.54
N ASP G 116 25.51 39.67 23.68
CA ASP G 116 25.06 40.50 24.79
C ASP G 116 25.35 39.84 26.12
N GLU G 117 25.11 38.53 26.24
CA GLU G 117 25.37 37.85 27.50
C GLU G 117 26.86 37.84 27.83
N LEU G 118 27.71 37.59 26.82
CA LEU G 118 29.14 37.57 27.06
C LEU G 118 29.66 38.96 27.45
N ALA G 119 29.13 40.01 26.83
CA ALA G 119 29.55 41.36 27.17
C ALA G 119 29.11 41.73 28.58
N LEU G 120 27.92 41.30 28.98
CA LEU G 120 27.45 41.57 30.34
C LEU G 120 28.39 40.97 31.37
N ILE G 121 28.86 39.73 31.13
CA ILE G 121 29.76 39.09 32.07
C ILE G 121 31.11 39.81 32.10
N MET G 122 31.64 40.17 30.92
CA MET G 122 32.94 40.83 30.88
C MET G 122 32.92 42.15 31.61
N THR G 123 31.89 42.98 31.35
CA THR G 123 31.83 44.30 31.98
C THR G 123 31.72 44.19 33.49
N ILE G 124 31.04 43.16 33.99
CA ILE G 124 30.82 43.06 35.43
C ILE G 124 32.09 42.65 36.15
N GLU G 125 32.87 41.74 35.56
CA GLU G 125 34.07 41.23 36.23
C GLU G 125 35.34 41.99 35.85
N GLN G 126 35.38 42.58 34.65
CA GLN G 126 36.57 43.27 34.18
C GLN G 126 36.45 44.78 34.24
N GLY G 127 35.25 45.34 34.04
CA GLY G 127 34.98 46.73 34.29
C GLY G 127 34.81 47.60 33.06
N LYS G 128 35.29 47.15 31.90
CA LYS G 128 35.23 47.99 30.72
C LYS G 128 33.77 48.25 30.32
N PRO G 129 33.53 49.32 29.56
CA PRO G 129 32.15 49.62 29.15
C PRO G 129 31.55 48.52 28.29
N LEU G 130 30.22 48.45 28.31
CA LEU G 130 29.52 47.39 27.60
C LEU G 130 29.73 47.48 26.10
N ALA G 131 29.84 48.69 25.55
CA ALA G 131 30.09 48.84 24.13
C ALA G 131 31.44 48.25 23.74
N GLU G 132 32.46 48.44 24.60
CA GLU G 132 33.76 47.83 24.34
C GLU G 132 33.68 46.31 24.47
N ALA G 133 32.97 45.81 25.49
CA ALA G 133 32.88 44.37 25.69
C ALA G 133 32.22 43.69 24.49
N LYS G 134 31.17 44.29 23.95
CA LYS G 134 30.52 43.73 22.76
C LYS G 134 31.48 43.74 21.58
N GLY G 135 32.29 44.79 21.45
CA GLY G 135 33.27 44.83 20.40
C GLY G 135 34.31 43.73 20.53
N GLU G 136 34.74 43.44 21.75
CA GLU G 136 35.72 42.38 21.95
C GLU G 136 35.13 41.02 21.62
N VAL G 137 33.85 40.81 21.92
CA VAL G 137 33.22 39.54 21.60
C VAL G 137 33.24 39.29 20.09
N ARG G 138 32.83 40.29 19.31
CA ARG G 138 32.89 40.17 17.85
C ARG G 138 34.33 40.00 17.39
N TYR G 139 35.24 40.82 17.92
CA TYR G 139 36.66 40.68 17.62
C TYR G 139 37.13 39.27 17.94
N ALA G 140 36.70 38.73 19.08
CA ALA G 140 37.14 37.40 19.49
C ALA G 140 36.49 36.32 18.62
N ALA G 141 35.21 36.48 18.28
CA ALA G 141 34.54 35.50 17.44
C ALA G 141 35.20 35.39 16.08
N SER G 142 35.71 36.50 15.55
CA SER G 142 36.31 36.49 14.22
C SER G 142 37.51 35.56 14.16
N PHE G 143 38.21 35.37 15.28
CA PHE G 143 39.35 34.46 15.29
C PHE G 143 38.91 33.01 15.13
N ILE G 144 37.74 32.65 15.67
CA ILE G 144 37.23 31.30 15.50
C ILE G 144 36.92 31.05 14.02
N GLN G 145 36.22 31.98 13.39
CA GLN G 145 35.91 31.84 11.97
C GLN G 145 37.17 31.81 11.13
N TRP G 146 38.11 32.71 11.41
CA TRP G 146 39.32 32.82 10.60
C TRP G 146 40.11 31.51 10.62
N PHE G 147 40.33 30.95 11.81
CA PHE G 147 41.16 29.76 11.91
C PHE G 147 40.41 28.48 11.57
N ALA G 148 39.08 28.48 11.68
CA ALA G 148 38.32 27.38 11.10
C ALA G 148 38.60 27.26 9.60
N GLU G 149 38.83 28.39 8.93
CA GLU G 149 39.14 28.40 7.51
C GLU G 149 40.62 28.11 7.26
N GLU G 150 41.50 28.53 8.17
CA GLU G 150 42.92 28.24 8.01
C GLU G 150 43.21 26.75 8.14
N GLY G 151 42.44 26.03 8.95
CA GLY G 151 42.70 24.62 9.15
C GLY G 151 42.64 23.82 7.87
N LYS G 152 41.85 24.26 6.90
CA LYS G 152 41.75 23.59 5.62
C LYS G 152 42.85 24.01 4.64
N ARG G 153 43.79 24.86 5.08
CA ARG G 153 44.79 25.44 4.19
C ARG G 153 46.20 25.34 4.74
N ILE G 154 46.46 24.40 5.64
CA ILE G 154 47.81 24.17 6.14
C ILE G 154 48.60 23.42 5.07
N TYR G 155 49.06 24.15 4.05
CA TYR G 155 49.65 23.52 2.88
C TYR G 155 51.07 23.05 3.16
N GLY G 156 51.38 21.83 2.73
CA GLY G 156 52.74 21.36 2.66
C GLY G 156 53.37 21.74 1.32
N ASP G 157 54.51 21.13 1.05
CA ASP G 157 55.30 21.48 -0.11
C ASP G 157 55.79 20.22 -0.81
N VAL G 158 56.09 20.37 -2.10
CA VAL G 158 56.88 19.41 -2.85
C VAL G 158 58.09 20.18 -3.36
N ILE G 159 59.27 19.79 -2.91
CA ILE G 159 60.51 20.54 -3.15
C ILE G 159 61.24 19.90 -4.32
N PRO G 160 61.68 20.65 -5.32
CA PRO G 160 62.45 20.06 -6.42
C PRO G 160 63.64 19.26 -5.88
N THR G 161 63.73 18.01 -6.29
CA THR G 161 64.72 17.10 -5.71
C THR G 161 66.12 17.44 -6.20
N VAL G 162 67.10 17.16 -5.35
CA VAL G 162 68.51 17.21 -5.73
C VAL G 162 69.02 15.84 -6.12
N ASN G 163 68.23 14.79 -5.96
CA ASN G 163 68.60 13.43 -6.33
C ASN G 163 67.40 12.77 -7.01
N ASN G 164 67.58 12.38 -8.29
CA ASN G 164 66.46 11.89 -9.08
C ASN G 164 65.86 10.60 -8.54
N GLN G 165 66.51 9.94 -7.59
CA GLN G 165 65.98 8.73 -6.99
C GLN G 165 65.13 9.01 -5.76
N GLN G 166 64.95 10.27 -5.39
CA GLN G 166 64.16 10.63 -4.22
C GLN G 166 63.14 11.70 -4.58
N ARG G 167 62.12 11.83 -3.73
CA ARG G 167 61.13 12.89 -3.82
C ARG G 167 60.95 13.50 -2.44
N PHE G 168 60.87 14.83 -2.38
CA PHE G 168 60.82 15.57 -1.13
C PHE G 168 59.41 16.09 -0.91
N ILE G 169 58.71 15.50 0.05
CA ILE G 169 57.32 15.84 0.34
C ILE G 169 57.25 16.33 1.78
N ILE G 170 56.83 17.58 1.95
CA ILE G 170 56.77 18.24 3.25
C ILE G 170 55.32 18.34 3.69
N SER G 171 55.05 17.99 4.94
CA SER G 171 53.71 18.06 5.51
C SER G 171 53.76 18.77 6.85
N LYS G 172 52.59 19.18 7.33
CA LYS G 172 52.45 19.89 8.59
C LYS G 172 51.59 19.07 9.53
N GLU G 173 51.99 19.01 10.80
CA GLU G 173 51.29 18.22 11.81
C GLU G 173 51.16 19.04 13.08
N PRO G 174 50.15 18.75 13.91
CA PRO G 174 49.98 19.52 15.15
C PRO G 174 51.07 19.19 16.18
N VAL G 175 51.47 20.22 16.94
CA VAL G 175 52.46 20.02 17.99
C VAL G 175 51.96 19.03 19.04
N GLY G 176 50.69 19.12 19.39
CA GLY G 176 50.11 18.29 20.43
C GLY G 176 49.32 19.10 21.44
N VAL G 177 49.36 18.69 22.70
CA VAL G 177 48.64 19.41 23.75
C VAL G 177 49.27 20.79 23.92
N VAL G 178 48.43 21.81 23.98
CA VAL G 178 48.86 23.20 24.13
C VAL G 178 48.40 23.72 25.49
N ALA G 179 49.25 24.52 26.12
CA ALA G 179 48.93 25.18 27.39
C ALA G 179 48.82 26.67 27.11
N ALA G 180 47.69 27.26 27.47
CA ALA G 180 47.42 28.67 27.25
C ALA G 180 47.17 29.35 28.59
N ILE G 181 47.90 30.43 28.85
CA ILE G 181 47.75 31.23 30.06
C ILE G 181 47.42 32.65 29.62
N THR G 182 46.26 33.14 30.04
CA THR G 182 45.72 34.37 29.46
C THR G 182 45.54 35.46 30.52
N PRO G 183 45.55 36.73 30.10
CA PRO G 183 45.42 37.82 31.08
C PRO G 183 43.98 38.29 31.24
N TRP G 184 43.81 39.46 31.86
CA TRP G 184 42.49 39.98 32.21
C TRP G 184 42.03 41.15 31.35
N ASN G 185 42.94 41.82 30.65
CA ASN G 185 42.54 43.01 29.90
C ASN G 185 41.56 42.67 28.78
N PHE G 186 41.74 41.52 28.13
CA PHE G 186 40.84 41.04 27.09
C PHE G 186 40.46 39.61 27.43
N PRO G 187 39.52 39.43 28.37
CA PRO G 187 39.30 38.09 28.95
C PRO G 187 38.63 37.11 28.00
N ILE G 188 38.12 37.54 26.85
CA ILE G 188 37.51 36.66 25.86
C ILE G 188 38.39 36.53 24.62
N ALA G 189 38.85 37.66 24.08
CA ALA G 189 39.62 37.61 22.85
C ALA G 189 40.93 36.85 23.05
N MET G 190 41.58 37.01 24.21
CA MET G 190 42.81 36.28 24.46
C MET G 190 42.58 34.77 24.57
N ILE G 191 41.35 34.35 24.83
CA ILE G 191 41.04 32.92 24.84
C ILE G 191 40.91 32.40 23.43
N THR G 192 40.10 33.07 22.60
CA THR G 192 39.88 32.61 21.23
C THR G 192 41.14 32.76 20.38
N ARG G 193 41.92 33.82 20.62
CA ARG G 193 43.16 34.02 19.86
C ARG G 193 44.14 32.88 20.04
N LYS G 194 44.00 32.09 21.11
CA LYS G 194 44.89 30.96 21.38
C LYS G 194 44.19 29.62 21.19
N ALA G 195 42.94 29.50 21.61
CA ALA G 195 42.24 28.21 21.53
C ALA G 195 41.77 27.91 20.10
N ALA G 196 41.36 28.93 19.35
CA ALA G 196 40.92 28.71 17.98
C ALA G 196 42.03 28.16 17.10
N PRO G 197 43.19 28.82 16.97
CA PRO G 197 44.25 28.24 16.13
C PRO G 197 44.75 26.90 16.62
N ALA G 198 44.82 26.70 17.94
CA ALA G 198 45.24 25.40 18.46
C ALA G 198 44.28 24.30 17.99
N LEU G 199 42.98 24.54 18.13
CA LEU G 199 42.00 23.54 17.71
C LEU G 199 42.01 23.35 16.20
N ALA G 200 42.10 24.45 15.44
CA ALA G 200 42.09 24.34 13.99
C ALA G 200 43.32 23.61 13.48
N ALA G 201 44.42 23.63 14.23
CA ALA G 201 45.63 22.91 13.84
C ALA G 201 45.54 21.43 14.13
N GLY G 202 44.50 20.97 14.82
CA GLY G 202 44.42 19.61 15.28
C GLY G 202 44.92 19.38 16.68
N CYS G 203 45.20 20.44 17.44
CA CYS G 203 45.70 20.32 18.81
C CYS G 203 44.53 20.38 19.80
N THR G 204 44.84 20.02 21.04
CA THR G 204 43.96 20.23 22.18
C THR G 204 44.64 21.22 23.14
N VAL G 205 43.84 21.86 23.98
CA VAL G 205 44.32 23.00 24.76
C VAL G 205 43.86 22.89 26.21
N VAL G 206 44.73 23.28 27.12
CA VAL G 206 44.39 23.48 28.53
C VAL G 206 44.63 24.95 28.84
N ILE G 207 43.64 25.60 29.45
CA ILE G 207 43.64 27.05 29.61
C ILE G 207 43.64 27.40 31.09
N LYS G 208 44.53 28.31 31.48
CA LYS G 208 44.53 28.90 32.82
C LYS G 208 44.20 30.37 32.70
N PRO G 209 42.95 30.79 32.94
CA PRO G 209 42.59 32.19 32.79
C PRO G 209 42.96 33.00 34.03
N ALA G 210 42.89 34.32 33.88
CA ALA G 210 43.20 35.21 34.98
C ALA G 210 42.12 35.14 36.05
N ASN G 211 42.53 35.00 37.31
CA ASN G 211 41.57 34.90 38.41
C ASN G 211 40.70 36.13 38.53
N GLU G 212 41.13 37.27 37.98
CA GLU G 212 40.32 38.49 38.03
C GLU G 212 39.15 38.45 37.05
N THR G 213 39.25 37.65 35.98
CA THR G 213 38.20 37.59 34.96
C THR G 213 38.05 36.17 34.45
N PRO G 214 37.65 35.25 35.32
CA PRO G 214 37.56 33.84 34.92
C PRO G 214 36.24 33.49 34.23
N TYR G 215 35.17 34.21 34.58
CA TYR G 215 33.85 33.84 34.08
C TYR G 215 33.75 34.01 32.57
N CYS G 216 34.53 34.91 31.98
CA CYS G 216 34.56 35.03 30.53
C CYS G 216 35.10 33.76 29.90
N ALA G 217 36.16 33.20 30.46
CA ALA G 217 36.72 31.96 29.91
C ALA G 217 35.77 30.79 30.10
N LEU G 218 35.13 30.70 31.26
CA LEU G 218 34.21 29.59 31.50
C LEU G 218 32.96 29.70 30.65
N ALA G 219 32.51 30.92 30.36
CA ALA G 219 31.36 31.09 29.47
C ALA G 219 31.70 30.63 28.05
N ILE G 220 32.91 30.94 27.58
CA ILE G 220 33.34 30.48 26.27
C ILE G 220 33.43 28.95 26.24
N ALA G 221 33.81 28.34 27.36
CA ALA G 221 33.87 26.88 27.41
C ALA G 221 32.46 26.28 27.41
N LYS G 222 31.52 26.95 28.07
CA LYS G 222 30.13 26.49 28.04
C LYS G 222 29.58 26.48 26.62
N LEU G 223 29.94 27.51 25.83
CA LEU G 223 29.50 27.54 24.44
C LEU G 223 30.20 26.47 23.62
N ALA G 224 31.48 26.21 23.90
CA ALA G 224 32.19 25.12 23.23
C ALA G 224 31.47 23.79 23.47
N GLU G 225 30.96 23.59 24.68
CA GLU G 225 30.17 22.40 24.97
C GLU G 225 28.92 22.37 24.08
N LYS G 226 28.21 23.49 24.00
CA LYS G 226 27.01 23.54 23.17
C LYS G 226 27.33 23.37 21.68
N ALA G 227 28.55 23.76 21.26
CA ALA G 227 28.92 23.66 19.87
C ALA G 227 29.32 22.25 19.45
N GLY G 228 29.38 21.30 20.38
CA GLY G 228 29.77 19.95 20.05
C GLY G 228 31.25 19.67 20.04
N ILE G 229 32.05 20.52 20.69
CA ILE G 229 33.50 20.26 20.79
C ILE G 229 33.67 19.09 21.75
N PRO G 230 34.34 18.01 21.35
CA PRO G 230 34.40 16.81 22.20
C PRO G 230 35.11 17.09 23.52
N ALA G 231 34.81 16.23 24.49
CA ALA G 231 35.40 16.36 25.82
C ALA G 231 36.92 16.26 25.74
N GLY G 232 37.60 17.07 26.56
CA GLY G 232 39.04 17.08 26.60
C GLY G 232 39.71 17.94 25.56
N VAL G 233 39.01 18.30 24.48
CA VAL G 233 39.63 19.12 23.45
C VAL G 233 39.96 20.50 23.99
N ILE G 234 39.12 21.03 24.88
CA ILE G 234 39.35 22.34 25.48
C ILE G 234 39.03 22.24 26.97
N ASN G 235 39.95 22.72 27.80
CA ASN G 235 39.82 22.62 29.25
C ASN G 235 40.21 23.95 29.87
N VAL G 236 39.49 24.34 30.91
CA VAL G 236 39.74 25.58 31.64
C VAL G 236 39.99 25.23 33.10
N VAL G 237 41.19 25.51 33.59
CA VAL G 237 41.60 25.22 34.96
C VAL G 237 41.80 26.55 35.67
N THR G 238 41.07 26.75 36.77
CA THR G 238 41.08 28.00 37.51
C THR G 238 41.72 27.80 38.88
N GLY G 239 42.35 28.86 39.38
CA GLY G 239 42.86 28.85 40.74
C GLY G 239 44.30 29.29 40.88
N LYS G 240 45.14 28.41 41.43
CA LYS G 240 46.51 28.75 41.78
C LYS G 240 47.36 28.86 40.52
N SER G 241 47.83 30.07 40.21
CA SER G 241 48.54 30.29 38.96
C SER G 241 49.90 29.61 38.96
N GLN G 242 50.63 29.71 40.07
CA GLN G 242 51.98 29.14 40.11
C GLN G 242 51.93 27.61 40.03
N GLU G 243 51.02 26.99 40.76
CA GLU G 243 50.91 25.53 40.72
C GLU G 243 50.44 25.05 39.36
N ILE G 244 49.39 25.69 38.82
CA ILE G 244 48.87 25.29 37.51
C ILE G 244 49.90 25.56 36.43
N GLY G 245 50.55 26.74 36.47
CA GLY G 245 51.54 27.07 35.47
C GLY G 245 52.76 26.18 35.54
N SER G 246 53.14 25.75 36.74
CA SER G 246 54.28 24.85 36.89
C SER G 246 54.02 23.53 36.17
N VAL G 247 52.80 23.03 36.26
CA VAL G 247 52.45 21.80 35.54
C VAL G 247 52.44 22.05 34.04
N PHE G 248 51.84 23.16 33.61
CA PHE G 248 51.73 23.43 32.18
C PHE G 248 53.09 23.59 31.53
N THR G 249 54.09 24.06 32.28
CA THR G 249 55.41 24.33 31.72
C THR G 249 56.41 23.20 31.95
N SER G 250 55.97 22.07 32.50
CA SER G 250 56.90 20.98 32.80
C SER G 250 56.39 19.63 32.35
N HIS G 251 55.07 19.42 32.37
CA HIS G 251 54.51 18.12 32.02
C HIS G 251 54.98 17.70 30.62
N GLU G 252 55.46 16.46 30.52
CA GLU G 252 56.06 16.01 29.27
C GLU G 252 55.09 16.08 28.10
N LYS G 253 53.80 15.90 28.35
CA LYS G 253 52.82 15.83 27.28
C LYS G 253 52.41 17.21 26.75
N VAL G 254 52.76 18.29 27.44
CA VAL G 254 52.53 19.62 26.91
C VAL G 254 53.70 19.98 26.00
N LYS G 255 53.41 20.23 24.73
CA LYS G 255 54.45 20.46 23.73
C LYS G 255 54.64 21.93 23.38
N LYS G 256 53.69 22.79 23.73
CA LYS G 256 53.79 24.20 23.40
C LYS G 256 53.11 25.02 24.49
N LEU G 257 53.69 26.18 24.79
CA LEU G 257 53.10 27.15 25.71
C LEU G 257 52.84 28.44 24.95
N THR G 258 51.63 28.97 25.09
CA THR G 258 51.30 30.31 24.59
C THR G 258 50.84 31.14 25.79
N PHE G 259 51.48 32.29 25.99
CA PHE G 259 51.24 33.11 27.17
C PHE G 259 51.21 34.58 26.77
N THR G 260 50.24 35.30 27.33
CA THR G 260 50.14 36.74 27.18
C THR G 260 50.07 37.36 28.57
N GLY G 261 51.01 38.26 28.87
CA GLY G 261 51.03 38.89 30.18
C GLY G 261 52.27 39.74 30.35
N SER G 262 52.75 39.80 31.59
CA SER G 262 53.91 40.62 31.90
C SER G 262 55.19 39.94 31.48
N THR G 263 56.21 40.74 31.19
CA THR G 263 57.49 40.23 30.74
C THR G 263 58.20 39.44 31.84
N PRO G 264 58.21 39.92 33.09
CA PRO G 264 58.84 39.12 34.16
C PRO G 264 58.25 37.72 34.28
N VAL G 265 56.93 37.59 34.15
CA VAL G 265 56.32 36.27 34.17
C VAL G 265 56.71 35.49 32.92
N GLY G 266 56.74 36.15 31.78
CA GLY G 266 57.18 35.48 30.56
C GLY G 266 58.58 34.92 30.67
N ARG G 267 59.49 35.68 31.30
CA ARG G 267 60.83 35.18 31.53
C ARG G 267 60.81 33.92 32.38
N LEU G 268 59.95 33.88 33.39
CA LEU G 268 59.90 32.72 34.28
C LEU G 268 59.29 31.52 33.59
N LEU G 269 58.20 31.72 32.85
CA LEU G 269 57.57 30.60 32.14
C LEU G 269 58.49 30.02 31.08
N MET G 270 59.15 30.89 30.32
CA MET G 270 60.11 30.41 29.32
C MET G 270 61.24 29.63 29.99
N GLN G 271 61.68 30.08 31.16
CA GLN G 271 62.74 29.39 31.87
C GLN G 271 62.27 28.01 32.33
N GLN G 272 61.03 27.90 32.80
CA GLN G 272 60.51 26.61 33.23
C GLN G 272 60.27 25.68 32.05
N CYS G 273 59.92 26.23 30.88
CA CYS G 273 59.71 25.43 29.68
C CYS G 273 61.00 24.84 29.13
N SER G 274 62.16 25.24 29.67
CA SER G 274 63.44 24.83 29.07
C SER G 274 63.78 23.37 29.35
N SER G 275 63.32 22.83 30.47
CA SER G 275 63.70 21.47 30.84
C SER G 275 63.16 20.44 29.85
N THR G 276 62.13 20.78 29.07
CA THR G 276 61.59 19.88 28.06
C THR G 276 61.53 20.52 26.67
N ILE G 277 62.24 21.63 26.46
CA ILE G 277 62.36 22.25 25.14
C ILE G 277 60.98 22.46 24.53
N LYS G 278 60.08 23.12 25.26
CA LYS G 278 58.74 23.36 24.76
C LYS G 278 58.73 24.51 23.77
N LYS G 279 57.89 24.40 22.74
CA LYS G 279 57.67 25.50 21.82
C LYS G 279 56.99 26.66 22.54
N LEU G 280 57.28 27.88 22.09
CA LEU G 280 56.89 29.08 22.81
C LEU G 280 56.19 30.07 21.92
N ALA G 281 55.14 30.68 22.46
CA ALA G 281 54.50 31.86 21.88
C ALA G 281 54.26 32.83 23.03
N LEU G 282 54.90 33.99 22.97
CA LEU G 282 54.86 34.96 24.07
C LEU G 282 54.44 36.32 23.53
N GLU G 283 53.44 36.92 24.16
CA GLU G 283 53.06 38.30 23.92
C GLU G 283 53.19 39.01 25.27
N LEU G 284 54.25 39.79 25.43
CA LEU G 284 54.59 40.34 26.74
C LEU G 284 54.34 41.85 26.78
N GLY G 285 55.19 42.58 27.51
CA GLY G 285 54.95 43.99 27.70
C GLY G 285 55.19 44.80 26.44
N GLY G 286 54.64 46.01 26.45
CA GLY G 286 54.83 46.95 25.36
C GLY G 286 54.81 48.37 25.84
N ASN G 287 55.84 49.14 25.49
CA ASN G 287 55.92 50.55 25.84
C ASN G 287 55.69 51.38 24.59
N ALA G 288 54.48 51.27 24.04
CA ALA G 288 54.21 51.74 22.68
C ALA G 288 54.44 53.25 22.57
N PRO G 289 55.32 53.70 21.67
CA PRO G 289 55.41 55.13 21.39
C PRO G 289 54.52 55.56 20.23
N LEU G 290 53.95 56.75 20.35
CA LEU G 290 53.16 57.37 19.30
C LEU G 290 53.81 58.71 18.98
N ILE G 291 54.33 58.83 17.75
CA ILE G 291 55.07 60.01 17.32
C ILE G 291 54.19 60.82 16.40
N VAL G 292 54.09 62.12 16.68
CA VAL G 292 53.31 63.06 15.88
C VAL G 292 54.30 64.11 15.37
N PHE G 293 54.67 64.02 14.10
CA PHE G 293 55.54 65.01 13.50
C PHE G 293 54.75 66.27 13.14
N ASP G 294 55.47 67.37 12.97
CA ASP G 294 54.81 68.65 12.74
C ASP G 294 54.10 68.70 11.39
N ASP G 295 54.43 67.80 10.46
CA ASP G 295 53.74 67.73 9.17
C ASP G 295 52.58 66.75 9.19
N ALA G 296 52.05 66.45 10.37
CA ALA G 296 50.98 65.48 10.50
C ALA G 296 49.62 66.16 10.44
N ASP G 297 48.62 65.41 9.96
CA ASP G 297 47.22 65.83 10.06
C ASP G 297 46.88 65.95 11.54
N LEU G 298 46.89 67.18 12.06
CA LEU G 298 46.79 67.38 13.51
C LEU G 298 45.52 66.74 14.07
N ASP G 299 44.37 67.04 13.46
CA ASP G 299 43.11 66.51 13.98
C ASP G 299 43.06 65.00 13.87
N LYS G 300 43.62 64.43 12.79
CA LYS G 300 43.64 62.98 12.64
C LYS G 300 44.54 62.35 13.70
N ALA G 301 45.66 63.01 14.03
CA ALA G 301 46.56 62.47 15.04
C ALA G 301 45.95 62.53 16.43
N VAL G 302 45.19 63.59 16.71
CA VAL G 302 44.58 63.73 18.04
C VAL G 302 43.56 62.63 18.26
N GLN G 303 42.64 62.44 17.31
CA GLN G 303 41.63 61.40 17.46
C GLN G 303 42.28 60.02 17.51
N GLY G 304 43.33 59.81 16.72
CA GLY G 304 44.02 58.53 16.74
C GLY G 304 44.74 58.28 18.06
N ALA G 305 45.34 59.33 18.63
CA ALA G 305 46.02 59.17 19.91
C ALA G 305 45.02 58.93 21.04
N ILE G 306 43.86 59.59 20.99
CA ILE G 306 42.82 59.35 21.98
C ILE G 306 42.40 57.88 21.97
N PHE G 307 42.28 57.31 20.76
CA PHE G 307 41.87 55.91 20.66
C PHE G 307 42.98 54.98 21.16
N ALA G 308 44.23 55.29 20.82
CA ALA G 308 45.33 54.41 21.21
C ALA G 308 45.57 54.43 22.71
N LYS G 309 45.27 55.55 23.38
CA LYS G 309 45.54 55.69 24.80
C LYS G 309 44.38 55.16 25.64
N PHE G 310 43.18 55.69 25.44
CA PHE G 310 42.10 55.49 26.41
C PHE G 310 41.19 54.31 26.09
N ARG G 311 41.53 53.48 25.11
CA ARG G 311 40.78 52.25 24.90
C ARG G 311 41.04 51.31 26.09
N ASN G 312 39.96 50.80 26.68
CA ASN G 312 40.05 49.91 27.84
C ASN G 312 40.66 50.62 29.04
N ALA G 313 40.46 51.94 29.13
CA ALA G 313 41.01 52.76 30.20
C ALA G 313 42.53 52.70 30.24
N GLY G 314 43.16 52.47 29.08
CA GLY G 314 44.59 52.41 28.98
C GLY G 314 45.21 51.07 29.32
N GLN G 315 44.38 50.07 29.65
CA GLN G 315 44.87 48.77 30.10
C GLN G 315 44.92 47.81 28.92
N THR G 316 45.91 48.06 28.05
CA THR G 316 46.10 47.24 26.86
C THR G 316 47.58 47.27 26.50
N CYS G 317 48.08 46.12 26.03
CA CYS G 317 49.51 45.99 25.77
C CYS G 317 49.98 46.91 24.65
N VAL G 318 49.09 47.26 23.72
CA VAL G 318 49.45 48.11 22.59
C VAL G 318 49.01 49.57 22.80
N CYS G 319 48.58 49.92 24.02
CA CYS G 319 48.19 51.29 24.29
C CYS G 319 49.40 52.23 24.15
N ALA G 320 49.12 53.46 23.71
CA ALA G 320 50.15 54.48 23.53
C ALA G 320 50.67 54.93 24.88
N ASN G 321 51.79 54.35 25.32
CA ASN G 321 52.35 54.71 26.62
C ASN G 321 53.13 56.02 26.56
N ARG G 322 53.73 56.32 25.42
CA ARG G 322 54.50 57.55 25.23
C ARG G 322 54.00 58.25 23.97
N ILE G 323 53.62 59.52 24.12
CA ILE G 323 53.08 60.31 23.01
C ILE G 323 54.09 61.42 22.74
N TYR G 324 54.92 61.25 21.71
CA TYR G 324 55.88 62.25 21.30
C TYR G 324 55.22 63.21 20.31
N VAL G 325 55.34 64.51 20.59
CA VAL G 325 54.72 65.54 19.77
C VAL G 325 55.78 66.59 19.44
N HIS G 326 55.88 66.94 18.16
CA HIS G 326 56.91 67.88 17.72
C HIS G 326 56.69 69.24 18.36
N ASP G 327 57.78 70.01 18.44
CA ASP G 327 57.74 71.28 19.15
C ASP G 327 56.80 72.27 18.47
N ASN G 328 56.72 72.22 17.13
CA ASN G 328 55.96 73.23 16.40
C ASN G 328 54.46 73.06 16.54
N ILE G 329 53.99 71.91 17.03
CA ILE G 329 52.56 71.66 17.14
C ILE G 329 52.22 71.18 18.55
N TYR G 330 53.19 71.24 19.46
CA TYR G 330 52.98 70.70 20.79
C TYR G 330 51.82 71.37 21.49
N GLN G 331 51.77 72.71 21.45
CA GLN G 331 50.72 73.44 22.15
C GLN G 331 49.35 73.13 21.55
N ALA G 332 49.23 73.26 20.22
CA ALA G 332 47.94 73.00 19.57
C ALA G 332 47.49 71.58 19.82
N PHE G 333 48.39 70.61 19.71
CA PHE G 333 48.04 69.21 19.95
C PHE G 333 47.55 69.02 21.38
N ALA G 334 48.29 69.57 22.35
CA ALA G 334 47.92 69.38 23.75
C ALA G 334 46.54 69.97 24.04
N GLU G 335 46.27 71.18 23.54
CA GLU G 335 44.97 71.80 23.79
C GLU G 335 43.83 70.93 23.26
N LYS G 336 43.93 70.52 21.99
CA LYS G 336 42.88 69.68 21.42
C LYS G 336 42.79 68.34 22.14
N PHE G 337 43.95 67.75 22.46
CA PHE G 337 43.95 66.47 23.15
C PHE G 337 43.24 66.56 24.50
N VAL G 338 43.48 67.64 25.25
CA VAL G 338 42.85 67.78 26.56
C VAL G 338 41.36 68.04 26.42
N GLN G 339 40.96 68.78 25.38
CA GLN G 339 39.54 69.02 25.16
C GLN G 339 38.79 67.69 24.96
N GLU G 340 39.38 66.75 24.24
CA GLU G 340 38.73 65.46 24.04
C GLU G 340 38.69 64.66 25.35
N VAL G 341 39.79 64.68 26.11
CA VAL G 341 39.84 63.91 27.35
C VAL G 341 38.78 64.40 28.33
N GLN G 342 38.49 65.69 28.33
CA GLN G 342 37.53 66.25 29.29
C GLN G 342 36.09 65.94 28.93
N LYS G 343 35.82 65.38 27.75
CA LYS G 343 34.48 64.93 27.40
C LYS G 343 34.19 63.53 27.91
N PHE G 344 35.19 62.80 28.39
CA PHE G 344 35.00 61.41 28.79
C PHE G 344 33.99 61.29 29.92
N LYS G 345 33.12 60.30 29.82
CA LYS G 345 32.20 59.92 30.89
C LYS G 345 32.78 58.72 31.62
N VAL G 346 33.06 58.89 32.91
CA VAL G 346 33.64 57.85 33.75
C VAL G 346 32.55 57.27 34.64
N GLY G 347 32.55 55.96 34.79
CA GLY G 347 31.59 55.32 35.69
C GLY G 347 31.46 53.84 35.40
N ASN G 348 30.35 53.28 35.89
CA ASN G 348 30.08 51.87 35.73
C ASN G 348 29.86 51.53 34.27
N GLY G 349 30.48 50.43 33.82
CA GLY G 349 30.41 50.05 32.42
C GLY G 349 29.01 49.74 31.92
N LEU G 350 28.07 49.50 32.83
CA LEU G 350 26.69 49.22 32.44
C LEU G 350 25.88 50.48 32.20
N GLU G 351 26.38 51.65 32.60
CA GLU G 351 25.66 52.89 32.39
C GLU G 351 25.76 53.33 30.93
N ASP G 352 24.73 54.04 30.48
CA ASP G 352 24.70 54.53 29.11
C ASP G 352 25.77 55.59 28.89
N GLY G 353 26.49 55.48 27.78
CA GLY G 353 27.46 56.48 27.39
C GLY G 353 28.76 56.47 28.17
N VAL G 354 28.96 55.53 29.08
CA VAL G 354 30.20 55.47 29.82
C VAL G 354 31.33 55.04 28.88
N GLN G 355 32.47 55.72 28.97
CA GLN G 355 33.61 55.47 28.10
C GLN G 355 34.85 55.02 28.84
N ILE G 356 34.99 55.33 30.13
CA ILE G 356 36.17 54.96 30.92
C ILE G 356 35.69 54.20 32.15
N GLY G 357 36.16 52.97 32.30
CA GLY G 357 35.83 52.16 33.45
C GLY G 357 36.91 52.22 34.50
N PRO G 358 36.79 51.40 35.53
CA PRO G 358 37.80 51.38 36.60
C PRO G 358 39.02 50.56 36.24
N LEU G 359 40.10 50.80 36.96
CA LEU G 359 41.29 49.97 36.81
C LEU G 359 41.04 48.61 37.46
N ILE G 360 41.88 47.64 37.10
CA ILE G 360 41.60 46.25 37.47
C ILE G 360 41.72 46.04 38.97
N ASN G 361 42.64 46.74 39.63
CA ASN G 361 42.87 46.51 41.05
C ASN G 361 43.57 47.73 41.66
N GLU G 362 43.83 47.66 42.96
CA GLU G 362 44.42 48.79 43.67
C GLU G 362 45.87 49.02 43.26
N LYS G 363 46.63 47.94 43.04
CA LYS G 363 48.03 48.09 42.66
C LYS G 363 48.18 48.97 41.43
N ALA G 364 47.25 48.86 40.48
CA ALA G 364 47.32 49.68 39.28
C ALA G 364 47.13 51.16 39.61
N VAL G 365 46.29 51.47 40.59
CA VAL G 365 46.09 52.86 40.98
C VAL G 365 47.35 53.40 41.65
N LEU G 366 48.02 52.58 42.46
CA LEU G 366 49.25 53.03 43.10
C LEU G 366 50.37 53.25 42.09
N LYS G 367 50.52 52.32 41.14
CA LYS G 367 51.54 52.48 40.11
C LYS G 367 51.32 53.76 39.33
N ALA G 368 50.09 54.03 38.92
CA ALA G 368 49.80 55.23 38.14
C ALA G 368 50.11 56.49 38.95
N GLN G 369 49.66 56.53 40.20
CA GLN G 369 49.90 57.70 41.03
C GLN G 369 51.39 57.91 41.26
N GLN G 370 52.14 56.82 41.44
CA GLN G 370 53.59 56.95 41.65
C GLN G 370 54.28 57.52 40.42
N LEU G 371 53.91 57.03 39.23
CA LEU G 371 54.57 57.50 38.02
C LEU G 371 54.24 58.96 37.74
N ILE G 372 53.01 59.38 38.01
CA ILE G 372 52.64 60.78 37.84
C ILE G 372 53.39 61.65 38.84
N ASP G 373 53.48 61.19 40.10
CA ASP G 373 54.20 61.94 41.12
C ASP G 373 55.67 62.11 40.76
N ASP G 374 56.28 61.06 40.21
CA ASP G 374 57.67 61.15 39.79
C ASP G 374 57.83 62.16 38.66
N ALA G 375 56.93 62.14 37.68
CA ALA G 375 57.01 63.08 36.58
C ALA G 375 56.83 64.51 37.05
N VAL G 376 55.84 64.75 37.92
CA VAL G 376 55.60 66.09 38.42
C VAL G 376 56.81 66.61 39.19
N SER G 377 57.47 65.73 39.95
CA SER G 377 58.64 66.14 40.71
C SER G 377 59.83 66.51 39.83
N LYS G 378 59.74 66.22 38.52
CA LYS G 378 60.84 66.50 37.60
C LYS G 378 60.44 67.53 36.54
N GLY G 379 59.34 68.25 36.76
CA GLY G 379 58.96 69.37 35.92
C GLY G 379 57.69 69.18 35.11
N ALA G 380 57.11 67.98 35.11
CA ALA G 380 55.91 67.75 34.32
C ALA G 380 54.73 68.50 34.91
N LYS G 381 53.85 68.98 34.04
CA LYS G 381 52.63 69.68 34.42
C LYS G 381 51.43 68.77 34.19
N ILE G 382 50.48 68.79 35.12
CA ILE G 382 49.24 68.04 35.00
C ILE G 382 48.24 68.93 34.27
N ALA G 383 47.95 68.61 33.00
CA ALA G 383 46.97 69.38 32.25
C ALA G 383 45.55 69.08 32.70
N CYS G 384 45.30 67.86 33.17
CA CYS G 384 44.01 67.49 33.74
C CYS G 384 44.16 66.13 34.40
N GLY G 385 43.28 65.85 35.35
CA GLY G 385 43.33 64.60 36.08
C GLY G 385 44.44 64.57 37.11
N GLY G 386 45.12 63.43 37.23
CA GLY G 386 46.24 63.30 38.14
C GLY G 386 45.91 62.78 39.51
N LYS G 387 44.70 62.27 39.72
CA LYS G 387 44.31 61.75 41.03
C LYS G 387 43.16 60.78 40.83
N GLN G 388 42.82 60.07 41.90
CA GLN G 388 41.70 59.13 41.85
C GLN G 388 40.40 59.87 41.56
N HIS G 389 39.47 59.16 40.92
CA HIS G 389 38.19 59.75 40.57
C HIS G 389 37.27 59.78 41.79
N ALA G 390 36.30 60.71 41.75
CA ALA G 390 35.41 60.90 42.88
C ALA G 390 34.59 59.65 43.20
N LEU G 391 34.47 58.72 42.24
CA LEU G 391 33.73 57.49 42.46
C LEU G 391 34.45 56.51 43.36
N GLY G 392 35.73 56.75 43.67
CA GLY G 392 36.45 55.84 44.54
C GLY G 392 36.78 54.54 43.84
N GLN G 393 36.72 53.44 44.60
CA GLN G 393 37.05 52.10 44.09
C GLN G 393 38.40 52.20 43.40
N THR G 394 38.58 51.62 42.21
CA THR G 394 39.82 51.72 41.47
C THR G 394 39.70 52.66 40.27
N PHE G 395 38.69 53.52 40.26
CA PHE G 395 38.55 54.51 39.20
C PHE G 395 39.69 55.52 39.27
N TYR G 396 40.21 55.90 38.11
CA TYR G 396 41.26 56.91 38.01
C TYR G 396 40.84 57.97 36.99
N GLU G 397 41.07 59.24 37.33
CA GLU G 397 40.70 60.32 36.43
C GLU G 397 41.53 60.24 35.15
N PRO G 398 40.90 60.32 33.97
CA PRO G 398 41.68 60.45 32.74
C PRO G 398 42.59 61.66 32.83
N SER G 399 43.88 61.44 32.67
CA SER G 399 44.89 62.45 32.95
C SER G 399 45.73 62.75 31.71
N VAL G 400 46.33 63.94 31.70
CA VAL G 400 47.22 64.38 30.64
C VAL G 400 48.37 65.13 31.27
N LEU G 401 49.60 64.71 30.96
CA LEU G 401 50.81 65.34 31.48
C LEU G 401 51.55 66.02 30.33
N THR G 402 51.98 67.26 30.56
CA THR G 402 52.79 68.00 29.62
C THR G 402 54.17 68.25 30.22
N ASN G 403 55.12 68.58 29.33
CA ASN G 403 56.50 68.86 29.73
C ASN G 403 57.20 67.60 30.27
N VAL G 404 56.88 66.46 29.66
CA VAL G 404 57.49 65.19 30.03
C VAL G 404 58.77 65.00 29.21
N ASP G 405 59.75 64.35 29.82
CA ASP G 405 61.03 64.09 29.15
C ASP G 405 61.51 62.69 29.53
N ARG G 406 62.63 62.29 28.93
CA ARG G 406 63.10 60.92 29.03
C ARG G 406 63.60 60.56 30.43
N THR G 407 63.93 61.55 31.26
CA THR G 407 64.46 61.26 32.59
C THR G 407 63.38 60.84 33.59
N MET G 408 62.12 60.77 33.16
CA MET G 408 61.01 60.44 34.05
C MET G 408 60.66 58.96 33.94
N GLU G 409 60.32 58.36 35.08
CA GLU G 409 60.03 56.93 35.10
C GLU G 409 58.84 56.60 34.21
N ILE G 410 57.89 57.52 34.07
CA ILE G 410 56.69 57.26 33.28
C ILE G 410 57.04 56.94 31.84
N VAL G 411 58.25 57.28 31.40
CA VAL G 411 58.69 56.95 30.05
C VAL G 411 59.32 55.57 29.96
N GLN G 412 59.79 55.01 31.08
CA GLN G 412 60.42 53.70 31.08
C GLN G 412 59.52 52.59 31.61
N GLU G 413 58.38 52.93 32.20
CA GLU G 413 57.48 51.96 32.80
C GLU G 413 56.10 52.04 32.14
N GLU G 414 55.40 50.91 32.13
CA GLU G 414 54.05 50.85 31.60
C GLU G 414 53.06 51.35 32.65
N ILE G 415 52.19 52.27 32.24
CA ILE G 415 51.20 52.82 33.16
C ILE G 415 50.01 51.88 33.30
N PHE G 416 49.54 51.32 32.19
CA PHE G 416 48.32 50.52 32.17
C PHE G 416 47.18 51.29 32.84
N GLY G 417 47.03 52.55 32.43
CA GLY G 417 46.01 53.41 32.97
C GLY G 417 45.70 54.55 32.03
N PRO G 418 44.67 55.35 32.37
CA PRO G 418 44.24 56.45 31.49
C PRO G 418 45.06 57.72 31.68
N VAL G 419 46.37 57.61 31.44
CA VAL G 419 47.30 58.70 31.63
C VAL G 419 48.11 58.88 30.35
N ALA G 420 48.11 60.09 29.80
CA ALA G 420 48.76 60.38 28.54
C ALA G 420 49.93 61.32 28.76
N PRO G 421 51.17 60.81 28.82
CA PRO G 421 52.34 61.70 28.93
C PRO G 421 52.75 62.22 27.57
N LEU G 422 52.63 63.53 27.38
CA LEU G 422 52.96 64.18 26.11
C LEU G 422 54.42 64.65 26.18
N ILE G 423 55.22 64.19 25.23
CA ILE G 423 56.66 64.39 25.23
C ILE G 423 57.02 65.29 24.05
N ARG G 424 57.85 66.29 24.31
CA ARG G 424 58.27 67.24 23.28
C ARG G 424 59.54 66.74 22.60
N PHE G 425 59.61 66.93 21.29
CA PHE G 425 60.80 66.61 20.53
C PHE G 425 60.90 67.55 19.34
N THR G 426 62.09 67.57 18.73
CA THR G 426 62.31 68.41 17.55
C THR G 426 63.00 67.61 16.45
N ASP G 427 64.09 66.90 16.80
CA ASP G 427 64.88 66.18 15.82
C ASP G 427 64.28 64.80 15.56
N GLU G 428 64.34 64.37 14.30
CA GLU G 428 63.77 63.08 13.92
C GLU G 428 64.64 61.93 14.42
N ALA G 429 65.95 62.03 14.21
CA ALA G 429 66.85 60.98 14.68
C ALA G 429 66.74 60.80 16.19
N ASP G 430 66.47 61.88 16.92
CA ASP G 430 66.40 61.80 18.38
C ASP G 430 65.13 61.10 18.84
N VAL G 431 63.99 61.43 18.24
CA VAL G 431 62.73 60.83 18.67
C VAL G 431 62.72 59.35 18.32
N VAL G 432 63.34 58.97 17.20
CA VAL G 432 63.43 57.56 16.84
C VAL G 432 64.32 56.81 17.85
N ALA G 433 65.43 57.44 18.27
CA ALA G 433 66.28 56.81 19.27
C ALA G 433 65.53 56.65 20.59
N GLN G 434 64.79 57.68 21.01
CA GLN G 434 64.00 57.57 22.22
C GLN G 434 62.94 56.48 22.09
N ALA G 435 62.28 56.39 20.93
CA ALA G 435 61.25 55.38 20.74
C ALA G 435 61.81 53.98 20.89
N ASN G 436 63.03 53.76 20.42
CA ASN G 436 63.66 52.45 20.47
C ASN G 436 64.45 52.22 21.75
N ASP G 437 64.56 53.22 22.63
CA ASP G 437 65.31 53.09 23.87
C ASP G 437 64.50 52.34 24.92
N THR G 438 64.21 51.09 24.61
CA THR G 438 63.37 50.24 25.45
C THR G 438 63.65 48.78 25.11
N ILE G 439 63.38 47.91 26.09
CA ILE G 439 63.50 46.47 25.86
C ILE G 439 62.32 45.93 25.08
N PHE G 440 61.24 46.69 24.96
CA PHE G 440 60.02 46.23 24.31
C PHE G 440 59.99 46.61 22.84
N GLY G 441 59.09 45.96 22.11
CA GLY G 441 58.94 46.20 20.69
C GLY G 441 57.67 45.59 20.16
N LEU G 442 56.53 46.00 20.71
CA LEU G 442 55.25 45.42 20.33
C LEU G 442 54.55 46.26 19.28
N ALA G 443 54.03 47.42 19.66
CA ALA G 443 53.31 48.30 18.75
C ALA G 443 53.88 49.70 18.82
N ALA G 444 53.83 50.39 17.69
CA ALA G 444 54.25 51.78 17.59
C ALA G 444 53.34 52.49 16.59
N TYR G 445 53.33 53.81 16.67
CA TYR G 445 52.44 54.62 15.84
C TYR G 445 53.17 55.87 15.37
N VAL G 446 53.01 56.19 14.08
CA VAL G 446 53.64 57.34 13.46
C VAL G 446 52.58 58.13 12.70
N TYR G 447 52.58 59.45 12.87
CA TYR G 447 51.68 60.33 12.13
C TYR G 447 52.50 61.35 11.36
N SER G 448 52.41 61.28 10.03
CA SER G 448 53.11 62.22 9.16
C SER G 448 52.58 62.12 7.75
N GLU G 449 52.31 63.26 7.12
CA GLU G 449 51.83 63.28 5.74
C GLU G 449 52.96 63.25 4.72
N ASN G 450 54.22 63.20 5.16
CA ASN G 450 55.37 63.09 4.28
C ASN G 450 55.65 61.61 4.03
N ILE G 451 55.58 61.20 2.76
CA ILE G 451 55.72 59.79 2.44
C ILE G 451 57.09 59.28 2.86
N SER G 452 58.14 60.00 2.48
CA SER G 452 59.50 59.55 2.78
C SER G 452 59.69 59.39 4.28
N ARG G 453 59.26 60.38 5.07
CA ARG G 453 59.41 60.29 6.51
C ARG G 453 58.57 59.15 7.09
N LEU G 454 57.33 59.02 6.63
CA LEU G 454 56.46 57.97 7.16
C LEU G 454 57.10 56.60 7.00
N TRP G 455 57.65 56.31 5.81
CA TRP G 455 58.28 55.02 5.59
C TRP G 455 59.62 54.92 6.30
N ARG G 456 60.40 56.01 6.28
CA ARG G 456 61.71 56.00 6.93
C ARG G 456 61.59 55.69 8.42
N VAL G 457 60.62 56.33 9.09
CA VAL G 457 60.49 56.15 10.53
C VAL G 457 59.89 54.79 10.85
N SER G 458 58.88 54.36 10.09
CA SER G 458 58.26 53.06 10.35
C SER G 458 59.25 51.92 10.18
N GLU G 459 60.18 52.06 9.24
CA GLU G 459 61.19 51.02 9.05
C GLU G 459 62.24 51.04 10.15
N GLN G 460 62.54 52.21 10.69
CA GLN G 460 63.55 52.32 11.74
C GLN G 460 63.02 51.96 13.12
N LEU G 461 61.69 51.92 13.30
CA LEU G 461 61.10 51.56 14.58
C LEU G 461 61.19 50.05 14.77
N GLU G 462 61.89 49.62 15.82
CA GLU G 462 62.10 48.21 16.12
C GLU G 462 60.86 47.67 16.84
N TYR G 463 59.78 47.52 16.07
CA TYR G 463 58.51 47.03 16.58
C TYR G 463 57.89 46.08 15.58
N GLY G 464 57.13 45.11 16.09
CA GLY G 464 56.45 44.16 15.22
C GLY G 464 55.20 44.69 14.55
N MET G 465 54.68 45.82 15.02
CA MET G 465 53.47 46.41 14.44
C MET G 465 53.60 47.92 14.50
N VAL G 466 53.43 48.58 13.35
CA VAL G 466 53.57 50.02 13.25
C VAL G 466 52.33 50.58 12.58
N GLY G 467 51.56 51.38 13.31
CA GLY G 467 50.46 52.11 12.72
C GLY G 467 50.98 53.36 12.04
N MET G 468 50.64 53.52 10.76
CA MET G 468 51.09 54.65 9.94
C MET G 468 49.87 55.50 9.63
N ASN G 469 49.75 56.65 10.31
CA ASN G 469 48.55 57.49 10.23
C ASN G 469 47.31 56.69 10.63
N ALA G 470 47.47 55.75 11.55
CA ALA G 470 46.37 54.93 12.01
C ALA G 470 46.76 54.30 13.35
N THR G 471 45.75 54.12 14.22
CA THR G 471 45.96 53.45 15.50
C THR G 471 45.02 52.26 15.72
N ALA G 472 43.96 52.11 14.93
CA ALA G 472 43.06 50.97 15.05
C ALA G 472 43.62 49.83 14.21
N ILE G 473 44.64 49.17 14.75
CA ILE G 473 45.40 48.17 14.03
C ILE G 473 44.98 46.75 14.35
N SER G 474 43.98 46.57 15.22
CA SER G 474 43.61 45.25 15.70
C SER G 474 42.55 44.61 14.82
N ASN G 475 42.82 43.40 14.37
CA ASN G 475 41.86 42.57 13.64
C ASN G 475 42.46 41.17 13.55
N GLU G 476 41.68 40.24 13.01
CA GLU G 476 42.07 38.83 13.03
C GLU G 476 42.93 38.42 11.84
N VAL G 477 43.02 39.24 10.79
CA VAL G 477 43.74 38.83 9.58
C VAL G 477 45.18 39.35 9.54
N VAL G 478 45.57 40.22 10.46
CA VAL G 478 46.92 40.77 10.48
C VAL G 478 47.74 40.05 11.53
N PRO G 479 49.06 39.89 11.33
CA PRO G 479 49.88 39.15 12.30
C PRO G 479 50.20 39.99 13.53
N PHE G 480 49.63 39.59 14.67
CA PHE G 480 49.72 40.34 15.91
C PHE G 480 50.84 39.79 16.76
N GLY G 481 51.77 40.66 17.16
CA GLY G 481 52.88 40.25 18.00
C GLY G 481 53.98 41.30 17.97
N GLY G 482 55.04 41.00 18.73
CA GLY G 482 56.12 41.94 18.92
C GLY G 482 57.49 41.30 18.70
N VAL G 483 58.52 42.12 18.87
CA VAL G 483 59.91 41.69 18.76
C VAL G 483 60.62 42.04 20.06
N LYS G 484 61.91 41.74 20.14
CA LYS G 484 62.70 41.95 21.35
C LYS G 484 61.98 41.29 22.53
N GLN G 485 61.94 41.95 23.68
CA GLN G 485 61.35 41.35 24.87
C GLN G 485 59.82 41.48 24.91
N SER G 486 59.21 41.97 23.83
CA SER G 486 57.75 41.92 23.73
C SER G 486 57.24 40.55 23.32
N GLY G 487 58.13 39.62 22.98
CA GLY G 487 57.77 38.23 22.86
C GLY G 487 58.16 37.65 21.52
N VAL G 488 57.59 36.48 21.23
CA VAL G 488 57.87 35.76 20.00
C VAL G 488 56.55 35.20 19.47
N GLY G 489 56.50 34.98 18.16
CA GLY G 489 55.33 34.43 17.53
C GLY G 489 54.30 35.49 17.16
N ARG G 490 53.29 35.05 16.43
CA ARG G 490 52.23 35.93 15.96
C ARG G 490 50.89 35.25 16.14
N GLU G 491 49.86 36.06 16.41
CA GLU G 491 48.50 35.58 16.55
C GLU G 491 47.63 36.20 15.46
N GLY G 492 46.66 35.42 14.98
CA GLY G 492 45.88 35.82 13.82
C GLY G 492 46.68 35.68 12.53
N SER G 493 46.00 35.97 11.42
CA SER G 493 46.67 36.07 10.13
C SER G 493 47.08 34.72 9.57
N LYS G 494 47.69 34.75 8.37
CA LYS G 494 48.22 33.54 7.75
C LYS G 494 49.35 32.92 8.55
N TYR G 495 49.96 33.67 9.46
CA TYR G 495 51.10 33.17 10.23
C TYR G 495 50.68 32.55 11.56
N GLY G 496 49.44 32.76 12.00
CA GLY G 496 49.06 32.33 13.34
C GLY G 496 48.99 30.82 13.51
N LEU G 497 48.61 30.10 12.47
CA LEU G 497 48.34 28.67 12.62
C LEU G 497 49.62 27.84 12.60
N GLU G 498 50.63 28.27 11.84
CA GLU G 498 51.90 27.54 11.82
C GLU G 498 52.55 27.50 13.20
N GLU G 499 52.20 28.43 14.09
CA GLU G 499 52.76 28.42 15.44
C GLU G 499 52.39 27.16 16.20
N PHE G 500 51.31 26.49 15.80
CA PHE G 500 50.83 25.29 16.47
C PHE G 500 51.08 24.03 15.66
N MET G 501 51.97 24.10 14.66
CA MET G 501 52.27 22.98 13.79
C MET G 501 53.77 22.68 13.82
N THR G 502 54.11 21.45 13.44
CA THR G 502 55.48 21.05 13.19
C THR G 502 55.61 20.61 11.74
N ILE G 503 56.82 20.69 11.22
CA ILE G 503 57.13 20.31 9.85
C ILE G 503 57.65 18.87 9.85
N LYS G 504 57.16 18.07 8.90
CA LYS G 504 57.64 16.72 8.69
C LYS G 504 58.21 16.61 7.28
N TYR G 505 59.49 16.32 7.18
CA TYR G 505 60.19 16.17 5.90
C TYR G 505 60.22 14.69 5.55
N MET G 506 59.46 14.31 4.52
CA MET G 506 59.40 12.94 4.04
C MET G 506 60.33 12.81 2.83
N CYS G 507 61.33 11.95 2.94
CA CYS G 507 62.25 11.66 1.83
C CYS G 507 61.85 10.30 1.27
N LEU G 508 61.11 10.32 0.16
CA LEU G 508 60.60 9.10 -0.46
C LEU G 508 61.63 8.58 -1.45
N GLY G 509 62.24 7.44 -1.14
CA GLY G 509 63.17 6.82 -2.05
C GLY G 509 62.47 5.91 -3.04
N LEU G 510 62.56 6.25 -4.33
CA LEU G 510 61.93 5.46 -5.38
C LEU G 510 62.88 4.37 -5.84
N VAL H 28 80.16 47.36 -40.47
CA VAL H 28 81.49 47.83 -39.97
C VAL H 28 82.38 46.62 -39.67
N SER H 29 83.69 46.80 -39.83
CA SER H 29 84.63 45.73 -39.49
C SER H 29 84.68 45.47 -37.99
N SER H 30 84.19 46.41 -37.18
CA SER H 30 84.12 46.17 -35.74
C SER H 30 83.20 45.01 -35.40
N LEU H 31 82.17 44.78 -36.22
CA LEU H 31 81.30 43.63 -36.01
C LEU H 31 81.97 42.32 -36.44
N GLN H 32 82.85 42.38 -37.45
CA GLN H 32 83.57 41.19 -37.88
C GLN H 32 84.67 40.79 -36.91
N SER H 33 85.07 41.69 -36.00
CA SER H 33 86.12 41.40 -35.03
C SER H 33 85.58 40.78 -33.74
N THR H 34 84.31 40.36 -33.74
CA THR H 34 83.71 39.71 -32.58
C THR H 34 83.37 38.28 -32.93
N GLU H 35 83.65 37.36 -32.00
CA GLU H 35 83.26 35.97 -32.17
C GLU H 35 81.75 35.77 -32.05
N LEU H 36 81.01 36.81 -31.67
CA LEU H 36 79.57 36.72 -31.46
C LEU H 36 78.76 37.17 -32.67
N PHE H 37 79.38 37.81 -33.65
CA PHE H 37 78.69 38.22 -34.86
C PHE H 37 78.50 36.99 -35.76
N GLN H 38 77.27 36.51 -35.85
CA GLN H 38 76.93 35.32 -36.62
C GLN H 38 75.94 35.70 -37.71
N GLN H 39 76.20 35.24 -38.93
CA GLN H 39 75.31 35.45 -40.06
C GLN H 39 74.63 34.15 -40.50
N GLN H 40 74.58 33.17 -39.61
CA GLN H 40 73.87 31.92 -39.84
C GLN H 40 72.87 31.71 -38.70
N ALA H 41 71.89 30.85 -38.93
CA ALA H 41 70.93 30.52 -37.90
C ALA H 41 71.48 29.41 -37.01
N TYR H 42 70.77 29.16 -35.89
CA TYR H 42 71.20 28.19 -34.89
C TYR H 42 70.07 27.21 -34.65
N ILE H 43 70.24 25.96 -35.09
CA ILE H 43 69.23 24.93 -34.97
C ILE H 43 69.91 23.63 -34.58
N ASN H 44 69.47 23.04 -33.47
CA ASN H 44 69.99 21.78 -32.97
C ASN H 44 71.51 21.82 -32.85
N GLY H 45 72.01 22.89 -32.22
CA GLY H 45 73.43 23.04 -31.98
C GLY H 45 74.29 23.29 -33.19
N GLN H 46 73.69 23.44 -34.38
CA GLN H 46 74.44 23.66 -35.61
C GLN H 46 74.16 25.06 -36.15
N TRP H 47 75.18 25.63 -36.80
CA TRP H 47 75.07 26.93 -37.47
C TRP H 47 74.74 26.67 -38.93
N LEU H 48 73.52 26.98 -39.33
CA LEU H 48 72.98 26.59 -40.62
C LEU H 48 72.54 27.80 -41.43
N ALA H 49 72.63 27.67 -42.75
CA ALA H 49 71.94 28.56 -43.67
C ALA H 49 70.57 27.97 -44.00
N ALA H 50 69.76 28.75 -44.69
CA ALA H 50 68.46 28.24 -45.14
C ALA H 50 68.67 27.11 -46.13
N GLN H 51 67.68 26.22 -46.23
CA GLN H 51 67.77 25.13 -47.20
C GLN H 51 67.95 25.68 -48.61
N SER H 52 67.30 26.81 -48.91
CA SER H 52 67.46 27.44 -50.22
C SER H 52 68.72 28.30 -50.30
N ASN H 53 69.43 28.50 -49.19
CA ASN H 53 70.60 29.36 -49.08
C ASN H 53 70.26 30.83 -49.27
N ALA H 54 68.97 31.18 -49.32
CA ALA H 54 68.58 32.57 -49.48
C ALA H 54 68.92 33.37 -48.22
N THR H 55 69.16 34.67 -48.41
CA THR H 55 69.48 35.56 -47.31
C THR H 55 68.78 36.90 -47.52
N VAL H 56 68.50 37.58 -46.41
CA VAL H 56 67.92 38.92 -46.43
C VAL H 56 68.88 39.85 -45.70
N PRO H 57 68.91 41.14 -46.01
CA PRO H 57 69.90 42.02 -45.39
C PRO H 57 69.44 42.58 -44.05
N VAL H 58 70.43 43.04 -43.29
CA VAL H 58 70.20 43.76 -42.04
C VAL H 58 70.95 45.09 -42.14
N SER H 59 70.31 46.16 -41.68
CA SER H 59 70.82 47.51 -41.88
C SER H 59 71.03 48.22 -40.55
N ASN H 60 71.87 49.26 -40.60
CA ASN H 60 72.10 50.14 -39.46
C ASN H 60 71.16 51.33 -39.59
N PRO H 61 70.19 51.51 -38.69
CA PRO H 61 69.21 52.60 -38.88
C PRO H 61 69.83 53.98 -38.84
N ALA H 62 71.02 54.14 -38.27
CA ALA H 62 71.63 55.45 -38.18
C ALA H 62 72.30 55.87 -39.49
N THR H 63 72.83 54.91 -40.24
CA THR H 63 73.56 55.20 -41.47
C THR H 63 72.87 54.70 -42.72
N GLY H 64 71.94 53.75 -42.60
CA GLY H 64 71.30 53.15 -43.75
C GLY H 64 72.11 52.08 -44.45
N GLU H 65 73.36 51.89 -44.08
CA GLU H 65 74.21 50.91 -44.73
C GLU H 65 73.79 49.49 -44.35
N GLU H 66 74.24 48.52 -45.14
CA GLU H 66 73.99 47.12 -44.87
C GLU H 66 75.08 46.58 -43.94
N ILE H 67 74.67 45.83 -42.93
CA ILE H 67 75.59 45.31 -41.92
C ILE H 67 75.94 43.86 -42.24
N GLY H 68 74.99 43.15 -42.83
CA GLY H 68 75.19 41.74 -43.14
C GLY H 68 73.90 41.11 -43.62
N THR H 69 73.87 39.79 -43.55
CA THR H 69 72.71 39.03 -43.99
C THR H 69 72.38 37.95 -42.97
N ILE H 70 71.14 37.48 -43.03
CA ILE H 70 70.68 36.38 -42.18
C ILE H 70 69.93 35.38 -43.07
N PRO H 71 69.97 34.09 -42.76
CA PRO H 71 69.20 33.14 -43.57
C PRO H 71 67.72 33.49 -43.61
N ASN H 72 67.12 33.36 -44.79
CA ASN H 72 65.69 33.60 -44.95
C ASN H 72 64.96 32.26 -44.89
N MET H 73 64.94 31.70 -43.68
CA MET H 73 64.33 30.40 -43.46
C MET H 73 62.81 30.51 -43.45
N GLY H 74 62.15 29.36 -43.63
CA GLY H 74 60.71 29.30 -43.72
C GLY H 74 60.16 28.16 -42.87
N ALA H 75 59.01 27.64 -43.31
CA ALA H 75 58.30 26.63 -42.53
C ALA H 75 59.15 25.38 -42.33
N ALA H 76 59.87 24.95 -43.37
CA ALA H 76 60.63 23.71 -43.28
C ALA H 76 61.65 23.78 -42.15
N GLU H 77 62.40 24.88 -42.07
CA GLU H 77 63.41 25.01 -41.03
C GLU H 77 62.77 25.25 -39.66
N ALA H 78 61.66 25.97 -39.61
CA ALA H 78 60.95 26.16 -38.35
C ALA H 78 60.47 24.82 -37.80
N THR H 79 60.02 23.93 -38.68
CA THR H 79 59.58 22.60 -38.25
C THR H 79 60.77 21.78 -37.76
N GLN H 80 61.93 21.95 -38.39
CA GLN H 80 63.13 21.26 -37.92
C GLN H 80 63.48 21.70 -36.50
N ALA H 81 63.42 23.01 -36.24
CA ALA H 81 63.73 23.51 -34.90
C ALA H 81 62.77 22.93 -33.87
N VAL H 82 61.48 22.92 -34.18
CA VAL H 82 60.50 22.35 -33.25
C VAL H 82 60.84 20.90 -32.94
N GLU H 83 61.13 20.11 -33.98
CA GLU H 83 61.49 18.71 -33.78
C GLU H 83 62.77 18.59 -32.95
N ALA H 84 63.74 19.47 -33.18
CA ALA H 84 64.97 19.45 -32.40
C ALA H 84 64.71 19.83 -30.96
N ALA H 85 63.84 20.83 -30.74
CA ALA H 85 63.52 21.24 -29.38
C ALA H 85 62.77 20.14 -28.63
N TYR H 86 61.89 19.42 -29.33
CA TYR H 86 61.13 18.37 -28.68
C TYR H 86 62.03 17.20 -28.29
N THR H 87 62.97 16.83 -29.16
CA THR H 87 63.90 15.77 -28.84
C THR H 87 64.76 16.13 -27.64
N ALA H 88 65.35 17.33 -27.66
CA ALA H 88 66.20 17.76 -26.55
C ALA H 88 65.41 17.92 -25.25
N LEU H 89 64.09 18.09 -25.33
CA LEU H 89 63.29 18.30 -24.13
C LEU H 89 63.35 17.10 -23.21
N GLN H 90 63.37 15.89 -23.77
CA GLN H 90 63.31 14.69 -22.96
C GLN H 90 64.46 14.64 -21.96
N SER H 91 65.68 14.87 -22.44
CA SER H 91 66.86 14.80 -21.57
C SER H 91 67.12 16.08 -20.80
N TRP H 92 66.65 17.23 -21.31
CA TRP H 92 66.89 18.49 -20.61
C TRP H 92 66.06 18.60 -19.34
N LYS H 93 64.80 18.12 -19.38
CA LYS H 93 63.95 18.19 -18.20
C LYS H 93 64.26 17.08 -17.21
N ALA H 94 64.90 15.99 -17.65
CA ALA H 94 65.27 14.91 -16.75
C ALA H 94 66.43 15.28 -15.85
N LEU H 95 67.15 16.35 -16.15
CA LEU H 95 68.19 16.83 -15.26
C LEU H 95 67.57 17.38 -13.98
N THR H 96 68.42 17.56 -12.97
CA THR H 96 67.97 18.20 -11.73
C THR H 96 67.95 19.71 -11.92
N ALA H 97 67.16 20.38 -11.06
CA ALA H 97 67.13 21.84 -11.09
C ALA H 97 68.51 22.43 -10.85
N GLN H 98 69.34 21.77 -10.05
CA GLN H 98 70.69 22.26 -9.81
C GLN H 98 71.56 22.05 -11.05
N ASN H 99 71.36 20.94 -11.75
CA ASN H 99 72.06 20.71 -13.03
C ASN H 99 71.85 21.89 -13.96
N ARG H 100 70.59 22.25 -14.21
CA ARG H 100 70.29 23.34 -15.14
C ARG H 100 70.79 24.67 -14.60
N ALA H 101 70.72 24.88 -13.29
CA ALA H 101 71.16 26.15 -12.72
C ALA H 101 72.64 26.38 -12.96
N ASP H 102 73.46 25.34 -12.81
CA ASP H 102 74.89 25.48 -13.07
C ASP H 102 75.14 25.89 -14.50
N ILE H 103 74.44 25.25 -15.45
CA ILE H 103 74.62 25.59 -16.86
C ILE H 103 74.14 27.00 -17.13
N LEU H 104 72.95 27.35 -16.63
CA LEU H 104 72.41 28.69 -16.86
C LEU H 104 73.31 29.76 -16.26
N LEU H 105 73.94 29.49 -15.11
CA LEU H 105 74.81 30.50 -14.51
C LEU H 105 76.12 30.64 -15.29
N ALA H 106 76.60 29.56 -15.90
CA ALA H 106 77.70 29.70 -16.86
C ALA H 106 77.28 30.57 -18.03
N TRP H 107 76.02 30.43 -18.46
CA TRP H 107 75.48 31.31 -19.49
C TRP H 107 75.43 32.75 -19.00
N HIS H 108 74.97 32.95 -17.77
CA HIS H 108 74.91 34.30 -17.20
C HIS H 108 76.29 34.94 -17.16
N LYS H 109 77.29 34.19 -16.71
CA LYS H 109 78.65 34.74 -16.63
C LYS H 109 79.13 35.18 -17.99
N LEU H 110 78.94 34.34 -19.01
CA LEU H 110 79.41 34.68 -20.35
C LEU H 110 78.76 35.96 -20.86
N VAL H 111 77.46 36.11 -20.64
CA VAL H 111 76.77 37.32 -21.10
C VAL H 111 77.41 38.56 -20.49
N LEU H 112 77.62 38.56 -19.18
CA LEU H 112 78.23 39.71 -18.52
C LEU H 112 79.67 39.92 -19.00
N ASP H 113 80.44 38.83 -19.14
CA ASP H 113 81.82 38.96 -19.57
C ASP H 113 81.92 39.60 -20.96
N HIS H 114 80.90 39.44 -21.79
CA HIS H 114 80.87 39.98 -23.14
C HIS H 114 79.90 41.14 -23.26
N THR H 115 79.78 41.94 -22.20
CA THR H 115 78.84 43.07 -22.24
C THR H 115 79.20 44.05 -23.34
N ASP H 116 80.47 44.44 -23.43
CA ASP H 116 80.87 45.44 -24.42
C ASP H 116 80.63 44.96 -25.84
N GLU H 117 80.85 43.67 -26.11
CA GLU H 117 80.65 43.15 -27.45
C GLU H 117 79.17 43.09 -27.81
N LEU H 118 78.34 42.61 -26.88
CA LEU H 118 76.91 42.55 -27.15
C LEU H 118 76.33 43.95 -27.35
N ALA H 119 76.77 44.92 -26.52
CA ALA H 119 76.27 46.28 -26.66
C ALA H 119 76.66 46.87 -28.00
N LEU H 120 77.85 46.54 -28.51
CA LEU H 120 78.28 47.02 -29.81
C LEU H 120 77.38 46.51 -30.91
N ILE H 121 77.07 45.21 -30.90
CA ILE H 121 76.18 44.64 -31.90
C ILE H 121 74.81 45.30 -31.84
N MET H 122 74.30 45.53 -30.63
CA MET H 122 72.97 46.11 -30.48
C MET H 122 72.90 47.52 -31.05
N THR H 123 73.84 48.37 -30.65
CA THR H 123 73.81 49.76 -31.10
C THR H 123 73.85 49.84 -32.62
N ILE H 124 74.62 48.97 -33.26
CA ILE H 124 74.82 49.09 -34.70
C ILE H 124 73.59 48.62 -35.49
N GLU H 125 72.87 47.62 -34.98
CA GLU H 125 71.69 47.12 -35.69
C GLU H 125 70.38 47.71 -35.20
N GLN H 126 70.32 48.20 -33.96
CA GLN H 126 69.10 48.75 -33.39
C GLN H 126 69.11 50.26 -33.26
N GLY H 127 70.27 50.87 -32.96
CA GLY H 127 70.44 52.31 -33.03
C GLY H 127 70.57 53.01 -31.69
N LYS H 128 70.17 52.37 -30.60
CA LYS H 128 70.19 53.05 -29.31
C LYS H 128 71.62 53.36 -28.89
N PRO H 129 71.80 54.34 -27.99
CA PRO H 129 73.16 54.69 -27.57
C PRO H 129 73.87 53.52 -26.90
N LEU H 130 75.20 53.50 -27.05
CA LEU H 130 75.98 52.40 -26.49
C LEU H 130 75.75 52.25 -25.00
N ALA H 131 75.60 53.37 -24.29
CA ALA H 131 75.37 53.30 -22.84
C ALA H 131 74.08 52.54 -22.53
N GLU H 132 73.00 52.86 -23.26
CA GLU H 132 71.74 52.15 -23.04
C GLU H 132 71.89 50.67 -23.37
N ALA H 133 72.63 50.36 -24.44
CA ALA H 133 72.81 48.96 -24.82
C ALA H 133 73.48 48.16 -23.71
N LYS H 134 74.56 48.71 -23.14
CA LYS H 134 75.22 48.03 -22.03
C LYS H 134 74.26 47.85 -20.86
N GLY H 135 73.44 48.86 -20.57
CA GLY H 135 72.46 48.71 -19.51
C GLY H 135 71.49 47.58 -19.77
N GLU H 136 71.06 47.42 -21.02
CA GLU H 136 70.14 46.33 -21.36
C GLU H 136 70.82 44.98 -21.21
N VAL H 137 72.10 44.88 -21.57
CA VAL H 137 72.83 43.63 -21.42
C VAL H 137 72.82 43.18 -19.96
N ARG H 138 73.20 44.08 -19.05
CA ARG H 138 73.15 43.76 -17.64
C ARG H 138 71.72 43.46 -17.21
N TYR H 139 70.76 44.26 -17.67
CA TYR H 139 69.35 43.98 -17.39
C TYR H 139 68.95 42.61 -17.89
N ALA H 140 69.39 42.25 -19.10
CA ALA H 140 69.02 40.95 -19.66
C ALA H 140 69.69 39.81 -18.91
N ALA H 141 70.97 39.98 -18.53
CA ALA H 141 71.68 38.93 -17.83
C ALA H 141 71.02 38.61 -16.49
N SER H 142 70.50 39.63 -15.80
CA SER H 142 69.95 39.41 -14.47
C SER H 142 68.78 38.42 -14.52
N PHE H 143 68.08 38.33 -15.66
CA PHE H 143 67.00 37.35 -15.78
C PHE H 143 67.53 35.93 -15.82
N ILE H 144 68.72 35.72 -16.38
CA ILE H 144 69.31 34.38 -16.41
C ILE H 144 69.64 33.93 -15.00
N GLN H 145 70.35 34.77 -14.25
CA GLN H 145 70.66 34.44 -12.85
C GLN H 145 69.39 34.23 -12.05
N TRP H 146 68.41 35.11 -12.20
CA TRP H 146 67.19 35.03 -11.40
C TRP H 146 66.48 33.69 -11.61
N PHE H 147 66.28 33.30 -12.86
CA PHE H 147 65.51 32.09 -13.13
C PHE H 147 66.32 30.82 -12.95
N ALA H 148 67.65 30.89 -13.10
CA ALA H 148 68.47 29.76 -12.67
C ALA H 148 68.23 29.44 -11.21
N GLU H 149 67.98 30.46 -10.39
CA GLU H 149 67.68 30.24 -8.98
C GLU H 149 66.23 29.82 -8.78
N GLU H 150 65.30 30.37 -9.56
CA GLU H 150 63.90 29.99 -9.41
C GLU H 150 63.68 28.52 -9.72
N GLY H 151 64.43 27.97 -10.68
CA GLY H 151 64.24 26.59 -11.05
C GLY H 151 64.32 25.64 -9.88
N LYS H 152 65.14 25.97 -8.88
CA LYS H 152 65.27 25.14 -7.68
C LYS H 152 64.15 25.37 -6.68
N ARG H 153 63.20 26.28 -6.98
CA ARG H 153 62.20 26.69 -6.02
C ARG H 153 60.79 26.66 -6.59
N ILE H 154 60.56 25.94 -7.68
CA ILE H 154 59.20 25.81 -8.20
C ILE H 154 58.51 24.73 -7.37
N TYR H 155 57.83 25.17 -6.31
CA TYR H 155 57.34 24.26 -5.29
C TYR H 155 55.95 23.72 -5.63
N GLY H 156 55.72 22.46 -5.27
CA GLY H 156 54.39 21.89 -5.28
C GLY H 156 53.72 22.09 -3.94
N ASP H 157 52.65 21.33 -3.71
CA ASP H 157 51.82 21.50 -2.53
C ASP H 157 51.43 20.15 -1.97
N VAL H 158 51.04 20.15 -0.69
CA VAL H 158 50.36 19.05 -0.04
C VAL H 158 49.09 19.64 0.56
N ILE H 159 47.95 19.30 -0.01
CA ILE H 159 46.68 19.92 0.39
C ILE H 159 46.02 19.07 1.46
N PRO H 160 45.51 19.67 2.53
CA PRO H 160 44.78 18.89 3.54
C PRO H 160 43.62 18.13 2.90
N THR H 161 43.57 16.83 3.16
CA THR H 161 42.63 15.97 2.48
C THR H 161 41.21 16.17 3.01
N VAL H 162 40.23 15.98 2.11
CA VAL H 162 38.84 15.89 2.51
C VAL H 162 38.40 14.45 2.74
N ASN H 163 39.30 13.48 2.49
CA ASN H 163 38.98 12.06 2.57
C ASN H 163 40.20 11.36 3.15
N ASN H 164 40.07 10.83 4.37
CA ASN H 164 41.21 10.30 5.10
C ASN H 164 41.83 9.08 4.44
N GLN H 165 41.24 8.57 3.36
CA GLN H 165 41.82 7.47 2.60
C GLN H 165 42.59 7.96 1.39
N GLN H 166 42.77 9.27 1.23
CA GLN H 166 43.52 9.82 0.11
C GLN H 166 44.46 10.91 0.59
N ARG H 167 45.48 11.17 -0.21
CA ARG H 167 46.40 12.28 0.01
C ARG H 167 46.54 13.06 -1.29
N PHE H 168 46.55 14.39 -1.18
CA PHE H 168 46.58 15.27 -2.33
C PHE H 168 47.98 15.88 -2.46
N ILE H 169 48.73 15.41 -3.46
CA ILE H 169 50.09 15.85 -3.69
C ILE H 169 50.13 16.56 -5.03
N ILE H 170 50.50 17.84 -5.01
CA ILE H 170 50.51 18.69 -6.20
C ILE H 170 51.96 18.90 -6.63
N SER H 171 52.22 18.75 -7.92
CA SER H 171 53.55 18.93 -8.48
C SER H 171 53.46 19.79 -9.73
N LYS H 172 54.61 20.33 -10.14
CA LYS H 172 54.72 21.22 -11.29
C LYS H 172 55.65 20.60 -12.33
N GLU H 173 55.23 20.64 -13.58
CA GLU H 173 55.97 20.06 -14.68
C GLU H 173 56.10 21.05 -15.83
N PRO H 174 57.18 20.97 -16.61
CA PRO H 174 57.34 21.91 -17.72
C PRO H 174 56.26 21.72 -18.78
N VAL H 175 55.82 22.84 -19.35
CA VAL H 175 54.72 22.80 -20.32
C VAL H 175 55.17 22.09 -21.60
N GLY H 176 56.45 22.14 -21.92
CA GLY H 176 56.97 21.50 -23.11
C GLY H 176 57.74 22.47 -24.00
N VAL H 177 57.73 22.22 -25.31
CA VAL H 177 58.43 23.11 -26.23
C VAL H 177 57.76 24.47 -26.24
N VAL H 178 58.57 25.53 -26.19
CA VAL H 178 58.10 26.90 -26.14
C VAL H 178 58.51 27.62 -27.42
N ALA H 179 57.60 28.45 -27.94
CA ALA H 179 57.86 29.28 -29.10
C ALA H 179 57.92 30.73 -28.66
N ALA H 180 59.05 31.38 -28.92
CA ALA H 180 59.28 32.76 -28.53
C ALA H 180 59.44 33.62 -29.78
N ILE H 181 58.63 34.66 -29.89
CA ILE H 181 58.71 35.62 -30.98
C ILE H 181 58.98 36.98 -30.35
N THR H 182 60.13 37.57 -30.66
CA THR H 182 60.64 38.71 -29.91
C THR H 182 60.75 39.96 -30.80
N PRO H 183 60.66 41.15 -30.20
CA PRO H 183 60.74 42.38 -30.99
C PRO H 183 62.15 42.94 -31.11
N TRP H 184 62.25 44.20 -31.54
CA TRP H 184 63.53 44.83 -31.84
C TRP H 184 63.93 45.91 -30.85
N ASN H 185 62.98 46.45 -30.06
CA ASN H 185 63.31 47.57 -29.19
C ASN H 185 64.25 47.16 -28.06
N PHE H 186 64.18 45.91 -27.62
CA PHE H 186 65.10 45.37 -26.61
C PHE H 186 65.57 44.01 -27.13
N PRO H 187 66.48 43.99 -28.12
CA PRO H 187 66.77 42.75 -28.84
C PRO H 187 67.56 41.72 -28.05
N ILE H 188 67.97 41.99 -26.81
CA ILE H 188 68.63 41.02 -25.96
C ILE H 188 67.78 40.69 -24.74
N ALA H 189 67.24 41.71 -24.07
CA ALA H 189 66.45 41.46 -22.86
C ALA H 189 65.23 40.61 -23.17
N MET H 190 64.54 40.88 -24.27
CA MET H 190 63.36 40.10 -24.61
C MET H 190 63.70 38.65 -24.91
N ILE H 191 64.93 38.36 -25.29
CA ILE H 191 65.33 36.97 -25.49
C ILE H 191 65.48 36.26 -24.16
N THR H 192 66.25 36.86 -23.23
CA THR H 192 66.50 36.21 -21.95
C THR H 192 65.26 36.21 -21.06
N ARG H 193 64.39 37.22 -21.19
CA ARG H 193 63.18 37.26 -20.38
C ARG H 193 62.23 36.12 -20.70
N LYS H 194 62.40 35.46 -21.85
CA LYS H 194 61.58 34.32 -22.23
C LYS H 194 62.35 33.01 -22.23
N ALA H 195 63.61 33.02 -22.65
CA ALA H 195 64.39 31.79 -22.73
C ALA H 195 64.88 31.33 -21.36
N ALA H 196 65.26 32.28 -20.50
CA ALA H 196 65.72 31.89 -19.16
C ALA H 196 64.63 31.19 -18.36
N PRO H 197 63.44 31.74 -18.20
CA PRO H 197 62.40 31.00 -17.47
C PRO H 197 61.96 29.73 -18.17
N ALA H 198 61.97 29.70 -19.50
CA ALA H 198 61.65 28.48 -20.23
C ALA H 198 62.65 27.38 -19.90
N LEU H 199 63.95 27.68 -20.01
CA LEU H 199 64.98 26.68 -19.72
C LEU H 199 64.97 26.29 -18.26
N ALA H 200 64.87 27.28 -17.36
CA ALA H 200 64.88 26.97 -15.94
C ALA H 200 63.70 26.08 -15.55
N ALA H 201 62.58 26.21 -16.25
CA ALA H 201 61.41 25.37 -16.00
C ALA H 201 61.59 23.94 -16.48
N GLY H 202 62.64 23.65 -17.24
CA GLY H 202 62.77 22.38 -17.90
C GLY H 202 62.24 22.33 -19.32
N CYS H 203 61.88 23.48 -19.88
CA CYS H 203 61.41 23.55 -21.25
C CYS H 203 62.57 23.81 -22.21
N THR H 204 62.31 23.55 -23.49
CA THR H 204 63.16 23.99 -24.58
C THR H 204 62.43 25.06 -25.36
N VAL H 205 63.17 25.82 -26.15
CA VAL H 205 62.62 27.02 -26.78
C VAL H 205 63.08 27.11 -28.23
N VAL H 206 62.19 27.59 -29.09
CA VAL H 206 62.52 27.99 -30.46
C VAL H 206 62.20 29.48 -30.58
N ILE H 207 63.14 30.25 -31.11
CA ILE H 207 63.06 31.71 -31.10
C ILE H 207 63.02 32.21 -32.53
N LYS H 208 62.10 33.13 -32.79
CA LYS H 208 62.07 33.88 -34.04
C LYS H 208 62.28 35.35 -33.71
N PRO H 209 63.48 35.88 -33.90
CA PRO H 209 63.74 37.28 -33.55
C PRO H 209 63.37 38.22 -34.68
N ALA H 210 63.31 39.51 -34.35
CA ALA H 210 63.00 40.53 -35.33
C ALA H 210 64.11 40.60 -36.38
N ASN H 211 63.71 40.62 -37.66
CA ASN H 211 64.69 40.71 -38.73
C ASN H 211 65.44 42.03 -38.72
N GLU H 212 64.94 43.03 -37.99
CA GLU H 212 65.66 44.29 -37.86
C GLU H 212 66.85 44.18 -36.92
N THR H 213 66.80 43.27 -35.95
CA THR H 213 67.83 43.15 -34.92
C THR H 213 68.05 41.68 -34.58
N PRO H 214 68.55 40.89 -35.55
CA PRO H 214 68.72 39.46 -35.32
C PRO H 214 70.05 39.10 -34.67
N TYR H 215 71.09 39.88 -34.93
CA TYR H 215 72.43 39.52 -34.48
C TYR H 215 72.54 39.50 -32.97
N CYS H 216 71.69 40.26 -32.27
CA CYS H 216 71.65 40.17 -30.81
C CYS H 216 71.21 38.78 -30.37
N ALA H 217 70.16 38.26 -31.01
CA ALA H 217 69.68 36.92 -30.66
C ALA H 217 70.72 35.86 -30.99
N LEU H 218 71.35 35.96 -32.16
CA LEU H 218 72.33 34.95 -32.55
C LEU H 218 73.58 35.03 -31.67
N ALA H 219 73.95 36.22 -31.22
CA ALA H 219 75.08 36.35 -30.30
C ALA H 219 74.79 35.68 -28.96
N ILE H 220 73.57 35.86 -28.45
CA ILE H 220 73.17 35.18 -27.22
C ILE H 220 73.21 33.68 -27.40
N ALA H 221 72.84 33.20 -28.60
CA ALA H 221 72.88 31.77 -28.86
C ALA H 221 74.32 31.25 -28.89
N LYS H 222 75.25 32.05 -29.43
CA LYS H 222 76.65 31.65 -29.43
C LYS H 222 77.18 31.50 -28.02
N LEU H 223 76.78 32.41 -27.12
CA LEU H 223 77.19 32.29 -25.73
C LEU H 223 76.53 31.09 -25.06
N ALA H 224 75.28 30.80 -25.42
CA ALA H 224 74.64 29.58 -24.94
C ALA H 224 75.43 28.34 -25.33
N GLU H 225 75.94 28.33 -26.56
CA GLU H 225 76.78 27.21 -27.01
C GLU H 225 78.02 27.10 -26.13
N LYS H 226 78.67 28.23 -25.85
CA LYS H 226 79.86 28.21 -25.00
C LYS H 226 79.53 27.77 -23.58
N ALA H 227 78.33 28.08 -23.11
CA ALA H 227 77.91 27.74 -21.76
C ALA H 227 77.57 26.27 -21.58
N GLY H 228 77.62 25.48 -22.65
CA GLY H 228 77.33 24.06 -22.54
C GLY H 228 75.86 23.71 -22.61
N ILE H 229 75.00 24.63 -23.05
CA ILE H 229 73.58 24.34 -23.21
C ILE H 229 73.45 23.30 -24.32
N PRO H 230 72.86 22.13 -24.05
CA PRO H 230 72.85 21.07 -25.07
C PRO H 230 72.14 21.50 -26.35
N ALA H 231 72.46 20.79 -27.43
CA ALA H 231 71.87 21.09 -28.73
C ALA H 231 70.36 20.89 -28.69
N GLY H 232 69.64 21.81 -29.35
CA GLY H 232 68.21 21.75 -29.43
C GLY H 232 67.48 22.42 -28.30
N VAL H 233 68.14 22.67 -27.17
CA VAL H 233 67.45 23.30 -26.05
C VAL H 233 67.10 24.75 -26.39
N ILE H 234 67.93 25.41 -27.19
CA ILE H 234 67.69 26.78 -27.61
C ILE H 234 68.00 26.90 -29.09
N ASN H 235 67.05 27.42 -29.86
CA ASN H 235 67.17 27.53 -31.30
C ASN H 235 66.71 28.92 -31.75
N VAL H 236 67.40 29.47 -32.75
CA VAL H 236 67.10 30.79 -33.28
C VAL H 236 66.87 30.64 -34.77
N VAL H 237 65.64 30.84 -35.22
CA VAL H 237 65.27 30.71 -36.62
C VAL H 237 64.97 32.10 -37.15
N THR H 238 65.69 32.51 -38.19
CA THR H 238 65.57 33.82 -38.79
C THR H 238 64.90 33.71 -40.16
N GLY H 239 64.30 34.82 -40.60
CA GLY H 239 63.78 34.90 -41.94
C GLY H 239 62.30 35.28 -42.05
N LYS H 240 61.51 34.40 -42.66
CA LYS H 240 60.13 34.71 -43.00
C LYS H 240 59.27 34.68 -41.74
N SER H 241 58.78 35.85 -41.34
CA SER H 241 58.06 35.96 -40.07
C SER H 241 56.71 35.23 -40.13
N GLN H 242 55.95 35.46 -41.20
CA GLN H 242 54.63 34.83 -41.31
C GLN H 242 54.76 33.31 -41.37
N GLU H 243 55.72 32.81 -42.15
CA GLU H 243 55.87 31.37 -42.30
C GLU H 243 56.38 30.73 -41.01
N ILE H 244 57.41 31.32 -40.41
CA ILE H 244 57.95 30.77 -39.17
C ILE H 244 56.92 30.89 -38.05
N GLY H 245 56.25 32.04 -37.95
CA GLY H 245 55.25 32.21 -36.91
C GLY H 245 54.08 31.27 -37.08
N SER H 246 53.69 31.00 -38.32
CA SER H 246 52.57 30.09 -38.57
C SER H 246 52.88 28.70 -38.08
N VAL H 247 54.13 28.24 -38.24
CA VAL H 247 54.52 26.95 -37.70
C VAL H 247 54.53 26.98 -36.17
N PHE H 248 55.10 28.06 -35.59
CA PHE H 248 55.19 28.14 -34.15
C PHE H 248 53.82 28.12 -33.47
N THR H 249 52.80 28.68 -34.12
CA THR H 249 51.48 28.79 -33.52
C THR H 249 50.54 27.68 -33.95
N SER H 250 51.05 26.63 -34.61
CA SER H 250 50.21 25.52 -35.04
C SER H 250 50.82 24.15 -34.81
N HIS H 251 52.13 23.99 -34.80
CA HIS H 251 52.73 22.68 -34.63
C HIS H 251 52.25 22.05 -33.32
N GLU H 252 51.86 20.78 -33.40
CA GLU H 252 51.29 20.10 -32.24
C GLU H 252 52.25 20.09 -31.06
N LYS H 253 53.55 20.07 -31.32
CA LYS H 253 54.53 19.91 -30.25
C LYS H 253 54.84 21.22 -29.53
N VAL H 254 54.49 22.35 -30.10
CA VAL H 254 54.63 23.64 -29.41
C VAL H 254 53.46 23.79 -28.45
N LYS H 255 53.75 23.85 -27.15
CA LYS H 255 52.71 23.88 -26.13
C LYS H 255 52.45 25.28 -25.58
N LYS H 256 53.33 26.23 -25.83
CA LYS H 256 53.16 27.58 -25.32
C LYS H 256 53.80 28.57 -26.29
N LEU H 257 53.11 29.69 -26.50
CA LEU H 257 53.66 30.82 -27.24
C LEU H 257 53.87 31.99 -26.29
N THR H 258 55.03 32.61 -26.38
CA THR H 258 55.30 33.86 -25.66
C THR H 258 55.74 34.89 -26.69
N PHE H 259 54.98 35.98 -26.79
CA PHE H 259 55.18 36.99 -27.82
C PHE H 259 55.17 38.38 -27.20
N THR H 260 56.03 39.25 -27.71
CA THR H 260 56.09 40.64 -27.30
C THR H 260 56.17 41.51 -28.55
N GLY H 261 55.17 42.36 -28.75
CA GLY H 261 55.14 43.22 -29.92
C GLY H 261 53.89 44.06 -29.98
N SER H 262 53.36 44.28 -31.18
CA SER H 262 52.17 45.10 -31.35
C SER H 262 50.92 44.31 -31.00
N THR H 263 49.88 45.03 -30.60
CA THR H 263 48.61 44.37 -30.28
C THR H 263 47.98 43.71 -31.50
N PRO H 264 47.93 44.34 -32.68
CA PRO H 264 47.33 43.65 -33.84
C PRO H 264 47.99 42.32 -34.15
N VAL H 265 49.32 42.24 -34.04
CA VAL H 265 50.01 40.98 -34.27
C VAL H 265 49.66 39.98 -33.17
N GLY H 266 49.59 40.44 -31.92
CA GLY H 266 49.20 39.55 -30.84
C GLY H 266 47.82 38.95 -31.05
N ARG H 267 46.87 39.77 -31.52
CA ARG H 267 45.54 39.25 -31.81
C ARG H 267 45.59 38.14 -32.85
N LEU H 268 46.47 38.27 -33.84
CA LEU H 268 46.59 37.24 -34.88
C LEU H 268 47.24 35.99 -34.33
N LEU H 269 48.34 36.14 -33.58
CA LEU H 269 49.04 34.98 -33.05
C LEU H 269 48.15 34.20 -32.09
N MET H 270 47.45 34.89 -31.18
CA MET H 270 46.52 34.20 -30.29
C MET H 270 45.43 33.49 -31.08
N GLN H 271 45.00 34.10 -32.19
CA GLN H 271 43.97 33.47 -33.01
C GLN H 271 44.49 32.20 -33.67
N GLN H 272 45.75 32.21 -34.13
CA GLN H 272 46.33 31.01 -34.73
C GLN H 272 46.57 29.93 -33.69
N CYS H 273 46.92 30.31 -32.45
CA CYS H 273 47.15 29.35 -31.38
C CYS H 273 45.87 28.64 -30.94
N SER H 274 44.71 29.06 -31.44
CA SER H 274 43.45 28.53 -30.93
C SER H 274 43.16 27.10 -31.40
N SER H 275 43.68 26.72 -32.56
CA SER H 275 43.38 25.39 -33.09
C SER H 275 43.94 24.27 -32.21
N THR H 276 44.93 24.57 -31.36
CA THR H 276 45.52 23.56 -30.48
C THR H 276 45.51 24.00 -29.02
N ILE H 277 44.81 25.08 -28.67
CA ILE H 277 44.66 25.52 -27.29
C ILE H 277 46.03 25.67 -26.64
N LYS H 278 46.94 26.39 -27.30
CA LYS H 278 48.27 26.63 -26.73
C LYS H 278 48.19 27.65 -25.61
N LYS H 279 49.00 27.45 -24.58
CA LYS H 279 49.11 28.46 -23.53
C LYS H 279 49.75 29.72 -24.08
N LEU H 280 49.36 30.86 -23.52
CA LEU H 280 49.72 32.16 -24.08
C LEU H 280 50.41 33.03 -23.04
N ALA H 281 51.44 33.72 -23.49
CA ALA H 281 52.06 34.82 -22.75
C ALA H 281 52.23 35.96 -23.75
N LEU H 282 51.56 37.09 -23.49
CA LEU H 282 51.54 38.20 -24.43
C LEU H 282 51.82 39.51 -23.70
N GLU H 283 52.77 40.28 -24.24
CA GLU H 283 53.07 41.63 -23.77
C GLU H 283 52.95 42.53 -24.99
N LEU H 284 51.87 43.30 -25.07
CA LEU H 284 51.49 44.02 -26.27
C LEU H 284 51.66 45.52 -26.08
N GLY H 285 50.80 46.33 -26.69
CA GLY H 285 50.93 47.76 -26.64
C GLY H 285 50.63 48.34 -25.27
N GLY H 286 50.93 49.62 -25.14
CA GLY H 286 50.74 50.30 -23.87
C GLY H 286 50.70 51.80 -23.98
N ASN H 287 49.53 52.39 -23.74
CA ASN H 287 49.36 53.84 -23.81
C ASN H 287 49.56 54.46 -22.43
N ALA H 288 50.80 54.35 -21.95
CA ALA H 288 51.11 54.65 -20.55
C ALA H 288 50.79 56.09 -20.21
N PRO H 289 49.92 56.35 -19.22
CA PRO H 289 49.73 57.71 -18.74
C PRO H 289 50.62 58.04 -17.55
N LEU H 290 51.11 59.29 -17.54
CA LEU H 290 51.91 59.81 -16.43
C LEU H 290 51.18 61.04 -15.90
N ILE H 291 50.71 60.96 -14.66
CA ILE H 291 49.88 61.98 -14.06
C ILE H 291 50.71 62.72 -13.02
N VAL H 292 50.79 64.04 -13.16
CA VAL H 292 51.54 64.89 -12.24
C VAL H 292 50.53 65.83 -11.59
N PHE H 293 50.15 65.54 -10.34
CA PHE H 293 49.24 66.40 -9.62
C PHE H 293 49.97 67.64 -9.11
N ASP H 294 49.20 68.65 -8.72
CA ASP H 294 49.78 69.93 -8.32
C ASP H 294 50.52 69.85 -6.99
N ASP H 295 50.28 68.81 -6.19
CA ASP H 295 50.97 68.62 -4.93
C ASP H 295 52.19 67.71 -5.07
N ALA H 296 52.74 67.60 -6.27
CA ALA H 296 53.85 66.70 -6.54
C ALA H 296 55.18 67.43 -6.42
N ASP H 297 56.24 66.66 -6.20
CA ASP H 297 57.60 67.18 -6.24
C ASP H 297 57.92 67.53 -7.68
N LEU H 298 57.86 68.83 -8.01
CA LEU H 298 57.92 69.25 -9.40
C LEU H 298 59.19 68.75 -10.09
N ASP H 299 60.35 69.03 -9.49
CA ASP H 299 61.61 68.64 -10.12
C ASP H 299 61.73 67.13 -10.21
N LYS H 300 61.25 66.40 -9.21
CA LYS H 300 61.31 64.94 -9.24
C LYS H 300 60.44 64.39 -10.37
N ALA H 301 59.27 65.00 -10.59
CA ALA H 301 58.39 64.53 -11.66
C ALA H 301 58.97 64.84 -13.03
N VAL H 302 59.60 66.01 -13.18
CA VAL H 302 60.19 66.37 -14.47
C VAL H 302 61.28 65.36 -14.85
N GLN H 303 62.21 65.09 -13.93
CA GLN H 303 63.24 64.11 -14.23
C GLN H 303 62.65 62.72 -14.45
N GLY H 304 61.61 62.38 -13.69
CA GLY H 304 60.97 61.09 -13.89
C GLY H 304 60.30 60.99 -15.25
N ALA H 305 59.57 62.04 -15.65
CA ALA H 305 58.92 62.02 -16.96
C ALA H 305 59.94 62.00 -18.09
N ILE H 306 61.02 62.77 -17.94
CA ILE H 306 62.08 62.75 -18.94
C ILE H 306 62.59 61.33 -19.15
N PHE H 307 62.78 60.59 -18.06
CA PHE H 307 63.27 59.23 -18.15
C PHE H 307 62.24 58.30 -18.75
N ALA H 308 60.97 58.45 -18.34
CA ALA H 308 59.93 57.54 -18.82
C ALA H 308 59.62 57.76 -20.30
N LYS H 309 59.85 58.98 -20.80
CA LYS H 309 59.46 59.33 -22.16
C LYS H 309 60.54 59.01 -23.19
N PHE H 310 61.78 59.42 -22.93
CA PHE H 310 62.82 59.45 -23.95
C PHE H 310 63.82 58.31 -23.84
N ARG H 311 63.56 57.32 -22.99
CA ARG H 311 64.41 56.13 -22.97
C ARG H 311 64.22 55.35 -24.26
N ASN H 312 65.33 55.02 -24.92
CA ASN H 312 65.29 54.32 -26.20
C ASN H 312 64.54 55.14 -27.24
N ALA H 313 64.71 56.46 -27.18
CA ALA H 313 64.06 57.40 -28.10
C ALA H 313 62.54 57.26 -28.06
N GLY H 314 62.01 56.78 -26.95
CA GLY H 314 60.57 56.60 -26.81
C GLY H 314 60.04 55.31 -27.39
N GLN H 315 60.91 54.39 -27.79
CA GLN H 315 60.48 53.14 -28.43
C GLN H 315 60.48 51.99 -27.42
N THR H 316 59.71 52.18 -26.35
CA THR H 316 59.54 51.16 -25.33
C THR H 316 58.05 50.98 -25.06
N CYS H 317 57.68 49.76 -24.66
CA CYS H 317 56.29 49.43 -24.41
C CYS H 317 55.73 50.13 -23.17
N VAL H 318 56.60 50.54 -22.24
CA VAL H 318 56.17 51.18 -21.00
C VAL H 318 56.47 52.69 -21.01
N CYS H 319 56.88 53.23 -22.15
CA CYS H 319 57.20 54.65 -22.22
C CYS H 319 55.96 55.49 -22.01
N ALA H 320 56.14 56.64 -21.37
CA ALA H 320 55.05 57.57 -21.13
C ALA H 320 54.51 58.12 -22.45
N ASN H 321 53.34 57.63 -22.86
CA ASN H 321 52.71 58.13 -24.09
C ASN H 321 51.88 59.38 -23.85
N ARG H 322 51.28 59.50 -22.66
CA ARG H 322 50.51 60.67 -22.27
C ARG H 322 51.05 61.20 -20.95
N ILE H 323 51.22 62.52 -20.87
CA ILE H 323 51.75 63.18 -19.68
C ILE H 323 50.70 64.20 -19.23
N TYR H 324 49.90 63.82 -18.23
CA TYR H 324 48.89 64.71 -17.66
C TYR H 324 49.51 65.55 -16.56
N VAL H 325 49.32 66.86 -16.64
CA VAL H 325 49.90 67.82 -15.71
C VAL H 325 48.79 68.74 -15.22
N HIS H 326 48.73 68.94 -13.90
CA HIS H 326 47.67 69.76 -13.33
C HIS H 326 47.81 71.20 -13.81
N ASP H 327 46.68 71.92 -13.76
CA ASP H 327 46.64 73.29 -14.27
C ASP H 327 47.52 74.22 -13.45
N ASN H 328 47.56 74.03 -12.13
CA ASN H 328 48.30 74.94 -11.26
C ASN H 328 49.82 74.83 -11.42
N ILE H 329 50.31 73.79 -12.09
CA ILE H 329 51.74 73.63 -12.33
C ILE H 329 52.07 73.40 -13.80
N TYR H 330 51.08 73.46 -14.69
CA TYR H 330 51.31 73.13 -16.09
C TYR H 330 52.41 73.99 -16.69
N GLN H 331 52.35 75.30 -16.45
CA GLN H 331 53.31 76.21 -17.08
C GLN H 331 54.72 75.95 -16.55
N ALA H 332 54.87 75.83 -15.23
CA ALA H 332 56.19 75.57 -14.65
C ALA H 332 56.73 74.22 -15.10
N PHE H 333 55.88 73.19 -15.10
CA PHE H 333 56.30 71.87 -15.54
C PHE H 333 56.80 71.92 -16.98
N ALA H 334 56.04 72.56 -17.87
CA ALA H 334 56.40 72.58 -19.28
C ALA H 334 57.73 73.29 -19.51
N GLU H 335 57.97 74.38 -18.79
CA GLU H 335 59.23 75.11 -18.97
C GLU H 335 60.42 74.27 -18.56
N LYS H 336 60.35 73.64 -17.38
CA LYS H 336 61.43 72.76 -16.95
C LYS H 336 61.59 71.58 -17.90
N PHE H 337 60.47 70.98 -18.31
CA PHE H 337 60.52 69.80 -19.18
C PHE H 337 61.21 70.13 -20.49
N VAL H 338 60.82 71.24 -21.13
CA VAL H 338 61.41 71.62 -22.41
C VAL H 338 62.89 71.91 -22.23
N GLN H 339 63.27 72.54 -21.12
CA GLN H 339 64.68 72.81 -20.87
C GLN H 339 65.50 71.52 -20.90
N GLU H 340 65.00 70.44 -20.29
CA GLU H 340 65.74 69.19 -20.28
C GLU H 340 65.78 68.57 -21.68
N VAL H 341 64.68 68.65 -22.43
CA VAL H 341 64.64 68.05 -23.75
C VAL H 341 65.64 68.73 -24.68
N GLN H 342 65.84 70.04 -24.52
CA GLN H 342 66.76 70.76 -25.39
C GLN H 342 68.22 70.49 -25.08
N LYS H 343 68.52 69.75 -24.01
CA LYS H 343 69.89 69.33 -23.72
C LYS H 343 70.26 68.03 -24.41
N PHE H 344 69.30 67.36 -25.05
CA PHE H 344 69.55 66.05 -25.62
C PHE H 344 70.53 66.16 -26.79
N LYS H 345 71.47 65.22 -26.84
CA LYS H 345 72.37 65.06 -27.98
C LYS H 345 71.84 63.93 -28.86
N VAL H 346 71.54 64.26 -30.11
CA VAL H 346 71.00 63.31 -31.08
C VAL H 346 72.11 62.95 -32.06
N GLY H 347 72.20 61.67 -32.40
CA GLY H 347 73.18 61.23 -33.36
C GLY H 347 73.39 59.72 -33.28
N ASN H 348 74.53 59.29 -33.81
CA ASN H 348 74.87 57.87 -33.83
C ASN H 348 75.10 57.37 -32.41
N GLY H 349 74.58 56.18 -32.13
CA GLY H 349 74.69 55.61 -30.79
C GLY H 349 76.12 55.33 -30.36
N LEU H 350 77.07 55.33 -31.29
CA LEU H 350 78.46 55.09 -30.96
C LEU H 350 79.21 56.34 -30.55
N GLU H 351 78.67 57.53 -30.84
CA GLU H 351 79.33 58.77 -30.46
C GLU H 351 79.24 58.98 -28.95
N ASP H 352 80.16 59.81 -28.45
CA ASP H 352 80.22 60.09 -27.02
C ASP H 352 79.14 61.07 -26.61
N GLY H 353 78.42 60.75 -25.53
CA GLY H 353 77.40 61.63 -25.02
C GLY H 353 76.10 61.63 -25.77
N VAL H 354 75.93 60.73 -26.74
CA VAL H 354 74.68 60.67 -27.48
C VAL H 354 73.60 60.05 -26.59
N GLN H 355 72.40 60.61 -26.66
CA GLN H 355 71.29 60.19 -25.81
C GLN H 355 70.05 59.77 -26.57
N ILE H 356 69.85 60.27 -27.79
CA ILE H 356 68.69 59.93 -28.61
C ILE H 356 69.19 59.37 -29.93
N GLY H 357 68.86 58.11 -30.20
CA GLY H 357 69.23 57.48 -31.44
C GLY H 357 68.12 57.60 -32.47
N PRO H 358 68.27 56.93 -33.60
CA PRO H 358 67.26 57.01 -34.66
C PRO H 358 66.10 56.05 -34.41
N LEU H 359 64.98 56.35 -35.06
CA LEU H 359 63.85 55.45 -35.04
C LEU H 359 64.15 54.23 -35.91
N ILE H 360 63.38 53.16 -35.68
CA ILE H 360 63.73 51.87 -36.26
C ILE H 360 63.53 51.89 -37.78
N ASN H 361 62.51 52.58 -38.26
CA ASN H 361 62.20 52.55 -39.69
C ASN H 361 61.42 53.80 -40.06
N GLU H 362 61.06 53.90 -41.34
CA GLU H 362 60.36 55.08 -41.84
C GLU H 362 58.90 55.09 -41.40
N LYS H 363 58.30 53.91 -41.20
CA LYS H 363 56.92 53.86 -40.70
C LYS H 363 56.78 54.62 -39.38
N ALA H 364 57.75 54.48 -38.48
CA ALA H 364 57.67 55.18 -37.20
C ALA H 364 57.77 56.68 -37.39
N VAL H 365 58.65 57.14 -38.28
CA VAL H 365 58.74 58.57 -38.55
C VAL H 365 57.41 59.10 -39.10
N LEU H 366 56.72 58.28 -39.89
CA LEU H 366 55.45 58.70 -40.46
C LEU H 366 54.36 58.77 -39.39
N LYS H 367 54.29 57.75 -38.53
CA LYS H 367 53.29 57.74 -37.48
C LYS H 367 53.50 58.90 -36.50
N ALA H 368 54.75 59.28 -36.25
CA ALA H 368 55.00 60.39 -35.33
C ALA H 368 54.56 61.71 -35.93
N GLN H 369 54.85 61.94 -37.21
CA GLN H 369 54.46 63.20 -37.84
C GLN H 369 52.95 63.31 -37.95
N GLN H 370 52.27 62.19 -38.20
CA GLN H 370 50.81 62.19 -38.26
C GLN H 370 50.21 62.68 -36.95
N LEU H 371 50.56 62.02 -35.84
CA LEU H 371 49.95 62.34 -34.56
C LEU H 371 50.24 63.78 -34.14
N ILE H 372 51.42 64.30 -34.50
CA ILE H 372 51.72 65.70 -34.24
C ILE H 372 50.86 66.61 -35.10
N ASP H 373 50.82 66.33 -36.42
CA ASP H 373 50.01 67.15 -37.32
C ASP H 373 48.55 67.17 -36.87
N ASP H 374 48.00 66.00 -36.54
CA ASP H 374 46.62 65.95 -36.08
C ASP H 374 46.45 66.80 -34.82
N ALA H 375 47.40 66.71 -33.88
CA ALA H 375 47.31 67.50 -32.66
C ALA H 375 47.37 68.99 -32.97
N VAL H 376 48.33 69.40 -33.79
CA VAL H 376 48.48 70.82 -34.10
C VAL H 376 47.22 71.36 -34.75
N SER H 377 46.58 70.55 -35.60
CA SER H 377 45.36 70.96 -36.28
C SER H 377 44.19 71.16 -35.33
N LYS H 378 44.29 70.68 -34.09
CA LYS H 378 43.22 70.81 -33.10
C LYS H 378 43.62 71.73 -31.95
N GLY H 379 44.69 72.51 -32.11
CA GLY H 379 45.06 73.54 -31.16
C GLY H 379 46.32 73.27 -30.38
N ALA H 380 46.99 72.15 -30.59
CA ALA H 380 48.20 71.85 -29.85
C ALA H 380 49.35 72.71 -30.36
N LYS H 381 50.18 73.17 -29.42
CA LYS H 381 51.35 73.98 -29.74
C LYS H 381 52.62 73.15 -29.61
N ILE H 382 53.56 73.37 -30.53
CA ILE H 382 54.84 72.68 -30.51
C ILE H 382 55.80 73.53 -29.69
N ALA H 383 56.19 73.03 -28.51
CA ALA H 383 57.15 73.75 -27.68
C ALA H 383 58.58 73.56 -28.17
N CYS H 384 58.86 72.46 -28.86
CA CYS H 384 60.17 72.23 -29.45
C CYS H 384 60.08 70.99 -30.33
N GLY H 385 60.96 70.92 -31.32
CA GLY H 385 60.95 69.79 -32.24
C GLY H 385 59.78 69.85 -33.21
N GLY H 386 59.23 68.68 -33.52
CA GLY H 386 58.07 68.56 -34.37
C GLY H 386 58.34 68.16 -35.80
N LYS H 387 59.59 67.90 -36.17
CA LYS H 387 59.92 67.50 -37.52
C LYS H 387 61.14 66.59 -37.51
N GLN H 388 61.44 66.01 -38.66
CA GLN H 388 62.60 65.14 -38.79
C GLN H 388 63.87 65.90 -38.45
N HIS H 389 64.85 65.18 -37.93
CA HIS H 389 66.11 65.78 -37.52
C HIS H 389 66.99 66.07 -38.73
N ALA H 390 67.91 67.01 -38.55
CA ALA H 390 68.80 67.40 -39.64
C ALA H 390 69.68 66.25 -40.13
N LEU H 391 69.89 65.23 -39.29
CA LEU H 391 70.71 64.09 -39.68
C LEU H 391 70.02 63.18 -40.69
N GLY H 392 68.76 63.42 -41.01
CA GLY H 392 68.09 62.59 -41.98
C GLY H 392 67.90 61.16 -41.48
N GLN H 393 67.91 60.22 -42.42
CA GLN H 393 67.70 58.80 -42.11
C GLN H 393 66.35 58.69 -41.40
N THR H 394 66.25 57.99 -40.27
CA THR H 394 65.02 57.93 -39.50
C THR H 394 65.13 58.70 -38.19
N PHE H 395 66.07 59.65 -38.10
CA PHE H 395 66.20 60.48 -36.92
C PHE H 395 65.02 61.43 -36.81
N TYR H 396 64.43 61.51 -35.61
CA TYR H 396 63.36 62.45 -35.33
C TYR H 396 63.76 63.34 -34.17
N GLU H 397 63.30 64.59 -34.21
CA GLU H 397 63.67 65.56 -33.19
C GLU H 397 62.91 65.29 -31.90
N PRO H 398 63.57 65.29 -30.75
CA PRO H 398 62.83 65.24 -29.48
C PRO H 398 61.87 66.41 -29.37
N SER H 399 60.58 66.10 -29.32
CA SER H 399 59.53 67.10 -29.43
C SER H 399 58.69 67.16 -28.16
N VAL H 400 58.08 68.32 -27.93
CA VAL H 400 57.18 68.55 -26.81
C VAL H 400 55.97 69.30 -27.33
N LEU H 401 54.78 68.78 -27.04
CA LEU H 401 53.52 69.38 -27.44
C LEU H 401 52.77 69.86 -26.21
N THR H 402 52.28 71.10 -26.26
CA THR H 402 51.48 71.66 -25.20
C THR H 402 50.05 71.90 -25.70
N ASN H 403 49.14 72.07 -24.76
CA ASN H 403 47.72 72.32 -25.05
C ASN H 403 47.05 71.10 -25.67
N VAL H 404 47.48 69.91 -25.28
CA VAL H 404 46.90 68.67 -25.80
C VAL H 404 45.63 68.35 -25.00
N ASP H 405 44.69 67.68 -25.65
CA ASP H 405 43.44 67.30 -25.02
C ASP H 405 42.98 65.96 -25.58
N ARG H 406 41.85 65.47 -25.06
CA ARG H 406 41.42 64.10 -25.33
C ARG H 406 40.90 63.90 -26.75
N THR H 407 40.58 64.96 -27.47
CA THR H 407 40.08 64.83 -28.83
C THR H 407 41.19 64.60 -29.86
N MET H 408 42.44 64.49 -29.43
CA MET H 408 43.57 64.35 -30.32
C MET H 408 43.99 62.90 -30.43
N GLU H 409 44.38 62.48 -31.64
CA GLU H 409 44.70 61.08 -31.87
C GLU H 409 45.92 60.63 -31.07
N ILE H 410 46.87 61.54 -30.84
CA ILE H 410 48.07 61.17 -30.09
C ILE H 410 47.73 60.63 -28.70
N VAL H 411 46.53 60.93 -28.21
CA VAL H 411 46.11 60.42 -26.90
C VAL H 411 45.58 58.99 -26.99
N GLN H 412 45.15 58.55 -28.17
CA GLN H 412 44.56 57.23 -28.33
C GLN H 412 45.51 56.22 -28.98
N GLU H 413 46.62 56.67 -29.57
CA GLU H 413 47.52 55.82 -30.32
C GLU H 413 48.93 55.88 -29.74
N GLU H 414 49.65 54.77 -29.89
CA GLU H 414 51.07 54.74 -29.52
C GLU H 414 51.88 55.60 -30.47
N ILE H 415 52.83 56.35 -29.90
CA ILE H 415 53.74 57.14 -30.73
C ILE H 415 55.00 56.34 -31.05
N PHE H 416 55.55 55.64 -30.05
CA PHE H 416 56.81 54.92 -30.20
C PHE H 416 57.89 55.84 -30.77
N GLY H 417 57.90 57.08 -30.29
CA GLY H 417 58.87 58.06 -30.70
C GLY H 417 59.14 59.08 -29.61
N PRO H 418 60.13 59.95 -29.82
CA PRO H 418 60.50 60.95 -28.80
C PRO H 418 59.60 62.18 -28.85
N VAL H 419 58.31 61.98 -28.58
CA VAL H 419 57.32 63.04 -28.62
C VAL H 419 56.55 63.01 -27.30
N ALA H 420 56.56 64.13 -26.58
CA ALA H 420 55.94 64.22 -25.26
C ALA H 420 54.71 65.11 -25.32
N PRO H 421 53.50 64.56 -25.32
CA PRO H 421 52.31 65.42 -25.27
C PRO H 421 51.88 65.75 -23.85
N LEU H 422 51.93 67.03 -23.49
CA LEU H 422 51.55 67.49 -22.17
C LEU H 422 50.07 67.85 -22.17
N ILE H 423 49.31 67.23 -21.28
CA ILE H 423 47.85 67.34 -21.26
C ILE H 423 47.42 68.02 -19.97
N ARG H 424 46.62 69.07 -20.10
CA ARG H 424 46.16 69.83 -18.95
C ARG H 424 44.94 69.16 -18.33
N PHE H 425 44.89 69.19 -16.99
CA PHE H 425 43.72 68.68 -16.27
C PHE H 425 43.60 69.44 -14.96
N THR H 426 42.45 69.29 -14.31
CA THR H 426 42.18 69.94 -13.03
C THR H 426 41.52 68.98 -12.06
N ASP H 427 40.47 68.30 -12.49
CA ASP H 427 39.72 67.40 -11.63
C ASP H 427 40.39 66.03 -11.58
N GLU H 428 40.40 65.43 -10.38
CA GLU H 428 41.07 64.14 -10.22
C GLU H 428 40.26 63.01 -10.85
N ALA H 429 38.96 62.97 -10.58
CA ALA H 429 38.13 61.93 -11.17
C ALA H 429 38.22 61.96 -12.70
N ASP H 430 38.41 63.14 -13.28
CA ASP H 430 38.44 63.27 -14.74
C ASP H 430 39.73 62.69 -15.31
N VAL H 431 40.87 63.01 -14.70
CA VAL H 431 42.14 62.53 -15.23
C VAL H 431 42.24 61.01 -15.08
N VAL H 432 41.69 60.45 -14.01
CA VAL H 432 41.67 59.00 -13.86
C VAL H 432 40.83 58.37 -14.96
N ALA H 433 39.68 58.98 -15.26
CA ALA H 433 38.84 58.47 -16.35
C ALA H 433 39.56 58.56 -17.69
N GLN H 434 40.29 59.66 -17.93
CA GLN H 434 41.06 59.78 -19.16
C GLN H 434 42.19 58.75 -19.22
N ALA H 435 42.89 58.55 -18.09
CA ALA H 435 43.99 57.58 -18.07
C ALA H 435 43.51 56.19 -18.43
N ASN H 436 42.32 55.80 -17.95
CA ASN H 436 41.77 54.48 -18.19
C ASN H 436 40.98 54.38 -19.49
N ASP H 437 40.79 55.49 -20.21
CA ASP H 437 40.00 55.50 -21.44
C ASP H 437 40.84 54.98 -22.61
N THR H 438 41.20 53.71 -22.52
CA THR H 438 42.04 53.07 -23.51
C THR H 438 41.85 51.57 -23.43
N ILE H 439 42.21 50.88 -24.52
CA ILE H 439 42.20 49.42 -24.52
C ILE H 439 43.42 48.82 -23.84
N PHE H 440 44.44 49.63 -23.56
CA PHE H 440 45.68 49.12 -23.00
C PHE H 440 45.69 49.24 -21.48
N GLY H 441 46.66 48.59 -20.87
CA GLY H 441 46.78 48.57 -19.43
C GLY H 441 48.10 48.00 -18.99
N LEU H 442 49.19 48.48 -19.58
CA LEU H 442 50.52 47.96 -19.24
C LEU H 442 51.11 48.72 -18.06
N ALA H 443 51.61 49.93 -18.30
CA ALA H 443 52.28 50.71 -17.27
C ALA H 443 51.62 52.07 -17.12
N ALA H 444 51.74 52.62 -15.91
CA ALA H 444 51.24 53.96 -15.62
C ALA H 444 52.13 54.56 -14.54
N TYR H 445 52.05 55.88 -14.38
CA TYR H 445 52.90 56.60 -13.45
C TYR H 445 52.11 57.73 -12.80
N VAL H 446 52.30 57.90 -11.49
CA VAL H 446 51.62 58.92 -10.72
C VAL H 446 52.64 59.63 -9.84
N TYR H 447 52.54 60.95 -9.77
CA TYR H 447 53.40 61.78 -8.93
C TYR H 447 52.53 62.63 -8.03
N SER H 448 52.70 62.47 -6.72
CA SER H 448 51.94 63.22 -5.74
C SER H 448 52.52 62.95 -4.36
N GLU H 449 52.65 64.00 -3.56
CA GLU H 449 53.14 63.87 -2.19
C GLU H 449 52.02 63.66 -1.19
N ASN H 450 50.77 63.52 -1.65
CA ASN H 450 49.64 63.21 -0.79
C ASN H 450 49.46 61.69 -0.75
N ILE H 451 49.59 61.10 0.44
CA ILE H 451 49.58 59.64 0.55
C ILE H 451 48.24 59.08 0.08
N SER H 452 47.14 59.67 0.53
CA SER H 452 45.82 59.16 0.16
C SER H 452 45.63 59.21 -1.36
N ARG H 453 45.92 60.36 -1.97
CA ARG H 453 45.75 60.49 -3.41
C ARG H 453 46.62 59.51 -4.16
N LEU H 454 47.87 59.33 -3.73
CA LEU H 454 48.78 58.43 -4.42
C LEU H 454 48.23 57.01 -4.46
N TRP H 455 47.74 56.52 -3.32
CA TRP H 455 47.18 55.17 -3.27
C TRP H 455 45.83 55.10 -3.96
N ARG H 456 44.97 56.09 -3.73
CA ARG H 456 43.66 56.10 -4.36
C ARG H 456 43.79 56.05 -5.88
N VAL H 457 44.70 56.84 -6.44
CA VAL H 457 44.83 56.91 -7.89
C VAL H 457 45.50 55.66 -8.45
N SER H 458 46.54 55.18 -7.77
CA SER H 458 47.22 53.97 -8.25
C SER H 458 46.29 52.77 -8.26
N GLU H 459 45.39 52.68 -7.27
CA GLU H 459 44.46 51.57 -7.20
C GLU H 459 43.38 51.67 -8.28
N GLN H 460 43.04 52.89 -8.69
CA GLN H 460 42.00 53.08 -9.70
C GLN H 460 42.53 52.95 -11.13
N LEU H 461 43.84 53.08 -11.33
CA LEU H 461 44.41 52.94 -12.67
C LEU H 461 44.39 51.47 -13.07
N GLU H 462 43.70 51.16 -14.16
CA GLU H 462 43.56 49.78 -14.65
C GLU H 462 44.81 49.43 -15.45
N TYR H 463 45.90 49.17 -14.73
CA TYR H 463 47.18 48.85 -15.33
C TYR H 463 47.86 47.75 -14.52
N GLY H 464 48.76 47.03 -15.20
CA GLY H 464 49.51 46.00 -14.52
C GLY H 464 50.68 46.50 -13.70
N MET H 465 51.11 47.74 -13.94
CA MET H 465 52.27 48.31 -13.27
C MET H 465 52.03 49.79 -13.08
N VAL H 466 52.32 50.29 -11.87
CA VAL H 466 52.10 51.69 -11.54
C VAL H 466 53.32 52.21 -10.79
N GLY H 467 54.06 53.12 -11.41
CA GLY H 467 55.13 53.81 -10.71
C GLY H 467 54.54 54.91 -9.86
N MET H 468 54.88 54.92 -8.57
CA MET H 468 54.35 55.87 -7.60
C MET H 468 55.50 56.77 -7.14
N ASN H 469 55.55 57.98 -7.68
CA ASN H 469 56.68 58.88 -7.50
C ASN H 469 57.98 58.23 -7.99
N ALA H 470 57.86 57.42 -9.04
CA ALA H 470 59.01 56.74 -9.64
C ALA H 470 58.64 56.27 -11.03
N THR H 471 59.64 56.26 -11.92
CA THR H 471 59.45 55.77 -13.28
C THR H 471 60.42 54.66 -13.68
N ALA H 472 61.54 54.49 -12.96
CA ALA H 472 62.49 53.41 -13.22
C ALA H 472 61.95 52.14 -12.57
N ILE H 473 60.96 51.54 -13.21
CA ILE H 473 60.25 50.40 -12.65
C ILE H 473 60.78 49.05 -13.12
N SER H 474 61.71 49.05 -14.07
CA SER H 474 62.12 47.81 -14.73
C SER H 474 63.25 47.13 -13.97
N ASN H 475 63.04 45.87 -13.63
CA ASN H 475 64.07 45.01 -13.05
C ASN H 475 63.53 43.59 -13.11
N GLU H 476 64.38 42.63 -12.74
CA GLU H 476 64.07 41.22 -12.94
C GLU H 476 63.28 40.59 -11.80
N VAL H 477 63.12 41.28 -10.67
CA VAL H 477 62.46 40.68 -9.51
C VAL H 477 61.00 41.09 -9.38
N VAL H 478 60.51 41.98 -10.25
CA VAL H 478 59.14 42.48 -10.16
C VAL H 478 58.33 41.91 -11.32
N PRO H 479 57.02 41.65 -11.13
CA PRO H 479 56.23 41.06 -12.22
C PRO H 479 55.90 42.04 -13.32
N PHE H 480 56.45 41.79 -14.52
CA PHE H 480 56.34 42.70 -15.65
C PHE H 480 55.25 42.21 -16.59
N GLY H 481 54.23 43.06 -16.78
CA GLY H 481 53.13 42.70 -17.65
C GLY H 481 51.99 43.67 -17.48
N GLY H 482 50.96 43.47 -18.30
CA GLY H 482 49.82 44.37 -18.36
C GLY H 482 48.50 43.63 -18.27
N VAL H 483 47.42 44.41 -18.28
CA VAL H 483 46.06 43.89 -18.26
C VAL H 483 45.33 44.37 -19.51
N LYS H 484 44.06 43.99 -19.63
CA LYS H 484 43.27 44.36 -20.81
C LYS H 484 44.00 43.93 -22.07
N GLN H 485 43.97 44.73 -23.13
CA GLN H 485 44.60 44.38 -24.39
C GLN H 485 46.11 44.59 -24.39
N SER H 486 46.73 44.80 -23.22
CA SER H 486 48.17 44.82 -23.13
C SER H 486 48.77 43.43 -22.96
N GLY H 487 47.95 42.42 -22.75
CA GLY H 487 48.39 41.04 -22.81
C GLY H 487 48.07 40.29 -21.53
N VAL H 488 48.68 39.11 -21.42
CA VAL H 488 48.47 38.22 -20.29
C VAL H 488 49.83 37.64 -19.87
N GLY H 489 49.91 37.26 -18.61
CA GLY H 489 51.12 36.69 -18.07
C GLY H 489 52.09 37.75 -17.57
N ARG H 490 53.11 37.28 -16.85
CA ARG H 490 54.12 38.14 -16.26
C ARG H 490 55.50 37.57 -16.52
N GLU H 491 56.47 38.47 -16.67
CA GLU H 491 57.87 38.09 -16.90
C GLU H 491 58.71 38.57 -15.71
N GLY H 492 59.70 37.76 -15.35
CA GLY H 492 60.49 38.02 -14.16
C GLY H 492 59.69 37.73 -12.90
N SER H 493 60.38 37.88 -11.77
CA SER H 493 59.75 37.77 -10.46
C SER H 493 59.35 36.34 -10.13
N LYS H 494 58.77 36.15 -8.94
CA LYS H 494 58.29 34.84 -8.52
C LYS H 494 57.16 34.32 -9.42
N TYR H 495 56.49 35.19 -10.15
CA TYR H 495 55.38 34.79 -11.00
C TYR H 495 55.80 34.41 -12.41
N GLY H 496 57.08 34.63 -12.77
CA GLY H 496 57.50 34.44 -14.13
C GLY H 496 57.68 32.99 -14.55
N LEU H 497 58.03 32.11 -13.61
CA LEU H 497 58.34 30.74 -13.97
C LEU H 497 57.10 29.86 -14.05
N GLU H 498 56.08 30.12 -13.23
CA GLU H 498 54.85 29.33 -13.30
C GLU H 498 54.21 29.42 -14.67
N GLU H 499 54.47 30.50 -15.41
CA GLU H 499 53.90 30.63 -16.75
C GLU H 499 54.36 29.50 -17.66
N PHE H 500 55.51 28.89 -17.37
CA PHE H 500 56.08 27.82 -18.18
C PHE H 500 55.94 26.45 -17.54
N MET H 501 55.01 26.31 -16.59
CA MET H 501 54.77 25.03 -15.93
C MET H 501 53.29 24.69 -16.04
N THR H 502 53.00 23.40 -15.91
CA THR H 502 51.64 22.91 -15.72
C THR H 502 51.53 22.25 -14.35
N ILE H 503 50.29 22.13 -13.88
CA ILE H 503 50.00 21.56 -12.57
C ILE H 503 49.56 20.11 -12.73
N LYS H 504 50.11 19.23 -11.89
CA LYS H 504 49.67 17.84 -11.83
C LYS H 504 49.14 17.55 -10.44
N TYR H 505 47.87 17.21 -10.35
CA TYR H 505 47.22 16.84 -9.10
C TYR H 505 47.24 15.32 -8.99
N MET H 506 47.99 14.82 -8.01
CA MET H 506 48.06 13.40 -7.71
C MET H 506 47.11 13.10 -6.56
N CYS H 507 46.15 12.21 -6.78
CA CYS H 507 45.26 11.73 -5.74
C CYS H 507 45.73 10.33 -5.35
N LEU H 508 46.49 10.25 -4.26
CA LEU H 508 47.08 9.00 -3.81
C LEU H 508 46.08 8.29 -2.91
N GLY H 509 45.59 7.14 -3.35
CA GLY H 509 44.69 6.34 -2.54
C GLY H 509 45.43 5.35 -1.66
N LEU H 510 45.31 5.54 -0.34
CA LEU H 510 45.94 4.64 0.61
C LEU H 510 44.99 3.50 0.96
N SER I 29 -47.09 -46.75 -56.95
CA SER I 29 -46.49 -47.73 -56.05
C SER I 29 -45.56 -47.04 -55.06
N SER I 30 -44.35 -46.71 -55.52
CA SER I 30 -43.42 -45.95 -54.68
C SER I 30 -43.91 -44.53 -54.43
N LEU I 31 -44.77 -44.01 -55.30
CA LEU I 31 -45.39 -42.71 -55.09
C LEU I 31 -46.69 -42.80 -54.30
N GLN I 32 -47.38 -43.95 -54.38
CA GLN I 32 -48.57 -44.16 -53.56
C GLN I 32 -48.24 -44.44 -52.11
N SER I 33 -46.97 -44.67 -51.78
CA SER I 33 -46.55 -44.94 -50.41
C SER I 33 -46.18 -43.67 -49.64
N THR I 34 -45.99 -42.55 -50.32
CA THR I 34 -45.64 -41.29 -49.67
C THR I 34 -46.91 -40.49 -49.38
N GLU I 35 -46.97 -39.91 -48.18
CA GLU I 35 -48.08 -39.02 -47.84
C GLU I 35 -48.08 -37.76 -48.69
N LEU I 36 -46.98 -37.46 -49.37
CA LEU I 36 -46.83 -36.22 -50.12
C LEU I 36 -47.35 -36.32 -51.55
N PHE I 37 -47.68 -37.52 -52.03
CA PHE I 37 -48.21 -37.68 -53.38
C PHE I 37 -49.68 -37.28 -53.38
N GLN I 38 -49.99 -36.15 -54.01
CA GLN I 38 -51.34 -35.60 -54.06
C GLN I 38 -51.77 -35.45 -55.50
N GLN I 39 -52.99 -35.93 -55.80
CA GLN I 39 -53.57 -35.80 -57.14
C GLN I 39 -54.70 -34.79 -57.16
N GLN I 40 -54.74 -33.89 -56.18
CA GLN I 40 -55.73 -32.82 -56.13
C GLN I 40 -55.00 -31.48 -55.97
N ALA I 41 -55.69 -30.40 -56.32
CA ALA I 41 -55.12 -29.08 -56.17
C ALA I 41 -55.31 -28.59 -54.72
N TYR I 42 -54.67 -27.47 -54.40
CA TYR I 42 -54.65 -26.92 -53.05
C TYR I 42 -55.10 -25.48 -53.11
N ILE I 43 -56.33 -25.20 -52.65
CA ILE I 43 -56.90 -23.86 -52.67
C ILE I 43 -57.58 -23.61 -51.34
N ASN I 44 -57.12 -22.57 -50.62
CA ASN I 44 -57.69 -22.16 -49.34
C ASN I 44 -57.69 -23.32 -48.34
N GLY I 45 -56.55 -24.01 -48.25
CA GLY I 45 -56.37 -25.08 -47.30
C GLY I 45 -57.08 -26.37 -47.63
N GLN I 46 -57.84 -26.43 -48.73
CA GLN I 46 -58.61 -27.61 -49.10
C GLN I 46 -57.99 -28.29 -50.31
N TRP I 47 -58.16 -29.61 -50.37
CA TRP I 47 -57.69 -30.41 -51.50
C TRP I 47 -58.88 -30.64 -52.43
N LEU I 48 -58.88 -29.94 -53.56
CA LEU I 48 -60.03 -29.85 -54.43
C LEU I 48 -59.75 -30.47 -55.79
N ALA I 49 -60.80 -30.95 -56.42
CA ALA I 49 -60.80 -31.28 -57.84
C ALA I 49 -61.37 -30.11 -58.63
N ALA I 50 -61.23 -30.17 -59.95
CA ALA I 50 -61.82 -29.15 -60.80
C ALA I 50 -63.34 -29.18 -60.66
N GLN I 51 -63.97 -28.02 -60.89
CA GLN I 51 -65.41 -27.96 -60.84
C GLN I 51 -66.04 -28.90 -61.86
N SER I 52 -65.36 -29.14 -62.97
CA SER I 52 -65.82 -30.07 -64.00
C SER I 52 -65.34 -31.49 -63.77
N ASN I 53 -64.55 -31.73 -62.71
CA ASN I 53 -63.94 -33.02 -62.42
C ASN I 53 -62.96 -33.46 -63.49
N ALA I 54 -62.63 -32.59 -64.45
CA ALA I 54 -61.69 -32.94 -65.49
C ALA I 54 -60.28 -33.03 -64.93
N THR I 55 -59.47 -33.89 -65.55
CA THR I 55 -58.09 -34.11 -65.14
C THR I 55 -57.22 -34.32 -66.37
N VAL I 56 -55.93 -34.12 -66.20
CA VAL I 56 -54.96 -34.38 -67.26
C VAL I 56 -53.89 -35.33 -66.72
N PRO I 57 -53.41 -36.27 -67.52
CA PRO I 57 -52.44 -37.25 -66.99
C PRO I 57 -51.02 -36.71 -66.94
N VAL I 58 -50.24 -37.33 -66.05
CA VAL I 58 -48.81 -37.05 -65.90
C VAL I 58 -48.05 -38.34 -66.20
N SER I 59 -46.98 -38.22 -66.99
CA SER I 59 -46.28 -39.39 -67.53
C SER I 59 -44.81 -39.33 -67.19
N ASN I 60 -44.23 -40.49 -66.86
CA ASN I 60 -42.83 -40.62 -66.47
C ASN I 60 -41.96 -40.59 -67.72
N PRO I 61 -41.15 -39.55 -67.91
CA PRO I 61 -40.40 -39.44 -69.18
C PRO I 61 -39.43 -40.58 -69.41
N ALA I 62 -39.02 -41.30 -68.36
CA ALA I 62 -38.07 -42.40 -68.52
C ALA I 62 -38.76 -43.68 -68.97
N THR I 63 -40.02 -43.89 -68.60
CA THR I 63 -40.73 -45.12 -68.93
C THR I 63 -41.94 -44.91 -69.83
N GLY I 64 -42.49 -43.70 -69.89
CA GLY I 64 -43.68 -43.44 -70.68
C GLY I 64 -44.98 -43.81 -70.01
N GLU I 65 -44.94 -44.48 -68.87
CA GLU I 65 -46.16 -44.89 -68.18
C GLU I 65 -46.74 -43.70 -67.40
N GLU I 66 -48.04 -43.81 -67.11
CA GLU I 66 -48.75 -42.77 -66.37
C GLU I 66 -48.46 -42.88 -64.88
N ILE I 67 -48.24 -41.74 -64.24
CA ILE I 67 -48.07 -41.68 -62.79
C ILE I 67 -49.42 -41.44 -62.11
N GLY I 68 -50.23 -40.58 -62.72
CA GLY I 68 -51.51 -40.22 -62.13
C GLY I 68 -52.17 -39.13 -62.93
N THR I 69 -52.94 -38.30 -62.23
CA THR I 69 -53.63 -37.18 -62.86
C THR I 69 -53.63 -35.99 -61.91
N ILE I 70 -53.88 -34.82 -62.48
CA ILE I 70 -54.03 -33.59 -61.71
C ILE I 70 -55.29 -32.89 -62.22
N PRO I 71 -55.96 -32.08 -61.40
CA PRO I 71 -57.15 -31.38 -61.88
C PRO I 71 -56.80 -30.46 -63.04
N ASN I 72 -57.70 -30.41 -64.03
CA ASN I 72 -57.54 -29.51 -65.17
C ASN I 72 -58.44 -28.29 -64.96
N MET I 73 -58.01 -27.45 -64.01
CA MET I 73 -58.77 -26.29 -63.60
C MET I 73 -58.64 -25.16 -64.62
N GLY I 74 -59.48 -24.15 -64.46
CA GLY I 74 -59.50 -23.03 -65.37
C GLY I 74 -59.67 -21.69 -64.68
N ALA I 75 -60.39 -20.77 -65.33
CA ALA I 75 -60.51 -19.42 -64.79
C ALA I 75 -61.27 -19.41 -63.48
N ALA I 76 -62.34 -20.20 -63.38
CA ALA I 76 -63.16 -20.20 -62.17
C ALA I 76 -62.32 -20.52 -60.94
N GLU I 77 -61.58 -21.63 -60.97
CA GLU I 77 -60.77 -22.01 -59.82
C GLU I 77 -59.61 -21.05 -59.60
N ALA I 78 -59.05 -20.50 -60.68
CA ALA I 78 -57.98 -19.52 -60.52
C ALA I 78 -58.50 -18.27 -59.80
N THR I 79 -59.71 -17.83 -60.14
CA THR I 79 -60.29 -16.69 -59.45
C THR I 79 -60.56 -17.00 -57.98
N GLN I 80 -60.99 -18.24 -57.69
CA GLN I 80 -61.22 -18.63 -56.31
C GLN I 80 -59.93 -18.58 -55.50
N ALA I 81 -58.82 -19.03 -56.09
CA ALA I 81 -57.54 -18.99 -55.40
C ALA I 81 -57.11 -17.56 -55.13
N VAL I 82 -57.36 -16.65 -56.09
CA VAL I 82 -57.00 -15.25 -55.89
C VAL I 82 -57.81 -14.64 -54.75
N GLU I 83 -59.11 -14.94 -54.70
CA GLU I 83 -59.95 -14.43 -53.62
C GLU I 83 -59.49 -14.98 -52.27
N ALA I 84 -59.17 -16.28 -52.22
CA ALA I 84 -58.70 -16.87 -50.97
C ALA I 84 -57.38 -16.25 -50.55
N ALA I 85 -56.48 -15.99 -51.51
CA ALA I 85 -55.20 -15.38 -51.18
C ALA I 85 -55.39 -13.95 -50.66
N TYR I 86 -56.38 -13.23 -51.20
CA TYR I 86 -56.61 -11.86 -50.77
C TYR I 86 -57.21 -11.83 -49.36
N THR I 87 -58.08 -12.79 -49.05
CA THR I 87 -58.67 -12.84 -47.71
C THR I 87 -57.63 -13.23 -46.67
N ALA I 88 -56.79 -14.22 -46.98
CA ALA I 88 -55.74 -14.63 -46.05
C ALA I 88 -54.65 -13.58 -45.90
N LEU I 89 -54.52 -12.68 -46.87
CA LEU I 89 -53.47 -11.67 -46.83
C LEU I 89 -53.63 -10.74 -45.63
N GLN I 90 -54.87 -10.43 -45.26
CA GLN I 90 -55.11 -9.41 -44.24
C GLN I 90 -54.51 -9.83 -42.91
N SER I 91 -54.72 -11.09 -42.51
CA SER I 91 -54.22 -11.56 -41.23
C SER I 91 -52.81 -12.11 -41.31
N TRP I 92 -52.35 -12.50 -42.51
CA TRP I 92 -50.98 -12.99 -42.65
C TRP I 92 -49.98 -11.85 -42.52
N LYS I 93 -50.26 -10.70 -43.14
CA LYS I 93 -49.35 -9.57 -43.06
C LYS I 93 -49.46 -8.83 -41.73
N ALA I 94 -50.53 -9.06 -40.96
CA ALA I 94 -50.65 -8.46 -39.64
C ALA I 94 -49.71 -9.10 -38.63
N LEU I 95 -49.26 -10.32 -38.89
CA LEU I 95 -48.32 -10.99 -38.00
C LEU I 95 -47.00 -10.24 -37.97
N THR I 96 -46.19 -10.53 -36.95
CA THR I 96 -44.86 -9.98 -36.86
C THR I 96 -43.91 -10.77 -37.77
N ALA I 97 -42.79 -10.13 -38.13
CA ALA I 97 -41.78 -10.82 -38.92
C ALA I 97 -41.35 -12.11 -38.24
N GLN I 98 -41.23 -12.09 -36.92
CA GLN I 98 -40.82 -13.29 -36.21
C GLN I 98 -41.92 -14.35 -36.20
N ASN I 99 -43.19 -13.92 -36.15
CA ASN I 99 -44.29 -14.89 -36.27
C ASN I 99 -44.19 -15.67 -37.57
N ARG I 100 -44.04 -14.97 -38.69
CA ARG I 100 -43.95 -15.65 -39.98
C ARG I 100 -42.66 -16.46 -40.07
N ALA I 101 -41.57 -15.94 -39.52
CA ALA I 101 -40.30 -16.68 -39.57
C ALA I 101 -40.42 -18.03 -38.87
N ASP I 102 -41.12 -18.07 -37.73
CA ASP I 102 -41.29 -19.33 -37.03
C ASP I 102 -42.04 -20.34 -37.88
N ILE I 103 -43.12 -19.90 -38.54
CA ILE I 103 -43.88 -20.81 -39.39
C ILE I 103 -43.06 -21.24 -40.59
N LEU I 104 -42.37 -20.30 -41.22
CA LEU I 104 -41.56 -20.64 -42.39
C LEU I 104 -40.44 -21.61 -42.04
N LEU I 105 -39.86 -21.46 -40.84
CA LEU I 105 -38.78 -22.36 -40.44
C LEU I 105 -39.30 -23.76 -40.14
N ALA I 106 -40.52 -23.87 -39.61
CA ALA I 106 -41.15 -25.18 -39.49
C ALA I 106 -41.35 -25.80 -40.87
N TRP I 107 -41.74 -24.97 -41.84
CA TRP I 107 -41.82 -25.42 -43.22
C TRP I 107 -40.45 -25.89 -43.72
N HIS I 108 -39.42 -25.09 -43.49
CA HIS I 108 -38.07 -25.45 -43.88
C HIS I 108 -37.68 -26.81 -43.31
N LYS I 109 -37.91 -27.02 -42.01
CA LYS I 109 -37.54 -28.28 -41.39
C LYS I 109 -38.26 -29.45 -42.03
N LEU I 110 -39.54 -29.26 -42.37
CA LEU I 110 -40.32 -30.35 -42.97
C LEU I 110 -39.82 -30.70 -44.36
N VAL I 111 -39.36 -29.70 -45.12
CA VAL I 111 -38.85 -29.98 -46.46
C VAL I 111 -37.57 -30.80 -46.37
N LEU I 112 -36.66 -30.44 -45.46
CA LEU I 112 -35.42 -31.19 -45.33
C LEU I 112 -35.67 -32.58 -44.76
N ASP I 113 -36.59 -32.69 -43.80
CA ASP I 113 -36.88 -34.00 -43.20
C ASP I 113 -37.42 -34.98 -44.23
N HIS I 114 -38.14 -34.49 -45.24
CA HIS I 114 -38.70 -35.33 -46.29
C HIS I 114 -37.92 -35.22 -47.59
N THR I 115 -36.60 -35.01 -47.50
CA THR I 115 -35.80 -34.86 -48.70
C THR I 115 -35.93 -36.08 -49.62
N ASP I 116 -35.82 -37.28 -49.05
CA ASP I 116 -35.85 -38.49 -49.86
C ASP I 116 -37.18 -38.61 -50.61
N GLU I 117 -38.30 -38.39 -49.93
CA GLU I 117 -39.60 -38.54 -50.56
C GLU I 117 -39.78 -37.51 -51.67
N LEU I 118 -39.40 -36.26 -51.42
CA LEU I 118 -39.52 -35.24 -52.44
C LEU I 118 -38.66 -35.56 -53.66
N ALA I 119 -37.45 -36.05 -53.43
CA ALA I 119 -36.57 -36.41 -54.54
C ALA I 119 -37.17 -37.54 -55.36
N LEU I 120 -37.75 -38.54 -54.69
CA LEU I 120 -38.38 -39.66 -55.41
C LEU I 120 -39.48 -39.14 -56.33
N ILE I 121 -40.32 -38.24 -55.84
CA ILE I 121 -41.41 -37.69 -56.65
C ILE I 121 -40.82 -36.96 -57.85
N MET I 122 -39.84 -36.09 -57.62
CA MET I 122 -39.26 -35.32 -58.71
C MET I 122 -38.68 -36.24 -59.78
N THR I 123 -37.85 -37.19 -59.38
CA THR I 123 -37.20 -38.07 -60.34
C THR I 123 -38.23 -38.76 -61.23
N ILE I 124 -39.31 -39.28 -60.62
CA ILE I 124 -40.25 -40.10 -61.38
C ILE I 124 -41.01 -39.28 -62.41
N GLU I 125 -41.26 -38.00 -62.13
CA GLU I 125 -42.09 -37.19 -63.01
C GLU I 125 -41.29 -36.20 -63.84
N GLN I 126 -40.07 -35.87 -63.44
CA GLN I 126 -39.20 -34.98 -64.21
C GLN I 126 -38.07 -35.70 -64.92
N GLY I 127 -37.48 -36.72 -64.30
CA GLY I 127 -36.55 -37.61 -64.95
C GLY I 127 -35.12 -37.49 -64.45
N LYS I 128 -34.75 -36.39 -63.80
CA LYS I 128 -33.37 -36.20 -63.42
C LYS I 128 -32.94 -37.26 -62.41
N PRO I 129 -31.63 -37.51 -62.30
CA PRO I 129 -31.17 -38.55 -61.36
C PRO I 129 -31.53 -38.21 -59.92
N LEU I 130 -31.70 -39.27 -59.13
CA LEU I 130 -32.11 -39.10 -57.74
C LEU I 130 -31.13 -38.22 -56.97
N ALA I 131 -29.84 -38.34 -57.26
CA ALA I 131 -28.85 -37.53 -56.57
C ALA I 131 -29.07 -36.05 -56.84
N GLU I 132 -29.34 -35.68 -58.10
CA GLU I 132 -29.63 -34.28 -58.41
C GLU I 132 -30.92 -33.84 -57.73
N ALA I 133 -31.94 -34.70 -57.71
CA ALA I 133 -33.20 -34.32 -57.09
C ALA I 133 -33.01 -34.00 -55.61
N LYS I 134 -32.22 -34.81 -54.90
CA LYS I 134 -31.93 -34.52 -53.50
C LYS I 134 -31.18 -33.20 -53.36
N GLY I 135 -30.28 -32.91 -54.30
CA GLY I 135 -29.57 -31.65 -54.26
C GLY I 135 -30.49 -30.45 -54.44
N GLU I 136 -31.47 -30.58 -55.34
CA GLU I 136 -32.41 -29.49 -55.56
C GLU I 136 -33.28 -29.26 -54.32
N VAL I 137 -33.65 -30.34 -53.62
CA VAL I 137 -34.48 -30.20 -52.43
C VAL I 137 -33.75 -29.38 -51.37
N ARG I 138 -32.47 -29.70 -51.12
CA ARG I 138 -31.69 -28.91 -50.18
C ARG I 138 -31.48 -27.50 -50.70
N TYR I 139 -31.18 -27.35 -51.99
CA TYR I 139 -31.06 -26.03 -52.58
C TYR I 139 -32.35 -25.24 -52.44
N ALA I 140 -33.49 -25.91 -52.63
CA ALA I 140 -34.78 -25.23 -52.51
C ALA I 140 -35.11 -24.90 -51.05
N ALA I 141 -34.78 -25.82 -50.14
CA ALA I 141 -35.06 -25.58 -48.73
C ALA I 141 -34.31 -24.35 -48.23
N SER I 142 -33.06 -24.17 -48.66
CA SER I 142 -32.27 -23.04 -48.18
C SER I 142 -32.92 -21.69 -48.47
N PHE I 143 -33.80 -21.62 -49.47
CA PHE I 143 -34.51 -20.37 -49.74
C PHE I 143 -35.56 -20.08 -48.69
N ILE I 144 -36.19 -21.12 -48.13
CA ILE I 144 -37.18 -20.91 -47.07
C ILE I 144 -36.50 -20.36 -45.82
N GLN I 145 -35.37 -20.97 -45.44
CA GLN I 145 -34.63 -20.48 -44.28
C GLN I 145 -34.09 -19.07 -44.53
N TRP I 146 -33.53 -18.84 -45.71
CA TRP I 146 -32.92 -17.54 -46.00
C TRP I 146 -33.94 -16.42 -45.88
N PHE I 147 -35.13 -16.60 -46.47
CA PHE I 147 -36.12 -15.52 -46.49
C PHE I 147 -36.93 -15.45 -45.20
N ALA I 148 -37.05 -16.55 -44.46
CA ALA I 148 -37.58 -16.45 -43.11
C ALA I 148 -36.75 -15.48 -42.28
N GLU I 149 -35.45 -15.43 -42.53
CA GLU I 149 -34.56 -14.51 -41.82
C GLU I 149 -34.63 -13.10 -42.43
N GLU I 150 -34.77 -13.02 -43.76
CA GLU I 150 -34.87 -11.71 -44.40
C GLU I 150 -36.10 -10.94 -43.94
N GLY I 151 -37.19 -11.66 -43.61
CA GLY I 151 -38.41 -10.98 -43.23
C GLY I 151 -38.24 -10.09 -42.01
N LYS I 152 -37.28 -10.41 -41.14
CA LYS I 152 -36.99 -9.60 -39.97
C LYS I 152 -36.02 -8.45 -40.27
N ARG I 153 -35.62 -8.28 -41.53
CA ARG I 153 -34.56 -7.33 -41.88
C ARG I 153 -34.94 -6.46 -43.07
N ILE I 154 -36.24 -6.28 -43.33
CA ILE I 154 -36.69 -5.37 -44.38
C ILE I 154 -36.66 -3.96 -43.82
N TYR I 155 -35.46 -3.38 -43.75
CA TYR I 155 -35.27 -2.13 -43.04
C TYR I 155 -35.80 -0.94 -43.85
N GLY I 156 -36.53 -0.07 -43.18
CA GLY I 156 -36.85 1.24 -43.73
C GLY I 156 -35.72 2.21 -43.46
N ASP I 157 -36.02 3.49 -43.69
CA ASP I 157 -34.99 4.52 -43.64
C ASP I 157 -35.52 5.76 -42.94
N VAL I 158 -34.60 6.52 -42.35
CA VAL I 158 -34.84 7.88 -41.89
C VAL I 158 -33.89 8.77 -42.67
N ILE I 159 -34.43 9.66 -43.50
CA ILE I 159 -33.65 10.44 -44.45
C ILE I 159 -33.41 11.83 -43.86
N PRO I 160 -32.16 12.33 -43.88
CA PRO I 160 -31.93 13.69 -43.37
C PRO I 160 -32.86 14.69 -44.05
N THR I 161 -33.58 15.45 -43.23
CA THR I 161 -34.62 16.32 -43.76
C THR I 161 -34.01 17.53 -44.45
N VAL I 162 -34.73 18.00 -45.49
CA VAL I 162 -34.42 19.28 -46.12
C VAL I 162 -35.21 20.42 -45.49
N ASN I 163 -36.19 20.12 -44.64
CA ASN I 163 -37.03 21.11 -44.00
C ASN I 163 -37.16 20.76 -42.53
N ASN I 164 -36.64 21.63 -41.66
CA ASN I 164 -36.55 21.32 -40.24
C ASN I 164 -37.91 21.10 -39.58
N GLN I 165 -39.01 21.46 -40.25
CA GLN I 165 -40.34 21.23 -39.72
C GLN I 165 -40.93 19.90 -40.15
N GLN I 166 -40.16 19.06 -40.84
CA GLN I 166 -40.63 17.76 -41.31
C GLN I 166 -39.62 16.68 -40.98
N ARG I 167 -40.10 15.43 -40.99
CA ARG I 167 -39.25 14.26 -40.80
C ARG I 167 -39.63 13.22 -41.84
N PHE I 168 -38.61 12.63 -42.47
CA PHE I 168 -38.80 11.70 -43.58
C PHE I 168 -38.57 10.27 -43.09
N ILE I 169 -39.64 9.50 -42.95
CA ILE I 169 -39.58 8.14 -42.46
C ILE I 169 -40.05 7.23 -43.59
N ILE I 170 -39.19 6.31 -44.01
CA ILE I 170 -39.46 5.40 -45.13
C ILE I 170 -39.66 4.00 -44.56
N SER I 171 -40.74 3.35 -44.98
CA SER I 171 -41.05 1.99 -44.57
C SER I 171 -41.34 1.15 -45.81
N LYS I 172 -41.42 -0.17 -45.60
CA LYS I 172 -41.61 -1.12 -46.69
C LYS I 172 -42.77 -2.03 -46.36
N GLU I 173 -43.71 -2.16 -47.29
CA GLU I 173 -44.93 -2.92 -47.11
C GLU I 173 -45.05 -4.00 -48.17
N PRO I 174 -45.78 -5.08 -47.89
CA PRO I 174 -45.97 -6.12 -48.92
C PRO I 174 -46.77 -5.60 -50.11
N VAL I 175 -46.37 -6.05 -51.30
CA VAL I 175 -47.06 -5.62 -52.51
C VAL I 175 -48.50 -6.14 -52.55
N GLY I 176 -48.73 -7.31 -51.96
CA GLY I 176 -50.06 -7.89 -51.93
C GLY I 176 -50.09 -9.32 -52.42
N VAL I 177 -51.16 -9.69 -53.13
CA VAL I 177 -51.28 -11.05 -53.65
C VAL I 177 -50.32 -11.23 -54.81
N VAL I 178 -49.60 -12.34 -54.81
CA VAL I 178 -48.58 -12.64 -55.82
C VAL I 178 -49.03 -13.85 -56.62
N ALA I 179 -48.78 -13.80 -57.93
CA ALA I 179 -49.02 -14.92 -58.82
C ALA I 179 -47.69 -15.48 -59.29
N ALA I 180 -47.51 -16.79 -59.15
CA ALA I 180 -46.27 -17.46 -59.50
C ALA I 180 -46.57 -18.55 -60.52
N ILE I 181 -45.89 -18.49 -61.65
CA ILE I 181 -46.00 -19.49 -62.72
C ILE I 181 -44.60 -20.06 -62.94
N THR I 182 -44.45 -21.35 -62.67
CA THR I 182 -43.15 -21.99 -62.58
C THR I 182 -42.97 -23.05 -63.66
N PRO I 183 -41.71 -23.35 -64.03
CA PRO I 183 -41.45 -24.34 -65.07
C PRO I 183 -41.22 -25.74 -64.50
N TRP I 184 -40.66 -26.63 -65.33
CA TRP I 184 -40.51 -28.03 -64.97
C TRP I 184 -39.08 -28.46 -64.68
N ASN I 185 -38.08 -27.68 -65.11
CA ASN I 185 -36.69 -28.11 -64.93
C ASN I 185 -36.34 -28.25 -63.46
N PHE I 186 -36.76 -27.30 -62.62
CA PHE I 186 -36.56 -27.34 -61.17
C PHE I 186 -37.94 -27.26 -60.52
N PRO I 187 -38.66 -28.39 -60.44
CA PRO I 187 -40.07 -28.33 -60.03
C PRO I 187 -40.28 -28.05 -58.54
N ILE I 188 -39.22 -28.02 -57.74
CA ILE I 188 -39.32 -27.66 -56.32
C ILE I 188 -38.63 -26.32 -56.04
N ALA I 189 -37.42 -26.14 -56.57
CA ALA I 189 -36.68 -24.92 -56.28
C ALA I 189 -37.39 -23.69 -56.83
N MET I 190 -37.93 -23.78 -58.06
CA MET I 190 -38.66 -22.65 -58.60
C MET I 190 -39.90 -22.32 -57.78
N ILE I 191 -40.41 -23.27 -57.00
CA ILE I 191 -41.55 -22.99 -56.13
C ILE I 191 -41.10 -22.20 -54.90
N THR I 192 -40.07 -22.69 -54.20
CA THR I 192 -39.63 -22.03 -52.98
C THR I 192 -38.93 -20.70 -53.27
N ARG I 193 -38.27 -20.58 -54.42
CA ARG I 193 -37.62 -19.33 -54.79
C ARG I 193 -38.62 -18.20 -54.93
N LYS I 194 -39.89 -18.51 -55.18
CA LYS I 194 -40.94 -17.50 -55.35
C LYS I 194 -41.91 -17.45 -54.18
N ALA I 195 -42.24 -18.59 -53.59
CA ALA I 195 -43.21 -18.60 -52.49
C ALA I 195 -42.56 -18.15 -51.18
N ALA I 196 -41.33 -18.58 -50.90
CA ALA I 196 -40.67 -18.19 -49.67
C ALA I 196 -40.53 -16.68 -49.55
N PRO I 197 -39.91 -15.98 -50.51
CA PRO I 197 -39.79 -14.52 -50.35
C PRO I 197 -41.15 -13.81 -50.31
N ALA I 198 -42.12 -14.27 -51.10
CA ALA I 198 -43.45 -13.68 -51.03
C ALA I 198 -44.02 -13.79 -49.62
N LEU I 199 -44.02 -15.01 -49.07
CA LEU I 199 -44.58 -15.21 -47.73
C LEU I 199 -43.79 -14.43 -46.69
N ALA I 200 -42.46 -14.42 -46.79
CA ALA I 200 -41.66 -13.70 -45.81
C ALA I 200 -41.91 -12.20 -45.89
N ALA I 201 -42.27 -11.69 -47.07
CA ALA I 201 -42.59 -10.27 -47.24
C ALA I 201 -43.94 -9.90 -46.68
N GLY I 202 -44.75 -10.88 -46.26
CA GLY I 202 -46.11 -10.62 -45.85
C GLY I 202 -47.14 -10.79 -46.93
N CYS I 203 -46.77 -11.38 -48.07
CA CYS I 203 -47.67 -11.60 -49.18
C CYS I 203 -48.29 -12.99 -49.12
N THR I 204 -49.34 -13.19 -49.90
CA THR I 204 -49.91 -14.50 -50.18
C THR I 204 -49.73 -14.78 -51.67
N VAL I 205 -49.70 -16.06 -52.02
CA VAL I 205 -49.27 -16.47 -53.36
C VAL I 205 -50.25 -17.50 -53.92
N VAL I 206 -50.51 -17.40 -55.22
CA VAL I 206 -51.21 -18.41 -56.00
C VAL I 206 -50.24 -18.93 -57.06
N ILE I 207 -50.11 -20.25 -57.16
CA ILE I 207 -49.07 -20.87 -57.95
C ILE I 207 -49.70 -21.70 -59.05
N LYS I 208 -49.13 -21.61 -60.26
CA LYS I 208 -49.52 -22.45 -61.38
C LYS I 208 -48.29 -23.25 -61.81
N PRO I 209 -48.14 -24.50 -61.38
CA PRO I 209 -46.94 -25.26 -61.75
C PRO I 209 -47.07 -25.86 -63.14
N ALA I 210 -45.93 -26.29 -63.67
CA ALA I 210 -45.90 -26.94 -64.96
C ALA I 210 -46.65 -28.27 -64.91
N ASN I 211 -47.48 -28.51 -65.94
CA ASN I 211 -48.24 -29.76 -65.97
C ASN I 211 -47.34 -30.97 -66.17
N GLU I 212 -46.12 -30.78 -66.69
CA GLU I 212 -45.19 -31.90 -66.78
C GLU I 212 -44.67 -32.31 -65.40
N THR I 213 -44.63 -31.38 -64.44
CA THR I 213 -44.10 -31.66 -63.10
C THR I 213 -44.94 -30.95 -62.06
N PRO I 214 -46.14 -31.46 -61.76
CA PRO I 214 -47.01 -30.79 -60.78
C PRO I 214 -46.93 -31.36 -59.38
N TYR I 215 -46.65 -32.66 -59.24
CA TYR I 215 -46.72 -33.29 -57.92
C TYR I 215 -45.65 -32.74 -56.98
N CYS I 216 -44.52 -32.29 -57.51
CA CYS I 216 -43.53 -31.64 -56.66
C CYS I 216 -44.12 -30.40 -55.99
N ALA I 217 -44.85 -29.58 -56.75
CA ALA I 217 -45.47 -28.40 -56.16
C ALA I 217 -46.55 -28.79 -55.16
N LEU I 218 -47.35 -29.81 -55.49
CA LEU I 218 -48.40 -30.23 -54.58
C LEU I 218 -47.82 -30.86 -53.31
N ALA I 219 -46.66 -31.49 -53.41
CA ALA I 219 -46.01 -32.03 -52.22
C ALA I 219 -45.52 -30.90 -51.31
N ILE I 220 -44.93 -29.86 -51.90
CA ILE I 220 -44.50 -28.71 -51.12
C ILE I 220 -45.70 -28.06 -50.43
N ALA I 221 -46.86 -28.08 -51.07
CA ALA I 221 -48.06 -27.52 -50.45
C ALA I 221 -48.53 -28.39 -49.28
N LYS I 222 -48.39 -29.71 -49.40
CA LYS I 222 -48.78 -30.59 -48.31
C LYS I 222 -47.91 -30.34 -47.08
N LEU I 223 -46.62 -30.09 -47.30
CA LEU I 223 -45.73 -29.78 -46.17
C LEU I 223 -46.04 -28.42 -45.58
N ALA I 224 -46.43 -27.45 -46.42
CA ALA I 224 -46.88 -26.16 -45.91
C ALA I 224 -48.08 -26.34 -44.98
N GLU I 225 -49.00 -27.24 -45.34
CA GLU I 225 -50.12 -27.54 -44.47
C GLU I 225 -49.63 -28.09 -43.13
N LYS I 226 -48.72 -29.06 -43.18
CA LYS I 226 -48.16 -29.61 -41.95
C LYS I 226 -47.47 -28.54 -41.13
N ALA I 227 -46.81 -27.59 -41.79
CA ALA I 227 -46.04 -26.57 -41.08
C ALA I 227 -46.94 -25.53 -40.41
N GLY I 228 -48.24 -25.54 -40.66
CA GLY I 228 -49.14 -24.58 -40.06
C GLY I 228 -49.33 -23.31 -40.84
N ILE I 229 -48.98 -23.29 -42.12
CA ILE I 229 -49.21 -22.11 -42.95
C ILE I 229 -50.71 -21.95 -43.10
N PRO I 230 -51.30 -20.81 -42.73
CA PRO I 230 -52.76 -20.70 -42.73
C PRO I 230 -53.36 -20.88 -44.11
N ALA I 231 -54.63 -21.28 -44.13
CA ALA I 231 -55.33 -21.48 -45.39
C ALA I 231 -55.36 -20.18 -46.20
N GLY I 232 -55.14 -20.30 -47.50
CA GLY I 232 -55.15 -19.17 -48.41
C GLY I 232 -53.81 -18.51 -48.60
N VAL I 233 -52.87 -18.67 -47.67
CA VAL I 233 -51.58 -18.01 -47.80
C VAL I 233 -50.81 -18.57 -49.00
N ILE I 234 -50.98 -19.85 -49.30
CA ILE I 234 -50.31 -20.50 -50.43
C ILE I 234 -51.32 -21.42 -51.11
N ASN I 235 -51.47 -21.26 -52.42
CA ASN I 235 -52.42 -22.03 -53.21
C ASN I 235 -51.76 -22.52 -54.48
N VAL I 236 -52.06 -23.76 -54.86
CA VAL I 236 -51.51 -24.38 -56.06
C VAL I 236 -52.67 -24.74 -56.98
N VAL I 237 -52.72 -24.12 -58.15
CA VAL I 237 -53.78 -24.33 -59.12
C VAL I 237 -53.16 -25.01 -60.35
N THR I 238 -53.64 -26.20 -60.66
CA THR I 238 -53.14 -27.00 -61.78
C THR I 238 -54.14 -26.97 -62.93
N GLY I 239 -53.62 -27.27 -64.13
CA GLY I 239 -54.47 -27.44 -65.29
C GLY I 239 -54.19 -26.50 -66.44
N LYS I 240 -55.24 -25.82 -66.91
CA LYS I 240 -55.17 -25.03 -68.12
C LYS I 240 -54.27 -23.81 -67.91
N SER I 241 -53.12 -23.79 -68.57
CA SER I 241 -52.14 -22.74 -68.36
C SER I 241 -52.66 -21.40 -68.86
N GLN I 242 -53.23 -21.38 -70.07
CA GLN I 242 -53.66 -20.11 -70.66
C GLN I 242 -54.81 -19.50 -69.88
N GLU I 243 -55.76 -20.33 -69.43
CA GLU I 243 -56.90 -19.81 -68.68
C GLU I 243 -56.48 -19.34 -67.29
N ILE I 244 -55.71 -20.17 -66.58
CA ILE I 244 -55.24 -19.78 -65.25
C ILE I 244 -54.30 -18.59 -65.34
N GLY I 245 -53.41 -18.59 -66.34
CA GLY I 245 -52.49 -17.48 -66.50
C GLY I 245 -53.19 -16.18 -66.84
N SER I 246 -54.29 -16.25 -67.59
CA SER I 246 -55.03 -15.05 -67.92
C SER I 246 -55.65 -14.42 -66.68
N VAL I 247 -56.09 -15.25 -65.74
CA VAL I 247 -56.64 -14.72 -64.49
C VAL I 247 -55.53 -14.15 -63.62
N PHE I 248 -54.38 -14.83 -63.58
CA PHE I 248 -53.27 -14.34 -62.76
C PHE I 248 -52.73 -13.02 -63.27
N THR I 249 -52.83 -12.76 -64.57
CA THR I 249 -52.25 -11.57 -65.17
C THR I 249 -53.27 -10.46 -65.42
N SER I 250 -54.51 -10.63 -64.96
CA SER I 250 -55.54 -9.61 -65.17
C SER I 250 -56.39 -9.32 -63.94
N HIS I 251 -56.55 -10.26 -63.01
CA HIS I 251 -57.37 -10.01 -61.82
C HIS I 251 -56.81 -8.81 -61.07
N GLU I 252 -57.71 -7.93 -60.64
CA GLU I 252 -57.30 -6.67 -60.03
C GLU I 252 -56.51 -6.88 -58.75
N LYS I 253 -56.86 -7.92 -57.98
CA LYS I 253 -56.24 -8.14 -56.67
C LYS I 253 -54.84 -8.72 -56.76
N VAL I 254 -54.44 -9.25 -57.91
CA VAL I 254 -53.07 -9.71 -58.10
C VAL I 254 -52.20 -8.49 -58.41
N LYS I 255 -51.21 -8.23 -57.56
CA LYS I 255 -50.39 -7.04 -57.67
C LYS I 255 -49.02 -7.31 -58.28
N LYS I 256 -48.57 -8.56 -58.29
CA LYS I 256 -47.26 -8.90 -58.82
C LYS I 256 -47.31 -10.25 -59.52
N LEU I 257 -46.57 -10.36 -60.62
CA LEU I 257 -46.37 -11.63 -61.32
C LEU I 257 -44.90 -11.98 -61.29
N THR I 258 -44.58 -13.18 -60.84
CA THR I 258 -43.24 -13.74 -60.92
C THR I 258 -43.31 -14.99 -61.78
N PHE I 259 -42.60 -14.96 -62.91
CA PHE I 259 -42.66 -16.03 -63.90
C PHE I 259 -41.27 -16.45 -64.31
N THR I 260 -41.08 -17.76 -64.47
CA THR I 260 -39.86 -18.32 -65.01
C THR I 260 -40.23 -19.29 -66.13
N GLY I 261 -39.65 -19.08 -67.31
CA GLY I 261 -39.96 -19.92 -68.45
C GLY I 261 -39.37 -19.36 -69.72
N SER I 262 -40.05 -19.63 -70.83
CA SER I 262 -39.57 -19.20 -72.14
C SER I 262 -39.80 -17.70 -72.33
N THR I 263 -38.94 -17.08 -73.14
CA THR I 263 -39.09 -15.66 -73.40
C THR I 263 -40.39 -15.34 -74.13
N PRO I 264 -40.78 -16.08 -75.18
CA PRO I 264 -42.07 -15.78 -75.84
C PRO I 264 -43.23 -15.75 -74.88
N VAL I 265 -43.28 -16.66 -73.91
CA VAL I 265 -44.35 -16.64 -72.92
C VAL I 265 -44.18 -15.44 -71.99
N GLY I 266 -42.94 -15.07 -71.68
CA GLY I 266 -42.72 -13.89 -70.85
C GLY I 266 -43.25 -12.63 -71.50
N ARG I 267 -42.99 -12.45 -72.79
CA ARG I 267 -43.54 -11.31 -73.51
C ARG I 267 -45.06 -11.29 -73.40
N LEU I 268 -45.70 -12.46 -73.53
CA LEU I 268 -47.15 -12.54 -73.49
C LEU I 268 -47.69 -12.19 -72.12
N LEU I 269 -47.10 -12.75 -71.06
CA LEU I 269 -47.56 -12.46 -69.71
C LEU I 269 -47.31 -11.00 -69.36
N MET I 270 -46.18 -10.44 -69.78
CA MET I 270 -45.91 -9.03 -69.51
C MET I 270 -46.94 -8.14 -70.21
N GLN I 271 -47.34 -8.52 -71.42
CA GLN I 271 -48.35 -7.76 -72.14
C GLN I 271 -49.70 -7.83 -71.45
N GLN I 272 -50.07 -9.01 -70.95
CA GLN I 272 -51.35 -9.16 -70.26
C GLN I 272 -51.36 -8.41 -68.93
N CYS I 273 -50.20 -8.32 -68.27
CA CYS I 273 -50.10 -7.58 -67.01
C CYS I 273 -50.21 -6.08 -67.21
N SER I 274 -50.20 -5.59 -68.44
CA SER I 274 -50.11 -4.15 -68.68
C SER I 274 -51.42 -3.43 -68.36
N SER I 275 -52.55 -4.11 -68.49
CA SER I 275 -53.84 -3.44 -68.29
C SER I 275 -54.05 -3.00 -66.85
N THR I 276 -53.31 -3.58 -65.89
CA THR I 276 -53.41 -3.17 -64.49
C THR I 276 -52.06 -2.77 -63.89
N ILE I 277 -51.03 -2.59 -64.71
CA ILE I 277 -49.73 -2.11 -64.25
C ILE I 277 -49.24 -3.00 -63.11
N LYS I 278 -49.10 -4.29 -63.36
CA LYS I 278 -48.64 -5.21 -62.34
C LYS I 278 -47.12 -5.17 -62.24
N LYS I 279 -46.61 -5.29 -61.02
CA LYS I 279 -45.18 -5.48 -60.83
C LYS I 279 -44.75 -6.82 -61.42
N LEU I 280 -43.51 -6.87 -61.89
CA LEU I 280 -43.03 -7.99 -62.69
C LEU I 280 -41.73 -8.53 -62.16
N ALA I 281 -41.60 -9.86 -62.19
CA ALA I 281 -40.34 -10.55 -61.96
C ALA I 281 -40.27 -11.67 -63.00
N LEU I 282 -39.32 -11.57 -63.92
CA LEU I 282 -39.23 -12.49 -65.04
C LEU I 282 -37.83 -13.08 -65.11
N GLU I 283 -37.76 -14.40 -65.24
CA GLU I 283 -36.51 -15.12 -65.47
C GLU I 283 -36.75 -15.96 -66.73
N LEU I 284 -36.28 -15.46 -67.87
CA LEU I 284 -36.64 -16.03 -69.16
C LEU I 284 -35.47 -16.85 -69.74
N GLY I 285 -35.33 -16.83 -71.06
CA GLY I 285 -34.34 -17.67 -71.69
C GLY I 285 -32.91 -17.23 -71.38
N GLY I 286 -31.99 -18.15 -71.66
CA GLY I 286 -30.57 -17.88 -71.51
C GLY I 286 -29.74 -18.64 -72.53
N ASN I 287 -28.89 -17.92 -73.26
CA ASN I 287 -28.01 -18.54 -74.25
C ASN I 287 -26.58 -18.48 -73.72
N ALA I 288 -26.37 -19.05 -72.54
CA ALA I 288 -25.16 -18.80 -71.76
C ALA I 288 -23.90 -19.17 -72.56
N PRO I 289 -22.98 -18.24 -72.75
CA PRO I 289 -21.68 -18.59 -73.33
C PRO I 289 -20.65 -18.94 -72.26
N LEU I 290 -19.76 -19.85 -72.62
CA LEU I 290 -18.63 -20.24 -71.78
C LEU I 290 -17.37 -20.10 -72.60
N ILE I 291 -16.47 -19.22 -72.17
CA ILE I 291 -15.27 -18.86 -72.92
C ILE I 291 -14.05 -19.41 -72.18
N VAL I 292 -13.24 -20.18 -72.90
CA VAL I 292 -12.02 -20.77 -72.34
C VAL I 292 -10.86 -20.19 -73.14
N PHE I 293 -10.16 -19.22 -72.56
CA PHE I 293 -8.99 -18.63 -73.20
C PHE I 293 -7.80 -19.58 -73.09
N ASP I 294 -6.79 -19.32 -73.92
CA ASP I 294 -5.64 -20.22 -73.98
C ASP I 294 -4.76 -20.16 -72.74
N ASP I 295 -4.93 -19.15 -71.89
CA ASP I 295 -4.18 -19.05 -70.64
C ASP I 295 -4.96 -19.59 -69.45
N ALA I 296 -6.00 -20.39 -69.71
CA ALA I 296 -6.84 -20.92 -68.65
C ALA I 296 -6.25 -22.21 -68.07
N ASP I 297 -6.74 -22.59 -66.90
CA ASP I 297 -6.43 -23.89 -66.32
C ASP I 297 -7.23 -24.94 -67.09
N LEU I 298 -6.56 -25.63 -68.02
CA LEU I 298 -7.26 -26.48 -68.96
C LEU I 298 -8.14 -27.51 -68.25
N ASP I 299 -7.56 -28.23 -67.28
CA ASP I 299 -8.34 -29.26 -66.58
C ASP I 299 -9.51 -28.64 -65.82
N LYS I 300 -9.26 -27.53 -65.12
CA LYS I 300 -10.32 -26.87 -64.37
C LYS I 300 -11.46 -26.45 -65.30
N ALA I 301 -11.11 -25.94 -66.49
CA ALA I 301 -12.14 -25.50 -67.42
C ALA I 301 -12.97 -26.66 -67.94
N VAL I 302 -12.33 -27.79 -68.23
CA VAL I 302 -13.06 -28.96 -68.74
C VAL I 302 -14.09 -29.41 -67.71
N GLN I 303 -13.65 -29.70 -66.49
CA GLN I 303 -14.57 -30.12 -65.44
C GLN I 303 -15.66 -29.08 -65.22
N GLY I 304 -15.29 -27.80 -65.20
CA GLY I 304 -16.28 -26.75 -65.05
C GLY I 304 -17.28 -26.72 -66.20
N ALA I 305 -16.78 -26.87 -67.43
CA ALA I 305 -17.68 -26.88 -68.59
C ALA I 305 -18.58 -28.10 -68.57
N ILE I 306 -18.04 -29.26 -68.19
CA ILE I 306 -18.85 -30.47 -68.06
C ILE I 306 -20.03 -30.20 -67.13
N PHE I 307 -19.75 -29.59 -65.98
CA PHE I 307 -20.80 -29.31 -65.01
C PHE I 307 -21.82 -28.31 -65.56
N ALA I 308 -21.34 -27.23 -66.19
CA ALA I 308 -22.25 -26.21 -66.67
C ALA I 308 -23.17 -26.73 -67.78
N LYS I 309 -22.74 -27.74 -68.53
CA LYS I 309 -23.52 -28.23 -69.66
C LYS I 309 -24.48 -29.34 -69.23
N PHE I 310 -23.94 -30.45 -68.73
CA PHE I 310 -24.73 -31.68 -68.61
C PHE I 310 -25.50 -31.80 -67.30
N ARG I 311 -25.52 -30.76 -66.48
CA ARG I 311 -26.36 -30.80 -65.28
C ARG I 311 -27.82 -30.76 -65.70
N ASN I 312 -28.63 -31.67 -65.15
CA ASN I 312 -30.03 -31.80 -65.50
C ASN I 312 -30.21 -32.17 -66.97
N ALA I 313 -29.22 -32.88 -67.52
CA ALA I 313 -29.22 -33.27 -68.93
C ALA I 313 -29.23 -32.05 -69.85
N GLY I 314 -28.70 -30.93 -69.37
CA GLY I 314 -28.64 -29.73 -70.17
C GLY I 314 -29.90 -28.90 -70.16
N GLN I 315 -30.86 -29.21 -69.28
CA GLN I 315 -32.17 -28.56 -69.31
C GLN I 315 -32.32 -27.54 -68.19
N THR I 316 -31.44 -26.54 -68.16
CA THR I 316 -31.56 -25.45 -67.21
C THR I 316 -31.29 -24.14 -67.94
N CYS I 317 -31.81 -23.05 -67.36
CA CYS I 317 -31.70 -21.74 -67.98
C CYS I 317 -30.27 -21.22 -68.03
N VAL I 318 -29.39 -21.71 -67.16
CA VAL I 318 -28.03 -21.21 -67.05
C VAL I 318 -27.02 -22.19 -67.63
N CYS I 319 -27.48 -23.20 -68.36
CA CYS I 319 -26.56 -24.17 -68.94
C CYS I 319 -25.72 -23.52 -70.03
N ALA I 320 -24.49 -24.02 -70.19
CA ALA I 320 -23.55 -23.51 -71.19
C ALA I 320 -24.06 -23.90 -72.57
N ASN I 321 -24.76 -22.97 -73.23
CA ASN I 321 -25.31 -23.22 -74.55
C ASN I 321 -24.22 -23.18 -75.63
N ARG I 322 -23.24 -22.30 -75.46
CA ARG I 322 -22.13 -22.13 -76.39
C ARG I 322 -20.83 -22.23 -75.62
N ILE I 323 -19.92 -23.07 -76.10
CA ILE I 323 -18.63 -23.30 -75.45
C ILE I 323 -17.55 -22.81 -76.41
N TYR I 324 -17.07 -21.59 -76.19
CA TYR I 324 -15.99 -21.02 -76.98
C TYR I 324 -14.65 -21.46 -76.40
N VAL I 325 -13.77 -21.95 -77.27
CA VAL I 325 -12.46 -22.46 -76.87
C VAL I 325 -11.41 -21.87 -77.80
N HIS I 326 -10.34 -21.33 -77.23
CA HIS I 326 -9.32 -20.67 -78.03
C HIS I 326 -8.63 -21.68 -78.95
N ASP I 327 -8.09 -21.17 -80.06
CA ASP I 327 -7.50 -22.04 -81.07
C ASP I 327 -6.33 -22.85 -80.52
N ASN I 328 -5.50 -22.22 -79.69
CA ASN I 328 -4.27 -22.88 -79.22
C ASN I 328 -4.53 -24.03 -78.26
N ILE I 329 -5.74 -24.16 -77.73
CA ILE I 329 -6.10 -25.28 -76.85
C ILE I 329 -7.31 -26.03 -77.34
N TYR I 330 -7.86 -25.68 -78.50
CA TYR I 330 -9.08 -26.33 -78.97
C TYR I 330 -8.93 -27.83 -79.00
N GLN I 331 -7.88 -28.33 -79.65
CA GLN I 331 -7.69 -29.77 -79.78
C GLN I 331 -7.63 -30.42 -78.40
N ALA I 332 -6.71 -29.95 -77.54
CA ALA I 332 -6.54 -30.55 -76.23
C ALA I 332 -7.83 -30.50 -75.42
N PHE I 333 -8.52 -29.36 -75.45
CA PHE I 333 -9.78 -29.24 -74.71
C PHE I 333 -10.79 -30.25 -75.21
N ALA I 334 -10.98 -30.32 -76.54
CA ALA I 334 -11.97 -31.23 -77.11
C ALA I 334 -11.70 -32.67 -76.69
N GLU I 335 -10.45 -33.12 -76.82
CA GLU I 335 -10.13 -34.50 -76.47
C GLU I 335 -10.53 -34.81 -75.03
N LYS I 336 -10.09 -33.97 -74.09
CA LYS I 336 -10.44 -34.19 -72.69
C LYS I 336 -11.95 -34.10 -72.47
N PHE I 337 -12.60 -33.16 -73.13
CA PHE I 337 -14.03 -32.98 -72.95
C PHE I 337 -14.80 -34.23 -73.37
N VAL I 338 -14.48 -34.78 -74.55
CA VAL I 338 -15.21 -35.96 -75.01
C VAL I 338 -14.89 -37.16 -74.12
N GLN I 339 -13.68 -37.22 -73.57
CA GLN I 339 -13.35 -38.29 -72.63
C GLN I 339 -14.31 -38.30 -71.44
N GLU I 340 -14.63 -37.12 -70.92
CA GLU I 340 -15.52 -37.03 -69.77
C GLU I 340 -16.95 -37.37 -70.16
N VAL I 341 -17.39 -36.94 -71.35
CA VAL I 341 -18.76 -37.20 -71.77
C VAL I 341 -18.98 -38.68 -71.98
N GLN I 342 -17.96 -39.42 -72.41
CA GLN I 342 -18.12 -40.85 -72.68
C GLN I 342 -18.17 -41.69 -71.42
N LYS I 343 -17.90 -41.12 -70.25
CA LYS I 343 -18.07 -41.82 -69.00
C LYS I 343 -19.49 -41.75 -68.46
N PHE I 344 -20.33 -40.86 -69.02
CA PHE I 344 -21.67 -40.66 -68.50
C PHE I 344 -22.50 -41.94 -68.58
N LYS I 345 -23.24 -42.21 -67.51
CA LYS I 345 -24.19 -43.33 -67.48
C LYS I 345 -25.58 -42.76 -67.73
N VAL I 346 -26.20 -43.18 -68.83
CA VAL I 346 -27.53 -42.72 -69.23
C VAL I 346 -28.55 -43.79 -68.85
N GLY I 347 -29.64 -43.37 -68.24
CA GLY I 347 -30.69 -44.31 -67.89
C GLY I 347 -31.70 -43.70 -66.95
N ASN I 348 -32.48 -44.56 -66.30
CA ASN I 348 -33.50 -44.12 -65.37
C ASN I 348 -32.87 -43.45 -64.15
N GLY I 349 -33.48 -42.36 -63.69
CA GLY I 349 -32.92 -41.60 -62.59
C GLY I 349 -32.86 -42.36 -61.28
N LEU I 350 -33.63 -43.44 -61.15
CA LEU I 350 -33.63 -44.22 -59.92
C LEU I 350 -32.50 -45.23 -59.85
N GLU I 351 -31.85 -45.52 -60.98
CA GLU I 351 -30.75 -46.48 -60.98
C GLU I 351 -29.49 -45.87 -60.35
N ASP I 352 -28.66 -46.75 -59.78
CA ASP I 352 -27.44 -46.31 -59.14
C ASP I 352 -26.44 -45.78 -60.17
N GLY I 353 -25.83 -44.64 -59.85
CA GLY I 353 -24.78 -44.09 -60.69
C GLY I 353 -25.26 -43.43 -61.97
N VAL I 354 -26.57 -43.28 -62.17
CA VAL I 354 -27.06 -42.64 -63.39
C VAL I 354 -26.83 -41.13 -63.30
N GLN I 355 -26.31 -40.56 -64.38
CA GLN I 355 -25.95 -39.15 -64.41
C GLN I 355 -26.73 -38.34 -65.43
N ILE I 356 -27.29 -38.97 -66.46
CA ILE I 356 -28.02 -38.28 -67.51
C ILE I 356 -29.39 -38.95 -67.65
N GLY I 357 -30.45 -38.19 -67.43
CA GLY I 357 -31.79 -38.68 -67.56
C GLY I 357 -32.39 -38.38 -68.92
N PRO I 358 -33.69 -38.62 -69.08
CA PRO I 358 -34.36 -38.32 -70.35
C PRO I 358 -34.82 -36.89 -70.43
N LEU I 359 -34.94 -36.41 -71.68
CA LEU I 359 -35.49 -35.09 -71.90
C LEU I 359 -36.97 -35.07 -71.51
N ILE I 360 -37.53 -33.86 -71.41
CA ILE I 360 -38.85 -33.71 -70.79
C ILE I 360 -39.94 -34.22 -71.72
N ASN I 361 -39.79 -34.04 -73.03
CA ASN I 361 -40.83 -34.44 -73.96
C ASN I 361 -40.22 -34.65 -75.34
N GLU I 362 -41.07 -35.09 -76.28
CA GLU I 362 -40.59 -35.39 -77.64
C GLU I 362 -40.18 -34.14 -78.39
N LYS I 363 -40.82 -33.01 -78.10
CA LYS I 363 -40.46 -31.77 -78.79
C LYS I 363 -38.99 -31.42 -78.58
N ALA I 364 -38.48 -31.64 -77.36
CA ALA I 364 -37.08 -31.32 -77.09
C ALA I 364 -36.14 -32.17 -77.93
N VAL I 365 -36.50 -33.44 -78.14
CA VAL I 365 -35.65 -34.32 -78.94
C VAL I 365 -35.63 -33.87 -80.39
N LEU I 366 -36.77 -33.41 -80.91
CA LEU I 366 -36.82 -32.92 -82.28
C LEU I 366 -35.97 -31.67 -82.46
N LYS I 367 -36.05 -30.72 -81.52
CA LYS I 367 -35.28 -29.50 -81.65
C LYS I 367 -33.78 -29.78 -81.57
N ALA I 368 -33.38 -30.69 -80.67
CA ALA I 368 -31.97 -31.03 -80.56
C ALA I 368 -31.47 -31.68 -81.86
N GLN I 369 -32.25 -32.60 -82.42
CA GLN I 369 -31.83 -33.25 -83.65
C GLN I 369 -31.76 -32.27 -84.81
N GLN I 370 -32.73 -31.34 -84.88
CA GLN I 370 -32.71 -30.34 -85.94
C GLN I 370 -31.47 -29.45 -85.83
N LEU I 371 -31.17 -28.99 -84.61
CA LEU I 371 -30.03 -28.08 -84.44
C LEU I 371 -28.71 -28.79 -84.75
N ILE I 372 -28.60 -30.07 -84.40
CA ILE I 372 -27.39 -30.82 -84.74
C ILE I 372 -27.31 -31.04 -86.24
N ASP I 373 -28.43 -31.44 -86.86
CA ASP I 373 -28.46 -31.63 -88.31
C ASP I 373 -28.05 -30.34 -89.02
N ASP I 374 -28.57 -29.21 -88.57
CA ASP I 374 -28.22 -27.93 -89.20
C ASP I 374 -26.73 -27.67 -89.09
N ALA I 375 -26.15 -27.82 -87.90
CA ALA I 375 -24.73 -27.56 -87.71
C ALA I 375 -23.89 -28.49 -88.59
N VAL I 376 -24.25 -29.77 -88.65
CA VAL I 376 -23.48 -30.72 -89.46
C VAL I 376 -23.49 -30.32 -90.92
N SER I 377 -24.61 -29.80 -91.41
CA SER I 377 -24.71 -29.42 -92.81
C SER I 377 -23.84 -28.22 -93.16
N LYS I 378 -23.32 -27.50 -92.16
CA LYS I 378 -22.43 -26.37 -92.38
C LYS I 378 -21.01 -26.65 -91.92
N GLY I 379 -20.63 -27.92 -91.78
CA GLY I 379 -19.27 -28.31 -91.53
C GLY I 379 -18.96 -28.77 -90.12
N ALA I 380 -19.93 -28.79 -89.21
CA ALA I 380 -19.68 -29.21 -87.85
C ALA I 380 -19.54 -30.73 -87.78
N LYS I 381 -18.53 -31.19 -87.04
CA LYS I 381 -18.29 -32.61 -86.85
C LYS I 381 -18.91 -33.07 -85.53
N ILE I 382 -19.34 -34.33 -85.50
CA ILE I 382 -19.89 -34.94 -84.30
C ILE I 382 -18.78 -35.76 -83.65
N ALA I 383 -18.32 -35.30 -82.48
CA ALA I 383 -17.28 -36.04 -81.77
C ALA I 383 -17.84 -37.22 -81.01
N CYS I 384 -19.10 -37.16 -80.59
CA CYS I 384 -19.78 -38.27 -79.95
C CYS I 384 -21.26 -37.92 -79.84
N GLY I 385 -22.09 -38.95 -79.69
CA GLY I 385 -23.52 -38.73 -79.66
C GLY I 385 -24.07 -38.35 -81.02
N GLY I 386 -25.12 -37.54 -81.00
CA GLY I 386 -25.70 -36.99 -82.21
C GLY I 386 -27.06 -37.55 -82.58
N LYS I 387 -27.53 -38.58 -81.89
CA LYS I 387 -28.82 -39.18 -82.19
C LYS I 387 -29.51 -39.51 -80.87
N GLN I 388 -30.64 -40.19 -80.95
CA GLN I 388 -31.37 -40.60 -79.75
C GLN I 388 -30.73 -41.83 -79.14
N HIS I 389 -30.88 -41.96 -77.82
CA HIS I 389 -30.23 -43.06 -77.11
C HIS I 389 -30.97 -44.37 -77.37
N ALA I 390 -30.23 -45.47 -77.18
CA ALA I 390 -30.80 -46.79 -77.43
C ALA I 390 -32.02 -47.06 -76.55
N LEU I 391 -32.10 -46.43 -75.39
CA LEU I 391 -33.22 -46.62 -74.47
C LEU I 391 -34.53 -46.06 -75.00
N GLY I 392 -34.50 -45.37 -76.13
CA GLY I 392 -35.74 -44.82 -76.67
C GLY I 392 -36.33 -43.74 -75.79
N GLN I 393 -37.66 -43.69 -75.75
CA GLN I 393 -38.40 -42.69 -74.98
C GLN I 393 -37.87 -41.32 -75.41
N THR I 394 -37.59 -40.40 -74.49
CA THR I 394 -37.02 -39.10 -74.82
C THR I 394 -35.54 -39.02 -74.45
N PHE I 395 -34.88 -40.17 -74.31
CA PHE I 395 -33.45 -40.18 -74.02
C PHE I 395 -32.65 -39.70 -75.22
N TYR I 396 -31.66 -38.85 -74.97
CA TYR I 396 -30.77 -38.37 -76.02
C TYR I 396 -29.32 -38.58 -75.60
N GLU I 397 -28.50 -39.07 -76.52
CA GLU I 397 -27.12 -39.36 -76.21
C GLU I 397 -26.38 -38.06 -75.87
N PRO I 398 -25.56 -38.05 -74.82
CA PRO I 398 -24.67 -36.89 -74.61
C PRO I 398 -23.79 -36.69 -75.83
N SER I 399 -23.84 -35.49 -76.40
CA SER I 399 -23.20 -35.21 -77.66
C SER I 399 -22.19 -34.08 -77.54
N VAL I 400 -21.25 -34.05 -78.48
CA VAL I 400 -20.25 -33.01 -78.56
C VAL I 400 -20.02 -32.70 -80.03
N LEU I 401 -20.11 -31.41 -80.39
CA LEU I 401 -19.90 -30.95 -81.76
C LEU I 401 -18.65 -30.09 -81.82
N THR I 402 -17.83 -30.32 -82.84
CA THR I 402 -16.66 -29.52 -83.10
C THR I 402 -16.81 -28.81 -84.43
N ASN I 403 -15.97 -27.80 -84.64
CA ASN I 403 -15.97 -27.01 -85.87
C ASN I 403 -17.28 -26.22 -86.01
N VAL I 404 -17.81 -25.74 -84.89
CA VAL I 404 -19.01 -24.92 -84.87
C VAL I 404 -18.60 -23.46 -85.02
N ASP I 405 -19.42 -22.68 -85.71
CA ASP I 405 -19.17 -21.25 -85.88
C ASP I 405 -20.48 -20.51 -85.73
N ARG I 406 -20.45 -19.20 -85.99
CA ARG I 406 -21.58 -18.32 -85.71
C ARG I 406 -22.71 -18.46 -86.72
N THR I 407 -22.48 -19.09 -87.87
CA THR I 407 -23.50 -19.17 -88.91
C THR I 407 -24.51 -20.30 -88.69
N MET I 408 -24.34 -21.10 -87.64
CA MET I 408 -25.23 -22.22 -87.38
C MET I 408 -26.32 -21.82 -86.40
N GLU I 409 -27.50 -22.44 -86.55
CA GLU I 409 -28.63 -22.11 -85.70
C GLU I 409 -28.41 -22.53 -84.26
N ILE I 410 -27.63 -23.58 -84.03
CA ILE I 410 -27.38 -24.05 -82.67
C ILE I 410 -26.72 -22.97 -81.82
N VAL I 411 -26.14 -21.95 -82.46
CA VAL I 411 -25.54 -20.84 -81.73
C VAL I 411 -26.55 -19.76 -81.37
N GLN I 412 -27.66 -19.66 -82.10
CA GLN I 412 -28.66 -18.64 -81.85
C GLN I 412 -29.94 -19.20 -81.25
N GLU I 413 -29.96 -20.48 -80.90
CA GLU I 413 -31.13 -21.11 -80.30
C GLU I 413 -30.71 -21.95 -79.10
N GLU I 414 -31.60 -22.03 -78.12
CA GLU I 414 -31.35 -22.84 -76.92
C GLU I 414 -31.62 -24.31 -77.23
N ILE I 415 -30.69 -25.17 -76.83
CA ILE I 415 -30.84 -26.60 -77.09
C ILE I 415 -31.62 -27.28 -75.97
N PHE I 416 -31.43 -26.83 -74.73
CA PHE I 416 -32.06 -27.45 -73.57
C PHE I 416 -31.89 -28.96 -73.60
N GLY I 417 -30.66 -29.40 -73.88
CA GLY I 417 -30.34 -30.80 -73.97
C GLY I 417 -28.86 -31.05 -73.81
N PRO I 418 -28.47 -32.34 -73.77
CA PRO I 418 -27.05 -32.69 -73.53
C PRO I 418 -26.22 -32.64 -74.81
N VAL I 419 -26.06 -31.44 -75.35
CA VAL I 419 -25.31 -31.21 -76.57
C VAL I 419 -24.35 -30.05 -76.32
N ALA I 420 -23.06 -30.28 -76.53
CA ALA I 420 -22.02 -29.29 -76.27
C ALA I 420 -21.39 -28.83 -77.57
N PRO I 421 -21.77 -27.67 -78.11
CA PRO I 421 -21.13 -27.17 -79.33
C PRO I 421 -19.85 -26.40 -79.01
N LEU I 422 -18.71 -26.94 -79.41
CA LEU I 422 -17.42 -26.33 -79.16
C LEU I 422 -17.08 -25.39 -80.31
N ILE I 423 -16.90 -24.11 -79.99
CA ILE I 423 -16.73 -23.05 -80.99
C ILE I 423 -15.31 -22.53 -80.88
N ARG I 424 -14.64 -22.44 -82.03
CA ARG I 424 -13.26 -21.97 -82.07
C ARG I 424 -13.23 -20.44 -82.19
N PHE I 425 -12.21 -19.85 -81.57
CA PHE I 425 -12.00 -18.41 -81.63
C PHE I 425 -10.52 -18.14 -81.40
N THR I 426 -10.10 -16.90 -81.71
CA THR I 426 -8.72 -16.50 -81.50
C THR I 426 -8.65 -15.12 -80.85
N ASP I 427 -9.41 -14.16 -81.40
CA ASP I 427 -9.35 -12.79 -80.92
C ASP I 427 -10.26 -12.59 -79.72
N GLU I 428 -9.81 -11.79 -78.76
CA GLU I 428 -10.59 -11.55 -77.55
C GLU I 428 -11.80 -10.66 -77.84
N ALA I 429 -11.58 -9.55 -78.52
CA ALA I 429 -12.70 -8.65 -78.84
C ALA I 429 -13.77 -9.35 -79.65
N ASP I 430 -13.38 -10.34 -80.46
CA ASP I 430 -14.35 -11.04 -81.30
C ASP I 430 -15.20 -11.99 -80.48
N VAL I 431 -14.58 -12.80 -79.62
CA VAL I 431 -15.33 -13.76 -78.82
C VAL I 431 -16.29 -13.04 -77.86
N VAL I 432 -15.88 -11.87 -77.37
CA VAL I 432 -16.76 -11.09 -76.50
C VAL I 432 -17.95 -10.55 -77.30
N ALA I 433 -17.71 -10.12 -78.55
CA ALA I 433 -18.79 -9.67 -79.39
C ALA I 433 -19.75 -10.83 -79.71
N GLN I 434 -19.20 -12.01 -79.98
CA GLN I 434 -20.06 -13.16 -80.25
C GLN I 434 -20.86 -13.55 -79.02
N ALA I 435 -20.25 -13.45 -77.83
CA ALA I 435 -20.95 -13.83 -76.61
C ALA I 435 -22.14 -12.90 -76.35
N ASN I 436 -21.99 -11.62 -76.65
CA ASN I 436 -23.06 -10.66 -76.45
C ASN I 436 -24.04 -10.56 -77.61
N ASP I 437 -23.76 -11.24 -78.73
CA ASP I 437 -24.62 -11.17 -79.92
C ASP I 437 -25.85 -12.06 -79.72
N THR I 438 -26.68 -11.65 -78.75
CA THR I 438 -27.87 -12.39 -78.39
C THR I 438 -28.81 -11.48 -77.62
N ILE I 439 -30.11 -11.74 -77.75
CA ILE I 439 -31.10 -10.98 -76.99
C ILE I 439 -31.09 -11.33 -75.51
N PHE I 440 -30.41 -12.41 -75.14
CA PHE I 440 -30.40 -12.87 -73.76
C PHE I 440 -29.20 -12.31 -73.01
N GLY I 441 -29.23 -12.46 -71.69
CA GLY I 441 -28.17 -11.97 -70.83
C GLY I 441 -28.32 -12.51 -69.42
N LEU I 442 -28.45 -13.83 -69.29
CA LEU I 442 -28.69 -14.43 -67.98
C LEU I 442 -27.37 -14.78 -67.30
N ALA I 443 -26.75 -15.88 -67.70
CA ALA I 443 -25.50 -16.34 -67.12
C ALA I 443 -24.43 -16.47 -68.20
N ALA I 444 -23.18 -16.34 -67.77
CA ALA I 444 -22.03 -16.53 -68.65
C ALA I 444 -20.88 -17.02 -67.79
N TYR I 445 -19.85 -17.56 -68.46
CA TYR I 445 -18.72 -18.14 -67.76
C TYR I 445 -17.43 -17.82 -68.53
N VAL I 446 -16.37 -17.54 -67.78
CA VAL I 446 -15.07 -17.20 -68.32
C VAL I 446 -14.01 -17.98 -67.57
N TYR I 447 -13.04 -18.53 -68.30
CA TYR I 447 -11.92 -19.25 -67.71
C TYR I 447 -10.62 -18.64 -68.22
N SER I 448 -9.81 -18.09 -67.31
CA SER I 448 -8.53 -17.49 -67.65
C SER I 448 -7.77 -17.22 -66.36
N GLU I 449 -6.47 -17.53 -66.37
CA GLU I 449 -5.61 -17.29 -65.23
C GLU I 449 -4.97 -15.90 -65.25
N ASN I 450 -5.32 -15.08 -66.24
CA ASN I 450 -4.84 -13.70 -66.31
C ASN I 450 -5.86 -12.80 -65.62
N ILE I 451 -5.41 -12.06 -64.61
CA ILE I 451 -6.31 -11.23 -63.82
C ILE I 451 -6.95 -10.15 -64.69
N SER I 452 -6.12 -9.41 -65.43
CA SER I 452 -6.65 -8.33 -66.26
C SER I 452 -7.71 -8.84 -67.22
N ARG I 453 -7.41 -9.94 -67.93
CA ARG I 453 -8.36 -10.49 -68.88
C ARG I 453 -9.63 -10.98 -68.20
N LEU I 454 -9.48 -11.70 -67.08
CA LEU I 454 -10.65 -12.24 -66.40
C LEU I 454 -11.62 -11.13 -66.00
N TRP I 455 -11.10 -10.02 -65.48
CA TRP I 455 -11.95 -8.90 -65.10
C TRP I 455 -12.42 -8.12 -66.33
N ARG I 456 -11.52 -7.89 -67.29
CA ARG I 456 -11.90 -7.16 -68.49
C ARG I 456 -13.08 -7.83 -69.20
N VAL I 457 -12.99 -9.15 -69.40
CA VAL I 457 -14.03 -9.85 -70.14
C VAL I 457 -15.30 -9.93 -69.31
N SER I 458 -15.19 -10.25 -68.02
CA SER I 458 -16.38 -10.37 -67.19
C SER I 458 -17.17 -9.06 -67.17
N GLU I 459 -16.47 -7.92 -67.16
CA GLU I 459 -17.17 -6.65 -67.15
C GLU I 459 -17.80 -6.33 -68.49
N GLN I 460 -17.23 -6.83 -69.59
CA GLN I 460 -17.77 -6.56 -70.92
C GLN I 460 -18.94 -7.48 -71.27
N LEU I 461 -19.07 -8.62 -70.60
CA LEU I 461 -20.17 -9.53 -70.86
C LEU I 461 -21.47 -8.95 -70.31
N GLU I 462 -22.43 -8.69 -71.21
CA GLU I 462 -23.72 -8.11 -70.83
C GLU I 462 -24.62 -9.22 -70.26
N TYR I 463 -24.25 -9.68 -69.07
CA TYR I 463 -24.99 -10.73 -68.39
C TYR I 463 -25.15 -10.35 -66.92
N GLY I 464 -26.27 -10.77 -66.33
CA GLY I 464 -26.49 -10.53 -64.92
C GLY I 464 -25.67 -11.41 -64.00
N MET I 465 -25.03 -12.45 -64.54
CA MET I 465 -24.24 -13.39 -63.75
C MET I 465 -23.05 -13.84 -64.59
N VAL I 466 -21.88 -13.89 -63.97
CA VAL I 466 -20.66 -14.31 -64.68
C VAL I 466 -19.84 -15.18 -63.75
N GLY I 467 -19.66 -16.44 -64.13
CA GLY I 467 -18.77 -17.33 -63.41
C GLY I 467 -17.34 -17.13 -63.87
N MET I 468 -16.46 -16.77 -62.95
CA MET I 468 -15.06 -16.46 -63.24
C MET I 468 -14.21 -17.60 -62.69
N ASN I 469 -13.74 -18.47 -63.59
CA ASN I 469 -13.04 -19.70 -63.20
C ASN I 469 -13.92 -20.57 -62.31
N ALA I 470 -15.24 -20.51 -62.54
CA ALA I 470 -16.19 -21.30 -61.77
C ALA I 470 -17.49 -21.38 -62.54
N THR I 471 -18.21 -22.49 -62.35
CA THR I 471 -19.52 -22.68 -62.95
C THR I 471 -20.62 -23.04 -61.96
N ALA I 472 -20.29 -23.52 -60.76
CA ALA I 472 -21.28 -23.83 -59.74
C ALA I 472 -21.66 -22.53 -59.03
N ILE I 473 -22.51 -21.75 -59.69
CA ILE I 473 -22.86 -20.40 -59.23
C ILE I 473 -24.19 -20.37 -58.48
N SER I 474 -24.88 -21.49 -58.36
CA SER I 474 -26.24 -21.51 -57.82
C SER I 474 -26.20 -21.68 -56.31
N ASN I 475 -26.77 -20.72 -55.59
CA ASN I 475 -27.02 -20.83 -54.16
C ASN I 475 -28.05 -19.78 -53.79
N GLU I 476 -28.47 -19.77 -52.53
CA GLU I 476 -29.59 -18.93 -52.12
C GLU I 476 -29.18 -17.52 -51.68
N VAL I 477 -27.89 -17.26 -51.49
CA VAL I 477 -27.45 -15.96 -50.97
C VAL I 477 -26.98 -15.01 -52.08
N VAL I 478 -26.87 -15.47 -53.31
CA VAL I 478 -26.40 -14.62 -54.41
C VAL I 478 -27.60 -14.17 -55.24
N PRO I 479 -27.55 -12.99 -55.87
CA PRO I 479 -28.71 -12.50 -56.64
C PRO I 479 -28.82 -13.20 -57.99
N PHE I 480 -29.92 -13.93 -58.17
CA PHE I 480 -30.15 -14.77 -59.34
C PHE I 480 -31.07 -14.06 -60.31
N GLY I 481 -30.59 -13.80 -61.52
CA GLY I 481 -31.40 -13.16 -62.54
C GLY I 481 -30.55 -12.70 -63.70
N GLY I 482 -31.23 -12.15 -64.71
CA GLY I 482 -30.60 -11.76 -65.96
C GLY I 482 -30.89 -10.33 -66.33
N VAL I 483 -30.40 -9.96 -67.51
CA VAL I 483 -30.60 -8.64 -68.10
C VAL I 483 -31.10 -8.82 -69.54
N LYS I 484 -31.36 -7.70 -70.20
CA LYS I 484 -31.86 -7.70 -71.58
C LYS I 484 -33.15 -8.51 -71.59
N GLN I 485 -33.35 -9.43 -72.55
CA GLN I 485 -34.57 -10.21 -72.63
C GLN I 485 -34.53 -11.47 -71.77
N SER I 486 -33.52 -11.64 -70.93
CA SER I 486 -33.52 -12.72 -69.96
C SER I 486 -34.37 -12.42 -68.74
N GLY I 487 -34.85 -11.20 -68.59
CA GLY I 487 -35.87 -10.86 -67.61
C GLY I 487 -35.46 -9.71 -66.73
N VAL I 488 -36.21 -9.54 -65.64
CA VAL I 488 -35.99 -8.46 -64.68
C VAL I 488 -36.18 -9.03 -63.28
N GLY I 489 -35.55 -8.38 -62.32
CA GLY I 489 -35.63 -8.80 -60.94
C GLY I 489 -34.62 -9.86 -60.59
N ARG I 490 -34.48 -10.11 -59.29
CA ARG I 490 -33.51 -11.07 -58.78
C ARG I 490 -34.18 -11.97 -57.74
N GLU I 491 -33.71 -13.22 -57.70
CA GLU I 491 -34.19 -14.20 -56.75
C GLU I 491 -33.07 -14.60 -55.79
N GLY I 492 -33.44 -14.88 -54.55
CA GLY I 492 -32.46 -15.14 -53.51
C GLY I 492 -31.68 -13.89 -53.16
N SER I 493 -30.87 -13.97 -52.10
CA SER I 493 -29.96 -12.89 -51.73
C SER I 493 -30.68 -11.73 -51.06
N LYS I 494 -29.91 -10.69 -50.71
CA LYS I 494 -30.46 -9.50 -50.09
C LYS I 494 -31.43 -8.75 -50.99
N TYR I 495 -31.31 -8.94 -52.31
CA TYR I 495 -32.16 -8.24 -53.27
C TYR I 495 -33.47 -8.96 -53.59
N GLY I 496 -33.62 -10.19 -53.08
CA GLY I 496 -34.78 -10.99 -53.47
C GLY I 496 -36.08 -10.55 -52.81
N LEU I 497 -36.02 -10.10 -51.56
CA LEU I 497 -37.24 -9.80 -50.83
C LEU I 497 -37.82 -8.46 -51.26
N GLU I 498 -36.97 -7.46 -51.52
CA GLU I 498 -37.46 -6.15 -51.94
C GLU I 498 -38.27 -6.23 -53.23
N GLU I 499 -38.17 -7.33 -53.99
CA GLU I 499 -38.97 -7.47 -55.19
C GLU I 499 -40.46 -7.57 -54.86
N PHE I 500 -40.79 -8.09 -53.67
CA PHE I 500 -42.17 -8.28 -53.27
C PHE I 500 -42.67 -7.19 -52.33
N MET I 501 -41.93 -6.09 -52.19
CA MET I 501 -42.29 -5.00 -51.31
C MET I 501 -42.53 -3.73 -52.10
N THR I 502 -43.29 -2.81 -51.51
CA THR I 502 -43.43 -1.45 -52.00
C THR I 502 -42.87 -0.49 -50.96
N ILE I 503 -42.53 0.71 -51.41
CA ILE I 503 -41.97 1.75 -50.56
C ILE I 503 -43.08 2.73 -50.19
N LYS I 504 -43.15 3.09 -48.91
CA LYS I 504 -44.07 4.10 -48.43
C LYS I 504 -43.26 5.24 -47.81
N TYR I 505 -43.39 6.42 -48.40
CA TYR I 505 -42.68 7.62 -47.94
C TYR I 505 -43.61 8.39 -47.02
N MET I 506 -43.29 8.41 -45.73
CA MET I 506 -44.02 9.18 -44.74
C MET I 506 -43.35 10.53 -44.55
N CYS I 507 -44.13 11.60 -44.72
CA CYS I 507 -43.66 12.96 -44.45
C CYS I 507 -44.40 13.47 -43.23
N LEU I 508 -43.71 13.46 -42.08
CA LEU I 508 -44.31 13.83 -40.80
C LEU I 508 -44.06 15.32 -40.57
N GLY I 509 -45.13 16.10 -40.57
CA GLY I 509 -45.03 17.52 -40.27
C GLY I 509 -45.13 17.80 -38.78
N LEU I 510 -44.06 18.34 -38.20
CA LEU I 510 -44.05 18.64 -36.78
C LEU I 510 -44.50 20.08 -36.52
N SER J 30 -34.34 -28.30 -6.95
CA SER J 30 -32.98 -28.51 -6.45
C SER J 30 -31.96 -28.24 -7.56
N LEU J 31 -30.82 -27.64 -7.20
CA LEU J 31 -29.78 -27.39 -8.17
C LEU J 31 -28.99 -28.65 -8.49
N GLN J 32 -28.74 -29.49 -7.47
CA GLN J 32 -27.99 -30.71 -7.69
C GLN J 32 -28.72 -31.68 -8.61
N SER J 33 -30.01 -31.46 -8.86
CA SER J 33 -30.80 -32.31 -9.73
C SER J 33 -30.72 -31.91 -11.19
N THR J 34 -30.20 -30.73 -11.49
CA THR J 34 -30.04 -30.29 -12.87
C THR J 34 -28.63 -30.62 -13.36
N GLU J 35 -28.55 -31.08 -14.60
CA GLU J 35 -27.26 -31.35 -15.23
C GLU J 35 -26.50 -30.08 -15.56
N LEU J 36 -27.15 -28.92 -15.51
CA LEU J 36 -26.52 -27.65 -15.85
C LEU J 36 -25.86 -26.96 -14.67
N PHE J 37 -26.03 -27.48 -13.45
CA PHE J 37 -25.40 -26.88 -12.27
C PHE J 37 -23.96 -27.35 -12.20
N GLN J 38 -23.03 -26.43 -12.47
CA GLN J 38 -21.61 -26.75 -12.54
C GLN J 38 -20.85 -25.91 -11.53
N GLN J 39 -20.00 -26.55 -10.74
CA GLN J 39 -19.16 -25.86 -9.77
C GLN J 39 -17.69 -25.83 -10.21
N GLN J 40 -17.44 -26.03 -11.49
CA GLN J 40 -16.10 -25.93 -12.07
C GLN J 40 -16.13 -24.97 -13.24
N ALA J 41 -14.97 -24.38 -13.53
CA ALA J 41 -14.85 -23.47 -14.65
C ALA J 41 -14.74 -24.24 -15.96
N TYR J 42 -14.88 -23.53 -17.06
CA TYR J 42 -14.90 -24.12 -18.40
C TYR J 42 -13.83 -23.44 -19.24
N ILE J 43 -12.77 -24.18 -19.58
CA ILE J 43 -11.66 -23.66 -20.36
C ILE J 43 -11.22 -24.73 -21.35
N ASN J 44 -11.21 -24.36 -22.64
CA ASN J 44 -10.78 -25.26 -23.71
C ASN J 44 -11.51 -26.60 -23.63
N GLY J 45 -12.83 -26.52 -23.49
CA GLY J 45 -13.66 -27.71 -23.51
C GLY J 45 -13.53 -28.61 -22.29
N GLN J 46 -12.81 -28.19 -21.26
CA GLN J 46 -12.64 -28.97 -20.04
C GLN J 46 -13.29 -28.26 -18.86
N TRP J 47 -13.66 -29.05 -17.86
CA TRP J 47 -14.23 -28.54 -16.61
C TRP J 47 -13.14 -28.59 -15.55
N LEU J 48 -12.57 -27.44 -15.24
CA LEU J 48 -11.36 -27.35 -14.43
C LEU J 48 -11.63 -26.65 -13.10
N ALA J 49 -10.85 -27.02 -12.09
CA ALA J 49 -10.75 -26.26 -10.87
C ALA J 49 -9.54 -25.32 -10.96
N ALA J 50 -9.42 -24.44 -9.97
CA ALA J 50 -8.27 -23.55 -9.92
C ALA J 50 -7.01 -24.33 -9.63
N GLN J 51 -5.89 -23.90 -10.22
CA GLN J 51 -4.61 -24.57 -9.97
C GLN J 51 -4.28 -24.61 -8.48
N SER J 52 -4.81 -23.64 -7.72
CA SER J 52 -4.58 -23.58 -6.29
C SER J 52 -5.66 -24.30 -5.48
N ASN J 53 -6.72 -24.79 -6.13
CA ASN J 53 -7.87 -25.39 -5.48
C ASN J 53 -8.64 -24.41 -4.61
N ALA J 54 -8.39 -23.11 -4.75
CA ALA J 54 -9.16 -22.11 -4.01
C ALA J 54 -10.54 -21.97 -4.62
N THR J 55 -11.51 -21.61 -3.78
CA THR J 55 -12.89 -21.49 -4.20
C THR J 55 -13.53 -20.28 -3.54
N VAL J 56 -14.61 -19.81 -4.15
CA VAL J 56 -15.42 -18.71 -3.64
C VAL J 56 -16.82 -19.22 -3.45
N PRO J 57 -17.44 -19.05 -2.27
CA PRO J 57 -18.81 -19.51 -2.08
C PRO J 57 -19.83 -18.62 -2.78
N VAL J 58 -20.94 -19.23 -3.16
CA VAL J 58 -22.06 -18.55 -3.79
C VAL J 58 -23.30 -18.79 -2.92
N SER J 59 -24.07 -17.73 -2.69
CA SER J 59 -25.19 -17.77 -1.76
C SER J 59 -26.47 -17.33 -2.44
N ASN J 60 -27.58 -17.79 -1.89
CA ASN J 60 -28.91 -17.36 -2.31
C ASN J 60 -29.27 -16.07 -1.58
N PRO J 61 -29.45 -14.95 -2.28
CA PRO J 61 -29.69 -13.68 -1.56
C PRO J 61 -31.02 -13.65 -0.83
N ALA J 62 -31.99 -14.50 -1.20
CA ALA J 62 -33.28 -14.48 -0.54
C ALA J 62 -33.26 -15.25 0.78
N THR J 63 -32.38 -16.24 0.92
CA THR J 63 -32.29 -17.04 2.13
C THR J 63 -30.92 -16.96 2.81
N GLY J 64 -29.90 -16.45 2.12
CA GLY J 64 -28.57 -16.40 2.68
C GLY J 64 -27.83 -17.72 2.73
N GLU J 65 -28.47 -18.82 2.36
CA GLU J 65 -27.84 -20.12 2.46
C GLU J 65 -26.83 -20.32 1.33
N GLU J 66 -25.84 -21.16 1.60
CA GLU J 66 -24.77 -21.42 0.63
C GLU J 66 -25.27 -22.37 -0.45
N ILE J 67 -25.15 -21.96 -1.71
CA ILE J 67 -25.52 -22.81 -2.82
C ILE J 67 -24.41 -23.79 -3.16
N GLY J 68 -23.19 -23.27 -3.30
CA GLY J 68 -22.05 -24.09 -3.68
C GLY J 68 -20.80 -23.25 -3.76
N THR J 69 -19.85 -23.63 -4.61
CA THR J 69 -18.62 -22.89 -4.76
C THR J 69 -18.22 -22.84 -6.23
N ILE J 70 -17.27 -21.96 -6.53
CA ILE J 70 -16.69 -21.84 -7.87
C ILE J 70 -15.19 -21.64 -7.75
N PRO J 71 -14.44 -22.07 -8.75
CA PRO J 71 -12.99 -21.89 -8.70
C PRO J 71 -12.62 -20.42 -8.59
N ASN J 72 -11.69 -20.11 -7.69
CA ASN J 72 -11.15 -18.75 -7.56
C ASN J 72 -9.88 -18.64 -8.40
N MET J 73 -10.08 -18.58 -9.71
CA MET J 73 -8.97 -18.56 -10.65
C MET J 73 -8.38 -17.16 -10.75
N GLY J 74 -7.20 -17.08 -11.38
CA GLY J 74 -6.48 -15.83 -11.49
C GLY J 74 -5.83 -15.63 -12.83
N ALA J 75 -4.62 -15.04 -12.82
CA ALA J 75 -3.95 -14.70 -14.07
C ALA J 75 -3.54 -15.94 -14.85
N ALA J 76 -3.07 -16.98 -14.15
CA ALA J 76 -2.61 -18.19 -14.83
C ALA J 76 -3.71 -18.80 -15.67
N GLU J 77 -4.85 -19.11 -15.04
CA GLU J 77 -5.95 -19.74 -15.77
C GLU J 77 -6.52 -18.80 -16.83
N ALA J 78 -6.58 -17.50 -16.54
CA ALA J 78 -7.07 -16.55 -17.53
C ALA J 78 -6.18 -16.56 -18.77
N THR J 79 -4.87 -16.67 -18.59
CA THR J 79 -3.96 -16.74 -19.73
C THR J 79 -4.22 -18.01 -20.54
N GLN J 80 -4.38 -19.15 -19.86
CA GLN J 80 -4.68 -20.40 -20.57
C GLN J 80 -5.93 -20.25 -21.43
N ALA J 81 -6.97 -19.59 -20.91
CA ALA J 81 -8.19 -19.41 -21.67
C ALA J 81 -7.94 -18.57 -22.92
N VAL J 82 -7.15 -17.51 -22.80
CA VAL J 82 -6.84 -16.68 -23.96
C VAL J 82 -6.08 -17.50 -24.99
N GLU J 83 -5.10 -18.30 -24.55
CA GLU J 83 -4.34 -19.13 -25.48
C GLU J 83 -5.25 -20.16 -26.14
N ALA J 84 -6.18 -20.74 -25.38
CA ALA J 84 -7.09 -21.73 -25.96
C ALA J 84 -8.05 -21.08 -26.95
N ALA J 85 -8.53 -19.87 -26.64
CA ALA J 85 -9.42 -19.18 -27.57
C ALA J 85 -8.69 -18.82 -28.86
N TYR J 86 -7.42 -18.42 -28.75
CA TYR J 86 -6.66 -18.05 -29.94
C TYR J 86 -6.42 -19.27 -30.82
N THR J 87 -6.12 -20.43 -30.22
CA THR J 87 -5.90 -21.63 -31.01
C THR J 87 -7.18 -22.05 -31.74
N ALA J 88 -8.31 -22.04 -31.03
CA ALA J 88 -9.58 -22.40 -31.65
C ALA J 88 -10.03 -21.38 -32.69
N LEU J 89 -9.51 -20.15 -32.60
CA LEU J 89 -9.96 -19.10 -33.50
C LEU J 89 -9.65 -19.44 -34.96
N GLN J 90 -8.46 -19.99 -35.22
CA GLN J 90 -8.04 -20.20 -36.60
C GLN J 90 -9.01 -21.12 -37.34
N SER J 91 -9.47 -22.18 -36.69
CA SER J 91 -10.38 -23.12 -37.33
C SER J 91 -11.84 -22.70 -37.22
N TRP J 92 -12.20 -21.95 -36.18
CA TRP J 92 -13.58 -21.51 -36.04
C TRP J 92 -13.95 -20.48 -37.10
N LYS J 93 -13.03 -19.57 -37.42
CA LYS J 93 -13.31 -18.56 -38.43
C LYS J 93 -13.13 -19.09 -39.85
N ALA J 94 -12.40 -20.19 -40.02
CA ALA J 94 -12.24 -20.79 -41.34
C ALA J 94 -13.55 -21.42 -41.84
N LEU J 95 -14.48 -21.70 -40.93
CA LEU J 95 -15.77 -22.24 -41.33
C LEU J 95 -16.56 -21.22 -42.14
N THR J 96 -17.60 -21.71 -42.81
CA THR J 96 -18.53 -20.83 -43.51
C THR J 96 -19.51 -20.19 -42.54
N ALA J 97 -20.15 -19.12 -42.99
CA ALA J 97 -21.17 -18.48 -42.17
C ALA J 97 -22.30 -19.45 -41.84
N GLN J 98 -22.70 -20.28 -42.82
CA GLN J 98 -23.75 -21.25 -42.56
C GLN J 98 -23.28 -22.33 -41.59
N ASN J 99 -22.00 -22.71 -41.66
CA ASN J 99 -21.44 -23.65 -40.70
C ASN J 99 -21.70 -23.19 -39.27
N ARG J 100 -21.30 -21.96 -38.96
CA ARG J 100 -21.47 -21.45 -37.60
C ARG J 100 -22.93 -21.23 -37.26
N ALA J 101 -23.75 -20.85 -38.24
CA ALA J 101 -25.17 -20.65 -37.96
C ALA J 101 -25.84 -21.94 -37.53
N ASP J 102 -25.46 -23.06 -38.16
CA ASP J 102 -26.04 -24.35 -37.79
C ASP J 102 -25.70 -24.73 -36.35
N ILE J 103 -24.46 -24.47 -35.93
CA ILE J 103 -24.07 -24.78 -34.56
C ILE J 103 -24.73 -23.82 -33.59
N LEU J 104 -24.71 -22.53 -33.90
CA LEU J 104 -25.32 -21.54 -33.00
C LEU J 104 -26.82 -21.78 -32.85
N LEU J 105 -27.48 -22.27 -33.89
CA LEU J 105 -28.92 -22.54 -33.78
C LEU J 105 -29.18 -23.78 -32.93
N ALA J 106 -28.30 -24.77 -32.99
CA ALA J 106 -28.40 -25.89 -32.04
C ALA J 106 -28.22 -25.40 -30.62
N TRP J 107 -27.29 -24.46 -30.41
CA TRP J 107 -27.15 -23.80 -29.12
C TRP J 107 -28.44 -23.08 -28.73
N HIS J 108 -29.00 -22.31 -29.67
CA HIS J 108 -30.23 -21.59 -29.40
C HIS J 108 -31.35 -22.54 -28.98
N LYS J 109 -31.50 -23.65 -29.69
CA LYS J 109 -32.53 -24.62 -29.35
C LYS J 109 -32.34 -25.16 -27.94
N LEU J 110 -31.09 -25.49 -27.59
CA LEU J 110 -30.83 -26.05 -26.27
C LEU J 110 -31.16 -25.05 -25.16
N VAL J 111 -30.91 -23.76 -25.39
CA VAL J 111 -31.21 -22.75 -24.38
C VAL J 111 -32.71 -22.69 -24.13
N LEU J 112 -33.51 -22.67 -25.19
CA LEU J 112 -34.96 -22.64 -25.02
C LEU J 112 -35.47 -23.93 -24.39
N ASP J 113 -35.00 -25.08 -24.89
CA ASP J 113 -35.44 -26.35 -24.33
C ASP J 113 -35.19 -26.44 -22.84
N HIS J 114 -34.15 -25.76 -22.35
CA HIS J 114 -33.80 -25.76 -20.93
C HIS J 114 -34.13 -24.42 -20.28
N THR J 115 -35.30 -23.88 -20.57
CA THR J 115 -35.69 -22.59 -20.01
C THR J 115 -36.00 -22.71 -18.52
N ASP J 116 -36.83 -23.69 -18.15
CA ASP J 116 -37.23 -23.83 -16.76
C ASP J 116 -36.04 -24.17 -15.85
N GLU J 117 -34.98 -24.75 -16.40
CA GLU J 117 -33.81 -25.13 -15.61
C GLU J 117 -32.86 -23.95 -15.43
N LEU J 118 -32.63 -23.18 -16.50
CA LEU J 118 -31.80 -21.99 -16.39
C LEU J 118 -32.47 -20.95 -15.50
N ALA J 119 -33.79 -20.80 -15.61
CA ALA J 119 -34.49 -19.85 -14.76
C ALA J 119 -34.38 -20.24 -13.28
N LEU J 120 -34.51 -21.54 -12.99
CA LEU J 120 -34.35 -22.00 -11.61
C LEU J 120 -32.99 -21.61 -11.07
N ILE J 121 -31.93 -21.82 -11.85
CA ILE J 121 -30.59 -21.46 -11.40
C ILE J 121 -30.49 -19.96 -11.17
N MET J 122 -31.04 -19.16 -12.10
CA MET J 122 -30.95 -17.71 -11.99
C MET J 122 -31.67 -17.22 -10.73
N THR J 123 -32.92 -17.64 -10.55
CA THR J 123 -33.70 -17.16 -9.41
C THR J 123 -33.01 -17.47 -8.09
N ILE J 124 -32.34 -18.61 -8.00
CA ILE J 124 -31.79 -19.04 -6.72
C ILE J 124 -30.47 -18.33 -6.40
N GLU J 125 -29.69 -17.96 -7.42
CA GLU J 125 -28.43 -17.28 -7.18
C GLU J 125 -28.52 -15.76 -7.31
N GLN J 126 -29.48 -15.24 -8.06
CA GLN J 126 -29.62 -13.81 -8.29
C GLN J 126 -30.82 -13.19 -7.59
N GLY J 127 -31.90 -13.95 -7.40
CA GLY J 127 -33.00 -13.53 -6.56
C GLY J 127 -34.25 -13.06 -7.28
N LYS J 128 -34.18 -12.83 -8.59
CA LYS J 128 -35.34 -12.30 -9.28
C LYS J 128 -36.43 -13.36 -9.39
N PRO J 129 -37.69 -12.96 -9.54
CA PRO J 129 -38.77 -13.94 -9.61
C PRO J 129 -38.60 -14.90 -10.78
N LEU J 130 -39.15 -16.09 -10.62
CA LEU J 130 -39.01 -17.12 -11.66
C LEU J 130 -39.60 -16.67 -12.98
N ALA J 131 -40.71 -15.92 -12.94
CA ALA J 131 -41.32 -15.43 -14.17
C ALA J 131 -40.37 -14.50 -14.92
N GLU J 132 -39.70 -13.60 -14.20
CA GLU J 132 -38.73 -12.73 -14.85
C GLU J 132 -37.54 -13.52 -15.38
N ALA J 133 -37.11 -14.54 -14.63
CA ALA J 133 -35.97 -15.34 -15.07
C ALA J 133 -36.28 -16.03 -16.39
N LYS J 134 -37.44 -16.69 -16.49
CA LYS J 134 -37.83 -17.31 -17.74
C LYS J 134 -37.89 -16.29 -18.87
N GLY J 135 -38.38 -15.08 -18.56
CA GLY J 135 -38.39 -14.04 -19.57
C GLY J 135 -37.00 -13.70 -20.06
N GLU J 136 -36.03 -13.63 -19.15
CA GLU J 136 -34.65 -13.33 -19.56
C GLU J 136 -34.05 -14.45 -20.39
N VAL J 137 -34.42 -15.70 -20.10
CA VAL J 137 -33.87 -16.82 -20.87
C VAL J 137 -34.31 -16.73 -22.32
N ARG J 138 -35.61 -16.47 -22.55
CA ARG J 138 -36.09 -16.31 -23.91
C ARG J 138 -35.50 -15.06 -24.56
N TYR J 139 -35.45 -13.96 -23.82
CA TYR J 139 -34.77 -12.75 -24.29
C TYR J 139 -33.33 -13.07 -24.68
N ALA J 140 -32.61 -13.78 -23.81
CA ALA J 140 -31.22 -14.12 -24.10
C ALA J 140 -31.10 -15.02 -25.31
N ALA J 141 -31.99 -16.02 -25.41
CA ALA J 141 -31.92 -16.96 -26.52
C ALA J 141 -32.09 -16.24 -27.85
N SER J 142 -32.97 -15.24 -27.91
CA SER J 142 -33.24 -14.57 -29.18
C SER J 142 -31.97 -13.97 -29.78
N PHE J 143 -31.00 -13.61 -28.93
CA PHE J 143 -29.74 -13.05 -29.44
C PHE J 143 -28.94 -14.11 -30.17
N ILE J 144 -28.94 -15.35 -29.67
CA ILE J 144 -28.24 -16.43 -30.36
C ILE J 144 -28.82 -16.63 -31.75
N GLN J 145 -30.15 -16.74 -31.83
CA GLN J 145 -30.81 -16.87 -33.13
C GLN J 145 -30.52 -15.68 -34.02
N TRP J 146 -30.71 -14.46 -33.50
CA TRP J 146 -30.57 -13.26 -34.31
C TRP J 146 -29.19 -13.19 -34.95
N PHE J 147 -28.14 -13.41 -34.17
CA PHE J 147 -26.78 -13.25 -34.70
C PHE J 147 -26.33 -14.47 -35.49
N ALA J 148 -26.92 -15.64 -35.26
CA ALA J 148 -26.70 -16.74 -36.19
C ALA J 148 -27.09 -16.33 -37.61
N GLU J 149 -28.12 -15.48 -37.73
CA GLU J 149 -28.57 -15.02 -39.04
C GLU J 149 -27.73 -13.85 -39.53
N GLU J 150 -27.30 -12.96 -38.61
CA GLU J 150 -26.45 -11.86 -39.01
C GLU J 150 -25.14 -12.35 -39.60
N GLY J 151 -24.60 -13.45 -39.08
CA GLY J 151 -23.32 -13.94 -39.56
C GLY J 151 -23.30 -14.19 -41.05
N LYS J 152 -24.44 -14.55 -41.62
CA LYS J 152 -24.54 -14.82 -43.05
C LYS J 152 -24.72 -13.54 -43.88
N ARG J 153 -24.74 -12.36 -43.24
CA ARG J 153 -25.09 -11.12 -43.91
C ARG J 153 -24.11 -9.99 -43.62
N ILE J 154 -22.90 -10.30 -43.16
CA ILE J 154 -21.87 -9.29 -42.98
C ILE J 154 -21.37 -8.89 -44.37
N TYR J 155 -22.03 -7.90 -44.97
CA TYR J 155 -21.81 -7.57 -46.37
C TYR J 155 -20.63 -6.61 -46.52
N GLY J 156 -19.76 -6.92 -47.47
CA GLY J 156 -18.75 -5.99 -47.92
C GLY J 156 -19.31 -5.07 -48.99
N ASP J 157 -18.40 -4.34 -49.64
CA ASP J 157 -18.81 -3.32 -50.59
C ASP J 157 -17.92 -3.39 -51.83
N VAL J 158 -18.45 -2.86 -52.92
CA VAL J 158 -17.68 -2.54 -54.13
C VAL J 158 -17.92 -1.06 -54.39
N ILE J 159 -16.87 -0.27 -54.29
CA ILE J 159 -16.97 1.19 -54.30
C ILE J 159 -16.65 1.68 -55.71
N PRO J 160 -17.49 2.54 -56.30
CA PRO J 160 -17.15 3.09 -57.63
C PRO J 160 -15.76 3.70 -57.64
N THR J 161 -14.94 3.24 -58.58
CA THR J 161 -13.53 3.60 -58.56
C THR J 161 -13.33 5.04 -59.00
N VAL J 162 -12.22 5.63 -58.52
CA VAL J 162 -11.76 6.92 -59.00
C VAL J 162 -10.66 6.78 -60.04
N ASN J 163 -10.09 5.59 -60.21
CA ASN J 163 -9.06 5.32 -61.20
C ASN J 163 -9.45 4.05 -61.95
N ASN J 164 -9.69 4.18 -63.25
CA ASN J 164 -10.20 3.07 -64.03
C ASN J 164 -9.25 1.87 -64.07
N GLN J 165 -8.03 2.01 -63.57
CA GLN J 165 -7.08 0.90 -63.51
C GLN J 165 -7.16 0.14 -62.19
N GLN J 166 -8.11 0.49 -61.31
CA GLN J 166 -8.22 -0.16 -60.02
C GLN J 166 -9.67 -0.47 -59.71
N ARG J 167 -9.88 -1.45 -58.83
CA ARG J 167 -11.19 -1.82 -58.33
C ARG J 167 -11.13 -1.89 -56.82
N PHE J 168 -12.11 -1.27 -56.16
CA PHE J 168 -12.15 -1.17 -54.71
C PHE J 168 -13.13 -2.20 -54.16
N ILE J 169 -12.60 -3.22 -53.49
CA ILE J 169 -13.40 -4.32 -52.94
C ILE J 169 -13.20 -4.33 -51.43
N ILE J 170 -14.28 -4.10 -50.70
CA ILE J 170 -14.25 -4.00 -49.23
C ILE J 170 -14.84 -5.26 -48.64
N SER J 171 -14.18 -5.79 -47.62
CA SER J 171 -14.63 -7.01 -46.93
C SER J 171 -14.56 -6.80 -45.43
N LYS J 172 -15.15 -7.74 -44.69
CA LYS J 172 -15.22 -7.70 -43.24
C LYS J 172 -14.61 -8.98 -42.68
N GLU J 173 -13.85 -8.85 -41.60
CA GLU J 173 -13.14 -9.96 -40.99
C GLU J 173 -13.27 -9.90 -39.48
N PRO J 174 -13.27 -11.04 -38.80
CA PRO J 174 -13.37 -11.02 -37.33
C PRO J 174 -12.19 -10.30 -36.71
N VAL J 175 -12.47 -9.61 -35.59
CA VAL J 175 -11.42 -8.85 -34.92
C VAL J 175 -10.41 -9.78 -34.24
N GLY J 176 -10.86 -10.96 -33.79
CA GLY J 176 -10.00 -11.90 -33.12
C GLY J 176 -10.56 -12.40 -31.81
N VAL J 177 -9.69 -12.67 -30.84
CA VAL J 177 -10.14 -13.13 -29.53
C VAL J 177 -10.81 -11.98 -28.78
N VAL J 178 -11.96 -12.26 -28.18
CA VAL J 178 -12.77 -11.26 -27.50
C VAL J 178 -12.81 -11.60 -26.01
N ALA J 179 -12.76 -10.56 -25.18
CA ALA J 179 -12.88 -10.70 -23.74
C ALA J 179 -14.19 -10.06 -23.29
N ALA J 180 -15.02 -10.84 -22.58
CA ALA J 180 -16.32 -10.39 -22.13
C ALA J 180 -16.36 -10.47 -20.61
N ILE J 181 -16.67 -9.33 -19.97
CA ILE J 181 -16.83 -9.25 -18.52
C ILE J 181 -18.26 -8.79 -18.26
N THR J 182 -19.04 -9.61 -17.56
CA THR J 182 -20.47 -9.43 -17.45
C THR J 182 -20.91 -9.21 -16.01
N PRO J 183 -22.06 -8.55 -15.79
CA PRO J 183 -22.52 -8.28 -14.43
C PRO J 183 -23.47 -9.36 -13.91
N TRP J 184 -24.22 -9.03 -12.86
CA TRP J 184 -25.08 -9.99 -12.18
C TRP J 184 -26.57 -9.74 -12.39
N ASN J 185 -26.98 -8.54 -12.84
CA ASN J 185 -28.40 -8.23 -12.92
C ASN J 185 -29.11 -9.09 -13.96
N PHE J 186 -28.43 -9.37 -15.08
CA PHE J 186 -28.96 -10.24 -16.13
C PHE J 186 -27.91 -11.30 -16.40
N PRO J 187 -27.79 -12.30 -15.53
CA PRO J 187 -26.64 -13.22 -15.58
C PRO J 187 -26.64 -14.19 -16.76
N ILE J 188 -27.66 -14.18 -17.61
CA ILE J 188 -27.70 -15.00 -18.81
C ILE J 188 -27.72 -14.14 -20.07
N ALA J 189 -28.59 -13.14 -20.11
CA ALA J 189 -28.70 -12.30 -21.30
C ALA J 189 -27.40 -11.56 -21.57
N MET J 190 -26.77 -11.00 -20.54
CA MET J 190 -25.51 -10.32 -20.75
C MET J 190 -24.44 -11.24 -21.32
N ILE J 191 -24.57 -12.55 -21.08
CA ILE J 191 -23.63 -13.51 -21.67
C ILE J 191 -23.89 -13.65 -23.17
N THR J 192 -25.12 -14.00 -23.54
CA THR J 192 -25.43 -14.25 -24.94
C THR J 192 -25.35 -12.97 -25.77
N ARG J 193 -25.63 -11.81 -25.16
CA ARG J 193 -25.55 -10.55 -25.89
C ARG J 193 -24.13 -10.23 -26.34
N LYS J 194 -23.13 -10.87 -25.75
CA LYS J 194 -21.74 -10.67 -26.12
C LYS J 194 -21.12 -11.88 -26.80
N ALA J 195 -21.50 -13.08 -26.38
CA ALA J 195 -20.89 -14.28 -26.93
C ALA J 195 -21.50 -14.64 -28.29
N ALA J 196 -22.80 -14.44 -28.45
CA ALA J 196 -23.45 -14.75 -29.73
C ALA J 196 -22.89 -13.92 -30.87
N PRO J 197 -22.88 -12.59 -30.79
CA PRO J 197 -22.28 -11.82 -31.90
C PRO J 197 -20.80 -12.13 -32.10
N ALA J 198 -20.04 -12.30 -31.02
CA ALA J 198 -18.64 -12.65 -31.16
C ALA J 198 -18.48 -13.93 -31.97
N LEU J 199 -19.16 -15.00 -31.55
CA LEU J 199 -19.05 -16.26 -32.27
C LEU J 199 -19.54 -16.13 -33.71
N ALA J 200 -20.66 -15.43 -33.91
CA ALA J 200 -21.21 -15.30 -35.26
C ALA J 200 -20.29 -14.52 -36.18
N ALA J 201 -19.49 -13.61 -35.62
CA ALA J 201 -18.52 -12.86 -36.41
C ALA J 201 -17.30 -13.68 -36.80
N GLY J 202 -17.15 -14.89 -36.27
CA GLY J 202 -15.94 -15.66 -36.44
C GLY J 202 -14.95 -15.53 -35.31
N CYS J 203 -15.32 -14.86 -34.21
CA CYS J 203 -14.43 -14.67 -33.07
C CYS J 203 -14.63 -15.77 -32.04
N THR J 204 -13.64 -15.92 -31.17
CA THR J 204 -13.74 -16.73 -29.97
C THR J 204 -13.71 -15.80 -28.75
N VAL J 205 -14.26 -16.28 -27.64
CA VAL J 205 -14.52 -15.42 -26.49
C VAL J 205 -14.04 -16.09 -25.21
N VAL J 206 -13.51 -15.27 -24.30
CA VAL J 206 -13.25 -15.67 -22.92
C VAL J 206 -14.09 -14.79 -22.02
N ILE J 207 -14.82 -15.41 -21.09
CA ILE J 207 -15.85 -14.74 -20.31
C ILE J 207 -15.47 -14.78 -18.83
N LYS J 208 -15.54 -13.62 -18.18
CA LYS J 208 -15.43 -13.53 -16.72
C LYS J 208 -16.78 -13.11 -16.17
N PRO J 209 -17.55 -14.01 -15.56
CA PRO J 209 -18.86 -13.63 -15.03
C PRO J 209 -18.78 -13.14 -13.59
N ALA J 210 -19.84 -12.47 -13.17
CA ALA J 210 -19.92 -11.98 -11.80
C ALA J 210 -19.92 -13.14 -10.82
N ASN J 211 -19.14 -13.00 -9.75
CA ASN J 211 -19.06 -14.05 -8.74
C ASN J 211 -20.37 -14.24 -8.00
N GLU J 212 -21.28 -13.26 -8.05
CA GLU J 212 -22.58 -13.41 -7.41
C GLU J 212 -23.50 -14.33 -8.20
N THR J 213 -23.33 -14.38 -9.52
CA THR J 213 -24.21 -15.15 -10.40
C THR J 213 -23.37 -15.86 -11.46
N PRO J 214 -22.57 -16.84 -11.06
CA PRO J 214 -21.70 -17.53 -12.02
C PRO J 214 -22.34 -18.76 -12.63
N TYR J 215 -23.22 -19.42 -11.87
CA TYR J 215 -23.80 -20.67 -12.35
C TYR J 215 -24.62 -20.47 -13.60
N CYS J 216 -25.21 -19.29 -13.77
CA CYS J 216 -25.92 -19.00 -15.02
C CYS J 216 -24.96 -19.02 -16.20
N ALA J 217 -23.77 -18.45 -16.04
CA ALA J 217 -22.79 -18.46 -17.12
C ALA J 217 -22.28 -19.86 -17.38
N LEU J 218 -21.98 -20.62 -16.32
CA LEU J 218 -21.47 -21.97 -16.49
C LEU J 218 -22.51 -22.90 -17.09
N ALA J 219 -23.80 -22.67 -16.78
CA ALA J 219 -24.86 -23.47 -17.38
C ALA J 219 -24.96 -23.21 -18.88
N ILE J 220 -24.80 -21.95 -19.29
CA ILE J 220 -24.82 -21.63 -20.72
C ILE J 220 -23.64 -22.31 -21.42
N ALA J 221 -22.50 -22.41 -20.74
CA ALA J 221 -21.35 -23.08 -21.34
C ALA J 221 -21.62 -24.58 -21.49
N LYS J 222 -22.30 -25.18 -20.51
CA LYS J 222 -22.62 -26.60 -20.59
C LYS J 222 -23.52 -26.88 -21.79
N LEU J 223 -24.43 -25.95 -22.10
CA LEU J 223 -25.27 -26.12 -23.28
C LEU J 223 -24.48 -25.88 -24.56
N ALA J 224 -23.54 -24.93 -24.53
CA ALA J 224 -22.63 -24.76 -25.66
C ALA J 224 -21.88 -26.05 -25.94
N GLU J 225 -21.47 -26.76 -24.89
CA GLU J 225 -20.83 -28.06 -25.07
C GLU J 225 -21.75 -29.03 -25.79
N LYS J 226 -22.98 -29.17 -25.29
CA LYS J 226 -23.95 -30.05 -25.95
C LYS J 226 -24.18 -29.65 -27.39
N ALA J 227 -24.25 -28.34 -27.66
CA ALA J 227 -24.54 -27.85 -29.00
C ALA J 227 -23.45 -28.17 -30.00
N GLY J 228 -22.28 -28.60 -29.55
CA GLY J 228 -21.18 -28.90 -30.45
C GLY J 228 -20.26 -27.73 -30.73
N ILE J 229 -20.25 -26.71 -29.89
CA ILE J 229 -19.34 -25.58 -30.06
C ILE J 229 -17.94 -26.07 -29.74
N PRO J 230 -16.99 -26.01 -30.68
CA PRO J 230 -15.68 -26.62 -30.44
C PRO J 230 -14.99 -26.07 -29.20
N ALA J 231 -14.06 -26.85 -28.68
CA ALA J 231 -13.33 -26.46 -27.48
C ALA J 231 -12.51 -25.20 -27.75
N GLY J 232 -12.51 -24.30 -26.78
CA GLY J 232 -11.79 -23.05 -26.88
C GLY J 232 -12.56 -21.91 -27.49
N VAL J 233 -13.63 -22.20 -28.25
CA VAL J 233 -14.40 -21.13 -28.87
C VAL J 233 -15.09 -20.27 -27.82
N ILE J 234 -15.49 -20.87 -26.69
CA ILE J 234 -16.14 -20.16 -25.61
C ILE J 234 -15.62 -20.69 -24.29
N ASN J 235 -15.11 -19.79 -23.44
CA ASN J 235 -14.53 -20.15 -22.17
C ASN J 235 -15.08 -19.25 -21.07
N VAL J 236 -15.24 -19.82 -19.88
CA VAL J 236 -15.74 -19.11 -18.71
C VAL J 236 -14.71 -19.26 -17.60
N VAL J 237 -14.14 -18.14 -17.17
CA VAL J 237 -13.14 -18.12 -16.10
C VAL J 237 -13.77 -17.43 -14.91
N THR J 238 -13.81 -18.13 -13.77
CA THR J 238 -14.42 -17.62 -12.55
C THR J 238 -13.36 -17.33 -11.50
N GLY J 239 -13.61 -16.33 -10.67
CA GLY J 239 -12.75 -16.07 -9.53
C GLY J 239 -12.34 -14.63 -9.35
N LYS J 240 -11.03 -14.40 -9.29
CA LYS J 240 -10.49 -13.08 -8.95
C LYS J 240 -10.72 -12.12 -10.11
N SER J 241 -11.60 -11.15 -9.91
CA SER J 241 -11.98 -10.25 -10.99
C SER J 241 -10.80 -9.42 -11.46
N GLN J 242 -10.08 -8.79 -10.54
CA GLN J 242 -9.00 -7.89 -10.93
C GLN J 242 -7.88 -8.64 -11.64
N GLU J 243 -7.53 -9.83 -11.15
CA GLU J 243 -6.46 -10.60 -11.77
C GLU J 243 -6.86 -11.09 -13.15
N ILE J 244 -8.08 -11.64 -13.27
CA ILE J 244 -8.55 -12.12 -14.57
C ILE J 244 -8.74 -10.96 -15.53
N GLY J 245 -9.32 -9.86 -15.06
CA GLY J 245 -9.54 -8.72 -15.94
C GLY J 245 -8.25 -8.10 -16.42
N SER J 246 -7.23 -8.08 -15.57
CA SER J 246 -5.93 -7.55 -15.98
C SER J 246 -5.39 -8.32 -17.18
N VAL J 247 -5.47 -9.64 -17.14
CA VAL J 247 -5.03 -10.46 -18.29
C VAL J 247 -5.89 -10.15 -19.51
N PHE J 248 -7.21 -10.06 -19.32
CA PHE J 248 -8.10 -9.85 -20.45
C PHE J 248 -7.83 -8.53 -21.15
N THR J 249 -7.48 -7.49 -20.38
CA THR J 249 -7.29 -6.15 -20.91
C THR J 249 -5.85 -5.85 -21.28
N SER J 250 -4.95 -6.83 -21.22
CA SER J 250 -3.56 -6.60 -21.54
C SER J 250 -2.92 -7.67 -22.42
N HIS J 251 -3.44 -8.90 -22.43
CA HIS J 251 -2.84 -9.94 -23.26
C HIS J 251 -2.86 -9.53 -24.72
N GLU J 252 -1.73 -9.74 -25.40
CA GLU J 252 -1.57 -9.25 -26.78
C GLU J 252 -2.61 -9.86 -27.71
N LYS J 253 -3.06 -11.08 -27.42
CA LYS J 253 -3.95 -11.79 -28.33
C LYS J 253 -5.42 -11.41 -28.17
N VAL J 254 -5.77 -10.70 -27.10
CA VAL J 254 -7.12 -10.17 -26.96
C VAL J 254 -7.20 -8.87 -27.75
N LYS J 255 -8.08 -8.84 -28.76
CA LYS J 255 -8.18 -7.69 -29.65
C LYS J 255 -9.37 -6.79 -29.33
N LYS J 256 -10.36 -7.29 -28.61
CA LYS J 256 -11.52 -6.49 -28.25
C LYS J 256 -11.95 -6.84 -26.83
N LEU J 257 -12.43 -5.82 -26.10
CA LEU J 257 -13.05 -5.99 -24.80
C LEU J 257 -14.50 -5.51 -24.89
N THR J 258 -15.42 -6.31 -24.34
CA THR J 258 -16.81 -5.90 -24.18
C THR J 258 -17.16 -6.06 -22.70
N PHE J 259 -17.60 -4.97 -22.07
CA PHE J 259 -17.84 -4.95 -20.64
C PHE J 259 -19.15 -4.24 -20.35
N THR J 260 -19.89 -4.78 -19.38
CA THR J 260 -21.12 -4.14 -18.89
C THR J 260 -21.06 -4.10 -17.37
N GLY J 261 -21.19 -2.90 -16.81
CA GLY J 261 -21.14 -2.74 -15.37
C GLY J 261 -21.08 -1.29 -14.93
N SER J 262 -20.34 -1.03 -13.86
CA SER J 262 -20.26 0.31 -13.31
C SER J 262 -19.31 1.18 -14.12
N THR J 263 -19.62 2.46 -14.20
CA THR J 263 -18.76 3.38 -14.94
C THR J 263 -17.34 3.44 -14.38
N PRO J 264 -17.12 3.52 -13.07
CA PRO J 264 -15.73 3.55 -12.58
C PRO J 264 -14.91 2.36 -13.05
N VAL J 265 -15.49 1.16 -13.05
CA VAL J 265 -14.78 -0.01 -13.56
C VAL J 265 -14.55 0.13 -15.06
N GLY J 266 -15.53 0.67 -15.79
CA GLY J 266 -15.35 0.89 -17.21
C GLY J 266 -14.20 1.83 -17.51
N ARG J 267 -14.06 2.89 -16.71
CA ARG J 267 -12.93 3.80 -16.89
C ARG J 267 -11.60 3.06 -16.70
N LEU J 268 -11.54 2.16 -15.71
CA LEU J 268 -10.31 1.43 -15.46
C LEU J 268 -10.00 0.45 -16.57
N LEU J 269 -10.99 -0.36 -16.95
CA LEU J 269 -10.77 -1.34 -18.01
C LEU J 269 -10.35 -0.66 -19.31
N MET J 270 -11.05 0.42 -19.69
CA MET J 270 -10.66 1.15 -20.88
C MET J 270 -9.22 1.66 -20.77
N GLN J 271 -8.82 2.09 -19.56
CA GLN J 271 -7.46 2.57 -19.35
C GLN J 271 -6.45 1.43 -19.54
N GLN J 272 -6.75 0.26 -18.98
CA GLN J 272 -5.84 -0.88 -19.12
C GLN J 272 -5.74 -1.33 -20.57
N CYS J 273 -6.82 -1.21 -21.34
CA CYS J 273 -6.82 -1.58 -22.75
C CYS J 273 -5.98 -0.63 -23.60
N SER J 274 -5.58 0.52 -23.08
CA SER J 274 -4.93 1.53 -23.89
C SER J 274 -3.55 1.09 -24.36
N SER J 275 -2.83 0.31 -23.55
CA SER J 275 -1.46 -0.05 -23.88
C SER J 275 -1.36 -0.89 -25.15
N THR J 276 -2.43 -1.57 -25.55
CA THR J 276 -2.46 -2.34 -26.79
C THR J 276 -3.56 -1.88 -27.74
N ILE J 277 -4.19 -0.74 -27.48
CA ILE J 277 -5.16 -0.15 -28.39
C ILE J 277 -6.27 -1.15 -28.72
N LYS J 278 -6.82 -1.80 -27.69
CA LYS J 278 -7.87 -2.77 -27.91
C LYS J 278 -9.17 -2.08 -28.28
N LYS J 279 -9.94 -2.73 -29.15
CA LYS J 279 -11.28 -2.25 -29.47
C LYS J 279 -12.19 -2.42 -28.25
N LEU J 280 -13.13 -1.50 -28.11
CA LEU J 280 -13.93 -1.36 -26.90
C LEU J 280 -15.42 -1.46 -27.19
N ALA J 281 -16.13 -2.11 -26.27
CA ALA J 281 -17.58 -2.06 -26.19
C ALA J 281 -17.93 -1.93 -24.72
N LEU J 282 -18.58 -0.82 -24.36
CA LEU J 282 -18.88 -0.53 -22.96
C LEU J 282 -20.34 -0.15 -22.82
N GLU J 283 -21.01 -0.75 -21.85
CA GLU J 283 -22.36 -0.38 -21.44
C GLU J 283 -22.29 -0.13 -19.93
N LEU J 284 -22.27 1.14 -19.54
CA LEU J 284 -21.95 1.50 -18.16
C LEU J 284 -23.17 2.03 -17.41
N GLY J 285 -22.97 3.05 -16.59
CA GLY J 285 -24.04 3.55 -15.76
C GLY J 285 -25.14 4.22 -16.56
N GLY J 286 -26.31 4.29 -15.94
CA GLY J 286 -27.45 4.96 -16.53
C GLY J 286 -28.34 5.57 -15.47
N ASN J 287 -28.59 6.87 -15.58
CA ASN J 287 -29.46 7.58 -14.66
C ASN J 287 -30.73 7.96 -15.42
N ALA J 288 -31.50 6.94 -15.77
CA ALA J 288 -32.58 7.10 -16.74
C ALA J 288 -33.63 8.06 -16.21
N PRO J 289 -34.00 9.11 -16.96
CA PRO J 289 -35.17 9.91 -16.58
C PRO J 289 -36.42 9.45 -17.31
N LEU J 290 -37.56 9.58 -16.63
CA LEU J 290 -38.86 9.28 -17.22
C LEU J 290 -39.73 10.52 -17.02
N ILE J 291 -40.04 11.22 -18.10
CA ILE J 291 -40.76 12.48 -18.05
C ILE J 291 -42.21 12.24 -18.44
N VAL J 292 -43.13 12.72 -17.62
CA VAL J 292 -44.56 12.59 -17.85
C VAL J 292 -45.14 14.00 -17.90
N PHE J 293 -45.45 14.47 -19.10
CA PHE J 293 -46.07 15.78 -19.26
C PHE J 293 -47.56 15.71 -18.95
N ASP J 294 -48.15 16.87 -18.72
CA ASP J 294 -49.55 16.92 -18.30
C ASP J 294 -50.51 16.50 -19.41
N ASP J 295 -50.06 16.50 -20.67
CA ASP J 295 -50.88 16.07 -21.79
C ASP J 295 -50.69 14.59 -22.11
N ALA J 296 -50.15 13.82 -21.17
CA ALA J 296 -49.90 12.40 -21.40
C ALA J 296 -51.13 11.57 -21.05
N ASP J 297 -51.14 10.34 -21.56
CA ASP J 297 -52.12 9.34 -21.14
C ASP J 297 -51.74 8.90 -19.73
N LEU J 298 -52.48 9.38 -18.73
CA LEU J 298 -52.05 9.20 -17.34
C LEU J 298 -51.94 7.72 -16.98
N ASP J 299 -52.96 6.93 -17.29
CA ASP J 299 -52.91 5.51 -16.96
C ASP J 299 -51.79 4.81 -17.70
N LYS J 300 -51.60 5.13 -18.98
CA LYS J 300 -50.52 4.52 -19.75
C LYS J 300 -49.16 4.87 -19.16
N ALA J 301 -49.00 6.11 -18.67
CA ALA J 301 -47.72 6.53 -18.11
C ALA J 301 -47.47 5.85 -16.77
N VAL J 302 -48.51 5.67 -15.95
CA VAL J 302 -48.33 5.02 -14.66
C VAL J 302 -47.86 3.58 -14.84
N GLN J 303 -48.59 2.82 -15.67
CA GLN J 303 -48.21 1.43 -15.90
C GLN J 303 -46.83 1.35 -16.56
N GLY J 304 -46.52 2.29 -17.45
CA GLY J 304 -45.21 2.28 -18.07
C GLY J 304 -44.09 2.60 -17.10
N ALA J 305 -44.33 3.54 -16.18
CA ALA J 305 -43.32 3.88 -15.18
C ALA J 305 -43.15 2.73 -14.19
N ILE J 306 -44.25 2.09 -13.79
CA ILE J 306 -44.15 0.95 -12.89
C ILE J 306 -43.23 -0.11 -13.47
N PHE J 307 -43.42 -0.44 -14.75
CA PHE J 307 -42.56 -1.42 -15.40
C PHE J 307 -41.12 -0.95 -15.49
N ALA J 308 -40.92 0.32 -15.84
CA ALA J 308 -39.56 0.84 -15.98
C ALA J 308 -38.83 0.89 -14.65
N LYS J 309 -39.58 1.06 -13.54
CA LYS J 309 -38.96 1.25 -12.24
C LYS J 309 -38.67 -0.07 -11.54
N PHE J 310 -39.66 -0.95 -11.46
CA PHE J 310 -39.60 -2.10 -10.55
C PHE J 310 -39.27 -3.42 -11.24
N ARG J 311 -38.94 -3.39 -12.53
CA ARG J 311 -38.44 -4.60 -13.17
C ARG J 311 -37.09 -4.97 -12.56
N ASN J 312 -36.97 -6.22 -12.13
CA ASN J 312 -35.75 -6.73 -11.49
C ASN J 312 -35.47 -5.99 -10.18
N ALA J 313 -36.54 -5.53 -9.52
CA ALA J 313 -36.43 -4.80 -8.24
C ALA J 313 -35.66 -3.49 -8.41
N GLY J 314 -35.69 -2.92 -9.61
CA GLY J 314 -34.99 -1.68 -9.88
C GLY J 314 -33.52 -1.82 -10.20
N GLN J 315 -33.02 -3.05 -10.34
CA GLN J 315 -31.59 -3.29 -10.53
C GLN J 315 -31.28 -3.55 -12.00
N THR J 316 -31.61 -2.56 -12.84
CA THR J 316 -31.34 -2.61 -14.27
C THR J 316 -30.72 -1.30 -14.71
N CYS J 317 -29.73 -1.40 -15.61
CA CYS J 317 -29.05 -0.21 -16.10
CA CYS J 317 -29.04 -0.20 -16.09
C CYS J 317 -29.99 0.79 -16.77
N VAL J 318 -31.15 0.33 -17.24
CA VAL J 318 -32.10 1.20 -17.93
C VAL J 318 -33.33 1.49 -17.08
N CYS J 319 -33.32 1.10 -15.80
CA CYS J 319 -34.46 1.35 -14.94
C CYS J 319 -34.61 2.85 -14.69
N ALA J 320 -35.87 3.30 -14.60
CA ALA J 320 -36.17 4.70 -14.34
C ALA J 320 -35.67 5.12 -12.97
N ASN J 321 -34.64 5.96 -12.93
CA ASN J 321 -34.08 6.45 -11.67
C ASN J 321 -34.71 7.76 -11.24
N ARG J 322 -35.15 8.59 -12.19
CA ARG J 322 -35.79 9.86 -11.91
C ARG J 322 -37.09 9.92 -12.69
N ILE J 323 -38.20 10.12 -11.99
CA ILE J 323 -39.53 10.15 -12.59
C ILE J 323 -40.06 11.58 -12.46
N TYR J 324 -39.88 12.37 -13.51
CA TYR J 324 -40.39 13.73 -13.53
C TYR J 324 -41.87 13.71 -13.93
N VAL J 325 -42.70 14.41 -13.15
CA VAL J 325 -44.13 14.48 -13.39
C VAL J 325 -44.56 15.93 -13.32
N HIS J 326 -45.36 16.36 -14.30
CA HIS J 326 -45.77 17.75 -14.40
C HIS J 326 -46.68 18.13 -13.24
N ASP J 327 -46.68 19.41 -12.90
CA ASP J 327 -47.37 19.88 -11.71
C ASP J 327 -48.87 19.59 -11.78
N ASN J 328 -49.47 19.73 -12.98
CA ASN J 328 -50.91 19.61 -13.12
C ASN J 328 -51.42 18.18 -12.97
N ILE J 329 -50.55 17.18 -12.96
CA ILE J 329 -50.98 15.79 -12.84
C ILE J 329 -50.18 15.08 -11.76
N TYR J 330 -49.35 15.83 -11.02
CA TYR J 330 -48.46 15.22 -10.04
C TYR J 330 -49.25 14.45 -8.99
N GLN J 331 -50.31 15.06 -8.46
CA GLN J 331 -51.07 14.41 -7.39
C GLN J 331 -51.77 13.17 -7.90
N ALA J 332 -52.44 13.26 -9.05
CA ALA J 332 -53.13 12.10 -9.60
C ALA J 332 -52.16 10.99 -9.98
N PHE J 333 -51.01 11.36 -10.55
CA PHE J 333 -50.02 10.35 -10.90
C PHE J 333 -49.47 9.66 -9.65
N ALA J 334 -49.19 10.44 -8.61
CA ALA J 334 -48.64 9.85 -7.38
C ALA J 334 -49.63 8.89 -6.73
N GLU J 335 -50.91 9.27 -6.70
CA GLU J 335 -51.90 8.40 -6.08
C GLU J 335 -52.03 7.08 -6.84
N LYS J 336 -52.14 7.14 -8.17
CA LYS J 336 -52.22 5.93 -8.96
C LYS J 336 -50.93 5.11 -8.83
N PHE J 337 -49.78 5.76 -8.88
CA PHE J 337 -48.51 5.05 -8.81
C PHE J 337 -48.38 4.28 -7.50
N VAL J 338 -48.77 4.91 -6.39
CA VAL J 338 -48.63 4.26 -5.08
C VAL J 338 -49.62 3.10 -4.96
N GLN J 339 -50.83 3.25 -5.52
CA GLN J 339 -51.79 2.15 -5.49
C GLN J 339 -51.21 0.91 -6.15
N GLU J 340 -50.46 1.08 -7.24
CA GLU J 340 -49.88 -0.07 -7.92
C GLU J 340 -48.72 -0.66 -7.13
N VAL J 341 -47.89 0.19 -6.53
CA VAL J 341 -46.75 -0.29 -5.77
C VAL J 341 -47.20 -1.10 -4.55
N GLN J 342 -48.34 -0.76 -3.99
CA GLN J 342 -48.84 -1.45 -2.79
C GLN J 342 -49.44 -2.82 -3.10
N LYS J 343 -49.68 -3.13 -4.38
CA LYS J 343 -50.09 -4.47 -4.76
C LYS J 343 -48.92 -5.44 -4.89
N PHE J 344 -47.69 -4.95 -4.81
CA PHE J 344 -46.53 -5.80 -5.04
C PHE J 344 -46.43 -6.88 -3.96
N LYS J 345 -46.15 -8.11 -4.39
CA LYS J 345 -45.86 -9.22 -3.51
C LYS J 345 -44.34 -9.38 -3.43
N VAL J 346 -43.79 -9.19 -2.24
CA VAL J 346 -42.35 -9.29 -2.01
C VAL J 346 -42.06 -10.63 -1.34
N GLY J 347 -41.01 -11.29 -1.80
CA GLY J 347 -40.62 -12.55 -1.19
C GLY J 347 -39.68 -13.33 -2.09
N ASN J 348 -39.51 -14.60 -1.75
CA ASN J 348 -38.61 -15.47 -2.48
C ASN J 348 -39.07 -15.61 -3.94
N GLY J 349 -38.11 -15.58 -4.85
CA GLY J 349 -38.42 -15.62 -6.27
C GLY J 349 -39.07 -16.90 -6.74
N LEU J 350 -39.08 -17.94 -5.90
CA LEU J 350 -39.70 -19.20 -6.26
C LEU J 350 -41.18 -19.28 -5.85
N GLU J 351 -41.63 -18.39 -4.99
CA GLU J 351 -43.03 -18.40 -4.57
C GLU J 351 -43.94 -17.90 -5.69
N ASP J 352 -45.18 -18.38 -5.68
CA ASP J 352 -46.14 -18.02 -6.71
C ASP J 352 -46.55 -16.56 -6.55
N GLY J 353 -46.59 -15.83 -7.66
CA GLY J 353 -47.04 -14.47 -7.69
C GLY J 353 -46.05 -13.44 -7.17
N VAL J 354 -44.87 -13.86 -6.70
CA VAL J 354 -43.89 -12.91 -6.20
C VAL J 354 -43.43 -12.03 -7.36
N GLN J 355 -43.29 -10.73 -7.08
CA GLN J 355 -42.92 -9.75 -8.09
C GLN J 355 -41.66 -8.97 -7.77
N ILE J 356 -41.29 -8.85 -6.49
CA ILE J 356 -40.11 -8.11 -6.07
C ILE J 356 -39.23 -9.04 -5.24
N GLY J 357 -38.00 -9.25 -5.69
CA GLY J 357 -37.05 -10.08 -4.99
C GLY J 357 -36.11 -9.27 -4.13
N PRO J 358 -35.09 -9.92 -3.58
CA PRO J 358 -34.12 -9.22 -2.74
C PRO J 358 -33.01 -8.55 -3.56
N LEU J 359 -32.47 -7.49 -2.99
CA LEU J 359 -31.30 -6.83 -3.58
C LEU J 359 -30.11 -7.78 -3.55
N ILE J 360 -29.07 -7.43 -4.31
CA ILE J 360 -27.98 -8.36 -4.54
C ILE J 360 -27.13 -8.52 -3.29
N ASN J 361 -26.91 -7.44 -2.53
CA ASN J 361 -26.04 -7.50 -1.37
C ASN J 361 -26.41 -6.39 -0.40
N GLU J 362 -25.70 -6.35 0.73
CA GLU J 362 -26.01 -5.38 1.79
C GLU J 362 -25.65 -3.97 1.37
N LYS J 363 -24.56 -3.80 0.60
CA LYS J 363 -24.16 -2.48 0.15
C LYS J 363 -25.33 -1.75 -0.52
N ALA J 364 -26.07 -2.47 -1.37
CA ALA J 364 -27.20 -1.84 -2.07
C ALA J 364 -28.25 -1.36 -1.09
N VAL J 365 -28.49 -2.12 -0.02
CA VAL J 365 -29.50 -1.72 0.96
C VAL J 365 -29.07 -0.44 1.67
N LEU J 366 -27.79 -0.33 2.04
CA LEU J 366 -27.32 0.88 2.71
C LEU J 366 -27.41 2.09 1.79
N LYS J 367 -26.99 1.94 0.53
CA LYS J 367 -27.04 3.06 -0.40
C LYS J 367 -28.46 3.54 -0.62
N ALA J 368 -29.40 2.60 -0.79
CA ALA J 368 -30.80 2.97 -0.93
C ALA J 368 -31.28 3.74 0.29
N GLN J 369 -30.99 3.21 1.48
CA GLN J 369 -31.41 3.89 2.71
C GLN J 369 -30.78 5.27 2.81
N GLN J 370 -29.49 5.39 2.48
CA GLN J 370 -28.83 6.68 2.58
C GLN J 370 -29.45 7.70 1.62
N LEU J 371 -29.72 7.28 0.38
CA LEU J 371 -30.31 8.20 -0.58
C LEU J 371 -31.70 8.64 -0.15
N ILE J 372 -32.48 7.73 0.43
CA ILE J 372 -33.80 8.09 0.93
C ILE J 372 -33.67 9.03 2.13
N ASP J 373 -32.79 8.70 3.07
CA ASP J 373 -32.60 9.56 4.23
C ASP J 373 -32.18 10.97 3.81
N ASP J 374 -31.31 11.07 2.80
CA ASP J 374 -30.90 12.39 2.34
C ASP J 374 -32.09 13.17 1.77
N ALA J 375 -32.92 12.51 0.96
CA ALA J 375 -34.06 13.19 0.37
C ALA J 375 -35.05 13.65 1.43
N VAL J 376 -35.31 12.79 2.42
CA VAL J 376 -36.25 13.16 3.48
C VAL J 376 -35.75 14.37 4.25
N SER J 377 -34.45 14.42 4.52
CA SER J 377 -33.87 15.55 5.26
C SER J 377 -33.99 16.86 4.48
N LYS J 378 -34.31 16.81 3.19
CA LYS J 378 -34.45 18.00 2.37
C LYS J 378 -35.90 18.21 1.92
N GLY J 379 -36.87 17.61 2.62
CA GLY J 379 -38.26 17.87 2.39
C GLY J 379 -39.03 16.80 1.65
N ALA J 380 -38.37 15.72 1.24
CA ALA J 380 -39.06 14.66 0.51
C ALA J 380 -39.93 13.86 1.46
N LYS J 381 -41.12 13.49 0.98
CA LYS J 381 -42.06 12.68 1.74
C LYS J 381 -42.02 11.23 1.28
N ILE J 382 -42.20 10.32 2.22
CA ILE J 382 -42.26 8.88 1.92
C ILE J 382 -43.74 8.53 1.74
N ALA J 383 -44.13 8.24 0.51
CA ALA J 383 -45.50 7.84 0.24
C ALA J 383 -45.77 6.39 0.63
N CYS J 384 -44.74 5.54 0.55
CA CYS J 384 -44.84 4.17 1.01
C CYS J 384 -43.44 3.57 1.01
N GLY J 385 -43.24 2.57 1.87
CA GLY J 385 -41.92 1.95 1.99
C GLY J 385 -40.97 2.82 2.79
N GLY J 386 -39.69 2.77 2.39
CA GLY J 386 -38.67 3.63 2.95
C GLY J 386 -37.68 2.96 3.88
N LYS J 387 -37.85 1.68 4.19
CA LYS J 387 -36.96 0.98 5.11
C LYS J 387 -36.66 -0.40 4.53
N GLN J 388 -36.11 -1.28 5.37
CA GLN J 388 -35.82 -2.65 5.00
C GLN J 388 -37.07 -3.49 5.21
N HIS J 389 -37.26 -4.48 4.35
CA HIS J 389 -38.46 -5.31 4.41
C HIS J 389 -38.41 -6.22 5.64
N ALA J 390 -39.59 -6.59 6.14
CA ALA J 390 -39.67 -7.46 7.31
C ALA J 390 -38.99 -8.80 7.08
N LEU J 391 -38.80 -9.21 5.82
CA LEU J 391 -38.16 -10.48 5.51
C LEU J 391 -36.65 -10.46 5.75
N GLY J 392 -36.09 -9.32 6.12
CA GLY J 392 -34.67 -9.27 6.41
C GLY J 392 -33.83 -9.52 5.17
N GLN J 393 -32.70 -10.18 5.38
CA GLN J 393 -31.73 -10.47 4.31
C GLN J 393 -31.45 -9.15 3.60
N THR J 394 -31.49 -9.09 2.27
CA THR J 394 -31.30 -7.84 1.54
C THR J 394 -32.60 -7.35 0.91
N PHE J 395 -33.74 -7.81 1.41
CA PHE J 395 -35.03 -7.35 0.91
C PHE J 395 -35.25 -5.89 1.29
N TYR J 396 -35.69 -5.08 0.32
CA TYR J 396 -36.05 -3.70 0.56
C TYR J 396 -37.49 -3.46 0.14
N GLU J 397 -38.19 -2.63 0.91
CA GLU J 397 -39.60 -2.36 0.61
C GLU J 397 -39.70 -1.52 -0.66
N PRO J 398 -40.58 -1.88 -1.60
CA PRO J 398 -40.85 -0.96 -2.72
C PRO J 398 -41.31 0.39 -2.18
N SER J 399 -40.58 1.43 -2.55
CA SER J 399 -40.75 2.74 -1.95
C SER J 399 -41.06 3.79 -3.02
N VAL J 400 -41.78 4.82 -2.60
CA VAL J 400 -42.12 5.96 -3.45
C VAL J 400 -41.87 7.23 -2.65
N LEU J 401 -41.10 8.14 -3.22
CA LEU J 401 -40.81 9.44 -2.61
C LEU J 401 -41.50 10.53 -3.44
N THR J 402 -42.16 11.45 -2.74
CA THR J 402 -42.76 12.62 -3.36
C THR J 402 -42.02 13.87 -2.89
N ASN J 403 -42.22 14.96 -3.63
CA ASN J 403 -41.61 16.25 -3.32
C ASN J 403 -40.09 16.22 -3.47
N VAL J 404 -39.60 15.43 -4.42
CA VAL J 404 -38.17 15.36 -4.70
C VAL J 404 -37.78 16.52 -5.60
N ASP J 405 -36.55 16.99 -5.46
CA ASP J 405 -36.02 18.07 -6.30
C ASP J 405 -34.56 17.77 -6.64
N ARG J 406 -33.97 18.66 -7.42
CA ARG J 406 -32.64 18.41 -7.98
C ARG J 406 -31.52 18.50 -6.95
N THR J 407 -31.79 19.09 -5.78
CA THR J 407 -30.75 19.24 -4.77
C THR J 407 -30.51 17.97 -3.96
N MET J 408 -31.28 16.92 -4.19
CA MET J 408 -31.16 15.68 -3.42
C MET J 408 -30.23 14.70 -4.12
N GLU J 409 -29.48 13.95 -3.32
CA GLU J 409 -28.49 13.04 -3.89
C GLU J 409 -29.12 11.93 -4.72
N ILE J 410 -30.37 11.56 -4.41
CA ILE J 410 -31.02 10.48 -5.14
C ILE J 410 -31.20 10.83 -6.61
N VAL J 411 -31.11 12.11 -6.96
CA VAL J 411 -31.23 12.53 -8.35
C VAL J 411 -29.92 12.45 -9.11
N GLN J 412 -28.78 12.45 -8.41
CA GLN J 412 -27.47 12.41 -9.03
C GLN J 412 -26.81 11.03 -8.95
N GLU J 413 -27.43 10.08 -8.25
CA GLU J 413 -26.85 8.77 -8.02
C GLU J 413 -27.85 7.70 -8.43
N GLU J 414 -27.32 6.55 -8.86
CA GLU J 414 -28.17 5.42 -9.21
C GLU J 414 -28.56 4.65 -7.95
N ILE J 415 -29.86 4.42 -7.78
CA ILE J 415 -30.34 3.71 -6.60
C ILE J 415 -30.12 2.21 -6.75
N PHE J 416 -30.35 1.69 -7.96
CA PHE J 416 -30.32 0.25 -8.21
C PHE J 416 -31.18 -0.49 -7.17
N GLY J 417 -32.38 0.04 -6.94
CA GLY J 417 -33.29 -0.52 -6.00
C GLY J 417 -34.73 -0.13 -6.28
N PRO J 418 -35.68 -0.70 -5.55
CA PRO J 418 -37.10 -0.44 -5.82
C PRO J 418 -37.60 0.83 -5.14
N VAL J 419 -37.02 1.97 -5.53
CA VAL J 419 -37.35 3.26 -4.95
C VAL J 419 -37.66 4.22 -6.09
N ALA J 420 -38.84 4.81 -6.07
CA ALA J 420 -39.30 5.69 -7.13
C ALA J 420 -39.33 7.13 -6.64
N PRO J 421 -38.39 7.99 -7.04
CA PRO J 421 -38.48 9.41 -6.67
C PRO J 421 -39.27 10.21 -7.70
N LEU J 422 -40.42 10.72 -7.29
CA LEU J 422 -41.28 11.52 -8.15
C LEU J 422 -40.87 12.99 -8.02
N ILE J 423 -40.50 13.60 -9.15
CA ILE J 423 -39.96 14.95 -9.18
C ILE J 423 -40.95 15.86 -9.90
N ARG J 424 -41.32 16.95 -9.25
CA ARG J 424 -42.27 17.89 -9.83
C ARG J 424 -41.56 18.85 -10.79
N PHE J 425 -42.28 19.24 -11.84
CA PHE J 425 -41.75 20.20 -12.79
C PHE J 425 -42.93 20.88 -13.48
N THR J 426 -42.63 21.99 -14.16
CA THR J 426 -43.67 22.72 -14.88
C THR J 426 -43.21 23.10 -16.28
N ASP J 427 -41.98 23.60 -16.41
CA ASP J 427 -41.47 24.08 -17.68
C ASP J 427 -40.82 22.95 -18.48
N GLU J 428 -40.99 23.00 -19.80
CA GLU J 428 -40.45 21.95 -20.65
C GLU J 428 -38.94 22.08 -20.78
N ALA J 429 -38.45 23.28 -21.09
CA ALA J 429 -37.00 23.47 -21.22
C ALA J 429 -36.27 23.08 -19.94
N ASP J 430 -36.88 23.35 -18.78
CA ASP J 430 -36.22 23.07 -17.52
C ASP J 430 -36.10 21.56 -17.27
N VAL J 431 -37.18 20.81 -17.52
CA VAL J 431 -37.13 19.37 -17.26
C VAL J 431 -36.17 18.69 -18.22
N VAL J 432 -36.12 19.15 -19.47
CA VAL J 432 -35.16 18.59 -20.42
C VAL J 432 -33.74 18.87 -19.94
N ALA J 433 -33.49 20.08 -19.43
CA ALA J 433 -32.18 20.39 -18.88
C ALA J 433 -31.83 19.49 -17.71
N GLN J 434 -32.77 19.30 -16.79
CA GLN J 434 -32.55 18.39 -15.67
C GLN J 434 -32.32 16.97 -16.16
N ALA J 435 -33.08 16.54 -17.17
CA ALA J 435 -32.89 15.19 -17.72
C ALA J 435 -31.46 15.01 -18.22
N ASN J 436 -30.94 16.01 -18.93
CA ASN J 436 -29.61 15.92 -19.52
C ASN J 436 -28.49 16.27 -18.54
N ASP J 437 -28.82 16.76 -17.35
CA ASP J 437 -27.80 17.18 -16.37
C ASP J 437 -27.23 15.94 -15.67
N THR J 438 -26.40 15.21 -16.41
CA THR J 438 -25.81 13.97 -15.93
C THR J 438 -24.72 13.55 -16.90
N ILE J 439 -23.73 12.81 -16.39
CA ILE J 439 -22.68 12.29 -17.26
C ILE J 439 -23.14 11.10 -18.08
N PHE J 440 -24.33 10.57 -17.80
CA PHE J 440 -24.82 9.36 -18.45
C PHE J 440 -25.74 9.72 -19.62
N GLY J 441 -26.07 8.69 -20.41
CA GLY J 441 -26.91 8.87 -21.57
C GLY J 441 -27.31 7.54 -22.18
N LEU J 442 -27.82 6.64 -21.33
CA LEU J 442 -28.20 5.30 -21.79
C LEU J 442 -29.63 5.29 -22.30
N ALA J 443 -30.61 5.28 -21.38
CA ALA J 443 -32.01 5.21 -21.75
C ALA J 443 -32.77 6.37 -21.13
N ALA J 444 -33.84 6.76 -21.81
CA ALA J 444 -34.75 7.80 -21.32
C ALA J 444 -36.15 7.47 -21.80
N TYR J 445 -37.14 8.11 -21.19
CA TYR J 445 -38.54 7.85 -21.50
C TYR J 445 -39.34 9.14 -21.44
N VAL J 446 -40.28 9.29 -22.36
CA VAL J 446 -41.11 10.49 -22.47
C VAL J 446 -42.54 10.05 -22.74
N TYR J 447 -43.48 10.60 -21.97
CA TYR J 447 -44.91 10.34 -22.16
C TYR J 447 -45.61 11.66 -22.48
N SER J 448 -46.24 11.71 -23.65
CA SER J 448 -46.96 12.90 -24.10
C SER J 448 -47.77 12.59 -25.34
N GLU J 449 -49.02 13.00 -25.38
CA GLU J 449 -49.88 12.79 -26.53
C GLU J 449 -49.75 13.90 -27.56
N ASN J 450 -48.84 14.85 -27.36
CA ASN J 450 -48.57 15.92 -28.32
C ASN J 450 -47.42 15.49 -29.21
N ILE J 451 -47.67 15.44 -30.52
CA ILE J 451 -46.66 14.92 -31.45
C ILE J 451 -45.42 15.82 -31.43
N SER J 452 -45.64 17.13 -31.56
CA SER J 452 -44.51 18.06 -31.61
C SER J 452 -43.65 17.94 -30.36
N ARG J 453 -44.27 17.95 -29.19
CA ARG J 453 -43.51 17.85 -27.95
C ARG J 453 -42.81 16.50 -27.84
N LEU J 454 -43.50 15.43 -28.20
CA LEU J 454 -42.90 14.10 -28.10
C LEU J 454 -41.63 14.02 -28.92
N TRP J 455 -41.66 14.53 -30.15
CA TRP J 455 -40.47 14.49 -31.01
C TRP J 455 -39.44 15.51 -30.57
N ARG J 456 -39.89 16.72 -30.21
CA ARG J 456 -38.96 17.77 -29.79
C ARG J 456 -38.15 17.32 -28.58
N VAL J 457 -38.81 16.71 -27.59
CA VAL J 457 -38.11 16.33 -26.37
C VAL J 457 -37.18 15.15 -26.63
N SER J 458 -37.65 14.15 -27.36
CA SER J 458 -36.83 12.96 -27.60
C SER J 458 -35.57 13.32 -28.39
N GLU J 459 -35.68 14.24 -29.34
CA GLU J 459 -34.50 14.67 -30.09
C GLU J 459 -33.54 15.46 -29.22
N GLN J 460 -34.06 16.15 -28.20
CA GLN J 460 -33.23 16.94 -27.31
C GLN J 460 -32.58 16.11 -26.19
N LEU J 461 -33.15 14.95 -25.87
CA LEU J 461 -32.61 14.10 -24.82
C LEU J 461 -31.32 13.43 -25.32
N GLU J 462 -30.21 13.70 -24.62
CA GLU J 462 -28.91 13.14 -25.01
C GLU J 462 -28.82 11.72 -24.46
N TYR J 463 -29.51 10.80 -25.13
CA TYR J 463 -29.55 9.40 -24.73
C TYR J 463 -29.53 8.52 -25.97
N GLY J 464 -28.98 7.31 -25.81
CA GLY J 464 -28.92 6.37 -26.91
C GLY J 464 -30.23 5.67 -27.21
N MET J 465 -31.18 5.73 -26.27
CA MET J 465 -32.47 5.08 -26.44
C MET J 465 -33.52 5.93 -25.75
N VAL J 466 -34.64 6.17 -26.43
CA VAL J 466 -35.71 7.01 -25.91
C VAL J 466 -37.04 6.30 -26.15
N GLY J 467 -37.66 5.81 -25.09
CA GLY J 467 -39.00 5.28 -25.19
C GLY J 467 -39.99 6.41 -25.29
N MET J 468 -40.79 6.42 -26.35
CA MET J 468 -41.77 7.49 -26.62
C MET J 468 -43.15 6.88 -26.40
N ASN J 469 -43.76 7.21 -25.25
CA ASN J 469 -45.01 6.58 -24.81
C ASN J 469 -44.85 5.08 -24.65
N ALA J 470 -43.65 4.64 -24.26
CA ALA J 470 -43.38 3.22 -24.07
C ALA J 470 -42.15 3.08 -23.18
N THR J 471 -42.09 1.96 -22.45
CA THR J 471 -40.95 1.66 -21.59
C THR J 471 -40.40 0.25 -21.79
N ALA J 472 -41.12 -0.64 -22.47
CA ALA J 472 -40.64 -1.99 -22.74
C ALA J 472 -39.83 -1.95 -24.03
N ILE J 473 -38.59 -1.46 -23.91
CA ILE J 473 -37.76 -1.15 -25.07
C ILE J 473 -36.75 -2.24 -25.39
N SER J 474 -36.67 -3.29 -24.56
CA SER J 474 -35.61 -4.27 -24.67
C SER J 474 -36.02 -5.41 -25.59
N ASN J 475 -35.26 -5.58 -26.67
CA ASN J 475 -35.41 -6.73 -27.56
C ASN J 475 -34.12 -6.85 -28.37
N GLU J 476 -34.02 -7.95 -29.12
CA GLU J 476 -32.74 -8.30 -29.76
C GLU J 476 -32.53 -7.59 -31.09
N VAL J 477 -33.56 -7.00 -31.69
CA VAL J 477 -33.43 -6.41 -33.03
C VAL J 477 -33.13 -4.91 -32.99
N VAL J 478 -33.24 -4.28 -31.83
CA VAL J 478 -33.00 -2.84 -31.72
C VAL J 478 -31.59 -2.60 -31.22
N PRO J 479 -30.94 -1.49 -31.59
CA PRO J 479 -29.56 -1.24 -31.15
C PRO J 479 -29.51 -0.74 -29.72
N PHE J 480 -29.02 -1.60 -28.82
CA PHE J 480 -28.98 -1.31 -27.40
C PHE J 480 -27.63 -0.70 -27.02
N GLY J 481 -27.65 0.49 -26.45
CA GLY J 481 -26.43 1.16 -26.06
C GLY J 481 -26.69 2.59 -25.65
N GLY J 482 -25.62 3.24 -25.19
CA GLY J 482 -25.72 4.59 -24.67
C GLY J 482 -24.68 5.52 -25.31
N VAL J 483 -24.75 6.79 -24.88
CA VAL J 483 -23.81 7.81 -25.31
C VAL J 483 -23.16 8.41 -24.07
N LYS J 484 -22.29 9.40 -24.26
CA LYS J 484 -21.59 10.03 -23.15
C LYS J 484 -20.90 8.96 -22.31
N GLN J 485 -20.95 9.06 -20.98
CA GLN J 485 -20.26 8.09 -20.13
C GLN J 485 -21.08 6.83 -19.88
N SER J 486 -22.19 6.64 -20.59
CA SER J 486 -22.90 5.37 -20.54
C SER J 486 -22.27 4.31 -21.42
N GLY J 487 -21.27 4.66 -22.21
CA GLY J 487 -20.46 3.69 -22.92
C GLY J 487 -20.43 3.96 -24.41
N VAL J 488 -19.92 2.96 -25.15
CA VAL J 488 -19.81 3.03 -26.59
C VAL J 488 -20.21 1.67 -27.16
N GLY J 489 -20.67 1.69 -28.41
CA GLY J 489 -21.07 0.47 -29.09
C GLY J 489 -22.52 0.11 -28.84
N ARG J 490 -22.97 -0.91 -29.58
CA ARG J 490 -24.36 -1.34 -29.52
C ARG J 490 -24.42 -2.86 -29.50
N GLU J 491 -25.42 -3.39 -28.82
CA GLU J 491 -25.65 -4.82 -28.73
C GLU J 491 -27.01 -5.16 -29.34
N GLY J 492 -27.07 -6.29 -30.02
CA GLY J 492 -28.25 -6.65 -30.79
C GLY J 492 -28.36 -5.80 -32.04
N SER J 493 -29.31 -6.15 -32.91
CA SER J 493 -29.65 -5.35 -34.08
C SER J 493 -28.64 -5.50 -35.21
N LYS J 494 -28.87 -4.76 -36.31
CA LYS J 494 -27.96 -4.79 -37.44
C LYS J 494 -26.59 -4.22 -37.10
N TYR J 495 -26.49 -3.43 -36.04
CA TYR J 495 -25.23 -2.80 -35.66
C TYR J 495 -24.40 -3.64 -34.69
N GLY J 496 -24.98 -4.70 -34.14
CA GLY J 496 -24.29 -5.45 -33.10
C GLY J 496 -23.10 -6.25 -33.60
N LEU J 497 -23.17 -6.75 -34.83
CA LEU J 497 -22.12 -7.61 -35.32
C LEU J 497 -20.91 -6.82 -35.82
N GLU J 498 -21.15 -5.63 -36.39
CA GLU J 498 -20.03 -4.82 -36.88
C GLU J 498 -19.05 -4.49 -35.75
N GLU J 499 -19.52 -4.49 -34.51
CA GLU J 499 -18.63 -4.18 -33.38
C GLU J 499 -17.49 -5.18 -33.29
N PHE J 500 -17.70 -6.41 -33.76
CA PHE J 500 -16.73 -7.48 -33.61
C PHE J 500 -15.96 -7.77 -34.90
N MET J 501 -16.06 -6.90 -35.90
CA MET J 501 -15.40 -7.10 -37.18
C MET J 501 -14.46 -5.93 -37.47
N THR J 502 -13.54 -6.16 -38.39
CA THR J 502 -12.67 -5.13 -38.93
C THR J 502 -12.89 -5.04 -40.44
N ILE J 503 -12.53 -3.89 -41.01
CA ILE J 503 -12.70 -3.63 -42.43
C ILE J 503 -11.36 -3.83 -43.14
N LYS J 504 -11.40 -4.54 -44.26
CA LYS J 504 -10.23 -4.72 -45.11
C LYS J 504 -10.52 -4.11 -46.49
N TYR J 505 -9.75 -3.08 -46.84
CA TYR J 505 -9.89 -2.39 -48.11
C TYR J 505 -8.90 -2.99 -49.10
N MET J 506 -9.42 -3.72 -50.09
CA MET J 506 -8.62 -4.31 -51.15
C MET J 506 -8.61 -3.38 -52.36
N CYS J 507 -7.42 -2.95 -52.76
CA CYS J 507 -7.23 -2.14 -53.96
C CYS J 507 -6.62 -3.04 -55.02
N LEU J 508 -7.46 -3.51 -55.94
CA LEU J 508 -7.05 -4.46 -56.97
C LEU J 508 -6.60 -3.67 -58.20
N GLY J 509 -5.31 -3.78 -58.54
CA GLY J 509 -4.78 -3.13 -59.73
C GLY J 509 -4.90 -4.01 -60.96
N LEU J 510 -5.67 -3.55 -61.94
CA LEU J 510 -5.84 -4.31 -63.17
C LEU J 510 -4.85 -3.84 -64.23
N SER K 29 -41.85 38.38 -78.00
CA SER K 29 -40.49 38.90 -78.11
C SER K 29 -39.68 38.52 -76.87
N SER K 30 -40.37 38.44 -75.72
CA SER K 30 -39.69 38.01 -74.49
C SER K 30 -39.06 36.63 -74.65
N LEU K 31 -39.61 35.80 -75.55
CA LEU K 31 -39.04 34.48 -75.79
C LEU K 31 -37.84 34.56 -76.72
N GLN K 32 -37.96 35.31 -77.81
CA GLN K 32 -36.87 35.43 -78.79
C GLN K 32 -35.64 36.13 -78.21
N SER K 33 -35.76 36.79 -77.07
CA SER K 33 -34.65 37.53 -76.47
C SER K 33 -33.79 36.68 -75.56
N THR K 34 -34.14 35.41 -75.35
CA THR K 34 -33.35 34.51 -74.52
C THR K 34 -32.64 33.49 -75.40
N GLU K 35 -31.38 33.21 -75.06
CA GLU K 35 -30.61 32.23 -75.81
C GLU K 35 -31.20 30.83 -75.71
N LEU K 36 -32.03 30.58 -74.70
CA LEU K 36 -32.54 29.23 -74.43
C LEU K 36 -33.78 28.89 -75.24
N PHE K 37 -34.39 29.85 -75.93
CA PHE K 37 -35.56 29.58 -76.76
C PHE K 37 -35.10 28.94 -78.07
N GLN K 38 -35.41 27.66 -78.25
CA GLN K 38 -35.00 26.90 -79.43
C GLN K 38 -36.24 26.36 -80.12
N GLN K 39 -36.27 26.50 -81.46
CA GLN K 39 -37.34 25.96 -82.28
C GLN K 39 -36.84 24.83 -83.17
N GLN K 40 -35.79 24.12 -82.72
CA GLN K 40 -35.26 22.97 -83.43
C GLN K 40 -34.98 21.87 -82.42
N ALA K 41 -35.02 20.63 -82.88
CA ALA K 41 -34.78 19.49 -82.00
C ALA K 41 -33.28 19.31 -81.78
N TYR K 42 -32.94 18.46 -80.81
CA TYR K 42 -31.55 18.25 -80.39
C TYR K 42 -31.24 16.76 -80.46
N ILE K 43 -30.40 16.37 -81.41
CA ILE K 43 -30.05 14.96 -81.62
C ILE K 43 -28.55 14.89 -81.92
N ASN K 44 -27.83 14.11 -81.11
CA ASN K 44 -26.40 13.88 -81.30
C ASN K 44 -25.63 15.20 -81.39
N GLY K 45 -25.99 16.15 -80.51
CA GLY K 45 -25.27 17.40 -80.42
C GLY K 45 -25.61 18.43 -81.48
N GLN K 46 -26.53 18.12 -82.39
CA GLN K 46 -26.90 19.04 -83.46
C GLN K 46 -28.30 19.58 -83.22
N TRP K 47 -28.56 20.77 -83.75
CA TRP K 47 -29.89 21.38 -83.72
C TRP K 47 -30.52 21.15 -85.09
N LEU K 48 -31.43 20.18 -85.16
CA LEU K 48 -31.95 19.67 -86.42
C LEU K 48 -33.43 20.00 -86.58
N ALA K 49 -33.84 20.13 -87.84
CA ALA K 49 -35.24 20.10 -88.21
C ALA K 49 -35.63 18.68 -88.63
N ALA K 50 -36.94 18.45 -88.75
CA ALA K 50 -37.40 17.17 -89.25
C ALA K 50 -36.87 16.95 -90.66
N GLN K 51 -36.67 15.67 -91.02
CA GLN K 51 -36.21 15.35 -92.36
C GLN K 51 -37.14 15.91 -93.43
N SER K 52 -38.43 16.02 -93.11
CA SER K 52 -39.41 16.61 -94.01
C SER K 52 -39.53 18.12 -93.86
N ASN K 53 -38.86 18.70 -92.87
CA ASN K 53 -38.95 20.12 -92.53
C ASN K 53 -40.32 20.51 -92.01
N ALA K 54 -41.19 19.55 -91.72
CA ALA K 54 -42.51 19.86 -91.19
C ALA K 54 -42.39 20.44 -89.79
N THR K 55 -43.37 21.29 -89.43
CA THR K 55 -43.42 21.89 -88.11
C THR K 55 -44.86 21.94 -87.64
N VAL K 56 -45.05 21.91 -86.33
CA VAL K 56 -46.36 22.06 -85.71
C VAL K 56 -46.29 23.23 -84.74
N PRO K 57 -47.40 23.89 -84.44
CA PRO K 57 -47.35 25.08 -83.59
C PRO K 57 -47.42 24.78 -82.11
N VAL K 58 -46.82 25.67 -81.33
CA VAL K 58 -46.94 25.67 -79.87
C VAL K 58 -47.65 26.96 -79.46
N SER K 59 -48.52 26.86 -78.47
CA SER K 59 -49.42 27.97 -78.13
C SER K 59 -49.29 28.33 -76.66
N ASN K 60 -49.71 29.56 -76.36
CA ASN K 60 -49.83 30.03 -74.99
C ASN K 60 -51.24 29.77 -74.50
N PRO K 61 -51.43 28.94 -73.46
CA PRO K 61 -52.81 28.63 -73.04
C PRO K 61 -53.55 29.82 -72.43
N ALA K 62 -52.84 30.85 -71.98
CA ALA K 62 -53.51 32.00 -71.37
C ALA K 62 -54.07 32.96 -72.40
N THR K 63 -53.48 33.02 -73.59
CA THR K 63 -53.90 33.95 -74.64
C THR K 63 -54.40 33.26 -75.90
N GLY K 64 -54.06 31.99 -76.12
CA GLY K 64 -54.44 31.29 -77.33
C GLY K 64 -53.56 31.57 -78.53
N GLU K 65 -52.64 32.52 -78.43
CA GLU K 65 -51.78 32.87 -79.55
C GLU K 65 -50.68 31.82 -79.74
N GLU K 66 -50.12 31.79 -80.94
CA GLU K 66 -49.01 30.90 -81.27
C GLU K 66 -47.70 31.59 -80.89
N ILE K 67 -46.86 30.87 -80.14
CA ILE K 67 -45.57 31.41 -79.70
C ILE K 67 -44.41 30.90 -80.55
N GLY K 68 -44.59 29.81 -81.28
CA GLY K 68 -43.52 29.30 -82.12
C GLY K 68 -43.91 27.95 -82.69
N THR K 69 -42.90 27.27 -83.23
CA THR K 69 -43.09 25.95 -83.82
C THR K 69 -41.98 25.03 -83.37
N ILE K 70 -42.21 23.74 -83.58
CA ILE K 70 -41.20 22.71 -83.31
C ILE K 70 -41.18 21.72 -84.46
N PRO K 71 -40.06 21.04 -84.67
CA PRO K 71 -40.02 20.02 -85.73
C PRO K 71 -41.02 18.90 -85.45
N ASN K 72 -41.74 18.50 -86.50
CA ASN K 72 -42.69 17.39 -86.38
C ASN K 72 -42.03 16.11 -86.86
N MET K 73 -41.10 15.62 -86.04
CA MET K 73 -40.32 14.45 -86.37
C MET K 73 -41.14 13.18 -86.17
N GLY K 74 -40.62 12.07 -86.70
CA GLY K 74 -41.31 10.79 -86.61
C GLY K 74 -40.38 9.64 -86.27
N ALA K 75 -40.66 8.46 -86.83
CA ALA K 75 -39.89 7.27 -86.48
C ALA K 75 -38.44 7.39 -86.95
N ALA K 76 -38.22 7.92 -88.15
CA ALA K 76 -36.87 8.00 -88.69
C ALA K 76 -35.94 8.75 -87.76
N GLU K 77 -36.38 9.92 -87.27
CA GLU K 77 -35.53 10.72 -86.40
C GLU K 77 -35.45 10.12 -85.00
N ALA K 78 -36.54 9.53 -84.51
CA ALA K 78 -36.48 8.84 -83.23
C ALA K 78 -35.45 7.72 -83.27
N THR K 79 -35.38 6.99 -84.39
CA THR K 79 -34.39 5.93 -84.52
C THR K 79 -32.97 6.49 -84.55
N GLN K 80 -32.77 7.63 -85.24
CA GLN K 80 -31.46 8.26 -85.24
C GLN K 80 -31.03 8.62 -83.82
N ALA K 81 -31.96 9.13 -83.01
CA ALA K 81 -31.62 9.49 -81.64
C ALA K 81 -31.20 8.27 -80.83
N VAL K 82 -31.92 7.16 -80.98
CA VAL K 82 -31.55 5.93 -80.28
C VAL K 82 -30.16 5.49 -80.69
N GLU K 83 -29.85 5.54 -81.99
CA GLU K 83 -28.53 5.14 -82.45
C GLU K 83 -27.45 6.07 -81.90
N ALA K 84 -27.74 7.38 -81.86
CA ALA K 84 -26.77 8.33 -81.32
C ALA K 84 -26.55 8.10 -79.83
N ALA K 85 -27.62 7.80 -79.10
CA ALA K 85 -27.51 7.55 -77.67
C ALA K 85 -26.71 6.28 -77.40
N TYR K 86 -26.90 5.24 -78.22
CA TYR K 86 -26.18 3.99 -78.02
C TYR K 86 -24.69 4.15 -78.29
N THR K 87 -24.32 4.92 -79.32
CA THR K 87 -22.91 5.17 -79.59
C THR K 87 -22.27 5.96 -78.45
N ALA K 88 -22.92 7.04 -78.02
CA ALA K 88 -22.38 7.85 -76.94
C ALA K 88 -22.31 7.10 -75.63
N LEU K 89 -23.08 6.02 -75.49
CA LEU K 89 -23.10 5.28 -74.23
C LEU K 89 -21.75 4.61 -73.95
N GLN K 90 -21.05 4.16 -74.99
CA GLN K 90 -19.83 3.39 -74.78
C GLN K 90 -18.76 4.22 -74.08
N SER K 91 -18.64 5.50 -74.44
CA SER K 91 -17.64 6.35 -73.83
C SER K 91 -18.16 7.14 -72.64
N TRP K 92 -19.47 7.38 -72.56
CA TRP K 92 -20.03 8.06 -71.40
C TRP K 92 -19.95 7.20 -70.15
N LYS K 93 -20.25 5.91 -70.29
CA LYS K 93 -20.18 5.00 -69.14
C LYS K 93 -18.73 4.65 -68.79
N ALA K 94 -17.80 4.80 -69.72
CA ALA K 94 -16.40 4.48 -69.45
C ALA K 94 -15.75 5.50 -68.53
N LEU K 95 -16.29 6.71 -68.46
CA LEU K 95 -15.77 7.71 -67.53
C LEU K 95 -15.95 7.25 -66.09
N THR K 96 -15.24 7.91 -65.18
CA THR K 96 -15.41 7.65 -63.76
C THR K 96 -16.67 8.35 -63.26
N ALA K 97 -17.11 7.97 -62.06
CA ALA K 97 -18.26 8.63 -61.46
C ALA K 97 -17.96 10.09 -61.18
N GLN K 98 -16.72 10.40 -60.81
CA GLN K 98 -16.36 11.80 -60.56
C GLN K 98 -16.31 12.60 -61.86
N ASN K 99 -15.86 11.96 -62.95
CA ASN K 99 -15.95 12.59 -64.26
C ASN K 99 -17.36 13.11 -64.52
N ARG K 100 -18.35 12.22 -64.43
CA ARG K 100 -19.72 12.60 -64.73
C ARG K 100 -20.27 13.57 -63.68
N ALA K 101 -19.86 13.43 -62.42
CA ALA K 101 -20.33 14.34 -61.39
C ALA K 101 -19.93 15.78 -61.71
N ASP K 102 -18.69 15.97 -62.20
CA ASP K 102 -18.24 17.32 -62.54
C ASP K 102 -19.09 17.91 -63.64
N ILE K 103 -19.35 17.13 -64.69
CA ILE K 103 -20.14 17.63 -65.82
C ILE K 103 -21.56 17.93 -65.38
N LEU K 104 -22.17 17.02 -64.63
CA LEU K 104 -23.55 17.22 -64.19
C LEU K 104 -23.66 18.42 -63.27
N LEU K 105 -22.63 18.70 -62.47
CA LEU K 105 -22.68 19.87 -61.58
C LEU K 105 -22.51 21.15 -62.37
N ALA K 106 -21.70 21.15 -63.43
CA ALA K 106 -21.69 22.28 -64.35
C ALA K 106 -23.08 22.50 -64.95
N TRP K 107 -23.77 21.40 -65.27
CA TRP K 107 -25.14 21.49 -65.75
C TRP K 107 -26.05 22.06 -64.65
N HIS K 108 -25.87 21.60 -63.41
CA HIS K 108 -26.69 22.09 -62.31
C HIS K 108 -26.54 23.59 -62.14
N LYS K 109 -25.32 24.11 -62.20
CA LYS K 109 -25.10 25.54 -61.99
C LYS K 109 -25.77 26.36 -63.09
N LEU K 110 -25.67 25.90 -64.34
CA LEU K 110 -26.26 26.65 -65.45
C LEU K 110 -27.77 26.74 -65.31
N VAL K 111 -28.42 25.66 -64.86
CA VAL K 111 -29.87 25.70 -64.69
C VAL K 111 -30.26 26.76 -63.68
N LEU K 112 -29.59 26.77 -62.52
CA LEU K 112 -29.90 27.77 -61.50
C LEU K 112 -29.54 29.17 -61.99
N ASP K 113 -28.41 29.32 -62.69
CA ASP K 113 -28.02 30.63 -63.18
C ASP K 113 -29.01 31.19 -64.19
N HIS K 114 -29.76 30.34 -64.87
CA HIS K 114 -30.76 30.77 -65.84
C HIS K 114 -32.18 30.55 -65.33
N THR K 115 -32.38 30.65 -64.01
CA THR K 115 -33.69 30.36 -63.43
C THR K 115 -34.76 31.26 -64.02
N ASP K 116 -34.51 32.56 -64.06
CA ASP K 116 -35.52 33.49 -64.54
C ASP K 116 -35.92 33.20 -65.98
N GLU K 117 -34.94 32.90 -66.84
CA GLU K 117 -35.24 32.63 -68.24
C GLU K 117 -36.07 31.36 -68.39
N LEU K 118 -35.67 30.28 -67.71
CA LEU K 118 -36.41 29.03 -67.80
C LEU K 118 -37.84 29.20 -67.29
N ALA K 119 -38.03 29.95 -66.20
CA ALA K 119 -39.37 30.17 -65.69
C ALA K 119 -40.21 30.96 -66.68
N LEU K 120 -39.61 31.97 -67.32
CA LEU K 120 -40.33 32.74 -68.33
C LEU K 120 -40.82 31.86 -69.47
N ILE K 121 -39.97 30.92 -69.92
CA ILE K 121 -40.38 30.00 -70.98
C ILE K 121 -41.53 29.13 -70.50
N MET K 122 -41.41 28.57 -69.30
CA MET K 122 -42.44 27.67 -68.78
C MET K 122 -43.79 28.38 -68.69
N THR K 123 -43.82 29.54 -68.03
CA THR K 123 -45.09 30.23 -67.81
C THR K 123 -45.79 30.52 -69.13
N ILE K 124 -45.03 30.85 -70.18
CA ILE K 124 -45.64 31.26 -71.43
C ILE K 124 -46.20 30.07 -72.19
N GLU K 125 -45.52 28.92 -72.14
CA GLU K 125 -45.97 27.74 -72.87
C GLU K 125 -46.84 26.81 -72.04
N GLN K 126 -46.83 26.95 -70.71
CA GLN K 126 -47.59 26.07 -69.84
C GLN K 126 -48.63 26.77 -69.00
N GLY K 127 -48.42 28.03 -68.63
CA GLY K 127 -49.45 28.88 -68.07
C GLY K 127 -49.35 29.12 -66.57
N LYS K 128 -48.57 28.33 -65.84
CA LYS K 128 -48.55 28.48 -64.39
C LYS K 128 -47.87 29.78 -64.00
N PRO K 129 -48.16 30.30 -62.80
CA PRO K 129 -47.58 31.58 -62.40
C PRO K 129 -46.06 31.54 -62.40
N LEU K 130 -45.47 32.72 -62.66
CA LEU K 130 -44.01 32.80 -62.74
C LEU K 130 -43.36 32.34 -61.44
N ALA K 131 -43.96 32.66 -60.30
CA ALA K 131 -43.40 32.25 -59.02
C ALA K 131 -43.34 30.72 -58.93
N GLU K 132 -44.41 30.04 -59.34
CA GLU K 132 -44.39 28.59 -59.33
C GLU K 132 -43.36 28.05 -60.32
N ALA K 133 -43.20 28.71 -61.47
CA ALA K 133 -42.23 28.27 -62.46
C ALA K 133 -40.81 28.32 -61.88
N LYS K 134 -40.46 29.44 -61.25
CA LYS K 134 -39.15 29.56 -60.63
C LYS K 134 -38.95 28.49 -59.57
N GLY K 135 -39.99 28.19 -58.79
CA GLY K 135 -39.88 27.13 -57.80
C GLY K 135 -39.59 25.79 -58.43
N GLU K 136 -40.24 25.49 -59.56
CA GLU K 136 -39.99 24.23 -60.25
C GLU K 136 -38.56 24.14 -60.75
N VAL K 137 -38.03 25.26 -61.25
CA VAL K 137 -36.66 25.25 -61.77
C VAL K 137 -35.68 24.86 -60.67
N ARG K 138 -35.80 25.50 -59.50
CA ARG K 138 -34.93 25.13 -58.38
C ARG K 138 -35.19 23.70 -57.94
N TYR K 139 -36.47 23.30 -57.85
CA TYR K 139 -36.80 21.91 -57.55
C TYR K 139 -36.15 20.98 -58.55
N ALA K 140 -36.22 21.32 -59.84
CA ALA K 140 -35.64 20.46 -60.87
C ALA K 140 -34.12 20.43 -60.77
N ALA K 141 -33.49 21.58 -60.56
CA ALA K 141 -32.03 21.63 -60.50
C ALA K 141 -31.48 20.76 -59.38
N SER K 142 -32.22 20.64 -58.27
CA SER K 142 -31.71 19.88 -57.13
C SER K 142 -31.52 18.41 -57.49
N PHE K 143 -32.31 17.88 -58.42
CA PHE K 143 -32.15 16.49 -58.83
C PHE K 143 -30.84 16.28 -59.55
N ILE K 144 -30.39 17.26 -60.34
CA ILE K 144 -29.11 17.14 -61.02
C ILE K 144 -27.99 17.02 -59.98
N GLN K 145 -27.98 17.93 -59.01
CA GLN K 145 -26.96 17.89 -57.96
C GLN K 145 -27.05 16.60 -57.15
N TRP K 146 -28.27 16.20 -56.79
CA TRP K 146 -28.45 15.02 -55.95
C TRP K 146 -27.87 13.78 -56.62
N PHE K 147 -28.19 13.58 -57.89
CA PHE K 147 -27.75 12.37 -58.58
C PHE K 147 -26.30 12.45 -59.05
N ALA K 148 -25.79 13.66 -59.30
CA ALA K 148 -24.34 13.80 -59.50
C ALA K 148 -23.58 13.24 -58.32
N GLU K 149 -24.15 13.32 -57.12
CA GLU K 149 -23.52 12.77 -55.94
C GLU K 149 -23.82 11.28 -55.76
N GLU K 150 -25.03 10.84 -56.16
CA GLU K 150 -25.36 9.42 -56.04
C GLU K 150 -24.50 8.55 -56.95
N GLY K 151 -24.09 9.08 -58.11
CA GLY K 151 -23.30 8.29 -59.03
C GLY K 151 -22.04 7.75 -58.39
N LYS K 152 -21.44 8.53 -57.50
CA LYS K 152 -20.22 8.11 -56.82
C LYS K 152 -20.48 7.15 -55.67
N ARG K 153 -21.76 6.77 -55.45
CA ARG K 153 -22.15 5.99 -54.28
C ARG K 153 -23.02 4.80 -54.62
N ILE K 154 -23.09 4.39 -55.88
CA ILE K 154 -23.86 3.18 -56.22
C ILE K 154 -22.96 2.00 -55.88
N TYR K 155 -23.22 1.39 -54.74
CA TYR K 155 -22.29 0.44 -54.14
C TYR K 155 -22.67 -0.99 -54.51
N GLY K 156 -21.65 -1.81 -54.74
CA GLY K 156 -21.81 -3.24 -54.87
C GLY K 156 -21.66 -3.93 -53.52
N ASP K 157 -21.58 -5.26 -53.56
CA ASP K 157 -21.60 -6.06 -52.35
C ASP K 157 -20.56 -7.17 -52.43
N VAL K 158 -20.07 -7.58 -51.27
CA VAL K 158 -19.31 -8.81 -51.11
C VAL K 158 -20.11 -9.66 -50.14
N ILE K 159 -20.62 -10.79 -50.63
CA ILE K 159 -21.57 -11.61 -49.88
C ILE K 159 -20.81 -12.76 -49.22
N PRO K 160 -21.02 -13.01 -47.93
CA PRO K 160 -20.35 -14.14 -47.28
C PRO K 160 -20.60 -15.44 -48.06
N THR K 161 -19.50 -16.11 -48.41
CA THR K 161 -19.60 -17.27 -49.29
C THR K 161 -20.20 -18.46 -48.55
N VAL K 162 -20.92 -19.30 -49.31
CA VAL K 162 -21.34 -20.60 -48.83
C VAL K 162 -20.37 -21.70 -49.23
N ASN K 163 -19.41 -21.38 -50.09
CA ASN K 163 -18.42 -22.34 -50.58
C ASN K 163 -17.05 -21.68 -50.47
N ASN K 164 -16.19 -22.22 -49.61
CA ASN K 164 -14.90 -21.57 -49.33
C ASN K 164 -14.00 -21.45 -50.55
N GLN K 165 -14.30 -22.14 -51.64
CA GLN K 165 -13.51 -22.04 -52.87
C GLN K 165 -14.03 -20.95 -53.82
N GLN K 166 -15.04 -20.19 -53.42
CA GLN K 166 -15.60 -19.15 -54.27
C GLN K 166 -15.74 -17.86 -53.48
N ARG K 167 -15.76 -16.75 -54.21
CA ARG K 167 -16.02 -15.43 -53.65
C ARG K 167 -17.14 -14.77 -54.45
N PHE K 168 -18.08 -14.16 -53.74
CA PHE K 168 -19.27 -13.56 -54.34
C PHE K 168 -19.11 -12.03 -54.34
N ILE K 169 -18.88 -11.46 -55.51
CA ILE K 169 -18.68 -10.03 -55.66
C ILE K 169 -19.80 -9.50 -56.56
N ILE K 170 -20.62 -8.60 -56.01
CA ILE K 170 -21.75 -8.03 -56.73
C ILE K 170 -21.41 -6.61 -57.14
N SER K 171 -21.65 -6.27 -58.40
CA SER K 171 -21.44 -4.94 -58.91
C SER K 171 -22.72 -4.43 -59.57
N LYS K 172 -22.71 -3.16 -59.95
CA LYS K 172 -23.85 -2.50 -60.57
C LYS K 172 -23.40 -1.87 -61.87
N GLU K 173 -24.20 -2.05 -62.92
CA GLU K 173 -23.86 -1.54 -64.24
C GLU K 173 -25.06 -0.82 -64.83
N PRO K 174 -24.83 0.17 -65.70
CA PRO K 174 -25.96 0.89 -66.29
C PRO K 174 -26.81 -0.01 -67.16
N VAL K 175 -28.12 0.22 -67.14
CA VAL K 175 -29.03 -0.61 -67.92
C VAL K 175 -28.83 -0.38 -69.41
N GLY K 176 -28.46 0.83 -69.81
CA GLY K 176 -28.23 1.15 -71.20
C GLY K 176 -28.94 2.41 -71.64
N VAL K 177 -29.41 2.43 -72.90
CA VAL K 177 -30.11 3.59 -73.42
C VAL K 177 -31.49 3.69 -72.77
N VAL K 178 -31.86 4.90 -72.36
CA VAL K 178 -33.11 5.15 -71.65
C VAL K 178 -34.00 6.03 -72.51
N ALA K 179 -35.28 5.68 -72.57
CA ALA K 179 -36.30 6.46 -73.26
C ALA K 179 -37.15 7.15 -72.21
N ALA K 180 -37.25 8.48 -72.30
CA ALA K 180 -38.03 9.28 -71.38
C ALA K 180 -39.13 9.99 -72.14
N ILE K 181 -40.38 9.77 -71.73
CA ILE K 181 -41.55 10.45 -72.28
C ILE K 181 -42.17 11.23 -71.13
N THR K 182 -42.16 12.56 -71.24
CA THR K 182 -42.50 13.43 -70.13
C THR K 182 -43.78 14.22 -70.40
N PRO K 183 -44.48 14.66 -69.35
CA PRO K 183 -45.76 15.36 -69.53
C PRO K 183 -45.59 16.87 -69.60
N TRP K 184 -46.69 17.60 -69.43
CA TRP K 184 -46.70 19.05 -69.57
C TRP K 184 -46.88 19.79 -68.26
N ASN K 185 -47.32 19.12 -67.18
CA ASN K 185 -47.60 19.85 -65.95
C ASN K 185 -46.33 20.36 -65.30
N PHE K 186 -45.25 19.59 -65.35
CA PHE K 186 -43.93 20.01 -64.85
C PHE K 186 -42.93 19.81 -65.98
N PRO K 187 -42.89 20.74 -66.94
CA PRO K 187 -42.10 20.50 -68.15
C PRO K 187 -40.60 20.56 -67.97
N ILE K 188 -40.10 20.97 -66.80
CA ILE K 188 -38.67 20.96 -66.51
C ILE K 188 -38.32 19.89 -65.49
N ALA K 189 -39.01 19.90 -64.33
CA ALA K 189 -38.68 18.95 -63.28
C ALA K 189 -38.84 17.51 -63.74
N MET K 190 -39.81 17.23 -64.61
CA MET K 190 -39.95 15.86 -65.11
C MET K 190 -38.83 15.47 -66.05
N ILE K 191 -38.12 16.45 -66.64
CA ILE K 191 -36.96 16.14 -67.47
C ILE K 191 -35.77 15.73 -66.59
N THR K 192 -35.43 16.59 -65.62
CA THR K 192 -34.25 16.33 -64.79
C THR K 192 -34.46 15.12 -63.90
N ARG K 193 -35.68 14.91 -63.40
CA ARG K 193 -35.95 13.76 -62.55
C ARG K 193 -35.65 12.44 -63.25
N LYS K 194 -35.66 12.43 -64.59
CA LYS K 194 -35.36 11.23 -65.36
C LYS K 194 -33.99 11.29 -66.03
N ALA K 195 -33.60 12.43 -66.59
CA ALA K 195 -32.33 12.52 -67.29
C ALA K 195 -31.16 12.51 -66.31
N ALA K 196 -31.29 13.22 -65.18
CA ALA K 196 -30.18 13.29 -64.23
C ALA K 196 -29.80 11.91 -63.70
N PRO K 197 -30.72 11.11 -63.14
CA PRO K 197 -30.30 9.78 -62.66
C PRO K 197 -29.78 8.89 -63.77
N ALA K 198 -30.39 8.95 -64.95
CA ALA K 198 -29.91 8.17 -66.08
C ALA K 198 -28.45 8.50 -66.38
N LEU K 199 -28.12 9.79 -66.52
CA LEU K 199 -26.74 10.17 -66.81
C LEU K 199 -25.81 9.81 -65.66
N ALA K 200 -26.25 10.02 -64.42
CA ALA K 200 -25.38 9.71 -63.28
C ALA K 200 -25.12 8.22 -63.15
N ALA K 201 -26.03 7.39 -63.64
CA ALA K 201 -25.85 5.95 -63.64
C ALA K 201 -24.91 5.47 -64.73
N GLY K 202 -24.54 6.34 -65.66
CA GLY K 202 -23.78 5.94 -66.83
C GLY K 202 -24.60 5.69 -68.07
N CYS K 203 -25.90 5.98 -68.04
CA CYS K 203 -26.78 5.77 -69.18
C CYS K 203 -26.83 7.03 -70.05
N THR K 204 -27.34 6.84 -71.27
CA THR K 204 -27.73 7.93 -72.14
C THR K 204 -29.23 7.91 -72.32
N VAL K 205 -29.80 9.04 -72.72
CA VAL K 205 -31.25 9.20 -72.70
C VAL K 205 -31.72 9.84 -74.00
N VAL K 206 -32.88 9.39 -74.47
CA VAL K 206 -33.62 10.06 -75.54
C VAL K 206 -34.96 10.50 -74.95
N ILE K 207 -35.36 11.74 -75.21
CA ILE K 207 -36.49 12.37 -74.54
C ILE K 207 -37.51 12.80 -75.57
N LYS K 208 -38.77 12.44 -75.33
CA LYS K 208 -39.89 12.94 -76.11
C LYS K 208 -40.76 13.81 -75.20
N PRO K 209 -40.66 15.13 -75.28
CA PRO K 209 -41.45 15.99 -74.40
C PRO K 209 -42.85 16.26 -74.95
N ALA K 210 -43.72 16.70 -74.06
CA ALA K 210 -45.08 17.03 -74.45
C ALA K 210 -45.08 18.14 -75.48
N ASN K 211 -45.87 17.98 -76.54
CA ASN K 211 -45.93 18.98 -77.58
C ASN K 211 -46.51 20.30 -77.09
N GLU K 212 -47.20 20.30 -75.95
CA GLU K 212 -47.73 21.54 -75.40
C GLU K 212 -46.64 22.39 -74.74
N THR K 213 -45.58 21.75 -74.25
CA THR K 213 -44.52 22.44 -73.50
C THR K 213 -43.16 21.88 -73.89
N PRO K 214 -42.77 22.03 -75.16
CA PRO K 214 -41.49 21.45 -75.61
C PRO K 214 -40.30 22.36 -75.35
N TYR K 215 -40.54 23.67 -75.31
CA TYR K 215 -39.43 24.62 -75.22
C TYR K 215 -38.68 24.49 -73.91
N CYS K 216 -39.35 24.06 -72.83
CA CYS K 216 -38.65 23.82 -71.58
C CYS K 216 -37.63 22.70 -71.74
N ALA K 217 -38.01 21.61 -72.39
CA ALA K 217 -37.08 20.51 -72.60
C ALA K 217 -35.92 20.93 -73.49
N LEU K 218 -36.20 21.68 -74.56
CA LEU K 218 -35.14 22.12 -75.45
C LEU K 218 -34.22 23.13 -74.79
N ALA K 219 -34.75 23.94 -73.86
CA ALA K 219 -33.90 24.88 -73.14
C ALA K 219 -32.96 24.16 -72.20
N ILE K 220 -33.44 23.11 -71.54
CA ILE K 220 -32.56 22.29 -70.70
C ILE K 220 -31.50 21.61 -71.54
N ALA K 221 -31.83 21.22 -72.77
CA ALA K 221 -30.84 20.63 -73.65
C ALA K 221 -29.77 21.64 -74.04
N LYS K 222 -30.16 22.89 -74.27
CA LYS K 222 -29.19 23.93 -74.60
C LYS K 222 -28.21 24.13 -73.45
N LEU K 223 -28.70 24.09 -72.21
CA LEU K 223 -27.80 24.22 -71.07
C LEU K 223 -26.93 22.98 -70.90
N ALA K 224 -27.47 21.80 -71.21
CA ALA K 224 -26.65 20.60 -71.22
C ALA K 224 -25.50 20.73 -72.19
N GLU K 225 -25.74 21.34 -73.36
CA GLU K 225 -24.67 21.61 -74.30
C GLU K 225 -23.63 22.53 -73.68
N LYS K 226 -24.08 23.63 -73.07
CA LYS K 226 -23.16 24.57 -72.44
C LYS K 226 -22.34 23.90 -71.35
N ALA K 227 -22.93 22.92 -70.65
CA ALA K 227 -22.25 22.26 -69.55
C ALA K 227 -21.19 21.25 -70.00
N GLY K 228 -21.10 21.00 -71.30
CA GLY K 228 -20.13 20.04 -71.80
C GLY K 228 -20.59 18.59 -71.79
N ILE K 229 -21.90 18.35 -71.80
CA ILE K 229 -22.41 16.98 -71.89
C ILE K 229 -22.17 16.51 -73.33
N PRO K 230 -21.45 15.40 -73.53
CA PRO K 230 -21.09 15.02 -74.90
C PRO K 230 -22.29 14.76 -75.79
N ALA K 231 -22.07 14.87 -77.09
CA ALA K 231 -23.13 14.66 -78.06
C ALA K 231 -23.68 13.24 -77.95
N GLY K 232 -24.99 13.11 -78.10
CA GLY K 232 -25.66 11.84 -78.04
C GLY K 232 -26.05 11.38 -76.65
N VAL K 233 -25.41 11.93 -75.61
CA VAL K 233 -25.74 11.51 -74.25
C VAL K 233 -27.16 11.92 -73.88
N ILE K 234 -27.62 13.06 -74.38
CA ILE K 234 -28.98 13.55 -74.12
C ILE K 234 -29.56 14.08 -75.42
N ASN K 235 -30.75 13.58 -75.78
CA ASN K 235 -31.40 13.94 -77.03
C ASN K 235 -32.86 14.26 -76.77
N VAL K 236 -33.38 15.27 -77.46
CA VAL K 236 -34.76 15.70 -77.34
C VAL K 236 -35.39 15.62 -78.73
N VAL K 237 -36.37 14.74 -78.89
CA VAL K 237 -37.06 14.52 -80.15
C VAL K 237 -38.48 15.01 -80.00
N THR K 238 -38.87 15.98 -80.83
CA THR K 238 -40.19 16.57 -80.81
C THR K 238 -41.01 16.07 -82.00
N GLY K 239 -42.33 16.16 -81.85
CA GLY K 239 -43.22 15.88 -82.96
C GLY K 239 -44.27 14.81 -82.72
N LYS K 240 -44.31 13.83 -83.62
CA LYS K 240 -45.38 12.82 -83.61
C LYS K 240 -45.21 11.91 -82.41
N SER K 241 -46.13 12.01 -81.45
CA SER K 241 -46.01 11.25 -80.21
C SER K 241 -46.11 9.75 -80.46
N GLN K 242 -47.09 9.32 -81.25
CA GLN K 242 -47.29 7.89 -81.46
C GLN K 242 -46.10 7.28 -82.21
N GLU K 243 -45.62 7.96 -83.25
CA GLU K 243 -44.48 7.43 -84.01
C GLU K 243 -43.23 7.41 -83.14
N ILE K 244 -42.92 8.51 -82.46
CA ILE K 244 -41.73 8.56 -81.62
C ILE K 244 -41.85 7.56 -80.49
N GLY K 245 -43.02 7.51 -79.85
CA GLY K 245 -43.19 6.59 -78.74
C GLY K 245 -43.05 5.14 -79.15
N SER K 246 -43.53 4.79 -80.34
CA SER K 246 -43.47 3.41 -80.80
C SER K 246 -42.03 2.95 -80.98
N VAL K 247 -41.16 3.83 -81.49
CA VAL K 247 -39.76 3.50 -81.61
C VAL K 247 -39.12 3.34 -80.23
N PHE K 248 -39.42 4.27 -79.32
CA PHE K 248 -38.81 4.24 -78.00
C PHE K 248 -39.16 2.97 -77.25
N THR K 249 -40.35 2.40 -77.50
CA THR K 249 -40.81 1.23 -76.77
C THR K 249 -40.61 -0.07 -77.55
N SER K 250 -39.88 -0.05 -78.66
CA SER K 250 -39.69 -1.28 -79.43
C SER K 250 -38.24 -1.49 -79.85
N HIS K 251 -37.49 -0.41 -80.03
CA HIS K 251 -36.12 -0.53 -80.53
C HIS K 251 -35.30 -1.41 -79.59
N GLU K 252 -34.48 -2.29 -80.18
CA GLU K 252 -33.73 -3.27 -79.40
C GLU K 252 -32.75 -2.61 -78.45
N LYS K 253 -32.19 -1.46 -78.83
CA LYS K 253 -31.15 -0.82 -78.03
C LYS K 253 -31.69 -0.02 -76.86
N VAL K 254 -32.98 0.30 -76.85
CA VAL K 254 -33.59 0.95 -75.69
C VAL K 254 -33.87 -0.12 -74.65
N LYS K 255 -33.23 0.00 -73.49
CA LYS K 255 -33.32 -1.00 -72.45
C LYS K 255 -34.28 -0.63 -71.32
N LYS K 256 -34.66 0.63 -71.21
CA LYS K 256 -35.57 1.08 -70.16
C LYS K 256 -36.45 2.19 -70.68
N LEU K 257 -37.71 2.20 -70.21
CA LEU K 257 -38.64 3.29 -70.46
C LEU K 257 -39.03 3.91 -69.12
N THR K 258 -38.94 5.23 -69.03
CA THR K 258 -39.45 5.98 -67.90
C THR K 258 -40.50 6.95 -68.42
N PHE K 259 -41.72 6.83 -67.89
CA PHE K 259 -42.85 7.60 -68.39
C PHE K 259 -43.65 8.17 -67.22
N THR K 260 -44.06 9.43 -67.36
CA THR K 260 -44.92 10.10 -66.41
C THR K 260 -46.08 10.73 -67.17
N GLY K 261 -47.30 10.27 -66.85
CA GLY K 261 -48.49 10.76 -67.53
C GLY K 261 -49.74 10.05 -67.08
N SER K 262 -50.72 9.92 -67.97
CA SER K 262 -51.98 9.30 -67.62
C SER K 262 -51.83 7.79 -67.57
N THR K 263 -52.68 7.15 -66.77
CA THR K 263 -52.63 5.69 -66.61
C THR K 263 -52.97 4.99 -67.92
N PRO K 264 -53.99 5.42 -68.66
CA PRO K 264 -54.28 4.74 -69.94
C PRO K 264 -53.09 4.71 -70.88
N VAL K 265 -52.36 5.82 -70.99
CA VAL K 265 -51.15 5.84 -71.81
C VAL K 265 -50.11 4.89 -71.26
N GLY K 266 -49.97 4.85 -69.93
CA GLY K 266 -49.01 3.94 -69.33
C GLY K 266 -49.30 2.48 -69.63
N ARG K 267 -50.58 2.10 -69.55
CA ARG K 267 -50.95 0.74 -69.94
C ARG K 267 -50.48 0.43 -71.36
N LEU K 268 -50.64 1.39 -72.27
CA LEU K 268 -50.26 1.18 -73.66
C LEU K 268 -48.74 1.08 -73.81
N LEU K 269 -48.02 2.01 -73.18
CA LEU K 269 -46.56 2.01 -73.30
C LEU K 269 -45.96 0.76 -72.70
N MET K 270 -46.46 0.33 -71.54
CA MET K 270 -45.99 -0.92 -70.95
C MET K 270 -46.26 -2.09 -71.88
N GLN K 271 -47.43 -2.08 -72.54
CA GLN K 271 -47.77 -3.16 -73.47
C GLN K 271 -46.82 -3.20 -74.65
N GLN K 272 -46.47 -2.02 -75.19
CA GLN K 272 -45.53 -1.98 -76.31
C GLN K 272 -44.13 -2.41 -75.87
N CYS K 273 -43.76 -2.16 -74.62
CA CYS K 273 -42.47 -2.56 -74.10
C CYS K 273 -42.37 -4.06 -73.84
N SER K 274 -43.45 -4.82 -74.06
CA SER K 274 -43.45 -6.22 -73.67
C SER K 274 -42.69 -7.10 -74.64
N SER K 275 -42.59 -6.71 -75.91
CA SER K 275 -41.96 -7.57 -76.89
C SER K 275 -40.46 -7.71 -76.68
N THR K 276 -39.82 -6.75 -76.02
CA THR K 276 -38.39 -6.82 -75.73
C THR K 276 -38.09 -6.83 -74.24
N ILE K 277 -39.11 -6.95 -73.38
CA ILE K 277 -38.92 -7.09 -71.94
C ILE K 277 -38.12 -5.89 -71.42
N LYS K 278 -38.55 -4.68 -71.76
CA LYS K 278 -37.84 -3.50 -71.29
C LYS K 278 -38.13 -3.24 -69.82
N LYS K 279 -37.11 -2.73 -69.12
CA LYS K 279 -37.31 -2.28 -67.75
C LYS K 279 -38.20 -1.05 -67.74
N LEU K 280 -39.03 -0.94 -66.72
CA LEU K 280 -40.09 0.07 -66.66
C LEU K 280 -39.95 0.96 -65.45
N ALA K 281 -40.25 2.25 -65.65
CA ALA K 281 -40.46 3.21 -64.58
C ALA K 281 -41.67 4.02 -64.97
N LEU K 282 -42.72 3.96 -64.14
CA LEU K 282 -43.99 4.60 -64.46
C LEU K 282 -44.47 5.41 -63.26
N GLU K 283 -44.87 6.65 -63.53
CA GLU K 283 -45.53 7.50 -62.54
C GLU K 283 -46.83 7.95 -63.21
N LEU K 284 -47.93 7.29 -62.86
CA LEU K 284 -49.18 7.45 -63.58
C LEU K 284 -50.17 8.30 -62.77
N GLY K 285 -51.46 7.99 -62.88
CA GLY K 285 -52.46 8.81 -62.25
C GLY K 285 -52.46 8.69 -60.74
N GLY K 286 -53.21 9.58 -60.11
CA GLY K 286 -53.37 9.58 -58.67
C GLY K 286 -54.71 10.16 -58.25
N ASN K 287 -55.43 9.46 -57.38
CA ASN K 287 -56.68 9.96 -56.82
C ASN K 287 -56.46 10.28 -55.35
N ALA K 288 -55.56 11.21 -55.07
CA ALA K 288 -55.06 11.44 -53.71
C ALA K 288 -56.18 11.82 -52.76
N PRO K 289 -56.41 11.05 -51.69
CA PRO K 289 -57.32 11.49 -50.63
C PRO K 289 -56.60 12.29 -49.56
N LEU K 290 -57.29 13.29 -49.03
CA LEU K 290 -56.82 14.08 -47.89
C LEU K 290 -57.87 13.97 -46.79
N ILE K 291 -57.49 13.37 -45.67
CA ILE K 291 -58.40 13.06 -44.58
C ILE K 291 -58.10 13.99 -43.41
N VAL K 292 -59.13 14.69 -42.94
CA VAL K 292 -59.03 15.62 -41.82
C VAL K 292 -59.95 15.10 -40.72
N PHE K 293 -59.36 14.52 -39.68
CA PHE K 293 -60.14 14.05 -38.54
C PHE K 293 -60.47 15.22 -37.61
N ASP K 294 -61.48 14.98 -36.76
CA ASP K 294 -61.96 16.06 -35.90
C ASP K 294 -60.94 16.48 -34.85
N ASP K 295 -59.98 15.63 -34.53
CA ASP K 295 -58.93 15.96 -33.56
C ASP K 295 -57.70 16.58 -34.22
N ALA K 296 -57.85 17.15 -35.41
CA ALA K 296 -56.74 17.73 -36.13
C ALA K 296 -56.62 19.22 -35.84
N ASP K 297 -55.44 19.77 -36.15
CA ASP K 297 -55.23 21.22 -36.12
C ASP K 297 -55.98 21.81 -37.30
N LEU K 298 -57.12 22.45 -37.02
CA LEU K 298 -58.02 22.87 -38.09
C LEU K 298 -57.33 23.83 -39.05
N ASP K 299 -56.73 24.90 -38.52
CA ASP K 299 -56.10 25.88 -39.40
C ASP K 299 -54.94 25.27 -40.18
N LYS K 300 -54.19 24.35 -39.56
CA LYS K 300 -53.08 23.72 -40.26
C LYS K 300 -53.58 22.85 -41.41
N ALA K 301 -54.71 22.16 -41.21
CA ALA K 301 -55.26 21.32 -42.26
C ALA K 301 -55.85 22.13 -43.40
N VAL K 302 -56.44 23.29 -43.09
CA VAL K 302 -57.00 24.13 -44.14
C VAL K 302 -55.89 24.66 -45.04
N GLN K 303 -54.81 25.18 -44.44
CA GLN K 303 -53.70 25.70 -45.25
C GLN K 303 -53.01 24.58 -46.01
N GLY K 304 -52.88 23.41 -45.38
CA GLY K 304 -52.28 22.28 -46.08
C GLY K 304 -53.13 21.80 -47.23
N ALA K 305 -54.45 21.69 -47.03
CA ALA K 305 -55.33 21.28 -48.10
C ALA K 305 -55.32 22.29 -49.25
N ILE K 306 -55.38 23.59 -48.93
CA ILE K 306 -55.32 24.61 -49.96
C ILE K 306 -54.08 24.42 -50.83
N PHE K 307 -52.94 24.14 -50.20
CA PHE K 307 -51.71 23.93 -50.95
C PHE K 307 -51.79 22.67 -51.80
N ALA K 308 -52.28 21.57 -51.22
CA ALA K 308 -52.30 20.31 -51.94
C ALA K 308 -53.28 20.33 -53.11
N LYS K 309 -54.32 21.16 -53.04
CA LYS K 309 -55.37 21.18 -54.05
C LYS K 309 -55.03 22.08 -55.23
N PHE K 310 -54.63 23.32 -54.96
CA PHE K 310 -54.57 24.36 -55.98
C PHE K 310 -53.15 24.65 -56.46
N ARG K 311 -52.18 23.83 -56.11
CA ARG K 311 -50.85 23.98 -56.69
C ARG K 311 -50.90 23.63 -58.17
N ASN K 312 -50.40 24.54 -59.01
CA ASN K 312 -50.44 24.37 -60.47
C ASN K 312 -51.87 24.28 -60.99
N ALA K 313 -52.78 25.00 -60.35
CA ALA K 313 -54.20 25.00 -60.72
C ALA K 313 -54.81 23.60 -60.61
N GLY K 314 -54.27 22.78 -59.70
CA GLY K 314 -54.77 21.44 -59.51
C GLY K 314 -54.31 20.43 -60.52
N GLN K 315 -53.38 20.79 -61.40
CA GLN K 315 -52.90 19.91 -62.46
C GLN K 315 -51.60 19.23 -62.06
N THR K 316 -51.66 18.45 -60.99
CA THR K 316 -50.53 17.70 -60.49
C THR K 316 -50.97 16.28 -60.18
N CYS K 317 -50.03 15.34 -60.27
CA CYS K 317 -50.33 13.94 -60.03
C CYS K 317 -50.58 13.65 -58.56
N VAL K 318 -50.13 14.52 -57.65
CA VAL K 318 -50.28 14.32 -56.21
C VAL K 318 -51.29 15.28 -55.60
N CYS K 319 -52.00 16.05 -56.43
CA CYS K 319 -52.95 17.01 -55.90
C CYS K 319 -54.10 16.29 -55.20
N ALA K 320 -54.62 16.93 -54.15
CA ALA K 320 -55.72 16.39 -53.37
C ALA K 320 -56.96 16.32 -54.24
N ASN K 321 -57.31 15.12 -54.71
CA ASN K 321 -58.51 14.94 -55.51
C ASN K 321 -59.75 14.83 -54.64
N ARG K 322 -59.62 14.26 -53.45
CA ARG K 322 -60.72 14.07 -52.52
C ARG K 322 -60.31 14.59 -51.15
N ILE K 323 -61.16 15.41 -50.54
CA ILE K 323 -60.88 16.02 -49.24
C ILE K 323 -61.96 15.52 -48.28
N TYR K 324 -61.62 14.52 -47.47
CA TYR K 324 -62.53 13.97 -46.49
C TYR K 324 -62.40 14.75 -45.19
N VAL K 325 -63.53 15.24 -44.68
CA VAL K 325 -63.56 16.07 -43.47
C VAL K 325 -64.59 15.49 -42.51
N HIS K 326 -64.22 15.39 -41.24
CA HIS K 326 -65.09 14.76 -40.25
C HIS K 326 -66.33 15.61 -40.00
N ASP K 327 -67.41 14.93 -39.63
CA ASP K 327 -68.69 15.61 -39.45
C ASP K 327 -68.58 16.74 -38.43
N ASN K 328 -67.84 16.52 -37.34
CA ASN K 328 -67.82 17.47 -36.24
C ASN K 328 -67.15 18.80 -36.61
N ILE K 329 -66.27 18.81 -37.63
CA ILE K 329 -65.59 20.02 -38.06
C ILE K 329 -65.92 20.37 -39.50
N TYR K 330 -66.83 19.64 -40.15
CA TYR K 330 -67.08 19.85 -41.57
C TYR K 330 -67.44 21.30 -41.86
N GLN K 331 -68.37 21.86 -41.08
CA GLN K 331 -68.84 23.21 -41.37
C GLN K 331 -67.73 24.24 -41.18
N ALA K 332 -67.00 24.15 -40.07
CA ALA K 332 -65.92 25.09 -39.81
C ALA K 332 -64.85 25.00 -40.89
N PHE K 333 -64.42 23.77 -41.21
CA PHE K 333 -63.39 23.59 -42.24
C PHE K 333 -63.84 24.18 -43.56
N ALA K 334 -65.08 23.90 -43.98
CA ALA K 334 -65.57 24.40 -45.26
C ALA K 334 -65.53 25.92 -45.30
N GLU K 335 -66.05 26.57 -44.25
CA GLU K 335 -66.09 28.03 -44.23
C GLU K 335 -64.69 28.61 -44.37
N LYS K 336 -63.73 28.10 -43.58
CA LYS K 336 -62.36 28.57 -43.70
C LYS K 336 -61.79 28.27 -45.07
N PHE K 337 -62.03 27.06 -45.58
CA PHE K 337 -61.49 26.67 -46.87
C PHE K 337 -61.98 27.61 -47.98
N VAL K 338 -63.29 27.87 -48.02
CA VAL K 338 -63.84 28.73 -49.07
C VAL K 338 -63.33 30.15 -48.90
N GLN K 339 -63.06 30.59 -47.68
CA GLN K 339 -62.49 31.91 -47.47
C GLN K 339 -61.14 32.05 -48.16
N GLU K 340 -60.31 30.99 -48.10
CA GLU K 340 -59.00 31.05 -48.73
C GLU K 340 -59.12 30.99 -50.26
N VAL K 341 -60.06 30.18 -50.76
CA VAL K 341 -60.21 30.04 -52.20
C VAL K 341 -60.65 31.35 -52.84
N GLN K 342 -61.45 32.14 -52.14
CA GLN K 342 -61.96 33.39 -52.69
C GLN K 342 -60.94 34.50 -52.70
N LYS K 343 -59.76 34.30 -52.13
CA LYS K 343 -58.66 35.25 -52.24
C LYS K 343 -57.82 35.05 -53.49
N PHE K 344 -57.96 33.91 -54.16
CA PHE K 344 -57.10 33.59 -55.29
C PHE K 344 -57.23 34.64 -56.39
N LYS K 345 -56.10 35.03 -56.96
CA LYS K 345 -56.05 35.88 -58.13
C LYS K 345 -55.86 35.00 -59.36
N VAL K 346 -56.80 35.07 -60.30
CA VAL K 346 -56.77 34.27 -61.52
C VAL K 346 -56.38 35.18 -62.68
N GLY K 347 -55.48 34.69 -63.53
CA GLY K 347 -55.10 35.45 -64.71
C GLY K 347 -53.79 34.94 -65.29
N ASN K 348 -53.21 35.77 -66.14
CA ASN K 348 -51.96 35.42 -66.81
C ASN K 348 -50.86 35.18 -65.79
N GLY K 349 -50.05 34.15 -66.03
CA GLY K 349 -48.98 33.80 -65.12
C GLY K 349 -47.92 34.87 -64.95
N LEU K 350 -47.79 35.78 -65.92
CA LEU K 350 -46.80 36.84 -65.86
C LEU K 350 -47.29 38.04 -65.06
N GLU K 351 -48.55 38.07 -64.65
CA GLU K 351 -49.08 39.17 -63.87
C GLU K 351 -48.70 39.02 -62.41
N ASP K 352 -48.49 40.15 -61.74
CA ASP K 352 -48.08 40.12 -60.35
C ASP K 352 -49.18 39.55 -59.47
N GLY K 353 -48.77 38.72 -58.50
CA GLY K 353 -49.69 38.17 -57.53
C GLY K 353 -50.64 37.12 -58.06
N VAL K 354 -50.52 36.73 -59.32
CA VAL K 354 -51.39 35.69 -59.86
C VAL K 354 -51.03 34.35 -59.23
N GLN K 355 -52.05 33.57 -58.89
CA GLN K 355 -51.88 32.30 -58.21
C GLN K 355 -52.48 31.13 -58.97
N ILE K 356 -53.50 31.36 -59.79
CA ILE K 356 -54.16 30.30 -60.56
C ILE K 356 -54.05 30.66 -62.03
N GLY K 357 -53.45 29.77 -62.81
CA GLY K 357 -53.33 29.95 -64.24
C GLY K 357 -54.44 29.24 -64.99
N PRO K 358 -54.30 29.14 -66.31
CA PRO K 358 -55.30 28.43 -67.12
C PRO K 358 -55.01 26.95 -67.24
N LEU K 359 -56.08 26.19 -67.47
CA LEU K 359 -55.92 24.76 -67.73
C LEU K 359 -55.23 24.55 -69.08
N ILE K 360 -54.74 23.33 -69.28
CA ILE K 360 -53.85 23.08 -70.41
C ILE K 360 -54.61 23.11 -71.74
N ASN K 361 -55.87 22.69 -71.77
CA ASN K 361 -56.61 22.64 -73.02
C ASN K 361 -58.10 22.57 -72.71
N GLU K 362 -58.91 22.52 -73.77
CA GLU K 362 -60.37 22.51 -73.60
C GLU K 362 -60.89 21.18 -73.07
N LYS K 363 -60.16 20.08 -73.28
CA LYS K 363 -60.60 18.80 -72.74
C LYS K 363 -60.62 18.83 -71.22
N ALA K 364 -59.65 19.51 -70.61
CA ALA K 364 -59.63 19.61 -69.15
C ALA K 364 -60.82 20.42 -68.63
N VAL K 365 -61.17 21.51 -69.32
CA VAL K 365 -62.35 22.27 -68.95
C VAL K 365 -63.60 21.40 -69.07
N LEU K 366 -63.71 20.63 -70.16
CA LEU K 366 -64.86 19.77 -70.35
C LEU K 366 -64.96 18.74 -69.22
N LYS K 367 -63.83 18.13 -68.85
CA LYS K 367 -63.86 17.09 -67.82
C LYS K 367 -64.21 17.67 -66.45
N ALA K 368 -63.71 18.86 -66.14
CA ALA K 368 -64.02 19.48 -64.85
C ALA K 368 -65.52 19.78 -64.76
N GLN K 369 -66.08 20.37 -65.82
CA GLN K 369 -67.50 20.72 -65.79
C GLN K 369 -68.37 19.49 -65.66
N GLN K 370 -68.00 18.40 -66.35
CA GLN K 370 -68.79 17.17 -66.29
C GLN K 370 -68.84 16.62 -64.87
N LEU K 371 -67.69 16.55 -64.21
CA LEU K 371 -67.66 15.99 -62.85
C LEU K 371 -68.45 16.85 -61.88
N ILE K 372 -68.40 18.17 -62.06
CA ILE K 372 -69.17 19.07 -61.19
C ILE K 372 -70.66 18.92 -61.46
N ASP K 373 -71.05 18.86 -62.74
CA ASP K 373 -72.46 18.72 -63.06
C ASP K 373 -73.02 17.42 -62.49
N ASP K 374 -72.27 16.32 -62.58
CA ASP K 374 -72.74 15.07 -62.03
C ASP K 374 -72.89 15.15 -60.52
N ALA K 375 -71.89 15.72 -59.84
CA ALA K 375 -71.96 15.86 -58.39
C ALA K 375 -73.16 16.70 -57.98
N VAL K 376 -73.39 17.82 -58.68
CA VAL K 376 -74.54 18.66 -58.36
C VAL K 376 -75.85 17.89 -58.55
N SER K 377 -75.92 17.07 -59.60
CA SER K 377 -77.12 16.29 -59.87
C SER K 377 -77.43 15.26 -58.80
N LYS K 378 -76.47 14.97 -57.92
CA LYS K 378 -76.63 13.97 -56.87
C LYS K 378 -76.63 14.57 -55.47
N GLY K 379 -76.76 15.90 -55.36
CA GLY K 379 -76.94 16.55 -54.07
C GLY K 379 -75.81 17.46 -53.66
N ALA K 380 -74.70 17.50 -54.38
CA ALA K 380 -73.59 18.37 -54.00
C ALA K 380 -73.94 19.83 -54.24
N LYS K 381 -73.43 20.70 -53.37
CA LYS K 381 -73.66 22.13 -53.45
C LYS K 381 -72.39 22.84 -53.90
N ILE K 382 -72.55 23.88 -54.70
CA ILE K 382 -71.44 24.72 -55.14
C ILE K 382 -71.24 25.80 -54.08
N ALA K 383 -70.12 25.72 -53.35
CA ALA K 383 -69.80 26.75 -52.38
C ALA K 383 -69.20 27.99 -53.05
N CYS K 384 -68.52 27.80 -54.17
CA CYS K 384 -67.98 28.90 -54.97
C CYS K 384 -67.44 28.32 -56.27
N GLY K 385 -67.41 29.16 -57.31
CA GLY K 385 -66.93 28.72 -58.60
C GLY K 385 -67.96 27.84 -59.31
N GLY K 386 -67.45 26.86 -60.04
CA GLY K 386 -68.29 25.89 -60.73
C GLY K 386 -68.52 26.14 -62.20
N LYS K 387 -67.83 27.11 -62.79
CA LYS K 387 -68.01 27.40 -64.22
C LYS K 387 -66.72 28.01 -64.75
N GLN K 388 -66.67 28.16 -66.07
CA GLN K 388 -65.53 28.77 -66.72
C GLN K 388 -65.35 30.20 -66.22
N HIS K 389 -64.10 30.64 -66.14
CA HIS K 389 -63.78 31.96 -65.64
C HIS K 389 -64.05 33.02 -66.71
N ALA K 390 -64.35 34.24 -66.25
CA ALA K 390 -64.70 35.31 -67.18
C ALA K 390 -63.58 35.58 -68.18
N LEU K 391 -62.33 35.29 -67.82
CA LEU K 391 -61.22 35.54 -68.74
C LEU K 391 -61.31 34.67 -69.99
N GLY K 392 -62.14 33.63 -70.00
CA GLY K 392 -62.28 32.80 -71.18
C GLY K 392 -61.10 31.85 -71.34
N GLN K 393 -60.77 31.55 -72.60
CA GLN K 393 -59.70 30.63 -72.95
C GLN K 393 -59.97 29.32 -72.21
N THR K 394 -59.00 28.74 -71.51
CA THR K 394 -59.20 27.55 -70.70
C THR K 394 -59.15 27.86 -69.21
N PHE K 395 -59.45 29.09 -68.83
CA PHE K 395 -59.49 29.46 -67.42
C PHE K 395 -60.75 28.90 -66.77
N TYR K 396 -60.58 28.26 -65.62
CA TYR K 396 -61.69 27.71 -64.85
C TYR K 396 -61.69 28.31 -63.45
N GLU K 397 -62.88 28.67 -62.97
CA GLU K 397 -62.99 29.30 -61.66
C GLU K 397 -62.56 28.31 -60.57
N PRO K 398 -61.72 28.74 -59.62
CA PRO K 398 -61.48 27.90 -58.43
C PRO K 398 -62.80 27.58 -57.74
N SER K 399 -63.06 26.29 -57.56
CA SER K 399 -64.36 25.81 -57.13
C SER K 399 -64.23 24.95 -55.88
N VAL K 400 -65.29 24.96 -55.07
CA VAL K 400 -65.39 24.15 -53.87
C VAL K 400 -66.78 23.52 -53.84
N LEU K 401 -66.84 22.20 -53.72
CA LEU K 401 -68.08 21.46 -53.63
C LEU K 401 -68.26 20.91 -52.22
N THR K 402 -69.47 21.04 -51.70
CA THR K 402 -69.83 20.47 -50.40
C THR K 402 -70.92 19.41 -50.61
N ASN K 403 -71.09 18.58 -49.59
CA ASN K 403 -72.11 17.54 -49.59
C ASN K 403 -71.81 16.43 -50.60
N VAL K 404 -70.53 16.26 -50.93
CA VAL K 404 -70.11 15.22 -51.86
C VAL K 404 -70.10 13.87 -51.15
N ASP K 405 -70.38 12.81 -51.90
CA ASP K 405 -70.37 11.46 -51.37
C ASP K 405 -69.73 10.52 -52.39
N ARG K 406 -69.70 9.23 -52.05
CA ARG K 406 -68.97 8.24 -52.84
C ARG K 406 -69.68 7.87 -54.14
N THR K 407 -70.98 8.16 -54.26
CA THR K 407 -71.72 7.83 -55.47
C THR K 407 -71.48 8.81 -56.61
N MET K 408 -70.60 9.80 -56.42
CA MET K 408 -70.34 10.82 -57.42
C MET K 408 -69.08 10.49 -58.20
N GLU K 409 -69.09 10.80 -59.51
CA GLU K 409 -67.97 10.44 -60.36
C GLU K 409 -66.70 11.17 -59.96
N ILE K 410 -66.82 12.38 -59.42
CA ILE K 410 -65.66 13.17 -59.03
C ILE K 410 -64.82 12.44 -57.99
N VAL K 411 -65.38 11.44 -57.33
CA VAL K 411 -64.64 10.68 -56.33
C VAL K 411 -63.82 9.56 -56.96
N GLN K 412 -64.17 9.11 -58.17
CA GLN K 412 -63.46 8.03 -58.83
C GLN K 412 -62.56 8.49 -59.98
N GLU K 413 -62.64 9.76 -60.37
CA GLU K 413 -61.92 10.26 -61.52
C GLU K 413 -61.04 11.43 -61.15
N GLU K 414 -59.89 11.53 -61.82
CA GLU K 414 -59.02 12.69 -61.64
C GLU K 414 -59.68 13.93 -62.24
N ILE K 415 -59.63 15.04 -61.50
CA ILE K 415 -60.15 16.30 -62.00
C ILE K 415 -59.08 17.06 -62.77
N PHE K 416 -57.84 17.04 -62.26
CA PHE K 416 -56.75 17.81 -62.85
C PHE K 416 -57.16 19.26 -63.06
N GLY K 417 -57.85 19.82 -62.07
CA GLY K 417 -58.32 21.19 -62.12
C GLY K 417 -58.55 21.74 -60.73
N PRO K 418 -58.84 23.05 -60.64
CA PRO K 418 -59.01 23.71 -59.33
C PRO K 418 -60.41 23.51 -58.76
N VAL K 419 -60.72 22.27 -58.40
CA VAL K 419 -62.03 21.88 -57.88
C VAL K 419 -61.82 21.03 -56.64
N ALA K 420 -62.33 21.50 -55.50
CA ALA K 420 -62.13 20.84 -54.21
C ALA K 420 -63.42 20.21 -53.71
N PRO K 421 -63.61 18.90 -53.88
CA PRO K 421 -64.81 18.27 -53.32
C PRO K 421 -64.61 17.88 -51.86
N LEU K 422 -65.38 18.52 -50.98
CA LEU K 422 -65.33 18.23 -49.55
C LEU K 422 -66.32 17.12 -49.23
N ILE K 423 -65.81 16.02 -48.69
CA ILE K 423 -66.60 14.81 -48.47
C ILE K 423 -66.74 14.60 -46.96
N ARG K 424 -67.98 14.44 -46.51
CA ARG K 424 -68.27 14.27 -45.09
C ARG K 424 -68.10 12.80 -44.71
N PHE K 425 -67.59 12.57 -43.50
CA PHE K 425 -67.45 11.22 -42.96
C PHE K 425 -67.52 11.29 -41.44
N THR K 426 -67.61 10.11 -40.82
CA THR K 426 -67.69 10.03 -39.37
C THR K 426 -66.82 8.89 -38.83
N ASP K 427 -66.95 7.70 -39.42
CA ASP K 427 -66.24 6.52 -38.95
C ASP K 427 -64.84 6.45 -39.56
N GLU K 428 -63.88 6.01 -38.74
CA GLU K 428 -62.49 5.92 -39.22
C GLU K 428 -62.34 4.79 -40.23
N ALA K 429 -62.84 3.59 -39.90
CA ALA K 429 -62.72 2.48 -40.83
C ALA K 429 -63.40 2.79 -42.16
N ASP K 430 -64.49 3.56 -42.13
CA ASP K 430 -65.21 3.86 -43.35
C ASP K 430 -64.41 4.79 -44.26
N VAL K 431 -63.78 5.81 -43.69
CA VAL K 431 -63.05 6.78 -44.52
C VAL K 431 -61.77 6.14 -45.07
N VAL K 432 -61.15 5.24 -44.32
CA VAL K 432 -59.98 4.53 -44.83
C VAL K 432 -60.38 3.64 -46.00
N ALA K 433 -61.52 2.95 -45.88
CA ALA K 433 -62.01 2.13 -46.99
C ALA K 433 -62.28 2.98 -48.23
N GLN K 434 -62.88 4.16 -48.03
CA GLN K 434 -63.13 5.04 -49.17
C GLN K 434 -61.83 5.55 -49.77
N ALA K 435 -60.86 5.89 -48.93
CA ALA K 435 -59.58 6.39 -49.44
C ALA K 435 -58.90 5.33 -50.30
N ASN K 436 -59.05 4.05 -49.93
CA ASN K 436 -58.41 2.96 -50.65
C ASN K 436 -59.27 2.39 -51.77
N ASP K 437 -60.51 2.85 -51.93
CA ASP K 437 -61.41 2.36 -52.97
C ASP K 437 -61.10 3.06 -54.28
N THR K 438 -59.98 2.66 -54.88
CA THR K 438 -59.48 3.28 -56.11
C THR K 438 -58.38 2.40 -56.68
N ILE K 439 -58.24 2.45 -58.01
CA ILE K 439 -57.15 1.72 -58.66
C ILE K 439 -55.81 2.39 -58.45
N PHE K 440 -55.79 3.63 -58.00
CA PHE K 440 -54.55 4.38 -57.84
C PHE K 440 -54.00 4.23 -56.42
N GLY K 441 -52.78 4.71 -56.24
CA GLY K 441 -52.12 4.66 -54.95
C GLY K 441 -50.84 5.45 -54.95
N LEU K 442 -50.91 6.74 -55.32
CA LEU K 442 -49.72 7.57 -55.41
C LEU K 442 -49.48 8.32 -54.11
N ALA K 443 -50.25 9.38 -53.86
CA ALA K 443 -50.07 10.20 -52.68
C ALA K 443 -51.35 10.24 -51.85
N ALA K 444 -51.19 10.46 -50.55
CA ALA K 444 -52.31 10.59 -49.63
C ALA K 444 -51.88 11.51 -48.50
N TYR K 445 -52.87 12.03 -47.77
CA TYR K 445 -52.61 13.00 -46.71
C TYR K 445 -53.57 12.74 -45.54
N VAL K 446 -53.03 12.84 -44.33
CA VAL K 446 -53.80 12.60 -43.11
C VAL K 446 -53.46 13.69 -42.10
N TYR K 447 -54.47 14.33 -41.53
CA TYR K 447 -54.31 15.35 -40.50
C TYR K 447 -54.97 14.86 -39.23
N SER K 448 -54.17 14.74 -38.17
CA SER K 448 -54.68 14.28 -36.87
C SER K 448 -53.62 14.47 -35.79
N GLU K 449 -53.99 15.07 -34.67
CA GLU K 449 -53.06 15.26 -33.58
C GLU K 449 -52.98 14.04 -32.66
N ASN K 450 -53.66 12.95 -33.00
CA ASN K 450 -53.58 11.71 -32.24
C ASN K 450 -52.52 10.81 -32.86
N ILE K 451 -51.52 10.43 -32.06
CA ILE K 451 -50.37 9.70 -32.61
C ILE K 451 -50.80 8.33 -33.11
N SER K 452 -51.57 7.59 -32.30
CA SER K 452 -52.02 6.27 -32.70
C SER K 452 -52.82 6.34 -34.01
N ARG K 453 -53.79 7.26 -34.08
CA ARG K 453 -54.60 7.39 -35.27
C ARG K 453 -53.75 7.78 -36.49
N LEU K 454 -52.84 8.73 -36.31
CA LEU K 454 -52.02 9.19 -37.43
C LEU K 454 -51.20 8.04 -38.01
N TRP K 455 -50.61 7.21 -37.16
CA TRP K 455 -49.82 6.08 -37.65
C TRP K 455 -50.73 4.96 -38.15
N ARG K 456 -51.80 4.66 -37.41
CA ARG K 456 -52.72 3.60 -37.83
C ARG K 456 -53.27 3.87 -39.22
N VAL K 457 -53.77 5.09 -39.44
CA VAL K 457 -54.36 5.42 -40.74
C VAL K 457 -53.29 5.46 -41.82
N SER K 458 -52.16 6.13 -41.53
CA SER K 458 -51.11 6.27 -42.53
C SER K 458 -50.61 4.91 -43.01
N GLU K 459 -50.54 3.94 -42.09
CA GLU K 459 -50.08 2.60 -42.47
C GLU K 459 -51.13 1.85 -43.28
N GLN K 460 -52.41 2.12 -43.04
CA GLN K 460 -53.48 1.41 -43.75
C GLN K 460 -53.73 1.99 -45.14
N LEU K 461 -53.27 3.20 -45.42
CA LEU K 461 -53.48 3.81 -46.73
C LEU K 461 -52.56 3.15 -47.75
N GLU K 462 -53.15 2.57 -48.80
CA GLU K 462 -52.40 1.85 -49.83
C GLU K 462 -51.85 2.86 -50.85
N TYR K 463 -50.85 3.62 -50.39
CA TYR K 463 -50.25 4.67 -51.19
C TYR K 463 -48.74 4.64 -50.99
N GLY K 464 -48.01 5.14 -52.01
CA GLY K 464 -46.57 5.18 -51.92
C GLY K 464 -46.03 6.35 -51.12
N MET K 465 -46.86 7.38 -50.91
CA MET K 465 -46.47 8.58 -50.18
C MET K 465 -47.65 9.05 -49.34
N VAL K 466 -47.39 9.30 -48.06
CA VAL K 466 -48.44 9.74 -47.13
C VAL K 466 -47.92 10.95 -46.36
N GLY K 467 -48.59 12.08 -46.54
CA GLY K 467 -48.30 13.26 -45.75
C GLY K 467 -49.04 13.21 -44.43
N MET K 468 -48.29 13.26 -43.32
CA MET K 468 -48.84 13.16 -41.97
C MET K 468 -48.74 14.53 -41.33
N ASN K 469 -49.86 15.25 -41.30
CA ASN K 469 -49.90 16.65 -40.87
C ASN K 469 -48.99 17.49 -41.75
N ALA K 470 -48.94 17.17 -43.03
CA ALA K 470 -48.12 17.90 -43.99
C ALA K 470 -48.59 17.56 -45.40
N THR K 471 -48.47 18.54 -46.30
CA THR K 471 -48.78 18.34 -47.70
C THR K 471 -47.65 18.76 -48.64
N ALA K 472 -46.64 19.49 -48.14
CA ALA K 472 -45.47 19.84 -48.95
C ALA K 472 -44.47 18.70 -48.86
N ILE K 473 -44.76 17.63 -49.62
CA ILE K 473 -44.00 16.39 -49.53
C ILE K 473 -42.91 16.28 -50.58
N SER K 474 -42.87 17.17 -51.55
CA SER K 474 -42.00 17.04 -52.71
C SER K 474 -40.62 17.60 -52.42
N ASN K 475 -39.60 16.80 -52.69
CA ASN K 475 -38.20 17.21 -52.61
C ASN K 475 -37.38 16.09 -53.24
N GLU K 476 -36.10 16.38 -53.49
CA GLU K 476 -35.29 15.46 -54.27
C GLU K 476 -34.71 14.31 -53.45
N VAL K 477 -34.80 14.35 -52.12
CA VAL K 477 -34.17 13.34 -51.28
C VAL K 477 -35.14 12.25 -50.82
N VAL K 478 -36.42 12.38 -51.14
CA VAL K 478 -37.42 11.40 -50.71
C VAL K 478 -37.87 10.57 -51.91
N PRO K 479 -38.23 9.29 -51.72
CA PRO K 479 -38.57 8.42 -52.85
C PRO K 479 -39.98 8.73 -53.36
N PHE K 480 -40.05 9.29 -54.57
CA PHE K 480 -41.30 9.74 -55.16
C PHE K 480 -41.85 8.67 -56.10
N GLY K 481 -43.06 8.21 -55.82
CA GLY K 481 -43.69 7.21 -56.66
C GLY K 481 -44.92 6.65 -55.98
N GLY K 482 -45.60 5.77 -56.72
CA GLY K 482 -46.87 5.22 -56.28
C GLY K 482 -46.86 3.70 -56.28
N VAL K 483 -48.01 3.14 -55.93
CA VAL K 483 -48.25 1.70 -55.93
C VAL K 483 -49.53 1.44 -56.73
N LYS K 484 -49.90 0.17 -56.84
CA LYS K 484 -51.06 -0.22 -57.63
C LYS K 484 -50.93 0.34 -59.04
N GLN K 485 -52.00 0.90 -59.60
CA GLN K 485 -51.95 1.43 -60.96
C GLN K 485 -51.42 2.85 -61.03
N SER K 486 -50.79 3.35 -59.96
CA SER K 486 -50.14 4.64 -59.99
C SER K 486 -48.71 4.57 -60.53
N GLY K 487 -48.16 3.37 -60.69
CA GLY K 487 -46.89 3.18 -61.37
C GLY K 487 -45.96 2.29 -60.59
N VAL K 488 -44.73 2.22 -61.08
CA VAL K 488 -43.68 1.41 -60.45
C VAL K 488 -42.39 2.24 -60.43
N GLY K 489 -41.53 1.92 -59.48
CA GLY K 489 -40.27 2.61 -59.34
C GLY K 489 -40.39 3.88 -58.52
N ARG K 490 -39.23 4.49 -58.28
CA ARG K 490 -39.15 5.72 -57.49
C ARG K 490 -38.17 6.68 -58.15
N GLU K 491 -38.47 7.97 -58.02
CA GLU K 491 -37.61 9.03 -58.53
C GLU K 491 -37.07 9.86 -57.37
N GLY K 492 -35.82 10.28 -57.49
CA GLY K 492 -35.13 10.95 -56.40
C GLY K 492 -34.76 9.95 -55.30
N SER K 493 -34.07 10.48 -54.29
CA SER K 493 -33.71 9.71 -53.11
C SER K 493 -32.63 8.68 -53.41
N LYS K 494 -32.22 7.93 -52.38
CA LYS K 494 -31.25 6.86 -52.54
C LYS K 494 -31.77 5.71 -53.40
N TYR K 495 -33.07 5.66 -53.68
CA TYR K 495 -33.64 4.60 -54.50
C TYR K 495 -33.73 4.96 -55.98
N GLY K 496 -33.54 6.22 -56.33
CA GLY K 496 -33.77 6.65 -57.70
C GLY K 496 -32.74 6.14 -58.68
N LEU K 497 -31.49 5.94 -58.23
CA LEU K 497 -30.43 5.57 -59.15
C LEU K 497 -30.44 4.08 -59.46
N GLU K 498 -30.78 3.25 -58.47
CA GLU K 498 -30.85 1.81 -58.71
C GLU K 498 -31.81 1.47 -59.83
N GLU K 499 -32.80 2.33 -60.09
CA GLU K 499 -33.77 2.08 -61.16
C GLU K 499 -33.07 2.01 -62.52
N PHE K 500 -31.94 2.69 -62.69
CA PHE K 500 -31.24 2.77 -63.96
C PHE K 500 -30.01 1.88 -64.01
N MET K 501 -29.90 0.92 -63.09
CA MET K 501 -28.76 0.02 -63.04
C MET K 501 -29.25 -1.42 -63.09
N THR K 502 -28.35 -2.32 -63.46
CA THR K 502 -28.57 -3.76 -63.34
C THR K 502 -27.53 -4.35 -62.39
N ILE K 503 -27.82 -5.55 -61.91
CA ILE K 503 -26.96 -6.26 -60.96
C ILE K 503 -26.17 -7.32 -61.72
N LYS K 504 -24.87 -7.40 -61.42
CA LYS K 504 -24.00 -8.43 -61.96
C LYS K 504 -23.40 -9.22 -60.81
N TYR K 505 -23.68 -10.52 -60.77
CA TYR K 505 -23.19 -11.41 -59.73
C TYR K 505 -21.97 -12.15 -60.27
N MET K 506 -20.79 -11.74 -59.81
CA MET K 506 -19.54 -12.41 -60.17
C MET K 506 -19.27 -13.52 -59.16
N CYS K 507 -19.10 -14.74 -59.66
CA CYS K 507 -18.73 -15.88 -58.83
C CYS K 507 -17.27 -16.22 -59.15
N LEU K 508 -16.36 -15.69 -58.33
CA LEU K 508 -14.93 -15.86 -58.55
C LEU K 508 -14.49 -17.18 -57.92
N GLY K 509 -14.02 -18.10 -58.76
CA GLY K 509 -13.51 -19.36 -58.27
C GLY K 509 -12.02 -19.31 -57.98
N LEU K 510 -11.65 -19.51 -56.72
CA LEU K 510 -10.24 -19.54 -56.34
C LEU K 510 -9.70 -20.96 -56.47
N SER L 29 10.56 36.57 -48.95
CA SER L 29 9.24 36.76 -48.35
C SER L 29 8.17 36.05 -49.18
N SER L 30 8.49 34.86 -49.68
CA SER L 30 7.52 34.08 -50.43
C SER L 30 6.28 33.77 -49.58
N LEU L 31 6.45 33.67 -48.26
CA LEU L 31 5.34 33.41 -47.35
C LEU L 31 4.62 34.68 -46.95
N GLN L 32 5.34 35.77 -46.74
CA GLN L 32 4.70 37.04 -46.41
C GLN L 32 3.87 37.59 -47.56
N SER L 33 3.98 37.01 -48.76
CA SER L 33 3.22 37.50 -49.90
C SER L 33 1.82 36.93 -49.95
N THR L 34 1.60 35.76 -49.37
CA THR L 34 0.31 35.09 -49.41
C THR L 34 -0.54 35.51 -48.22
N GLU L 35 -1.84 35.75 -48.47
CA GLU L 35 -2.77 36.11 -47.42
C GLU L 35 -3.01 34.97 -46.43
N LEU L 36 -2.69 33.72 -46.82
CA LEU L 36 -2.96 32.56 -45.99
C LEU L 36 -1.87 32.28 -44.97
N PHE L 37 -0.75 33.00 -45.01
CA PHE L 37 0.32 32.82 -44.04
C PHE L 37 -0.07 33.55 -42.76
N GLN L 38 -0.36 32.80 -41.71
CA GLN L 38 -0.79 33.35 -40.42
C GLN L 38 0.16 32.87 -39.33
N GLN L 39 0.58 33.80 -38.48
CA GLN L 39 1.44 33.49 -37.34
C GLN L 39 0.69 33.62 -36.01
N GLN L 40 -0.64 33.50 -36.05
CA GLN L 40 -1.47 33.51 -34.86
C GLN L 40 -2.47 32.35 -34.94
N ALA L 41 -2.95 31.93 -33.78
CA ALA L 41 -3.90 30.84 -33.72
C ALA L 41 -5.29 31.34 -34.06
N TYR L 42 -6.23 30.40 -34.20
CA TYR L 42 -7.59 30.69 -34.63
C TYR L 42 -8.56 30.07 -33.61
N ILE L 43 -9.23 30.91 -32.84
CA ILE L 43 -10.16 30.45 -31.81
C ILE L 43 -11.39 31.35 -31.83
N ASN L 44 -12.56 30.74 -32.00
CA ASN L 44 -13.84 31.45 -32.01
C ASN L 44 -13.82 32.64 -32.97
N GLY L 45 -13.35 32.38 -34.19
CA GLY L 45 -13.37 33.38 -35.23
C GLY L 45 -12.37 34.51 -35.07
N GLN L 46 -11.49 34.44 -34.07
CA GLN L 46 -10.48 35.46 -33.83
C GLN L 46 -9.09 34.91 -34.07
N TRP L 47 -8.18 35.80 -34.47
CA TRP L 47 -6.77 35.45 -34.65
C TRP L 47 -6.02 35.95 -33.42
N LEU L 48 -5.58 35.01 -32.58
CA LEU L 48 -5.10 35.31 -31.24
C LEU L 48 -3.65 34.88 -31.05
N ALA L 49 -2.97 35.58 -30.15
CA ALA L 49 -1.71 35.13 -29.60
C ALA L 49 -1.96 34.39 -28.29
N ALA L 50 -0.91 33.77 -27.76
CA ALA L 50 -1.01 33.15 -26.45
C ALA L 50 -1.24 34.22 -25.40
N GLN L 51 -1.94 33.85 -24.32
CA GLN L 51 -2.17 34.79 -23.23
C GLN L 51 -0.86 35.30 -22.66
N SER L 52 0.19 34.48 -22.73
CA SER L 52 1.52 34.88 -22.27
C SER L 52 2.35 35.55 -23.35
N ASN L 53 1.85 35.61 -24.59
CA ASN L 53 2.57 36.13 -25.75
C ASN L 53 3.75 35.28 -26.14
N ALA L 54 3.94 34.11 -25.53
CA ALA L 54 5.05 33.25 -25.87
C ALA L 54 4.89 32.70 -27.28
N THR L 55 6.02 32.39 -27.92
CA THR L 55 6.03 31.86 -29.27
C THR L 55 7.11 30.80 -29.40
N VAL L 56 6.91 29.90 -30.34
CA VAL L 56 7.93 28.89 -30.68
C VAL L 56 8.23 29.01 -32.17
N PRO L 57 9.46 28.72 -32.60
CA PRO L 57 9.81 28.95 -34.01
C PRO L 57 9.45 27.78 -34.89
N VAL L 58 9.22 28.10 -36.17
CA VAL L 58 9.01 27.12 -37.23
C VAL L 58 10.11 27.31 -38.26
N SER L 59 10.68 26.21 -38.74
CA SER L 59 11.85 26.24 -39.59
C SER L 59 11.60 25.52 -40.91
N ASN L 60 12.37 25.92 -41.92
CA ASN L 60 12.38 25.24 -43.20
C ASN L 60 13.40 24.10 -43.13
N PRO L 61 12.98 22.83 -43.19
CA PRO L 61 13.96 21.74 -43.04
C PRO L 61 14.99 21.69 -44.15
N ALA L 62 14.70 22.26 -45.33
CA ALA L 62 15.67 22.22 -46.42
C ALA L 62 16.83 23.18 -46.17
N THR L 63 16.56 24.32 -45.54
CA THR L 63 17.59 25.33 -45.31
C THR L 63 17.97 25.49 -43.84
N GLY L 64 17.12 25.06 -42.92
CA GLY L 64 17.35 25.28 -41.50
C GLY L 64 17.00 26.67 -41.01
N GLU L 65 16.69 27.60 -41.92
CA GLU L 65 16.38 28.97 -41.52
C GLU L 65 14.99 29.04 -40.92
N GLU L 66 14.82 29.97 -39.98
CA GLU L 66 13.53 30.21 -39.35
C GLU L 66 12.63 30.98 -40.31
N ILE L 67 11.39 30.51 -40.44
CA ILE L 67 10.42 31.14 -41.34
C ILE L 67 9.34 31.91 -40.60
N GLY L 68 9.22 31.72 -39.29
CA GLY L 68 8.21 32.42 -38.52
C GLY L 68 8.02 31.75 -37.18
N THR L 69 7.01 32.23 -36.46
CA THR L 69 6.68 31.72 -35.14
C THR L 69 5.18 31.43 -35.07
N ILE L 70 4.80 30.66 -34.05
CA ILE L 70 3.40 30.39 -33.76
C ILE L 70 3.18 30.58 -32.26
N PRO L 71 1.98 30.96 -31.83
CA PRO L 71 1.75 31.10 -30.38
C PRO L 71 1.97 29.78 -29.66
N ASN L 72 2.62 29.87 -28.50
CA ASN L 72 2.84 28.69 -27.65
C ASN L 72 1.76 28.64 -26.58
N MET L 73 0.55 28.28 -27.02
CA MET L 73 -0.61 28.24 -26.16
C MET L 73 -0.59 26.98 -25.29
N GLY L 74 -1.45 26.98 -24.28
CA GLY L 74 -1.50 25.88 -23.33
C GLY L 74 -2.92 25.50 -22.92
N ALA L 75 -3.07 25.13 -21.64
CA ALA L 75 -4.36 24.63 -21.18
C ALA L 75 -5.44 25.71 -21.23
N ALA L 76 -5.09 26.94 -20.84
CA ALA L 76 -6.09 28.01 -20.80
C ALA L 76 -6.71 28.21 -22.18
N GLU L 77 -5.88 28.40 -23.20
CA GLU L 77 -6.41 28.65 -24.54
C GLU L 77 -7.14 27.43 -25.09
N ALA L 78 -6.62 26.23 -24.82
CA ALA L 78 -7.30 25.02 -25.27
C ALA L 78 -8.68 24.91 -24.66
N THR L 79 -8.82 25.28 -23.38
CA THR L 79 -10.12 25.26 -22.73
C THR L 79 -11.06 26.30 -23.34
N GLN L 80 -10.52 27.45 -23.76
CA GLN L 80 -11.35 28.44 -24.44
C GLN L 80 -11.85 27.90 -25.77
N ALA L 81 -11.00 27.18 -26.50
CA ALA L 81 -11.42 26.62 -27.78
C ALA L 81 -12.53 25.60 -27.61
N VAL L 82 -12.43 24.74 -26.58
CA VAL L 82 -13.48 23.77 -26.32
C VAL L 82 -14.79 24.48 -26.00
N GLU L 83 -14.73 25.54 -25.20
CA GLU L 83 -15.95 26.27 -24.86
C GLU L 83 -16.54 26.96 -26.08
N ALA L 84 -15.68 27.50 -26.96
CA ALA L 84 -16.18 28.15 -28.17
C ALA L 84 -16.80 27.12 -29.11
N ALA L 85 -16.22 25.93 -29.20
CA ALA L 85 -16.78 24.89 -30.07
C ALA L 85 -18.12 24.41 -29.55
N TYR L 86 -18.27 24.30 -28.23
CA TYR L 86 -19.52 23.81 -27.67
C TYR L 86 -20.66 24.82 -27.90
N THR L 87 -20.36 26.12 -27.75
CA THR L 87 -21.37 27.13 -28.02
C THR L 87 -21.80 27.12 -29.48
N ALA L 88 -20.83 27.05 -30.40
CA ALA L 88 -21.13 27.02 -31.82
C ALA L 88 -21.85 25.74 -32.22
N LEU L 89 -21.72 24.68 -31.43
CA LEU L 89 -22.32 23.39 -31.79
C LEU L 89 -23.84 23.47 -31.85
N GLN L 90 -24.45 24.31 -30.99
CA GLN L 90 -25.91 24.31 -30.90
C GLN L 90 -26.55 24.78 -32.19
N SER L 91 -26.02 25.85 -32.78
CA SER L 91 -26.61 26.40 -33.99
C SER L 91 -26.06 25.74 -35.26
N TRP L 92 -24.82 25.22 -35.20
CA TRP L 92 -24.27 24.55 -36.38
C TRP L 92 -25.03 23.26 -36.68
N LYS L 93 -25.27 22.44 -35.65
CA LYS L 93 -25.98 21.19 -35.87
C LYS L 93 -27.45 21.42 -36.18
N ALA L 94 -28.00 22.58 -35.81
CA ALA L 94 -29.40 22.87 -36.07
C ALA L 94 -29.68 23.14 -37.55
N LEU L 95 -28.66 23.53 -38.30
CA LEU L 95 -28.83 23.73 -39.73
C LEU L 95 -29.21 22.41 -40.41
N THR L 96 -29.70 22.53 -41.64
CA THR L 96 -29.98 21.35 -42.45
C THR L 96 -28.68 20.82 -43.05
N ALA L 97 -28.72 19.54 -43.47
CA ALA L 97 -27.56 18.96 -44.13
C ALA L 97 -27.21 19.74 -45.39
N GLN L 98 -28.21 20.23 -46.12
CA GLN L 98 -27.95 21.02 -47.31
C GLN L 98 -27.33 22.38 -46.95
N ASN L 99 -27.75 22.96 -45.83
CA ASN L 99 -27.11 24.18 -45.33
C ASN L 99 -25.60 23.98 -45.20
N ARG L 100 -25.19 22.95 -44.44
CA ARG L 100 -23.78 22.73 -44.21
C ARG L 100 -23.07 22.32 -45.49
N ALA L 101 -23.74 21.55 -46.35
CA ALA L 101 -23.11 21.14 -47.61
C ALA L 101 -22.71 22.35 -48.43
N ASP L 102 -23.61 23.34 -48.54
CA ASP L 102 -23.30 24.54 -49.30
C ASP L 102 -22.07 25.25 -48.74
N ILE L 103 -22.01 25.40 -47.41
CA ILE L 103 -20.88 26.08 -46.78
C ILE L 103 -19.61 25.27 -47.00
N LEU L 104 -19.68 23.96 -46.78
CA LEU L 104 -18.48 23.13 -46.96
C LEU L 104 -18.00 23.15 -48.40
N LEU L 105 -18.93 23.26 -49.36
CA LEU L 105 -18.52 23.30 -50.76
C LEU L 105 -17.89 24.64 -51.12
N ALA L 106 -18.33 25.72 -50.49
CA ALA L 106 -17.62 26.99 -50.62
C ALA L 106 -16.20 26.87 -50.08
N TRP L 107 -16.05 26.18 -48.95
CA TRP L 107 -14.72 25.88 -48.42
C TRP L 107 -13.92 25.05 -49.41
N HIS L 108 -14.54 24.01 -49.96
CA HIS L 108 -13.86 23.15 -50.94
C HIS L 108 -13.37 23.97 -52.13
N LYS L 109 -14.19 24.88 -52.64
CA LYS L 109 -13.78 25.69 -53.79
C LYS L 109 -12.59 26.56 -53.45
N LEU L 110 -12.61 27.20 -52.27
CA LEU L 110 -11.50 28.06 -51.89
C LEU L 110 -10.20 27.27 -51.78
N VAL L 111 -10.26 26.06 -51.22
CA VAL L 111 -9.06 25.25 -51.10
C VAL L 111 -8.44 25.02 -52.48
N LEU L 112 -9.25 24.60 -53.45
CA LEU L 112 -8.73 24.34 -54.78
C LEU L 112 -8.26 25.63 -55.46
N ASP L 113 -9.02 26.73 -55.29
CA ASP L 113 -8.62 27.99 -55.90
C ASP L 113 -7.25 28.44 -55.40
N HIS L 114 -6.91 28.13 -54.15
CA HIS L 114 -5.63 28.51 -53.55
C HIS L 114 -4.66 27.34 -53.49
N THR L 115 -4.71 26.44 -54.48
CA THR L 115 -3.83 25.27 -54.46
C THR L 115 -2.37 25.68 -54.43
N ASP L 116 -1.94 26.48 -55.41
CA ASP L 116 -0.53 26.86 -55.49
C ASP L 116 -0.10 27.59 -54.22
N GLU L 117 -0.98 28.43 -53.66
CA GLU L 117 -0.66 29.15 -52.43
C GLU L 117 -0.44 28.17 -51.28
N LEU L 118 -1.35 27.20 -51.13
CA LEU L 118 -1.24 26.24 -50.03
C LEU L 118 -0.05 25.30 -50.23
N ALA L 119 0.24 24.93 -51.48
CA ALA L 119 1.37 24.04 -51.74
C ALA L 119 2.69 24.73 -51.42
N LEU L 120 2.78 26.03 -51.69
CA LEU L 120 4.00 26.76 -51.37
C LEU L 120 4.27 26.77 -49.87
N ILE L 121 3.22 27.00 -49.07
CA ILE L 121 3.38 26.98 -47.62
C ILE L 121 3.84 25.60 -47.15
N MET L 122 3.15 24.55 -47.61
CA MET L 122 3.46 23.20 -47.16
C MET L 122 4.92 22.85 -47.41
N THR L 123 5.39 23.11 -48.63
CA THR L 123 6.74 22.69 -49.00
C THR L 123 7.78 23.43 -48.18
N ILE L 124 7.55 24.72 -47.91
CA ILE L 124 8.55 25.50 -47.17
C ILE L 124 8.68 25.00 -45.75
N GLU L 125 7.57 24.62 -45.12
CA GLU L 125 7.60 24.21 -43.72
C GLU L 125 7.75 22.70 -43.53
N GLN L 126 7.34 21.90 -44.52
CA GLN L 126 7.40 20.44 -44.40
C GLN L 126 8.49 19.80 -45.25
N GLY L 127 8.79 20.36 -46.43
CA GLY L 127 9.96 19.98 -47.20
C GLY L 127 9.67 19.20 -48.46
N LYS L 128 8.50 18.58 -48.58
CA LYS L 128 8.22 17.74 -49.72
C LYS L 128 8.20 18.55 -51.01
N PRO L 129 8.40 17.91 -52.16
CA PRO L 129 8.42 18.65 -53.43
C PRO L 129 7.10 19.34 -53.69
N LEU L 130 7.17 20.46 -54.42
CA LEU L 130 5.99 21.27 -54.67
C LEU L 130 4.92 20.48 -55.41
N ALA L 131 5.33 19.61 -56.32
CA ALA L 131 4.37 18.78 -57.04
C ALA L 131 3.59 17.89 -56.08
N GLU L 132 4.29 17.27 -55.13
CA GLU L 132 3.60 16.42 -54.15
C GLU L 132 2.65 17.24 -53.29
N ALA L 133 3.07 18.46 -52.92
CA ALA L 133 2.22 19.31 -52.09
C ALA L 133 0.91 19.63 -52.82
N LYS L 134 1.02 20.08 -54.09
CA LYS L 134 -0.17 20.34 -54.88
C LYS L 134 -1.07 19.11 -54.94
N GLY L 135 -0.47 17.93 -55.07
CA GLY L 135 -1.26 16.71 -55.07
C GLY L 135 -2.02 16.50 -53.77
N GLU L 136 -1.36 16.78 -52.64
CA GLU L 136 -2.02 16.62 -51.35
C GLU L 136 -3.18 17.62 -51.21
N VAL L 137 -3.01 18.84 -51.72
CA VAL L 137 -4.07 19.83 -51.63
C VAL L 137 -5.33 19.32 -52.31
N ARG L 138 -5.19 18.74 -53.51
CA ARG L 138 -6.33 18.17 -54.20
C ARG L 138 -6.85 16.94 -53.45
N TYR L 139 -5.95 16.05 -53.06
CA TYR L 139 -6.34 14.91 -52.24
C TYR L 139 -7.09 15.37 -50.99
N ALA L 140 -6.61 16.45 -50.36
CA ALA L 140 -7.27 16.96 -49.16
C ALA L 140 -8.61 17.60 -49.49
N ALA L 141 -8.65 18.41 -50.55
CA ALA L 141 -9.90 19.07 -50.93
C ALA L 141 -11.01 18.07 -51.21
N SER L 142 -10.66 16.89 -51.74
CA SER L 142 -11.68 15.92 -52.09
C SER L 142 -12.46 15.43 -50.87
N PHE L 143 -11.83 15.44 -49.69
CA PHE L 143 -12.54 15.01 -48.49
C PHE L 143 -13.62 16.00 -48.10
N ILE L 144 -13.39 17.30 -48.32
CA ILE L 144 -14.41 18.30 -48.03
C ILE L 144 -15.63 18.06 -48.91
N GLN L 145 -15.40 17.89 -50.22
CA GLN L 145 -16.50 17.64 -51.14
C GLN L 145 -17.20 16.33 -50.79
N TRP L 146 -16.44 15.29 -50.50
CA TRP L 146 -17.04 13.98 -50.26
C TRP L 146 -17.97 14.01 -49.05
N PHE L 147 -17.51 14.57 -47.94
CA PHE L 147 -18.32 14.54 -46.73
C PHE L 147 -19.43 15.59 -46.75
N ALA L 148 -19.24 16.70 -47.46
CA ALA L 148 -20.35 17.60 -47.70
C ALA L 148 -21.53 16.84 -48.29
N GLU L 149 -21.24 15.87 -49.16
CA GLU L 149 -22.30 15.05 -49.75
C GLU L 149 -22.76 13.96 -48.80
N GLU L 150 -21.86 13.39 -48.00
CA GLU L 150 -22.25 12.37 -47.03
C GLU L 150 -23.23 12.93 -46.01
N GLY L 151 -23.05 14.20 -45.62
CA GLY L 151 -23.92 14.77 -44.60
C GLY L 151 -25.39 14.67 -44.95
N LYS L 152 -25.71 14.73 -46.23
CA LYS L 152 -27.09 14.61 -46.69
C LYS L 152 -27.58 13.17 -46.74
N ARG L 153 -26.70 12.20 -46.46
CA ARG L 153 -27.01 10.79 -46.66
C ARG L 153 -26.73 9.95 -45.42
N ILE L 154 -26.59 10.56 -44.26
CA ILE L 154 -26.45 9.80 -43.02
C ILE L 154 -27.84 9.29 -42.66
N TYR L 155 -28.15 8.07 -43.07
CA TYR L 155 -29.50 7.54 -42.97
C TYR L 155 -29.72 6.80 -41.65
N GLY L 156 -30.94 6.93 -41.13
CA GLY L 156 -31.40 6.11 -40.03
C GLY L 156 -32.08 4.86 -40.55
N ASP L 157 -32.80 4.19 -39.65
CA ASP L 157 -33.42 2.91 -39.98
C ASP L 157 -34.82 2.85 -39.40
N VAL L 158 -35.65 2.02 -40.02
CA VAL L 158 -36.92 1.57 -39.45
C VAL L 158 -36.84 0.05 -39.40
N ILE L 159 -36.85 -0.50 -38.19
CA ILE L 159 -36.61 -1.92 -37.97
C ILE L 159 -37.96 -2.62 -37.82
N PRO L 160 -38.21 -3.72 -38.52
CA PRO L 160 -39.46 -4.45 -38.32
C PRO L 160 -39.68 -4.77 -36.85
N THR L 161 -40.84 -4.39 -36.34
CA THR L 161 -41.11 -4.52 -34.92
C THR L 161 -41.30 -5.97 -34.52
N VAL L 162 -40.90 -6.27 -33.28
CA VAL L 162 -41.26 -7.53 -32.64
C VAL L 162 -42.53 -7.40 -31.80
N ASN L 163 -43.10 -6.21 -31.71
CA ASN L 163 -44.28 -5.94 -30.90
C ASN L 163 -45.17 -5.00 -31.68
N ASN L 164 -46.35 -5.48 -32.08
CA ASN L 164 -47.20 -4.70 -32.98
C ASN L 164 -47.65 -3.38 -32.38
N GLN L 165 -47.51 -3.21 -31.06
CA GLN L 165 -47.88 -1.96 -30.41
C GLN L 165 -46.74 -0.95 -30.38
N GLN L 166 -45.59 -1.26 -30.97
CA GLN L 166 -44.44 -0.38 -30.97
C GLN L 166 -43.90 -0.24 -32.39
N ARG L 167 -43.13 0.83 -32.59
CA ARG L 167 -42.41 1.07 -33.83
C ARG L 167 -40.99 1.48 -33.50
N PHE L 168 -40.02 0.91 -34.21
CA PHE L 168 -38.60 1.10 -33.95
C PHE L 168 -38.03 2.04 -35.01
N ILE L 169 -37.68 3.25 -34.60
CA ILE L 169 -37.17 4.29 -35.50
C ILE L 169 -35.78 4.67 -35.02
N ILE L 170 -34.77 4.39 -35.84
CA ILE L 170 -33.37 4.63 -35.51
C ILE L 170 -32.90 5.89 -36.24
N SER L 171 -32.29 6.80 -35.51
CA SER L 171 -31.76 8.04 -36.08
C SER L 171 -30.29 8.17 -35.71
N LYS L 172 -29.64 9.16 -36.32
CA LYS L 172 -28.22 9.43 -36.10
C LYS L 172 -28.06 10.90 -35.71
N GLU L 173 -27.24 11.14 -34.70
CA GLU L 173 -27.00 12.48 -34.18
C GLU L 173 -25.51 12.74 -34.02
N PRO L 174 -25.07 13.99 -34.13
CA PRO L 174 -23.64 14.29 -33.95
C PRO L 174 -23.17 13.98 -32.55
N VAL L 175 -21.97 13.43 -32.46
CA VAL L 175 -21.42 13.03 -31.17
C VAL L 175 -21.19 14.26 -30.29
N GLY L 176 -20.85 15.39 -30.90
CA GLY L 176 -20.59 16.62 -30.16
C GLY L 176 -19.27 17.26 -30.55
N VAL L 177 -18.65 17.97 -29.61
CA VAL L 177 -17.36 18.60 -29.88
C VAL L 177 -16.31 17.53 -30.14
N VAL L 178 -15.49 17.76 -31.15
CA VAL L 178 -14.44 16.81 -31.56
C VAL L 178 -13.08 17.47 -31.37
N ALA L 179 -12.13 16.70 -30.86
CA ALA L 179 -10.75 17.13 -30.71
C ALA L 179 -9.90 16.37 -31.72
N ALA L 180 -9.18 17.10 -32.56
CA ALA L 180 -8.36 16.52 -33.62
C ALA L 180 -6.91 16.93 -33.41
N ILE L 181 -6.03 15.93 -33.31
CA ILE L 181 -4.59 16.15 -33.16
C ILE L 181 -3.92 15.48 -34.36
N THR L 182 -3.24 16.28 -35.18
CA THR L 182 -2.77 15.86 -36.48
C THR L 182 -1.24 15.90 -36.56
N PRO L 183 -0.65 15.09 -37.45
CA PRO L 183 0.81 15.06 -37.58
C PRO L 183 1.33 16.01 -38.65
N TRP L 184 2.57 15.80 -39.09
CA TRP L 184 3.25 16.71 -40.00
C TRP L 184 3.46 16.14 -41.40
N ASN L 185 3.34 14.82 -41.59
CA ASN L 185 3.65 14.24 -42.89
C ASN L 185 2.69 14.72 -43.97
N PHE L 186 1.41 14.83 -43.65
CA PHE L 186 0.39 15.39 -44.54
C PHE L 186 -0.28 16.54 -43.81
N PRO L 187 0.36 17.72 -43.78
CA PRO L 187 -0.13 18.79 -42.89
C PRO L 187 -1.46 19.41 -43.30
N ILE L 188 -1.97 19.12 -44.50
CA ILE L 188 -3.28 19.61 -44.93
C ILE L 188 -4.30 18.49 -44.97
N ALA L 189 -3.96 17.37 -45.62
CA ALA L 189 -4.92 16.28 -45.79
C ALA L 189 -5.40 15.76 -44.44
N MET L 190 -4.48 15.63 -43.46
CA MET L 190 -4.89 15.13 -42.16
C MET L 190 -5.84 16.09 -41.45
N ILE L 191 -5.80 17.38 -41.80
CA ILE L 191 -6.76 18.33 -41.23
C ILE L 191 -8.15 18.07 -41.80
N THR L 192 -8.27 18.07 -43.13
CA THR L 192 -9.57 17.89 -43.76
C THR L 192 -10.12 16.48 -43.55
N ARG L 193 -9.25 15.49 -43.48
CA ARG L 193 -9.71 14.12 -43.27
C ARG L 193 -10.45 13.96 -41.95
N LYS L 194 -10.27 14.88 -41.01
CA LYS L 194 -10.96 14.86 -39.73
C LYS L 194 -11.97 16.00 -39.59
N ALA L 195 -11.60 17.21 -40.00
CA ALA L 195 -12.50 18.35 -39.84
C ALA L 195 -13.72 18.23 -40.76
N ALA L 196 -13.51 17.84 -42.02
CA ALA L 196 -14.62 17.74 -42.96
C ALA L 196 -15.70 16.78 -42.47
N PRO L 197 -15.40 15.52 -42.18
CA PRO L 197 -16.47 14.63 -41.69
C PRO L 197 -17.08 15.10 -40.37
N ALA L 198 -16.28 15.69 -39.48
CA ALA L 198 -16.82 16.23 -38.25
C ALA L 198 -17.84 17.32 -38.54
N LEU L 199 -17.48 18.30 -39.36
CA LEU L 199 -18.41 19.38 -39.68
C LEU L 199 -19.64 18.84 -40.41
N ALA L 200 -19.43 17.92 -41.36
CA ALA L 200 -20.56 17.39 -42.12
C ALA L 200 -21.51 16.60 -41.22
N ALA L 201 -21.00 16.05 -40.12
CA ALA L 201 -21.82 15.30 -39.18
C ALA L 201 -22.64 16.20 -38.27
N GLY L 202 -22.43 17.52 -38.33
CA GLY L 202 -23.03 18.43 -37.38
C GLY L 202 -22.21 18.72 -36.15
N CYS L 203 -20.95 18.30 -36.13
CA CYS L 203 -20.05 18.53 -35.01
C CYS L 203 -19.22 19.79 -35.23
N THR L 204 -18.63 20.27 -34.15
CA THR L 204 -17.59 21.29 -34.19
C THR L 204 -16.27 20.65 -33.76
N VAL L 205 -15.17 21.28 -34.12
CA VAL L 205 -13.85 20.68 -33.95
C VAL L 205 -12.88 21.67 -33.36
N VAL L 206 -11.98 21.17 -32.52
CA VAL L 206 -10.81 21.91 -32.04
C VAL L 206 -9.58 21.13 -32.47
N ILE L 207 -8.63 21.81 -33.10
CA ILE L 207 -7.51 21.16 -33.78
C ILE L 207 -6.21 21.60 -33.13
N LYS L 208 -5.36 20.63 -32.82
CA LYS L 208 -3.99 20.87 -32.40
C LYS L 208 -3.06 20.34 -33.50
N PRO L 209 -2.49 21.21 -34.34
CA PRO L 209 -1.61 20.73 -35.41
C PRO L 209 -0.16 20.60 -34.96
N ALA L 210 0.59 19.83 -35.75
CA ALA L 210 2.00 19.62 -35.43
C ALA L 210 2.76 20.94 -35.50
N ASN L 211 3.63 21.16 -34.50
CA ASN L 211 4.41 22.39 -34.45
C ASN L 211 5.42 22.48 -35.58
N GLU L 212 5.75 21.36 -36.23
CA GLU L 212 6.67 21.40 -37.36
C GLU L 212 5.99 21.98 -38.59
N THR L 213 4.67 21.82 -38.73
CA THR L 213 3.93 22.26 -39.92
C THR L 213 2.59 22.84 -39.49
N PRO L 214 2.61 24.00 -38.81
CA PRO L 214 1.35 24.59 -38.34
C PRO L 214 0.68 25.49 -39.36
N TYR L 215 1.48 26.11 -40.23
CA TYR L 215 0.94 27.12 -41.13
C TYR L 215 -0.05 26.53 -42.12
N CYS L 216 0.10 25.24 -42.46
CA CYS L 216 -0.88 24.59 -43.32
C CYS L 216 -2.25 24.54 -42.65
N ALA L 217 -2.29 24.19 -41.37
CA ALA L 217 -3.55 24.17 -40.65
C ALA L 217 -4.14 25.56 -40.50
N LEU L 218 -3.30 26.55 -40.18
CA LEU L 218 -3.79 27.91 -40.06
C LEU L 218 -4.25 28.48 -41.39
N ALA L 219 -3.61 28.07 -42.49
CA ALA L 219 -4.05 28.52 -43.80
C ALA L 219 -5.41 27.93 -44.17
N ILE L 220 -5.63 26.66 -43.83
CA ILE L 220 -6.94 26.05 -44.04
C ILE L 220 -8.00 26.73 -43.18
N ALA L 221 -7.61 27.21 -41.99
CA ALA L 221 -8.55 27.93 -41.14
C ALA L 221 -8.89 29.29 -41.73
N LYS L 222 -7.91 29.96 -42.34
CA LYS L 222 -8.18 31.24 -42.98
C LYS L 222 -9.19 31.08 -44.11
N LEU L 223 -9.07 29.99 -44.88
CA LEU L 223 -10.02 29.74 -45.96
C LEU L 223 -11.39 29.37 -45.39
N ALA L 224 -11.41 28.62 -44.30
CA ALA L 224 -12.68 28.34 -43.62
C ALA L 224 -13.38 29.64 -43.23
N GLU L 225 -12.61 30.64 -42.78
CA GLU L 225 -13.18 31.94 -42.49
C GLU L 225 -13.78 32.57 -43.73
N LYS L 226 -13.06 32.49 -44.86
CA LYS L 226 -13.57 33.07 -46.10
C LYS L 226 -14.80 32.32 -46.61
N ALA L 227 -14.93 31.04 -46.27
CA ALA L 227 -16.04 30.23 -46.76
C ALA L 227 -17.33 30.48 -45.99
N GLY L 228 -17.28 31.23 -44.89
CA GLY L 228 -18.46 31.49 -44.10
C GLY L 228 -18.73 30.48 -43.01
N ILE L 229 -17.73 29.69 -42.61
CA ILE L 229 -17.90 28.75 -41.51
C ILE L 229 -18.00 29.56 -40.22
N PRO L 230 -19.11 29.45 -39.47
CA PRO L 230 -19.29 30.33 -38.31
C PRO L 230 -18.17 30.20 -37.29
N ALA L 231 -18.06 31.23 -36.46
CA ALA L 231 -17.02 31.25 -35.43
C ALA L 231 -17.26 30.13 -34.42
N GLY L 232 -16.16 29.46 -34.04
CA GLY L 232 -16.21 28.37 -33.09
C GLY L 232 -16.37 27.00 -33.71
N VAL L 233 -16.91 26.91 -34.93
CA VAL L 233 -17.12 25.61 -35.55
C VAL L 233 -15.79 24.92 -35.80
N ILE L 234 -14.75 25.69 -36.12
CA ILE L 234 -13.42 25.14 -36.37
C ILE L 234 -12.39 26.04 -35.71
N ASN L 235 -11.53 25.45 -34.87
CA ASN L 235 -10.54 26.18 -34.11
C ASN L 235 -9.19 25.47 -34.22
N VAL L 236 -8.12 26.26 -34.32
CA VAL L 236 -6.76 25.74 -34.41
C VAL L 236 -5.95 26.32 -33.26
N VAL L 237 -5.48 25.44 -32.37
CA VAL L 237 -4.73 25.83 -31.18
C VAL L 237 -3.31 25.29 -31.33
N THR L 238 -2.33 26.21 -31.34
CA THR L 238 -0.94 25.86 -31.53
C THR L 238 -0.16 26.03 -30.23
N GLY L 239 0.90 25.25 -30.09
CA GLY L 239 1.80 25.41 -28.96
C GLY L 239 2.14 24.13 -28.22
N LYS L 240 1.94 24.14 -26.90
CA LYS L 240 2.36 23.03 -26.05
C LYS L 240 1.49 21.80 -26.32
N SER L 241 2.08 20.77 -26.90
CA SER L 241 1.30 19.62 -27.36
C SER L 241 0.63 18.90 -26.19
N GLN L 242 1.39 18.65 -25.12
CA GLN L 242 0.86 17.85 -24.02
C GLN L 242 -0.15 18.64 -23.20
N GLU L 243 0.12 19.92 -22.95
CA GLU L 243 -0.86 20.74 -22.24
C GLU L 243 -2.16 20.81 -23.02
N ILE L 244 -2.08 21.12 -24.32
CA ILE L 244 -3.28 21.18 -25.15
C ILE L 244 -3.93 19.81 -25.24
N GLY L 245 -3.13 18.77 -25.50
CA GLY L 245 -3.69 17.43 -25.60
C GLY L 245 -4.39 17.00 -24.33
N SER L 246 -3.81 17.33 -23.18
CA SER L 246 -4.41 16.95 -21.90
C SER L 246 -5.81 17.53 -21.74
N VAL L 247 -5.98 18.80 -22.14
CA VAL L 247 -7.32 19.40 -22.09
C VAL L 247 -8.26 18.69 -23.06
N PHE L 248 -7.79 18.41 -24.28
CA PHE L 248 -8.64 17.78 -25.29
C PHE L 248 -9.11 16.41 -24.84
N THR L 249 -8.28 15.67 -24.08
CA THR L 249 -8.60 14.30 -23.71
C THR L 249 -9.22 14.20 -22.33
N SER L 250 -9.60 15.32 -21.72
CA SER L 250 -10.23 15.28 -20.39
C SER L 250 -11.41 16.22 -20.24
N HIS L 251 -11.49 17.32 -20.98
CA HIS L 251 -12.62 18.24 -20.84
C HIS L 251 -13.93 17.49 -21.09
N GLU L 252 -14.90 17.71 -20.21
CA GLU L 252 -16.15 16.96 -20.26
C GLU L 252 -16.90 17.18 -21.58
N LYS L 253 -16.74 18.35 -22.19
CA LYS L 253 -17.49 18.68 -23.40
C LYS L 253 -16.88 18.10 -24.67
N VAL L 254 -15.66 17.59 -24.61
CA VAL L 254 -15.06 16.90 -25.76
C VAL L 254 -15.55 15.45 -25.72
N LYS L 255 -16.33 15.05 -26.73
CA LYS L 255 -16.95 13.74 -26.75
C LYS L 255 -16.20 12.74 -27.61
N LYS L 256 -15.37 13.19 -28.55
CA LYS L 256 -14.61 12.30 -29.41
C LYS L 256 -13.20 12.84 -29.58
N LEU L 257 -12.23 11.93 -29.66
CA LEU L 257 -10.87 12.26 -30.03
C LEU L 257 -10.54 11.52 -31.32
N THR L 258 -9.95 12.25 -32.27
CA THR L 258 -9.38 11.65 -33.47
C THR L 258 -7.93 12.08 -33.55
N PHE L 259 -7.03 11.10 -33.60
CA PHE L 259 -5.59 11.35 -33.56
C PHE L 259 -4.87 10.49 -34.57
N THR L 260 -3.87 11.07 -35.23
CA THR L 260 -3.00 10.35 -36.16
C THR L 260 -1.56 10.66 -35.79
N GLY L 261 -0.79 9.62 -35.46
CA GLY L 261 0.61 9.83 -35.09
C GLY L 261 1.24 8.54 -34.63
N SER L 262 2.19 8.67 -33.70
CA SER L 262 2.92 7.51 -33.23
C SER L 262 2.05 6.66 -32.31
N THR L 263 2.34 5.36 -32.29
CA THR L 263 1.59 4.46 -31.42
C THR L 263 1.78 4.80 -29.94
N PRO L 264 3.00 5.05 -29.46
CA PRO L 264 3.15 5.38 -28.02
C PRO L 264 2.30 6.57 -27.60
N VAL L 265 2.24 7.61 -28.43
CA VAL L 265 1.38 8.74 -28.11
C VAL L 265 -0.09 8.32 -28.13
N GLY L 266 -0.46 7.48 -29.08
CA GLY L 266 -1.83 6.99 -29.14
C GLY L 266 -2.22 6.23 -27.89
N ARG L 267 -1.33 5.38 -27.39
CA ARG L 267 -1.59 4.69 -26.13
C ARG L 267 -1.85 5.69 -25.01
N LEU L 268 -1.08 6.77 -24.98
CA LEU L 268 -1.25 7.77 -23.93
C LEU L 268 -2.57 8.51 -24.07
N LEU L 269 -2.88 8.97 -25.27
CA LEU L 269 -4.12 9.70 -25.49
C LEU L 269 -5.34 8.84 -25.16
N MET L 270 -5.34 7.58 -25.61
CA MET L 270 -6.44 6.69 -25.28
C MET L 270 -6.56 6.52 -23.77
N GLN L 271 -5.44 6.39 -23.08
CA GLN L 271 -5.45 6.26 -21.62
C GLN L 271 -6.10 7.48 -20.97
N GLN L 272 -5.71 8.67 -21.41
CA GLN L 272 -6.26 9.89 -20.81
C GLN L 272 -7.75 10.02 -21.09
N CYS L 273 -8.20 9.56 -22.26
CA CYS L 273 -9.62 9.61 -22.62
C CYS L 273 -10.48 8.68 -21.78
N SER L 274 -9.89 7.78 -21.00
CA SER L 274 -10.66 6.75 -20.33
C SER L 274 -11.49 7.30 -19.20
N SER L 275 -11.07 8.42 -18.60
CA SER L 275 -11.78 8.94 -17.43
C SER L 275 -13.18 9.42 -17.77
N THR L 276 -13.44 9.79 -19.03
CA THR L 276 -14.78 10.21 -19.46
C THR L 276 -15.33 9.34 -20.59
N ILE L 277 -14.69 8.22 -20.89
CA ILE L 277 -15.18 7.27 -21.87
C ILE L 277 -15.41 7.98 -23.20
N LYS L 278 -14.38 8.66 -23.71
CA LYS L 278 -14.50 9.37 -24.96
C LYS L 278 -14.40 8.42 -26.14
N LYS L 279 -15.22 8.65 -27.16
CA LYS L 279 -15.12 7.88 -28.39
C LYS L 279 -13.78 8.16 -29.07
N LEU L 280 -13.29 7.17 -29.80
CA LEU L 280 -11.91 7.18 -30.29
C LEU L 280 -11.82 6.91 -31.78
N ALA L 281 -10.92 7.64 -32.43
CA ALA L 281 -10.48 7.34 -33.79
C ALA L 281 -8.97 7.50 -33.80
N LEU L 282 -8.25 6.42 -34.08
CA LEU L 282 -6.79 6.40 -34.00
C LEU L 282 -6.21 5.81 -35.26
N GLU L 283 -5.21 6.49 -35.82
CA GLU L 283 -4.44 5.98 -36.96
C GLU L 283 -2.98 6.11 -36.55
N LEU L 284 -2.37 4.99 -36.16
CA LEU L 284 -1.08 4.98 -35.51
C LEU L 284 -0.02 4.44 -36.47
N GLY L 285 1.01 3.79 -35.93
CA GLY L 285 2.12 3.36 -36.74
C GLY L 285 1.75 2.24 -37.70
N GLY L 286 2.61 2.08 -38.71
CA GLY L 286 2.39 1.07 -39.73
C GLY L 286 3.68 0.54 -40.31
N ASN L 287 3.96 -0.74 -40.06
CA ASN L 287 5.15 -1.41 -40.61
C ASN L 287 4.78 -2.14 -41.89
N ALA L 288 4.39 -1.36 -42.90
CA ALA L 288 3.77 -1.90 -44.10
C ALA L 288 4.71 -2.86 -44.83
N PRO L 289 4.33 -4.11 -45.03
CA PRO L 289 5.13 -5.01 -45.86
C PRO L 289 4.65 -5.02 -47.32
N LEU L 290 5.62 -5.15 -48.22
CA LEU L 290 5.34 -5.28 -49.66
C LEU L 290 5.99 -6.58 -50.13
N ILE L 291 5.18 -7.51 -50.61
CA ILE L 291 5.62 -8.85 -50.98
C ILE L 291 5.56 -8.97 -52.49
N VAL L 292 6.67 -9.43 -53.09
CA VAL L 292 6.77 -9.62 -54.53
C VAL L 292 7.10 -11.10 -54.76
N PHE L 293 6.11 -11.88 -55.15
CA PHE L 293 6.33 -13.29 -55.45
C PHE L 293 7.02 -13.44 -56.80
N ASP L 294 7.51 -14.65 -57.05
CA ASP L 294 8.26 -14.91 -58.28
C ASP L 294 7.39 -14.95 -59.53
N ASP L 295 6.06 -15.03 -59.37
CA ASP L 295 5.14 -15.03 -60.49
C ASP L 295 4.54 -13.65 -60.73
N ALA L 296 5.22 -12.59 -60.30
CA ALA L 296 4.69 -11.25 -60.41
C ALA L 296 5.17 -10.57 -61.68
N ASP L 297 4.45 -9.53 -62.08
CA ASP L 297 4.91 -8.62 -63.14
C ASP L 297 6.07 -7.81 -62.55
N LEU L 298 7.29 -8.20 -62.91
CA LEU L 298 8.47 -7.60 -62.28
C LEU L 298 8.46 -6.08 -62.40
N ASP L 299 8.34 -5.56 -63.63
CA ASP L 299 8.38 -4.12 -63.83
C ASP L 299 7.26 -3.42 -63.06
N LYS L 300 6.06 -4.00 -63.08
CA LYS L 300 4.95 -3.40 -62.34
C LYS L 300 5.26 -3.36 -60.85
N ALA L 301 5.84 -4.43 -60.31
CA ALA L 301 6.16 -4.46 -58.89
C ALA L 301 7.26 -3.46 -58.54
N VAL L 302 8.24 -3.28 -59.44
CA VAL L 302 9.30 -2.32 -59.17
C VAL L 302 8.74 -0.91 -59.11
N GLN L 303 8.02 -0.48 -60.14
CA GLN L 303 7.44 0.85 -60.13
C GLN L 303 6.49 1.03 -58.95
N GLY L 304 5.76 -0.02 -58.59
CA GLY L 304 4.87 0.08 -57.44
C GLY L 304 5.63 0.21 -56.13
N ALA L 305 6.71 -0.56 -55.98
CA ALA L 305 7.51 -0.47 -54.76
C ALA L 305 8.24 0.88 -54.70
N ILE L 306 8.70 1.39 -55.84
CA ILE L 306 9.31 2.72 -55.87
C ILE L 306 8.33 3.76 -55.33
N PHE L 307 7.07 3.68 -55.76
CA PHE L 307 6.08 4.66 -55.34
C PHE L 307 5.76 4.51 -53.85
N ALA L 308 5.51 3.28 -53.40
CA ALA L 308 5.14 3.05 -52.01
C ALA L 308 6.26 3.37 -51.04
N LYS L 309 7.51 3.39 -51.51
CA LYS L 309 8.65 3.58 -50.62
C LYS L 309 9.07 5.04 -50.51
N PHE L 310 9.20 5.72 -51.64
CA PHE L 310 9.86 7.02 -51.69
C PHE L 310 8.90 8.19 -51.82
N ARG L 311 7.60 7.95 -51.75
CA ARG L 311 6.65 9.06 -51.72
C ARG L 311 6.83 9.81 -50.40
N ASN L 312 6.96 11.14 -50.48
CA ASN L 312 7.17 11.97 -49.31
C ASN L 312 8.49 11.62 -48.61
N ALA L 313 9.46 11.13 -49.38
CA ALA L 313 10.76 10.72 -48.86
C ALA L 313 10.62 9.56 -47.86
N GLY L 314 9.56 8.78 -48.01
CA GLY L 314 9.33 7.65 -47.13
C GLY L 314 8.68 7.99 -45.81
N GLN L 315 8.25 9.23 -45.63
CA GLN L 315 7.70 9.69 -44.35
C GLN L 315 6.17 9.64 -44.36
N THR L 316 5.64 8.46 -44.64
CA THR L 316 4.20 8.24 -44.65
C THR L 316 3.88 6.98 -43.85
N CYS L 317 2.70 6.99 -43.22
CA CYS L 317 2.31 5.87 -42.36
C CYS L 317 2.13 4.58 -43.15
N VAL L 318 1.78 4.68 -44.43
CA VAL L 318 1.53 3.51 -45.27
C VAL L 318 2.72 3.20 -46.19
N CYS L 319 3.83 3.91 -46.05
CA CYS L 319 4.99 3.66 -46.89
C CYS L 319 5.50 2.24 -46.67
N ALA L 320 6.07 1.67 -47.72
CA ALA L 320 6.64 0.33 -47.66
C ALA L 320 7.86 0.36 -46.74
N ASN L 321 7.75 -0.30 -45.59
CA ASN L 321 8.87 -0.40 -44.66
C ASN L 321 9.68 -1.68 -44.87
N ARG L 322 9.05 -2.75 -45.35
CA ARG L 322 9.70 -4.01 -45.63
C ARG L 322 9.30 -4.47 -47.02
N ILE L 323 10.29 -4.76 -47.85
CA ILE L 323 10.08 -5.15 -49.24
C ILE L 323 10.56 -6.59 -49.38
N TYR L 324 9.64 -7.53 -49.26
CA TYR L 324 9.97 -8.95 -49.42
C TYR L 324 9.96 -9.32 -50.90
N VAL L 325 11.03 -9.97 -51.35
CA VAL L 325 11.19 -10.35 -52.75
C VAL L 325 11.63 -11.80 -52.81
N HIS L 326 10.98 -12.57 -53.68
CA HIS L 326 11.25 -14.00 -53.76
C HIS L 326 12.66 -14.26 -54.27
N ASP L 327 13.18 -15.44 -53.93
CA ASP L 327 14.57 -15.77 -54.24
C ASP L 327 14.81 -15.81 -55.75
N ASN L 328 13.87 -16.33 -56.51
CA ASN L 328 14.06 -16.51 -57.95
C ASN L 328 14.17 -15.19 -58.69
N ILE L 329 13.68 -14.09 -58.12
CA ILE L 329 13.69 -12.79 -58.76
C ILE L 329 14.40 -11.74 -57.93
N TYR L 330 15.02 -12.14 -56.80
CA TYR L 330 15.62 -11.17 -55.91
C TYR L 330 16.68 -10.34 -56.63
N GLN L 331 17.59 -11.00 -57.33
CA GLN L 331 18.66 -10.28 -58.01
C GLN L 331 18.10 -9.33 -59.05
N ALA L 332 17.28 -9.85 -59.97
CA ALA L 332 16.71 -9.01 -61.02
C ALA L 332 15.93 -7.83 -60.43
N PHE L 333 15.12 -8.08 -59.40
CA PHE L 333 14.35 -7.00 -58.78
C PHE L 333 15.28 -5.96 -58.17
N ALA L 334 16.32 -6.40 -57.47
CA ALA L 334 17.22 -5.45 -56.81
C ALA L 334 17.91 -4.55 -57.83
N GLU L 335 18.35 -5.12 -58.96
CA GLU L 335 19.01 -4.31 -59.98
C GLU L 335 18.08 -3.22 -60.49
N LYS L 336 16.90 -3.59 -60.99
CA LYS L 336 15.97 -2.60 -61.52
C LYS L 336 15.60 -1.57 -60.46
N PHE L 337 15.36 -2.02 -59.22
CA PHE L 337 14.98 -1.10 -58.16
C PHE L 337 16.07 -0.05 -57.92
N VAL L 338 17.34 -0.46 -58.00
CA VAL L 338 18.42 0.47 -57.75
C VAL L 338 18.60 1.44 -58.93
N GLN L 339 18.35 0.99 -60.15
CA GLN L 339 18.43 1.91 -61.29
C GLN L 339 17.42 3.04 -61.15
N GLU L 340 16.21 2.74 -60.67
CA GLU L 340 15.20 3.76 -60.49
C GLU L 340 15.57 4.71 -59.37
N VAL L 341 16.14 4.17 -58.27
CA VAL L 341 16.48 5.03 -57.13
C VAL L 341 17.57 6.01 -57.51
N GLN L 342 18.50 5.61 -58.38
CA GLN L 342 19.61 6.48 -58.73
C GLN L 342 19.20 7.62 -59.65
N LYS L 343 18.02 7.53 -60.27
CA LYS L 343 17.51 8.64 -61.07
C LYS L 343 16.94 9.76 -60.22
N PHE L 344 16.73 9.54 -58.91
CA PHE L 344 16.10 10.54 -58.07
C PHE L 344 16.90 11.83 -58.05
N LYS L 345 16.20 12.95 -58.09
CA LYS L 345 16.80 14.26 -57.88
C LYS L 345 16.49 14.71 -56.44
N VAL L 346 17.54 14.91 -55.65
CA VAL L 346 17.41 15.32 -54.26
C VAL L 346 17.74 16.81 -54.17
N GLY L 347 16.92 17.54 -53.42
CA GLY L 347 17.16 18.95 -53.23
C GLY L 347 15.93 19.65 -52.67
N ASN L 348 15.98 20.98 -52.73
CA ASN L 348 14.90 21.79 -52.20
C ASN L 348 13.62 21.54 -52.97
N GLY L 349 12.49 21.52 -52.25
CA GLY L 349 11.21 21.23 -52.86
C GLY L 349 10.75 22.25 -53.88
N LEU L 350 11.35 23.46 -53.87
CA LEU L 350 10.96 24.48 -54.83
C LEU L 350 11.67 24.33 -56.16
N GLU L 351 12.75 23.56 -56.22
CA GLU L 351 13.50 23.39 -57.45
C GLU L 351 12.75 22.47 -58.40
N ASP L 352 12.91 22.74 -59.69
CA ASP L 352 12.22 21.96 -60.71
C ASP L 352 12.76 20.53 -60.74
N GLY L 353 11.86 19.58 -60.96
CA GLY L 353 12.23 18.19 -61.09
C GLY L 353 12.66 17.50 -59.81
N VAL L 354 12.63 18.19 -58.67
CA VAL L 354 13.03 17.55 -57.43
C VAL L 354 12.00 16.52 -57.02
N GLN L 355 12.48 15.36 -56.55
CA GLN L 355 11.62 14.24 -56.22
C GLN L 355 11.77 13.77 -54.78
N ILE L 356 12.89 14.06 -54.13
CA ILE L 356 13.13 13.67 -52.75
C ILE L 356 13.55 14.92 -51.99
N GLY L 357 12.72 15.34 -51.03
CA GLY L 357 13.03 16.47 -50.19
C GLY L 357 13.76 16.03 -48.94
N PRO L 358 13.96 16.96 -48.00
CA PRO L 358 14.64 16.63 -46.76
C PRO L 358 13.70 15.96 -45.76
N LEU L 359 14.30 15.31 -44.77
CA LEU L 359 13.53 14.76 -43.68
C LEU L 359 13.06 15.88 -42.74
N ILE L 360 12.10 15.54 -41.88
CA ILE L 360 11.41 16.57 -41.11
C ILE L 360 12.35 17.19 -40.07
N ASN L 361 13.24 16.40 -39.49
CA ASN L 361 14.12 16.91 -38.44
C ASN L 361 15.33 16.00 -38.31
N GLU L 362 16.21 16.35 -37.36
CA GLU L 362 17.45 15.60 -37.19
C GLU L 362 17.19 14.21 -36.63
N LYS L 363 16.21 14.08 -35.73
CA LYS L 363 15.94 12.78 -35.13
C LYS L 363 15.65 11.73 -36.20
N ALA L 364 14.91 12.11 -37.25
CA ALA L 364 14.63 11.17 -38.32
C ALA L 364 15.91 10.72 -39.00
N VAL L 365 16.88 11.63 -39.17
CA VAL L 365 18.15 11.27 -39.78
C VAL L 365 18.90 10.28 -38.90
N LEU L 366 18.93 10.53 -37.58
CA LEU L 366 19.66 9.65 -36.68
C LEU L 366 19.02 8.27 -36.61
N LYS L 367 17.69 8.21 -36.59
CA LYS L 367 17.03 6.90 -36.53
C LYS L 367 17.27 6.11 -37.80
N ALA L 368 17.29 6.79 -38.95
CA ALA L 368 17.59 6.11 -40.21
C ALA L 368 19.02 5.57 -40.22
N GLN L 369 19.97 6.39 -39.78
CA GLN L 369 21.37 5.94 -39.74
C GLN L 369 21.53 4.78 -38.77
N GLN L 370 20.80 4.81 -37.65
CA GLN L 370 20.88 3.73 -36.68
C GLN L 370 20.40 2.41 -37.27
N LEU L 371 19.24 2.44 -37.94
CA LEU L 371 18.67 1.21 -38.49
C LEU L 371 19.55 0.65 -39.61
N ILE L 372 20.15 1.52 -40.41
CA ILE L 372 21.04 1.04 -41.47
C ILE L 372 22.31 0.44 -40.86
N ASP L 373 22.86 1.08 -39.83
CA ASP L 373 24.06 0.54 -39.19
C ASP L 373 23.78 -0.85 -38.62
N ASP L 374 22.67 -1.01 -37.91
CA ASP L 374 22.34 -2.32 -37.33
C ASP L 374 22.23 -3.38 -38.41
N ALA L 375 21.58 -3.04 -39.54
CA ALA L 375 21.47 -3.98 -40.64
C ALA L 375 22.85 -4.36 -41.17
N VAL L 376 23.69 -3.36 -41.43
CA VAL L 376 25.02 -3.63 -41.95
C VAL L 376 25.82 -4.50 -40.99
N SER L 377 25.65 -4.27 -39.69
CA SER L 377 26.39 -5.04 -38.69
C SER L 377 25.93 -6.49 -38.61
N LYS L 378 24.85 -6.86 -39.30
CA LYS L 378 24.36 -8.23 -39.32
C LYS L 378 24.37 -8.85 -40.71
N GLY L 379 25.09 -8.24 -41.67
CA GLY L 379 25.30 -8.82 -42.97
C GLY L 379 24.62 -8.12 -44.12
N ALA L 380 23.85 -7.06 -43.88
CA ALA L 380 23.18 -6.35 -44.95
C ALA L 380 24.20 -5.57 -45.78
N LYS L 381 23.94 -5.49 -47.09
CA LYS L 381 24.79 -4.75 -48.02
C LYS L 381 24.08 -3.48 -48.46
N ILE L 382 24.84 -2.40 -48.59
CA ILE L 382 24.32 -1.12 -49.04
C ILE L 382 24.47 -1.07 -50.55
N ALA L 383 23.35 -1.24 -51.27
CA ALA L 383 23.39 -1.18 -52.72
C ALA L 383 23.59 0.24 -53.23
N CYS L 384 23.14 1.23 -52.46
CA CYS L 384 23.34 2.63 -52.80
C CYS L 384 22.92 3.48 -51.61
N GLY L 385 23.51 4.67 -51.51
CA GLY L 385 23.16 5.55 -50.40
C GLY L 385 23.76 5.08 -49.09
N GLY L 386 23.01 5.27 -48.01
CA GLY L 386 23.41 4.79 -46.70
C GLY L 386 24.01 5.83 -45.78
N LYS L 387 24.00 7.10 -46.16
CA LYS L 387 24.56 8.15 -45.32
C LYS L 387 23.82 9.45 -45.63
N GLN L 388 24.17 10.49 -44.88
CA GLN L 388 23.57 11.80 -45.10
C GLN L 388 23.96 12.33 -46.48
N HIS L 389 23.07 13.13 -47.06
CA HIS L 389 23.30 13.67 -48.39
C HIS L 389 24.30 14.82 -48.33
N ALA L 390 24.93 15.09 -49.47
CA ALA L 390 25.91 16.17 -49.54
C ALA L 390 25.30 17.51 -49.17
N LEU L 391 24.01 17.71 -49.45
CA LEU L 391 23.35 18.96 -49.13
C LEU L 391 23.31 19.24 -47.64
N GLY L 392 23.57 18.24 -46.80
CA GLY L 392 23.52 18.46 -45.37
C GLY L 392 22.09 18.65 -44.88
N GLN L 393 21.95 19.47 -43.83
CA GLN L 393 20.65 19.75 -43.21
C GLN L 393 20.05 18.39 -42.82
N THR L 394 18.78 18.14 -43.11
CA THR L 394 18.15 16.86 -42.80
C THR L 394 18.00 15.97 -44.03
N PHE L 395 18.69 16.30 -45.12
CA PHE L 395 18.64 15.47 -46.32
C PHE L 395 19.31 14.13 -46.06
N TYR L 396 18.71 13.06 -46.57
CA TYR L 396 19.28 11.73 -46.48
C TYR L 396 19.30 11.10 -47.87
N GLU L 397 20.40 10.42 -48.19
CA GLU L 397 20.54 9.81 -49.50
C GLU L 397 19.55 8.68 -49.68
N PRO L 398 18.76 8.66 -50.76
CA PRO L 398 17.92 7.49 -51.05
C PRO L 398 18.76 6.22 -51.04
N SER L 399 18.41 5.27 -50.18
CA SER L 399 19.26 4.11 -49.92
C SER L 399 18.49 2.82 -50.20
N VAL L 400 19.26 1.78 -50.55
CA VAL L 400 18.71 0.44 -50.79
C VAL L 400 19.64 -0.56 -50.10
N LEU L 401 19.05 -1.42 -49.28
CA LEU L 401 19.79 -2.46 -48.56
C LEU L 401 19.37 -3.82 -49.06
N THR L 402 20.35 -4.66 -49.38
CA THR L 402 20.11 -6.04 -49.76
C THR L 402 20.61 -6.97 -48.66
N ASN L 403 20.15 -8.22 -48.71
CA ASN L 403 20.53 -9.25 -47.76
C ASN L 403 19.97 -8.97 -46.37
N VAL L 404 18.79 -8.36 -46.30
CA VAL L 404 18.12 -8.10 -45.03
C VAL L 404 17.38 -9.35 -44.59
N ASP L 405 17.31 -9.54 -43.27
CA ASP L 405 16.59 -10.66 -42.68
C ASP L 405 15.87 -10.18 -41.43
N ARG L 406 15.10 -11.09 -40.81
CA ARG L 406 14.21 -10.74 -39.72
C ARG L 406 14.93 -10.40 -38.42
N THR L 407 16.21 -10.71 -38.31
CA THR L 407 16.95 -10.40 -37.09
C THR L 407 17.43 -8.96 -37.03
N MET L 408 17.08 -8.14 -38.03
CA MET L 408 17.55 -6.76 -38.11
C MET L 408 16.50 -5.81 -37.55
N GLU L 409 16.96 -4.75 -36.90
CA GLU L 409 16.04 -3.80 -36.28
C GLU L 409 15.20 -3.08 -37.31
N ILE L 410 15.74 -2.87 -38.52
CA ILE L 410 15.00 -2.16 -39.55
C ILE L 410 13.74 -2.90 -39.96
N VAL L 411 13.63 -4.19 -39.63
CA VAL L 411 12.43 -4.95 -39.93
C VAL L 411 11.37 -4.78 -38.85
N GLN L 412 11.77 -4.46 -37.63
CA GLN L 412 10.84 -4.34 -36.51
C GLN L 412 10.48 -2.89 -36.19
N GLU L 413 11.11 -1.91 -36.83
CA GLU L 413 10.90 -0.51 -36.55
C GLU L 413 10.60 0.26 -37.83
N GLU L 414 9.79 1.30 -37.70
CA GLU L 414 9.49 2.18 -38.82
C GLU L 414 10.65 3.14 -39.04
N ILE L 415 11.17 3.17 -40.26
CA ILE L 415 12.31 4.04 -40.55
C ILE L 415 11.88 5.44 -40.94
N PHE L 416 10.70 5.59 -41.55
CA PHE L 416 10.20 6.91 -41.95
C PHE L 416 11.26 7.68 -42.72
N GLY L 417 11.90 7.00 -43.67
CA GLY L 417 12.94 7.61 -44.47
C GLY L 417 13.08 6.92 -45.82
N PRO L 418 13.90 7.50 -46.70
CA PRO L 418 14.08 6.93 -48.05
C PRO L 418 15.08 5.77 -48.06
N VAL L 419 14.73 4.70 -47.36
CA VAL L 419 15.58 3.52 -47.21
C VAL L 419 14.73 2.29 -47.50
N ALA L 420 15.15 1.50 -48.49
CA ALA L 420 14.39 0.33 -48.93
C ALA L 420 15.12 -0.94 -48.55
N PRO L 421 14.70 -1.65 -47.50
CA PRO L 421 15.33 -2.94 -47.19
C PRO L 421 14.70 -4.09 -47.96
N LEU L 422 15.48 -4.72 -48.85
CA LEU L 422 14.98 -5.82 -49.68
C LEU L 422 15.25 -7.14 -48.97
N ILE L 423 14.17 -7.83 -48.60
CA ILE L 423 14.24 -9.03 -47.77
C ILE L 423 13.96 -10.24 -48.65
N ARG L 424 14.86 -11.21 -48.62
CA ARG L 424 14.71 -12.42 -49.41
C ARG L 424 13.77 -13.41 -48.73
N PHE L 425 13.08 -14.20 -49.54
CA PHE L 425 12.22 -15.26 -49.01
C PHE L 425 12.01 -16.29 -50.12
N THR L 426 11.44 -17.43 -49.74
CA THR L 426 11.14 -18.50 -50.69
C THR L 426 9.75 -19.06 -50.44
N ASP L 427 9.44 -19.41 -49.20
CA ASP L 427 8.19 -20.07 -48.85
C ASP L 427 7.10 -19.04 -48.62
N GLU L 428 5.88 -19.37 -49.07
CA GLU L 428 4.75 -18.46 -48.93
C GLU L 428 4.31 -18.36 -47.48
N ALA L 429 4.10 -19.49 -46.82
CA ALA L 429 3.65 -19.46 -45.43
C ALA L 429 4.62 -18.68 -44.56
N ASP L 430 5.91 -18.72 -44.89
CA ASP L 430 6.90 -18.03 -44.07
C ASP L 430 6.84 -16.51 -44.29
N VAL L 431 6.68 -16.07 -45.53
CA VAL L 431 6.65 -14.63 -45.77
C VAL L 431 5.38 -14.02 -45.21
N VAL L 432 4.28 -14.78 -45.17
CA VAL L 432 3.05 -14.27 -44.58
C VAL L 432 3.18 -14.19 -43.06
N ALA L 433 3.82 -15.19 -42.45
CA ALA L 433 4.08 -15.13 -41.02
C ALA L 433 4.97 -13.93 -40.67
N GLN L 434 6.03 -13.72 -41.45
CA GLN L 434 6.87 -12.55 -41.25
C GLN L 434 6.08 -11.25 -41.41
N ALA L 435 5.24 -11.20 -42.46
CA ALA L 435 4.46 -9.99 -42.70
C ALA L 435 3.59 -9.63 -41.52
N ASN L 436 2.96 -10.63 -40.89
CA ASN L 436 2.06 -10.41 -39.76
C ASN L 436 2.78 -10.38 -38.42
N ASP L 437 4.10 -10.60 -38.40
CA ASP L 437 4.86 -10.66 -37.15
C ASP L 437 5.15 -9.25 -36.63
N THR L 438 4.08 -8.52 -36.34
CA THR L 438 4.19 -7.13 -35.91
C THR L 438 2.93 -6.73 -35.17
N ILE L 439 3.06 -5.75 -34.27
CA ILE L 439 1.91 -5.23 -33.57
C ILE L 439 1.02 -4.40 -34.49
N PHE L 440 1.54 -3.99 -35.65
CA PHE L 440 0.81 -3.10 -36.53
C PHE L 440 0.00 -3.87 -37.57
N GLY L 441 -0.87 -3.16 -38.26
CA GLY L 441 -1.71 -3.75 -39.27
C GLY L 441 -2.43 -2.68 -40.07
N LEU L 442 -1.67 -1.78 -40.67
CA LEU L 442 -2.26 -0.65 -41.39
C LEU L 442 -2.40 -0.98 -42.87
N ALA L 443 -1.29 -0.89 -43.61
CA ALA L 443 -1.28 -1.12 -45.05
C ALA L 443 -0.29 -2.23 -45.39
N ALA L 444 -0.63 -2.99 -46.42
CA ALA L 444 0.24 -4.02 -46.97
C ALA L 444 0.04 -4.07 -48.47
N TYR L 445 1.01 -4.68 -49.16
CA TYR L 445 1.00 -4.74 -50.61
C TYR L 445 1.48 -6.11 -51.07
N VAL L 446 0.81 -6.65 -52.08
CA VAL L 446 1.11 -7.98 -52.62
C VAL L 446 1.10 -7.90 -54.14
N TYR L 447 2.13 -8.46 -54.76
CA TYR L 447 2.25 -8.50 -56.21
C TYR L 447 2.35 -9.95 -56.65
N SER L 448 1.40 -10.39 -57.49
CA SER L 448 1.36 -11.75 -57.99
C SER L 448 0.31 -11.88 -59.07
N GLU L 449 0.66 -12.50 -60.20
CA GLU L 449 -0.28 -12.74 -61.28
C GLU L 449 -1.10 -14.01 -61.09
N ASN L 450 -0.95 -14.69 -59.97
CA ASN L 450 -1.74 -15.89 -59.65
C ASN L 450 -2.95 -15.46 -58.84
N ILE L 451 -4.15 -15.74 -59.36
CA ILE L 451 -5.38 -15.28 -58.72
C ILE L 451 -5.53 -15.91 -57.35
N SER L 452 -5.31 -17.23 -57.24
CA SER L 452 -5.46 -17.90 -55.96
C SER L 452 -4.50 -17.35 -54.93
N ARG L 453 -3.21 -17.24 -55.28
CA ARG L 453 -2.23 -16.72 -54.35
C ARG L 453 -2.56 -15.28 -53.95
N LEU L 454 -2.93 -14.44 -54.92
CA LEU L 454 -3.22 -13.05 -54.62
C LEU L 454 -4.31 -12.92 -53.58
N TRP L 455 -5.40 -13.69 -53.74
CA TRP L 455 -6.49 -13.63 -52.78
C TRP L 455 -6.12 -14.34 -51.48
N ARG L 456 -5.48 -15.50 -51.58
CA ARG L 456 -5.08 -16.23 -50.38
C ARG L 456 -4.21 -15.38 -49.47
N VAL L 457 -3.19 -14.74 -50.04
CA VAL L 457 -2.27 -13.95 -49.24
C VAL L 457 -2.94 -12.69 -48.71
N SER L 458 -3.72 -12.01 -49.57
CA SER L 458 -4.36 -10.78 -49.15
C SER L 458 -5.32 -11.01 -47.99
N GLU L 459 -6.01 -12.16 -48.00
CA GLU L 459 -6.94 -12.48 -46.93
C GLU L 459 -6.22 -12.90 -45.66
N GLN L 460 -5.00 -13.42 -45.78
CA GLN L 460 -4.22 -13.83 -44.62
C GLN L 460 -3.43 -12.69 -44.00
N LEU L 461 -3.28 -11.57 -44.70
CA LEU L 461 -2.53 -10.43 -44.17
C LEU L 461 -3.43 -9.66 -43.20
N GLU L 462 -3.03 -9.62 -41.92
CA GLU L 462 -3.80 -8.96 -40.87
C GLU L 462 -3.58 -7.45 -40.95
N TYR L 463 -4.20 -6.84 -41.97
CA TYR L 463 -4.10 -5.42 -42.22
C TYR L 463 -5.46 -4.87 -42.61
N GLY L 464 -5.66 -3.58 -42.40
CA GLY L 464 -6.89 -2.94 -42.81
C GLY L 464 -6.95 -2.55 -44.27
N MET L 465 -5.80 -2.54 -44.96
CA MET L 465 -5.71 -2.14 -46.35
C MET L 465 -4.66 -2.99 -47.03
N VAL L 466 -5.00 -3.53 -48.20
CA VAL L 466 -4.10 -4.41 -48.95
C VAL L 466 -4.14 -4.01 -50.42
N GLY L 467 -3.01 -3.49 -50.92
CA GLY L 467 -2.89 -3.24 -52.35
C GLY L 467 -2.55 -4.51 -53.09
N MET L 468 -3.38 -4.91 -54.03
CA MET L 468 -3.21 -6.15 -54.79
C MET L 468 -2.75 -5.77 -56.19
N ASN L 469 -1.46 -5.95 -56.45
CA ASN L 469 -0.83 -5.49 -57.70
C ASN L 469 -1.04 -3.99 -57.87
N ALA L 470 -1.03 -3.25 -56.76
CA ALA L 470 -1.18 -1.81 -56.80
C ALA L 470 -0.71 -1.24 -55.47
N THR L 471 -0.18 -0.01 -55.52
CA THR L 471 0.27 0.69 -54.32
C THR L 471 -0.37 2.06 -54.15
N ALA L 472 -0.83 2.71 -55.21
CA ALA L 472 -1.50 4.00 -55.11
C ALA L 472 -2.92 3.76 -54.58
N ILE L 473 -3.01 3.52 -53.27
CA ILE L 473 -4.25 3.10 -52.63
C ILE L 473 -5.01 4.25 -52.01
N SER L 474 -4.46 5.47 -52.03
CA SER L 474 -5.03 6.59 -51.28
C SER L 474 -6.04 7.34 -52.13
N ASN L 475 -7.26 7.45 -51.63
CA ASN L 475 -8.29 8.29 -52.22
C ASN L 475 -9.36 8.49 -51.15
N GLU L 476 -10.31 9.40 -51.44
CA GLU L 476 -11.26 9.83 -50.42
C GLU L 476 -12.50 8.93 -50.33
N VAL L 477 -12.70 8.00 -51.27
CA VAL L 477 -13.89 7.15 -51.24
C VAL L 477 -13.63 5.78 -50.62
N VAL L 478 -12.39 5.44 -50.29
CA VAL L 478 -12.07 4.13 -49.73
C VAL L 478 -11.83 4.26 -48.23
N PRO L 479 -12.22 3.27 -47.43
CA PRO L 479 -12.05 3.38 -45.97
C PRO L 479 -10.59 3.23 -45.57
N PHE L 480 -10.02 4.29 -45.00
CA PHE L 480 -8.61 4.36 -44.65
C PHE L 480 -8.44 4.14 -43.16
N GLY L 481 -7.64 3.15 -42.78
CA GLY L 481 -7.42 2.85 -41.38
C GLY L 481 -6.74 1.50 -41.24
N GLY L 482 -6.52 1.12 -39.98
CA GLY L 482 -5.77 -0.08 -39.67
C GLY L 482 -6.47 -0.94 -38.62
N VAL L 483 -5.80 -2.04 -38.29
CA VAL L 483 -6.25 -2.97 -37.26
C VAL L 483 -5.10 -3.14 -36.25
N LYS L 484 -5.34 -3.99 -35.26
CA LYS L 484 -4.33 -4.26 -34.22
C LYS L 484 -3.91 -2.91 -33.61
N GLN L 485 -2.62 -2.67 -33.42
CA GLN L 485 -2.15 -1.43 -32.82
C GLN L 485 -1.92 -0.33 -33.85
N SER L 486 -2.38 -0.50 -35.09
CA SER L 486 -2.37 0.58 -36.05
C SER L 486 -3.56 1.52 -35.86
N GLY L 487 -4.54 1.14 -35.05
CA GLY L 487 -5.57 2.06 -34.61
C GLY L 487 -6.96 1.49 -34.80
N VAL L 488 -7.95 2.37 -34.68
CA VAL L 488 -9.35 2.01 -34.75
C VAL L 488 -10.08 3.07 -35.57
N GLY L 489 -11.12 2.66 -36.26
CA GLY L 489 -11.90 3.57 -37.08
C GLY L 489 -11.34 3.73 -38.48
N ARG L 490 -12.13 4.41 -39.32
CA ARG L 490 -11.80 4.61 -40.71
C ARG L 490 -12.05 6.05 -41.10
N GLU L 491 -11.22 6.56 -42.02
CA GLU L 491 -11.34 7.92 -42.53
C GLU L 491 -11.65 7.87 -44.01
N GLY L 492 -12.52 8.78 -44.46
CA GLY L 492 -13.02 8.76 -45.81
C GLY L 492 -14.09 7.70 -46.01
N SER L 493 -14.63 7.66 -47.22
CA SER L 493 -15.55 6.61 -47.64
C SER L 493 -16.89 6.68 -46.92
N LYS L 494 -17.78 5.74 -47.21
CA LYS L 494 -19.09 5.68 -46.56
C LYS L 494 -18.98 5.46 -45.07
N TYR L 495 -17.87 4.87 -44.60
CA TYR L 495 -17.70 4.57 -43.18
C TYR L 495 -17.15 5.74 -42.38
N GLY L 496 -16.70 6.80 -43.04
CA GLY L 496 -16.02 7.86 -42.32
C GLY L 496 -16.94 8.70 -41.45
N LEU L 497 -18.17 8.93 -41.90
CA LEU L 497 -19.05 9.86 -41.20
C LEU L 497 -19.64 9.25 -39.94
N GLU L 498 -19.96 7.94 -39.98
CA GLU L 498 -20.52 7.29 -38.80
C GLU L 498 -19.62 7.40 -37.59
N GLU L 499 -18.31 7.59 -37.80
CA GLU L 499 -17.39 7.72 -36.67
C GLU L 499 -17.74 8.92 -35.80
N PHE L 500 -18.39 9.94 -36.37
CA PHE L 500 -18.70 11.18 -35.69
C PHE L 500 -20.17 11.28 -35.29
N MET L 501 -20.89 10.16 -35.32
CA MET L 501 -22.31 10.14 -35.01
C MET L 501 -22.59 9.13 -33.91
N THR L 502 -23.71 9.33 -33.22
CA THR L 502 -24.25 8.36 -32.29
C THR L 502 -25.60 7.85 -32.80
N ILE L 503 -26.01 6.70 -32.27
CA ILE L 503 -27.26 6.07 -32.65
C ILE L 503 -28.30 6.36 -31.58
N LYS L 504 -29.48 6.80 -32.01
CA LYS L 504 -30.61 7.02 -31.11
C LYS L 504 -31.73 6.08 -31.52
N TYR L 505 -32.08 5.16 -30.63
CA TYR L 505 -33.14 4.19 -30.86
C TYR L 505 -34.43 4.69 -30.22
N MET L 506 -35.38 5.10 -31.06
CA MET L 506 -36.68 5.55 -30.59
C MET L 506 -37.66 4.39 -30.59
N CYS L 507 -38.26 4.13 -29.43
CA CYS L 507 -39.30 3.10 -29.30
C CYS L 507 -40.63 3.82 -29.17
N LEU L 508 -41.37 3.90 -30.28
CA LEU L 508 -42.62 4.64 -30.33
C LEU L 508 -43.75 3.69 -29.94
N GLY L 509 -44.40 3.96 -28.82
CA GLY L 509 -45.53 3.16 -28.38
C GLY L 509 -46.85 3.68 -28.93
N LEU L 510 -47.50 2.89 -29.77
CA LEU L 510 -48.78 3.26 -30.36
C LEU L 510 -49.93 2.75 -29.49
N1 EPE M . -20.59 -52.51 75.25
C2 EPE M . -21.84 -53.26 75.44
C3 EPE M . -21.69 -54.22 76.61
N4 EPE M . -20.52 -55.07 76.48
C5 EPE M . -19.29 -54.47 75.99
C6 EPE M . -19.51 -53.45 74.88
C7 EPE M . -20.50 -56.31 77.21
C8 EPE M . -19.15 -56.64 77.84
O8 EPE M . -18.29 -57.19 76.87
C9 EPE M . -20.78 -51.54 74.17
C10 EPE M . -21.27 -50.22 74.75
S EPE M . -21.89 -49.09 73.49
O1S EPE M . -20.87 -48.12 73.14
O2S EPE M . -22.28 -49.84 72.30
O3S EPE M . -23.06 -48.40 74.03
H21 EPE M . -22.66 -52.56 75.64
H22 EPE M . -22.08 -53.82 74.54
H31 EPE M . -21.61 -53.64 77.54
H32 EPE M . -22.58 -54.85 76.68
H51 EPE M . -18.78 -53.99 76.83
H52 EPE M . -18.64 -55.27 75.61
H61 EPE M . -18.59 -52.89 74.71
H62 EPE M . -19.77 -53.96 73.96
H71 EPE M . -21.25 -56.25 78.02
H72 EPE M . -20.79 -57.12 76.54
H81 EPE M . -18.71 -55.75 78.27
H82 EPE M . -19.29 -57.37 78.65
HO8 EPE M . -18.78 -57.29 76.02
H91 EPE M . -21.51 -51.91 73.46
H92 EPE M . -19.85 -51.39 73.63
H101 EPE M . -20.43 -49.73 75.28
H102 EPE M . -22.04 -50.41 75.49
N1 EPE N . -29.97 -48.40 15.95
C2 EPE N . -31.43 -48.49 15.78
C3 EPE N . -31.82 -49.96 15.69
N4 EPE N . -31.00 -50.72 14.76
C5 EPE N . -29.61 -50.35 14.55
C6 EPE N . -29.33 -48.87 14.72
C7 EPE N . -31.37 -52.11 14.59
C8 EPE N . -31.46 -52.52 13.12
O8 EPE N . -32.30 -53.64 13.00
C9 EPE N . -29.59 -47.02 16.28
C10 EPE N . -29.45 -46.91 17.79
S EPE N . -29.24 -45.20 18.36
O1S EPE N . -28.03 -44.62 17.79
O2S EPE N . -30.40 -44.39 17.98
O3S EPE N . -29.13 -45.22 19.81
H21 EPE N . -31.73 -47.96 14.87
H22 EPE N . -31.93 -48.02 16.63
H31 EPE N . -32.87 -50.02 15.39
H32 EPE N . -31.73 -50.40 16.69
H51 EPE N . -28.99 -50.91 15.26
H52 EPE N . -29.32 -50.66 13.54
H61 EPE N . -28.25 -48.69 14.77
H62 EPE N . -29.72 -48.32 13.86
H71 EPE N . -32.33 -52.29 15.07
H72 EPE N . -30.63 -52.74 15.08
H81 EPE N . -31.86 -51.69 12.53
H82 EPE N . -30.47 -52.75 12.74
HO8 EPE N . -32.61 -53.93 13.89
H91 EPE N . -30.36 -46.33 15.91
H92 EPE N . -28.65 -46.77 15.78
H101 EPE N . -28.57 -47.49 18.10
H102 EPE N . -30.33 -47.34 18.26
N1 EPE O . -11.51 -11.86 74.83
C2 EPE O . -10.31 -11.09 74.48
C3 EPE O . -9.83 -10.27 75.67
N4 EPE O . -10.89 -9.46 76.22
C5 EPE O . -12.18 -10.10 76.44
C6 EPE O . -12.60 -10.97 75.25
C7 EPE O . -10.53 -8.35 77.09
C8 EPE O . -11.19 -7.04 76.67
O8 EPE O . -12.50 -6.95 77.18
C9 EPE O . -11.95 -12.61 73.65
C10 EPE O . -11.35 -14.02 73.63
S EPE O . -11.84 -14.95 72.15
O1S EPE O . -12.44 -14.03 71.18
O2S EPE O . -10.67 -15.59 71.57
O3S EPE O . -12.83 -15.96 72.50
H21 EPE O . -10.53 -10.43 73.65
H22 EPE O . -9.52 -11.77 74.17
H31 EPE O . -9.01 -9.62 75.35
H32 EPE O . -9.44 -10.94 76.44
H51 EPE O . -12.12 -10.74 77.33
H52 EPE O . -12.94 -9.34 76.62
H61 EPE O . -12.88 -10.32 74.42
H62 EPE O . -13.47 -11.56 75.53
H71 EPE O . -10.82 -8.58 78.11
H72 EPE O . -9.45 -8.22 77.08
H81 EPE O . -11.22 -6.97 75.58
H82 EPE O . -10.59 -6.20 77.04
HO8 EPE O . -12.66 -7.70 77.80
H91 EPE O . -13.05 -12.69 73.65
H92 EPE O . -11.67 -12.08 72.75
H101 EPE O . -11.66 -14.56 74.52
H102 EPE O . -10.26 -13.93 73.66
N1 EPE P . -41.95 -8.81 22.85
C2 EPE P . -42.99 -7.80 23.11
C3 EPE P . -43.08 -6.78 21.97
N4 EPE P . -41.79 -6.35 21.46
C5 EPE P . -40.69 -7.29 21.43
C6 EPE P . -40.65 -8.15 22.69
C7 EPE P . -41.75 -5.26 20.50
C8 EPE P . -41.60 -3.89 21.16
O8 EPE P . -42.81 -3.51 21.77
C9 EPE P . -41.87 -9.74 23.99
C10 EPE P . -41.58 -11.15 23.49
S EPE P . -41.50 -12.35 24.84
O1S EPE P . -42.74 -13.12 24.88
O2S EPE P . -40.38 -13.26 24.62
O3S EPE P . -41.32 -11.65 26.11
H21 EPE P . -42.76 -7.29 24.04
H22 EPE P . -43.95 -8.30 23.23
H31 EPE P . -43.62 -5.91 22.34
H32 EPE P . -43.65 -7.22 21.16
H51 EPE P . -40.79 -7.95 20.56
H52 EPE P . -39.74 -6.76 21.33
H61 EPE P . -39.85 -8.89 22.62
H62 EPE P . -40.44 -7.52 23.56
H71 EPE P . -40.91 -5.41 19.82
H72 EPE P . -42.66 -5.27 19.92
H81 EPE P . -40.81 -3.93 21.92
H82 EPE P . -41.31 -3.15 20.41
HO8 EPE P . -43.54 -4.10 21.46
H91 EPE P . -41.07 -9.42 24.67
H92 EPE P . -42.79 -9.72 24.55
H101 EPE P . -40.63 -11.15 22.95
H102 EPE P . -42.37 -11.44 22.80
N1 EPE Q . 58.99 8.89 27.54
C2 EPE Q . 57.84 7.97 27.68
C3 EPE Q . 58.11 6.98 28.81
N4 EPE Q . 59.41 6.36 28.71
C5 EPE Q . 60.55 7.16 28.30
C6 EPE Q . 60.19 8.13 27.17
C7 EPE Q . 59.67 5.17 29.51
C8 EPE Q . 59.03 3.92 28.90
O8 EPE Q . 59.99 3.18 28.19
C9 EPE Q . 58.68 9.86 26.48
C10 EPE Q . 58.05 11.12 27.10
S EPE Q . 57.54 12.30 25.83
O1S EPE Q . 57.29 11.58 24.58
O2S EPE Q . 56.31 12.97 26.27
O3S EPE Q . 58.59 13.29 25.63
H21 EPE Q . 56.94 8.54 27.91
H22 EPE Q . 57.68 7.43 26.76
H31 EPE Q . 58.04 7.51 29.77
H32 EPE Q . 57.35 6.21 28.80
H51 EPE Q . 61.36 6.50 27.96
H52 EPE Q . 60.92 7.73 29.15
H61 EPE Q . 60.01 7.57 26.25
H62 EPE Q . 61.01 8.81 26.99
H71 EPE Q . 60.75 5.01 29.59
H72 EPE Q . 59.27 5.31 30.50
H81 EPE Q . 58.59 3.31 29.67
H82 EPE Q . 58.23 4.21 28.21
HO8 EPE Q . 60.89 3.56 28.34
H91 EPE Q . 57.99 9.43 25.76
H92 EPE Q . 59.59 10.13 25.95
H101 EPE Q . 57.19 10.82 27.69
H102 EPE Q . 58.78 11.58 27.76
N1 EPE R . 37.47 52.45 -24.73
C2 EPE R . 38.30 53.00 -25.82
C3 EPE R . 38.03 54.49 -26.06
N4 EPE R . 36.61 54.83 -26.00
C5 EPE R . 35.77 54.18 -25.02
C6 EPE R . 36.04 52.68 -24.99
C7 EPE R . 36.12 56.00 -26.69
C8 EPE R . 36.58 57.29 -26.03
O8 EPE R . 37.90 57.60 -26.45
C9 EPE R . 37.70 51.01 -24.62
C10 EPE R . 37.51 50.57 -23.17
S EPE R . 38.09 48.89 -22.85
O1S EPE R . 39.17 48.53 -23.77
O2S EPE R . 36.99 47.94 -23.03
O3S EPE R . 38.57 48.83 -21.47
H21 EPE R . 38.10 52.45 -26.74
H22 EPE R . 39.35 52.86 -25.57
H31 EPE R . 38.42 54.76 -27.03
H32 EPE R . 38.56 55.07 -25.31
H51 EPE R . 34.73 54.35 -25.25
H52 EPE R . 35.98 54.59 -24.03
H61 EPE R . 35.44 52.20 -24.23
H62 EPE R . 35.77 52.23 -25.95
H71 EPE R . 36.45 55.98 -27.73
H72 EPE R . 35.02 55.98 -26.69
H81 EPE R . 36.56 57.19 -24.95
H82 EPE R . 35.91 58.11 -26.30
HO8 EPE R . 38.20 56.92 -27.10
H91 EPE R . 37.01 50.47 -25.26
H92 EPE R . 38.72 50.77 -24.93
H101 EPE R . 36.46 50.64 -22.91
H102 EPE R . 38.06 51.26 -22.51
N1 EPE S . -22.42 17.37 -15.53
C2 EPE S . -22.81 18.80 -15.52
C3 EPE S . -22.65 19.38 -14.12
N4 EPE S . -23.35 18.58 -13.12
C5 EPE S . -23.17 17.15 -13.19
C6 EPE S . -23.29 16.61 -14.62
C7 EPE S . -23.67 19.18 -11.84
C8 EPE S . -24.71 20.30 -11.96
O8 EPE S . -25.92 19.94 -11.33
C9 EPE S . -22.56 16.84 -16.89
C10 EPE S . -21.21 16.75 -17.56
S EPE S . -21.32 16.09 -19.24
O1S EPE S . -22.66 16.37 -19.77
O2S EPE S . -21.10 14.64 -19.26
O3S EPE S . -20.31 16.73 -20.08
H21 EPE S . -23.84 18.90 -15.85
H22 EPE S . -22.18 19.35 -16.22
H31 EPE S . -23.05 20.40 -14.11
H32 EPE S . -21.60 19.44 -13.87
H51 EPE S . -22.19 16.89 -12.79
H52 EPE S . -23.91 16.66 -12.56
H61 EPE S . -23.01 15.56 -14.64
H62 EPE S . -24.32 16.68 -14.95
H71 EPE S . -24.06 18.41 -11.18
H72 EPE S . -22.76 19.58 -11.40
H81 EPE S . -24.31 21.20 -11.49
H82 EPE S . -24.89 20.53 -13.01
HO8 EPE S . -25.87 19.01 -11.02
H91 EPE S . -23.21 17.49 -17.48
H92 EPE S . -23.03 15.86 -16.85
H101 EPE S . -20.75 17.74 -17.59
H102 EPE S . -20.55 16.10 -16.97
N1 EPE T . -61.67 -0.94 -57.17
C2 EPE T . -62.73 -1.38 -56.26
C3 EPE T . -64.11 -1.01 -56.78
N4 EPE T . -64.18 0.33 -57.35
C5 EPE T . -63.02 0.85 -58.06
C6 EPE T . -61.73 0.52 -57.33
C7 EPE T . -65.47 0.91 -57.66
C8 EPE T . -66.18 1.46 -56.43
O8 EPE T . -66.73 0.42 -55.66
C9 EPE T . -60.35 -1.30 -56.62
C10 EPE T . -59.50 -1.95 -57.70
S EPE T . -57.91 -2.53 -57.08
O1S EPE T . -57.98 -3.99 -56.94
O2S EPE T . -56.85 -2.18 -58.03
O3S EPE T . -57.64 -1.93 -55.78
H21 EPE T . -62.57 -0.94 -55.28
H22 EPE T . -62.67 -2.46 -56.13
H31 EPE T . -64.41 -1.73 -57.54
H32 EPE T . -64.82 -1.06 -55.96
H51 EPE T . -62.99 0.44 -59.07
H52 EPE T . -63.11 1.94 -58.14
H61 EPE T . -60.87 0.87 -57.90
H62 EPE T . -61.71 1.00 -56.35
H71 EPE T . -65.34 1.70 -58.40
H72 EPE T . -66.10 0.14 -58.12
H81 EPE T . -66.97 2.14 -56.75
H82 EPE T . -65.47 2.04 -55.84
HO8 EPE T . -66.72 -0.41 -56.18
H91 EPE T . -60.48 -2.00 -55.79
H92 EPE T . -59.85 -0.40 -56.24
H101 EPE T . -60.05 -2.78 -58.13
H102 EPE T . -59.32 -1.22 -58.50
N1 EPE U . 3.73 -10.02 -31.36
C2 EPE U . 4.65 -9.00 -31.92
C3 EPE U . 5.77 -9.63 -32.75
N4 EPE U . 6.40 -10.76 -32.08
C5 EPE U . 5.56 -11.69 -31.36
C6 EPE U . 4.48 -10.98 -30.54
C7 EPE U . 7.71 -11.21 -32.54
C8 EPE U . 8.85 -10.35 -32.03
O8 EPE U . 9.10 -9.29 -32.93
C9 EPE U . 2.90 -10.70 -32.36
C10 EPE U . 1.93 -9.77 -33.10
S EPE U . 0.50 -9.29 -32.09
O1S EPE U . 0.45 -7.83 -31.94
O2S EPE U . -0.72 -9.74 -32.75
O3S EPE U . 0.58 -9.90 -30.76
H21 EPE U . 4.09 -8.31 -32.54
H22 EPE U . 5.10 -8.42 -31.10
H31 EPE U . 5.36 -9.97 -33.70
H32 EPE U . 6.52 -8.87 -32.96
H51 EPE U . 6.18 -12.28 -30.69
H52 EPE U . 5.09 -12.36 -32.07
H61 EPE U . 3.80 -11.73 -30.13
H62 EPE U . 4.95 -10.46 -29.70
H71 EPE U . 7.86 -12.24 -32.21
H72 EPE U . 7.72 -11.21 -33.63
H81 EPE U . 8.60 -9.94 -31.04
H82 EPE U . 9.75 -10.95 -31.92
HO8 EPE U . 8.47 -9.33 -33.68
H91 EPE U . 3.55 -11.18 -33.10
H92 EPE U . 2.33 -11.48 -31.87
H101 EPE U . 1.56 -10.28 -33.99
H102 EPE U . 2.46 -8.87 -33.41
#